data_6LUL
#
_entry.id   6LUL
#
_entity_poly.entity_id   1
_entity_poly.type   'polypeptide(L)'
_entity_poly.pdbx_seq_one_letter_code
;MKILTQDEIEAHRSHTLKGGIEGALAGFAISAIIFKVLPRRYPKFKPSTLTWSIKTALWITPPTVLTAICAEEASNNFDA
TMYGSGSSSEDALDEHRRWKSLSTKDKFVEGLSNNKYKIITGAWAASLYGSWVIVNKDPIMTKAQKIVQARMYAQFITVG
LLLASVGLSMYENKLHPNKQKVNEMRRWENALRVAEEEERLEKEGRRTGYVSNEERINSKIFKSEFRVPGSHHHHHHHH
;
_entity_poly.pdbx_strand_id   B,A
#
# COMPACT_ATOMS: atom_id res chain seq x y z
N MET A 1 -30.83 -44.28 -28.22
CA MET A 1 -31.11 -43.40 -27.05
C MET A 1 -31.22 -44.23 -25.77
N LYS A 2 -30.23 -45.05 -25.49
CA LYS A 2 -30.27 -45.89 -24.26
C LYS A 2 -29.21 -45.40 -23.26
N ILE A 3 -29.14 -44.11 -23.04
CA ILE A 3 -28.13 -43.57 -22.07
C ILE A 3 -26.73 -44.08 -22.42
N LEU A 4 -26.14 -43.55 -23.45
CA LEU A 4 -24.77 -44.01 -23.85
C LEU A 4 -23.71 -43.24 -23.05
N THR A 5 -24.03 -42.05 -22.60
CA THR A 5 -23.05 -41.24 -21.81
C THR A 5 -21.75 -41.07 -22.60
N GLN A 6 -20.83 -40.29 -22.08
CA GLN A 6 -19.53 -40.08 -22.80
C GLN A 6 -18.43 -39.76 -21.79
N ASP A 7 -18.62 -38.76 -20.99
CA ASP A 7 -17.58 -38.39 -19.98
C ASP A 7 -18.17 -37.47 -18.92
N GLU A 8 -18.83 -36.42 -19.33
CA GLU A 8 -19.43 -35.48 -18.34
C GLU A 8 -20.58 -34.70 -18.97
N ILE A 9 -21.72 -34.68 -18.31
CA ILE A 9 -22.88 -33.93 -18.88
C ILE A 9 -22.93 -32.51 -18.30
N GLU A 10 -21.84 -31.81 -18.33
CA GLU A 10 -21.81 -30.43 -17.78
C GLU A 10 -20.53 -29.71 -18.20
N ALA A 11 -20.58 -28.41 -18.34
CA ALA A 11 -19.36 -27.66 -18.77
C ALA A 11 -19.41 -26.22 -18.21
N HIS A 12 -20.05 -26.04 -17.09
CA HIS A 12 -20.12 -24.66 -16.50
C HIS A 12 -18.72 -24.13 -16.21
N ARG A 13 -18.58 -22.84 -16.09
CA ARG A 13 -17.25 -22.25 -15.80
C ARG A 13 -16.62 -22.90 -14.57
N SER A 14 -17.43 -23.41 -13.68
CA SER A 14 -16.88 -24.07 -12.45
C SER A 14 -15.85 -25.13 -12.83
N HIS A 15 -15.95 -25.68 -14.01
CA HIS A 15 -14.97 -26.72 -14.44
C HIS A 15 -13.53 -26.22 -14.26
N THR A 16 -13.33 -24.94 -14.24
CA THR A 16 -11.94 -24.39 -14.07
C THR A 16 -11.43 -24.64 -12.64
N LEU A 17 -12.31 -24.86 -11.70
CA LEU A 17 -11.87 -25.10 -10.29
C LEU A 17 -10.79 -26.18 -10.25
N LYS A 18 -10.79 -27.08 -11.19
CA LYS A 18 -9.76 -28.16 -11.20
C LYS A 18 -8.36 -27.56 -11.35
N GLY A 19 -8.19 -26.67 -12.29
CA GLY A 19 -6.85 -26.04 -12.50
C GLY A 19 -6.59 -25.00 -11.40
N GLY A 20 -7.62 -24.48 -10.80
CA GLY A 20 -7.43 -23.46 -9.71
C GLY A 20 -6.49 -24.02 -8.63
N ILE A 21 -6.71 -25.24 -8.22
CA ILE A 21 -5.83 -25.84 -7.16
C ILE A 21 -4.49 -26.26 -7.77
N GLU A 22 -4.47 -26.59 -9.02
CA GLU A 22 -3.19 -27.00 -9.68
C GLU A 22 -2.22 -25.80 -9.73
N GLY A 23 -2.74 -24.62 -9.83
CA GLY A 23 -1.86 -23.41 -9.90
C GLY A 23 -1.18 -23.19 -8.54
N ALA A 24 -1.92 -23.30 -7.46
CA ALA A 24 -1.31 -23.08 -6.11
C ALA A 24 -0.07 -23.96 -5.93
N LEU A 25 -0.14 -25.19 -6.34
CA LEU A 25 1.03 -26.11 -6.18
C LEU A 25 2.06 -25.88 -7.30
N ALA A 26 1.65 -25.29 -8.40
CA ALA A 26 2.60 -25.07 -9.53
C ALA A 26 3.59 -23.95 -9.19
N GLY A 27 3.10 -22.83 -8.72
CA GLY A 27 4.00 -21.69 -8.39
C GLY A 27 5.16 -22.15 -7.50
N PHE A 28 4.91 -23.09 -6.62
CA PHE A 28 6.00 -23.58 -5.72
C PHE A 28 7.20 -24.06 -6.53
N ALA A 29 6.99 -24.56 -7.71
CA ALA A 29 8.13 -25.05 -8.54
C ALA A 29 8.83 -23.88 -9.25
N ILE A 30 8.11 -23.17 -10.09
CA ILE A 30 8.72 -22.03 -10.82
C ILE A 30 9.21 -20.95 -9.85
N SER A 31 8.64 -20.88 -8.67
CA SER A 31 9.07 -19.85 -7.68
C SER A 31 10.59 -19.89 -7.43
N ALA A 32 11.09 -21.00 -6.98
CA ALA A 32 12.55 -21.11 -6.68
C ALA A 32 13.38 -21.37 -7.95
N ILE A 33 12.81 -22.02 -8.93
CA ILE A 33 13.60 -22.30 -10.18
C ILE A 33 13.93 -21.01 -10.94
N ILE A 34 13.00 -20.10 -11.06
CA ILE A 34 13.29 -18.84 -11.80
C ILE A 34 14.34 -18.00 -11.07
N PHE A 35 14.34 -18.00 -9.77
CA PHE A 35 15.34 -17.21 -9.01
C PHE A 35 16.75 -17.82 -9.10
N LYS A 36 16.83 -19.11 -9.31
CA LYS A 36 18.17 -19.77 -9.37
C LYS A 36 18.86 -19.60 -10.73
N VAL A 37 18.12 -19.46 -11.79
CA VAL A 37 18.75 -19.35 -13.16
C VAL A 37 19.94 -18.37 -13.18
N LEU A 38 19.77 -17.18 -12.67
CA LEU A 38 20.88 -16.19 -12.71
C LEU A 38 21.99 -16.51 -11.69
N PRO A 39 21.63 -16.63 -10.44
CA PRO A 39 22.64 -16.91 -9.39
C PRO A 39 23.24 -18.31 -9.53
N ARG A 40 22.65 -19.14 -10.34
CA ARG A 40 23.19 -20.51 -10.53
C ARG A 40 24.57 -20.44 -11.22
N ARG A 41 24.67 -19.66 -12.26
CA ARG A 41 25.97 -19.54 -12.99
C ARG A 41 26.92 -18.63 -12.20
N TYR A 42 26.40 -17.64 -11.53
CA TYR A 42 27.27 -16.72 -10.76
C TYR A 42 27.78 -17.42 -9.48
N PRO A 43 29.08 -17.57 -9.38
CA PRO A 43 29.67 -18.23 -8.20
C PRO A 43 29.59 -17.33 -6.97
N LYS A 44 29.20 -16.09 -7.14
CA LYS A 44 29.10 -15.17 -5.99
C LYS A 44 27.74 -14.44 -6.03
N PHE A 45 27.33 -13.88 -4.92
CA PHE A 45 26.02 -13.15 -4.90
C PHE A 45 26.24 -11.65 -4.74
N LYS A 46 25.21 -10.87 -4.95
CA LYS A 46 25.33 -9.38 -4.81
C LYS A 46 23.98 -8.71 -5.08
N PRO A 47 23.40 -8.98 -6.23
CA PRO A 47 22.10 -8.38 -6.59
C PRO A 47 20.93 -9.15 -5.94
N SER A 48 21.09 -9.60 -4.72
CA SER A 48 20.00 -10.36 -4.05
C SER A 48 18.95 -9.41 -3.46
N THR A 49 19.25 -8.13 -3.38
CA THR A 49 18.27 -7.18 -2.80
C THR A 49 17.21 -6.80 -3.84
N LEU A 50 17.62 -6.62 -5.07
CA LEU A 50 16.62 -6.26 -6.14
C LEU A 50 15.71 -7.45 -6.42
N THR A 51 16.24 -8.63 -6.29
CA THR A 51 15.44 -9.86 -6.56
C THR A 51 14.59 -10.26 -5.35
N TRP A 52 14.93 -9.77 -4.18
CA TRP A 52 14.15 -10.13 -2.96
C TRP A 52 12.81 -9.39 -2.91
N SER A 53 12.72 -8.24 -3.53
CA SER A 53 11.44 -7.46 -3.49
C SER A 53 10.45 -8.04 -4.51
N ILE A 54 10.86 -8.16 -5.74
CA ILE A 54 9.94 -8.71 -6.79
C ILE A 54 9.33 -10.04 -6.35
N LYS A 55 10.02 -10.77 -5.52
CA LYS A 55 9.50 -12.07 -5.05
C LYS A 55 8.49 -11.89 -3.90
N THR A 56 8.48 -10.74 -3.29
CA THR A 56 7.53 -10.51 -2.15
C THR A 56 6.09 -10.34 -2.65
N ALA A 57 5.88 -9.52 -3.65
CA ALA A 57 4.49 -9.31 -4.18
C ALA A 57 3.95 -10.58 -4.85
N LEU A 58 4.80 -11.54 -5.11
CA LEU A 58 4.32 -12.80 -5.77
C LEU A 58 3.74 -13.80 -4.76
N TRP A 59 4.06 -13.67 -3.49
CA TRP A 59 3.53 -14.64 -2.48
C TRP A 59 2.08 -14.30 -2.10
N ILE A 60 1.70 -13.06 -2.18
CA ILE A 60 0.31 -12.67 -1.80
C ILE A 60 -0.67 -12.84 -2.96
N THR A 61 -0.20 -12.94 -4.17
CA THR A 61 -1.11 -13.08 -5.34
C THR A 61 -1.78 -14.46 -5.43
N PRO A 62 -1.01 -15.52 -5.30
CA PRO A 62 -1.59 -16.88 -5.41
C PRO A 62 -2.56 -17.27 -4.27
N PRO A 63 -2.32 -16.84 -3.05
CA PRO A 63 -3.24 -17.21 -1.95
C PRO A 63 -4.58 -16.46 -2.08
N THR A 64 -4.62 -15.37 -2.81
CA THR A 64 -5.91 -14.63 -2.94
C THR A 64 -6.71 -15.11 -4.15
N VAL A 65 -6.07 -15.61 -5.16
CA VAL A 65 -6.83 -16.10 -6.34
C VAL A 65 -7.75 -17.23 -5.89
N LEU A 66 -7.44 -17.86 -4.78
CA LEU A 66 -8.32 -18.97 -4.25
C LEU A 66 -9.74 -18.45 -3.97
N THR A 67 -9.90 -17.16 -3.84
CA THR A 67 -11.25 -16.60 -3.54
C THR A 67 -12.29 -17.06 -4.57
N ALA A 68 -11.88 -17.53 -5.71
CA ALA A 68 -12.87 -17.99 -6.73
C ALA A 68 -13.40 -19.39 -6.41
N ILE A 69 -12.59 -20.21 -5.78
CA ILE A 69 -13.05 -21.58 -5.44
C ILE A 69 -14.02 -21.56 -4.26
N CYS A 70 -13.60 -20.99 -3.15
CA CYS A 70 -14.48 -20.93 -1.95
C CYS A 70 -15.79 -20.21 -2.27
N ALA A 71 -15.80 -19.38 -3.28
CA ALA A 71 -17.06 -18.65 -3.63
C ALA A 71 -17.99 -19.56 -4.43
N GLU A 72 -17.45 -20.36 -5.32
CA GLU A 72 -18.31 -21.27 -6.13
C GLU A 72 -18.79 -22.46 -5.29
N GLU A 73 -18.01 -22.86 -4.32
CA GLU A 73 -18.41 -24.02 -3.46
C GLU A 73 -19.53 -23.60 -2.51
N ALA A 74 -19.59 -22.34 -2.15
CA ALA A 74 -20.66 -21.88 -1.21
C ALA A 74 -21.88 -21.39 -2.01
N SER A 75 -21.67 -20.50 -2.95
CA SER A 75 -22.82 -19.99 -3.78
C SER A 75 -23.76 -21.13 -4.19
N ASN A 76 -23.37 -21.94 -5.15
CA ASN A 76 -24.25 -23.06 -5.60
C ASN A 76 -24.75 -23.87 -4.39
N ASN A 77 -24.01 -23.87 -3.31
CA ASN A 77 -24.44 -24.62 -2.10
C ASN A 77 -25.39 -23.77 -1.26
N PHE A 78 -25.69 -24.21 -0.06
CA PHE A 78 -26.60 -23.42 0.81
C PHE A 78 -25.97 -22.09 1.19
N ASP A 79 -26.31 -21.04 0.50
CA ASP A 79 -25.72 -19.70 0.82
C ASP A 79 -26.22 -19.21 2.19
N ALA A 80 -27.51 -19.14 2.36
CA ALA A 80 -28.07 -18.66 3.67
C ALA A 80 -28.18 -19.83 4.65
N THR A 81 -27.34 -19.86 5.65
CA THR A 81 -27.40 -20.98 6.65
C THR A 81 -28.80 -21.09 7.26
N MET A 82 -29.20 -20.15 8.07
CA MET A 82 -30.54 -20.21 8.69
C MET A 82 -31.63 -20.08 7.61
N TYR A 83 -32.87 -20.21 7.99
CA TYR A 83 -33.98 -20.09 6.99
C TYR A 83 -34.21 -18.62 6.64
N GLY A 84 -33.48 -18.11 5.69
CA GLY A 84 -33.66 -16.68 5.29
C GLY A 84 -35.05 -16.48 4.70
N SER A 85 -35.31 -17.03 3.55
CA SER A 85 -36.65 -16.86 2.93
C SER A 85 -36.83 -17.88 1.79
N GLY A 86 -36.32 -17.58 0.62
CA GLY A 86 -36.47 -18.52 -0.52
C GLY A 86 -35.76 -17.95 -1.75
N SER A 87 -36.31 -18.17 -2.92
CA SER A 87 -35.68 -17.65 -4.17
C SER A 87 -35.93 -16.15 -4.29
N SER A 88 -35.07 -15.44 -4.97
CA SER A 88 -35.25 -13.98 -5.14
C SER A 88 -35.34 -13.61 -6.62
N SER A 89 -35.00 -12.39 -6.96
CA SER A 89 -35.07 -11.97 -8.40
C SER A 89 -34.09 -12.81 -9.24
N GLU A 90 -33.16 -13.47 -8.61
CA GLU A 90 -32.18 -14.30 -9.38
C GLU A 90 -32.91 -15.27 -10.32
N ASP A 91 -34.12 -15.62 -9.99
CA ASP A 91 -34.88 -16.57 -10.86
C ASP A 91 -35.40 -15.83 -12.11
N ALA A 92 -36.15 -14.78 -11.92
CA ALA A 92 -36.68 -14.03 -13.09
C ALA A 92 -35.54 -13.26 -13.78
N LEU A 93 -34.53 -12.88 -13.04
CA LEU A 93 -33.39 -12.14 -13.65
C LEU A 93 -32.56 -13.07 -14.54
N ASP A 94 -32.57 -14.34 -14.26
CA ASP A 94 -31.78 -15.31 -15.08
C ASP A 94 -32.26 -15.26 -16.54
N GLU A 95 -33.46 -14.83 -16.77
CA GLU A 95 -33.98 -14.76 -18.18
C GLU A 95 -33.06 -13.90 -19.05
N HIS A 96 -32.64 -12.78 -18.54
CA HIS A 96 -31.75 -11.87 -19.33
C HIS A 96 -30.33 -12.47 -19.40
N ARG A 97 -29.95 -13.22 -18.41
CA ARG A 97 -28.59 -13.83 -18.41
C ARG A 97 -28.55 -15.05 -19.34
N ARG A 98 -29.67 -15.63 -19.64
CA ARG A 98 -29.70 -16.82 -20.53
C ARG A 98 -29.58 -16.38 -22.00
N TRP A 99 -30.09 -15.22 -22.32
CA TRP A 99 -30.02 -14.74 -23.74
C TRP A 99 -28.58 -14.36 -24.10
N LYS A 100 -27.77 -14.06 -23.12
CA LYS A 100 -26.34 -13.68 -23.40
C LYS A 100 -25.67 -14.76 -24.26
N SER A 101 -25.99 -16.00 -24.02
CA SER A 101 -25.35 -17.10 -24.81
C SER A 101 -26.31 -17.56 -25.92
N LEU A 102 -25.86 -18.46 -26.76
CA LEU A 102 -26.74 -18.96 -27.86
C LEU A 102 -26.62 -20.48 -27.99
N SER A 103 -25.42 -20.99 -27.92
CA SER A 103 -25.23 -22.47 -28.04
C SER A 103 -24.64 -23.03 -26.75
N THR A 104 -24.81 -24.31 -26.52
CA THR A 104 -24.24 -24.92 -25.28
C THR A 104 -22.72 -25.05 -25.40
N LYS A 105 -22.22 -25.16 -26.61
CA LYS A 105 -20.77 -25.28 -26.81
C LYS A 105 -20.03 -24.05 -26.29
N ASP A 106 -20.74 -22.95 -26.13
CA ASP A 106 -20.09 -21.70 -25.63
C ASP A 106 -19.31 -21.97 -24.34
N LYS A 107 -19.66 -23.00 -23.62
CA LYS A 107 -18.94 -23.32 -22.34
C LYS A 107 -17.60 -24.01 -22.64
N PHE A 108 -17.44 -24.57 -23.81
CA PHE A 108 -16.17 -25.26 -24.14
C PHE A 108 -15.02 -24.24 -24.25
N VAL A 109 -15.25 -23.13 -24.90
CA VAL A 109 -14.18 -22.10 -25.05
C VAL A 109 -13.67 -21.65 -23.68
N GLU A 110 -14.41 -21.89 -22.62
CA GLU A 110 -13.95 -21.47 -21.27
C GLU A 110 -12.76 -22.32 -20.81
N GLY A 111 -12.84 -23.62 -20.96
CA GLY A 111 -11.71 -24.49 -20.52
C GLY A 111 -10.73 -24.74 -21.66
N LEU A 112 -11.21 -25.16 -22.81
CA LEU A 112 -10.31 -25.45 -23.97
C LEU A 112 -9.27 -24.34 -24.18
N SER A 113 -9.65 -23.10 -23.98
CA SER A 113 -8.68 -21.99 -24.19
C SER A 113 -7.75 -21.84 -22.98
N ASN A 114 -8.25 -22.06 -21.80
CA ASN A 114 -7.40 -21.94 -20.58
C ASN A 114 -6.16 -22.84 -20.70
N ASN A 115 -6.35 -24.04 -21.17
CA ASN A 115 -5.18 -24.97 -21.31
C ASN A 115 -4.16 -24.41 -22.30
N LYS A 116 -4.60 -23.71 -23.31
CA LYS A 116 -3.65 -23.14 -24.31
C LYS A 116 -2.80 -22.05 -23.66
N TYR A 117 -3.42 -21.06 -23.07
CA TYR A 117 -2.65 -19.96 -22.42
C TYR A 117 -1.79 -20.51 -21.28
N LYS A 118 -2.22 -21.60 -20.67
CA LYS A 118 -1.43 -22.19 -19.55
C LYS A 118 0.00 -22.53 -19.99
N ILE A 119 0.19 -22.88 -21.23
CA ILE A 119 1.55 -23.23 -21.71
C ILE A 119 2.29 -22.00 -22.25
N ILE A 120 1.66 -21.20 -23.06
CA ILE A 120 2.32 -19.99 -23.63
C ILE A 120 2.99 -19.15 -22.52
N THR A 121 2.46 -19.20 -21.33
CA THR A 121 3.06 -18.38 -20.22
C THR A 121 4.26 -19.11 -19.60
N GLY A 122 4.26 -20.41 -19.60
CA GLY A 122 5.40 -21.17 -18.99
C GLY A 122 6.67 -20.96 -19.83
N ALA A 123 6.54 -20.77 -21.10
CA ALA A 123 7.75 -20.57 -21.96
C ALA A 123 8.30 -19.14 -21.84
N TRP A 124 7.50 -18.23 -21.35
CA TRP A 124 7.97 -16.82 -21.21
C TRP A 124 8.96 -16.70 -20.05
N ALA A 125 8.99 -17.65 -19.17
CA ALA A 125 9.94 -17.57 -18.01
C ALA A 125 11.29 -18.22 -18.34
N ALA A 126 11.27 -19.48 -18.70
CA ALA A 126 12.55 -20.19 -19.02
C ALA A 126 13.31 -19.49 -20.15
N SER A 127 12.66 -18.66 -20.90
CA SER A 127 13.36 -17.96 -22.04
C SER A 127 14.57 -17.16 -21.54
N LEU A 128 14.63 -16.84 -20.27
CA LEU A 128 15.79 -16.04 -19.77
C LEU A 128 17.03 -16.92 -19.56
N TYR A 129 16.88 -18.10 -19.00
CA TYR A 129 18.08 -18.97 -18.79
C TYR A 129 18.45 -19.67 -20.10
N GLY A 130 17.46 -20.13 -20.83
CA GLY A 130 17.76 -20.82 -22.11
C GLY A 130 18.41 -19.84 -23.08
N SER A 131 18.24 -18.56 -22.87
CA SER A 131 18.86 -17.56 -23.78
C SER A 131 20.34 -17.38 -23.44
N TRP A 132 20.74 -17.74 -22.25
CA TRP A 132 22.18 -17.59 -21.86
C TRP A 132 22.97 -18.85 -22.25
N VAL A 133 22.44 -20.01 -21.97
CA VAL A 133 23.16 -21.28 -22.32
C VAL A 133 23.64 -21.24 -23.77
N ILE A 134 22.96 -20.49 -24.61
CA ILE A 134 23.37 -20.41 -26.05
C ILE A 134 24.87 -20.09 -26.16
N VAL A 135 25.33 -19.07 -25.45
CA VAL A 135 26.78 -18.70 -25.52
C VAL A 135 27.21 -18.46 -26.97
N ASN A 136 27.28 -17.22 -27.37
CA ASN A 136 27.68 -16.90 -28.77
C ASN A 136 28.43 -15.56 -28.81
N LYS A 137 29.44 -15.41 -28.01
CA LYS A 137 30.20 -14.12 -28.00
C LYS A 137 31.67 -14.38 -27.68
N ASP A 138 32.55 -14.04 -28.59
CA ASP A 138 34.00 -14.27 -28.34
C ASP A 138 34.57 -13.22 -27.37
N PRO A 139 34.34 -11.96 -27.69
CA PRO A 139 34.84 -10.87 -26.81
C PRO A 139 33.99 -10.74 -25.56
N ILE A 140 34.47 -10.06 -24.56
CA ILE A 140 33.68 -9.90 -23.30
C ILE A 140 33.49 -8.41 -23.01
N MET A 141 32.38 -8.05 -22.43
CA MET A 141 32.12 -6.61 -22.10
C MET A 141 31.76 -6.45 -20.63
N THR A 142 31.45 -5.26 -20.21
CA THR A 142 31.09 -5.04 -18.77
C THR A 142 29.81 -5.79 -18.44
N LYS A 143 29.82 -6.55 -17.37
CA LYS A 143 28.61 -7.33 -16.97
C LYS A 143 27.65 -6.45 -16.17
N ALA A 144 28.17 -5.69 -15.24
CA ALA A 144 27.30 -4.80 -14.41
C ALA A 144 26.41 -3.92 -15.31
N GLN A 145 26.92 -3.55 -16.45
CA GLN A 145 26.10 -2.69 -17.37
C GLN A 145 24.89 -3.47 -17.88
N LYS A 146 25.03 -4.76 -18.04
CA LYS A 146 23.87 -5.58 -18.53
C LYS A 146 22.88 -5.81 -17.39
N ILE A 147 23.34 -5.76 -16.17
CA ILE A 147 22.42 -5.98 -15.00
C ILE A 147 21.31 -4.93 -14.99
N VAL A 148 21.60 -3.74 -15.47
CA VAL A 148 20.55 -2.66 -15.49
C VAL A 148 19.75 -2.72 -16.80
N GLN A 149 20.18 -3.48 -17.77
CA GLN A 149 19.43 -3.57 -19.04
C GLN A 149 18.12 -4.35 -18.82
N ALA A 150 18.19 -5.39 -18.02
CA ALA A 150 16.96 -6.20 -17.74
C ALA A 150 15.81 -5.28 -17.30
N ARG A 151 16.13 -4.18 -16.70
CA ARG A 151 15.07 -3.22 -16.24
C ARG A 151 14.26 -2.71 -17.44
N MET A 152 14.78 -2.85 -18.63
CA MET A 152 14.03 -2.35 -19.83
C MET A 152 12.87 -3.32 -20.15
N TYR A 153 13.11 -4.60 -20.04
CA TYR A 153 12.04 -5.59 -20.34
C TYR A 153 11.22 -5.91 -19.08
N ALA A 154 11.87 -6.10 -17.97
CA ALA A 154 11.13 -6.42 -16.70
C ALA A 154 9.92 -5.51 -16.51
N GLN A 155 10.15 -4.23 -16.32
CA GLN A 155 9.02 -3.27 -16.12
C GLN A 155 7.89 -3.55 -17.12
N PHE A 156 8.24 -4.02 -18.29
CA PHE A 156 7.19 -4.32 -19.32
C PHE A 156 6.54 -5.67 -19.01
N ILE A 157 7.32 -6.71 -18.92
CA ILE A 157 6.75 -8.06 -18.61
C ILE A 157 6.03 -8.02 -17.25
N THR A 158 6.35 -7.04 -16.43
CA THR A 158 5.69 -6.94 -15.09
C THR A 158 4.25 -6.41 -15.22
N VAL A 159 4.05 -5.37 -15.99
CA VAL A 159 2.68 -4.81 -16.15
C VAL A 159 1.68 -5.91 -16.51
N GLY A 160 2.14 -7.00 -17.07
CA GLY A 160 1.22 -8.11 -17.42
C GLY A 160 0.59 -8.66 -16.14
N LEU A 161 1.24 -8.47 -15.02
CA LEU A 161 0.69 -8.97 -13.73
C LEU A 161 -0.28 -7.94 -13.15
N LEU A 162 0.10 -6.68 -13.14
CA LEU A 162 -0.79 -5.62 -12.59
C LEU A 162 -2.13 -5.58 -13.31
N LEU A 163 -2.12 -5.52 -14.61
CA LEU A 163 -3.42 -5.46 -15.37
C LEU A 163 -4.30 -6.68 -15.04
N ALA A 164 -3.76 -7.86 -15.18
CA ALA A 164 -4.56 -9.08 -14.87
C ALA A 164 -5.04 -9.07 -13.41
N SER A 165 -4.39 -8.32 -12.56
CA SER A 165 -4.81 -8.28 -11.12
C SER A 165 -6.08 -7.44 -10.94
N VAL A 166 -6.04 -6.17 -11.24
CA VAL A 166 -7.26 -5.31 -11.06
C VAL A 166 -8.43 -5.90 -11.85
N GLY A 167 -8.15 -6.54 -12.95
CA GLY A 167 -9.24 -7.13 -13.77
C GLY A 167 -10.01 -8.16 -12.93
N LEU A 168 -9.35 -8.78 -11.99
CA LEU A 168 -10.05 -9.80 -11.13
C LEU A 168 -10.92 -9.08 -10.09
N SER A 169 -10.42 -8.02 -9.52
CA SER A 169 -11.21 -7.28 -8.50
C SER A 169 -12.26 -6.38 -9.17
N MET A 170 -12.01 -5.96 -10.39
CA MET A 170 -12.99 -5.08 -11.09
C MET A 170 -14.14 -5.91 -11.66
N TYR A 171 -13.93 -7.17 -11.92
CA TYR A 171 -15.02 -8.03 -12.47
C TYR A 171 -16.08 -8.29 -11.41
N GLU A 172 -15.67 -8.48 -10.18
CA GLU A 172 -16.66 -8.74 -9.10
C GLU A 172 -17.65 -7.58 -8.98
N ASN A 173 -17.18 -6.37 -9.12
CA ASN A 173 -18.10 -5.19 -9.02
C ASN A 173 -19.38 -5.39 -9.86
N LYS A 174 -19.33 -6.22 -10.87
CA LYS A 174 -20.55 -6.44 -11.71
C LYS A 174 -21.80 -6.70 -10.84
N LEU A 175 -21.97 -7.90 -10.36
CA LEU A 175 -23.17 -8.20 -9.52
C LEU A 175 -22.74 -8.46 -8.07
N HIS A 176 -22.36 -7.44 -7.36
CA HIS A 176 -21.94 -7.62 -5.94
C HIS A 176 -21.94 -6.27 -5.21
N PRO A 177 -23.11 -5.83 -4.82
CA PRO A 177 -23.24 -4.54 -4.10
C PRO A 177 -22.72 -4.67 -2.67
N ASN A 178 -22.90 -5.81 -2.07
CA ASN A 178 -22.40 -6.00 -0.67
C ASN A 178 -20.89 -6.26 -0.66
N LYS A 179 -20.26 -6.07 0.47
CA LYS A 179 -18.78 -6.31 0.54
C LYS A 179 -18.05 -5.53 -0.57
N GLN A 180 -18.31 -4.26 -0.70
CA GLN A 180 -17.65 -3.46 -1.77
C GLN A 180 -16.12 -3.62 -1.70
N LYS A 181 -15.41 -3.02 -2.62
CA LYS A 181 -13.93 -3.15 -2.61
C LYS A 181 -13.29 -2.02 -1.78
N VAL A 182 -12.15 -2.27 -1.20
CA VAL A 182 -11.48 -1.22 -0.37
C VAL A 182 -11.14 0.00 -1.23
N ASN A 183 -10.00 -0.01 -1.89
CA ASN A 183 -9.62 1.15 -2.75
C ASN A 183 -8.60 0.73 -3.81
N GLU A 184 -9.06 0.28 -4.94
CA GLU A 184 -8.14 -0.17 -6.03
C GLU A 184 -6.89 0.73 -6.16
N MET A 185 -7.04 2.04 -6.19
CA MET A 185 -5.85 2.93 -6.33
C MET A 185 -4.82 2.66 -5.22
N ARG A 186 -5.18 1.97 -4.17
CA ARG A 186 -4.21 1.69 -3.05
C ARG A 186 -2.86 1.21 -3.59
N ARG A 187 -2.89 0.39 -4.59
CA ARG A 187 -1.64 -0.17 -5.15
C ARG A 187 -1.05 0.67 -6.30
N TRP A 188 -1.85 1.23 -7.18
CA TRP A 188 -1.26 2.04 -8.30
C TRP A 188 -0.42 3.18 -7.73
N GLU A 189 -1.00 4.04 -6.94
CA GLU A 189 -0.21 5.17 -6.37
C GLU A 189 0.95 4.64 -5.53
N ASN A 190 0.80 3.46 -4.98
CA ASN A 190 1.90 2.88 -4.16
C ASN A 190 2.98 2.30 -5.06
N ALA A 191 2.59 1.66 -6.14
CA ALA A 191 3.60 1.10 -7.07
C ALA A 191 4.40 2.23 -7.74
N LEU A 192 3.89 3.43 -7.69
CA LEU A 192 4.61 4.57 -8.32
C LEU A 192 5.68 5.11 -7.36
N ARG A 193 5.37 5.21 -6.10
CA ARG A 193 6.36 5.72 -5.11
C ARG A 193 7.59 4.79 -5.06
N VAL A 194 7.38 3.53 -4.83
CA VAL A 194 8.52 2.58 -4.77
C VAL A 194 9.24 2.52 -6.13
N ALA A 195 8.57 2.94 -7.17
CA ALA A 195 9.20 2.91 -8.52
C ALA A 195 10.07 4.14 -8.74
N GLU A 196 9.48 5.31 -8.73
CA GLU A 196 10.27 6.56 -8.94
C GLU A 196 11.44 6.62 -7.96
N GLU A 197 11.34 5.96 -6.84
CA GLU A 197 12.46 5.96 -5.86
C GLU A 197 13.70 5.29 -6.45
N GLU A 198 13.51 4.32 -7.29
CA GLU A 198 14.67 3.61 -7.91
C GLU A 198 15.46 4.57 -8.83
N GLU A 199 14.82 5.59 -9.32
CA GLU A 199 15.52 6.55 -10.23
C GLU A 199 16.57 7.36 -9.45
N ARG A 200 16.26 7.74 -8.25
CA ARG A 200 17.23 8.54 -7.44
C ARG A 200 18.62 7.89 -7.47
N LEU A 201 18.69 6.61 -7.67
CA LEU A 201 20.00 5.92 -7.73
C LEU A 201 20.58 6.00 -9.13
N GLU A 202 19.74 6.12 -10.13
CA GLU A 202 20.23 6.21 -11.54
C GLU A 202 20.86 7.59 -11.78
N LYS A 203 20.41 8.60 -11.09
CA LYS A 203 20.98 9.96 -11.28
C LYS A 203 22.36 10.05 -10.61
N GLU A 204 22.57 9.28 -9.59
CA GLU A 204 23.90 9.33 -8.88
C GLU A 204 24.90 8.42 -9.60
N GLY A 205 24.45 7.33 -10.15
CA GLY A 205 25.38 6.40 -10.85
C GLY A 205 25.98 7.11 -12.07
N ARG A 206 27.22 7.51 -11.97
CA ARG A 206 27.88 8.22 -13.12
C ARG A 206 29.15 7.47 -13.53
N ARG A 207 29.02 6.22 -13.88
CA ARG A 207 30.23 5.44 -14.29
C ARG A 207 30.56 5.72 -15.76
N THR A 208 29.61 5.50 -16.63
CA THR A 208 29.87 5.75 -18.08
C THR A 208 29.26 7.10 -18.50
N GLY A 209 29.55 7.54 -19.70
CA GLY A 209 28.99 8.84 -20.17
C GLY A 209 27.85 8.57 -21.14
N TYR A 210 28.04 7.70 -22.08
CA TYR A 210 26.97 7.39 -23.07
C TYR A 210 27.19 6.00 -23.68
N VAL A 211 26.23 5.51 -24.42
CA VAL A 211 26.40 4.16 -25.04
C VAL A 211 27.50 4.21 -26.10
N SER A 212 27.59 5.28 -26.84
CA SER A 212 28.65 5.38 -27.89
C SER A 212 30.00 5.75 -27.26
N ASN A 213 29.97 6.50 -26.20
CA ASN A 213 31.26 6.90 -25.54
C ASN A 213 31.87 5.71 -24.80
N GLU A 214 31.05 4.83 -24.28
CA GLU A 214 31.59 3.64 -23.55
C GLU A 214 32.51 2.82 -24.46
N GLU A 215 32.10 2.63 -25.69
CA GLU A 215 32.95 1.83 -26.64
C GLU A 215 34.16 2.66 -27.09
N ARG A 216 34.07 3.97 -27.01
CA ARG A 216 35.21 4.82 -27.44
C ARG A 216 36.35 4.75 -26.42
N ILE A 217 36.08 4.28 -25.23
CA ILE A 217 37.15 4.19 -24.19
C ILE A 217 38.21 3.18 -24.63
N ASN A 218 37.83 2.16 -25.36
CA ASN A 218 38.82 1.15 -25.82
C ASN A 218 39.90 1.82 -26.69
N SER A 219 39.50 2.68 -27.58
CA SER A 219 40.50 3.36 -28.47
C SER A 219 41.19 4.50 -27.71
N LYS A 220 40.54 5.06 -26.72
CA LYS A 220 41.16 6.18 -25.96
C LYS A 220 42.49 5.74 -25.34
N ILE A 221 42.53 4.55 -24.79
CA ILE A 221 43.81 4.07 -24.17
C ILE A 221 44.86 3.78 -25.25
N PHE A 222 44.45 3.59 -26.47
CA PHE A 222 45.44 3.32 -27.56
C PHE A 222 46.18 4.60 -27.93
N LYS A 223 45.48 5.70 -28.05
CA LYS A 223 46.15 6.98 -28.41
C LYS A 223 46.79 7.61 -27.17
N SER A 224 47.80 8.43 -27.36
CA SER A 224 48.47 9.08 -26.20
C SER A 224 48.63 10.58 -26.46
N MET B 1 -35.65 -14.93 16.57
CA MET B 1 -37.10 -14.59 16.58
C MET B 1 -37.39 -13.51 17.64
N LYS B 2 -37.26 -13.86 18.90
CA LYS B 2 -37.51 -12.87 19.97
C LYS B 2 -36.21 -12.51 20.68
N ILE B 3 -35.52 -11.51 20.21
CA ILE B 3 -34.24 -11.10 20.86
C ILE B 3 -34.21 -9.59 21.08
N LEU B 4 -34.01 -9.16 22.29
CA LEU B 4 -33.97 -7.69 22.56
C LEU B 4 -32.60 -7.11 22.18
N THR B 5 -32.47 -5.82 22.20
CA THR B 5 -31.16 -5.19 21.85
C THR B 5 -30.25 -5.13 23.08
N GLN B 6 -29.00 -4.84 22.89
CA GLN B 6 -28.07 -4.76 24.06
C GLN B 6 -27.30 -3.44 24.03
N ASP B 7 -27.47 -2.61 25.03
CA ASP B 7 -26.75 -1.31 25.08
C ASP B 7 -26.98 -0.54 23.78
N GLU B 8 -28.21 -0.38 23.36
CA GLU B 8 -28.49 0.36 22.10
C GLU B 8 -28.71 1.85 22.40
N ILE B 9 -27.85 2.42 23.19
CA ILE B 9 -27.98 3.88 23.53
C ILE B 9 -27.38 4.73 22.41
N GLU B 10 -28.19 5.43 21.68
CA GLU B 10 -27.66 6.29 20.57
C GLU B 10 -26.82 7.44 21.15
N ALA B 11 -25.52 7.33 21.07
CA ALA B 11 -24.65 8.41 21.62
C ALA B 11 -23.25 8.32 21.00
N HIS B 12 -22.82 9.35 20.32
CA HIS B 12 -21.46 9.32 19.70
C HIS B 12 -20.75 10.66 19.92
N ARG B 13 -19.70 10.91 19.20
CA ARG B 13 -18.96 12.18 19.35
C ARG B 13 -19.64 13.32 18.60
N SER B 14 -20.96 13.41 18.66
CA SER B 14 -21.68 14.50 17.94
C SER B 14 -21.20 15.87 18.45
N HIS B 15 -20.85 15.96 19.71
CA HIS B 15 -20.38 17.26 20.26
C HIS B 15 -19.06 17.66 19.60
N THR B 16 -18.14 16.75 19.48
CA THR B 16 -16.83 17.07 18.85
C THR B 16 -16.99 17.22 17.33
N LEU B 17 -18.04 16.64 16.78
CA LEU B 17 -18.26 16.73 15.30
C LEU B 17 -18.11 18.18 14.81
N LYS B 18 -18.61 19.12 15.56
CA LYS B 18 -18.50 20.55 15.13
C LYS B 18 -17.03 20.92 14.91
N GLY B 19 -16.15 20.37 15.71
CA GLY B 19 -14.70 20.68 15.55
C GLY B 19 -14.14 19.93 14.34
N GLY B 20 -14.77 18.84 13.95
CA GLY B 20 -14.26 18.07 12.76
C GLY B 20 -14.14 19.00 11.55
N ILE B 21 -15.06 19.90 11.39
CA ILE B 21 -14.99 20.83 10.22
C ILE B 21 -13.92 21.90 10.47
N GLU B 22 -13.73 22.28 11.71
CA GLU B 22 -12.69 23.31 12.03
C GLU B 22 -11.30 22.73 11.81
N GLY B 23 -11.13 21.45 12.05
CA GLY B 23 -9.80 20.82 11.86
C GLY B 23 -9.51 20.67 10.36
N ALA B 24 -10.52 20.47 9.57
CA ALA B 24 -10.31 20.31 8.10
C ALA B 24 -9.68 21.59 7.53
N LEU B 25 -10.10 22.73 7.99
CA LEU B 25 -9.53 24.01 7.49
C LEU B 25 -8.13 24.22 8.05
N ALA B 26 -7.89 23.80 9.26
CA ALA B 26 -6.54 23.97 9.88
C ALA B 26 -5.52 23.05 9.20
N GLY B 27 -5.95 21.92 8.72
CA GLY B 27 -5.01 20.98 8.04
C GLY B 27 -4.45 21.62 6.78
N PHE B 28 -5.20 22.50 6.17
CA PHE B 28 -4.72 23.15 4.91
C PHE B 28 -3.75 24.29 5.23
N ALA B 29 -3.88 24.90 6.39
CA ALA B 29 -2.96 26.02 6.75
C ALA B 29 -1.62 25.49 7.27
N ILE B 30 -1.64 24.75 8.33
CA ILE B 30 -0.36 24.20 8.89
C ILE B 30 0.32 23.27 7.88
N SER B 31 -0.45 22.67 7.01
CA SER B 31 0.16 21.74 5.99
C SER B 31 1.27 22.46 5.19
N ALA B 32 0.97 23.58 4.62
CA ALA B 32 1.98 24.31 3.80
C ALA B 32 2.94 25.13 4.69
N ILE B 33 2.48 25.59 5.83
CA ILE B 33 3.36 26.42 6.71
C ILE B 33 4.53 25.60 7.28
N ILE B 34 4.30 24.37 7.66
CA ILE B 34 5.40 23.54 8.24
C ILE B 34 6.54 23.34 7.23
N PHE B 35 6.23 23.17 5.97
CA PHE B 35 7.30 22.95 4.95
C PHE B 35 8.09 24.24 4.67
N LYS B 36 7.51 25.38 4.92
CA LYS B 36 8.21 26.66 4.63
C LYS B 36 9.25 27.02 5.69
N VAL B 37 9.06 26.60 6.91
CA VAL B 37 10.04 26.96 8.00
C VAL B 37 11.50 26.79 7.56
N LEU B 38 11.88 25.68 7.00
CA LEU B 38 13.28 25.47 6.60
C LEU B 38 13.65 26.26 5.32
N PRO B 39 12.92 26.02 4.26
CA PRO B 39 13.22 26.72 2.98
C PRO B 39 12.90 28.21 3.05
N ARG B 40 12.25 28.65 4.09
CA ARG B 40 11.91 30.09 4.22
C ARG B 40 13.20 30.93 4.24
N ARG B 41 14.15 30.57 5.07
CA ARG B 41 15.42 31.34 5.14
C ARG B 41 16.32 30.99 3.96
N TYR B 42 16.70 29.74 3.84
CA TYR B 42 17.58 29.34 2.70
C TYR B 42 16.80 29.42 1.39
N PRO B 43 17.54 29.40 0.30
CA PRO B 43 16.90 29.47 -1.04
C PRO B 43 16.19 28.16 -1.37
N LYS B 44 16.91 27.14 -1.76
CA LYS B 44 16.27 25.85 -2.10
C LYS B 44 17.09 24.67 -1.55
N PHE B 45 16.59 24.00 -0.55
CA PHE B 45 17.35 22.85 0.03
C PHE B 45 17.56 21.76 -1.02
N LYS B 46 18.78 21.35 -1.23
CA LYS B 46 19.05 20.29 -2.26
C LYS B 46 18.20 19.04 -1.97
N PRO B 47 18.29 18.55 -0.75
CA PRO B 47 17.51 17.35 -0.36
C PRO B 47 16.04 17.70 -0.08
N SER B 48 15.43 18.53 -0.90
CA SER B 48 14.00 18.90 -0.67
C SER B 48 13.08 17.76 -1.10
N THR B 49 13.59 16.80 -1.81
CA THR B 49 12.74 15.66 -2.27
C THR B 49 12.29 14.81 -1.07
N LEU B 50 12.94 14.94 0.05
CA LEU B 50 12.54 14.15 1.25
C LEU B 50 11.25 14.72 1.85
N THR B 51 11.31 15.97 2.24
CA THR B 51 10.10 16.62 2.83
C THR B 51 8.91 16.58 1.86
N TRP B 52 9.18 16.36 0.60
CA TRP B 52 8.07 16.31 -0.41
C TRP B 52 7.26 15.01 -0.28
N SER B 53 7.86 13.95 0.20
CA SER B 53 7.11 12.66 0.33
C SER B 53 6.05 12.76 1.43
N ILE B 54 6.44 13.13 2.63
CA ILE B 54 5.46 13.23 3.75
C ILE B 54 4.25 14.10 3.35
N LYS B 55 4.48 15.15 2.60
CA LYS B 55 3.37 16.04 2.19
C LYS B 55 2.29 15.25 1.41
N THR B 56 2.63 14.09 0.91
CA THR B 56 1.62 13.29 0.14
C THR B 56 0.71 12.49 1.09
N ALA B 57 1.26 11.96 2.15
CA ALA B 57 0.43 11.16 3.09
C ALA B 57 -0.44 12.06 3.97
N LEU B 58 -0.18 13.34 3.98
CA LEU B 58 -0.99 14.26 4.84
C LEU B 58 -2.29 14.69 4.13
N TRP B 59 -2.36 14.59 2.83
CA TRP B 59 -3.61 15.01 2.10
C TRP B 59 -4.68 13.91 2.17
N ILE B 60 -4.29 12.69 2.46
CA ILE B 60 -5.28 11.57 2.50
C ILE B 60 -5.97 11.46 3.87
N THR B 61 -5.40 12.01 4.90
CA THR B 61 -6.03 11.89 6.25
C THR B 61 -7.17 12.90 6.51
N PRO B 62 -6.97 14.14 6.13
CA PRO B 62 -8.02 15.16 6.39
C PRO B 62 -9.33 14.93 5.60
N PRO B 63 -9.25 14.46 4.37
CA PRO B 63 -10.49 14.23 3.61
C PRO B 63 -11.19 12.95 4.06
N THR B 64 -10.48 12.04 4.69
CA THR B 64 -11.13 10.77 5.15
C THR B 64 -11.67 10.91 6.57
N VAL B 65 -11.00 11.64 7.42
CA VAL B 65 -11.49 11.83 8.79
C VAL B 65 -12.92 12.38 8.75
N LEU B 66 -13.29 13.03 7.67
CA LEU B 66 -14.68 13.59 7.54
C LEU B 66 -15.72 12.47 7.67
N THR B 67 -15.32 11.25 7.42
CA THR B 67 -16.29 10.10 7.52
C THR B 67 -17.00 10.07 8.89
N ALA B 68 -16.45 10.72 9.88
CA ALA B 68 -17.11 10.69 11.23
C ALA B 68 -18.33 11.64 11.25
N ILE B 69 -18.31 12.68 10.48
CA ILE B 69 -19.46 13.62 10.47
C ILE B 69 -20.61 13.05 9.65
N CYS B 70 -20.34 12.63 8.44
CA CYS B 70 -21.42 12.06 7.57
C CYS B 70 -22.07 10.85 8.24
N ALA B 71 -21.35 10.16 9.08
CA ALA B 71 -21.96 8.97 9.77
C ALA B 71 -22.97 9.42 10.82
N GLU B 72 -22.77 10.60 11.36
CA GLU B 72 -23.72 11.12 12.38
C GLU B 72 -24.93 11.77 11.71
N GLU B 73 -24.69 12.65 10.77
CA GLU B 73 -25.83 13.32 10.06
C GLU B 73 -26.72 12.27 9.39
N ALA B 74 -26.17 11.12 9.07
CA ALA B 74 -27.01 10.06 8.42
C ALA B 74 -27.63 9.15 9.49
N SER B 75 -26.83 8.64 10.39
CA SER B 75 -27.37 7.75 11.46
C SER B 75 -28.57 8.42 12.16
N ASN B 76 -28.32 9.25 13.14
CA ASN B 76 -29.44 9.92 13.86
C ASN B 76 -29.89 11.15 13.06
N ASN B 77 -31.16 11.22 12.73
CA ASN B 77 -31.66 12.40 11.96
C ASN B 77 -31.52 13.67 12.80
N PHE B 78 -30.70 14.59 12.36
CA PHE B 78 -30.52 15.85 13.12
C PHE B 78 -31.84 16.61 13.21
N ASP B 79 -32.73 16.40 12.28
CA ASP B 79 -34.04 17.11 12.32
C ASP B 79 -35.11 16.19 12.93
N ALA B 80 -34.72 15.30 13.79
CA ALA B 80 -35.71 14.37 14.43
C ALA B 80 -36.79 15.18 15.16
N THR B 81 -36.45 15.75 16.29
CA THR B 81 -37.46 16.55 17.05
C THR B 81 -36.76 17.63 17.87
N MET B 82 -37.26 18.84 17.83
CA MET B 82 -36.61 19.94 18.61
C MET B 82 -36.94 19.78 20.10
N TYR B 83 -36.80 20.83 20.86
CA TYR B 83 -37.10 20.75 22.32
C TYR B 83 -38.51 21.29 22.60
N GLY B 84 -39.39 20.45 23.08
CA GLY B 84 -40.78 20.91 23.37
C GLY B 84 -41.43 19.94 24.36
N SER B 85 -42.49 20.36 25.01
CA SER B 85 -43.17 19.48 25.99
C SER B 85 -43.94 18.37 25.25
N GLY B 86 -45.08 18.68 24.72
CA GLY B 86 -45.87 17.64 23.98
C GLY B 86 -46.16 16.47 24.91
N SER B 87 -46.46 15.32 24.36
CA SER B 87 -46.75 14.12 25.20
C SER B 87 -45.59 13.13 25.11
N SER B 88 -44.61 13.27 25.96
CA SER B 88 -43.44 12.34 25.94
C SER B 88 -43.69 11.15 26.87
N SER B 89 -43.46 9.96 26.39
CA SER B 89 -43.68 8.75 27.25
C SER B 89 -42.50 7.79 27.13
N GLU B 90 -42.03 7.58 25.93
CA GLU B 90 -40.87 6.64 25.74
C GLU B 90 -39.59 7.26 26.32
N ASP B 91 -39.43 8.54 26.16
CA ASP B 91 -38.20 9.21 26.70
C ASP B 91 -38.28 9.30 28.23
N ALA B 92 -39.46 9.19 28.79
CA ALA B 92 -39.58 9.27 30.27
C ALA B 92 -38.74 8.18 30.95
N LEU B 93 -38.73 7.00 30.38
CA LEU B 93 -37.92 5.90 30.99
C LEU B 93 -36.43 6.12 30.72
N ASP B 94 -36.10 6.88 29.71
CA ASP B 94 -34.67 7.14 29.39
C ASP B 94 -33.97 7.80 30.59
N GLU B 95 -34.71 8.52 31.39
CA GLU B 95 -34.10 9.19 32.57
C GLU B 95 -33.88 8.19 33.70
N HIS B 96 -34.79 7.25 33.85
CA HIS B 96 -34.64 6.24 34.94
C HIS B 96 -33.38 5.38 34.71
N ARG B 97 -32.89 5.34 33.50
CA ARG B 97 -31.68 4.53 33.21
C ARG B 97 -30.43 5.27 33.69
N ARG B 98 -30.42 6.57 33.58
CA ARG B 98 -29.23 7.36 34.02
C ARG B 98 -29.22 7.49 35.55
N TRP B 99 -30.33 7.22 36.19
CA TRP B 99 -30.39 7.32 37.68
C TRP B 99 -29.43 6.32 38.32
N LYS B 100 -28.99 5.33 37.57
CA LYS B 100 -28.05 4.32 38.16
C LYS B 100 -26.61 4.77 37.94
N SER B 101 -26.36 5.58 36.94
CA SER B 101 -24.97 6.05 36.69
C SER B 101 -24.67 7.28 37.54
N LEU B 102 -25.60 8.21 37.61
CA LEU B 102 -25.37 9.44 38.43
C LEU B 102 -24.05 10.11 38.04
N SER B 103 -23.65 10.00 36.81
CA SER B 103 -22.37 10.63 36.38
C SER B 103 -22.53 11.26 34.99
N THR B 104 -23.00 12.47 34.93
CA THR B 104 -23.16 13.14 33.60
C THR B 104 -21.81 13.59 33.06
N LYS B 105 -20.86 13.82 33.92
CA LYS B 105 -19.51 14.26 33.48
C LYS B 105 -18.88 13.22 32.54
N ASP B 106 -19.35 11.99 32.56
CA ASP B 106 -18.78 10.95 31.67
C ASP B 106 -18.65 11.48 30.24
N LYS B 107 -19.62 12.24 29.80
CA LYS B 107 -19.56 12.81 28.42
C LYS B 107 -18.71 14.09 28.41
N PHE B 108 -18.52 14.71 29.54
CA PHE B 108 -17.70 15.97 29.59
C PHE B 108 -16.22 15.65 29.33
N VAL B 109 -15.70 14.65 29.97
CA VAL B 109 -14.25 14.30 29.76
C VAL B 109 -14.00 13.96 28.28
N GLU B 110 -15.03 13.68 27.53
CA GLU B 110 -14.83 13.36 26.08
C GLU B 110 -14.58 14.64 25.28
N GLY B 111 -15.27 15.70 25.59
CA GLY B 111 -15.08 16.97 24.84
C GLY B 111 -14.01 17.85 25.50
N LEU B 112 -14.17 18.14 26.76
CA LEU B 112 -13.18 19.01 27.48
C LEU B 112 -11.73 18.57 27.21
N SER B 113 -11.42 17.32 27.42
CA SER B 113 -10.03 16.85 27.18
C SER B 113 -9.61 17.07 25.73
N ASN B 114 -10.52 16.99 24.80
CA ASN B 114 -10.16 17.20 23.37
C ASN B 114 -9.59 18.60 23.17
N ASN B 115 -10.23 19.60 23.73
CA ASN B 115 -9.72 21.00 23.56
C ASN B 115 -8.29 21.13 24.09
N LYS B 116 -7.93 20.33 25.06
CA LYS B 116 -6.54 20.42 25.61
C LYS B 116 -5.54 19.80 24.63
N TYR B 117 -5.73 18.55 24.29
CA TYR B 117 -4.80 17.89 23.33
C TYR B 117 -4.77 18.64 21.99
N LYS B 118 -5.84 19.31 21.67
CA LYS B 118 -5.89 20.07 20.38
C LYS B 118 -4.75 21.09 20.29
N ILE B 119 -4.53 21.84 21.35
CA ILE B 119 -3.45 22.87 21.31
C ILE B 119 -2.07 22.25 21.63
N ILE B 120 -2.04 21.22 22.44
CA ILE B 120 -0.73 20.60 22.78
C ILE B 120 -0.03 20.07 21.53
N THR B 121 -0.78 19.67 20.53
CA THR B 121 -0.15 19.14 19.29
C THR B 121 0.27 20.28 18.36
N GLY B 122 -0.49 21.33 18.31
CA GLY B 122 -0.13 22.48 17.41
C GLY B 122 1.23 23.06 17.81
N ALA B 123 1.49 23.17 19.08
CA ALA B 123 2.80 23.74 19.53
C ALA B 123 3.93 22.72 19.33
N TRP B 124 3.59 21.46 19.19
CA TRP B 124 4.64 20.42 18.99
C TRP B 124 5.31 20.56 17.62
N ALA B 125 4.68 21.25 16.70
CA ALA B 125 5.27 21.41 15.34
C ALA B 125 6.14 22.67 15.25
N ALA B 126 5.61 23.79 15.68
CA ALA B 126 6.39 25.07 15.63
C ALA B 126 7.73 24.95 16.37
N SER B 127 7.88 23.98 17.22
CA SER B 127 9.16 23.83 17.98
C SER B 127 10.36 23.70 17.03
N LEU B 128 10.13 23.35 15.79
CA LEU B 128 11.28 23.20 14.85
C LEU B 128 11.79 24.56 14.35
N TYR B 129 10.91 25.45 13.98
CA TYR B 129 11.38 26.80 13.49
C TYR B 129 11.75 27.68 14.69
N GLY B 130 11.06 27.53 15.78
CA GLY B 130 11.36 28.36 16.98
C GLY B 130 12.65 27.86 17.63
N SER B 131 13.03 26.63 17.38
CA SER B 131 14.29 26.10 17.99
C SER B 131 15.51 26.65 17.25
N TRP B 132 15.34 27.11 16.04
CA TRP B 132 16.49 27.65 15.27
C TRP B 132 16.68 29.14 15.55
N VAL B 133 15.64 29.92 15.41
CA VAL B 133 15.76 31.39 15.66
C VAL B 133 16.07 31.66 17.14
N ILE B 134 15.26 31.16 18.02
CA ILE B 134 15.50 31.39 19.48
C ILE B 134 16.94 31.03 19.86
N VAL B 135 17.39 29.86 19.49
CA VAL B 135 18.79 29.46 19.82
C VAL B 135 19.54 29.03 18.56
N ASN B 136 20.76 29.47 18.41
CA ASN B 136 21.56 29.09 17.21
C ASN B 136 23.04 29.41 17.42
N LYS B 137 23.75 28.51 18.08
CA LYS B 137 25.20 28.76 18.33
C LYS B 137 26.03 27.58 17.80
N ASP B 138 26.22 27.51 16.51
CA ASP B 138 27.02 26.38 15.94
C ASP B 138 28.19 26.94 15.11
N PRO B 139 29.36 26.41 15.33
CA PRO B 139 30.55 26.87 14.58
C PRO B 139 30.50 26.35 13.14
N ILE B 140 31.57 26.53 12.40
CA ILE B 140 31.58 26.04 10.98
C ILE B 140 31.60 24.51 10.94
N MET B 141 30.51 23.91 10.57
CA MET B 141 30.46 22.41 10.51
C MET B 141 29.63 21.95 9.32
N THR B 142 29.75 20.71 8.94
CA THR B 142 28.96 20.20 7.78
C THR B 142 27.46 20.34 8.06
N LYS B 143 26.84 21.33 7.48
CA LYS B 143 25.37 21.53 7.71
C LYS B 143 24.58 20.31 7.24
N ALA B 144 25.14 19.52 6.37
CA ALA B 144 24.41 18.30 5.88
C ALA B 144 24.06 17.39 7.06
N GLN B 145 24.97 17.22 7.98
CA GLN B 145 24.70 16.33 9.16
C GLN B 145 23.36 16.72 9.81
N LYS B 146 23.00 17.98 9.74
CA LYS B 146 21.71 18.42 10.34
C LYS B 146 20.56 17.98 9.43
N ILE B 147 20.79 17.93 8.15
CA ILE B 147 19.71 17.49 7.21
C ILE B 147 19.38 16.01 7.45
N VAL B 148 20.39 15.20 7.63
CA VAL B 148 20.13 13.74 7.88
C VAL B 148 19.82 13.51 9.37
N GLN B 149 20.15 14.44 10.22
CA GLN B 149 19.86 14.26 11.67
C GLN B 149 18.36 14.42 11.91
N ALA B 150 17.70 15.21 11.10
CA ALA B 150 16.23 15.40 11.27
C ALA B 150 15.51 14.05 11.19
N ARG B 151 16.04 13.15 10.40
CA ARG B 151 15.42 11.80 10.26
C ARG B 151 15.19 11.19 11.65
N MET B 152 16.22 11.22 12.45
CA MET B 152 16.15 10.65 13.83
C MET B 152 14.83 11.03 14.54
N TYR B 153 14.70 12.28 14.90
CA TYR B 153 13.45 12.71 15.63
C TYR B 153 12.20 12.38 14.79
N ALA B 154 12.28 12.59 13.51
CA ALA B 154 11.10 12.31 12.62
C ALA B 154 10.60 10.87 12.81
N GLN B 155 11.43 9.90 12.51
CA GLN B 155 11.01 8.46 12.66
C GLN B 155 10.22 8.26 13.96
N PHE B 156 10.51 9.03 14.96
CA PHE B 156 9.78 8.90 16.25
C PHE B 156 8.47 9.71 16.20
N ILE B 157 8.55 11.00 16.03
CA ILE B 157 7.32 11.83 15.97
C ILE B 157 6.40 11.33 14.84
N THR B 158 6.93 10.56 13.92
CA THR B 158 6.08 10.04 12.81
C THR B 158 5.16 8.92 13.32
N VAL B 159 5.70 7.93 13.98
CA VAL B 159 4.88 6.81 14.49
C VAL B 159 3.64 7.33 15.25
N GLY B 160 3.71 8.52 15.79
CA GLY B 160 2.54 9.08 16.52
C GLY B 160 1.34 9.14 15.57
N LEU B 161 1.58 9.21 14.29
CA LEU B 161 0.47 9.27 13.30
C LEU B 161 -0.04 7.86 12.99
N LEU B 162 0.88 6.96 12.72
CA LEU B 162 0.48 5.55 12.40
C LEU B 162 -0.30 4.91 13.55
N LEU B 163 0.29 4.86 14.71
CA LEU B 163 -0.42 4.22 15.88
C LEU B 163 -1.83 4.82 16.05
N ALA B 164 -1.92 6.11 16.26
CA ALA B 164 -3.26 6.74 16.44
C ALA B 164 -4.14 6.52 15.20
N SER B 165 -3.55 6.20 14.08
CA SER B 165 -4.37 5.99 12.84
C SER B 165 -5.05 4.62 12.84
N VAL B 166 -4.32 3.56 13.08
CA VAL B 166 -4.96 2.20 13.07
C VAL B 166 -6.02 2.11 14.17
N GLY B 167 -5.77 2.67 15.31
CA GLY B 167 -6.76 2.61 16.42
C GLY B 167 -8.12 3.13 15.94
N LEU B 168 -8.12 3.97 14.93
CA LEU B 168 -9.41 4.51 14.41
C LEU B 168 -10.15 3.43 13.61
N SER B 169 -9.43 2.63 12.88
CA SER B 169 -10.09 1.56 12.07
C SER B 169 -10.46 0.36 12.96
N MET B 170 -9.61 0.01 13.88
CA MET B 170 -9.91 -1.15 14.78
C MET B 170 -11.14 -0.86 15.64
N TYR B 171 -11.44 0.39 15.86
CA TYR B 171 -12.63 0.75 16.69
C TYR B 171 -13.92 0.37 15.96
N GLU B 172 -14.05 0.77 14.72
CA GLU B 172 -15.29 0.44 13.95
C GLU B 172 -15.47 -1.07 13.86
N ASN B 173 -14.40 -1.83 13.99
CA ASN B 173 -14.51 -3.32 13.90
C ASN B 173 -15.69 -3.85 14.72
N LYS B 174 -16.10 -3.15 15.74
CA LYS B 174 -17.25 -3.63 16.58
C LYS B 174 -18.43 -4.10 15.70
N LEU B 175 -19.22 -3.19 15.18
CA LEU B 175 -20.37 -3.60 14.32
C LEU B 175 -19.89 -4.53 13.19
N HIS B 176 -19.52 -3.99 12.05
CA HIS B 176 -19.06 -4.86 10.92
C HIS B 176 -18.57 -3.99 9.76
N PRO B 177 -17.45 -3.36 9.94
CA PRO B 177 -16.87 -2.49 8.89
C PRO B 177 -16.30 -3.36 7.75
N ASN B 178 -15.65 -4.44 8.10
CA ASN B 178 -15.07 -5.33 7.06
C ASN B 178 -15.22 -6.79 7.48
N LYS B 179 -14.37 -7.65 7.00
CA LYS B 179 -14.48 -9.10 7.37
C LYS B 179 -13.10 -9.78 7.25
N GLN B 180 -12.84 -10.76 8.08
CA GLN B 180 -11.53 -11.48 8.03
C GLN B 180 -10.37 -10.50 8.22
N LYS B 181 -9.63 -10.64 9.29
CA LYS B 181 -8.48 -9.72 9.54
C LYS B 181 -7.53 -9.70 8.34
N VAL B 182 -7.56 -8.66 7.56
CA VAL B 182 -6.67 -8.58 6.36
C VAL B 182 -6.66 -7.15 5.81
N ASN B 183 -5.82 -6.88 4.84
CA ASN B 183 -5.74 -5.50 4.24
C ASN B 183 -5.10 -4.53 5.23
N GLU B 184 -5.65 -4.39 6.41
CA GLU B 184 -5.09 -3.43 7.42
C GLU B 184 -3.55 -3.38 7.38
N MET B 185 -2.89 -4.50 7.54
CA MET B 185 -1.39 -4.50 7.53
C MET B 185 -0.82 -3.83 6.25
N ARG B 186 -1.64 -3.61 5.24
CA ARG B 186 -1.12 -2.97 3.97
C ARG B 186 -0.25 -1.74 4.28
N ARG B 187 -0.62 -0.96 5.25
CA ARG B 187 0.15 0.27 5.56
C ARG B 187 1.34 0.00 6.51
N TRP B 188 1.36 -1.12 7.21
CA TRP B 188 2.53 -1.37 8.10
C TRP B 188 3.66 -2.03 7.31
N GLU B 189 3.32 -2.95 6.45
CA GLU B 189 4.36 -3.63 5.62
C GLU B 189 4.79 -2.71 4.46
N ASN B 190 3.91 -1.87 3.99
CA ASN B 190 4.27 -0.95 2.88
C ASN B 190 5.22 0.13 3.40
N ALA B 191 4.88 0.75 4.51
CA ALA B 191 5.77 1.81 5.07
C ALA B 191 7.14 1.22 5.40
N LEU B 192 7.22 -0.08 5.53
CA LEU B 192 8.53 -0.73 5.85
C LEU B 192 9.43 -0.73 4.62
N ARG B 193 8.88 -1.01 3.47
CA ARG B 193 9.70 -1.03 2.22
C ARG B 193 10.23 0.38 1.92
N VAL B 194 9.34 1.32 1.76
CA VAL B 194 9.79 2.73 1.47
C VAL B 194 10.78 3.19 2.53
N ALA B 195 10.72 2.61 3.71
CA ALA B 195 11.66 3.02 4.79
C ALA B 195 13.01 2.31 4.62
N GLU B 196 13.00 1.01 4.62
CA GLU B 196 14.29 0.25 4.45
C GLU B 196 14.96 0.66 3.14
N GLU B 197 14.20 1.14 2.19
CA GLU B 197 14.80 1.56 0.89
C GLU B 197 15.73 2.75 1.10
N GLU B 198 15.36 3.67 1.94
CA GLU B 198 16.21 4.87 2.19
C GLU B 198 17.57 4.45 2.75
N GLU B 199 17.65 3.29 3.36
CA GLU B 199 18.95 2.83 3.93
C GLU B 199 19.97 2.53 2.83
N ARG B 200 19.53 1.90 1.76
CA ARG B 200 20.46 1.57 0.65
C ARG B 200 21.28 2.81 0.25
N LEU B 201 20.78 3.98 0.52
CA LEU B 201 21.52 5.22 0.18
C LEU B 201 22.54 5.55 1.28
N GLU B 202 22.27 5.14 2.49
CA GLU B 202 23.21 5.43 3.61
C GLU B 202 24.41 4.47 3.57
N LYS B 203 24.20 3.27 3.10
CA LYS B 203 25.33 2.29 3.04
C LYS B 203 26.07 2.41 1.70
N GLU B 204 25.32 2.53 0.62
CA GLU B 204 25.98 2.65 -0.72
C GLU B 204 26.36 4.11 -1.00
N GLY B 205 25.65 5.03 -0.41
CA GLY B 205 25.96 6.48 -0.64
C GLY B 205 27.36 6.78 -0.08
N ARG B 206 28.16 7.50 -0.84
CA ARG B 206 29.52 7.84 -0.36
C ARG B 206 29.47 9.03 0.60
N ARG B 207 30.08 8.92 1.74
CA ARG B 207 30.06 10.04 2.73
C ARG B 207 31.22 11.01 2.44
N THR B 208 31.24 12.12 3.11
CA THR B 208 32.35 13.11 2.88
C THR B 208 33.40 12.97 3.97
N GLY B 209 34.40 13.83 3.96
CA GLY B 209 35.47 13.74 5.00
C GLY B 209 36.23 15.06 5.07
N TYR B 210 36.92 15.31 6.14
CA TYR B 210 37.69 16.59 6.27
C TYR B 210 39.01 16.34 7.01
N VAL B 211 39.66 17.39 7.44
CA VAL B 211 40.94 17.22 8.18
C VAL B 211 40.68 16.75 9.61
N SER B 212 39.52 17.05 10.14
CA SER B 212 39.21 16.62 11.53
C SER B 212 38.83 15.13 11.55
N ASN B 213 38.20 14.66 10.51
CA ASN B 213 37.82 13.22 10.47
C ASN B 213 39.06 12.33 10.40
N GLU B 214 40.03 12.73 9.62
CA GLU B 214 41.28 11.92 9.49
C GLU B 214 42.07 11.98 10.81
N GLU B 215 41.96 13.06 11.53
CA GLU B 215 42.71 13.17 12.82
C GLU B 215 42.10 12.25 13.87
N ARG B 216 40.82 11.96 13.76
CA ARG B 216 40.17 11.06 14.75
C ARG B 216 40.78 9.65 14.68
N ILE B 217 41.49 9.35 13.62
CA ILE B 217 42.10 8.00 13.49
C ILE B 217 43.21 7.82 14.54
N ASN B 218 43.98 8.85 14.79
CA ASN B 218 45.08 8.74 15.78
C ASN B 218 44.53 8.32 17.16
N SER B 219 43.38 8.85 17.52
CA SER B 219 42.79 8.48 18.85
C SER B 219 42.20 7.07 18.78
N LYS B 220 41.83 6.62 17.62
CA LYS B 220 41.26 5.25 17.50
C LYS B 220 42.36 4.20 17.65
N ILE B 221 43.39 4.27 16.86
CA ILE B 221 44.49 3.28 16.96
C ILE B 221 45.17 3.36 18.33
N PHE B 222 45.02 4.48 19.01
CA PHE B 222 45.66 4.61 20.36
C PHE B 222 45.27 3.44 21.26
N LYS B 223 44.14 2.83 21.01
CA LYS B 223 43.71 1.69 21.86
C LYS B 223 44.72 0.55 21.76
N SER B 224 45.15 0.04 22.89
CA SER B 224 46.14 -1.08 22.88
C SER B 224 45.82 -2.09 23.97
N MET A 1 -8.44 -38.87 -34.52
CA MET A 1 -8.03 -38.90 -33.08
C MET A 1 -8.88 -37.92 -32.27
N LYS A 2 -9.37 -36.88 -32.89
CA LYS A 2 -10.20 -35.89 -32.15
C LYS A 2 -11.66 -35.96 -32.63
N ILE A 3 -12.11 -37.12 -33.00
CA ILE A 3 -13.51 -37.26 -33.48
C ILE A 3 -14.46 -37.40 -32.29
N LEU A 4 -14.78 -36.31 -31.66
CA LEU A 4 -15.71 -36.35 -30.49
C LEU A 4 -16.30 -34.98 -30.21
N THR A 5 -17.34 -34.61 -30.92
CA THR A 5 -17.97 -33.28 -30.71
C THR A 5 -19.46 -33.34 -31.03
N GLN A 6 -20.09 -34.45 -30.76
CA GLN A 6 -21.55 -34.57 -31.05
C GLN A 6 -22.37 -33.88 -29.96
N ASP A 7 -22.25 -34.33 -28.73
CA ASP A 7 -23.01 -33.70 -27.63
C ASP A 7 -22.43 -34.13 -26.27
N GLU A 8 -21.15 -34.33 -26.22
CA GLU A 8 -20.51 -34.73 -24.93
C GLU A 8 -19.55 -33.65 -24.45
N ILE A 9 -19.17 -33.69 -23.19
CA ILE A 9 -18.23 -32.66 -22.66
C ILE A 9 -18.75 -31.26 -22.94
N GLU A 10 -19.97 -30.97 -22.54
CA GLU A 10 -20.54 -29.62 -22.80
C GLU A 10 -19.72 -28.55 -22.06
N ALA A 11 -19.57 -27.39 -22.66
CA ALA A 11 -18.77 -26.31 -22.00
C ALA A 11 -19.70 -25.40 -21.19
N HIS A 12 -19.19 -24.75 -20.19
CA HIS A 12 -20.03 -23.84 -19.36
C HIS A 12 -19.15 -22.95 -18.48
N ARG A 13 -19.66 -21.83 -18.04
CA ARG A 13 -18.87 -20.92 -17.18
C ARG A 13 -18.47 -21.63 -15.88
N SER A 14 -19.31 -22.48 -15.39
CA SER A 14 -18.99 -23.21 -14.12
C SER A 14 -17.97 -24.32 -14.39
N HIS A 15 -17.93 -24.82 -15.60
CA HIS A 15 -16.97 -25.92 -15.92
C HIS A 15 -15.52 -25.48 -15.62
N THR A 16 -15.27 -24.19 -15.61
CA THR A 16 -13.88 -23.70 -15.32
C THR A 16 -13.54 -23.86 -13.83
N LEU A 17 -14.54 -23.94 -13.00
CA LEU A 17 -14.27 -24.08 -11.53
C LEU A 17 -13.32 -25.26 -11.26
N LYS A 18 -13.44 -26.31 -12.02
CA LYS A 18 -12.54 -27.48 -11.81
C LYS A 18 -11.08 -27.07 -12.03
N GLY A 19 -10.83 -26.31 -13.06
CA GLY A 19 -9.43 -25.87 -13.34
C GLY A 19 -9.02 -24.76 -12.36
N GLY A 20 -9.96 -24.05 -11.81
CA GLY A 20 -9.62 -22.96 -10.84
C GLY A 20 -8.80 -23.53 -9.69
N ILE A 21 -9.11 -24.72 -9.25
CA ILE A 21 -8.33 -25.32 -8.13
C ILE A 21 -6.97 -25.81 -8.62
N GLU A 22 -6.89 -26.23 -9.86
CA GLU A 22 -5.58 -26.71 -10.40
C GLU A 22 -4.54 -25.59 -10.32
N GLY A 23 -4.96 -24.36 -10.42
CA GLY A 23 -3.99 -23.23 -10.36
C GLY A 23 -3.38 -23.13 -8.94
N ALA A 24 -4.20 -23.18 -7.93
CA ALA A 24 -3.66 -23.08 -6.53
C ALA A 24 -2.56 -24.13 -6.31
N LEU A 25 -2.68 -25.28 -6.90
CA LEU A 25 -1.65 -26.34 -6.72
C LEU A 25 -0.44 -26.07 -7.64
N ALA A 26 -0.68 -25.68 -8.86
CA ALA A 26 0.46 -25.43 -9.80
C ALA A 26 1.35 -24.30 -9.29
N GLY A 27 0.78 -23.33 -8.62
CA GLY A 27 1.59 -22.19 -8.11
C GLY A 27 2.74 -22.72 -7.23
N PHE A 28 2.54 -23.82 -6.58
CA PHE A 28 3.62 -24.38 -5.70
C PHE A 28 4.77 -24.96 -6.53
N ALA A 29 4.50 -25.37 -7.74
CA ALA A 29 5.58 -25.96 -8.59
C ALA A 29 6.49 -24.85 -9.16
N ILE A 30 5.94 -23.95 -9.92
CA ILE A 30 6.77 -22.86 -10.52
C ILE A 30 7.34 -21.95 -9.42
N SER A 31 6.70 -21.86 -8.30
CA SER A 31 7.20 -20.98 -7.19
C SER A 31 8.66 -21.28 -6.85
N ALA A 32 8.96 -22.52 -6.54
CA ALA A 32 10.36 -22.88 -6.16
C ALA A 32 11.26 -23.06 -7.39
N ILE A 33 10.70 -23.46 -8.50
CA ILE A 33 11.55 -23.68 -9.72
C ILE A 33 12.11 -22.35 -10.25
N ILE A 34 11.27 -21.38 -10.49
CA ILE A 34 11.75 -20.07 -11.04
C ILE A 34 12.80 -19.46 -10.10
N PHE A 35 12.67 -19.66 -8.83
CA PHE A 35 13.65 -19.06 -7.86
C PHE A 35 15.02 -19.77 -7.95
N LYS A 36 15.02 -21.02 -8.31
CA LYS A 36 16.32 -21.79 -8.39
C LYS A 36 17.09 -21.51 -9.68
N VAL A 37 16.43 -21.16 -10.74
CA VAL A 37 17.16 -20.95 -12.05
C VAL A 37 18.45 -20.15 -11.89
N LEU A 38 18.42 -18.97 -11.32
CA LEU A 38 19.66 -18.17 -11.18
C LEU A 38 20.59 -18.72 -10.09
N PRO A 39 20.08 -18.82 -8.88
CA PRO A 39 20.90 -19.32 -7.75
C PRO A 39 21.21 -20.82 -7.90
N ARG A 40 20.65 -21.46 -8.89
CA ARG A 40 20.91 -22.92 -9.09
C ARG A 40 22.42 -23.19 -9.07
N ARG A 41 23.20 -22.34 -9.69
CA ARG A 41 24.68 -22.55 -9.70
C ARG A 41 25.28 -22.05 -8.38
N TYR A 42 24.84 -20.92 -7.91
CA TYR A 42 25.38 -20.38 -6.62
C TYR A 42 24.40 -19.36 -6.03
N PRO A 43 23.70 -19.77 -5.00
CA PRO A 43 22.72 -18.87 -4.35
C PRO A 43 23.42 -17.77 -3.55
N LYS A 44 24.72 -17.83 -3.43
CA LYS A 44 25.45 -16.78 -2.66
C LYS A 44 25.92 -15.66 -3.60
N PHE A 45 25.16 -15.36 -4.61
CA PHE A 45 25.56 -14.28 -5.56
C PHE A 45 25.68 -12.94 -4.83
N LYS A 46 24.60 -12.22 -4.64
CA LYS A 46 24.66 -10.91 -3.94
C LYS A 46 23.28 -10.24 -3.92
N PRO A 47 22.72 -10.03 -5.08
CA PRO A 47 21.39 -9.39 -5.17
C PRO A 47 20.26 -10.36 -4.78
N SER A 48 20.43 -11.11 -3.71
CA SER A 48 19.35 -12.07 -3.31
C SER A 48 18.23 -11.32 -2.56
N THR A 49 18.48 -10.10 -2.15
CA THR A 49 17.43 -9.34 -1.41
C THR A 49 16.35 -8.83 -2.38
N LEU A 50 16.71 -8.62 -3.62
CA LEU A 50 15.70 -8.14 -4.62
C LEU A 50 14.73 -9.27 -4.95
N THR A 51 15.18 -10.49 -4.84
CA THR A 51 14.31 -11.66 -5.16
C THR A 51 13.36 -11.97 -3.99
N TRP A 52 13.66 -11.49 -2.82
CA TRP A 52 12.78 -11.78 -1.64
C TRP A 52 11.51 -10.93 -1.68
N SER A 53 11.56 -9.79 -2.31
CA SER A 53 10.34 -8.91 -2.36
C SER A 53 9.39 -9.36 -3.48
N ILE A 54 9.89 -9.50 -4.68
CA ILE A 54 9.02 -9.92 -5.81
C ILE A 54 8.25 -11.20 -5.46
N LYS A 55 8.81 -12.03 -4.62
CA LYS A 55 8.13 -13.29 -4.23
C LYS A 55 7.04 -13.03 -3.17
N THR A 56 7.08 -11.90 -2.52
CA THR A 56 6.06 -11.61 -1.46
C THR A 56 4.68 -11.32 -2.09
N ALA A 57 4.64 -10.49 -3.08
CA ALA A 57 3.33 -10.14 -3.72
C ALA A 57 2.76 -11.34 -4.49
N LEU A 58 3.53 -12.39 -4.67
CA LEU A 58 3.03 -13.58 -5.43
C LEU A 58 2.25 -14.55 -4.52
N TRP A 59 2.46 -14.51 -3.23
CA TRP A 59 1.72 -15.46 -2.34
C TRP A 59 0.31 -14.94 -1.99
N ILE A 60 0.12 -13.65 -2.04
CA ILE A 60 -1.23 -13.09 -1.70
C ILE A 60 -2.18 -13.11 -2.90
N THR A 61 -1.65 -13.24 -4.09
CA THR A 61 -2.51 -13.22 -5.31
C THR A 61 -3.29 -14.55 -5.51
N PRO A 62 -2.62 -15.67 -5.38
CA PRO A 62 -3.30 -16.98 -5.61
C PRO A 62 -4.38 -17.32 -4.55
N PRO A 63 -4.18 -16.97 -3.30
CA PRO A 63 -5.21 -17.30 -2.28
C PRO A 63 -6.47 -16.45 -2.45
N THR A 64 -6.37 -15.33 -3.12
CA THR A 64 -7.58 -14.46 -3.29
C THR A 64 -8.33 -14.81 -4.58
N VAL A 65 -7.66 -15.33 -5.57
CA VAL A 65 -8.37 -15.69 -6.82
C VAL A 65 -9.43 -16.74 -6.49
N LEU A 66 -9.26 -17.44 -5.39
CA LEU A 66 -10.27 -18.48 -4.98
C LEU A 66 -11.64 -17.84 -4.75
N THR A 67 -11.68 -16.55 -4.55
CA THR A 67 -12.99 -15.86 -4.31
C THR A 67 -14.01 -16.19 -5.41
N ALA A 68 -13.56 -16.64 -6.55
CA ALA A 68 -14.54 -16.96 -7.66
C ALA A 68 -15.22 -18.30 -7.42
N ILE A 69 -14.57 -19.23 -6.78
CA ILE A 69 -15.19 -20.55 -6.53
C ILE A 69 -16.19 -20.47 -5.36
N CYS A 70 -15.75 -20.00 -4.23
CA CYS A 70 -16.67 -19.91 -3.05
C CYS A 70 -17.91 -19.09 -3.41
N ALA A 71 -17.82 -18.23 -4.40
CA ALA A 71 -19.01 -17.41 -4.79
C ALA A 71 -19.97 -18.23 -5.66
N GLU A 72 -19.44 -19.16 -6.42
CA GLU A 72 -20.33 -20.00 -7.29
C GLU A 72 -20.94 -21.13 -6.49
N GLU A 73 -20.16 -21.79 -5.68
CA GLU A 73 -20.70 -22.92 -4.86
C GLU A 73 -21.82 -22.42 -3.94
N ALA A 74 -21.80 -21.17 -3.59
CA ALA A 74 -22.88 -20.64 -2.69
C ALA A 74 -24.04 -20.10 -3.52
N SER A 75 -23.76 -19.24 -4.47
CA SER A 75 -24.86 -18.67 -5.32
C SER A 75 -25.74 -19.79 -5.89
N ASN A 76 -25.37 -20.37 -7.00
CA ASN A 76 -26.20 -21.46 -7.59
C ASN A 76 -25.88 -22.79 -6.92
N ASN A 77 -26.85 -23.68 -6.83
CA ASN A 77 -26.60 -25.00 -6.18
C ASN A 77 -25.90 -25.94 -7.16
N PHE A 78 -25.09 -26.83 -6.67
CA PHE A 78 -24.37 -27.78 -7.56
C PHE A 78 -25.37 -28.73 -8.24
N ASP A 79 -25.02 -29.25 -9.39
CA ASP A 79 -25.92 -30.20 -10.10
C ASP A 79 -27.38 -29.69 -10.08
N ALA A 80 -27.71 -28.82 -10.99
CA ALA A 80 -29.11 -28.29 -11.04
C ALA A 80 -29.88 -28.92 -12.20
N THR A 81 -31.07 -29.40 -11.94
CA THR A 81 -31.86 -30.03 -13.04
C THR A 81 -33.36 -29.94 -12.72
N MET A 82 -34.19 -30.10 -13.72
CA MET A 82 -35.67 -30.02 -13.48
C MET A 82 -36.09 -31.06 -12.43
N TYR A 83 -36.67 -30.61 -11.35
CA TYR A 83 -37.11 -31.56 -10.28
C TYR A 83 -38.40 -31.07 -9.63
N GLY A 84 -39.04 -31.91 -8.86
CA GLY A 84 -40.31 -31.48 -8.19
C GLY A 84 -40.00 -30.92 -6.80
N SER A 85 -40.17 -31.72 -5.78
CA SER A 85 -39.87 -31.26 -4.39
C SER A 85 -40.74 -30.03 -4.05
N GLY A 86 -40.33 -28.86 -4.47
CA GLY A 86 -41.12 -27.64 -4.16
C GLY A 86 -41.42 -26.88 -5.45
N SER A 87 -41.61 -25.59 -5.38
CA SER A 87 -41.92 -24.80 -6.61
C SER A 87 -41.03 -23.55 -6.65
N SER A 88 -40.67 -23.11 -7.83
CA SER A 88 -39.81 -21.90 -7.95
C SER A 88 -40.20 -21.10 -9.20
N SER A 89 -40.23 -19.80 -9.09
CA SER A 89 -40.60 -18.96 -10.26
C SER A 89 -39.42 -18.07 -10.67
N GLU A 90 -38.72 -17.52 -9.72
CA GLU A 90 -37.55 -16.65 -10.04
C GLU A 90 -36.43 -17.47 -10.66
N ASP A 91 -36.33 -18.73 -10.31
CA ASP A 91 -35.25 -19.59 -10.87
C ASP A 91 -35.66 -20.12 -12.25
N ALA A 92 -36.88 -20.56 -12.38
CA ALA A 92 -37.34 -21.10 -13.70
C ALA A 92 -37.48 -19.96 -14.71
N LEU A 93 -37.79 -18.77 -14.25
CA LEU A 93 -37.94 -17.63 -15.19
C LEU A 93 -36.58 -17.24 -15.78
N ASP A 94 -35.53 -17.39 -15.01
CA ASP A 94 -34.18 -17.02 -15.52
C ASP A 94 -33.77 -17.98 -16.64
N GLU A 95 -34.24 -19.20 -16.60
CA GLU A 95 -33.87 -20.18 -17.66
C GLU A 95 -34.41 -19.71 -19.02
N HIS A 96 -35.58 -19.14 -19.04
CA HIS A 96 -36.16 -18.65 -20.32
C HIS A 96 -35.38 -17.43 -20.83
N ARG A 97 -34.69 -16.75 -19.94
CA ARG A 97 -33.91 -15.55 -20.37
C ARG A 97 -32.63 -15.97 -21.10
N ARG A 98 -32.19 -17.18 -20.89
CA ARG A 98 -30.95 -17.65 -21.57
C ARG A 98 -31.21 -17.88 -23.06
N TRP A 99 -32.45 -18.05 -23.43
CA TRP A 99 -32.78 -18.27 -24.87
C TRP A 99 -32.48 -17.01 -25.69
N LYS A 100 -32.27 -15.90 -25.03
CA LYS A 100 -31.98 -14.64 -25.77
C LYS A 100 -30.76 -14.81 -26.68
N SER A 101 -29.92 -15.77 -26.40
CA SER A 101 -28.72 -16.00 -27.25
C SER A 101 -29.07 -16.94 -28.40
N LEU A 102 -28.25 -16.96 -29.43
CA LEU A 102 -28.53 -17.86 -30.59
C LEU A 102 -27.31 -18.70 -30.92
N SER A 103 -26.46 -18.95 -29.96
CA SER A 103 -25.24 -19.77 -30.22
C SER A 103 -24.78 -20.47 -28.94
N THR A 104 -24.84 -21.78 -28.91
CA THR A 104 -24.41 -22.52 -27.69
C THR A 104 -22.89 -22.43 -27.54
N LYS A 105 -22.18 -22.29 -28.62
CA LYS A 105 -20.70 -22.18 -28.55
C LYS A 105 -20.28 -20.98 -27.71
N ASP A 106 -21.16 -20.03 -27.50
CA ASP A 106 -20.79 -18.84 -26.67
C ASP A 106 -20.12 -19.30 -25.38
N LYS A 107 -20.56 -20.41 -24.84
CA LYS A 107 -19.95 -20.93 -23.59
C LYS A 107 -18.70 -21.77 -23.91
N PHE A 108 -18.57 -22.23 -25.12
CA PHE A 108 -17.38 -23.06 -25.50
C PHE A 108 -16.12 -22.19 -25.59
N VAL A 109 -16.21 -21.05 -26.21
CA VAL A 109 -15.00 -20.17 -26.33
C VAL A 109 -14.52 -19.75 -24.94
N GLU A 110 -15.35 -19.87 -23.94
CA GLU A 110 -14.92 -19.47 -22.56
C GLU A 110 -13.92 -20.49 -22.01
N GLY A 111 -14.14 -21.75 -22.26
CA GLY A 111 -13.19 -22.79 -21.74
C GLY A 111 -12.11 -23.10 -22.77
N LEU A 112 -12.50 -23.43 -23.97
CA LEU A 112 -11.51 -23.79 -25.04
C LEU A 112 -10.37 -22.77 -25.12
N SER A 113 -10.65 -21.51 -24.90
CA SER A 113 -9.57 -20.48 -24.98
C SER A 113 -8.71 -20.49 -23.71
N ASN A 114 -9.28 -20.86 -22.60
CA ASN A 114 -8.49 -20.89 -21.32
C ASN A 114 -7.26 -21.80 -21.48
N ASN A 115 -7.45 -22.99 -21.97
CA ASN A 115 -6.30 -23.93 -22.15
C ASN A 115 -5.20 -23.30 -22.99
N LYS A 116 -5.56 -22.62 -24.05
CA LYS A 116 -4.53 -21.97 -24.92
C LYS A 116 -3.73 -20.93 -24.12
N TYR A 117 -4.41 -19.96 -23.55
CA TYR A 117 -3.68 -18.92 -22.76
C TYR A 117 -2.95 -19.56 -21.57
N LYS A 118 -3.48 -20.63 -21.05
CA LYS A 118 -2.83 -21.30 -19.89
C LYS A 118 -1.43 -21.79 -20.26
N ILE A 119 -1.24 -22.22 -21.48
CA ILE A 119 0.12 -22.71 -21.90
C ILE A 119 1.02 -21.54 -22.32
N ILE A 120 0.48 -20.58 -23.02
CA ILE A 120 1.32 -19.43 -23.47
C ILE A 120 1.99 -18.73 -22.28
N THR A 121 1.35 -18.72 -21.13
CA THR A 121 1.95 -18.05 -19.95
C THR A 121 3.01 -18.95 -19.28
N GLY A 122 2.91 -20.24 -19.46
CA GLY A 122 3.89 -21.16 -18.82
C GLY A 122 5.22 -21.11 -19.60
N ALA A 123 5.17 -20.86 -20.87
CA ALA A 123 6.43 -20.81 -21.67
C ALA A 123 7.16 -19.48 -21.47
N TRP A 124 6.45 -18.45 -21.12
CA TRP A 124 7.11 -17.12 -20.91
C TRP A 124 8.15 -17.22 -19.79
N ALA A 125 7.96 -18.12 -18.86
CA ALA A 125 8.95 -18.25 -17.74
C ALA A 125 10.15 -19.11 -18.14
N ALA A 126 9.97 -20.02 -19.06
CA ALA A 126 11.11 -20.90 -19.48
C ALA A 126 12.01 -20.17 -20.49
N SER A 127 11.53 -19.13 -21.11
CA SER A 127 12.38 -18.40 -22.10
C SER A 127 13.59 -17.74 -21.44
N LEU A 128 13.56 -17.55 -20.15
CA LEU A 128 14.71 -16.90 -19.46
C LEU A 128 15.83 -17.92 -19.16
N TYR A 129 15.58 -18.96 -18.39
CA TYR A 129 16.68 -19.93 -18.11
C TYR A 129 16.98 -20.75 -19.37
N GLY A 130 15.98 -21.05 -20.14
CA GLY A 130 16.22 -21.82 -21.40
C GLY A 130 17.09 -20.98 -22.34
N SER A 131 17.07 -19.67 -22.16
CA SER A 131 17.90 -18.79 -23.02
C SER A 131 19.36 -18.80 -22.55
N TRP A 132 19.61 -19.18 -21.33
CA TRP A 132 21.01 -19.21 -20.81
C TRP A 132 21.68 -20.53 -21.21
N VAL A 133 21.05 -21.64 -20.92
CA VAL A 133 21.66 -22.97 -21.28
C VAL A 133 22.07 -22.97 -22.75
N ILE A 134 21.18 -22.65 -23.63
CA ILE A 134 21.52 -22.64 -25.09
C ILE A 134 22.75 -21.75 -25.33
N VAL A 135 22.70 -20.53 -24.89
CA VAL A 135 23.87 -19.61 -25.10
C VAL A 135 24.21 -18.89 -23.79
N ASN A 136 25.48 -18.80 -23.48
CA ASN A 136 25.89 -18.11 -22.21
C ASN A 136 27.36 -17.71 -22.29
N LYS A 137 27.80 -17.27 -23.45
CA LYS A 137 29.23 -16.86 -23.59
C LYS A 137 29.55 -15.70 -22.65
N ASP A 138 30.50 -15.87 -21.77
CA ASP A 138 30.86 -14.78 -20.82
C ASP A 138 32.22 -14.19 -21.20
N PRO A 139 32.18 -13.15 -22.01
CA PRO A 139 33.43 -12.48 -22.44
C PRO A 139 34.05 -11.70 -21.29
N ILE A 140 35.29 -11.31 -21.42
CA ILE A 140 35.96 -10.55 -20.33
C ILE A 140 35.29 -9.18 -20.16
N MET A 141 34.26 -9.11 -19.36
CA MET A 141 33.57 -7.81 -19.14
C MET A 141 32.94 -7.77 -17.74
N THR A 142 32.06 -6.84 -17.51
CA THR A 142 31.41 -6.73 -16.16
C THR A 142 30.09 -7.51 -16.15
N LYS A 143 30.02 -8.57 -15.40
CA LYS A 143 28.77 -9.38 -15.34
C LYS A 143 27.67 -8.61 -14.62
N ALA A 144 28.04 -7.71 -13.75
CA ALA A 144 27.02 -6.91 -13.00
C ALA A 144 26.21 -6.05 -13.99
N GLN A 145 26.85 -5.53 -15.01
CA GLN A 145 26.11 -4.69 -15.99
C GLN A 145 24.90 -5.45 -16.55
N LYS A 146 24.98 -6.76 -16.57
CA LYS A 146 23.84 -7.56 -17.09
C LYS A 146 22.73 -7.67 -16.03
N ILE A 147 23.10 -7.63 -14.78
CA ILE A 147 22.07 -7.74 -13.69
C ILE A 147 21.16 -6.52 -13.71
N VAL A 148 21.65 -5.39 -14.16
CA VAL A 148 20.79 -4.17 -14.20
C VAL A 148 19.99 -4.11 -15.51
N GLN A 149 20.31 -4.96 -16.46
CA GLN A 149 19.56 -4.96 -17.75
C GLN A 149 18.21 -5.66 -17.57
N ALA A 150 18.20 -6.73 -16.82
CA ALA A 150 16.92 -7.47 -16.59
C ALA A 150 15.79 -6.50 -16.19
N ARG A 151 16.14 -5.41 -15.57
CA ARG A 151 15.09 -4.42 -15.15
C ARG A 151 14.38 -3.85 -16.39
N MET A 152 14.98 -3.99 -17.55
CA MET A 152 14.33 -3.43 -18.78
C MET A 152 13.07 -4.25 -19.11
N TYR A 153 13.16 -5.55 -19.04
CA TYR A 153 11.98 -6.41 -19.36
C TYR A 153 11.11 -6.63 -18.11
N ALA A 154 11.64 -6.37 -16.94
CA ALA A 154 10.85 -6.58 -15.68
C ALA A 154 9.67 -5.60 -15.61
N GLN A 155 9.93 -4.32 -15.56
CA GLN A 155 8.82 -3.32 -15.48
C GLN A 155 7.73 -3.66 -16.50
N PHE A 156 8.09 -4.32 -17.56
CA PHE A 156 7.09 -4.70 -18.60
C PHE A 156 6.42 -6.03 -18.21
N ILE A 157 7.20 -7.08 -18.07
CA ILE A 157 6.61 -8.40 -17.71
C ILE A 157 5.88 -8.30 -16.36
N THR A 158 6.25 -7.34 -15.55
CA THR A 158 5.58 -7.17 -14.22
C THR A 158 4.21 -6.53 -14.40
N VAL A 159 4.15 -5.44 -15.11
CA VAL A 159 2.84 -4.75 -15.32
C VAL A 159 1.78 -5.75 -15.80
N GLY A 160 2.19 -6.81 -16.44
CA GLY A 160 1.22 -7.84 -16.92
C GLY A 160 0.44 -8.38 -15.73
N LEU A 161 0.99 -8.28 -14.54
CA LEU A 161 0.28 -8.79 -13.34
C LEU A 161 -0.65 -7.71 -12.78
N LEU A 162 -0.14 -6.52 -12.60
CA LEU A 162 -0.97 -5.40 -12.07
C LEU A 162 -2.21 -5.18 -12.94
N LEU A 163 -2.03 -5.10 -14.24
CA LEU A 163 -3.20 -4.86 -15.14
C LEU A 163 -4.21 -6.01 -15.00
N ALA A 164 -3.78 -7.22 -15.18
CA ALA A 164 -4.71 -8.39 -15.06
C ALA A 164 -5.36 -8.42 -13.67
N SER A 165 -4.77 -7.77 -12.70
CA SER A 165 -5.34 -7.78 -11.33
C SER A 165 -6.45 -6.74 -11.18
N VAL A 166 -6.22 -5.53 -11.63
CA VAL A 166 -7.27 -4.47 -11.49
C VAL A 166 -8.50 -4.84 -12.32
N GLY A 167 -8.30 -5.41 -13.48
CA GLY A 167 -9.46 -5.78 -14.34
C GLY A 167 -10.41 -6.70 -13.56
N LEU A 168 -9.88 -7.52 -12.70
CA LEU A 168 -10.77 -8.45 -11.91
C LEU A 168 -11.53 -7.65 -10.85
N SER A 169 -10.87 -6.71 -10.21
CA SER A 169 -11.55 -5.90 -9.16
C SER A 169 -12.46 -4.86 -9.80
N MET A 170 -12.10 -4.38 -10.97
CA MET A 170 -12.95 -3.35 -11.64
C MET A 170 -14.18 -3.99 -12.29
N TYR A 171 -14.09 -5.25 -12.63
CA TYR A 171 -15.26 -5.94 -13.26
C TYR A 171 -16.39 -6.09 -12.25
N GLU A 172 -16.08 -6.40 -11.02
CA GLU A 172 -17.14 -6.57 -9.99
C GLU A 172 -17.91 -5.25 -9.80
N ASN A 173 -17.28 -4.14 -10.11
CA ASN A 173 -17.97 -2.82 -9.94
C ASN A 173 -19.36 -2.83 -10.56
N LYS A 174 -19.52 -3.42 -11.72
CA LYS A 174 -20.86 -3.46 -12.39
C LYS A 174 -21.94 -3.92 -11.39
N LEU A 175 -22.06 -5.20 -11.15
CA LEU A 175 -23.10 -5.70 -10.21
C LEU A 175 -23.02 -4.95 -8.88
N HIS A 176 -21.83 -4.61 -8.44
CA HIS A 176 -21.69 -3.87 -7.15
C HIS A 176 -21.21 -2.44 -7.41
N PRO A 177 -22.13 -1.59 -7.79
CA PRO A 177 -21.80 -0.18 -8.07
C PRO A 177 -21.50 0.58 -6.77
N ASN A 178 -22.02 0.10 -5.67
CA ASN A 178 -21.77 0.79 -4.37
C ASN A 178 -20.28 0.78 -4.04
N LYS A 179 -19.56 1.78 -4.51
CA LYS A 179 -18.09 1.83 -4.23
C LYS A 179 -17.57 3.25 -4.48
N GLN A 180 -17.04 3.88 -3.47
CA GLN A 180 -16.50 5.26 -3.64
C GLN A 180 -15.49 5.58 -2.54
N LYS A 181 -14.65 4.63 -2.21
CA LYS A 181 -13.63 4.88 -1.14
C LYS A 181 -12.24 4.46 -1.63
N VAL A 182 -11.28 4.43 -0.73
CA VAL A 182 -9.91 4.03 -1.14
C VAL A 182 -9.90 2.57 -1.63
N ASN A 183 -9.16 2.28 -2.66
CA ASN A 183 -9.13 0.88 -3.17
C ASN A 183 -7.90 0.69 -4.09
N GLU A 184 -8.10 0.22 -5.31
CA GLU A 184 -6.94 0.00 -6.25
C GLU A 184 -5.84 1.06 -6.08
N MET A 185 -6.17 2.34 -6.15
CA MET A 185 -5.13 3.40 -6.01
C MET A 185 -4.21 3.14 -4.81
N ARG A 186 -4.67 2.38 -3.82
CA ARG A 186 -3.77 2.10 -2.64
C ARG A 186 -2.55 1.30 -3.11
N ARG A 187 -2.75 0.42 -4.05
CA ARG A 187 -1.61 -0.42 -4.52
C ARG A 187 -0.88 0.24 -5.71
N TRP A 188 -1.47 1.21 -6.36
CA TRP A 188 -0.75 1.88 -7.50
C TRP A 188 0.26 2.88 -6.95
N GLU A 189 -0.19 3.86 -6.21
CA GLU A 189 0.74 4.88 -5.65
C GLU A 189 1.74 4.20 -4.70
N ASN A 190 1.32 3.17 -4.03
CA ASN A 190 2.25 2.47 -3.10
C ASN A 190 3.39 1.83 -3.91
N ALA A 191 3.06 1.20 -5.00
CA ALA A 191 4.12 0.58 -5.85
C ALA A 191 5.06 1.65 -6.39
N LEU A 192 4.55 2.86 -6.56
CA LEU A 192 5.40 3.96 -7.07
C LEU A 192 6.44 4.35 -6.02
N ARG A 193 6.04 4.43 -4.78
CA ARG A 193 7.00 4.80 -3.71
C ARG A 193 8.14 3.79 -3.64
N VAL A 194 7.82 2.52 -3.54
CA VAL A 194 8.90 1.50 -3.49
C VAL A 194 9.69 1.51 -4.79
N ALA A 195 9.13 2.06 -5.84
CA ALA A 195 9.84 2.13 -7.14
C ALA A 195 10.89 3.24 -7.12
N GLU A 196 10.46 4.46 -6.95
CA GLU A 196 11.43 5.60 -6.89
C GLU A 196 12.48 5.35 -5.81
N GLU A 197 12.11 4.63 -4.79
CA GLU A 197 13.08 4.33 -3.69
C GLU A 197 14.26 3.53 -4.25
N GLU A 198 14.03 2.78 -5.29
CA GLU A 198 15.14 1.97 -5.89
C GLU A 198 16.06 2.88 -6.70
N GLU A 199 15.53 3.94 -7.25
CA GLU A 199 16.39 4.87 -8.05
C GLU A 199 17.41 5.55 -7.16
N ARG A 200 17.02 5.89 -5.95
CA ARG A 200 17.97 6.56 -5.01
C ARG A 200 19.31 5.80 -4.97
N LEU A 201 19.28 4.53 -5.26
CA LEU A 201 20.53 3.74 -5.25
C LEU A 201 21.21 3.83 -6.63
N GLU A 202 20.44 4.01 -7.66
CA GLU A 202 21.03 4.12 -9.03
C GLU A 202 21.79 5.44 -9.18
N LYS A 203 21.30 6.49 -8.59
CA LYS A 203 21.99 7.81 -8.69
C LYS A 203 23.33 7.76 -7.92
N GLU A 204 23.40 6.95 -6.90
CA GLU A 204 24.67 6.86 -6.11
C GLU A 204 25.64 5.90 -6.80
N GLY A 205 25.16 5.02 -7.63
CA GLY A 205 26.07 4.06 -8.32
C GLY A 205 27.08 4.83 -9.18
N ARG A 206 28.33 4.50 -9.06
CA ARG A 206 29.37 5.22 -9.86
C ARG A 206 29.30 4.79 -11.32
N ARG A 207 29.66 5.65 -12.23
CA ARG A 207 29.62 5.29 -13.67
C ARG A 207 30.99 4.82 -14.15
N THR A 208 31.03 4.07 -15.22
CA THR A 208 32.34 3.57 -15.74
C THR A 208 32.98 4.61 -16.65
N GLY A 209 34.28 4.70 -16.65
CA GLY A 209 34.97 5.70 -17.52
C GLY A 209 34.60 7.11 -17.06
N TYR A 210 35.41 8.08 -17.40
CA TYR A 210 35.11 9.48 -16.98
C TYR A 210 34.80 10.33 -18.22
N VAL A 211 33.94 11.32 -18.06
CA VAL A 211 33.59 12.18 -19.22
C VAL A 211 34.81 13.00 -19.66
N SER A 212 35.74 13.22 -18.76
CA SER A 212 36.95 14.01 -19.12
C SER A 212 37.94 13.14 -19.91
N ASN A 213 38.02 11.88 -19.58
CA ASN A 213 38.97 10.98 -20.31
C ASN A 213 38.53 10.83 -21.77
N GLU A 214 37.26 10.87 -22.03
CA GLU A 214 36.76 10.74 -23.43
C GLU A 214 36.99 12.04 -24.20
N GLU A 215 36.81 13.16 -23.56
CA GLU A 215 37.02 14.47 -24.25
C GLU A 215 38.51 14.68 -24.54
N ARG A 216 39.37 14.10 -23.74
CA ARG A 216 40.83 14.27 -23.97
C ARG A 216 41.29 13.40 -25.15
N ILE A 217 40.48 12.46 -25.58
CA ILE A 217 40.88 11.60 -26.72
C ILE A 217 41.15 12.46 -27.97
N ASN A 218 40.14 13.10 -28.48
CA ASN A 218 40.34 13.96 -29.70
C ASN A 218 41.40 15.02 -29.43
N SER A 219 41.64 15.35 -28.18
CA SER A 219 42.67 16.38 -27.87
C SER A 219 44.07 15.79 -27.98
N LYS A 220 44.20 14.51 -27.70
CA LYS A 220 45.55 13.87 -27.78
C LYS A 220 46.02 13.82 -29.24
N ILE A 221 45.15 13.46 -30.14
CA ILE A 221 45.53 13.38 -31.58
C ILE A 221 45.84 14.79 -32.11
N PHE A 222 45.32 15.81 -31.49
CA PHE A 222 45.59 17.20 -31.97
C PHE A 222 47.05 17.56 -31.76
N LYS A 223 47.68 16.99 -30.76
CA LYS A 223 49.12 17.30 -30.50
C LYS A 223 50.02 16.42 -31.38
N SER A 224 51.02 17.00 -31.97
CA SER A 224 51.94 16.20 -32.85
C SER A 224 53.31 16.87 -32.91
N MET B 1 -36.92 -8.53 27.73
CA MET B 1 -37.05 -9.02 26.33
C MET B 1 -37.86 -8.02 25.49
N LYS B 2 -37.72 -6.75 25.76
CA LYS B 2 -38.47 -5.72 24.97
C LYS B 2 -37.82 -5.51 23.61
N ILE B 3 -38.59 -5.51 22.56
CA ILE B 3 -38.01 -5.29 21.20
C ILE B 3 -38.60 -4.04 20.56
N LEU B 4 -38.70 -2.97 21.30
CA LEU B 4 -39.27 -1.72 20.74
C LEU B 4 -38.15 -0.71 20.46
N THR B 5 -38.51 0.48 20.06
CA THR B 5 -37.46 1.51 19.77
C THR B 5 -37.69 2.76 20.63
N GLN B 6 -36.65 3.47 20.94
CA GLN B 6 -36.80 4.70 21.78
C GLN B 6 -35.60 5.62 21.60
N ASP B 7 -35.32 6.01 20.38
CA ASP B 7 -34.15 6.91 20.14
C ASP B 7 -34.63 8.34 19.87
N GLU B 8 -33.95 9.33 20.40
CA GLU B 8 -34.37 10.74 20.18
C GLU B 8 -33.15 11.66 20.23
N ILE B 9 -32.31 11.49 21.21
CA ILE B 9 -31.10 12.35 21.32
C ILE B 9 -29.83 11.50 21.25
N GLU B 10 -29.35 11.23 20.07
CA GLU B 10 -28.11 10.40 19.93
C GLU B 10 -26.93 11.30 19.56
N ALA B 11 -26.88 12.49 20.09
CA ALA B 11 -25.76 13.41 19.77
C ALA B 11 -24.75 13.44 20.92
N HIS B 12 -24.57 12.34 21.59
CA HIS B 12 -23.61 12.30 22.74
C HIS B 12 -22.23 12.82 22.29
N ARG B 13 -21.40 11.96 21.74
CA ARG B 13 -20.06 12.40 21.30
C ARG B 13 -20.16 13.44 20.17
N SER B 14 -21.32 13.57 19.58
CA SER B 14 -21.50 14.57 18.47
C SER B 14 -20.94 15.94 18.87
N HIS B 15 -20.90 16.23 20.13
CA HIS B 15 -20.37 17.56 20.58
C HIS B 15 -18.94 17.77 20.07
N THR B 16 -18.20 16.70 19.90
CA THR B 16 -16.80 16.82 19.39
C THR B 16 -16.78 17.13 17.90
N LEU B 17 -17.74 16.63 17.16
CA LEU B 17 -17.76 16.87 15.68
C LEU B 17 -17.65 18.37 15.38
N LYS B 18 -18.04 19.21 16.30
CA LYS B 18 -17.94 20.67 16.06
C LYS B 18 -16.47 21.06 15.86
N GLY B 19 -15.59 20.50 16.65
CA GLY B 19 -14.14 20.83 16.51
C GLY B 19 -13.56 20.13 15.28
N GLY B 20 -14.16 19.05 14.85
CA GLY B 20 -13.64 18.31 13.66
C GLY B 20 -13.44 19.27 12.48
N ILE B 21 -14.37 20.16 12.27
CA ILE B 21 -14.22 21.13 11.13
C ILE B 21 -13.08 22.11 11.42
N GLU B 22 -12.85 22.39 12.68
CA GLU B 22 -11.74 23.33 13.04
C GLU B 22 -10.38 22.67 12.78
N GLY B 23 -10.31 21.38 12.91
CA GLY B 23 -9.02 20.67 12.68
C GLY B 23 -8.69 20.65 11.18
N ALA B 24 -9.68 20.49 10.34
CA ALA B 24 -9.42 20.46 8.87
C ALA B 24 -8.68 21.72 8.44
N LEU B 25 -9.10 22.86 8.90
CA LEU B 25 -8.42 24.13 8.52
C LEU B 25 -7.14 24.34 9.35
N ALA B 26 -7.03 23.69 10.48
CA ALA B 26 -5.82 23.86 11.33
C ALA B 26 -4.59 23.23 10.68
N GLY B 27 -4.78 22.13 10.00
CA GLY B 27 -3.61 21.46 9.33
C GLY B 27 -2.93 22.42 8.37
N PHE B 28 -3.69 23.24 7.68
CA PHE B 28 -3.07 24.21 6.72
C PHE B 28 -1.98 25.03 7.40
N ALA B 29 -2.11 25.30 8.67
CA ALA B 29 -1.07 26.11 9.38
C ALA B 29 0.13 25.23 9.75
N ILE B 30 -0.07 24.22 10.54
CA ILE B 30 1.07 23.33 10.93
C ILE B 30 1.67 22.65 9.71
N SER B 31 0.90 22.48 8.66
CA SER B 31 1.42 21.79 7.43
C SER B 31 2.64 22.52 6.85
N ALA B 32 2.51 23.78 6.52
CA ALA B 32 3.65 24.52 5.90
C ALA B 32 4.68 25.00 6.93
N ILE B 33 4.27 25.26 8.14
CA ILE B 33 5.26 25.76 9.16
C ILE B 33 6.20 24.65 9.64
N ILE B 34 5.73 23.44 9.74
CA ILE B 34 6.63 22.33 10.22
C ILE B 34 7.72 22.02 9.19
N PHE B 35 7.38 22.01 7.93
CA PHE B 35 8.40 21.68 6.88
C PHE B 35 9.38 22.85 6.70
N LYS B 36 8.95 24.05 6.95
CA LYS B 36 9.84 25.24 6.75
C LYS B 36 10.81 25.46 7.92
N VAL B 37 10.46 25.06 9.10
CA VAL B 37 11.36 25.31 10.29
C VAL B 37 12.84 24.97 10.00
N LEU B 38 13.12 23.79 9.50
CA LEU B 38 14.54 23.42 9.24
C LEU B 38 15.11 24.12 7.99
N PRO B 39 14.46 23.93 6.86
CA PRO B 39 14.95 24.55 5.60
C PRO B 39 14.79 26.06 5.61
N ARG B 40 14.11 26.60 6.59
CA ARG B 40 13.92 28.08 6.65
C ARG B 40 15.27 28.79 6.55
N ARG B 41 16.30 28.22 7.13
CA ARG B 41 17.65 28.86 7.07
C ARG B 41 18.32 28.56 5.72
N TYR B 42 18.15 27.37 5.21
CA TYR B 42 18.78 27.03 3.90
C TYR B 42 17.71 26.55 2.90
N PRO B 43 17.71 27.13 1.74
CA PRO B 43 16.72 26.75 0.70
C PRO B 43 17.15 25.48 -0.04
N LYS B 44 18.21 24.84 0.40
CA LYS B 44 18.69 23.60 -0.30
C LYS B 44 17.53 22.60 -0.45
N PHE B 45 17.72 21.59 -1.24
CA PHE B 45 16.62 20.58 -1.44
C PHE B 45 17.18 19.16 -1.37
N LYS B 46 18.32 18.98 -0.74
CA LYS B 46 18.90 17.61 -0.64
C LYS B 46 18.07 16.75 0.32
N PRO B 47 17.89 17.24 1.52
CA PRO B 47 17.09 16.51 2.53
C PRO B 47 15.58 16.65 2.25
N SER B 48 15.22 17.35 1.21
CA SER B 48 13.77 17.52 0.89
C SER B 48 13.14 16.19 0.45
N THR B 49 13.95 15.21 0.16
CA THR B 49 13.37 13.89 -0.28
C THR B 49 12.81 13.12 0.92
N LEU B 50 13.53 13.07 2.01
CA LEU B 50 13.04 12.35 3.22
C LEU B 50 11.82 13.08 3.79
N THR B 51 11.81 14.38 3.66
CA THR B 51 10.68 15.19 4.19
C THR B 51 9.50 15.21 3.22
N TRP B 52 9.72 14.88 1.97
CA TRP B 52 8.61 14.89 0.98
C TRP B 52 7.69 13.68 1.18
N SER B 53 8.20 12.61 1.71
CA SER B 53 7.35 11.39 1.90
C SER B 53 6.51 11.53 3.18
N ILE B 54 7.12 11.84 4.29
CA ILE B 54 6.36 11.97 5.56
C ILE B 54 5.17 12.92 5.38
N LYS B 55 5.28 13.85 4.47
CA LYS B 55 4.18 14.82 4.25
C LYS B 55 3.07 14.19 3.37
N THR B 56 3.36 13.10 2.70
CA THR B 56 2.33 12.46 1.83
C THR B 56 1.25 11.76 2.67
N ALA B 57 1.65 10.92 3.60
CA ALA B 57 0.64 10.20 4.43
C ALA B 57 -0.16 11.17 5.30
N LEU B 58 0.28 12.40 5.42
CA LEU B 58 -0.47 13.38 6.27
C LEU B 58 -1.61 14.06 5.51
N TRP B 59 -1.60 14.06 4.20
CA TRP B 59 -2.69 14.73 3.43
C TRP B 59 -3.94 13.84 3.34
N ILE B 60 -3.76 12.55 3.36
CA ILE B 60 -4.93 11.62 3.24
C ILE B 60 -5.60 11.39 4.61
N THR B 61 -4.92 11.68 5.68
CA THR B 61 -5.50 11.44 7.04
C THR B 61 -6.62 12.44 7.40
N PRO B 62 -6.38 13.72 7.18
CA PRO B 62 -7.39 14.74 7.55
C PRO B 62 -8.69 14.69 6.70
N PRO B 63 -8.60 14.39 5.43
CA PRO B 63 -9.84 14.33 4.61
C PRO B 63 -10.71 13.14 4.98
N THR B 64 -10.14 12.12 5.58
CA THR B 64 -10.96 10.92 5.94
C THR B 64 -11.54 11.03 7.35
N VAL B 65 -10.98 11.84 8.19
CA VAL B 65 -11.54 11.97 9.54
C VAL B 65 -12.92 12.65 9.43
N LEU B 66 -13.17 13.30 8.33
CA LEU B 66 -14.51 13.98 8.12
C LEU B 66 -15.64 12.94 8.11
N THR B 67 -15.35 11.71 7.80
CA THR B 67 -16.42 10.67 7.74
C THR B 67 -17.24 10.65 9.05
N ALA B 68 -16.71 11.19 10.11
CA ALA B 68 -17.48 11.19 11.40
C ALA B 68 -18.61 12.23 11.36
N ILE B 69 -18.38 13.35 10.72
CA ILE B 69 -19.43 14.40 10.64
C ILE B 69 -20.57 13.93 9.73
N CYS B 70 -20.25 13.53 8.54
CA CYS B 70 -21.30 13.06 7.58
C CYS B 70 -22.10 11.91 8.19
N ALA B 71 -21.53 11.21 9.14
CA ALA B 71 -22.27 10.07 9.77
C ALA B 71 -23.25 10.60 10.82
N GLU B 72 -22.83 11.56 11.61
CA GLU B 72 -23.74 12.13 12.65
C GLU B 72 -24.89 12.89 11.99
N GLU B 73 -24.60 13.64 10.97
CA GLU B 73 -25.67 14.42 10.28
C GLU B 73 -26.58 13.48 9.48
N ALA B 74 -26.09 12.31 9.15
CA ALA B 74 -26.94 11.35 8.36
C ALA B 74 -27.72 10.44 9.31
N SER B 75 -27.05 9.82 10.25
CA SER B 75 -27.75 8.92 11.21
C SER B 75 -28.96 9.61 11.83
N ASN B 76 -28.76 10.39 12.87
CA ASN B 76 -29.91 11.09 13.51
C ASN B 76 -30.63 11.98 12.49
N ASN B 77 -31.92 11.88 12.42
CA ASN B 77 -32.68 12.73 11.44
C ASN B 77 -33.96 13.27 12.09
N PHE B 78 -34.72 14.05 11.37
CA PHE B 78 -35.97 14.61 11.92
C PHE B 78 -36.99 13.49 12.17
N ASP B 79 -36.98 12.91 13.34
CA ASP B 79 -37.95 11.82 13.65
C ASP B 79 -38.52 12.01 15.05
N ALA B 80 -38.87 13.22 15.40
CA ALA B 80 -39.44 13.48 16.75
C ALA B 80 -40.94 13.24 16.75
N THR B 81 -41.45 12.49 17.68
CA THR B 81 -42.92 12.22 17.73
C THR B 81 -43.45 12.46 19.14
N MET B 82 -44.10 13.59 19.36
CA MET B 82 -44.65 13.90 20.70
C MET B 82 -45.65 12.81 21.14
N TYR B 83 -45.26 11.99 22.08
CA TYR B 83 -46.19 10.93 22.55
C TYR B 83 -46.91 11.36 23.83
N GLY B 84 -47.46 12.54 23.83
CA GLY B 84 -48.18 13.04 25.04
C GLY B 84 -48.98 14.29 24.69
N SER B 85 -48.73 15.38 25.36
CA SER B 85 -49.48 16.64 25.06
C SER B 85 -50.98 16.39 25.10
N GLY B 86 -51.58 16.43 26.26
CA GLY B 86 -53.05 16.20 26.35
C GLY B 86 -53.54 16.57 27.76
N SER B 87 -53.40 15.68 28.70
CA SER B 87 -53.85 15.97 30.09
C SER B 87 -52.64 16.20 31.01
N SER B 88 -51.75 17.07 30.61
CA SER B 88 -50.54 17.36 31.46
C SER B 88 -49.74 16.07 31.68
N SER B 89 -48.58 15.98 31.08
CA SER B 89 -47.74 14.76 31.25
C SER B 89 -46.44 15.11 31.97
N GLU B 90 -46.53 15.88 33.04
CA GLU B 90 -45.30 16.27 33.78
C GLU B 90 -44.52 15.02 34.23
N ASP B 91 -45.19 13.90 34.34
CA ASP B 91 -44.50 12.65 34.78
C ASP B 91 -43.31 12.35 33.87
N ALA B 92 -43.36 12.82 32.64
CA ALA B 92 -42.23 12.56 31.70
C ALA B 92 -40.95 13.23 32.20
N LEU B 93 -41.06 14.24 33.01
CA LEU B 93 -39.85 14.94 33.52
C LEU B 93 -38.96 13.96 34.29
N ASP B 94 -39.53 12.92 34.83
CA ASP B 94 -38.72 11.93 35.60
C ASP B 94 -37.65 11.30 34.69
N GLU B 95 -37.94 11.16 33.43
CA GLU B 95 -36.94 10.54 32.50
C GLU B 95 -35.70 11.44 32.41
N HIS B 96 -35.88 12.72 32.24
CA HIS B 96 -34.72 13.64 32.14
C HIS B 96 -34.08 13.86 33.52
N ARG B 97 -34.87 13.72 34.57
CA ARG B 97 -34.33 13.92 35.94
C ARG B 97 -33.51 12.69 36.37
N ARG B 98 -33.74 11.56 35.76
CA ARG B 98 -32.99 10.33 36.14
C ARG B 98 -31.53 10.42 35.66
N TRP B 99 -31.24 11.34 34.77
CA TRP B 99 -29.85 11.48 34.26
C TRP B 99 -28.89 11.74 35.43
N LYS B 100 -29.18 12.72 36.25
CA LYS B 100 -28.28 13.03 37.40
C LYS B 100 -28.18 11.82 38.33
N SER B 101 -29.11 10.91 38.26
CA SER B 101 -29.06 9.70 39.14
C SER B 101 -28.41 8.53 38.40
N LEU B 102 -27.49 8.80 37.52
CA LEU B 102 -26.81 7.70 36.77
C LEU B 102 -25.42 8.14 36.32
N SER B 103 -25.33 8.91 35.26
CA SER B 103 -24.00 9.37 34.78
C SER B 103 -24.17 10.61 33.89
N THR B 104 -24.12 11.78 34.48
CA THR B 104 -24.27 13.03 33.67
C THR B 104 -22.90 13.49 33.17
N LYS B 105 -21.96 13.66 34.05
CA LYS B 105 -20.61 14.09 33.64
C LYS B 105 -20.00 13.10 32.64
N ASP B 106 -20.49 11.89 32.58
CA ASP B 106 -19.93 10.89 31.63
C ASP B 106 -19.79 11.52 30.23
N LYS B 107 -20.73 12.36 29.86
CA LYS B 107 -20.65 13.03 28.53
C LYS B 107 -19.70 14.25 28.59
N PHE B 108 -19.46 14.76 29.77
CA PHE B 108 -18.57 15.95 29.90
C PHE B 108 -17.10 15.55 29.70
N VAL B 109 -16.69 14.47 30.30
CA VAL B 109 -15.26 14.03 30.14
C VAL B 109 -14.96 13.76 28.67
N GLU B 110 -15.96 13.59 27.85
CA GLU B 110 -15.72 13.33 26.40
C GLU B 110 -15.20 14.59 25.70
N GLY B 111 -15.79 15.72 26.00
CA GLY B 111 -15.35 16.98 25.34
C GLY B 111 -14.25 17.68 26.16
N LEU B 112 -14.47 17.87 27.44
CA LEU B 112 -13.46 18.56 28.29
C LEU B 112 -12.05 17.98 28.08
N SER B 113 -11.93 16.68 28.03
CA SER B 113 -10.58 16.06 27.84
C SER B 113 -10.06 16.33 26.43
N ASN B 114 -10.92 16.34 25.44
CA ASN B 114 -10.46 16.59 24.05
C ASN B 114 -9.70 17.92 23.97
N ASN B 115 -10.22 18.95 24.58
CA ASN B 115 -9.52 20.28 24.54
C ASN B 115 -8.14 20.17 25.17
N LYS B 116 -8.01 19.41 26.22
CA LYS B 116 -6.68 19.27 26.90
C LYS B 116 -5.69 18.58 25.95
N TYR B 117 -6.07 17.46 25.39
CA TYR B 117 -5.15 16.74 24.46
C TYR B 117 -4.92 17.57 23.19
N LYS B 118 -5.81 18.45 22.87
CA LYS B 118 -5.64 19.29 21.64
C LYS B 118 -4.43 20.22 21.79
N ILE B 119 -4.20 20.74 22.96
CA ILE B 119 -3.05 21.66 23.16
C ILE B 119 -1.74 20.88 23.39
N ILE B 120 -1.83 19.63 23.78
CA ILE B 120 -0.60 18.84 24.03
C ILE B 120 0.07 18.44 22.71
N THR B 121 -0.70 18.17 21.70
CA THR B 121 -0.10 17.75 20.39
C THR B 121 0.39 18.98 19.61
N GLY B 122 -0.10 20.15 19.93
CA GLY B 122 0.35 21.37 19.19
C GLY B 122 1.77 21.74 19.62
N ALA B 123 2.11 21.54 20.87
CA ALA B 123 3.48 21.91 21.35
C ALA B 123 4.49 20.81 21.02
N TRP B 124 4.03 19.62 20.74
CA TRP B 124 4.98 18.50 20.42
C TRP B 124 5.65 18.73 19.05
N ALA B 125 5.06 19.55 18.21
CA ALA B 125 5.66 19.80 16.87
C ALA B 125 6.64 20.98 16.91
N ALA B 126 6.20 22.12 17.36
CA ALA B 126 7.09 23.32 17.42
C ALA B 126 8.34 23.03 18.25
N SER B 127 8.32 22.02 19.07
CA SER B 127 9.52 21.71 19.92
C SER B 127 10.78 21.50 19.05
N LEU B 128 10.62 21.22 17.78
CA LEU B 128 11.82 21.00 16.92
C LEU B 128 12.48 22.31 16.51
N TYR B 129 11.72 23.32 16.16
CA TYR B 129 12.36 24.62 15.76
C TYR B 129 12.74 25.42 17.01
N GLY B 130 11.91 25.39 18.02
CA GLY B 130 12.23 26.15 19.27
C GLY B 130 13.46 25.53 19.93
N SER B 131 13.75 24.29 19.64
CA SER B 131 14.94 23.63 20.26
C SER B 131 16.23 24.09 19.56
N TRP B 132 16.11 24.59 18.36
CA TRP B 132 17.34 25.06 17.63
C TRP B 132 17.62 26.54 17.93
N VAL B 133 16.61 27.37 17.84
CA VAL B 133 16.82 28.83 18.12
C VAL B 133 17.65 29.04 19.39
N ILE B 134 17.49 28.17 20.36
CA ILE B 134 18.29 28.31 21.62
C ILE B 134 19.78 28.42 21.30
N VAL B 135 20.30 27.52 20.51
CA VAL B 135 21.77 27.56 20.15
C VAL B 135 22.62 27.61 21.42
N ASN B 136 23.17 26.49 21.81
CA ASN B 136 24.03 26.46 23.04
C ASN B 136 25.43 25.97 22.68
N LYS B 137 25.53 25.05 21.77
CA LYS B 137 26.88 24.53 21.39
C LYS B 137 27.49 25.43 20.30
N ASP B 138 28.62 26.02 20.59
CA ASP B 138 29.28 26.91 19.59
C ASP B 138 29.92 26.08 18.46
N PRO B 139 30.75 25.13 18.86
CA PRO B 139 31.42 24.27 17.85
C PRO B 139 30.44 23.25 17.27
N ILE B 140 30.66 22.82 16.06
CA ILE B 140 29.74 21.83 15.44
C ILE B 140 30.52 20.56 15.05
N MET B 141 29.85 19.43 15.01
CA MET B 141 30.56 18.17 14.65
C MET B 141 29.82 17.48 13.50
N THR B 142 30.19 17.80 12.28
CA THR B 142 29.52 17.17 11.10
C THR B 142 27.99 17.35 11.19
N LYS B 143 27.48 18.37 10.56
CA LYS B 143 26.00 18.62 10.61
C LYS B 143 25.25 17.41 10.02
N ALA B 144 25.88 16.68 9.14
CA ALA B 144 25.20 15.50 8.54
C ALA B 144 24.84 14.48 9.62
N GLN B 145 25.77 14.18 10.50
CA GLN B 145 25.47 13.20 11.59
C GLN B 145 24.17 13.59 12.32
N LYS B 146 23.85 14.85 12.33
CA LYS B 146 22.60 15.30 13.01
C LYS B 146 21.39 15.06 12.12
N ILE B 147 21.56 15.20 10.83
CA ILE B 147 20.41 14.97 9.89
C ILE B 147 19.92 13.53 10.02
N VAL B 148 20.81 12.59 10.19
CA VAL B 148 20.39 11.16 10.33
C VAL B 148 20.10 10.82 11.80
N GLN B 149 20.45 11.68 12.72
CA GLN B 149 20.18 11.39 14.15
C GLN B 149 18.69 11.58 14.46
N ALA B 150 18.05 12.48 13.75
CA ALA B 150 16.58 12.71 14.00
C ALA B 150 15.81 11.40 13.88
N ARG B 151 16.33 10.45 13.16
CA ARG B 151 15.62 9.15 12.99
C ARG B 151 15.47 8.44 14.34
N MET B 152 16.22 8.84 15.34
CA MET B 152 16.10 8.16 16.67
C MET B 152 14.74 8.48 17.31
N TYR B 153 14.30 9.71 17.24
CA TYR B 153 12.99 10.07 17.84
C TYR B 153 11.84 9.90 16.83
N ALA B 154 12.16 9.81 15.56
CA ALA B 154 11.10 9.66 14.52
C ALA B 154 10.34 8.34 14.67
N GLN B 155 11.01 7.23 14.50
CA GLN B 155 10.33 5.90 14.64
C GLN B 155 9.39 5.88 15.86
N PHE B 156 9.72 6.68 16.84
CA PHE B 156 8.86 6.75 18.07
C PHE B 156 7.72 7.75 17.86
N ILE B 157 8.04 9.00 17.63
CA ILE B 157 6.97 10.03 17.41
C ILE B 157 6.10 9.63 16.21
N THR B 158 6.63 8.83 15.32
CA THR B 158 5.84 8.40 14.13
C THR B 158 4.83 7.32 14.54
N VAL B 159 5.28 6.29 15.20
CA VAL B 159 4.36 5.19 15.62
C VAL B 159 3.15 5.78 16.36
N GLY B 160 3.30 6.93 16.96
CA GLY B 160 2.16 7.56 17.68
C GLY B 160 0.99 7.75 16.71
N LEU B 161 1.30 7.93 15.45
CA LEU B 161 0.22 8.12 14.43
C LEU B 161 -0.31 6.75 13.97
N LEU B 162 0.57 5.81 13.78
CA LEU B 162 0.15 4.46 13.32
C LEU B 162 -0.73 3.75 14.34
N LEU B 163 -0.66 4.13 15.59
CA LEU B 163 -1.50 3.44 16.63
C LEU B 163 -2.87 4.12 16.73
N ALA B 164 -2.91 5.42 16.79
CA ALA B 164 -4.21 6.13 16.89
C ALA B 164 -5.11 5.79 15.68
N SER B 165 -4.52 5.32 14.60
CA SER B 165 -5.34 4.99 13.39
C SER B 165 -6.03 3.62 13.56
N VAL B 166 -5.27 2.57 13.73
CA VAL B 166 -5.89 1.21 13.88
C VAL B 166 -6.85 1.20 15.07
N GLY B 167 -6.53 1.89 16.12
CA GLY B 167 -7.42 1.92 17.32
C GLY B 167 -8.85 2.31 16.89
N LEU B 168 -8.98 3.02 15.81
CA LEU B 168 -10.33 3.43 15.34
C LEU B 168 -10.92 2.33 14.44
N SER B 169 -10.15 1.84 13.51
CA SER B 169 -10.67 0.77 12.60
C SER B 169 -10.95 -0.51 13.40
N MET B 170 -10.23 -0.71 14.47
CA MET B 170 -10.46 -1.93 15.29
C MET B 170 -11.63 -1.72 16.27
N TYR B 171 -12.03 -0.50 16.47
CA TYR B 171 -13.16 -0.23 17.42
C TYR B 171 -14.47 -0.78 16.85
N GLU B 172 -14.76 -0.50 15.60
CA GLU B 172 -16.02 -1.01 15.00
C GLU B 172 -16.06 -2.54 15.06
N ASN B 173 -14.92 -3.17 15.16
CA ASN B 173 -14.89 -4.67 15.25
C ASN B 173 -15.93 -5.21 16.24
N LYS B 174 -16.29 -4.43 17.22
CA LYS B 174 -17.30 -4.91 18.22
C LYS B 174 -18.50 -5.57 17.53
N LEU B 175 -19.40 -4.80 17.00
CA LEU B 175 -20.59 -5.41 16.31
C LEU B 175 -20.19 -5.93 14.92
N HIS B 176 -19.26 -6.84 14.88
CA HIS B 176 -18.81 -7.39 13.56
C HIS B 176 -18.16 -8.77 13.75
N PRO B 177 -18.94 -9.80 13.52
CA PRO B 177 -18.42 -11.18 13.68
C PRO B 177 -17.46 -11.53 12.54
N ASN B 178 -17.55 -10.84 11.44
CA ASN B 178 -16.63 -11.14 10.30
C ASN B 178 -15.22 -10.66 10.60
N LYS B 179 -14.24 -11.52 10.48
CA LYS B 179 -12.83 -11.11 10.76
C LYS B 179 -11.92 -11.50 9.61
N GLN B 180 -12.46 -11.62 8.42
CA GLN B 180 -11.62 -12.01 7.24
C GLN B 180 -11.61 -10.88 6.22
N LYS B 181 -10.93 -9.80 6.51
CA LYS B 181 -10.88 -8.66 5.54
C LYS B 181 -9.44 -8.16 5.40
N VAL B 182 -9.21 -7.27 4.47
CA VAL B 182 -7.82 -6.74 4.27
C VAL B 182 -7.74 -5.29 4.78
N ASN B 183 -6.92 -4.47 4.17
CA ASN B 183 -6.79 -3.04 4.61
C ASN B 183 -6.11 -2.96 6.00
N GLU B 184 -6.71 -3.55 7.00
CA GLU B 184 -6.11 -3.51 8.37
C GLU B 184 -4.59 -3.73 8.34
N MET B 185 -4.15 -4.91 7.95
CA MET B 185 -2.68 -5.16 7.90
C MET B 185 -2.06 -4.59 6.62
N ARG B 186 -2.86 -4.23 5.64
CA ARG B 186 -2.28 -3.65 4.38
C ARG B 186 -1.33 -2.50 4.67
N ARG B 187 -1.65 -1.70 5.66
CA ARG B 187 -0.78 -0.52 5.96
C ARG B 187 0.31 -0.85 7.01
N TRP B 188 0.18 -1.93 7.75
CA TRP B 188 1.26 -2.25 8.75
C TRP B 188 2.40 -3.01 8.07
N GLU B 189 2.12 -4.15 7.51
CA GLU B 189 3.18 -4.95 6.84
C GLU B 189 3.75 -4.15 5.66
N ASN B 190 3.04 -3.14 5.20
CA ASN B 190 3.56 -2.32 4.06
C ASN B 190 4.61 -1.34 4.58
N ALA B 191 4.29 -0.61 5.62
CA ALA B 191 5.27 0.36 6.18
C ALA B 191 6.61 -0.35 6.44
N LEU B 192 6.56 -1.59 6.83
CA LEU B 192 7.82 -2.36 7.08
C LEU B 192 8.63 -2.44 5.79
N ARG B 193 7.96 -2.69 4.69
CA ARG B 193 8.68 -2.80 3.39
C ARG B 193 9.32 -1.43 3.04
N VAL B 194 8.56 -0.37 3.15
CA VAL B 194 9.11 0.98 2.86
C VAL B 194 10.07 1.40 3.98
N ALA B 195 9.95 0.78 5.13
CA ALA B 195 10.85 1.14 6.27
C ALA B 195 12.17 0.37 6.15
N GLU B 196 12.12 -0.93 6.10
CA GLU B 196 13.37 -1.74 5.99
C GLU B 196 14.17 -1.27 4.77
N GLU B 197 13.51 -0.81 3.74
CA GLU B 197 14.22 -0.32 2.53
C GLU B 197 15.18 0.82 2.90
N GLU B 198 14.89 1.52 3.97
CA GLU B 198 15.75 2.64 4.39
C GLU B 198 17.05 2.13 5.02
N GLU B 199 17.03 0.92 5.53
CA GLU B 199 18.26 0.36 6.17
C GLU B 199 19.30 0.01 5.10
N ARG B 200 18.86 -0.51 3.98
CA ARG B 200 19.82 -0.89 2.88
C ARG B 200 20.80 0.27 2.62
N LEU B 201 20.39 1.46 2.92
CA LEU B 201 21.29 2.64 2.70
C LEU B 201 22.21 2.83 3.91
N GLU B 202 21.78 2.40 5.07
CA GLU B 202 22.62 2.54 6.30
C GLU B 202 23.75 1.52 6.29
N LYS B 203 23.51 0.35 5.77
CA LYS B 203 24.56 -0.70 5.74
C LYS B 203 25.79 -0.21 4.97
N GLU B 204 25.62 0.80 4.14
CA GLU B 204 26.79 1.31 3.35
C GLU B 204 27.95 1.65 4.29
N GLY B 205 27.69 2.37 5.35
CA GLY B 205 28.78 2.73 6.30
C GLY B 205 29.83 3.58 5.58
N ARG B 206 29.87 4.85 5.89
CA ARG B 206 30.85 5.75 5.21
C ARG B 206 32.05 5.99 6.14
N ARG B 207 33.12 5.25 5.95
CA ARG B 207 34.32 5.42 6.81
C ARG B 207 34.92 6.81 6.58
N THR B 208 35.41 7.43 7.63
CA THR B 208 36.02 8.79 7.48
C THR B 208 37.54 8.66 7.28
N GLY B 209 38.25 9.75 7.38
CA GLY B 209 39.73 9.70 7.21
C GLY B 209 40.34 8.78 8.27
N TYR B 210 41.41 8.11 7.94
CA TYR B 210 42.05 7.20 8.92
C TYR B 210 43.25 7.88 9.58
N VAL B 211 43.75 7.32 10.65
CA VAL B 211 44.92 7.93 11.35
C VAL B 211 46.21 7.65 10.55
N SER B 212 46.30 6.51 9.94
CA SER B 212 47.51 6.18 9.15
C SER B 212 47.43 6.81 7.75
N ASN B 213 46.30 6.73 7.12
CA ASN B 213 46.15 7.32 5.75
C ASN B 213 46.37 8.84 5.81
N GLU B 214 45.99 9.45 6.89
CA GLU B 214 46.18 10.93 7.01
C GLU B 214 47.68 11.27 7.06
N GLU B 215 48.48 10.37 7.58
CA GLU B 215 49.95 10.65 7.65
C GLU B 215 50.53 10.87 6.25
N ARG B 216 49.91 10.33 5.24
CA ARG B 216 50.41 10.52 3.86
C ARG B 216 50.17 11.95 3.39
N ILE B 217 49.17 12.61 3.93
CA ILE B 217 48.88 14.01 3.52
C ILE B 217 50.05 14.93 3.91
N ASN B 218 50.82 14.55 4.90
CA ASN B 218 51.97 15.41 5.31
C ASN B 218 53.03 15.43 4.21
N SER B 219 53.30 14.30 3.61
CA SER B 219 54.33 14.25 2.53
C SER B 219 53.73 14.77 1.21
N LYS B 220 52.44 14.65 1.04
CA LYS B 220 51.80 15.15 -0.22
C LYS B 220 52.01 16.65 -0.37
N ILE B 221 51.70 17.40 0.66
CA ILE B 221 51.88 18.88 0.57
C ILE B 221 53.36 19.24 0.38
N PHE B 222 54.25 18.38 0.84
CA PHE B 222 55.70 18.65 0.68
C PHE B 222 56.07 18.76 -0.80
N LYS B 223 55.83 17.73 -1.56
CA LYS B 223 56.15 17.77 -3.01
C LYS B 223 54.98 18.34 -3.80
N SER B 224 55.08 19.58 -4.22
CA SER B 224 53.96 20.21 -4.99
C SER B 224 54.51 21.31 -5.90
N MET A 1 -16.34 -45.02 -26.79
CA MET A 1 -17.60 -45.24 -26.03
C MET A 1 -18.77 -45.47 -26.99
N LYS A 2 -19.63 -46.40 -26.68
CA LYS A 2 -20.80 -46.68 -27.57
C LYS A 2 -21.83 -45.54 -27.46
N ILE A 3 -22.72 -45.45 -28.42
CA ILE A 3 -23.74 -44.36 -28.36
C ILE A 3 -24.85 -44.72 -27.37
N LEU A 4 -24.50 -44.88 -26.12
CA LEU A 4 -25.53 -45.23 -25.09
C LEU A 4 -25.40 -44.30 -23.88
N THR A 5 -25.01 -43.07 -24.09
CA THR A 5 -24.86 -42.12 -22.95
C THR A 5 -25.13 -40.69 -23.42
N GLN A 6 -25.49 -39.82 -22.51
CA GLN A 6 -25.77 -38.40 -22.90
C GLN A 6 -25.56 -37.48 -21.68
N ASP A 7 -24.67 -37.83 -20.80
CA ASP A 7 -24.42 -36.97 -19.61
C ASP A 7 -23.31 -35.96 -19.90
N GLU A 8 -23.54 -35.07 -20.83
CA GLU A 8 -22.50 -34.05 -21.16
C GLU A 8 -23.05 -32.64 -20.90
N ILE A 9 -23.96 -32.51 -19.97
CA ILE A 9 -24.53 -31.16 -19.67
C ILE A 9 -23.56 -30.36 -18.80
N GLU A 10 -22.39 -30.08 -19.30
CA GLU A 10 -21.40 -29.29 -18.50
C GLU A 10 -20.76 -28.21 -19.37
N ALA A 11 -21.22 -27.00 -19.25
CA ALA A 11 -20.63 -25.89 -20.06
C ALA A 11 -20.60 -24.60 -19.25
N HIS A 12 -19.54 -24.37 -18.53
CA HIS A 12 -19.44 -23.12 -17.72
C HIS A 12 -17.98 -22.82 -17.37
N ARG A 13 -17.63 -21.57 -17.26
CA ARG A 13 -16.24 -21.20 -16.92
C ARG A 13 -15.77 -21.92 -15.65
N SER A 14 -16.68 -22.31 -14.80
CA SER A 14 -16.30 -23.02 -13.54
C SER A 14 -15.38 -24.21 -13.86
N HIS A 15 -15.46 -24.74 -15.04
CA HIS A 15 -14.59 -25.91 -15.39
C HIS A 15 -13.11 -25.53 -15.19
N THR A 16 -12.79 -24.26 -15.21
CA THR A 16 -11.37 -23.84 -15.02
C THR A 16 -10.93 -24.02 -13.56
N LEU A 17 -11.86 -24.08 -12.63
CA LEU A 17 -11.48 -24.23 -11.19
C LEU A 17 -10.45 -25.37 -11.02
N LYS A 18 -10.49 -26.34 -11.89
CA LYS A 18 -9.51 -27.46 -11.78
C LYS A 18 -8.08 -26.94 -11.99
N GLY A 19 -7.89 -26.06 -12.93
CA GLY A 19 -6.54 -25.51 -13.18
C GLY A 19 -6.18 -24.48 -12.10
N GLY A 20 -7.17 -23.89 -11.48
CA GLY A 20 -6.88 -22.87 -10.42
C GLY A 20 -5.95 -23.48 -9.37
N ILE A 21 -6.21 -24.69 -8.96
CA ILE A 21 -5.33 -25.34 -7.94
C ILE A 21 -4.02 -25.79 -8.58
N GLU A 22 -4.03 -26.03 -9.86
CA GLU A 22 -2.78 -26.46 -10.56
C GLU A 22 -1.77 -25.31 -10.61
N GLY A 23 -2.25 -24.09 -10.68
CA GLY A 23 -1.33 -22.92 -10.75
C GLY A 23 -0.80 -22.60 -9.34
N ALA A 24 -1.61 -22.77 -8.33
CA ALA A 24 -1.15 -22.45 -6.94
C ALA A 24 0.11 -23.24 -6.60
N LEU A 25 0.12 -24.51 -6.91
CA LEU A 25 1.32 -25.35 -6.60
C LEU A 25 2.42 -25.15 -7.65
N ALA A 26 2.06 -24.67 -8.82
CA ALA A 26 3.09 -24.47 -9.88
C ALA A 26 4.08 -23.37 -9.48
N GLY A 27 3.63 -22.40 -8.72
CA GLY A 27 4.54 -21.29 -8.31
C GLY A 27 5.74 -21.85 -7.53
N PHE A 28 5.50 -22.80 -6.66
CA PHE A 28 6.61 -23.39 -5.86
C PHE A 28 7.77 -23.83 -6.76
N ALA A 29 7.47 -24.21 -7.99
CA ALA A 29 8.56 -24.65 -8.91
C ALA A 29 9.29 -23.44 -9.52
N ILE A 30 8.57 -22.63 -10.24
CA ILE A 30 9.21 -21.43 -10.87
C ILE A 30 9.70 -20.44 -9.80
N SER A 31 9.09 -20.47 -8.64
CA SER A 31 9.50 -19.53 -7.55
C SER A 31 11.01 -19.60 -7.28
N ALA A 32 11.51 -20.73 -6.90
CA ALA A 32 12.97 -20.85 -6.58
C ALA A 32 13.83 -21.02 -7.84
N ILE A 33 13.30 -21.61 -8.88
CA ILE A 33 14.12 -21.81 -10.12
C ILE A 33 14.46 -20.48 -10.81
N ILE A 34 13.55 -19.56 -10.85
CA ILE A 34 13.84 -18.26 -11.52
C ILE A 34 14.91 -17.47 -10.76
N PHE A 35 14.86 -17.46 -9.46
CA PHE A 35 15.88 -16.69 -8.67
C PHE A 35 17.25 -17.39 -8.70
N LYS A 36 17.27 -18.67 -8.94
CA LYS A 36 18.58 -19.40 -8.94
C LYS A 36 19.34 -19.24 -10.26
N VAL A 37 18.66 -19.02 -11.35
CA VAL A 37 19.36 -18.91 -12.68
C VAL A 37 20.62 -18.02 -12.61
N LEU A 38 20.53 -16.83 -12.11
CA LEU A 38 21.71 -15.94 -12.06
C LEU A 38 22.73 -16.34 -10.97
N PRO A 39 22.27 -16.41 -9.74
CA PRO A 39 23.18 -16.76 -8.62
C PRO A 39 23.67 -18.21 -8.73
N ARG A 40 23.07 -18.99 -9.59
CA ARG A 40 23.52 -20.40 -9.75
C ARG A 40 24.95 -20.42 -10.29
N ARG A 41 25.27 -19.54 -11.21
CA ARG A 41 26.65 -19.50 -11.77
C ARG A 41 27.60 -18.75 -10.81
N TYR A 42 27.29 -17.52 -10.50
CA TYR A 42 28.16 -16.74 -9.57
C TYR A 42 27.56 -16.73 -8.16
N PRO A 43 28.37 -17.06 -7.19
CA PRO A 43 27.90 -17.09 -5.79
C PRO A 43 27.75 -15.66 -5.24
N LYS A 44 28.15 -14.67 -5.98
CA LYS A 44 28.04 -13.26 -5.50
C LYS A 44 26.61 -12.96 -5.05
N PHE A 45 26.44 -12.52 -3.84
CA PHE A 45 25.06 -12.21 -3.35
C PHE A 45 24.95 -10.72 -3.01
N LYS A 46 25.66 -9.88 -3.72
CA LYS A 46 25.59 -8.42 -3.45
C LYS A 46 24.28 -7.83 -3.98
N PRO A 47 24.00 -8.07 -5.23
CA PRO A 47 22.75 -7.56 -5.85
C PRO A 47 21.54 -8.41 -5.44
N SER A 48 21.70 -9.30 -4.49
CA SER A 48 20.55 -10.16 -4.07
C SER A 48 19.49 -9.31 -3.33
N THR A 49 19.83 -8.11 -2.95
CA THR A 49 18.83 -7.27 -2.22
C THR A 49 17.72 -6.83 -3.18
N LEU A 50 18.03 -6.60 -4.41
CA LEU A 50 16.98 -6.19 -5.40
C LEU A 50 16.05 -7.37 -5.69
N THR A 51 16.63 -8.50 -5.96
CA THR A 51 15.82 -9.71 -6.26
C THR A 51 15.01 -10.14 -5.02
N TRP A 52 15.39 -9.68 -3.86
CA TRP A 52 14.65 -10.07 -2.61
C TRP A 52 13.33 -9.30 -2.50
N SER A 53 13.26 -8.12 -3.07
CA SER A 53 11.99 -7.33 -2.97
C SER A 53 10.90 -7.95 -3.85
N ILE A 54 11.19 -8.15 -5.11
CA ILE A 54 10.16 -8.74 -6.03
C ILE A 54 9.58 -10.04 -5.44
N LYS A 55 10.40 -10.84 -4.82
CA LYS A 55 9.91 -12.11 -4.23
C LYS A 55 8.81 -11.86 -3.18
N THR A 56 8.70 -10.65 -2.70
CA THR A 56 7.66 -10.35 -1.67
C THR A 56 6.28 -10.19 -2.30
N ALA A 57 6.16 -9.31 -3.27
CA ALA A 57 4.84 -9.09 -3.93
C ALA A 57 4.36 -10.35 -4.67
N LEU A 58 5.24 -11.29 -4.90
CA LEU A 58 4.84 -12.53 -5.64
C LEU A 58 4.21 -13.58 -4.71
N TRP A 59 4.46 -13.51 -3.42
CA TRP A 59 3.88 -14.53 -2.50
C TRP A 59 2.40 -14.22 -2.17
N ILE A 60 2.05 -12.97 -2.13
CA ILE A 60 0.64 -12.59 -1.80
C ILE A 60 -0.27 -12.67 -3.04
N THR A 61 0.30 -12.67 -4.21
CA THR A 61 -0.53 -12.72 -5.46
C THR A 61 -1.26 -14.07 -5.64
N PRO A 62 -0.54 -15.16 -5.51
CA PRO A 62 -1.16 -16.50 -5.72
C PRO A 62 -2.23 -16.87 -4.66
N PRO A 63 -2.02 -16.53 -3.41
CA PRO A 63 -3.03 -16.89 -2.37
C PRO A 63 -4.31 -16.07 -2.55
N THR A 64 -4.25 -14.97 -3.26
CA THR A 64 -5.49 -14.15 -3.45
C THR A 64 -6.25 -14.56 -4.70
N VAL A 65 -5.59 -15.14 -5.66
CA VAL A 65 -6.30 -15.56 -6.89
C VAL A 65 -7.27 -16.70 -6.53
N LEU A 66 -7.05 -17.34 -5.39
CA LEU A 66 -7.96 -18.46 -4.95
C LEU A 66 -9.38 -17.94 -4.74
N THR A 67 -9.54 -16.65 -4.56
CA THR A 67 -10.91 -16.08 -4.32
C THR A 67 -11.89 -16.49 -5.43
N ALA A 68 -11.39 -16.89 -6.57
CA ALA A 68 -12.32 -17.28 -7.68
C ALA A 68 -12.89 -18.69 -7.47
N ILE A 69 -12.16 -19.55 -6.79
CA ILE A 69 -12.66 -20.93 -6.56
C ILE A 69 -13.70 -20.93 -5.43
N CYS A 70 -13.36 -20.43 -4.28
CA CYS A 70 -14.32 -20.40 -3.15
C CYS A 70 -15.61 -19.67 -3.55
N ALA A 71 -15.50 -18.63 -4.32
CA ALA A 71 -16.74 -17.88 -4.74
C ALA A 71 -17.60 -18.77 -5.64
N GLU A 72 -16.98 -19.65 -6.38
CA GLU A 72 -17.76 -20.55 -7.27
C GLU A 72 -18.34 -21.72 -6.48
N GLU A 73 -17.57 -22.29 -5.60
CA GLU A 73 -18.08 -23.45 -4.79
C GLU A 73 -19.26 -23.00 -3.93
N ALA A 74 -19.34 -21.73 -3.60
CA ALA A 74 -20.48 -21.25 -2.76
C ALA A 74 -21.65 -20.80 -3.64
N SER A 75 -21.39 -19.96 -4.62
CA SER A 75 -22.49 -19.49 -5.51
C SER A 75 -23.29 -20.67 -6.06
N ASN A 76 -22.83 -21.29 -7.12
CA ASN A 76 -23.59 -22.44 -7.70
C ASN A 76 -23.08 -23.75 -7.10
N ASN A 77 -23.87 -24.79 -7.17
CA ASN A 77 -23.43 -26.10 -6.60
C ASN A 77 -23.97 -27.25 -7.45
N PHE A 78 -23.12 -27.90 -8.19
CA PHE A 78 -23.56 -29.03 -9.05
C PHE A 78 -24.12 -30.16 -8.18
N ASP A 79 -23.64 -30.31 -6.97
CA ASP A 79 -24.14 -31.38 -6.09
C ASP A 79 -25.21 -30.84 -5.13
N ALA A 80 -26.03 -29.94 -5.59
CA ALA A 80 -27.09 -29.37 -4.72
C ALA A 80 -28.46 -29.48 -5.41
N THR A 81 -29.51 -29.26 -4.68
CA THR A 81 -30.87 -29.34 -5.29
C THR A 81 -31.90 -28.62 -4.41
N MET A 82 -32.87 -27.98 -5.01
CA MET A 82 -33.90 -27.25 -4.23
C MET A 82 -34.88 -28.25 -3.60
N TYR A 83 -35.39 -27.94 -2.43
CA TYR A 83 -36.36 -28.86 -1.77
C TYR A 83 -37.56 -28.07 -1.25
N GLY A 84 -38.75 -28.48 -1.60
CA GLY A 84 -39.96 -27.74 -1.13
C GLY A 84 -40.44 -26.79 -2.22
N SER A 85 -41.73 -26.58 -2.31
CA SER A 85 -42.27 -25.65 -3.36
C SER A 85 -42.81 -24.38 -2.71
N GLY A 86 -43.36 -23.49 -3.50
CA GLY A 86 -43.91 -22.22 -2.93
C GLY A 86 -43.84 -21.13 -3.98
N SER A 87 -42.83 -20.30 -3.93
CA SER A 87 -42.70 -19.20 -4.93
C SER A 87 -41.32 -19.26 -5.59
N SER A 88 -41.27 -19.59 -6.85
CA SER A 88 -39.95 -19.65 -7.55
C SER A 88 -40.01 -18.89 -8.87
N SER A 89 -39.94 -17.58 -8.82
CA SER A 89 -39.99 -16.78 -10.07
C SER A 89 -38.58 -16.56 -10.62
N GLU A 90 -37.58 -17.09 -9.96
CA GLU A 90 -36.17 -16.90 -10.45
C GLU A 90 -35.96 -17.64 -11.77
N ASP A 91 -36.86 -18.51 -12.13
CA ASP A 91 -36.70 -19.27 -13.41
C ASP A 91 -36.59 -18.30 -14.60
N ALA A 92 -37.35 -17.23 -14.56
CA ALA A 92 -37.30 -16.24 -15.68
C ALA A 92 -36.07 -15.34 -15.54
N LEU A 93 -35.77 -14.94 -14.33
CA LEU A 93 -34.58 -14.05 -14.12
C LEU A 93 -33.29 -14.85 -14.30
N ASP A 94 -33.30 -16.11 -13.98
CA ASP A 94 -32.07 -16.94 -14.13
C ASP A 94 -31.61 -16.95 -15.59
N GLU A 95 -32.46 -17.40 -16.48
CA GLU A 95 -32.08 -17.43 -17.93
C GLU A 95 -31.70 -16.03 -18.41
N HIS A 96 -32.15 -15.01 -17.73
CA HIS A 96 -31.81 -13.61 -18.15
C HIS A 96 -30.29 -13.43 -18.22
N ARG A 97 -29.56 -14.12 -17.39
CA ARG A 97 -28.07 -13.98 -17.41
C ARG A 97 -27.48 -14.74 -18.61
N ARG A 98 -28.19 -15.71 -19.11
CA ARG A 98 -27.67 -16.49 -20.28
C ARG A 98 -27.81 -15.67 -21.58
N TRP A 99 -28.67 -14.69 -21.58
CA TRP A 99 -28.85 -13.86 -22.81
C TRP A 99 -27.51 -13.27 -23.25
N LYS A 100 -26.58 -13.13 -22.34
CA LYS A 100 -25.24 -12.57 -22.71
C LYS A 100 -24.57 -13.45 -23.77
N SER A 101 -24.83 -14.73 -23.73
CA SER A 101 -24.20 -15.65 -24.73
C SER A 101 -25.25 -16.11 -25.75
N LEU A 102 -24.82 -16.66 -26.86
CA LEU A 102 -25.78 -17.13 -27.89
C LEU A 102 -25.20 -18.33 -28.64
N SER A 103 -24.28 -19.04 -28.05
CA SER A 103 -23.68 -20.21 -28.74
C SER A 103 -23.10 -21.19 -27.71
N THR A 104 -22.96 -22.45 -28.06
CA THR A 104 -22.39 -23.44 -27.10
C THR A 104 -20.88 -23.24 -26.98
N LYS A 105 -20.20 -23.09 -28.08
CA LYS A 105 -18.73 -22.90 -28.03
C LYS A 105 -18.37 -21.66 -27.22
N ASP A 106 -19.29 -20.76 -27.02
CA ASP A 106 -18.99 -19.52 -26.23
C ASP A 106 -18.27 -19.90 -24.93
N LYS A 107 -18.65 -20.99 -24.31
CA LYS A 107 -17.97 -21.41 -23.05
C LYS A 107 -16.68 -22.18 -23.37
N PHE A 108 -16.55 -22.70 -24.57
CA PHE A 108 -15.31 -23.47 -24.92
C PHE A 108 -14.13 -22.52 -25.10
N VAL A 109 -14.32 -21.42 -25.79
CA VAL A 109 -13.19 -20.46 -25.98
C VAL A 109 -12.67 -19.96 -24.63
N GLU A 110 -13.45 -20.11 -23.59
CA GLU A 110 -12.99 -19.65 -22.24
C GLU A 110 -11.94 -20.61 -21.68
N GLY A 111 -12.09 -21.89 -21.95
CA GLY A 111 -11.10 -22.89 -21.43
C GLY A 111 -9.97 -23.11 -22.44
N LEU A 112 -10.30 -23.54 -23.63
CA LEU A 112 -9.26 -23.81 -24.67
C LEU A 112 -8.23 -22.67 -24.77
N SER A 113 -8.67 -21.45 -24.72
CA SER A 113 -7.71 -20.32 -24.84
C SER A 113 -6.83 -20.21 -23.58
N ASN A 114 -7.38 -20.49 -22.43
CA ASN A 114 -6.57 -20.41 -21.18
C ASN A 114 -5.38 -21.37 -21.26
N ASN A 115 -5.60 -22.54 -21.78
CA ASN A 115 -4.48 -23.53 -21.88
C ASN A 115 -3.34 -22.97 -22.74
N LYS A 116 -3.67 -22.18 -23.73
CA LYS A 116 -2.59 -21.60 -24.60
C LYS A 116 -1.81 -20.53 -23.82
N TYR A 117 -2.47 -19.53 -23.32
CA TYR A 117 -1.78 -18.46 -22.55
C TYR A 117 -1.00 -19.07 -21.38
N LYS A 118 -1.44 -20.21 -20.90
CA LYS A 118 -0.73 -20.86 -19.75
C LYS A 118 0.71 -21.20 -20.13
N ILE A 119 0.92 -21.78 -21.29
CA ILE A 119 2.30 -22.16 -21.71
C ILE A 119 3.06 -20.94 -22.24
N ILE A 120 2.37 -20.00 -22.83
CA ILE A 120 3.05 -18.79 -23.38
C ILE A 120 3.78 -18.02 -22.27
N THR A 121 3.23 -17.98 -21.09
CA THR A 121 3.88 -17.24 -19.98
C THR A 121 5.01 -18.07 -19.34
N GLY A 122 4.98 -19.36 -19.52
CA GLY A 122 6.06 -20.21 -18.92
C GLY A 122 7.37 -20.02 -19.69
N ALA A 123 7.30 -19.73 -20.96
CA ALA A 123 8.55 -19.55 -21.75
C ALA A 123 9.15 -18.15 -21.53
N TRP A 124 8.34 -17.18 -21.24
CA TRP A 124 8.86 -15.79 -21.03
C TRP A 124 9.81 -15.75 -19.83
N ALA A 125 9.79 -16.75 -18.98
CA ALA A 125 10.68 -16.74 -17.80
C ALA A 125 12.03 -17.40 -18.10
N ALA A 126 12.02 -18.65 -18.48
CA ALA A 126 13.31 -19.36 -18.78
C ALA A 126 14.12 -18.64 -19.87
N SER A 127 13.48 -17.78 -20.63
CA SER A 127 14.23 -17.05 -21.71
C SER A 127 15.44 -16.29 -21.14
N LEU A 128 15.46 -16.03 -19.86
CA LEU A 128 16.61 -15.28 -19.28
C LEU A 128 17.82 -16.20 -19.03
N TYR A 129 17.60 -17.40 -18.57
CA TYR A 129 18.77 -18.32 -18.32
C TYR A 129 19.18 -19.00 -19.63
N GLY A 130 18.23 -19.41 -20.43
CA GLY A 130 18.57 -20.08 -21.72
C GLY A 130 19.26 -19.07 -22.65
N SER A 131 19.08 -17.80 -22.42
CA SER A 131 19.73 -16.78 -23.29
C SER A 131 21.21 -16.61 -22.91
N TRP A 132 21.58 -17.00 -21.73
CA TRP A 132 23.00 -16.87 -21.30
C TRP A 132 23.80 -18.13 -21.69
N VAL A 133 23.35 -19.27 -21.27
CA VAL A 133 24.09 -20.54 -21.61
C VAL A 133 24.33 -20.62 -23.12
N ILE A 134 23.32 -20.37 -23.90
CA ILE A 134 23.49 -20.43 -25.39
C ILE A 134 24.68 -19.58 -25.87
N VAL A 135 25.15 -18.66 -25.07
CA VAL A 135 26.31 -17.79 -25.49
C VAL A 135 25.97 -17.03 -26.78
N ASN A 136 25.79 -15.74 -26.67
CA ASN A 136 25.46 -14.93 -27.88
C ASN A 136 26.54 -13.87 -28.11
N LYS A 137 26.76 -13.01 -27.15
CA LYS A 137 27.79 -11.95 -27.31
C LYS A 137 28.95 -12.19 -26.35
N ASP A 138 30.05 -11.51 -26.54
CA ASP A 138 31.21 -11.70 -25.62
C ASP A 138 31.74 -10.34 -25.13
N PRO A 139 31.01 -9.76 -24.21
CA PRO A 139 31.41 -8.45 -23.65
C PRO A 139 32.61 -8.61 -22.72
N ILE A 140 33.61 -7.78 -22.87
CA ILE A 140 34.81 -7.88 -21.98
C ILE A 140 35.04 -6.56 -21.26
N MET A 141 34.22 -6.27 -20.28
CA MET A 141 34.38 -4.99 -19.52
C MET A 141 33.69 -5.10 -18.16
N THR A 142 33.37 -4.00 -17.54
CA THR A 142 32.70 -4.04 -16.21
C THR A 142 31.34 -4.75 -16.32
N LYS A 143 31.25 -5.94 -15.81
CA LYS A 143 29.96 -6.70 -15.88
C LYS A 143 28.86 -5.93 -15.14
N ALA A 144 29.23 -5.08 -14.21
CA ALA A 144 28.20 -4.31 -13.46
C ALA A 144 27.33 -3.49 -14.41
N GLN A 145 27.88 -3.07 -15.52
CA GLN A 145 27.07 -2.28 -16.50
C GLN A 145 25.90 -3.13 -17.01
N LYS A 146 26.09 -4.41 -17.13
CA LYS A 146 24.99 -5.29 -17.61
C LYS A 146 23.96 -5.50 -16.49
N ILE A 147 24.40 -5.42 -15.26
CA ILE A 147 23.45 -5.62 -14.12
C ILE A 147 22.37 -4.53 -14.13
N VAL A 148 22.72 -3.35 -14.57
CA VAL A 148 21.70 -2.25 -14.60
C VAL A 148 20.95 -2.23 -15.94
N GLN A 149 21.39 -3.00 -16.90
CA GLN A 149 20.69 -3.02 -18.22
C GLN A 149 19.38 -3.81 -18.09
N ALA A 150 19.38 -4.84 -17.29
CA ALA A 150 18.14 -5.66 -17.11
C ALA A 150 16.95 -4.75 -16.76
N ARG A 151 17.22 -3.64 -16.12
CA ARG A 151 16.11 -2.71 -15.75
C ARG A 151 15.35 -2.25 -16.99
N MET A 152 15.96 -2.33 -18.14
CA MET A 152 15.26 -1.89 -19.39
C MET A 152 14.11 -2.84 -19.72
N TYR A 153 14.32 -4.12 -19.57
CA TYR A 153 13.24 -5.11 -19.89
C TYR A 153 12.36 -5.35 -18.65
N ALA A 154 12.96 -5.48 -17.49
CA ALA A 154 12.16 -5.72 -16.24
C ALA A 154 11.00 -4.73 -16.12
N GLN A 155 11.30 -3.46 -15.97
CA GLN A 155 10.22 -2.44 -15.84
C GLN A 155 9.11 -2.68 -16.87
N PHE A 156 9.46 -3.26 -17.99
CA PHE A 156 8.43 -3.54 -19.04
C PHE A 156 7.74 -4.88 -18.74
N ILE A 157 8.49 -5.95 -18.68
CA ILE A 157 7.87 -7.28 -18.39
C ILE A 157 7.14 -7.23 -17.04
N THR A 158 7.45 -6.27 -16.21
CA THR A 158 6.78 -6.17 -14.88
C THR A 158 5.35 -5.63 -15.05
N VAL A 159 5.19 -4.54 -15.74
CA VAL A 159 3.83 -3.95 -15.93
C VAL A 159 2.84 -5.03 -16.40
N GLY A 160 3.31 -6.06 -17.04
CA GLY A 160 2.40 -7.15 -17.49
C GLY A 160 1.69 -7.74 -16.28
N LEU A 161 2.28 -7.61 -15.12
CA LEU A 161 1.65 -8.14 -13.88
C LEU A 161 0.64 -7.14 -13.32
N LEU A 162 1.03 -5.90 -13.22
CA LEU A 162 0.12 -4.84 -12.69
C LEU A 162 -1.15 -4.74 -13.54
N LEU A 163 -1.01 -4.48 -14.81
CA LEU A 163 -2.22 -4.35 -15.70
C LEU A 163 -3.14 -5.57 -15.53
N ALA A 164 -2.57 -6.72 -15.33
CA ALA A 164 -3.41 -7.95 -15.15
C ALA A 164 -4.04 -7.96 -13.75
N SER A 165 -3.49 -7.21 -12.83
CA SER A 165 -4.05 -7.18 -11.45
C SER A 165 -5.30 -6.30 -11.39
N VAL A 166 -5.17 -5.03 -11.67
CA VAL A 166 -6.36 -4.13 -11.62
C VAL A 166 -7.48 -4.67 -12.52
N GLY A 167 -7.12 -5.27 -13.61
CA GLY A 167 -8.15 -5.82 -14.54
C GLY A 167 -9.03 -6.83 -13.80
N LEU A 168 -8.47 -7.50 -12.81
CA LEU A 168 -9.26 -8.50 -12.04
C LEU A 168 -10.17 -7.78 -11.02
N SER A 169 -9.63 -6.81 -10.34
CA SER A 169 -10.46 -6.06 -9.34
C SER A 169 -11.40 -5.08 -10.04
N MET A 170 -11.04 -4.63 -11.22
CA MET A 170 -11.91 -3.67 -11.95
C MET A 170 -13.10 -4.41 -12.58
N TYR A 171 -12.90 -5.64 -12.97
CA TYR A 171 -14.02 -6.41 -13.60
C TYR A 171 -15.10 -6.71 -12.56
N GLU A 172 -14.72 -6.97 -11.34
CA GLU A 172 -15.73 -7.26 -10.28
C GLU A 172 -16.67 -6.08 -10.11
N ASN A 173 -16.24 -4.89 -10.47
CA ASN A 173 -17.12 -3.70 -10.33
C ASN A 173 -18.47 -3.93 -11.01
N LYS A 174 -18.47 -4.11 -12.31
CA LYS A 174 -19.73 -4.35 -13.06
C LYS A 174 -20.85 -3.40 -12.59
N LEU A 175 -21.61 -3.79 -11.60
CA LEU A 175 -22.71 -2.91 -11.11
C LEU A 175 -22.22 -2.08 -9.91
N HIS A 176 -21.71 -2.74 -8.90
CA HIS A 176 -21.21 -2.00 -7.70
C HIS A 176 -22.29 -1.04 -7.17
N PRO A 177 -23.15 -1.55 -6.32
CA PRO A 177 -24.23 -0.72 -5.75
C PRO A 177 -23.66 0.26 -4.72
N ASN A 178 -22.60 -0.12 -4.05
CA ASN A 178 -21.99 0.78 -3.03
C ASN A 178 -20.56 1.16 -3.45
N LYS A 179 -20.03 2.20 -2.87
CA LYS A 179 -18.64 2.61 -3.23
C LYS A 179 -17.63 1.61 -2.67
N GLN A 180 -16.42 2.04 -2.43
CA GLN A 180 -15.39 1.11 -1.88
C GLN A 180 -14.32 1.89 -1.11
N LYS A 181 -13.23 1.26 -0.79
CA LYS A 181 -12.15 1.96 -0.04
C LYS A 181 -10.87 2.03 -0.88
N VAL A 182 -9.78 2.39 -0.27
CA VAL A 182 -8.49 2.48 -1.03
C VAL A 182 -8.12 1.11 -1.60
N ASN A 183 -7.48 1.08 -2.74
CA ASN A 183 -7.08 -0.23 -3.35
C ASN A 183 -6.23 0.01 -4.61
N GLU A 184 -6.84 0.05 -5.77
CA GLU A 184 -6.07 0.27 -7.03
C GLU A 184 -5.03 1.40 -6.88
N MET A 185 -5.47 2.62 -6.70
CA MET A 185 -4.50 3.75 -6.57
C MET A 185 -3.51 3.51 -5.42
N ARG A 186 -3.85 2.72 -4.42
CA ARG A 186 -2.86 2.48 -3.30
C ARG A 186 -1.63 1.79 -3.86
N ARG A 187 -1.82 0.94 -4.84
CA ARG A 187 -0.67 0.20 -5.42
C ARG A 187 -0.04 0.95 -6.60
N TRP A 188 -0.71 1.93 -7.16
CA TRP A 188 -0.10 2.69 -8.29
C TRP A 188 0.77 3.82 -7.75
N GLU A 189 0.26 4.57 -6.80
CA GLU A 189 1.05 5.69 -6.22
C GLU A 189 2.13 5.15 -5.27
N ASN A 190 1.88 4.01 -4.67
CA ASN A 190 2.89 3.44 -3.72
C ASN A 190 4.08 2.90 -4.52
N ALA A 191 3.82 2.20 -5.60
CA ALA A 191 4.95 1.66 -6.42
C ALA A 191 5.76 2.82 -6.98
N LEU A 192 5.11 3.91 -7.29
CA LEU A 192 5.85 5.08 -7.84
C LEU A 192 6.90 5.56 -6.84
N ARG A 193 6.57 5.55 -5.58
CA ARG A 193 7.56 6.00 -4.55
C ARG A 193 8.73 5.02 -4.48
N VAL A 194 8.45 3.76 -4.26
CA VAL A 194 9.56 2.76 -4.19
C VAL A 194 10.34 2.74 -5.51
N ALA A 195 9.72 3.18 -6.58
CA ALA A 195 10.42 3.18 -7.90
C ALA A 195 11.32 4.42 -7.99
N GLU A 196 10.76 5.59 -7.83
CA GLU A 196 11.59 6.83 -7.92
C GLU A 196 12.72 6.78 -6.87
N GLU A 197 12.45 6.16 -5.75
CA GLU A 197 13.49 6.07 -4.69
C GLU A 197 14.74 5.37 -5.23
N GLU A 198 14.57 4.54 -6.23
CA GLU A 198 15.75 3.83 -6.82
C GLU A 198 16.58 4.80 -7.67
N GLU A 199 15.96 5.82 -8.19
CA GLU A 199 16.71 6.81 -9.02
C GLU A 199 17.71 7.59 -8.17
N ARG A 200 17.35 7.89 -6.94
CA ARG A 200 18.28 8.66 -6.06
C ARG A 200 19.66 8.00 -6.05
N LEU A 201 19.73 6.73 -6.34
CA LEU A 201 21.04 6.03 -6.37
C LEU A 201 21.67 6.16 -7.76
N GLU A 202 20.86 6.32 -8.77
CA GLU A 202 21.40 6.44 -10.16
C GLU A 202 22.06 7.82 -10.35
N LYS A 203 21.59 8.81 -9.63
CA LYS A 203 22.18 10.17 -9.75
C LYS A 203 23.68 10.13 -9.46
N GLU A 204 24.05 9.78 -8.27
CA GLU A 204 25.51 9.70 -7.92
C GLU A 204 26.21 8.66 -8.79
N GLY A 205 25.64 7.49 -8.90
CA GLY A 205 26.27 6.43 -9.74
C GLY A 205 27.64 6.06 -9.16
N ARG A 206 28.50 5.49 -9.95
CA ARG A 206 29.85 5.12 -9.46
C ARG A 206 30.93 5.91 -10.19
N ARG A 207 31.90 6.42 -9.47
CA ARG A 207 32.98 7.21 -10.12
C ARG A 207 34.00 6.27 -10.77
N THR A 208 34.02 6.22 -12.07
CA THR A 208 34.99 5.32 -12.76
C THR A 208 35.73 6.09 -13.87
N GLY A 209 35.01 6.75 -14.73
CA GLY A 209 35.67 7.53 -15.82
C GLY A 209 34.62 8.41 -16.51
N TYR A 210 33.80 9.08 -15.76
CA TYR A 210 32.76 9.97 -16.37
C TYR A 210 31.94 9.19 -17.41
N VAL A 211 30.84 8.63 -16.99
CA VAL A 211 29.99 7.84 -17.95
C VAL A 211 29.24 8.79 -18.90
N SER A 212 29.09 10.04 -18.50
CA SER A 212 28.36 11.01 -19.37
C SER A 212 29.31 11.58 -20.44
N ASN A 213 30.50 11.95 -20.04
CA ASN A 213 31.47 12.51 -21.02
C ASN A 213 31.95 11.43 -21.99
N GLU A 214 32.10 10.22 -21.50
CA GLU A 214 32.57 9.10 -22.39
C GLU A 214 31.54 8.84 -23.49
N GLU A 215 30.28 8.83 -23.14
CA GLU A 215 29.22 8.57 -24.16
C GLU A 215 29.05 9.80 -25.06
N ARG A 216 29.37 10.96 -24.56
CA ARG A 216 29.22 12.20 -25.38
C ARG A 216 30.01 12.08 -26.69
N ILE A 217 31.04 11.26 -26.70
CA ILE A 217 31.85 11.10 -27.94
C ILE A 217 31.02 10.40 -29.02
N ASN A 218 30.65 9.17 -28.80
CA ASN A 218 29.85 8.43 -29.81
C ASN A 218 28.56 9.19 -30.12
N SER A 219 28.09 10.00 -29.20
CA SER A 219 26.83 10.76 -29.44
C SER A 219 27.14 12.01 -30.28
N LYS A 220 28.22 12.68 -29.99
CA LYS A 220 28.57 13.92 -30.76
C LYS A 220 28.65 13.59 -32.27
N ILE A 221 28.89 12.35 -32.60
CA ILE A 221 28.98 11.97 -34.04
C ILE A 221 27.62 12.18 -34.72
N PHE A 222 26.55 12.08 -33.98
CA PHE A 222 25.20 12.27 -34.58
C PHE A 222 24.81 13.75 -34.52
N LYS A 223 25.22 14.45 -33.49
CA LYS A 223 24.86 15.88 -33.37
C LYS A 223 25.55 16.70 -34.48
N SER A 224 26.67 16.24 -34.96
CA SER A 224 27.38 16.97 -36.04
C SER A 224 28.17 16.00 -36.92
N MET B 1 -35.37 -9.59 6.46
CA MET B 1 -35.62 -8.66 7.60
C MET B 1 -35.94 -9.46 8.86
N LYS B 2 -35.45 -9.03 10.00
CA LYS B 2 -35.72 -9.77 11.26
C LYS B 2 -36.06 -8.78 12.39
N ILE B 3 -36.84 -9.21 13.35
CA ILE B 3 -37.20 -8.29 14.48
C ILE B 3 -35.99 -8.05 15.38
N LEU B 4 -35.03 -8.93 15.37
CA LEU B 4 -33.84 -8.74 16.23
C LEU B 4 -32.83 -7.81 15.54
N THR B 5 -33.03 -6.52 15.64
CA THR B 5 -32.09 -5.56 14.99
C THR B 5 -31.83 -4.37 15.92
N GLN B 6 -30.70 -4.34 16.57
CA GLN B 6 -30.39 -3.21 17.49
C GLN B 6 -29.77 -2.05 16.71
N ASP B 7 -29.84 -0.87 17.25
CA ASP B 7 -29.25 0.31 16.55
C ASP B 7 -29.09 1.48 17.53
N GLU B 8 -28.61 1.20 18.71
CA GLU B 8 -28.43 2.29 19.72
C GLU B 8 -27.05 2.19 20.38
N ILE B 9 -26.02 2.61 19.70
CA ILE B 9 -24.65 2.52 20.28
C ILE B 9 -24.56 3.40 21.54
N GLU B 10 -23.38 3.72 21.98
CA GLU B 10 -23.23 4.57 23.19
C GLU B 10 -22.10 5.60 22.99
N ALA B 11 -22.29 6.53 22.09
CA ALA B 11 -21.24 7.56 21.86
C ALA B 11 -21.85 8.81 21.22
N HIS B 12 -21.86 9.90 21.92
CA HIS B 12 -22.44 11.16 21.35
C HIS B 12 -21.31 12.12 20.96
N ARG B 13 -20.68 11.89 19.85
CA ARG B 13 -19.58 12.78 19.40
C ARG B 13 -20.13 14.04 18.74
N SER B 14 -21.44 14.22 18.73
CA SER B 14 -22.02 15.43 18.09
C SER B 14 -21.38 16.71 18.66
N HIS B 15 -20.93 16.66 19.88
CA HIS B 15 -20.28 17.87 20.49
C HIS B 15 -18.93 18.13 19.83
N THR B 16 -18.14 17.10 19.65
CA THR B 16 -16.80 17.28 19.01
C THR B 16 -16.97 17.50 17.49
N LEU B 17 -18.08 17.09 16.94
CA LEU B 17 -18.30 17.27 15.47
C LEU B 17 -17.99 18.71 15.04
N LYS B 18 -18.32 19.67 15.85
CA LYS B 18 -18.03 21.09 15.49
C LYS B 18 -16.53 21.28 15.28
N GLY B 19 -15.72 20.61 16.05
CA GLY B 19 -14.24 20.75 15.90
C GLY B 19 -13.77 20.01 14.65
N GLY B 20 -14.52 19.03 14.20
CA GLY B 20 -14.11 18.26 12.99
C GLY B 20 -13.85 19.22 11.83
N ILE B 21 -14.71 20.19 11.64
CA ILE B 21 -14.50 21.16 10.52
C ILE B 21 -13.41 22.16 10.89
N GLU B 22 -13.30 22.52 12.14
CA GLU B 22 -12.26 23.50 12.57
C GLU B 22 -10.86 22.92 12.28
N GLY B 23 -10.73 21.62 12.33
CA GLY B 23 -9.41 20.99 12.07
C GLY B 23 -9.09 21.03 10.57
N ALA B 24 -10.05 20.72 9.74
CA ALA B 24 -9.81 20.73 8.26
C ALA B 24 -9.26 22.10 7.83
N LEU B 25 -9.67 23.15 8.48
CA LEU B 25 -9.17 24.51 8.10
C LEU B 25 -7.80 24.77 8.72
N ALA B 26 -7.61 24.42 9.97
CA ALA B 26 -6.30 24.66 10.63
C ALA B 26 -5.16 23.96 9.87
N GLY B 27 -5.46 22.87 9.20
CA GLY B 27 -4.39 22.15 8.45
C GLY B 27 -3.75 23.07 7.43
N PHE B 28 -4.49 23.99 6.87
CA PHE B 28 -3.92 24.92 5.86
C PHE B 28 -2.96 25.93 6.51
N ALA B 29 -3.14 26.21 7.77
CA ALA B 29 -2.25 27.19 8.45
C ALA B 29 -0.92 26.55 8.87
N ILE B 30 -0.97 25.39 9.47
CA ILE B 30 0.30 24.72 9.91
C ILE B 30 0.99 24.02 8.73
N SER B 31 0.25 23.65 7.73
CA SER B 31 0.87 22.94 6.56
C SER B 31 1.99 23.77 5.90
N ALA B 32 1.70 24.99 5.53
CA ALA B 32 2.74 25.84 4.86
C ALA B 32 3.73 26.47 5.85
N ILE B 33 3.30 26.74 7.05
CA ILE B 33 4.23 27.37 8.04
C ILE B 33 5.29 26.38 8.54
N ILE B 34 4.95 25.13 8.71
CA ILE B 34 5.94 24.15 9.22
C ILE B 34 7.00 23.84 8.14
N PHE B 35 6.62 23.86 6.90
CA PHE B 35 7.60 23.55 5.81
C PHE B 35 8.60 24.70 5.62
N LYS B 36 8.19 25.90 5.91
CA LYS B 36 9.10 27.08 5.71
C LYS B 36 10.11 27.27 6.85
N VAL B 37 9.78 26.84 8.04
CA VAL B 37 10.70 27.07 9.21
C VAL B 37 12.18 26.78 8.88
N LEU B 38 12.51 25.61 8.41
CA LEU B 38 13.94 25.30 8.14
C LEU B 38 14.47 26.00 6.87
N PRO B 39 13.77 25.81 5.77
CA PRO B 39 14.22 26.42 4.49
C PRO B 39 14.12 27.94 4.51
N ARG B 40 13.48 28.50 5.51
CA ARG B 40 13.35 29.98 5.58
C ARG B 40 14.72 30.59 5.92
N ARG B 41 15.45 29.96 6.80
CA ARG B 41 16.80 30.50 7.18
C ARG B 41 17.84 30.12 6.11
N TYR B 42 17.88 28.86 5.74
CA TYR B 42 18.87 28.42 4.71
C TYR B 42 18.14 27.90 3.47
N PRO B 43 18.19 28.66 2.40
CA PRO B 43 17.52 28.26 1.14
C PRO B 43 18.38 27.25 0.36
N LYS B 44 18.98 26.30 1.03
CA LYS B 44 19.82 25.30 0.30
C LYS B 44 18.93 24.29 -0.43
N PHE B 45 19.41 23.74 -1.51
CA PHE B 45 18.59 22.76 -2.28
C PHE B 45 19.18 21.35 -2.15
N LYS B 46 18.54 20.50 -1.39
CA LYS B 46 19.06 19.10 -1.21
C LYS B 46 18.15 18.31 -0.27
N PRO B 47 17.95 18.82 0.92
CA PRO B 47 17.08 18.12 1.91
C PRO B 47 15.60 18.32 1.56
N SER B 48 15.31 19.02 0.49
CA SER B 48 13.87 19.24 0.10
C SER B 48 13.23 17.91 -0.34
N THR B 49 14.01 16.89 -0.57
CA THR B 49 13.44 15.59 -1.02
C THR B 49 12.85 14.83 0.17
N LEU B 50 13.56 14.77 1.27
CA LEU B 50 13.03 14.04 2.47
C LEU B 50 11.79 14.77 2.99
N THR B 51 11.76 16.05 2.86
CA THR B 51 10.59 16.85 3.34
C THR B 51 9.36 16.57 2.46
N TRP B 52 9.57 16.02 1.28
CA TRP B 52 8.42 15.73 0.38
C TRP B 52 7.69 14.46 0.83
N SER B 53 8.38 13.55 1.47
CA SER B 53 7.71 12.28 1.91
C SER B 53 6.79 12.54 3.11
N ILE B 54 7.07 13.54 3.90
CA ILE B 54 6.20 13.83 5.08
C ILE B 54 4.99 14.69 4.65
N LYS B 55 5.10 15.42 3.58
CA LYS B 55 3.98 16.28 3.13
C LYS B 55 2.95 15.47 2.32
N THR B 56 3.32 14.31 1.85
CA THR B 56 2.37 13.49 1.04
C THR B 56 1.37 12.75 1.94
N ALA B 57 1.87 11.95 2.85
CA ALA B 57 0.96 11.18 3.76
C ALA B 57 0.10 12.12 4.61
N LEU B 58 0.45 13.38 4.68
CA LEU B 58 -0.35 14.33 5.51
C LEU B 58 -1.57 14.88 4.76
N TRP B 59 -1.58 14.82 3.45
CA TRP B 59 -2.75 15.37 2.68
C TRP B 59 -3.92 14.38 2.66
N ILE B 60 -3.63 13.11 2.70
CA ILE B 60 -4.72 12.08 2.66
C ILE B 60 -5.32 11.82 4.05
N THR B 61 -4.64 12.20 5.09
CA THR B 61 -5.16 11.93 6.47
C THR B 61 -6.34 12.85 6.86
N PRO B 62 -6.21 14.13 6.61
CA PRO B 62 -7.30 15.07 7.00
C PRO B 62 -8.61 14.90 6.20
N PRO B 63 -8.55 14.57 4.92
CA PRO B 63 -9.81 14.40 4.16
C PRO B 63 -10.54 13.12 4.56
N THR B 64 -9.87 12.18 5.19
CA THR B 64 -10.56 10.92 5.58
C THR B 64 -11.13 11.01 6.99
N VAL B 65 -10.58 11.82 7.84
CA VAL B 65 -11.12 11.94 9.20
C VAL B 65 -12.55 12.51 9.11
N LEU B 66 -12.88 13.13 8.02
CA LEU B 66 -14.27 13.70 7.83
C LEU B 66 -15.32 12.58 7.89
N THR B 67 -14.91 11.35 7.69
CA THR B 67 -15.88 10.21 7.71
C THR B 67 -16.68 10.19 9.02
N ALA B 68 -16.21 10.83 10.05
CA ALA B 68 -16.97 10.82 11.34
C ALA B 68 -18.14 11.80 11.31
N ILE B 69 -18.03 12.88 10.58
CA ILE B 69 -19.14 13.86 10.51
C ILE B 69 -20.27 13.32 9.65
N CYS B 70 -19.96 12.90 8.45
CA CYS B 70 -21.03 12.37 7.55
C CYS B 70 -21.74 11.18 8.19
N ALA B 71 -21.00 10.24 8.73
CA ALA B 71 -21.65 9.05 9.38
C ALA B 71 -22.65 9.51 10.44
N GLU B 72 -22.42 10.65 11.04
CA GLU B 72 -23.37 11.15 12.08
C GLU B 72 -24.56 11.86 11.43
N GLU B 73 -24.29 12.74 10.50
CA GLU B 73 -25.41 13.47 9.83
C GLU B 73 -26.33 12.48 9.12
N ALA B 74 -25.84 11.33 8.76
CA ALA B 74 -26.70 10.32 8.07
C ALA B 74 -27.38 9.40 9.08
N SER B 75 -26.61 8.81 9.96
CA SER B 75 -27.21 7.90 10.99
C SER B 75 -28.37 8.58 11.72
N ASN B 76 -28.09 9.35 12.74
CA ASN B 76 -29.18 10.05 13.48
C ASN B 76 -29.77 11.17 12.62
N ASN B 77 -30.94 10.94 12.07
CA ASN B 77 -31.57 11.99 11.22
C ASN B 77 -33.10 11.91 11.34
N PHE B 78 -33.72 12.94 11.85
CA PHE B 78 -35.19 12.94 11.99
C PHE B 78 -35.85 12.95 10.60
N ASP B 79 -36.75 12.03 10.35
CA ASP B 79 -37.43 11.98 9.02
C ASP B 79 -38.94 12.23 9.19
N ALA B 80 -39.62 11.33 9.84
CA ALA B 80 -41.09 11.50 10.03
C ALA B 80 -41.44 11.42 11.52
N THR B 81 -42.60 11.89 11.90
CA THR B 81 -42.99 11.84 13.34
C THR B 81 -43.00 10.40 13.84
N MET B 82 -42.39 10.16 14.98
CA MET B 82 -42.35 8.76 15.52
C MET B 82 -43.77 8.26 15.77
N TYR B 83 -43.91 7.15 16.46
CA TYR B 83 -45.26 6.60 16.75
C TYR B 83 -45.72 7.03 18.15
N GLY B 84 -46.51 8.06 18.24
CA GLY B 84 -46.99 8.52 19.58
C GLY B 84 -47.90 7.46 20.19
N SER B 85 -48.82 7.87 21.04
CA SER B 85 -49.74 6.88 21.68
C SER B 85 -48.96 5.74 22.32
N GLY B 86 -48.63 5.87 23.58
CA GLY B 86 -47.86 4.79 24.26
C GLY B 86 -47.83 5.06 25.77
N SER B 87 -46.77 4.70 26.44
CA SER B 87 -46.69 4.94 27.90
C SER B 87 -46.54 6.43 28.19
N SER B 88 -47.36 6.96 29.05
CA SER B 88 -47.27 8.42 29.38
C SER B 88 -46.48 8.62 30.67
N SER B 89 -45.46 7.84 30.88
CA SER B 89 -44.64 7.99 32.13
C SER B 89 -43.18 8.25 31.77
N GLU B 90 -42.94 9.14 30.86
CA GLU B 90 -41.53 9.45 30.47
C GLU B 90 -40.77 10.07 31.65
N ASP B 91 -41.48 10.71 32.54
CA ASP B 91 -40.81 11.35 33.71
C ASP B 91 -40.24 10.26 34.64
N ALA B 92 -41.03 9.27 34.96
CA ALA B 92 -40.53 8.18 35.86
C ALA B 92 -39.36 7.45 35.20
N LEU B 93 -39.33 7.43 33.89
CA LEU B 93 -38.21 6.72 33.18
C LEU B 93 -36.87 7.37 33.53
N ASP B 94 -36.89 8.58 34.03
CA ASP B 94 -35.60 9.27 34.39
C ASP B 94 -34.79 8.40 35.35
N GLU B 95 -35.44 7.76 36.28
CA GLU B 95 -34.70 6.89 37.25
C GLU B 95 -34.12 5.67 36.52
N HIS B 96 -34.84 5.13 35.57
CA HIS B 96 -34.33 3.96 34.83
C HIS B 96 -33.20 4.38 33.88
N ARG B 97 -33.14 5.63 33.52
CA ARG B 97 -32.06 6.11 32.60
C ARG B 97 -30.73 6.21 33.36
N ARG B 98 -30.79 6.31 34.66
CA ARG B 98 -29.53 6.43 35.45
C ARG B 98 -28.82 5.07 35.54
N TRP B 99 -29.58 4.00 35.42
CA TRP B 99 -28.95 2.64 35.49
C TRP B 99 -28.17 2.35 34.20
N LYS B 100 -28.76 2.64 33.07
CA LYS B 100 -28.05 2.38 31.78
C LYS B 100 -26.79 3.26 31.68
N SER B 101 -26.88 4.48 32.13
CA SER B 101 -25.69 5.39 32.07
C SER B 101 -25.00 5.44 33.42
N LEU B 102 -24.08 6.35 33.59
CA LEU B 102 -23.35 6.46 34.90
C LEU B 102 -23.51 7.86 35.47
N SER B 103 -22.83 8.83 34.90
CA SER B 103 -22.93 10.22 35.42
C SER B 103 -22.99 11.22 34.26
N THR B 104 -23.14 12.48 34.55
CA THR B 104 -23.20 13.51 33.47
C THR B 104 -21.79 13.90 33.03
N LYS B 105 -20.89 14.07 33.96
CA LYS B 105 -19.50 14.45 33.62
C LYS B 105 -18.86 13.40 32.69
N ASP B 106 -19.39 12.20 32.65
CA ASP B 106 -18.80 11.16 31.76
C ASP B 106 -18.60 11.73 30.35
N LYS B 107 -19.54 12.51 29.89
CA LYS B 107 -19.41 13.11 28.53
C LYS B 107 -18.56 14.40 28.58
N PHE B 108 -18.41 14.98 29.75
CA PHE B 108 -17.60 16.22 29.86
C PHE B 108 -16.12 15.93 29.61
N VAL B 109 -15.59 14.92 30.25
CA VAL B 109 -14.15 14.58 30.06
C VAL B 109 -13.87 14.29 28.57
N GLU B 110 -14.87 14.01 27.79
CA GLU B 110 -14.64 13.72 26.34
C GLU B 110 -14.33 15.01 25.59
N GLY B 111 -15.02 16.07 25.87
CA GLY B 111 -14.76 17.36 25.15
C GLY B 111 -13.72 18.20 25.91
N LEU B 112 -13.94 18.43 27.19
CA LEU B 112 -12.98 19.26 27.98
C LEU B 112 -11.52 18.83 27.75
N SER B 113 -11.27 17.55 27.69
CA SER B 113 -9.87 17.08 27.48
C SER B 113 -9.41 17.36 26.05
N ASN B 114 -10.30 17.25 25.09
CA ASN B 114 -9.91 17.51 23.67
C ASN B 114 -9.31 18.91 23.54
N ASN B 115 -9.94 19.90 24.13
CA ASN B 115 -9.41 21.29 24.03
C ASN B 115 -7.98 21.37 24.58
N LYS B 116 -7.69 20.59 25.60
CA LYS B 116 -6.31 20.63 26.19
C LYS B 116 -5.32 19.99 25.22
N TYR B 117 -5.55 18.78 24.82
CA TYR B 117 -4.61 18.11 23.88
C TYR B 117 -4.50 18.91 22.58
N LYS B 118 -5.54 19.63 22.23
CA LYS B 118 -5.51 20.44 20.97
C LYS B 118 -4.35 21.43 20.98
N ILE B 119 -4.13 22.11 22.09
CA ILE B 119 -3.02 23.12 22.15
C ILE B 119 -1.68 22.43 22.44
N ILE B 120 -1.69 21.34 23.18
CA ILE B 120 -0.41 20.65 23.50
C ILE B 120 0.28 20.17 22.21
N THR B 121 -0.48 19.80 21.22
CA THR B 121 0.14 19.31 19.95
C THR B 121 0.59 20.49 19.08
N GLY B 122 -0.06 21.61 19.18
CA GLY B 122 0.33 22.79 18.36
C GLY B 122 1.71 23.31 18.81
N ALA B 123 2.00 23.21 20.07
CA ALA B 123 3.33 23.71 20.58
C ALA B 123 4.44 22.70 20.27
N TRP B 124 4.09 21.47 19.99
CA TRP B 124 5.14 20.44 19.69
C TRP B 124 5.77 20.69 18.32
N ALA B 125 5.14 21.47 17.48
CA ALA B 125 5.70 21.73 16.13
C ALA B 125 6.62 22.96 16.14
N ALA B 126 6.13 24.07 16.61
CA ALA B 126 6.96 25.32 16.64
C ALA B 126 8.26 25.11 17.43
N SER B 127 8.32 24.09 18.24
CA SER B 127 9.58 23.85 19.04
C SER B 127 10.80 23.70 18.12
N LEU B 128 10.61 23.42 16.86
CA LEU B 128 11.79 23.25 15.97
C LEU B 128 12.33 24.61 15.50
N TYR B 129 11.47 25.54 15.14
CA TYR B 129 11.98 26.87 14.69
C TYR B 129 12.33 27.73 15.90
N GLY B 130 11.56 27.65 16.95
CA GLY B 130 11.86 28.46 18.16
C GLY B 130 13.14 27.94 18.84
N SER B 131 13.52 26.71 18.55
CA SER B 131 14.75 26.16 19.18
C SER B 131 16.01 26.68 18.47
N TRP B 132 15.86 27.14 17.26
CA TRP B 132 17.04 27.67 16.51
C TRP B 132 17.22 29.17 16.75
N VAL B 133 16.17 29.94 16.59
CA VAL B 133 16.29 31.42 16.80
C VAL B 133 16.93 31.72 18.15
N ILE B 134 16.50 31.05 19.19
CA ILE B 134 17.09 31.31 20.54
C ILE B 134 18.62 31.30 20.50
N VAL B 135 19.21 30.47 19.66
CA VAL B 135 20.71 30.43 19.58
C VAL B 135 21.31 30.18 20.97
N ASN B 136 21.60 28.95 21.28
CA ASN B 136 22.20 28.64 22.63
C ASN B 136 23.48 27.81 22.45
N LYS B 137 23.49 26.90 21.53
CA LYS B 137 24.70 26.06 21.32
C LYS B 137 25.63 26.72 20.29
N ASP B 138 26.80 26.19 20.10
CA ASP B 138 27.75 26.79 19.11
C ASP B 138 27.61 26.10 17.76
N PRO B 139 27.93 26.80 16.71
CA PRO B 139 27.83 26.24 15.34
C PRO B 139 28.94 25.21 15.11
N ILE B 140 28.57 23.99 14.81
CA ILE B 140 29.60 22.94 14.57
C ILE B 140 30.12 23.01 13.13
N MET B 141 31.31 22.54 12.91
CA MET B 141 31.89 22.59 11.52
C MET B 141 30.92 21.98 10.51
N THR B 142 30.94 20.68 10.34
CA THR B 142 30.00 20.03 9.37
C THR B 142 28.55 20.21 9.82
N LYS B 143 27.79 21.01 9.14
CA LYS B 143 26.36 21.21 9.53
C LYS B 143 25.52 20.00 9.11
N ALA B 144 25.98 19.25 8.15
CA ALA B 144 25.21 18.06 7.69
C ALA B 144 24.84 17.16 8.87
N GLN B 145 25.75 16.97 9.80
CA GLN B 145 25.45 16.11 10.98
C GLN B 145 24.11 16.50 11.62
N LYS B 146 23.70 17.74 11.45
CA LYS B 146 22.40 18.18 12.04
C LYS B 146 21.25 17.73 11.15
N ILE B 147 21.42 17.80 9.85
CA ILE B 147 20.33 17.36 8.93
C ILE B 147 20.06 15.87 9.12
N VAL B 148 21.09 15.09 9.32
CA VAL B 148 20.88 13.62 9.52
C VAL B 148 20.58 13.31 10.99
N GLN B 149 20.77 14.26 11.87
CA GLN B 149 20.48 14.01 13.32
C GLN B 149 18.97 14.05 13.55
N ALA B 150 18.27 14.88 12.82
CA ALA B 150 16.78 14.96 13.00
C ALA B 150 16.15 13.57 12.85
N ARG B 151 16.81 12.69 12.15
CA ARG B 151 16.26 11.32 11.95
C ARG B 151 16.08 10.61 13.31
N MET B 152 16.74 11.10 14.33
CA MET B 152 16.61 10.46 15.66
C MET B 152 15.31 10.89 16.34
N TYR B 153 14.94 12.13 16.20
CA TYR B 153 13.69 12.63 16.83
C TYR B 153 12.49 12.43 15.89
N ALA B 154 12.63 12.80 14.64
CA ALA B 154 11.50 12.64 13.67
C ALA B 154 10.89 11.24 13.74
N GLN B 155 11.62 10.25 13.26
CA GLN B 155 11.10 8.84 13.27
C GLN B 155 10.27 8.57 14.54
N PHE B 156 10.70 9.10 15.65
CA PHE B 156 9.95 8.90 16.92
C PHE B 156 8.65 9.71 16.90
N ILE B 157 8.75 11.00 16.72
CA ILE B 157 7.51 11.84 16.68
C ILE B 157 6.61 11.39 15.52
N THR B 158 7.15 10.68 14.57
CA THR B 158 6.33 10.19 13.41
C THR B 158 5.40 9.06 13.85
N VAL B 159 5.93 8.05 14.49
CA VAL B 159 5.09 6.90 14.93
C VAL B 159 3.82 7.39 15.65
N GLY B 160 3.88 8.55 16.25
CA GLY B 160 2.67 9.08 16.94
C GLY B 160 1.52 9.17 15.95
N LEU B 161 1.82 9.30 14.68
CA LEU B 161 0.74 9.39 13.66
C LEU B 161 0.31 7.99 13.21
N LEU B 162 1.23 7.08 13.04
CA LEU B 162 0.89 5.70 12.61
C LEU B 162 0.01 4.98 13.63
N LEU B 163 0.17 5.30 14.90
CA LEU B 163 -0.66 4.60 15.94
C LEU B 163 -2.07 5.21 15.99
N ALA B 164 -2.16 6.50 16.13
CA ALA B 164 -3.51 7.16 16.18
C ALA B 164 -4.31 6.83 14.91
N SER B 165 -3.65 6.44 13.85
CA SER B 165 -4.38 6.13 12.59
C SER B 165 -5.14 4.80 12.69
N VAL B 166 -4.44 3.70 12.86
CA VAL B 166 -5.13 2.37 12.96
C VAL B 166 -6.14 2.38 14.12
N GLY B 167 -5.82 3.04 15.19
CA GLY B 167 -6.76 3.09 16.35
C GLY B 167 -8.13 3.60 15.87
N LEU B 168 -8.14 4.40 14.85
CA LEU B 168 -9.43 4.92 14.32
C LEU B 168 -10.15 3.84 13.51
N SER B 169 -9.41 3.02 12.81
CA SER B 169 -10.05 1.94 12.00
C SER B 169 -10.36 0.72 12.88
N MET B 170 -9.45 0.35 13.74
CA MET B 170 -9.70 -0.82 14.63
C MET B 170 -10.93 -0.57 15.53
N TYR B 171 -11.25 0.67 15.77
CA TYR B 171 -12.43 0.97 16.63
C TYR B 171 -13.73 0.70 15.87
N GLU B 172 -13.79 1.08 14.62
CA GLU B 172 -15.03 0.86 13.82
C GLU B 172 -15.38 -0.63 13.79
N ASN B 173 -14.39 -1.48 13.78
CA ASN B 173 -14.65 -2.96 13.73
C ASN B 173 -15.70 -3.36 14.77
N LYS B 174 -15.70 -2.72 15.92
CA LYS B 174 -16.70 -3.06 16.99
C LYS B 174 -18.12 -3.19 16.40
N LEU B 175 -18.79 -2.08 16.19
CA LEU B 175 -20.18 -2.14 15.63
C LEU B 175 -20.18 -2.89 14.29
N HIS B 176 -19.11 -2.82 13.56
CA HIS B 176 -19.07 -3.53 12.24
C HIS B 176 -17.94 -4.57 12.23
N PRO B 177 -18.19 -5.68 12.89
CA PRO B 177 -17.18 -6.77 12.97
C PRO B 177 -17.14 -7.55 11.64
N ASN B 178 -18.11 -7.35 10.79
CA ASN B 178 -18.12 -8.10 9.49
C ASN B 178 -17.31 -7.34 8.43
N LYS B 179 -17.64 -6.09 8.19
CA LYS B 179 -16.90 -5.30 7.16
C LYS B 179 -16.84 -6.06 5.84
N GLN B 180 -16.03 -5.62 4.92
CA GLN B 180 -15.93 -6.32 3.60
C GLN B 180 -14.50 -6.80 3.36
N LYS B 181 -13.59 -5.89 3.13
CA LYS B 181 -12.17 -6.30 2.88
C LYS B 181 -11.22 -5.18 3.31
N VAL B 182 -10.79 -5.20 4.54
CA VAL B 182 -9.86 -4.12 5.02
C VAL B 182 -8.44 -4.70 5.20
N ASN B 183 -7.53 -4.32 4.35
CA ASN B 183 -6.15 -4.84 4.46
C ASN B 183 -5.34 -3.97 5.44
N GLU B 184 -5.73 -3.97 6.69
CA GLU B 184 -5.01 -3.15 7.72
C GLU B 184 -3.49 -3.17 7.52
N MET B 185 -2.87 -4.32 7.53
CA MET B 185 -1.38 -4.39 7.35
C MET B 185 -0.93 -3.68 6.07
N ARG B 186 -1.84 -3.37 5.16
CA ARG B 186 -1.43 -2.68 3.88
C ARG B 186 -0.38 -1.60 4.12
N ARG B 187 -0.55 -0.84 5.16
CA ARG B 187 0.38 0.28 5.44
C ARG B 187 1.54 -0.12 6.38
N TRP B 188 1.28 -0.78 7.50
CA TRP B 188 2.43 -1.16 8.41
C TRP B 188 3.51 -1.91 7.63
N GLU B 189 3.16 -3.00 7.02
CA GLU B 189 4.15 -3.79 6.25
C GLU B 189 4.76 -2.94 5.12
N ASN B 190 4.01 -2.01 4.58
CA ASN B 190 4.55 -1.16 3.48
C ASN B 190 5.47 -0.07 4.06
N ALA B 191 5.05 0.57 5.12
CA ALA B 191 5.89 1.64 5.74
C ALA B 191 7.26 1.07 6.10
N LEU B 192 7.36 -0.22 6.28
CA LEU B 192 8.67 -0.84 6.63
C LEU B 192 9.55 -0.96 5.38
N ARG B 193 8.94 -1.11 4.23
CA ARG B 193 9.74 -1.23 2.97
C ARG B 193 10.36 0.12 2.60
N VAL B 194 9.56 1.14 2.49
CA VAL B 194 10.11 2.49 2.13
C VAL B 194 11.08 2.95 3.21
N ALA B 195 11.01 2.39 4.39
CA ALA B 195 11.93 2.80 5.48
C ALA B 195 13.29 2.11 5.32
N GLU B 196 13.30 0.81 5.28
CA GLU B 196 14.59 0.07 5.13
C GLU B 196 15.36 0.58 3.91
N GLU B 197 14.66 1.07 2.92
CA GLU B 197 15.34 1.59 1.70
C GLU B 197 16.22 2.80 2.07
N GLU B 198 15.85 3.51 3.10
CA GLU B 198 16.64 4.70 3.51
C GLU B 198 17.98 4.26 4.12
N GLU B 199 18.06 3.06 4.63
CA GLU B 199 19.32 2.57 5.24
C GLU B 199 20.37 2.30 4.16
N ARG B 200 19.95 1.79 3.03
CA ARG B 200 20.92 1.50 1.93
C ARG B 200 21.83 2.70 1.69
N LEU B 201 21.35 3.88 1.99
CA LEU B 201 22.18 5.10 1.79
C LEU B 201 23.07 5.32 3.02
N GLU B 202 22.61 4.92 4.19
CA GLU B 202 23.42 5.10 5.43
C GLU B 202 24.65 4.21 5.38
N LYS B 203 24.47 2.94 5.11
CA LYS B 203 25.63 2.01 5.05
C LYS B 203 26.59 2.44 3.93
N GLU B 204 26.06 3.02 2.89
CA GLU B 204 26.93 3.46 1.76
C GLU B 204 27.85 4.59 2.22
N GLY B 205 27.36 5.47 3.05
CA GLY B 205 28.21 6.60 3.55
C GLY B 205 28.96 6.16 4.80
N ARG B 206 29.71 5.09 4.71
CA ARG B 206 30.49 4.61 5.88
C ARG B 206 31.90 5.22 5.89
N ARG B 207 32.11 6.24 5.11
CA ARG B 207 33.47 6.87 5.08
C ARG B 207 33.54 8.02 6.10
N THR B 208 32.43 8.62 6.41
CA THR B 208 32.43 9.74 7.40
C THR B 208 31.81 9.27 8.72
N GLY B 209 32.50 9.49 9.81
CA GLY B 209 31.96 9.06 11.13
C GLY B 209 32.99 9.36 12.23
N TYR B 210 32.69 9.00 13.44
CA TYR B 210 33.65 9.24 14.56
C TYR B 210 33.35 8.32 15.74
N VAL B 211 32.09 8.18 16.09
CA VAL B 211 31.73 7.28 17.23
C VAL B 211 32.14 5.84 16.92
N SER B 212 31.74 5.33 15.79
CA SER B 212 32.12 3.92 15.43
C SER B 212 33.56 3.87 14.95
N ASN B 213 34.01 4.89 14.28
CA ASN B 213 35.41 4.90 13.77
C ASN B 213 36.40 4.85 14.95
N GLU B 214 36.05 5.42 16.06
CA GLU B 214 36.96 5.40 17.24
C GLU B 214 37.20 3.95 17.69
N GLU B 215 36.17 3.17 17.77
CA GLU B 215 36.34 1.75 18.20
C GLU B 215 36.97 0.92 17.08
N ARG B 216 36.79 1.33 15.85
CA ARG B 216 37.38 0.57 14.72
C ARG B 216 38.90 0.47 14.88
N ILE B 217 39.50 1.39 15.59
CA ILE B 217 40.98 1.36 15.79
C ILE B 217 41.36 0.15 16.66
N ASN B 218 40.84 0.08 17.85
CA ASN B 218 41.16 -1.07 18.74
C ASN B 218 40.72 -2.39 18.11
N SER B 219 39.73 -2.33 17.25
CA SER B 219 39.24 -3.58 16.60
C SER B 219 40.17 -3.98 15.43
N LYS B 220 40.86 -3.03 14.85
CA LYS B 220 41.77 -3.35 13.70
C LYS B 220 42.70 -4.50 14.05
N ILE B 221 42.96 -4.72 15.31
CA ILE B 221 43.87 -5.84 15.71
C ILE B 221 43.40 -7.16 15.09
N PHE B 222 42.15 -7.28 14.76
CA PHE B 222 41.63 -8.54 14.16
C PHE B 222 42.34 -8.81 12.83
N LYS B 223 42.66 -7.79 12.08
CA LYS B 223 43.35 -7.99 10.78
C LYS B 223 44.87 -8.12 11.00
N SER B 224 45.45 -7.17 11.69
CA SER B 224 46.92 -7.24 11.95
C SER B 224 47.23 -6.83 13.39
N MET A 1 -20.12 -50.41 -14.63
CA MET A 1 -19.28 -50.73 -13.44
C MET A 1 -19.50 -49.68 -12.34
N LYS A 2 -19.07 -48.47 -12.56
CA LYS A 2 -19.25 -47.42 -11.53
C LYS A 2 -19.31 -46.04 -12.19
N ILE A 3 -20.01 -45.11 -11.60
CA ILE A 3 -20.12 -43.74 -12.19
C ILE A 3 -20.56 -43.83 -13.66
N LEU A 4 -21.84 -43.76 -13.90
CA LEU A 4 -22.35 -43.84 -15.31
C LEU A 4 -22.46 -42.43 -15.91
N THR A 5 -23.42 -41.66 -15.46
CA THR A 5 -23.59 -40.28 -16.00
C THR A 5 -23.71 -40.32 -17.52
N GLN A 6 -24.50 -41.21 -18.05
CA GLN A 6 -24.66 -41.29 -19.53
C GLN A 6 -25.34 -40.02 -20.06
N ASP A 7 -24.57 -39.03 -20.41
CA ASP A 7 -25.17 -37.77 -20.93
C ASP A 7 -24.12 -36.95 -21.69
N GLU A 8 -24.55 -35.97 -22.44
CA GLU A 8 -23.57 -35.15 -23.21
C GLU A 8 -22.71 -34.32 -22.25
N ILE A 9 -21.62 -33.79 -22.73
CA ILE A 9 -20.74 -32.97 -21.84
C ILE A 9 -21.21 -31.51 -21.83
N GLU A 10 -21.89 -31.11 -20.80
CA GLU A 10 -22.39 -29.70 -20.74
C GLU A 10 -21.95 -29.04 -19.42
N ALA A 11 -20.76 -28.51 -19.38
CA ALA A 11 -20.27 -27.86 -18.13
C ALA A 11 -20.24 -26.33 -18.31
N HIS A 12 -19.70 -25.62 -17.35
CA HIS A 12 -19.64 -24.14 -17.47
C HIS A 12 -18.24 -23.64 -17.09
N ARG A 13 -18.11 -22.36 -16.82
CA ARG A 13 -16.80 -21.80 -16.45
C ARG A 13 -16.15 -22.60 -15.31
N SER A 14 -16.96 -23.26 -14.50
CA SER A 14 -16.41 -24.05 -13.37
C SER A 14 -15.32 -25.01 -13.86
N HIS A 15 -15.37 -25.40 -15.11
CA HIS A 15 -14.33 -26.33 -15.65
C HIS A 15 -12.92 -25.78 -15.39
N THR A 16 -12.78 -24.47 -15.36
CA THR A 16 -11.44 -23.88 -15.12
C THR A 16 -11.04 -24.01 -13.64
N LEU A 17 -12.01 -24.14 -12.76
CA LEU A 17 -11.70 -24.25 -11.31
C LEU A 17 -10.65 -25.35 -11.06
N LYS A 18 -10.66 -26.39 -11.86
CA LYS A 18 -9.67 -27.48 -11.67
C LYS A 18 -8.25 -26.93 -11.85
N GLY A 19 -8.05 -26.09 -12.83
CA GLY A 19 -6.69 -25.52 -13.06
C GLY A 19 -6.39 -24.44 -12.01
N GLY A 20 -7.41 -23.85 -11.44
CA GLY A 20 -7.18 -22.79 -10.40
C GLY A 20 -6.25 -23.32 -9.32
N ILE A 21 -6.47 -24.52 -8.87
CA ILE A 21 -5.59 -25.10 -7.80
C ILE A 21 -4.24 -25.53 -8.40
N GLU A 22 -4.23 -25.89 -9.66
CA GLU A 22 -2.96 -26.32 -10.30
C GLU A 22 -1.97 -25.15 -10.35
N GLY A 23 -2.45 -23.95 -10.45
CA GLY A 23 -1.54 -22.76 -10.51
C GLY A 23 -0.89 -22.53 -9.14
N ALA A 24 -1.64 -22.63 -8.08
CA ALA A 24 -1.07 -22.41 -6.72
C ALA A 24 0.13 -23.33 -6.48
N LEU A 25 0.09 -24.53 -6.97
CA LEU A 25 1.22 -25.48 -6.77
C LEU A 25 2.34 -25.21 -7.78
N ALA A 26 2.00 -24.79 -8.97
CA ALA A 26 3.05 -24.52 -10.00
C ALA A 26 4.03 -23.44 -9.52
N GLY A 27 3.55 -22.48 -8.78
CA GLY A 27 4.46 -21.39 -8.30
C GLY A 27 5.63 -21.99 -7.52
N PHE A 28 5.38 -22.97 -6.70
CA PHE A 28 6.47 -23.59 -5.89
C PHE A 28 7.65 -24.00 -6.78
N ALA A 29 7.40 -24.34 -8.02
CA ALA A 29 8.51 -24.75 -8.93
C ALA A 29 9.23 -23.52 -9.51
N ILE A 30 8.53 -22.69 -10.22
CA ILE A 30 9.17 -21.48 -10.83
C ILE A 30 9.62 -20.51 -9.73
N SER A 31 9.00 -20.54 -8.59
CA SER A 31 9.37 -19.61 -7.47
C SER A 31 10.88 -19.66 -7.17
N ALA A 32 11.38 -20.79 -6.78
CA ALA A 32 12.84 -20.89 -6.44
C ALA A 32 13.73 -21.06 -7.68
N ILE A 33 13.22 -21.66 -8.73
CA ILE A 33 14.07 -21.85 -9.95
C ILE A 33 14.41 -20.52 -10.64
N ILE A 34 13.55 -19.54 -10.56
CA ILE A 34 13.86 -18.24 -11.24
C ILE A 34 14.95 -17.47 -10.47
N PHE A 35 14.91 -17.51 -9.16
CA PHE A 35 15.94 -16.77 -8.37
C PHE A 35 17.30 -17.46 -8.45
N LYS A 36 17.33 -18.73 -8.74
CA LYS A 36 18.62 -19.48 -8.79
C LYS A 36 19.36 -19.28 -10.13
N VAL A 37 18.63 -19.03 -11.19
CA VAL A 37 19.31 -18.88 -12.53
C VAL A 37 20.57 -18.00 -12.48
N LEU A 38 20.50 -16.84 -11.88
CA LEU A 38 21.68 -15.95 -11.84
C LEU A 38 22.74 -16.43 -10.82
N PRO A 39 22.35 -16.56 -9.58
CA PRO A 39 23.31 -16.98 -8.52
C PRO A 39 23.74 -18.44 -8.72
N ARG A 40 23.06 -19.16 -9.57
CA ARG A 40 23.44 -20.59 -9.81
C ARG A 40 24.90 -20.67 -10.30
N ARG A 41 25.25 -19.89 -11.28
CA ARG A 41 26.65 -19.92 -11.79
C ARG A 41 27.59 -19.18 -10.84
N TYR A 42 27.35 -17.91 -10.62
CA TYR A 42 28.22 -17.13 -9.70
C TYR A 42 27.59 -17.02 -8.31
N PRO A 43 28.36 -17.31 -7.29
CA PRO A 43 27.86 -17.24 -5.90
C PRO A 43 27.68 -15.79 -5.46
N LYS A 44 28.39 -14.87 -6.07
CA LYS A 44 28.28 -13.44 -5.68
C LYS A 44 26.80 -13.00 -5.70
N PHE A 45 26.25 -12.72 -4.56
CA PHE A 45 24.83 -12.28 -4.50
C PHE A 45 24.73 -10.75 -4.53
N LYS A 46 25.32 -10.14 -5.52
CA LYS A 46 25.26 -8.65 -5.61
C LYS A 46 23.88 -8.18 -6.09
N PRO A 47 23.45 -8.72 -7.22
CA PRO A 47 22.12 -8.33 -7.76
C PRO A 47 20.98 -9.04 -7.01
N SER A 48 21.30 -9.81 -5.99
CA SER A 48 20.23 -10.52 -5.23
C SER A 48 19.36 -9.52 -4.46
N THR A 49 19.88 -8.34 -4.20
CA THR A 49 19.07 -7.32 -3.45
C THR A 49 18.01 -6.71 -4.36
N LEU A 50 18.24 -6.70 -5.65
CA LEU A 50 17.23 -6.12 -6.59
C LEU A 50 16.01 -7.05 -6.70
N THR A 51 16.22 -8.25 -7.19
CA THR A 51 15.08 -9.20 -7.31
C THR A 51 14.50 -9.50 -5.94
N TRP A 52 15.25 -9.26 -4.89
CA TRP A 52 14.74 -9.54 -3.51
C TRP A 52 13.44 -8.77 -3.27
N SER A 53 13.25 -7.66 -3.93
CA SER A 53 11.99 -6.88 -3.73
C SER A 53 10.81 -7.64 -4.33
N ILE A 54 10.86 -7.93 -5.60
CA ILE A 54 9.74 -8.67 -6.25
C ILE A 54 9.56 -10.04 -5.56
N LYS A 55 10.61 -10.56 -4.98
CA LYS A 55 10.49 -11.88 -4.30
C LYS A 55 9.42 -11.83 -3.20
N THR A 56 9.08 -10.65 -2.74
CA THR A 56 8.05 -10.54 -1.67
C THR A 56 6.64 -10.35 -2.26
N ALA A 57 6.48 -9.45 -3.18
CA ALA A 57 5.13 -9.19 -3.79
C ALA A 57 4.58 -10.44 -4.52
N LEU A 58 5.39 -11.43 -4.74
CA LEU A 58 4.90 -12.65 -5.46
C LEU A 58 4.19 -13.64 -4.50
N TRP A 59 4.44 -13.54 -3.22
CA TRP A 59 3.81 -14.50 -2.27
C TRP A 59 2.37 -14.06 -1.90
N ILE A 60 2.07 -12.80 -2.00
CA ILE A 60 0.71 -12.32 -1.62
C ILE A 60 -0.29 -12.44 -2.78
N THR A 61 0.18 -12.55 -4.00
CA THR A 61 -0.76 -12.62 -5.17
C THR A 61 -1.42 -14.00 -5.33
N PRO A 62 -0.65 -15.06 -5.20
CA PRO A 62 -1.21 -16.42 -5.41
C PRO A 62 -2.23 -16.85 -4.32
N PRO A 63 -2.03 -16.47 -3.09
CA PRO A 63 -3.00 -16.86 -2.03
C PRO A 63 -4.32 -16.12 -2.19
N THR A 64 -4.32 -15.00 -2.88
CA THR A 64 -5.59 -14.23 -3.04
C THR A 64 -6.33 -14.64 -4.31
N VAL A 65 -5.63 -15.07 -5.33
CA VAL A 65 -6.33 -15.48 -6.56
C VAL A 65 -7.34 -16.61 -6.23
N LEU A 66 -7.10 -17.30 -5.14
CA LEU A 66 -8.02 -18.40 -4.71
C LEU A 66 -9.44 -17.85 -4.50
N THR A 67 -9.56 -16.56 -4.28
CA THR A 67 -10.91 -15.95 -4.04
C THR A 67 -11.89 -16.32 -5.15
N ALA A 68 -11.42 -16.72 -6.30
CA ALA A 68 -12.37 -17.07 -7.40
C ALA A 68 -12.98 -18.47 -7.18
N ILE A 69 -12.27 -19.36 -6.54
CA ILE A 69 -12.81 -20.71 -6.30
C ILE A 69 -13.83 -20.69 -5.15
N CYS A 70 -13.46 -20.14 -4.03
CA CYS A 70 -14.40 -20.08 -2.87
C CYS A 70 -15.69 -19.33 -3.24
N ALA A 71 -15.64 -18.52 -4.27
CA ALA A 71 -16.88 -17.76 -4.66
C ALA A 71 -17.82 -18.67 -5.45
N GLU A 72 -17.28 -19.54 -6.27
CA GLU A 72 -18.16 -20.46 -7.06
C GLU A 72 -18.68 -21.59 -6.16
N GLU A 73 -17.87 -22.03 -5.23
CA GLU A 73 -18.31 -23.12 -4.32
C GLU A 73 -19.43 -22.64 -3.40
N ALA A 74 -19.49 -21.36 -3.16
CA ALA A 74 -20.58 -20.82 -2.27
C ALA A 74 -21.80 -20.43 -3.11
N SER A 75 -21.61 -19.64 -4.13
CA SER A 75 -22.75 -19.22 -4.99
C SER A 75 -23.57 -20.45 -5.45
N ASN A 76 -23.15 -21.10 -6.50
CA ASN A 76 -23.90 -22.30 -6.98
C ASN A 76 -23.46 -23.55 -6.21
N ASN A 77 -24.36 -24.13 -5.45
CA ASN A 77 -23.99 -25.35 -4.68
C ASN A 77 -24.89 -26.52 -5.09
N PHE A 78 -24.91 -27.57 -4.31
CA PHE A 78 -25.75 -28.75 -4.64
C PHE A 78 -27.23 -28.36 -4.64
N ASP A 79 -27.71 -27.83 -5.72
CA ASP A 79 -29.16 -27.43 -5.78
C ASP A 79 -29.66 -27.49 -7.22
N ALA A 80 -29.92 -28.67 -7.73
CA ALA A 80 -30.40 -28.80 -9.13
C ALA A 80 -31.73 -28.06 -9.29
N THR A 81 -32.81 -28.62 -8.82
CA THR A 81 -34.13 -27.96 -8.94
C THR A 81 -35.03 -28.32 -7.75
N MET A 82 -35.90 -27.44 -7.36
CA MET A 82 -36.80 -27.74 -6.20
C MET A 82 -37.67 -28.95 -6.51
N TYR A 83 -38.69 -29.18 -5.72
CA TYR A 83 -39.58 -30.35 -5.96
C TYR A 83 -41.05 -29.94 -5.84
N GLY A 84 -41.89 -30.43 -6.70
CA GLY A 84 -43.34 -30.07 -6.63
C GLY A 84 -43.87 -29.80 -8.05
N SER A 85 -44.70 -28.81 -8.20
CA SER A 85 -45.26 -28.50 -9.55
C SER A 85 -45.36 -26.98 -9.74
N GLY A 86 -46.13 -26.55 -10.70
CA GLY A 86 -46.27 -25.08 -10.94
C GLY A 86 -47.02 -24.85 -12.26
N SER A 87 -47.79 -23.81 -12.33
CA SER A 87 -48.55 -23.52 -13.59
C SER A 87 -47.65 -22.80 -14.60
N SER A 88 -47.86 -23.04 -15.87
CA SER A 88 -47.02 -22.37 -16.92
C SER A 88 -45.53 -22.60 -16.63
N SER A 89 -45.11 -23.83 -16.54
CA SER A 89 -43.67 -24.11 -16.27
C SER A 89 -42.91 -24.31 -17.58
N GLU A 90 -43.48 -25.06 -18.49
CA GLU A 90 -42.78 -25.30 -19.80
C GLU A 90 -42.80 -24.03 -20.65
N ASP A 91 -43.64 -23.09 -20.33
CA ASP A 91 -43.69 -21.82 -21.13
C ASP A 91 -42.33 -21.13 -21.13
N ALA A 92 -41.81 -20.85 -19.96
CA ALA A 92 -40.48 -20.18 -19.89
C ALA A 92 -39.37 -21.14 -20.37
N LEU A 93 -39.57 -22.41 -20.19
CA LEU A 93 -38.54 -23.40 -20.63
C LEU A 93 -38.37 -23.35 -22.15
N ASP A 94 -39.40 -22.97 -22.87
CA ASP A 94 -39.30 -22.90 -24.35
C ASP A 94 -38.23 -21.89 -24.76
N GLU A 95 -38.24 -20.73 -24.15
CA GLU A 95 -37.22 -19.70 -24.50
C GLU A 95 -35.87 -20.04 -23.87
N HIS A 96 -35.87 -20.83 -22.83
CA HIS A 96 -34.58 -21.20 -22.16
C HIS A 96 -33.72 -22.02 -23.12
N ARG A 97 -34.30 -23.00 -23.77
CA ARG A 97 -33.50 -23.86 -24.71
C ARG A 97 -33.18 -23.07 -26.00
N ARG A 98 -33.96 -22.06 -26.29
CA ARG A 98 -33.70 -21.26 -27.53
C ARG A 98 -32.56 -20.26 -27.28
N TRP A 99 -32.50 -19.69 -26.11
CA TRP A 99 -31.42 -18.71 -25.81
C TRP A 99 -30.05 -19.39 -25.89
N LYS A 100 -29.89 -20.51 -25.22
CA LYS A 100 -28.59 -21.23 -25.25
C LYS A 100 -28.29 -21.73 -26.67
N SER A 101 -29.28 -21.81 -27.51
CA SER A 101 -29.04 -22.29 -28.91
C SER A 101 -28.54 -21.15 -29.79
N LEU A 102 -27.46 -20.52 -29.42
CA LEU A 102 -26.92 -19.39 -30.24
C LEU A 102 -25.41 -19.55 -30.41
N SER A 103 -24.71 -19.86 -29.35
CA SER A 103 -23.23 -20.02 -29.46
C SER A 103 -22.73 -21.00 -28.39
N THR A 104 -22.61 -22.26 -28.73
CA THR A 104 -22.12 -23.26 -27.74
C THR A 104 -20.61 -23.10 -27.54
N LYS A 105 -19.88 -22.93 -28.60
CA LYS A 105 -18.42 -22.76 -28.48
C LYS A 105 -18.06 -21.55 -27.62
N ASP A 106 -18.99 -20.63 -27.44
CA ASP A 106 -18.69 -19.43 -26.59
C ASP A 106 -18.03 -19.86 -25.27
N LYS A 107 -18.46 -20.96 -24.72
CA LYS A 107 -17.86 -21.45 -23.44
C LYS A 107 -16.55 -22.21 -23.72
N PHE A 108 -16.38 -22.70 -24.92
CA PHE A 108 -15.14 -23.46 -25.26
C PHE A 108 -13.95 -22.51 -25.40
N VAL A 109 -14.13 -21.39 -26.05
CA VAL A 109 -13.01 -20.42 -26.22
C VAL A 109 -12.51 -19.95 -24.85
N GLU A 110 -13.30 -20.12 -23.82
CA GLU A 110 -12.87 -19.69 -22.46
C GLU A 110 -11.77 -20.63 -21.93
N GLY A 111 -11.93 -21.91 -22.16
CA GLY A 111 -10.91 -22.88 -21.66
C GLY A 111 -9.82 -23.13 -22.71
N LEU A 112 -10.22 -23.51 -23.90
CA LEU A 112 -9.22 -23.79 -24.99
C LEU A 112 -8.15 -22.69 -25.09
N SER A 113 -8.52 -21.46 -24.85
CA SER A 113 -7.51 -20.36 -24.96
C SER A 113 -6.64 -20.30 -23.70
N ASN A 114 -7.18 -20.64 -22.56
CA ASN A 114 -6.38 -20.60 -21.31
C ASN A 114 -5.11 -21.44 -21.45
N ASN A 115 -5.24 -22.65 -21.93
CA ASN A 115 -4.04 -23.52 -22.08
C ASN A 115 -2.99 -22.87 -22.99
N LYS A 116 -3.41 -22.19 -24.03
CA LYS A 116 -2.44 -21.54 -24.95
C LYS A 116 -1.67 -20.44 -24.21
N TYR A 117 -2.37 -19.54 -23.56
CA TYR A 117 -1.66 -18.44 -22.82
C TYR A 117 -0.87 -19.01 -21.65
N LYS A 118 -1.30 -20.14 -21.13
CA LYS A 118 -0.59 -20.75 -19.97
C LYS A 118 0.84 -21.17 -20.37
N ILE A 119 1.06 -21.45 -21.62
CA ILE A 119 2.42 -21.89 -22.06
C ILE A 119 3.29 -20.69 -22.44
N ILE A 120 2.76 -19.74 -23.18
CA ILE A 120 3.57 -18.56 -23.59
C ILE A 120 4.16 -17.85 -22.37
N THR A 121 3.49 -17.90 -21.25
CA THR A 121 4.01 -17.21 -20.04
C THR A 121 5.06 -18.07 -19.32
N GLY A 122 4.94 -19.37 -19.40
CA GLY A 122 5.92 -20.26 -18.71
C GLY A 122 7.30 -20.13 -19.37
N ALA A 123 7.35 -20.04 -20.67
CA ALA A 123 8.67 -19.93 -21.37
C ALA A 123 9.19 -18.49 -21.35
N TRP A 124 8.33 -17.54 -21.11
CA TRP A 124 8.78 -16.11 -21.08
C TRP A 124 9.77 -15.86 -19.93
N ALA A 125 9.77 -16.73 -18.95
CA ALA A 125 10.70 -16.53 -17.79
C ALA A 125 12.04 -17.24 -18.04
N ALA A 126 12.00 -18.50 -18.39
CA ALA A 126 13.27 -19.26 -18.64
C ALA A 126 14.13 -18.59 -19.70
N SER A 127 13.55 -17.73 -20.51
CA SER A 127 14.36 -17.06 -21.60
C SER A 127 15.57 -16.33 -21.01
N LEU A 128 15.58 -16.04 -19.75
CA LEU A 128 16.75 -15.31 -19.16
C LEU A 128 17.94 -16.24 -18.93
N TYR A 129 17.72 -17.44 -18.44
CA TYR A 129 18.88 -18.36 -18.21
C TYR A 129 19.29 -19.02 -19.53
N GLY A 130 18.34 -19.37 -20.35
CA GLY A 130 18.68 -20.01 -21.65
C GLY A 130 19.38 -19.00 -22.56
N SER A 131 19.21 -17.73 -22.30
CA SER A 131 19.88 -16.70 -23.16
C SER A 131 21.36 -16.57 -22.77
N TRP A 132 21.70 -16.91 -21.55
CA TRP A 132 23.12 -16.80 -21.12
C TRP A 132 23.92 -18.03 -21.60
N VAL A 133 23.32 -19.19 -21.57
CA VAL A 133 24.03 -20.42 -22.01
C VAL A 133 24.00 -20.52 -23.54
N ILE A 134 22.84 -20.45 -24.13
CA ILE A 134 22.73 -20.54 -25.62
C ILE A 134 23.53 -19.41 -26.27
N VAL A 135 23.15 -18.18 -26.03
CA VAL A 135 23.89 -17.01 -26.63
C VAL A 135 23.92 -17.14 -28.16
N ASN A 136 24.31 -16.09 -28.84
CA ASN A 136 24.36 -16.15 -30.34
C ASN A 136 25.43 -15.17 -30.85
N LYS A 137 26.68 -15.50 -30.70
CA LYS A 137 27.76 -14.59 -31.19
C LYS A 137 27.56 -13.18 -30.63
N ASP A 138 27.65 -13.02 -29.34
CA ASP A 138 27.47 -11.67 -28.74
C ASP A 138 28.57 -11.39 -27.71
N PRO A 139 29.26 -10.30 -27.88
CA PRO A 139 30.36 -9.93 -26.95
C PRO A 139 29.77 -9.47 -25.61
N ILE A 140 30.60 -9.35 -24.60
CA ILE A 140 30.09 -8.91 -23.26
C ILE A 140 30.99 -7.80 -22.70
N MET A 141 30.51 -7.08 -21.72
CA MET A 141 31.34 -6.00 -21.12
C MET A 141 31.45 -6.20 -19.60
N THR A 142 31.63 -5.14 -18.87
CA THR A 142 31.74 -5.27 -17.38
C THR A 142 30.47 -5.92 -16.81
N LYS A 143 30.63 -6.88 -15.94
CA LYS A 143 29.43 -7.55 -15.34
C LYS A 143 28.54 -6.54 -14.61
N ALA A 144 29.15 -5.67 -13.83
CA ALA A 144 28.34 -4.67 -13.09
C ALA A 144 27.51 -3.80 -14.04
N GLN A 145 28.15 -3.22 -15.03
CA GLN A 145 27.39 -2.37 -15.99
C GLN A 145 26.19 -3.13 -16.57
N LYS A 146 26.27 -4.43 -16.60
CA LYS A 146 25.12 -5.23 -17.15
C LYS A 146 24.02 -5.36 -16.09
N ILE A 147 24.39 -5.38 -14.83
CA ILE A 147 23.37 -5.49 -13.75
C ILE A 147 22.34 -4.35 -13.84
N VAL A 148 22.75 -3.22 -14.37
CA VAL A 148 21.79 -2.07 -14.46
C VAL A 148 21.00 -2.13 -15.79
N GLN A 149 21.39 -2.98 -16.71
CA GLN A 149 20.66 -3.06 -18.00
C GLN A 149 19.34 -3.82 -17.81
N ALA A 150 19.35 -4.84 -16.98
CA ALA A 150 18.10 -5.62 -16.73
C ALA A 150 16.95 -4.69 -16.32
N ARG A 151 17.28 -3.56 -15.74
CA ARG A 151 16.21 -2.60 -15.31
C ARG A 151 15.37 -2.16 -16.52
N MET A 152 15.87 -2.34 -17.71
CA MET A 152 15.08 -1.92 -18.92
C MET A 152 14.08 -3.01 -19.31
N TYR A 153 14.48 -4.26 -19.24
CA TYR A 153 13.55 -5.36 -19.62
C TYR A 153 12.62 -5.73 -18.45
N ALA A 154 12.95 -5.31 -17.25
CA ALA A 154 12.09 -5.65 -16.08
C ALA A 154 10.91 -4.67 -15.95
N GLN A 155 11.20 -3.40 -15.81
CA GLN A 155 10.11 -2.38 -15.67
C GLN A 155 9.01 -2.64 -16.71
N PHE A 156 9.38 -3.18 -17.83
CA PHE A 156 8.36 -3.48 -18.90
C PHE A 156 7.65 -4.80 -18.58
N ILE A 157 8.39 -5.89 -18.50
CA ILE A 157 7.76 -7.21 -18.19
C ILE A 157 7.04 -7.13 -16.84
N THR A 158 7.38 -6.17 -16.02
CA THR A 158 6.72 -6.03 -14.68
C THR A 158 5.28 -5.53 -14.84
N VAL A 159 5.08 -4.44 -15.52
CA VAL A 159 3.72 -3.89 -15.69
C VAL A 159 2.72 -4.98 -16.13
N GLY A 160 3.21 -6.01 -16.77
CA GLY A 160 2.29 -7.11 -17.21
C GLY A 160 1.59 -7.70 -15.98
N LEU A 161 2.20 -7.57 -14.83
CA LEU A 161 1.59 -8.11 -13.58
C LEU A 161 0.56 -7.12 -13.02
N LEU A 162 0.94 -5.87 -12.94
CA LEU A 162 0.03 -4.83 -12.42
C LEU A 162 -1.23 -4.68 -13.29
N LEU A 163 -1.06 -4.37 -14.54
CA LEU A 163 -2.25 -4.19 -15.45
C LEU A 163 -3.21 -5.38 -15.32
N ALA A 164 -2.73 -6.57 -15.53
CA ALA A 164 -3.63 -7.77 -15.44
C ALA A 164 -4.15 -7.94 -14.01
N SER A 165 -3.49 -7.36 -13.04
CA SER A 165 -3.94 -7.51 -11.62
C SER A 165 -5.13 -6.58 -11.31
N VAL A 166 -5.06 -5.33 -11.69
CA VAL A 166 -6.19 -4.40 -11.39
C VAL A 166 -7.46 -4.86 -12.12
N GLY A 167 -7.32 -5.41 -13.29
CA GLY A 167 -8.52 -5.88 -14.05
C GLY A 167 -9.29 -6.91 -13.22
N LEU A 168 -8.62 -7.63 -12.37
CA LEU A 168 -9.31 -8.65 -11.54
C LEU A 168 -10.17 -7.96 -10.46
N SER A 169 -9.65 -6.95 -9.85
CA SER A 169 -10.44 -6.23 -8.79
C SER A 169 -11.46 -5.29 -9.43
N MET A 170 -11.26 -4.90 -10.66
CA MET A 170 -12.23 -3.98 -11.33
C MET A 170 -13.46 -4.76 -11.79
N TYR A 171 -13.36 -6.04 -11.95
CA TYR A 171 -14.54 -6.85 -12.41
C TYR A 171 -15.60 -6.90 -11.31
N GLU A 172 -15.20 -7.21 -10.10
CA GLU A 172 -16.18 -7.27 -8.98
C GLU A 172 -16.91 -5.94 -8.81
N ASN A 173 -16.31 -4.86 -9.27
CA ASN A 173 -16.95 -3.52 -9.14
C ASN A 173 -18.44 -3.57 -9.54
N LYS A 174 -18.78 -4.37 -10.53
CA LYS A 174 -20.21 -4.47 -10.97
C LYS A 174 -21.14 -4.63 -9.76
N LEU A 175 -21.24 -5.81 -9.20
CA LEU A 175 -22.13 -6.00 -8.02
C LEU A 175 -21.79 -4.99 -6.91
N HIS A 176 -20.59 -4.48 -6.92
CA HIS A 176 -20.19 -3.47 -5.87
C HIS A 176 -20.43 -4.05 -4.48
N PRO A 177 -19.58 -4.96 -4.08
CA PRO A 177 -19.69 -5.59 -2.75
C PRO A 177 -19.25 -4.61 -1.66
N ASN A 178 -18.32 -3.75 -1.95
CA ASN A 178 -17.84 -2.77 -0.94
C ASN A 178 -17.52 -1.43 -1.60
N LYS A 179 -16.46 -1.37 -2.35
CA LYS A 179 -16.09 -0.08 -3.03
C LYS A 179 -15.02 -0.33 -4.08
N GLN A 180 -14.31 0.70 -4.47
CA GLN A 180 -13.24 0.52 -5.50
C GLN A 180 -12.21 1.66 -5.39
N LYS A 181 -12.03 2.19 -4.22
CA LYS A 181 -11.03 3.31 -4.05
C LYS A 181 -9.89 2.86 -3.14
N VAL A 182 -9.02 3.76 -2.79
CA VAL A 182 -7.86 3.41 -1.91
C VAL A 182 -7.03 2.28 -2.52
N ASN A 183 -7.43 1.04 -2.32
CA ASN A 183 -6.66 -0.11 -2.88
C ASN A 183 -6.16 0.16 -4.32
N GLU A 184 -7.05 0.32 -5.26
CA GLU A 184 -6.64 0.56 -6.68
C GLU A 184 -5.46 1.55 -6.77
N MET A 185 -5.65 2.79 -6.38
CA MET A 185 -4.54 3.77 -6.48
C MET A 185 -3.51 3.57 -5.35
N ARG A 186 -3.84 2.82 -4.32
CA ARG A 186 -2.85 2.60 -3.21
C ARG A 186 -1.60 1.91 -3.75
N ARG A 187 -1.77 1.02 -4.69
CA ARG A 187 -0.61 0.29 -5.24
C ARG A 187 0.03 1.01 -6.44
N TRP A 188 -0.66 1.95 -7.05
CA TRP A 188 -0.04 2.67 -8.20
C TRP A 188 0.89 3.78 -7.69
N GLU A 189 0.40 4.62 -6.82
CA GLU A 189 1.26 5.72 -6.27
C GLU A 189 2.33 5.14 -5.35
N ASN A 190 2.01 4.10 -4.62
CA ASN A 190 3.01 3.49 -3.71
C ASN A 190 4.18 2.90 -4.51
N ALA A 191 3.88 2.16 -5.54
CA ALA A 191 4.97 1.57 -6.37
C ALA A 191 5.78 2.71 -7.02
N LEU A 192 5.19 3.87 -7.14
CA LEU A 192 5.93 5.03 -7.75
C LEU A 192 6.99 5.53 -6.77
N ARG A 193 6.67 5.58 -5.51
CA ARG A 193 7.67 6.05 -4.50
C ARG A 193 8.85 5.08 -4.44
N VAL A 194 8.58 3.81 -4.22
CA VAL A 194 9.68 2.81 -4.15
C VAL A 194 10.45 2.79 -5.48
N ALA A 195 9.84 3.26 -6.54
CA ALA A 195 10.51 3.27 -7.86
C ALA A 195 11.43 4.50 -7.96
N GLU A 196 10.87 5.68 -7.87
CA GLU A 196 11.71 6.91 -7.95
C GLU A 196 12.82 6.87 -6.91
N GLU A 197 12.58 6.22 -5.80
CA GLU A 197 13.62 6.14 -4.75
C GLU A 197 14.87 5.43 -5.30
N GLU A 198 14.69 4.57 -6.27
CA GLU A 198 15.85 3.85 -6.86
C GLU A 198 16.70 4.81 -7.71
N GLU A 199 16.10 5.85 -8.22
CA GLU A 199 16.87 6.82 -9.06
C GLU A 199 17.86 7.60 -8.19
N ARG A 200 17.47 7.94 -7.00
CA ARG A 200 18.38 8.71 -6.10
C ARG A 200 19.77 8.06 -6.05
N LEU A 201 19.84 6.78 -6.31
CA LEU A 201 21.16 6.08 -6.30
C LEU A 201 21.81 6.18 -7.70
N GLU A 202 21.03 6.33 -8.72
CA GLU A 202 21.60 6.44 -10.10
C GLU A 202 22.26 7.79 -10.30
N LYS A 203 21.81 8.80 -9.61
CA LYS A 203 22.41 10.15 -9.77
C LYS A 203 23.88 10.13 -9.34
N GLU A 204 24.17 9.55 -8.21
CA GLU A 204 25.59 9.49 -7.73
C GLU A 204 26.33 8.33 -8.41
N GLY A 205 25.60 7.37 -8.92
CA GLY A 205 26.27 6.20 -9.58
C GLY A 205 27.12 6.69 -10.75
N ARG A 206 28.36 6.27 -10.81
CA ARG A 206 29.25 6.71 -11.93
C ARG A 206 29.12 5.76 -13.11
N ARG A 207 28.61 6.24 -14.22
CA ARG A 207 28.47 5.37 -15.42
C ARG A 207 29.74 5.43 -16.27
N THR A 208 30.16 4.31 -16.80
CA THR A 208 31.40 4.30 -17.65
C THR A 208 31.20 5.18 -18.89
N GLY A 209 31.85 6.30 -18.95
CA GLY A 209 31.69 7.20 -20.13
C GLY A 209 30.31 7.87 -20.08
N TYR A 210 30.25 9.10 -19.66
CA TYR A 210 28.94 9.81 -19.59
C TYR A 210 28.42 10.10 -21.01
N VAL A 211 27.17 10.45 -21.12
CA VAL A 211 26.59 10.76 -22.47
C VAL A 211 27.03 12.15 -22.92
N SER A 212 26.95 13.12 -22.04
CA SER A 212 27.36 14.50 -22.42
C SER A 212 28.88 14.65 -22.35
N ASN A 213 29.50 14.09 -21.36
CA ASN A 213 30.98 14.20 -21.23
C ASN A 213 31.66 13.62 -22.48
N GLU A 214 31.02 12.72 -23.16
CA GLU A 214 31.62 12.12 -24.38
C GLU A 214 31.63 13.14 -25.52
N GLU A 215 30.65 14.01 -25.55
CA GLU A 215 30.59 15.04 -26.64
C GLU A 215 31.63 16.12 -26.39
N ARG A 216 32.04 16.31 -25.16
CA ARG A 216 33.06 17.36 -24.86
C ARG A 216 34.34 17.11 -25.67
N ILE A 217 34.60 15.89 -26.03
CA ILE A 217 35.82 15.59 -26.82
C ILE A 217 35.65 16.06 -28.27
N ASN A 218 34.65 15.56 -28.95
CA ASN A 218 34.42 15.98 -30.36
C ASN A 218 34.22 17.50 -30.44
N SER A 219 33.76 18.10 -29.38
CA SER A 219 33.55 19.58 -29.39
C SER A 219 34.89 20.32 -29.24
N LYS A 220 35.83 19.72 -28.55
CA LYS A 220 37.15 20.38 -28.37
C LYS A 220 37.86 20.53 -29.71
N ILE A 221 37.74 19.55 -30.57
CA ILE A 221 38.40 19.64 -31.91
C ILE A 221 37.64 20.61 -32.82
N PHE A 222 36.39 20.85 -32.53
CA PHE A 222 35.59 21.78 -33.38
C PHE A 222 36.25 23.17 -33.42
N LYS A 223 36.85 23.57 -32.33
CA LYS A 223 37.51 24.92 -32.30
C LYS A 223 39.03 24.74 -32.28
N SER A 224 39.74 25.64 -32.90
CA SER A 224 41.24 25.54 -32.92
C SER A 224 41.86 26.93 -33.07
N MET B 1 -16.75 -15.66 22.36
CA MET B 1 -17.76 -16.76 22.25
C MET B 1 -18.03 -17.36 23.63
N LYS B 2 -19.21 -17.87 23.84
CA LYS B 2 -19.57 -18.48 25.16
C LYS B 2 -19.40 -17.46 26.30
N ILE B 3 -18.20 -17.27 26.78
CA ILE B 3 -17.99 -16.28 27.88
C ILE B 3 -18.49 -14.89 27.46
N LEU B 4 -19.54 -14.42 28.08
CA LEU B 4 -20.08 -13.08 27.72
C LEU B 4 -19.26 -11.97 28.39
N THR B 5 -19.13 -10.84 27.75
CA THR B 5 -18.36 -9.72 28.36
C THR B 5 -19.28 -8.54 28.64
N GLN B 6 -20.24 -8.30 27.79
CA GLN B 6 -21.17 -7.15 27.99
C GLN B 6 -20.40 -5.85 28.21
N ASP B 7 -19.68 -5.41 27.21
CA ASP B 7 -18.90 -4.14 27.35
C ASP B 7 -19.41 -3.09 26.36
N GLU B 8 -19.33 -1.85 26.72
CA GLU B 8 -19.81 -0.77 25.81
C GLU B 8 -18.91 0.47 25.92
N ILE B 9 -18.71 1.17 24.83
CA ILE B 9 -17.85 2.38 24.88
C ILE B 9 -18.23 3.36 23.76
N GLU B 10 -19.50 3.67 23.65
CA GLU B 10 -19.94 4.61 22.58
C GLU B 10 -19.51 6.05 22.91
N ALA B 11 -18.75 6.67 22.05
CA ALA B 11 -18.30 8.07 22.31
C ALA B 11 -19.28 9.07 21.68
N HIS B 12 -19.51 10.17 22.33
CA HIS B 12 -20.46 11.18 21.77
C HIS B 12 -19.68 12.26 21.01
N ARG B 13 -19.18 11.93 19.84
CA ARG B 13 -18.43 12.91 19.04
C ARG B 13 -19.36 13.97 18.43
N SER B 14 -20.65 13.79 18.57
CA SER B 14 -21.62 14.78 18.00
C SER B 14 -21.26 16.19 18.44
N HIS B 15 -20.80 16.35 19.67
CA HIS B 15 -20.43 17.70 20.16
C HIS B 15 -19.08 18.13 19.56
N THR B 16 -18.16 17.20 19.43
CA THR B 16 -16.83 17.53 18.87
C THR B 16 -16.94 17.75 17.35
N LEU B 17 -17.97 17.22 16.73
CA LEU B 17 -18.14 17.37 15.26
C LEU B 17 -17.93 18.83 14.84
N LYS B 18 -18.32 19.76 15.68
CA LYS B 18 -18.14 21.20 15.34
C LYS B 18 -16.65 21.52 15.17
N GLY B 19 -15.83 20.94 16.01
CA GLY B 19 -14.37 21.20 15.91
C GLY B 19 -13.79 20.45 14.71
N GLY B 20 -14.44 19.39 14.29
CA GLY B 20 -13.93 18.61 13.11
C GLY B 20 -13.73 19.55 11.92
N ILE B 21 -14.61 20.50 11.75
CA ILE B 21 -14.46 21.44 10.60
C ILE B 21 -13.35 22.45 10.90
N GLU B 22 -13.09 22.72 12.15
CA GLU B 22 -12.01 23.69 12.50
C GLU B 22 -10.63 23.08 12.19
N GLY B 23 -10.52 21.79 12.28
CA GLY B 23 -9.20 21.13 12.00
C GLY B 23 -8.89 21.21 10.50
N ALA B 24 -9.84 20.92 9.65
CA ALA B 24 -9.57 20.98 8.17
C ALA B 24 -8.94 22.32 7.79
N LEU B 25 -9.42 23.40 8.35
CA LEU B 25 -8.86 24.74 8.00
C LEU B 25 -7.55 24.99 8.77
N ALA B 26 -7.44 24.46 9.97
CA ALA B 26 -6.19 24.69 10.77
C ALA B 26 -4.97 24.10 10.07
N GLY B 27 -5.11 22.94 9.49
CA GLY B 27 -3.94 22.31 8.79
C GLY B 27 -3.43 23.23 7.69
N PHE B 28 -4.29 24.03 7.11
CA PHE B 28 -3.85 24.94 6.02
C PHE B 28 -2.72 25.85 6.51
N ALA B 29 -2.79 26.31 7.73
CA ALA B 29 -1.73 27.22 8.25
C ALA B 29 -0.49 26.43 8.68
N ILE B 30 -0.65 25.55 9.64
CA ILE B 30 0.51 24.74 10.12
C ILE B 30 1.22 24.03 8.95
N SER B 31 0.51 23.76 7.89
CA SER B 31 1.15 23.07 6.73
C SER B 31 2.15 23.97 6.01
N ALA B 32 1.79 25.21 5.81
CA ALA B 32 2.71 26.15 5.08
C ALA B 32 3.81 26.69 6.01
N ILE B 33 3.53 26.81 7.29
CA ILE B 33 4.55 27.37 8.22
C ILE B 33 5.61 26.32 8.60
N ILE B 34 5.21 25.10 8.87
CA ILE B 34 6.20 24.06 9.25
C ILE B 34 7.23 23.84 8.13
N PHE B 35 6.80 23.85 6.90
CA PHE B 35 7.77 23.62 5.78
C PHE B 35 8.65 24.85 5.56
N LYS B 36 8.18 26.01 5.92
CA LYS B 36 8.98 27.26 5.71
C LYS B 36 10.04 27.47 6.80
N VAL B 37 9.79 27.00 8.00
CA VAL B 37 10.77 27.24 9.12
C VAL B 37 12.23 26.96 8.69
N LEU B 38 12.51 25.83 8.09
CA LEU B 38 13.90 25.51 7.71
C LEU B 38 14.38 26.33 6.49
N PRO B 39 13.63 26.30 5.42
CA PRO B 39 14.04 27.06 4.20
C PRO B 39 13.96 28.56 4.44
N ARG B 40 13.20 28.97 5.42
CA ARG B 40 13.08 30.44 5.71
C ARG B 40 14.47 31.03 5.97
N ARG B 41 15.31 30.31 6.67
CA ARG B 41 16.68 30.83 6.95
C ARG B 41 17.59 30.62 5.75
N TYR B 42 17.77 29.39 5.33
CA TYR B 42 18.65 29.11 4.16
C TYR B 42 17.81 28.55 3.01
N PRO B 43 18.37 28.58 1.83
CA PRO B 43 17.64 28.07 0.64
C PRO B 43 17.58 26.53 0.68
N LYS B 44 17.37 25.88 -0.44
CA LYS B 44 17.31 24.39 -0.44
C LYS B 44 18.08 23.83 -1.63
N PHE B 45 18.61 22.64 -1.49
CA PHE B 45 19.38 22.02 -2.61
C PHE B 45 19.71 20.56 -2.28
N LYS B 46 18.90 19.91 -1.49
CA LYS B 46 19.16 18.48 -1.13
C LYS B 46 18.09 17.97 -0.15
N PRO B 47 17.97 18.63 0.97
CA PRO B 47 16.98 18.22 1.99
C PRO B 47 15.54 18.54 1.52
N SER B 48 15.40 19.23 0.42
CA SER B 48 14.03 19.56 -0.08
C SER B 48 13.30 18.29 -0.50
N THR B 49 14.03 17.31 -0.97
CA THR B 49 13.39 16.03 -1.40
C THR B 49 13.07 15.16 -0.18
N LEU B 50 13.67 15.44 0.95
CA LEU B 50 13.40 14.62 2.16
C LEU B 50 12.07 15.03 2.80
N THR B 51 11.87 16.30 3.02
CA THR B 51 10.59 16.76 3.63
C THR B 51 9.43 16.64 2.62
N TRP B 52 9.74 16.54 1.36
CA TRP B 52 8.67 16.43 0.33
C TRP B 52 7.86 15.14 0.51
N SER B 53 8.47 14.12 1.06
CA SER B 53 7.73 12.82 1.24
C SER B 53 6.93 12.84 2.55
N ILE B 54 7.54 13.21 3.64
CA ILE B 54 6.80 13.23 4.93
C ILE B 54 5.54 14.10 4.82
N LYS B 55 5.53 15.01 3.89
CA LYS B 55 4.35 15.89 3.72
C LYS B 55 3.25 15.18 2.90
N THR B 56 3.58 14.11 2.21
CA THR B 56 2.56 13.40 1.39
C THR B 56 1.57 12.63 2.28
N ALA B 57 2.07 11.75 3.10
CA ALA B 57 1.15 10.95 3.98
C ALA B 57 0.26 11.86 4.84
N LEU B 58 0.65 13.09 5.03
CA LEU B 58 -0.17 14.02 5.88
C LEU B 58 -1.30 14.68 5.08
N TRP B 59 -1.21 14.73 3.78
CA TRP B 59 -2.30 15.39 2.98
C TRP B 59 -3.55 14.51 2.91
N ILE B 60 -3.37 13.22 2.91
CA ILE B 60 -4.54 12.29 2.82
C ILE B 60 -5.17 12.01 4.21
N THR B 61 -4.45 12.28 5.26
CA THR B 61 -4.99 12.00 6.62
C THR B 61 -6.18 12.91 7.01
N PRO B 62 -6.04 14.20 6.80
CA PRO B 62 -7.12 15.14 7.18
C PRO B 62 -8.42 14.97 6.37
N PRO B 63 -8.34 14.71 5.10
CA PRO B 63 -9.59 14.55 4.31
C PRO B 63 -10.32 13.26 4.70
N THR B 64 -9.64 12.33 5.31
CA THR B 64 -10.34 11.05 5.70
C THR B 64 -10.91 11.13 7.10
N VAL B 65 -10.39 11.96 7.97
CA VAL B 65 -10.96 12.05 9.31
C VAL B 65 -12.41 12.56 9.19
N LEU B 66 -12.73 13.15 8.08
CA LEU B 66 -14.13 13.67 7.85
C LEU B 66 -15.15 12.54 8.00
N THR B 67 -14.72 11.31 7.85
CA THR B 67 -15.67 10.17 7.96
C THR B 67 -16.45 10.20 9.29
N ALA B 68 -15.96 10.91 10.27
CA ALA B 68 -16.69 10.95 11.59
C ALA B 68 -17.86 11.95 11.56
N ILE B 69 -17.73 13.03 10.82
CA ILE B 69 -18.84 14.02 10.77
C ILE B 69 -19.99 13.48 9.92
N CYS B 70 -19.73 13.16 8.69
CA CYS B 70 -20.81 12.64 7.80
C CYS B 70 -21.52 11.45 8.45
N ALA B 71 -20.77 10.52 9.00
CA ALA B 71 -21.43 9.33 9.65
C ALA B 71 -22.46 9.80 10.68
N GLU B 72 -22.25 10.95 11.26
CA GLU B 72 -23.21 11.48 12.27
C GLU B 72 -24.37 12.19 11.58
N GLU B 73 -24.08 13.04 10.63
CA GLU B 73 -25.17 13.78 9.92
C GLU B 73 -26.13 12.79 9.25
N ALA B 74 -25.65 11.62 8.93
CA ALA B 74 -26.55 10.60 8.28
C ALA B 74 -27.24 9.73 9.33
N SER B 75 -26.48 9.17 10.25
CA SER B 75 -27.08 8.31 11.31
C SER B 75 -28.26 9.04 12.00
N ASN B 76 -27.98 9.85 12.97
CA ASN B 76 -29.08 10.58 13.68
C ASN B 76 -29.22 11.99 13.11
N ASN B 77 -30.40 12.55 13.18
CA ASN B 77 -30.62 13.93 12.64
C ASN B 77 -29.90 14.95 13.53
N PHE B 78 -28.59 15.02 13.45
CA PHE B 78 -27.84 15.99 14.28
C PHE B 78 -28.11 17.42 13.79
N ASP B 79 -28.45 17.58 12.54
CA ASP B 79 -28.72 18.95 12.00
C ASP B 79 -29.87 19.60 12.78
N ALA B 80 -30.92 18.87 13.03
CA ALA B 80 -32.08 19.45 13.78
C ALA B 80 -31.80 19.39 15.29
N THR B 81 -32.13 18.30 15.94
CA THR B 81 -31.88 18.20 17.41
C THR B 81 -32.52 19.38 18.15
N MET B 82 -31.79 20.46 18.36
CA MET B 82 -32.38 21.63 19.07
C MET B 82 -33.68 22.08 18.39
N TYR B 83 -33.59 22.61 17.20
CA TYR B 83 -34.83 23.06 16.49
C TYR B 83 -35.86 21.94 16.43
N GLY B 84 -35.55 20.86 15.76
CA GLY B 84 -36.51 19.72 15.66
C GLY B 84 -37.65 20.10 14.72
N SER B 85 -38.38 19.13 14.25
CA SER B 85 -39.51 19.43 13.32
C SER B 85 -40.65 20.12 14.07
N GLY B 86 -41.40 19.38 14.85
CA GLY B 86 -42.53 19.98 15.61
C GLY B 86 -43.04 18.98 16.64
N SER B 87 -42.30 18.77 17.69
CA SER B 87 -42.73 17.80 18.74
C SER B 87 -41.86 17.93 19.99
N SER B 88 -42.24 18.77 20.91
CA SER B 88 -41.42 18.94 22.15
C SER B 88 -41.38 17.62 22.94
N SER B 89 -40.34 16.85 22.75
CA SER B 89 -40.23 15.56 23.49
C SER B 89 -38.90 15.48 24.24
N GLU B 90 -38.40 16.61 24.68
CA GLU B 90 -37.10 16.60 25.42
C GLU B 90 -37.26 15.89 26.77
N ASP B 91 -38.46 15.79 27.27
CA ASP B 91 -38.68 15.11 28.57
C ASP B 91 -38.52 13.60 28.41
N ALA B 92 -39.14 13.03 27.41
CA ALA B 92 -39.02 11.55 27.21
C ALA B 92 -37.57 11.18 26.88
N LEU B 93 -36.81 12.11 26.35
CA LEU B 93 -35.39 11.80 26.00
C LEU B 93 -34.56 11.69 27.28
N ASP B 94 -34.75 12.60 28.22
CA ASP B 94 -33.97 12.55 29.48
C ASP B 94 -34.32 11.29 30.28
N GLU B 95 -35.55 10.84 30.16
CA GLU B 95 -35.98 9.62 30.92
C GLU B 95 -35.16 8.40 30.46
N HIS B 96 -35.28 8.03 29.21
CA HIS B 96 -34.52 6.86 28.69
C HIS B 96 -33.01 7.10 28.85
N ARG B 97 -32.60 8.34 28.96
CA ARG B 97 -31.15 8.63 29.12
C ARG B 97 -30.70 8.32 30.56
N ARG B 98 -31.59 8.38 31.50
CA ARG B 98 -31.21 8.09 32.92
C ARG B 98 -31.14 6.57 33.14
N TRP B 99 -31.70 5.80 32.25
CA TRP B 99 -31.65 4.31 32.42
C TRP B 99 -30.32 3.77 31.90
N LYS B 100 -29.91 4.18 30.73
CA LYS B 100 -28.62 3.69 30.17
C LYS B 100 -27.47 3.99 31.14
N SER B 101 -27.23 5.23 31.43
CA SER B 101 -26.12 5.58 32.36
C SER B 101 -26.68 6.34 33.58
N LEU B 102 -25.84 6.64 34.54
CA LEU B 102 -26.32 7.37 35.75
C LEU B 102 -25.42 8.59 36.02
N SER B 103 -24.78 9.10 35.01
CA SER B 103 -23.89 10.28 35.21
C SER B 103 -23.76 11.08 33.91
N THR B 104 -24.58 12.08 33.73
CA THR B 104 -24.51 12.89 32.47
C THR B 104 -23.15 13.58 32.37
N LYS B 105 -22.47 13.76 33.47
CA LYS B 105 -21.15 14.42 33.45
C LYS B 105 -20.13 13.56 32.69
N ASP B 106 -20.41 12.28 32.55
CA ASP B 106 -19.45 11.40 31.81
C ASP B 106 -19.21 11.92 30.40
N LYS B 107 -20.14 12.66 29.87
CA LYS B 107 -19.97 13.21 28.48
C LYS B 107 -19.07 14.47 28.51
N PHE B 108 -18.92 15.08 29.65
CA PHE B 108 -18.07 16.30 29.73
C PHE B 108 -16.60 15.96 29.46
N VAL B 109 -16.13 14.86 30.00
CA VAL B 109 -14.71 14.47 29.79
C VAL B 109 -14.43 14.22 28.30
N GLU B 110 -15.46 14.04 27.51
CA GLU B 110 -15.24 13.81 26.04
C GLU B 110 -14.92 15.12 25.33
N GLY B 111 -15.54 16.20 25.74
CA GLY B 111 -15.27 17.52 25.08
C GLY B 111 -14.13 18.27 25.78
N LEU B 112 -14.25 18.48 27.06
CA LEU B 112 -13.19 19.23 27.81
C LEU B 112 -11.79 18.71 27.48
N SER B 113 -11.56 17.45 27.67
CA SER B 113 -10.20 16.88 27.38
C SER B 113 -9.75 17.19 25.95
N ASN B 114 -10.67 17.23 25.02
CA ASN B 114 -10.29 17.52 23.60
C ASN B 114 -9.59 18.88 23.51
N ASN B 115 -10.22 19.91 24.01
CA ASN B 115 -9.60 21.27 23.94
C ASN B 115 -8.19 21.26 24.53
N LYS B 116 -7.97 20.50 25.57
CA LYS B 116 -6.60 20.46 26.19
C LYS B 116 -5.61 19.77 25.23
N TYR B 117 -5.90 18.56 24.85
CA TYR B 117 -4.99 17.83 23.93
C TYR B 117 -4.84 18.60 22.60
N LYS B 118 -5.82 19.41 22.27
CA LYS B 118 -5.76 20.18 21.00
C LYS B 118 -4.60 21.17 21.02
N ILE B 119 -4.39 21.84 22.13
CA ILE B 119 -3.28 22.85 22.20
C ILE B 119 -1.94 22.16 22.51
N ILE B 120 -1.95 21.07 23.23
CA ILE B 120 -0.67 20.38 23.56
C ILE B 120 0.04 19.92 22.28
N THR B 121 -0.71 19.59 21.26
CA THR B 121 -0.07 19.12 19.99
C THR B 121 0.39 20.31 19.14
N GLY B 122 -0.16 21.47 19.36
CA GLY B 122 0.25 22.66 18.54
C GLY B 122 1.64 23.15 18.99
N ALA B 123 2.00 22.92 20.23
CA ALA B 123 3.33 23.39 20.72
C ALA B 123 4.44 22.41 20.32
N TRP B 124 4.10 21.20 19.97
CA TRP B 124 5.14 20.20 19.57
C TRP B 124 5.70 20.53 18.17
N ALA B 125 5.01 21.34 17.41
CA ALA B 125 5.49 21.68 16.05
C ALA B 125 6.40 22.92 16.07
N ALA B 126 5.91 24.02 16.56
CA ALA B 126 6.74 25.27 16.60
C ALA B 126 8.03 25.06 17.42
N SER B 127 8.07 24.04 18.24
CA SER B 127 9.31 23.80 19.06
C SER B 127 10.55 23.67 18.18
N LEU B 128 10.39 23.39 16.91
CA LEU B 128 11.60 23.23 16.05
C LEU B 128 12.15 24.60 15.59
N TYR B 129 11.29 25.53 15.24
CA TYR B 129 11.82 26.86 14.80
C TYR B 129 12.16 27.71 16.03
N GLY B 130 11.36 27.62 17.06
CA GLY B 130 11.65 28.42 18.29
C GLY B 130 12.92 27.90 18.96
N SER B 131 13.29 26.67 18.69
CA SER B 131 14.53 26.10 19.31
C SER B 131 15.77 26.66 18.60
N TRP B 132 15.61 27.14 17.39
CA TRP B 132 16.79 27.69 16.65
C TRP B 132 16.95 29.18 16.92
N VAL B 133 15.90 29.95 16.75
CA VAL B 133 15.99 31.42 16.99
C VAL B 133 16.61 31.71 18.36
N ILE B 134 16.16 31.03 19.38
CA ILE B 134 16.72 31.27 20.75
C ILE B 134 18.25 31.18 20.72
N VAL B 135 18.78 30.10 20.24
CA VAL B 135 20.28 29.95 20.17
C VAL B 135 20.65 28.62 19.50
N ASN B 136 21.46 28.68 18.48
CA ASN B 136 21.86 27.43 17.77
C ASN B 136 23.29 27.58 17.21
N LYS B 137 24.21 28.01 18.01
CA LYS B 137 25.61 28.18 17.53
C LYS B 137 26.47 26.97 17.96
N ASP B 138 26.79 26.11 17.03
CA ASP B 138 27.62 24.92 17.38
C ASP B 138 28.74 24.75 16.35
N PRO B 139 29.95 25.03 16.77
CA PRO B 139 31.12 24.90 15.85
C PRO B 139 31.43 23.42 15.62
N ILE B 140 30.95 22.87 14.53
CA ILE B 140 31.21 21.44 14.23
C ILE B 140 31.78 21.29 12.81
N MET B 141 32.20 20.11 12.45
CA MET B 141 32.77 19.89 11.08
C MET B 141 31.86 20.52 10.01
N THR B 142 30.82 19.84 9.61
CA THR B 142 29.91 20.41 8.57
C THR B 142 28.47 20.44 9.08
N LYS B 143 27.63 21.26 8.47
CA LYS B 143 26.22 21.35 8.94
C LYS B 143 25.43 20.12 8.47
N ALA B 144 25.85 19.50 7.39
CA ALA B 144 25.12 18.30 6.88
C ALA B 144 25.03 17.23 7.98
N GLN B 145 26.02 17.17 8.83
CA GLN B 145 25.99 16.15 9.93
C GLN B 145 24.73 16.35 10.78
N LYS B 146 24.19 17.53 10.79
CA LYS B 146 22.96 17.79 11.60
C LYS B 146 21.72 17.33 10.83
N ILE B 147 21.68 17.57 9.55
CA ILE B 147 20.50 17.15 8.72
C ILE B 147 20.17 15.67 8.96
N VAL B 148 21.15 14.88 9.34
CA VAL B 148 20.88 13.42 9.57
C VAL B 148 20.50 13.17 11.03
N GLN B 149 20.64 14.15 11.89
CA GLN B 149 20.27 13.94 13.32
C GLN B 149 18.75 14.00 13.49
N ALA B 150 18.11 14.90 12.79
CA ALA B 150 16.61 15.01 12.90
C ALA B 150 15.96 13.64 12.73
N ARG B 151 16.60 12.75 12.03
CA ARG B 151 16.02 11.39 11.82
C ARG B 151 15.90 10.64 13.15
N MET B 152 16.59 11.10 14.16
CA MET B 152 16.51 10.40 15.49
C MET B 152 15.16 10.67 16.16
N TYR B 153 14.70 11.89 16.12
CA TYR B 153 13.39 12.21 16.76
C TYR B 153 12.23 11.96 15.79
N ALA B 154 12.51 11.85 14.51
CA ALA B 154 11.42 11.61 13.51
C ALA B 154 10.76 10.25 13.71
N GLN B 155 11.50 9.17 13.58
CA GLN B 155 10.90 7.81 13.76
C GLN B 155 9.96 7.79 14.97
N PHE B 156 10.24 8.62 15.95
CA PHE B 156 9.38 8.68 17.16
C PHE B 156 8.16 9.58 16.91
N ILE B 157 8.38 10.85 16.69
CA ILE B 157 7.24 11.78 16.44
C ILE B 157 6.42 11.29 15.24
N THR B 158 7.00 10.48 14.39
CA THR B 158 6.26 9.96 13.22
C THR B 158 5.33 8.81 13.65
N VAL B 159 5.86 7.85 14.35
CA VAL B 159 5.02 6.70 14.81
C VAL B 159 3.78 7.22 15.56
N GLY B 160 3.86 8.40 16.09
CA GLY B 160 2.71 8.99 16.84
C GLY B 160 1.47 9.04 15.94
N LEU B 161 1.65 8.98 14.65
CA LEU B 161 0.48 9.05 13.73
C LEU B 161 -0.09 7.64 13.44
N LEU B 162 0.74 6.72 13.03
CA LEU B 162 0.22 5.33 12.74
C LEU B 162 -0.40 4.71 13.99
N LEU B 163 -0.07 5.21 15.15
CA LEU B 163 -0.65 4.64 16.39
C LEU B 163 -2.07 5.20 16.58
N ALA B 164 -2.23 6.48 16.40
CA ALA B 164 -3.59 7.09 16.55
C ALA B 164 -4.42 6.83 15.29
N SER B 165 -3.79 6.51 14.19
CA SER B 165 -4.55 6.25 12.93
C SER B 165 -5.20 4.87 12.94
N VAL B 166 -4.42 3.81 13.01
CA VAL B 166 -5.02 2.44 13.01
C VAL B 166 -6.08 2.32 14.10
N GLY B 167 -5.90 3.00 15.21
CA GLY B 167 -6.90 2.94 16.30
C GLY B 167 -8.27 3.37 15.77
N LEU B 168 -8.28 4.28 14.84
CA LEU B 168 -9.58 4.76 14.27
C LEU B 168 -10.18 3.66 13.39
N SER B 169 -9.38 3.02 12.59
CA SER B 169 -9.89 1.93 11.70
C SER B 169 -10.13 0.65 12.52
N MET B 170 -9.48 0.53 13.65
CA MET B 170 -9.66 -0.70 14.49
C MET B 170 -10.93 -0.59 15.35
N TYR B 171 -11.48 0.59 15.48
CA TYR B 171 -12.72 0.75 16.32
C TYR B 171 -13.90 0.03 15.66
N GLU B 172 -14.06 0.18 14.37
CA GLU B 172 -15.21 -0.49 13.68
C GLU B 172 -15.10 -2.02 13.84
N ASN B 173 -13.91 -2.51 14.08
CA ASN B 173 -13.73 -4.00 14.24
C ASN B 173 -14.80 -4.60 15.17
N LYS B 174 -15.33 -3.82 16.09
CA LYS B 174 -16.37 -4.35 17.03
C LYS B 174 -17.46 -5.12 16.25
N LEU B 175 -18.41 -4.42 15.67
CA LEU B 175 -19.48 -5.13 14.91
C LEU B 175 -18.95 -5.58 13.54
N HIS B 176 -17.92 -6.38 13.53
CA HIS B 176 -17.36 -6.86 12.23
C HIS B 176 -16.29 -7.94 12.49
N PRO B 177 -16.72 -9.02 13.10
CA PRO B 177 -15.78 -10.13 13.40
C PRO B 177 -15.44 -10.89 12.12
N ASN B 178 -16.43 -11.27 11.35
CA ASN B 178 -16.17 -12.01 10.10
C ASN B 178 -15.43 -11.12 9.10
N LYS B 179 -14.31 -11.57 8.59
CA LYS B 179 -13.54 -10.74 7.62
C LYS B 179 -12.63 -11.63 6.78
N GLN B 180 -12.39 -11.26 5.55
CA GLN B 180 -11.51 -12.08 4.67
C GLN B 180 -10.66 -11.18 3.77
N LYS B 181 -9.99 -10.22 4.36
CA LYS B 181 -9.13 -9.30 3.54
C LYS B 181 -8.20 -8.49 4.45
N VAL B 182 -6.93 -8.80 4.43
CA VAL B 182 -5.97 -8.05 5.31
C VAL B 182 -6.14 -6.53 5.12
N ASN B 183 -5.53 -5.96 4.10
CA ASN B 183 -5.65 -4.49 3.86
C ASN B 183 -4.96 -3.69 4.98
N GLU B 184 -5.50 -3.76 6.18
CA GLU B 184 -4.90 -3.01 7.33
C GLU B 184 -3.36 -3.01 7.28
N MET B 185 -2.75 -4.17 7.35
CA MET B 185 -1.25 -4.24 7.34
C MET B 185 -0.65 -3.58 6.08
N ARG B 186 -1.44 -3.30 5.06
CA ARG B 186 -0.87 -2.67 3.82
C ARG B 186 0.02 -1.48 4.15
N ARG B 187 -0.33 -0.71 5.15
CA ARG B 187 0.48 0.49 5.48
C ARG B 187 1.59 0.18 6.50
N TRP B 188 1.53 -0.92 7.21
CA TRP B 188 2.64 -1.23 8.18
C TRP B 188 3.78 -1.92 7.46
N GLU B 189 3.47 -2.92 6.66
CA GLU B 189 4.53 -3.65 5.91
C GLU B 189 5.10 -2.74 4.82
N ASN B 190 4.33 -1.80 4.35
CA ASN B 190 4.82 -0.88 3.28
C ASN B 190 5.70 0.21 3.91
N ALA B 191 5.38 0.62 5.11
CA ALA B 191 6.20 1.68 5.77
C ALA B 191 7.63 1.17 5.98
N LEU B 192 7.78 -0.10 6.28
CA LEU B 192 9.15 -0.66 6.49
C LEU B 192 9.90 -0.74 5.16
N ARG B 193 9.23 -1.07 4.10
CA ARG B 193 9.91 -1.16 2.77
C ARG B 193 10.46 0.21 2.36
N VAL B 194 9.68 1.24 2.50
CA VAL B 194 10.16 2.61 2.14
C VAL B 194 11.16 3.10 3.18
N ALA B 195 11.10 2.57 4.38
CA ALA B 195 12.04 3.01 5.45
C ALA B 195 13.39 2.30 5.29
N GLU B 196 13.39 0.99 5.31
CA GLU B 196 14.67 0.23 5.17
C GLU B 196 15.42 0.70 3.91
N GLU B 197 14.72 1.20 2.94
CA GLU B 197 15.38 1.68 1.70
C GLU B 197 16.28 2.88 2.00
N GLU B 198 15.96 3.62 3.03
CA GLU B 198 16.79 4.80 3.39
C GLU B 198 18.13 4.36 4.00
N GLU B 199 18.17 3.20 4.59
CA GLU B 199 19.44 2.71 5.20
C GLU B 199 20.47 2.40 4.10
N ARG B 200 20.02 1.83 3.01
CA ARG B 200 20.96 1.49 1.90
C ARG B 200 21.85 2.70 1.57
N LEU B 201 21.37 3.88 1.85
CA LEU B 201 22.18 5.10 1.58
C LEU B 201 23.09 5.41 2.76
N GLU B 202 22.72 4.99 3.94
CA GLU B 202 23.56 5.25 5.14
C GLU B 202 24.81 4.37 5.12
N LYS B 203 24.67 3.15 4.65
CA LYS B 203 25.86 2.25 4.60
C LYS B 203 26.86 2.73 3.54
N GLU B 204 26.37 3.37 2.51
CA GLU B 204 27.29 3.88 1.45
C GLU B 204 28.27 4.90 2.03
N GLY B 205 27.82 5.69 2.97
CA GLY B 205 28.72 6.71 3.58
C GLY B 205 29.65 6.02 4.59
N ARG B 206 30.72 5.46 4.14
CA ARG B 206 31.67 4.77 5.07
C ARG B 206 32.69 5.77 5.62
N ARG B 207 32.99 6.80 4.86
CA ARG B 207 33.99 7.81 5.35
C ARG B 207 33.52 8.42 6.67
N THR B 208 32.34 8.97 6.70
CA THR B 208 31.83 9.58 7.96
C THR B 208 30.93 8.59 8.70
N GLY B 209 31.10 7.32 8.46
CA GLY B 209 30.26 6.30 9.16
C GLY B 209 31.14 5.47 10.10
N TYR B 210 32.36 5.19 9.70
CA TYR B 210 33.26 4.37 10.58
C TYR B 210 32.58 3.07 11.00
N VAL B 211 31.66 2.59 10.20
CA VAL B 211 30.95 1.32 10.55
C VAL B 211 31.95 0.16 10.63
N SER B 212 33.10 0.31 10.04
CA SER B 212 34.13 -0.78 10.08
C SER B 212 34.75 -0.87 11.48
N ASN B 213 34.65 0.18 12.25
CA ASN B 213 35.25 0.15 13.64
C ASN B 213 34.72 -1.06 14.42
N GLU B 214 33.56 -1.54 14.08
CA GLU B 214 33.00 -2.72 14.81
C GLU B 214 33.76 -3.99 14.41
N GLU B 215 34.27 -4.04 13.22
CA GLU B 215 35.03 -5.25 12.77
C GLU B 215 36.18 -5.55 13.73
N ARG B 216 36.68 -4.55 14.40
CA ARG B 216 37.80 -4.76 15.36
C ARG B 216 37.31 -5.57 16.57
N ILE B 217 36.10 -5.34 16.98
CA ILE B 217 35.56 -6.10 18.15
C ILE B 217 35.23 -7.54 17.75
N ASN B 218 34.43 -7.70 16.73
CA ASN B 218 34.07 -9.08 16.28
C ASN B 218 35.34 -9.87 15.91
N SER B 219 36.40 -9.18 15.59
CA SER B 219 37.66 -9.89 15.21
C SER B 219 38.38 -10.39 16.47
N LYS B 220 38.34 -9.62 17.53
CA LYS B 220 39.03 -10.05 18.79
C LYS B 220 38.44 -11.38 19.28
N ILE B 221 37.15 -11.42 19.45
CA ILE B 221 36.51 -12.69 19.93
C ILE B 221 36.74 -13.82 18.92
N PHE B 222 36.90 -13.47 17.68
CA PHE B 222 37.12 -14.53 16.63
C PHE B 222 38.42 -15.28 16.93
N LYS B 223 39.53 -14.61 16.87
CA LYS B 223 40.83 -15.29 17.15
C LYS B 223 41.27 -15.03 18.58
N SER B 224 40.98 -15.92 19.48
CA SER B 224 41.38 -15.72 20.91
C SER B 224 42.18 -16.93 21.40
N MET A 1 -36.03 -1.52 -12.61
CA MET A 1 -35.81 -0.13 -12.12
C MET A 1 -35.82 0.86 -13.28
N LYS A 2 -34.77 0.88 -14.06
CA LYS A 2 -34.72 1.83 -15.22
C LYS A 2 -34.72 1.05 -16.54
N ILE A 3 -34.29 -0.18 -16.52
CA ILE A 3 -34.27 -0.98 -17.77
C ILE A 3 -34.72 -2.43 -17.50
N LEU A 4 -35.95 -2.61 -17.13
CA LEU A 4 -36.46 -3.99 -16.84
C LEU A 4 -35.53 -4.72 -15.86
N THR A 5 -35.78 -5.98 -15.61
CA THR A 5 -34.91 -6.74 -14.68
C THR A 5 -34.39 -8.01 -15.34
N GLN A 6 -33.59 -7.87 -16.37
CA GLN A 6 -33.06 -9.07 -17.07
C GLN A 6 -31.79 -9.56 -16.37
N ASP A 7 -31.69 -10.85 -16.15
CA ASP A 7 -30.48 -11.40 -15.46
C ASP A 7 -29.79 -12.43 -16.37
N GLU A 8 -28.81 -12.01 -17.12
CA GLU A 8 -28.09 -12.96 -18.02
C GLU A 8 -27.31 -13.98 -17.20
N ILE A 9 -26.22 -13.56 -16.60
CA ILE A 9 -25.39 -14.50 -15.78
C ILE A 9 -25.05 -15.74 -16.59
N GLU A 10 -23.92 -15.73 -17.26
CA GLU A 10 -23.52 -16.92 -18.07
C GLU A 10 -22.01 -17.13 -17.99
N ALA A 11 -21.45 -17.91 -18.89
CA ALA A 11 -19.98 -18.15 -18.86
C ALA A 11 -19.55 -18.67 -17.48
N HIS A 12 -19.69 -19.95 -17.25
CA HIS A 12 -19.29 -20.52 -15.93
C HIS A 12 -17.82 -20.92 -15.94
N ARG A 13 -17.11 -20.63 -14.88
CA ARG A 13 -15.66 -21.00 -14.83
C ARG A 13 -15.47 -22.29 -14.02
N SER A 14 -16.52 -23.04 -13.82
CA SER A 14 -16.39 -24.31 -13.05
C SER A 14 -15.41 -25.25 -13.73
N HIS A 15 -15.27 -25.15 -15.02
CA HIS A 15 -14.33 -26.05 -15.75
C HIS A 15 -12.89 -25.73 -15.34
N THR A 16 -12.51 -24.48 -15.40
CA THR A 16 -11.11 -24.09 -15.00
C THR A 16 -10.97 -24.13 -13.48
N LEU A 17 -12.06 -24.06 -12.76
CA LEU A 17 -11.98 -24.09 -11.26
C LEU A 17 -11.03 -25.18 -10.77
N LYS A 18 -10.93 -26.27 -11.49
CA LYS A 18 -10.01 -27.36 -11.07
C LYS A 18 -8.56 -27.00 -11.40
N GLY A 19 -8.35 -26.32 -12.50
CA GLY A 19 -6.97 -25.94 -12.90
C GLY A 19 -6.50 -24.76 -12.04
N GLY A 20 -7.40 -23.99 -11.50
CA GLY A 20 -7.01 -22.82 -10.66
C GLY A 20 -6.02 -23.26 -9.58
N ILE A 21 -6.16 -24.46 -9.08
CA ILE A 21 -5.23 -24.95 -8.03
C ILE A 21 -3.88 -25.34 -8.65
N GLU A 22 -3.88 -25.71 -9.90
CA GLU A 22 -2.62 -26.11 -10.57
C GLU A 22 -1.68 -24.89 -10.69
N GLY A 23 -2.23 -23.72 -10.82
CA GLY A 23 -1.38 -22.51 -10.95
C GLY A 23 -0.75 -22.15 -9.60
N ALA A 24 -1.55 -22.08 -8.57
CA ALA A 24 -1.01 -21.74 -7.21
C ALA A 24 0.08 -22.72 -6.80
N LEU A 25 0.05 -23.92 -7.32
CA LEU A 25 1.09 -24.93 -6.96
C LEU A 25 2.38 -24.68 -7.77
N ALA A 26 2.26 -24.31 -9.01
CA ALA A 26 3.47 -24.08 -9.85
C ALA A 26 4.07 -22.70 -9.56
N GLY A 27 3.25 -21.74 -9.23
CA GLY A 27 3.79 -20.37 -8.94
C GLY A 27 4.77 -20.43 -7.78
N PHE A 28 4.60 -21.37 -6.88
CA PHE A 28 5.53 -21.47 -5.72
C PHE A 28 6.84 -22.18 -6.12
N ALA A 29 6.78 -23.05 -7.08
CA ALA A 29 8.02 -23.77 -7.51
C ALA A 29 8.87 -22.90 -8.44
N ILE A 30 8.34 -22.51 -9.56
CA ILE A 30 9.13 -21.66 -10.51
C ILE A 30 9.57 -20.35 -9.84
N SER A 31 8.84 -19.91 -8.85
CA SER A 31 9.20 -18.64 -8.16
C SER A 31 10.65 -18.69 -7.65
N ALA A 32 11.01 -19.74 -6.96
CA ALA A 32 12.40 -19.83 -6.42
C ALA A 32 13.40 -20.30 -7.50
N ILE A 33 12.95 -21.08 -8.44
CA ILE A 33 13.88 -21.58 -9.51
C ILE A 33 14.58 -20.42 -10.23
N ILE A 34 13.93 -19.29 -10.35
CA ILE A 34 14.57 -18.14 -11.05
C ILE A 34 15.72 -17.56 -10.21
N PHE A 35 15.68 -17.72 -8.92
CA PHE A 35 16.75 -17.17 -8.05
C PHE A 35 18.08 -17.91 -8.28
N LYS A 36 18.03 -19.12 -8.76
CA LYS A 36 19.29 -19.88 -9.00
C LYS A 36 20.00 -19.39 -10.27
N VAL A 37 19.25 -18.94 -11.24
CA VAL A 37 19.86 -18.46 -12.52
C VAL A 37 21.07 -17.53 -12.26
N LEU A 38 20.99 -16.66 -11.29
CA LEU A 38 22.13 -15.73 -11.04
C LEU A 38 23.32 -16.45 -10.38
N PRO A 39 23.09 -17.05 -9.24
CA PRO A 39 24.18 -17.77 -8.53
C PRO A 39 24.62 -19.00 -9.32
N ARG A 40 23.75 -19.53 -10.14
CA ARG A 40 24.11 -20.72 -10.95
C ARG A 40 25.30 -20.39 -11.87
N ARG A 41 25.32 -19.21 -12.43
CA ARG A 41 26.46 -18.84 -13.32
C ARG A 41 27.67 -18.40 -12.51
N TYR A 42 27.53 -17.37 -11.71
CA TYR A 42 28.67 -16.88 -10.89
C TYR A 42 28.60 -17.49 -9.48
N PRO A 43 29.75 -17.62 -8.86
CA PRO A 43 29.81 -18.19 -7.49
C PRO A 43 29.25 -17.21 -6.46
N LYS A 44 30.04 -16.24 -6.04
CA LYS A 44 29.54 -15.26 -5.05
C LYS A 44 29.73 -13.84 -5.57
N PHE A 45 28.81 -13.36 -6.38
CA PHE A 45 28.93 -11.99 -6.94
C PHE A 45 27.59 -11.54 -7.53
N LYS A 46 26.63 -11.24 -6.70
CA LYS A 46 25.31 -10.80 -7.23
C LYS A 46 24.51 -10.09 -6.11
N PRO A 47 23.89 -9.00 -6.46
CA PRO A 47 23.09 -8.24 -5.46
C PRO A 47 21.78 -8.98 -5.16
N SER A 48 21.71 -9.61 -4.03
CA SER A 48 20.46 -10.36 -3.68
C SER A 48 19.38 -9.39 -3.19
N THR A 49 19.78 -8.26 -2.66
CA THR A 49 18.77 -7.28 -2.17
C THR A 49 17.88 -6.79 -3.32
N LEU A 50 18.47 -6.54 -4.46
CA LEU A 50 17.66 -6.07 -5.63
C LEU A 50 16.64 -7.14 -6.04
N THR A 51 17.10 -8.35 -6.23
CA THR A 51 16.16 -9.45 -6.63
C THR A 51 15.14 -9.69 -5.51
N TRP A 52 15.46 -9.32 -4.30
CA TRP A 52 14.51 -9.54 -3.18
C TRP A 52 13.31 -8.59 -3.31
N SER A 53 13.52 -7.45 -3.91
CA SER A 53 12.40 -6.47 -4.06
C SER A 53 11.41 -6.95 -5.12
N ILE A 54 11.88 -7.67 -6.10
CA ILE A 54 10.96 -8.18 -7.17
C ILE A 54 10.31 -9.51 -6.75
N LYS A 55 10.96 -10.23 -5.87
CA LYS A 55 10.39 -11.53 -5.42
C LYS A 55 9.43 -11.31 -4.23
N THR A 56 9.50 -10.16 -3.61
CA THR A 56 8.59 -9.89 -2.44
C THR A 56 7.14 -9.76 -2.90
N ALA A 57 6.87 -8.93 -3.86
CA ALA A 57 5.46 -8.76 -4.36
C ALA A 57 4.95 -10.03 -5.03
N LEU A 58 5.82 -10.99 -5.26
CA LEU A 58 5.39 -12.25 -5.94
C LEU A 58 4.76 -13.23 -4.94
N TRP A 59 5.01 -13.08 -3.67
CA TRP A 59 4.42 -14.03 -2.66
C TRP A 59 2.92 -13.79 -2.45
N ILE A 60 2.52 -12.54 -2.39
CA ILE A 60 1.08 -12.21 -2.15
C ILE A 60 0.28 -12.25 -3.47
N THR A 61 0.95 -12.18 -4.58
CA THR A 61 0.25 -12.17 -5.90
C THR A 61 -0.55 -13.42 -6.17
N PRO A 62 0.05 -14.54 -6.00
CA PRO A 62 -0.67 -15.76 -6.33
C PRO A 62 -1.79 -16.16 -5.34
N PRO A 63 -1.65 -15.90 -4.06
CA PRO A 63 -2.73 -16.29 -3.11
C PRO A 63 -4.06 -15.54 -3.37
N THR A 64 -4.14 -14.70 -4.37
CA THR A 64 -5.43 -13.98 -4.64
C THR A 64 -6.29 -14.77 -5.63
N VAL A 65 -5.67 -15.41 -6.58
CA VAL A 65 -6.43 -16.20 -7.58
C VAL A 65 -7.24 -17.31 -6.90
N LEU A 66 -6.89 -17.65 -5.69
CA LEU A 66 -7.64 -18.72 -4.97
C LEU A 66 -9.04 -18.23 -4.60
N THR A 67 -9.20 -16.93 -4.44
CA THR A 67 -10.54 -16.38 -4.07
C THR A 67 -11.57 -16.70 -5.15
N ALA A 68 -11.15 -16.71 -6.40
CA ALA A 68 -12.11 -17.02 -7.50
C ALA A 68 -12.73 -18.40 -7.29
N ILE A 69 -12.08 -19.25 -6.54
CA ILE A 69 -12.64 -20.62 -6.31
C ILE A 69 -13.54 -20.62 -5.07
N CYS A 70 -13.04 -20.12 -3.96
CA CYS A 70 -13.86 -20.10 -2.71
C CYS A 70 -15.20 -19.39 -2.96
N ALA A 71 -15.20 -18.38 -3.78
CA ALA A 71 -16.46 -17.64 -4.07
C ALA A 71 -17.42 -18.54 -4.87
N GLU A 72 -16.88 -19.45 -5.64
CA GLU A 72 -17.75 -20.36 -6.44
C GLU A 72 -18.21 -21.54 -5.60
N GLU A 73 -17.35 -22.03 -4.73
CA GLU A 73 -17.75 -23.19 -3.88
C GLU A 73 -18.87 -22.78 -2.92
N ALA A 74 -18.79 -21.60 -2.38
CA ALA A 74 -19.85 -21.13 -1.43
C ALA A 74 -21.09 -20.68 -2.20
N SER A 75 -20.90 -19.95 -3.27
CA SER A 75 -22.08 -19.47 -4.07
C SER A 75 -22.98 -20.65 -4.47
N ASN A 76 -22.62 -21.37 -5.51
CA ASN A 76 -23.45 -22.53 -5.94
C ASN A 76 -22.76 -23.84 -5.57
N ASN A 77 -23.47 -24.74 -4.95
CA ASN A 77 -22.86 -26.05 -4.56
C ASN A 77 -23.78 -27.21 -4.96
N PHE A 78 -23.30 -28.12 -5.75
CA PHE A 78 -24.14 -29.27 -6.17
C PHE A 78 -23.27 -30.40 -6.72
N ASP A 79 -23.16 -31.48 -5.99
CA ASP A 79 -22.32 -32.63 -6.46
C ASP A 79 -23.21 -33.80 -6.87
N ALA A 80 -23.84 -34.43 -5.91
CA ALA A 80 -24.72 -35.59 -6.24
C ALA A 80 -25.84 -35.71 -5.19
N THR A 81 -27.01 -35.24 -5.51
CA THR A 81 -28.15 -35.34 -4.55
C THR A 81 -28.62 -36.78 -4.41
N MET A 82 -29.75 -37.00 -3.79
CA MET A 82 -30.27 -38.38 -3.63
C MET A 82 -30.98 -38.84 -4.91
N TYR A 83 -31.63 -39.97 -4.88
CA TYR A 83 -32.34 -40.47 -6.08
C TYR A 83 -33.73 -39.83 -6.17
N GLY A 84 -33.82 -38.69 -6.80
CA GLY A 84 -35.15 -38.01 -6.93
C GLY A 84 -35.34 -37.53 -8.36
N SER A 85 -36.02 -38.31 -9.17
CA SER A 85 -36.24 -37.88 -10.58
C SER A 85 -37.74 -37.93 -10.91
N GLY A 86 -38.07 -38.11 -12.16
CA GLY A 86 -39.52 -38.16 -12.55
C GLY A 86 -39.66 -37.87 -14.05
N SER A 87 -40.86 -37.75 -14.52
CA SER A 87 -41.08 -37.46 -15.97
C SER A 87 -40.71 -36.01 -16.29
N SER A 88 -40.20 -35.77 -17.47
CA SER A 88 -39.82 -34.37 -17.84
C SER A 88 -41.05 -33.60 -18.33
N SER A 89 -41.79 -33.01 -17.43
CA SER A 89 -42.99 -32.24 -17.85
C SER A 89 -42.66 -30.75 -17.93
N GLU A 90 -42.29 -30.16 -16.83
CA GLU A 90 -41.96 -28.70 -16.82
C GLU A 90 -40.72 -28.45 -17.70
N ASP A 91 -39.85 -29.42 -17.81
CA ASP A 91 -38.63 -29.24 -18.65
C ASP A 91 -39.00 -28.98 -20.11
N ALA A 92 -40.13 -29.49 -20.53
CA ALA A 92 -40.57 -29.28 -21.94
C ALA A 92 -40.78 -27.79 -22.21
N LEU A 93 -41.22 -27.06 -21.23
CA LEU A 93 -41.45 -25.60 -21.42
C LEU A 93 -40.12 -24.84 -21.38
N ASP A 94 -39.21 -25.27 -20.53
CA ASP A 94 -37.89 -24.59 -20.44
C ASP A 94 -36.98 -25.05 -21.59
N GLU A 95 -37.14 -26.26 -22.03
CA GLU A 95 -36.30 -26.77 -23.15
C GLU A 95 -36.53 -25.94 -24.42
N HIS A 96 -37.69 -25.36 -24.56
CA HIS A 96 -37.98 -24.55 -25.77
C HIS A 96 -37.04 -23.34 -25.84
N ARG A 97 -36.57 -22.89 -24.71
CA ARG A 97 -35.64 -21.72 -24.70
C ARG A 97 -34.23 -22.16 -25.07
N ARG A 98 -33.77 -23.26 -24.53
CA ARG A 98 -32.41 -23.75 -24.84
C ARG A 98 -32.33 -24.20 -26.30
N TRP A 99 -33.44 -24.59 -26.87
CA TRP A 99 -33.43 -25.05 -28.30
C TRP A 99 -32.94 -23.92 -29.22
N LYS A 100 -33.20 -22.70 -28.85
CA LYS A 100 -32.74 -21.56 -29.70
C LYS A 100 -31.21 -21.46 -29.69
N SER A 101 -30.60 -21.85 -28.61
CA SER A 101 -29.11 -21.79 -28.53
C SER A 101 -28.49 -22.85 -29.44
N LEU A 102 -27.24 -22.70 -29.80
CA LEU A 102 -26.58 -23.70 -30.69
C LEU A 102 -25.06 -23.54 -30.63
N SER A 103 -24.59 -22.32 -30.64
CA SER A 103 -23.10 -22.09 -30.59
C SER A 103 -22.56 -22.47 -29.21
N THR A 104 -22.44 -23.74 -28.93
CA THR A 104 -21.91 -24.16 -27.60
C THR A 104 -20.44 -23.76 -27.46
N LYS A 105 -19.79 -23.47 -28.55
CA LYS A 105 -18.35 -23.07 -28.48
C LYS A 105 -18.18 -21.84 -27.59
N ASP A 106 -19.24 -21.09 -27.36
CA ASP A 106 -19.12 -19.88 -26.49
C ASP A 106 -18.43 -20.23 -25.17
N LYS A 107 -18.62 -21.44 -24.71
CA LYS A 107 -17.98 -21.87 -23.43
C LYS A 107 -16.60 -22.50 -23.72
N PHE A 108 -16.38 -22.94 -24.93
CA PHE A 108 -15.08 -23.57 -25.27
C PHE A 108 -13.94 -22.56 -25.17
N VAL A 109 -14.21 -21.30 -25.45
CA VAL A 109 -13.12 -20.28 -25.38
C VAL A 109 -12.62 -20.14 -23.94
N GLU A 110 -13.50 -20.05 -22.98
CA GLU A 110 -13.06 -19.91 -21.56
C GLU A 110 -12.15 -21.09 -21.16
N GLY A 111 -12.36 -22.24 -21.75
CA GLY A 111 -11.52 -23.42 -21.41
C GLY A 111 -10.31 -23.52 -22.32
N LEU A 112 -10.52 -23.84 -23.58
CA LEU A 112 -9.38 -23.99 -24.54
C LEU A 112 -8.39 -22.81 -24.43
N SER A 113 -8.86 -21.66 -24.04
CA SER A 113 -7.94 -20.49 -23.94
C SER A 113 -7.13 -20.55 -22.64
N ASN A 114 -7.65 -21.20 -21.63
CA ASN A 114 -6.90 -21.30 -20.34
C ASN A 114 -5.67 -22.20 -20.50
N ASN A 115 -5.72 -23.13 -21.42
CA ASN A 115 -4.57 -24.05 -21.63
C ASN A 115 -3.56 -23.44 -22.60
N LYS A 116 -3.97 -22.47 -23.39
CA LYS A 116 -3.02 -21.84 -24.35
C LYS A 116 -2.25 -20.70 -23.68
N TYR A 117 -2.95 -19.73 -23.14
CA TYR A 117 -2.26 -18.59 -22.48
C TYR A 117 -1.36 -19.09 -21.34
N LYS A 118 -1.61 -20.26 -20.85
CA LYS A 118 -0.77 -20.80 -19.73
C LYS A 118 0.59 -21.24 -20.26
N ILE A 119 0.66 -21.67 -21.50
CA ILE A 119 1.95 -22.12 -22.07
C ILE A 119 2.69 -20.95 -22.74
N ILE A 120 1.97 -19.92 -23.12
CA ILE A 120 2.63 -18.75 -23.78
C ILE A 120 3.41 -17.92 -22.74
N THR A 121 3.01 -17.98 -21.49
CA THR A 121 3.72 -17.19 -20.45
C THR A 121 4.85 -18.01 -19.82
N GLY A 122 4.75 -19.32 -19.88
CA GLY A 122 5.81 -20.17 -19.29
C GLY A 122 7.14 -19.94 -20.01
N ALA A 123 7.18 -20.18 -21.30
CA ALA A 123 8.44 -19.99 -22.07
C ALA A 123 8.91 -18.53 -21.98
N TRP A 124 8.02 -17.62 -21.66
CA TRP A 124 8.42 -16.18 -21.56
C TRP A 124 9.47 -16.00 -20.47
N ALA A 125 9.52 -16.89 -19.51
CA ALA A 125 10.52 -16.75 -18.40
C ALA A 125 11.82 -17.48 -18.76
N ALA A 126 11.72 -18.75 -19.07
CA ALA A 126 12.95 -19.52 -19.43
C ALA A 126 13.66 -18.90 -20.63
N SER A 127 12.96 -18.12 -21.41
CA SER A 127 13.58 -17.48 -22.61
C SER A 127 14.77 -16.61 -22.19
N LEU A 128 14.80 -16.17 -20.97
CA LEU A 128 15.93 -15.30 -20.50
C LEU A 128 17.14 -16.17 -20.09
N TYR A 129 16.90 -17.33 -19.52
CA TYR A 129 18.03 -18.20 -19.11
C TYR A 129 18.70 -18.82 -20.34
N GLY A 130 17.95 -19.52 -21.13
CA GLY A 130 18.52 -20.16 -22.35
C GLY A 130 19.20 -19.10 -23.22
N SER A 131 18.79 -17.86 -23.11
CA SER A 131 19.42 -16.80 -23.94
C SER A 131 20.92 -16.71 -23.63
N TRP A 132 21.32 -17.10 -22.45
CA TRP A 132 22.76 -17.05 -22.08
C TRP A 132 23.44 -18.36 -22.48
N VAL A 133 22.75 -19.45 -22.39
CA VAL A 133 23.36 -20.77 -22.77
C VAL A 133 23.82 -20.74 -24.23
N ILE A 134 23.26 -19.87 -25.03
CA ILE A 134 23.66 -19.80 -26.46
C ILE A 134 25.15 -19.42 -26.56
N VAL A 135 25.53 -18.31 -25.97
CA VAL A 135 26.96 -17.88 -26.03
C VAL A 135 27.45 -17.86 -27.48
N ASN A 136 27.14 -16.81 -28.19
CA ASN A 136 27.59 -16.72 -29.61
C ASN A 136 28.14 -15.32 -29.91
N LYS A 137 29.42 -15.22 -30.18
CA LYS A 137 30.02 -13.89 -30.49
C LYS A 137 29.68 -12.87 -29.38
N ASP A 138 29.96 -13.19 -28.16
CA ASP A 138 29.64 -12.25 -27.04
C ASP A 138 30.93 -11.59 -26.53
N PRO A 139 31.15 -10.37 -26.93
CA PRO A 139 32.36 -9.63 -26.50
C PRO A 139 32.26 -9.26 -25.02
N ILE A 140 33.34 -9.35 -24.29
CA ILE A 140 33.32 -9.00 -22.84
C ILE A 140 33.35 -7.48 -22.67
N MET A 141 32.53 -6.96 -21.80
CA MET A 141 32.50 -5.48 -21.58
C MET A 141 31.93 -5.16 -20.20
N THR A 142 31.52 -3.94 -19.99
CA THR A 142 30.94 -3.56 -18.66
C THR A 142 29.77 -4.48 -18.32
N LYS A 143 30.01 -5.50 -17.54
CA LYS A 143 28.91 -6.43 -17.16
C LYS A 143 27.86 -5.71 -16.32
N ALA A 144 28.27 -4.72 -15.57
CA ALA A 144 27.30 -3.96 -14.73
C ALA A 144 26.30 -3.22 -15.61
N GLN A 145 26.76 -2.61 -16.66
CA GLN A 145 25.82 -1.87 -17.57
C GLN A 145 24.77 -2.83 -18.13
N LYS A 146 25.10 -4.08 -18.26
CA LYS A 146 24.11 -5.07 -18.79
C LYS A 146 23.02 -5.33 -17.75
N ILE A 147 23.33 -5.15 -16.49
CA ILE A 147 22.32 -5.38 -15.42
C ILE A 147 21.21 -4.32 -15.51
N VAL A 148 21.58 -3.07 -15.52
CA VAL A 148 20.55 -1.99 -15.60
C VAL A 148 19.71 -2.14 -16.88
N GLN A 149 20.25 -2.79 -17.87
CA GLN A 149 19.48 -2.98 -19.14
C GLN A 149 18.24 -3.83 -18.87
N ALA A 150 18.39 -4.90 -18.14
CA ALA A 150 17.21 -5.77 -17.84
C ALA A 150 16.11 -4.96 -17.15
N ARG A 151 16.47 -3.91 -16.48
CA ARG A 151 15.45 -3.07 -15.78
C ARG A 151 14.39 -2.58 -16.79
N MET A 152 14.81 -2.20 -17.96
CA MET A 152 13.84 -1.72 -18.99
C MET A 152 12.99 -2.89 -19.48
N TYR A 153 13.60 -3.97 -19.88
CA TYR A 153 12.82 -5.15 -20.36
C TYR A 153 12.06 -5.79 -19.19
N ALA A 154 12.47 -5.51 -17.98
CA ALA A 154 11.77 -6.10 -16.80
C ALA A 154 10.63 -5.20 -16.34
N GLN A 155 10.83 -3.90 -16.37
CA GLN A 155 9.75 -2.96 -15.94
C GLN A 155 8.43 -3.33 -16.60
N PHE A 156 8.49 -3.98 -17.73
CA PHE A 156 7.24 -4.38 -18.45
C PHE A 156 6.75 -5.74 -17.95
N ILE A 157 7.64 -6.59 -17.50
CA ILE A 157 7.21 -7.93 -16.99
C ILE A 157 6.50 -7.79 -15.65
N THR A 158 6.73 -6.70 -14.96
CA THR A 158 6.07 -6.48 -13.64
C THR A 158 4.65 -5.95 -13.83
N VAL A 159 4.49 -4.95 -14.65
CA VAL A 159 3.13 -4.38 -14.88
C VAL A 159 2.16 -5.49 -15.35
N GLY A 160 2.70 -6.54 -15.93
CA GLY A 160 1.81 -7.65 -16.39
C GLY A 160 1.25 -8.38 -15.18
N LEU A 161 1.98 -8.41 -14.09
CA LEU A 161 1.50 -9.10 -12.87
C LEU A 161 0.46 -8.22 -12.16
N LEU A 162 0.61 -6.93 -12.24
CA LEU A 162 -0.36 -6.00 -11.57
C LEU A 162 -1.51 -5.65 -12.52
N LEU A 163 -1.21 -5.39 -13.76
CA LEU A 163 -2.30 -5.04 -14.73
C LEU A 163 -3.38 -6.11 -14.72
N ALA A 164 -3.01 -7.35 -14.82
CA ALA A 164 -4.02 -8.46 -14.81
C ALA A 164 -4.63 -8.58 -13.42
N SER A 165 -3.98 -8.08 -12.41
CA SER A 165 -4.53 -8.19 -11.02
C SER A 165 -5.69 -7.20 -10.81
N VAL A 166 -5.49 -5.93 -11.08
CA VAL A 166 -6.59 -4.95 -10.88
C VAL A 166 -7.80 -5.33 -11.74
N GLY A 167 -7.57 -5.96 -12.87
CA GLY A 167 -8.70 -6.35 -13.75
C GLY A 167 -9.66 -7.25 -12.98
N LEU A 168 -9.17 -7.98 -12.00
CA LEU A 168 -10.05 -8.87 -11.20
C LEU A 168 -10.94 -8.03 -10.28
N SER A 169 -10.38 -7.06 -9.61
CA SER A 169 -11.21 -6.21 -8.69
C SER A 169 -12.28 -5.45 -9.50
N MET A 170 -12.06 -5.28 -10.78
CA MET A 170 -13.06 -4.54 -11.61
C MET A 170 -14.09 -5.53 -12.19
N TYR A 171 -13.66 -6.67 -12.67
CA TYR A 171 -14.63 -7.65 -13.24
C TYR A 171 -15.76 -7.93 -12.24
N GLU A 172 -15.49 -7.80 -10.98
CA GLU A 172 -16.54 -8.05 -9.95
C GLU A 172 -17.29 -6.74 -9.64
N ASN A 173 -16.67 -5.62 -9.88
CA ASN A 173 -17.34 -4.31 -9.60
C ASN A 173 -18.71 -4.26 -10.27
N LYS A 174 -18.92 -5.01 -11.31
CA LYS A 174 -20.24 -5.00 -12.02
C LYS A 174 -21.38 -5.18 -11.00
N LEU A 175 -21.63 -6.40 -10.56
CA LEU A 175 -22.72 -6.62 -9.58
C LEU A 175 -22.41 -5.91 -8.27
N HIS A 176 -21.17 -5.94 -7.83
CA HIS A 176 -20.79 -5.27 -6.56
C HIS A 176 -21.71 -5.71 -5.42
N PRO A 177 -21.65 -6.99 -5.12
CA PRO A 177 -22.49 -7.55 -4.03
C PRO A 177 -21.96 -7.11 -2.66
N ASN A 178 -20.68 -6.87 -2.56
CA ASN A 178 -20.10 -6.44 -1.26
C ASN A 178 -20.14 -4.91 -1.13
N LYS A 179 -19.48 -4.37 -0.15
CA LYS A 179 -19.48 -2.89 0.04
C LYS A 179 -18.13 -2.43 0.59
N GLN A 180 -17.17 -2.20 -0.28
CA GLN A 180 -15.83 -1.74 0.19
C GLN A 180 -15.18 -0.85 -0.86
N LYS A 181 -14.49 0.18 -0.44
CA LYS A 181 -13.82 1.09 -1.41
C LYS A 181 -12.75 0.35 -2.20
N VAL A 182 -12.25 0.93 -3.25
CA VAL A 182 -11.19 0.26 -4.05
C VAL A 182 -10.08 1.24 -4.41
N ASN A 183 -9.26 1.60 -3.46
CA ASN A 183 -8.14 2.56 -3.74
C ASN A 183 -7.05 1.86 -4.55
N GLU A 184 -7.11 1.97 -5.86
CA GLU A 184 -6.07 1.31 -6.70
C GLU A 184 -4.81 2.18 -6.78
N MET A 185 -4.94 3.46 -6.53
CA MET A 185 -3.75 4.35 -6.59
C MET A 185 -2.83 4.11 -5.37
N ARG A 186 -3.32 3.43 -4.35
CA ARG A 186 -2.46 3.17 -3.15
C ARG A 186 -1.19 2.45 -3.58
N ARG A 187 -1.29 1.54 -4.52
CA ARG A 187 -0.09 0.78 -4.96
C ARG A 187 0.63 1.46 -6.14
N TRP A 188 0.00 2.39 -6.83
CA TRP A 188 0.72 3.06 -7.97
C TRP A 188 1.61 4.18 -7.43
N GLU A 189 1.01 5.15 -6.78
CA GLU A 189 1.81 6.28 -6.23
C GLU A 189 2.84 5.76 -5.21
N ASN A 190 2.59 4.60 -4.65
CA ASN A 190 3.56 4.03 -3.66
C ASN A 190 4.76 3.42 -4.40
N ALA A 191 4.50 2.71 -5.47
CA ALA A 191 5.61 2.09 -6.24
C ALA A 191 6.56 3.18 -6.75
N LEU A 192 6.09 4.40 -6.82
CA LEU A 192 6.97 5.51 -7.31
C LEU A 192 7.86 6.01 -6.17
N ARG A 193 7.43 5.84 -4.95
CA ARG A 193 8.25 6.31 -3.79
C ARG A 193 9.39 5.33 -3.53
N VAL A 194 9.09 4.07 -3.37
CA VAL A 194 10.17 3.06 -3.12
C VAL A 194 11.13 3.01 -4.31
N ALA A 195 10.71 3.49 -5.45
CA ALA A 195 11.60 3.47 -6.65
C ALA A 195 12.55 4.66 -6.62
N GLU A 196 12.03 5.85 -6.54
CA GLU A 196 12.90 7.07 -6.50
C GLU A 196 13.93 6.93 -5.38
N GLU A 197 13.58 6.24 -4.33
CA GLU A 197 14.53 6.05 -3.19
C GLU A 197 15.80 5.34 -3.67
N GLU A 198 15.69 4.61 -4.75
CA GLU A 198 16.87 3.86 -5.28
C GLU A 198 17.77 4.81 -6.09
N GLU A 199 17.23 5.87 -6.61
CA GLU A 199 18.03 6.83 -7.41
C GLU A 199 19.10 7.51 -6.55
N ARG A 200 18.75 7.89 -5.35
CA ARG A 200 19.74 8.58 -4.46
C ARG A 200 21.07 7.81 -4.44
N LEU A 201 21.03 6.52 -4.66
CA LEU A 201 22.28 5.72 -4.67
C LEU A 201 22.95 5.82 -6.04
N GLU A 202 22.18 6.10 -7.07
CA GLU A 202 22.76 6.21 -8.44
C GLU A 202 23.50 7.55 -8.59
N LYS A 203 22.89 8.62 -8.16
CA LYS A 203 23.54 9.96 -8.27
C LYS A 203 24.87 9.97 -7.52
N GLU A 204 25.05 9.06 -6.60
CA GLU A 204 26.34 9.02 -5.83
C GLU A 204 27.41 8.26 -6.61
N GLY A 205 27.07 7.12 -7.14
CA GLY A 205 28.06 6.33 -7.92
C GLY A 205 27.68 6.33 -9.40
N ARG A 206 28.23 5.42 -10.17
CA ARG A 206 27.90 5.35 -11.63
C ARG A 206 28.12 6.73 -12.27
N ARG A 207 29.23 7.36 -11.99
CA ARG A 207 29.50 8.70 -12.59
C ARG A 207 30.65 8.60 -13.59
N THR A 208 30.60 7.63 -14.47
CA THR A 208 31.68 7.48 -15.49
C THR A 208 31.70 8.69 -16.42
N GLY A 209 32.83 9.35 -16.53
CA GLY A 209 32.92 10.54 -17.43
C GLY A 209 34.04 10.33 -18.44
N TYR A 210 34.22 9.12 -18.89
CA TYR A 210 35.29 8.84 -19.89
C TYR A 210 34.68 8.40 -21.23
N VAL A 211 33.48 7.89 -21.20
CA VAL A 211 32.83 7.44 -22.47
C VAL A 211 32.70 8.62 -23.44
N SER A 212 32.52 9.81 -22.94
CA SER A 212 32.40 10.99 -23.83
C SER A 212 33.67 11.17 -24.66
N ASN A 213 34.79 10.73 -24.15
CA ASN A 213 36.07 10.88 -24.91
C ASN A 213 36.19 9.77 -25.96
N GLU A 214 35.61 8.63 -25.70
CA GLU A 214 35.69 7.50 -26.67
C GLU A 214 35.03 7.90 -27.99
N GLU A 215 33.92 8.59 -27.93
CA GLU A 215 33.23 9.00 -29.18
C GLU A 215 33.84 10.31 -29.71
N ARG A 216 34.40 11.10 -28.85
CA ARG A 216 35.01 12.40 -29.31
C ARG A 216 36.15 12.11 -30.30
N ILE A 217 36.91 11.08 -30.07
CA ILE A 217 38.03 10.75 -31.00
C ILE A 217 37.48 10.27 -32.34
N ASN A 218 36.48 9.43 -32.32
CA ASN A 218 35.90 8.92 -33.60
C ASN A 218 35.35 10.08 -34.43
N SER A 219 34.94 11.15 -33.79
CA SER A 219 34.41 12.32 -34.54
C SER A 219 35.56 13.24 -34.97
N LYS A 220 36.66 13.22 -34.26
CA LYS A 220 37.81 14.09 -34.63
C LYS A 220 38.27 13.79 -36.05
N ILE A 221 38.37 12.53 -36.40
CA ILE A 221 38.82 12.17 -37.77
C ILE A 221 37.78 12.62 -38.81
N PHE A 222 36.53 12.54 -38.47
CA PHE A 222 35.46 12.97 -39.43
C PHE A 222 35.46 14.49 -39.58
N LYS A 223 35.85 15.19 -38.55
CA LYS A 223 35.88 16.68 -38.63
C LYS A 223 37.32 17.18 -38.77
N SER A 224 37.87 17.10 -39.95
CA SER A 224 39.28 17.57 -40.15
C SER A 224 39.28 18.98 -40.74
N MET B 1 -26.41 -11.97 25.78
CA MET B 1 -25.74 -10.92 24.96
C MET B 1 -26.44 -9.58 25.15
N LYS B 2 -25.75 -8.50 24.90
CA LYS B 2 -26.38 -7.15 25.08
C LYS B 2 -26.16 -6.30 23.81
N ILE B 3 -27.22 -5.82 23.22
CA ILE B 3 -27.08 -4.98 21.99
C ILE B 3 -28.17 -3.92 21.95
N LEU B 4 -27.89 -2.80 21.34
CA LEU B 4 -28.92 -1.71 21.26
C LEU B 4 -29.32 -1.46 19.80
N THR B 5 -30.49 -0.93 19.58
CA THR B 5 -30.94 -0.67 18.18
C THR B 5 -30.44 0.71 17.72
N GLN B 6 -30.94 1.18 16.61
CA GLN B 6 -30.49 2.51 16.10
C GLN B 6 -31.69 3.30 15.56
N ASP B 7 -32.70 3.47 16.35
CA ASP B 7 -33.90 4.24 15.88
C ASP B 7 -34.07 5.52 16.69
N GLU B 8 -33.96 5.42 17.99
CA GLU B 8 -34.11 6.64 18.85
C GLU B 8 -32.75 7.08 19.40
N ILE B 9 -31.71 6.97 18.61
CA ILE B 9 -30.36 7.38 19.09
C ILE B 9 -30.21 8.90 19.01
N GLU B 10 -29.41 9.48 19.87
CA GLU B 10 -29.22 10.96 19.85
C GLU B 10 -27.75 11.30 19.61
N ALA B 11 -26.86 10.73 20.40
CA ALA B 11 -25.40 11.01 20.23
C ALA B 11 -25.15 12.53 20.25
N HIS B 12 -24.83 13.06 21.40
CA HIS B 12 -24.56 14.53 21.49
C HIS B 12 -23.17 14.86 20.96
N ARG B 13 -22.92 14.56 19.71
CA ARG B 13 -21.58 14.86 19.13
C ARG B 13 -21.59 16.22 18.42
N SER B 14 -22.56 17.04 18.72
CA SER B 14 -22.64 18.38 18.06
C SER B 14 -21.49 19.27 18.55
N HIS B 15 -21.16 19.20 19.81
CA HIS B 15 -20.05 20.04 20.35
C HIS B 15 -18.75 19.76 19.58
N THR B 16 -18.47 18.51 19.31
CA THR B 16 -17.23 18.17 18.56
C THR B 16 -17.38 18.52 17.07
N LEU B 17 -18.54 18.29 16.52
CA LEU B 17 -18.76 18.59 15.07
C LEU B 17 -18.34 20.03 14.74
N LYS B 18 -18.34 20.90 15.71
CA LYS B 18 -17.94 22.31 15.45
C LYS B 18 -16.43 22.40 15.25
N GLY B 19 -15.67 21.92 16.19
CA GLY B 19 -14.18 21.98 16.06
C GLY B 19 -13.70 20.90 15.09
N GLY B 20 -14.45 19.86 14.91
CA GLY B 20 -14.04 18.77 13.97
C GLY B 20 -13.77 19.35 12.58
N ILE B 21 -14.67 20.14 12.07
CA ILE B 21 -14.48 20.73 10.71
C ILE B 21 -13.39 21.82 10.76
N GLU B 22 -13.19 22.41 11.91
CA GLU B 22 -12.15 23.48 12.02
C GLU B 22 -10.75 22.90 11.77
N GLY B 23 -10.55 21.65 12.11
CA GLY B 23 -9.21 21.02 11.90
C GLY B 23 -8.82 21.04 10.42
N ALA B 24 -9.79 20.95 9.54
CA ALA B 24 -9.46 20.96 8.08
C ALA B 24 -8.78 22.26 7.68
N LEU B 25 -9.22 23.37 8.22
CA LEU B 25 -8.60 24.68 7.87
C LEU B 25 -7.29 24.89 8.64
N ALA B 26 -7.11 24.20 9.73
CA ALA B 26 -5.85 24.38 10.53
C ALA B 26 -4.69 23.64 9.86
N GLY B 27 -4.85 22.37 9.61
CA GLY B 27 -3.75 21.59 8.97
C GLY B 27 -3.37 22.22 7.62
N PHE B 28 -4.30 22.87 6.98
CA PHE B 28 -4.01 23.50 5.65
C PHE B 28 -2.85 24.50 5.78
N ALA B 29 -2.90 25.37 6.74
CA ALA B 29 -1.80 26.37 6.90
C ALA B 29 -0.60 25.74 7.61
N ILE B 30 -0.81 25.17 8.77
CA ILE B 30 0.31 24.55 9.52
C ILE B 30 1.10 23.58 8.63
N SER B 31 0.44 23.03 7.64
CA SER B 31 1.13 22.06 6.74
C SER B 31 2.37 22.70 6.08
N ALA B 32 2.22 23.83 5.45
CA ALA B 32 3.38 24.48 4.78
C ALA B 32 4.26 25.26 5.78
N ILE B 33 3.68 25.77 6.84
CA ILE B 33 4.49 26.54 7.83
C ILE B 33 5.68 25.72 8.34
N ILE B 34 5.43 24.54 8.86
CA ILE B 34 6.54 23.70 9.38
C ILE B 34 7.67 23.54 8.35
N PHE B 35 7.36 23.67 7.09
CA PHE B 35 8.41 23.51 6.04
C PHE B 35 9.36 24.71 6.00
N LYS B 36 8.85 25.90 6.20
CA LYS B 36 9.71 27.12 6.13
C LYS B 36 10.52 27.36 7.41
N VAL B 37 9.99 27.01 8.55
CA VAL B 37 10.71 27.27 9.84
C VAL B 37 12.19 26.87 9.80
N LEU B 38 12.50 25.69 9.33
CA LEU B 38 13.95 25.27 9.32
C LEU B 38 14.76 25.95 8.21
N PRO B 39 14.29 25.90 6.99
CA PRO B 39 15.05 26.51 5.86
C PRO B 39 15.08 28.04 5.95
N ARG B 40 13.98 28.65 6.30
CA ARG B 40 13.96 30.14 6.38
C ARG B 40 15.11 30.65 7.27
N ARG B 41 15.54 29.86 8.22
CA ARG B 41 16.66 30.29 9.11
C ARG B 41 17.93 30.51 8.28
N TYR B 42 18.14 29.71 7.27
CA TYR B 42 19.36 29.86 6.43
C TYR B 42 19.02 29.55 4.96
N PRO B 43 19.52 30.38 4.06
CA PRO B 43 19.25 30.17 2.62
C PRO B 43 20.06 28.97 2.09
N LYS B 44 19.39 27.93 1.69
CA LYS B 44 20.11 26.73 1.16
C LYS B 44 19.12 25.76 0.50
N PHE B 45 19.62 24.74 -0.14
CA PHE B 45 18.71 23.77 -0.82
C PHE B 45 19.36 22.38 -0.85
N LYS B 46 18.71 21.40 -0.29
CA LYS B 46 19.29 20.02 -0.28
C LYS B 46 18.32 19.04 0.41
N PRO B 47 17.99 19.34 1.65
CA PRO B 47 17.06 18.45 2.40
C PRO B 47 15.62 18.62 1.90
N SER B 48 15.39 19.49 0.96
CA SER B 48 14.00 19.70 0.44
C SER B 48 13.38 18.36 0.03
N THR B 49 14.17 17.43 -0.41
CA THR B 49 13.63 16.10 -0.82
C THR B 49 13.25 15.29 0.41
N LEU B 50 13.94 15.50 1.51
CA LEU B 50 13.62 14.73 2.76
C LEU B 50 12.21 15.09 3.24
N THR B 51 11.94 16.35 3.40
CA THR B 51 10.58 16.77 3.88
C THR B 51 9.54 16.54 2.78
N TRP B 52 9.96 16.51 1.55
CA TRP B 52 8.99 16.29 0.42
C TRP B 52 8.28 14.95 0.59
N SER B 53 9.01 13.91 0.95
CA SER B 53 8.37 12.58 1.13
C SER B 53 7.29 12.65 2.22
N ILE B 54 7.39 13.60 3.11
CA ILE B 54 6.38 13.73 4.20
C ILE B 54 5.23 14.65 3.77
N LYS B 55 5.42 15.40 2.71
CA LYS B 55 4.32 16.32 2.26
C LYS B 55 3.19 15.54 1.59
N THR B 56 3.45 14.31 1.19
CA THR B 56 2.39 13.51 0.51
C THR B 56 1.44 12.88 1.55
N ALA B 57 1.98 12.19 2.52
CA ALA B 57 1.12 11.55 3.56
C ALA B 57 0.37 12.62 4.37
N LEU B 58 0.77 13.86 4.27
CA LEU B 58 0.08 14.94 5.04
C LEU B 58 -1.17 15.45 4.31
N TRP B 59 -1.27 15.24 3.03
CA TRP B 59 -2.47 15.73 2.28
C TRP B 59 -3.63 14.73 2.36
N ILE B 60 -3.33 13.47 2.43
CA ILE B 60 -4.41 12.44 2.50
C ILE B 60 -4.88 12.23 3.95
N THR B 61 -4.09 12.64 4.90
CA THR B 61 -4.46 12.45 6.34
C THR B 61 -5.61 13.30 6.79
N PRO B 62 -5.56 14.55 6.49
CA PRO B 62 -6.63 15.40 6.99
C PRO B 62 -7.99 15.27 6.26
N PRO B 63 -8.02 14.95 4.99
CA PRO B 63 -9.33 14.83 4.29
C PRO B 63 -10.21 13.70 4.87
N THR B 64 -9.83 12.46 4.71
CA THR B 64 -10.66 11.33 5.25
C THR B 64 -11.12 11.55 6.69
N VAL B 65 -10.48 12.38 7.45
CA VAL B 65 -10.95 12.59 8.86
C VAL B 65 -12.38 13.17 8.84
N LEU B 66 -12.79 13.73 7.73
CA LEU B 66 -14.17 14.31 7.65
C LEU B 66 -15.22 13.18 7.59
N THR B 67 -14.80 11.97 7.33
CA THR B 67 -15.78 10.84 7.26
C THR B 67 -16.62 10.76 8.55
N ALA B 68 -16.11 11.30 9.62
CA ALA B 68 -16.87 11.24 10.91
C ALA B 68 -18.06 12.21 10.87
N ILE B 69 -18.01 13.19 10.00
CA ILE B 69 -19.14 14.17 9.92
C ILE B 69 -20.21 13.69 8.94
N CYS B 70 -19.82 13.40 7.72
CA CYS B 70 -20.81 12.92 6.71
C CYS B 70 -21.59 11.73 7.25
N ALA B 71 -20.95 10.82 7.93
CA ALA B 71 -21.66 9.64 8.48
C ALA B 71 -22.60 10.07 9.61
N GLU B 72 -22.28 11.16 10.28
CA GLU B 72 -23.15 11.63 11.39
C GLU B 72 -24.28 12.50 10.84
N GLU B 73 -24.06 13.16 9.74
CA GLU B 73 -25.13 14.02 9.16
C GLU B 73 -26.18 13.16 8.46
N ALA B 74 -25.78 12.31 7.55
CA ALA B 74 -26.77 11.44 6.86
C ALA B 74 -27.48 10.53 7.86
N SER B 75 -26.75 10.01 8.81
CA SER B 75 -27.37 9.10 9.82
C SER B 75 -28.58 9.79 10.48
N ASN B 76 -28.33 10.62 11.46
CA ASN B 76 -29.47 11.32 12.14
C ASN B 76 -29.59 12.76 11.63
N ASN B 77 -30.72 13.11 11.08
CA ASN B 77 -30.90 14.50 10.56
C ASN B 77 -32.14 15.13 11.19
N PHE B 78 -32.63 16.20 10.61
CA PHE B 78 -33.84 16.87 11.18
C PHE B 78 -35.02 15.90 11.20
N ASP B 79 -36.15 16.34 11.68
CA ASP B 79 -37.34 15.45 11.73
C ASP B 79 -38.56 16.14 11.10
N ALA B 80 -39.17 15.51 10.13
CA ALA B 80 -40.36 16.13 9.47
C ALA B 80 -41.63 15.84 10.28
N THR B 81 -41.85 16.56 11.35
CA THR B 81 -43.06 16.32 12.19
C THR B 81 -43.19 14.85 12.55
N MET B 82 -42.56 14.44 13.62
CA MET B 82 -42.64 13.01 14.04
C MET B 82 -43.51 12.86 15.29
N TYR B 83 -44.02 11.69 15.54
CA TYR B 83 -44.89 11.49 16.75
C TYR B 83 -44.01 11.24 17.98
N GLY B 84 -43.35 10.12 18.04
CA GLY B 84 -42.48 9.82 19.21
C GLY B 84 -43.08 8.65 20.00
N SER B 85 -42.40 7.52 19.99
CA SER B 85 -42.93 6.34 20.74
C SER B 85 -41.76 5.50 21.27
N GLY B 86 -41.64 5.39 22.57
CA GLY B 86 -40.54 4.59 23.15
C GLY B 86 -41.00 3.14 23.34
N SER B 87 -40.46 2.45 24.31
CA SER B 87 -40.87 1.04 24.55
C SER B 87 -40.59 0.65 26.01
N SER B 88 -41.02 -0.52 26.40
CA SER B 88 -40.79 -0.97 27.81
C SER B 88 -39.71 -2.05 27.85
N SER B 89 -38.47 -1.66 27.81
CA SER B 89 -37.36 -2.67 27.86
C SER B 89 -36.59 -2.55 29.17
N GLU B 90 -35.38 -3.04 29.21
CA GLU B 90 -34.57 -2.95 30.45
C GLU B 90 -33.87 -1.59 30.55
N ASP B 91 -33.30 -1.14 29.46
CA ASP B 91 -32.60 0.18 29.48
C ASP B 91 -33.62 1.30 29.66
N ALA B 92 -34.84 1.10 29.25
CA ALA B 92 -35.87 2.16 29.40
C ALA B 92 -36.11 2.47 30.88
N LEU B 93 -35.98 1.48 31.73
CA LEU B 93 -36.19 1.71 33.19
C LEU B 93 -34.94 2.36 33.81
N ASP B 94 -33.80 2.20 33.20
CA ASP B 94 -32.56 2.80 33.75
C ASP B 94 -32.67 4.32 33.78
N GLU B 95 -33.53 4.88 32.98
CA GLU B 95 -33.68 6.38 32.96
C GLU B 95 -33.87 6.93 34.38
N HIS B 96 -34.53 6.19 35.23
CA HIS B 96 -34.74 6.67 36.62
C HIS B 96 -33.41 6.79 37.36
N ARG B 97 -32.54 5.83 37.19
CA ARG B 97 -31.22 5.89 37.87
C ARG B 97 -30.37 7.02 37.30
N ARG B 98 -30.61 7.39 36.07
CA ARG B 98 -29.81 8.49 35.46
C ARG B 98 -30.37 9.85 35.90
N TRP B 99 -31.64 9.92 36.18
CA TRP B 99 -32.24 11.22 36.62
C TRP B 99 -31.87 11.51 38.07
N LYS B 100 -31.71 10.49 38.87
CA LYS B 100 -31.34 10.70 40.30
C LYS B 100 -29.84 11.02 40.43
N SER B 101 -29.02 10.32 39.70
CA SER B 101 -27.55 10.57 39.78
C SER B 101 -27.16 11.71 38.83
N LEU B 102 -27.86 11.85 37.73
CA LEU B 102 -27.54 12.93 36.77
C LEU B 102 -26.06 12.90 36.39
N SER B 103 -25.53 11.73 36.12
CA SER B 103 -24.09 11.63 35.75
C SER B 103 -23.90 12.09 34.30
N THR B 104 -23.84 13.39 34.09
CA THR B 104 -23.65 13.90 32.70
C THR B 104 -22.16 14.02 32.38
N LYS B 105 -21.32 14.02 33.37
CA LYS B 105 -19.84 14.13 33.11
C LYS B 105 -19.36 12.99 32.21
N ASP B 106 -20.11 11.92 32.14
CA ASP B 106 -19.69 10.78 31.28
C ASP B 106 -19.40 11.27 29.85
N LYS B 107 -20.20 12.18 29.37
CA LYS B 107 -19.98 12.71 27.99
C LYS B 107 -19.06 13.93 28.04
N PHE B 108 -18.91 14.55 29.19
CA PHE B 108 -18.03 15.75 29.29
C PHE B 108 -16.58 15.39 28.93
N VAL B 109 -16.19 14.16 29.13
CA VAL B 109 -14.79 13.77 28.80
C VAL B 109 -14.57 13.79 27.28
N GLU B 110 -15.48 13.23 26.52
CA GLU B 110 -15.30 13.24 25.04
C GLU B 110 -15.19 14.68 24.52
N GLY B 111 -15.75 15.63 25.23
CA GLY B 111 -15.68 17.05 24.76
C GLY B 111 -14.46 17.76 25.36
N LEU B 112 -14.46 17.99 26.65
CA LEU B 112 -13.32 18.71 27.29
C LEU B 112 -11.97 18.10 26.91
N SER B 113 -11.95 16.85 26.53
CA SER B 113 -10.66 16.19 26.15
C SER B 113 -10.29 16.50 24.70
N ASN B 114 -11.24 16.92 23.90
CA ASN B 114 -10.94 17.25 22.48
C ASN B 114 -10.14 18.55 22.37
N ASN B 115 -10.24 19.41 23.34
CA ASN B 115 -9.50 20.70 23.28
C ASN B 115 -8.08 20.53 23.84
N LYS B 116 -7.96 20.02 25.04
CA LYS B 116 -6.60 19.84 25.64
C LYS B 116 -5.72 18.98 24.73
N TYR B 117 -6.24 17.90 24.21
CA TYR B 117 -5.43 17.03 23.31
C TYR B 117 -5.06 17.77 22.03
N LYS B 118 -5.72 18.86 21.74
CA LYS B 118 -5.39 19.62 20.49
C LYS B 118 -4.31 20.67 20.76
N ILE B 119 -4.24 21.17 21.97
CA ILE B 119 -3.21 22.21 22.28
C ILE B 119 -1.87 21.54 22.60
N ILE B 120 -1.89 20.34 23.12
CA ILE B 120 -0.61 19.64 23.46
C ILE B 120 0.09 19.17 22.18
N THR B 121 -0.64 18.98 21.12
CA THR B 121 -0.01 18.51 19.85
C THR B 121 0.44 19.71 19.01
N GLY B 122 -0.37 20.75 18.94
CA GLY B 122 0.02 21.94 18.13
C GLY B 122 1.34 22.52 18.65
N ALA B 123 1.53 22.52 19.94
CA ALA B 123 2.80 23.08 20.51
C ALA B 123 3.97 22.12 20.25
N TRP B 124 3.68 20.85 20.10
CA TRP B 124 4.78 19.87 19.85
C TRP B 124 5.46 20.14 18.51
N ALA B 125 4.84 20.92 17.65
CA ALA B 125 5.47 21.21 16.33
C ALA B 125 6.34 22.48 16.42
N ALA B 126 5.89 23.46 17.14
CA ALA B 126 6.68 24.72 17.26
C ALA B 126 7.84 24.53 18.25
N SER B 127 7.75 23.55 19.11
CA SER B 127 8.85 23.33 20.10
C SER B 127 10.18 23.06 19.39
N LEU B 128 10.15 22.68 18.14
CA LEU B 128 11.42 22.40 17.40
C LEU B 128 11.94 23.68 16.74
N TYR B 129 11.06 24.49 16.20
CA TYR B 129 11.52 25.75 15.53
C TYR B 129 12.13 26.69 16.57
N GLY B 130 11.35 27.08 17.54
CA GLY B 130 11.87 28.00 18.59
C GLY B 130 13.06 27.36 19.30
N SER B 131 13.14 26.05 19.31
CA SER B 131 14.28 25.38 19.99
C SER B 131 15.62 25.81 19.37
N TRP B 132 15.59 26.23 18.13
CA TRP B 132 16.86 26.66 17.47
C TRP B 132 17.08 28.17 17.66
N VAL B 133 16.13 28.98 17.29
CA VAL B 133 16.30 30.45 17.44
C VAL B 133 16.57 30.82 18.90
N ILE B 134 15.79 30.31 19.81
CA ILE B 134 15.99 30.63 21.26
C ILE B 134 17.45 30.38 21.67
N VAL B 135 17.86 29.14 21.74
CA VAL B 135 19.25 28.83 22.14
C VAL B 135 20.24 29.27 21.04
N ASN B 136 21.25 30.00 21.42
CA ASN B 136 22.24 30.47 20.40
C ASN B 136 23.66 30.40 20.97
N LYS B 137 24.10 29.23 21.37
CA LYS B 137 25.47 29.10 21.94
C LYS B 137 26.34 28.24 21.02
N ASP B 138 26.38 28.56 19.75
CA ASP B 138 27.22 27.77 18.81
C ASP B 138 27.95 28.70 17.84
N PRO B 139 29.17 28.34 17.50
CA PRO B 139 29.96 29.17 16.56
C PRO B 139 29.45 28.99 15.13
N ILE B 140 29.34 27.76 14.69
CA ILE B 140 28.86 27.52 13.30
C ILE B 140 28.53 26.03 13.11
N MET B 141 29.32 25.16 13.67
CA MET B 141 29.06 23.69 13.52
C MET B 141 28.89 23.32 12.05
N THR B 142 28.28 22.20 11.78
CA THR B 142 28.08 21.77 10.37
C THR B 142 26.59 21.63 10.06
N LYS B 143 26.19 21.97 8.86
CA LYS B 143 24.74 21.85 8.49
C LYS B 143 24.44 20.46 7.94
N ALA B 144 25.41 19.81 7.36
CA ALA B 144 25.17 18.45 6.80
C ALA B 144 24.74 17.48 7.91
N GLN B 145 25.55 17.32 8.92
CA GLN B 145 25.19 16.39 10.03
C GLN B 145 23.89 16.86 10.71
N LYS B 146 23.58 18.13 10.60
CA LYS B 146 22.34 18.65 11.24
C LYS B 146 21.11 18.10 10.51
N ILE B 147 21.20 17.91 9.22
CA ILE B 147 20.03 17.38 8.45
C ILE B 147 19.84 15.89 8.77
N VAL B 148 20.87 15.12 8.66
CA VAL B 148 20.74 13.65 8.97
C VAL B 148 20.30 13.46 10.42
N GLN B 149 20.61 14.39 11.28
CA GLN B 149 20.21 14.27 12.72
C GLN B 149 18.69 14.29 12.83
N ALA B 150 18.05 15.26 12.22
CA ALA B 150 16.56 15.33 12.30
C ALA B 150 15.93 14.00 11.88
N ARG B 151 16.62 13.26 11.04
CA ARG B 151 16.06 11.95 10.58
C ARG B 151 15.74 11.06 11.79
N MET B 152 16.45 11.23 12.87
CA MET B 152 16.18 10.40 14.09
C MET B 152 15.05 11.02 14.91
N TYR B 153 15.18 12.27 15.26
CA TYR B 153 14.11 12.94 16.06
C TYR B 153 12.81 13.00 15.26
N ALA B 154 12.91 12.93 13.95
CA ALA B 154 11.68 12.98 13.11
C ALA B 154 11.07 11.58 12.96
N GLN B 155 11.89 10.58 12.79
CA GLN B 155 11.35 9.19 12.63
C GLN B 155 10.35 8.89 13.75
N PHE B 156 10.48 9.56 14.86
CA PHE B 156 9.55 9.34 16.00
C PHE B 156 8.29 10.20 15.83
N ILE B 157 8.38 11.32 15.14
CA ILE B 157 7.18 12.17 14.94
C ILE B 157 6.24 11.52 13.91
N THR B 158 6.75 10.62 13.12
CA THR B 158 5.91 9.95 12.09
C THR B 158 5.09 8.82 12.73
N VAL B 159 5.72 7.99 13.52
CA VAL B 159 4.97 6.87 14.18
C VAL B 159 3.78 7.44 14.95
N GLY B 160 3.85 8.68 15.36
CA GLY B 160 2.72 9.30 16.09
C GLY B 160 1.57 9.56 15.11
N LEU B 161 1.89 9.68 13.85
CA LEU B 161 0.83 9.93 12.83
C LEU B 161 0.28 8.60 12.29
N LEU B 162 1.06 7.55 12.36
CA LEU B 162 0.58 6.23 11.85
C LEU B 162 -0.12 5.44 12.96
N LEU B 163 0.42 5.46 14.15
CA LEU B 163 -0.22 4.70 15.27
C LEU B 163 -1.67 5.18 15.48
N ALA B 164 -1.86 6.47 15.57
CA ALA B 164 -3.24 7.01 15.79
C ALA B 164 -4.07 6.84 14.52
N SER B 165 -3.44 6.68 13.38
CA SER B 165 -4.21 6.52 12.11
C SER B 165 -5.00 5.20 12.10
N VAL B 166 -4.34 4.10 12.31
CA VAL B 166 -5.07 2.78 12.31
C VAL B 166 -5.96 2.66 13.55
N GLY B 167 -5.58 3.31 14.62
CA GLY B 167 -6.40 3.25 15.87
C GLY B 167 -7.85 3.59 15.55
N LEU B 168 -8.08 4.39 14.54
CA LEU B 168 -9.48 4.76 14.17
C LEU B 168 -10.12 3.61 13.38
N SER B 169 -9.36 2.94 12.57
CA SER B 169 -9.93 1.81 11.77
C SER B 169 -10.07 0.56 12.66
N MET B 170 -9.35 0.50 13.74
CA MET B 170 -9.45 -0.69 14.65
C MET B 170 -10.59 -0.51 15.65
N TYR B 171 -10.72 0.67 16.21
CA TYR B 171 -11.82 0.91 17.20
C TYR B 171 -13.18 0.54 16.60
N GLU B 172 -13.40 0.88 15.37
CA GLU B 172 -14.71 0.54 14.72
C GLU B 172 -14.86 -0.98 14.60
N ASN B 173 -13.76 -1.70 14.58
CA ASN B 173 -13.85 -3.19 14.46
C ASN B 173 -14.76 -3.77 15.54
N LYS B 174 -14.89 -3.08 16.66
CA LYS B 174 -15.76 -3.59 17.76
C LYS B 174 -17.16 -3.93 17.22
N LEU B 175 -18.01 -2.95 17.04
CA LEU B 175 -19.38 -3.24 16.52
C LEU B 175 -19.30 -3.79 15.11
N HIS B 176 -18.30 -3.41 14.36
CA HIS B 176 -18.16 -3.92 12.97
C HIS B 176 -16.93 -4.82 12.84
N PRO B 177 -17.08 -6.03 13.30
CA PRO B 177 -15.95 -7.00 13.23
C PRO B 177 -15.73 -7.48 11.80
N ASN B 178 -14.61 -7.13 11.21
CA ASN B 178 -14.34 -7.56 9.81
C ASN B 178 -13.34 -8.72 9.80
N LYS B 179 -12.29 -8.62 10.58
CA LYS B 179 -11.27 -9.71 10.62
C LYS B 179 -10.75 -10.00 9.20
N GLN B 180 -10.19 -9.02 8.55
CA GLN B 180 -9.66 -9.24 7.17
C GLN B 180 -8.17 -8.91 7.12
N LYS B 181 -7.50 -9.33 6.08
CA LYS B 181 -6.03 -9.04 5.96
C LYS B 181 -5.78 -8.10 4.78
N VAL B 182 -6.20 -6.88 4.88
CA VAL B 182 -5.98 -5.92 3.76
C VAL B 182 -6.12 -4.47 4.27
N ASN B 183 -5.47 -3.54 3.62
CA ASN B 183 -5.56 -2.11 4.05
C ASN B 183 -4.88 -1.91 5.40
N GLU B 184 -5.39 -2.53 6.44
CA GLU B 184 -4.77 -2.38 7.79
C GLU B 184 -3.27 -2.68 7.73
N MET B 185 -2.91 -3.90 7.41
CA MET B 185 -1.46 -4.26 7.34
C MET B 185 -0.82 -3.69 6.07
N ARG B 186 -1.61 -3.26 5.11
CA ARG B 186 -1.01 -2.68 3.86
C ARG B 186 -0.14 -1.47 4.18
N ARG B 187 -0.53 -0.70 5.17
CA ARG B 187 0.26 0.52 5.50
C ARG B 187 1.35 0.23 6.55
N TRP B 188 1.28 -0.87 7.28
CA TRP B 188 2.37 -1.15 8.28
C TRP B 188 3.57 -1.77 7.55
N GLU B 189 3.37 -2.88 6.89
CA GLU B 189 4.49 -3.51 6.15
C GLU B 189 5.06 -2.55 5.10
N ASN B 190 4.25 -1.65 4.61
CA ASN B 190 4.74 -0.67 3.60
C ASN B 190 5.61 0.37 4.30
N ALA B 191 5.12 0.95 5.38
CA ALA B 191 5.93 1.97 6.10
C ALA B 191 7.19 1.30 6.68
N LEU B 192 7.15 0.00 6.87
CA LEU B 192 8.33 -0.71 7.41
C LEU B 192 9.39 -0.89 6.32
N ARG B 193 8.96 -0.97 5.09
CA ARG B 193 9.92 -1.15 3.96
C ARG B 193 10.64 0.18 3.67
N VAL B 194 9.89 1.23 3.47
CA VAL B 194 10.51 2.56 3.19
C VAL B 194 11.41 2.96 4.36
N ALA B 195 11.16 2.41 5.52
CA ALA B 195 12.01 2.76 6.71
C ALA B 195 13.36 2.04 6.63
N GLU B 196 13.34 0.73 6.57
CA GLU B 196 14.63 -0.04 6.50
C GLU B 196 15.47 0.48 5.33
N GLU B 197 14.82 0.94 4.29
CA GLU B 197 15.57 1.46 3.11
C GLU B 197 16.43 2.65 3.53
N GLU B 198 16.03 3.35 4.55
CA GLU B 198 16.82 4.52 5.02
C GLU B 198 18.12 4.06 5.68
N GLU B 199 18.16 2.84 6.16
CA GLU B 199 19.40 2.34 6.82
C GLU B 199 20.50 2.07 5.78
N ARG B 200 20.15 1.52 4.65
CA ARG B 200 21.17 1.24 3.60
C ARG B 200 22.07 2.47 3.39
N LEU B 201 21.55 3.64 3.65
CA LEU B 201 22.35 4.88 3.48
C LEU B 201 23.25 5.09 4.70
N GLU B 202 22.83 4.62 5.85
CA GLU B 202 23.66 4.79 7.08
C GLU B 202 24.80 3.77 7.09
N LYS B 203 24.52 2.55 6.72
CA LYS B 203 25.58 1.51 6.71
C LYS B 203 26.67 1.87 5.69
N GLU B 204 26.28 2.43 4.57
CA GLU B 204 27.28 2.80 3.54
C GLU B 204 27.85 4.20 3.84
N GLY B 205 27.00 5.17 4.04
CA GLY B 205 27.50 6.54 4.35
C GLY B 205 28.22 6.53 5.69
N ARG B 206 29.40 7.07 5.75
CA ARG B 206 30.16 7.10 7.04
C ARG B 206 31.27 8.15 6.98
N ARG B 207 32.30 7.98 7.75
CA ARG B 207 33.43 8.97 7.75
C ARG B 207 32.91 10.36 8.16
N THR B 208 33.79 11.23 8.57
CA THR B 208 33.35 12.60 8.98
C THR B 208 34.53 13.56 8.94
N GLY B 209 34.44 14.60 8.16
CA GLY B 209 35.55 15.59 8.06
C GLY B 209 35.74 16.03 6.61
N TYR B 210 34.75 16.68 6.05
CA TYR B 210 34.86 17.14 4.64
C TYR B 210 35.01 18.66 4.59
N VAL B 211 34.44 19.36 5.53
CA VAL B 211 34.55 20.85 5.54
C VAL B 211 36.02 21.27 5.67
N SER B 212 36.77 20.58 6.48
CA SER B 212 38.21 20.94 6.66
C SER B 212 39.03 20.40 5.48
N ASN B 213 38.56 19.37 4.83
CA ASN B 213 39.32 18.81 3.67
C ASN B 213 39.38 19.83 2.53
N GLU B 214 38.41 20.71 2.46
CA GLU B 214 38.42 21.73 1.36
C GLU B 214 39.63 22.66 1.52
N GLU B 215 39.98 22.99 2.74
CA GLU B 215 41.15 23.89 2.96
C GLU B 215 42.46 23.17 2.59
N ARG B 216 42.45 21.87 2.59
CA ARG B 216 43.68 21.11 2.23
C ARG B 216 44.12 21.44 0.80
N ILE B 217 43.19 21.53 -0.10
CA ILE B 217 43.54 21.84 -1.52
C ILE B 217 43.86 23.34 -1.66
N ASN B 218 43.33 24.16 -0.79
CA ASN B 218 43.60 25.62 -0.88
C ASN B 218 45.06 25.91 -0.53
N SER B 219 45.65 25.11 0.32
CA SER B 219 47.08 25.33 0.70
C SER B 219 47.98 25.24 -0.54
N LYS B 220 47.57 24.50 -1.53
CA LYS B 220 48.39 24.36 -2.77
C LYS B 220 48.69 25.74 -3.38
N ILE B 221 47.88 26.72 -3.07
CA ILE B 221 48.13 28.09 -3.63
C ILE B 221 49.53 28.59 -3.26
N PHE B 222 50.11 28.04 -2.23
CA PHE B 222 51.47 28.48 -1.81
C PHE B 222 52.45 28.39 -2.99
N LYS B 223 52.56 27.23 -3.58
CA LYS B 223 53.49 27.05 -4.74
C LYS B 223 54.89 27.56 -4.39
N SER B 224 55.26 27.47 -3.14
CA SER B 224 56.62 27.95 -2.73
C SER B 224 57.23 27.00 -1.70
N MET A 1 -28.66 -43.47 -15.94
CA MET A 1 -30.02 -43.46 -16.55
C MET A 1 -30.55 -42.04 -16.65
N LYS A 2 -30.73 -41.38 -15.54
CA LYS A 2 -31.24 -39.98 -15.58
C LYS A 2 -30.13 -39.00 -15.22
N ILE A 3 -29.63 -39.06 -14.02
CA ILE A 3 -28.53 -38.12 -13.61
C ILE A 3 -27.19 -38.64 -14.14
N LEU A 4 -27.04 -39.93 -14.23
CA LEU A 4 -25.75 -40.49 -14.74
C LEU A 4 -25.97 -41.18 -16.09
N THR A 5 -26.33 -40.44 -17.10
CA THR A 5 -26.56 -41.04 -18.45
C THR A 5 -25.23 -41.19 -19.20
N GLN A 6 -24.70 -40.12 -19.71
CA GLN A 6 -23.41 -40.20 -20.45
C GLN A 6 -22.91 -38.80 -20.80
N ASP A 7 -21.70 -38.47 -20.41
CA ASP A 7 -21.15 -37.12 -20.72
C ASP A 7 -19.96 -37.23 -21.67
N GLU A 8 -19.96 -36.45 -22.72
CA GLU A 8 -18.83 -36.51 -23.69
C GLU A 8 -18.21 -35.12 -23.88
N ILE A 9 -18.96 -34.20 -24.42
CA ILE A 9 -18.41 -32.83 -24.64
C ILE A 9 -19.16 -31.82 -23.75
N GLU A 10 -18.46 -31.19 -22.85
CA GLU A 10 -19.11 -30.20 -21.95
C GLU A 10 -18.16 -29.04 -21.67
N ALA A 11 -18.68 -27.84 -21.56
CA ALA A 11 -17.81 -26.67 -21.28
C ALA A 11 -18.39 -25.83 -20.14
N HIS A 12 -17.70 -25.74 -19.04
CA HIS A 12 -18.21 -24.94 -17.89
C HIS A 12 -17.05 -24.45 -17.03
N ARG A 13 -17.32 -23.58 -16.08
CA ARG A 13 -16.23 -23.06 -15.20
C ARG A 13 -15.56 -24.21 -14.45
N SER A 14 -16.28 -25.27 -14.19
CA SER A 14 -15.69 -26.43 -13.46
C SER A 14 -14.50 -26.99 -14.24
N HIS A 15 -14.48 -26.79 -15.53
CA HIS A 15 -13.34 -27.31 -16.35
C HIS A 15 -12.02 -26.66 -15.90
N THR A 16 -11.99 -25.36 -15.85
CA THR A 16 -10.74 -24.66 -15.41
C THR A 16 -10.54 -24.78 -13.90
N LEU A 17 -11.58 -25.05 -13.17
CA LEU A 17 -11.46 -25.18 -11.68
C LEU A 17 -10.28 -26.08 -11.31
N LYS A 18 -10.02 -27.09 -12.09
CA LYS A 18 -8.88 -28.00 -11.78
C LYS A 18 -7.56 -27.34 -12.17
N GLY A 19 -7.52 -26.67 -13.30
CA GLY A 19 -6.26 -26.01 -13.73
C GLY A 19 -6.05 -24.72 -12.92
N GLY A 20 -7.11 -24.15 -12.41
CA GLY A 20 -6.96 -22.89 -11.62
C GLY A 20 -6.10 -23.17 -10.38
N ILE A 21 -6.50 -24.09 -9.56
CA ILE A 21 -5.71 -24.41 -8.34
C ILE A 21 -4.32 -24.93 -8.73
N GLU A 22 -4.19 -25.49 -9.91
CA GLU A 22 -2.88 -26.03 -10.35
C GLU A 22 -1.85 -24.89 -10.45
N GLY A 23 -2.29 -23.71 -10.76
CA GLY A 23 -1.35 -22.55 -10.90
C GLY A 23 -0.94 -22.06 -9.51
N ALA A 24 -1.78 -22.24 -8.52
CA ALA A 24 -1.42 -21.77 -7.15
C ALA A 24 -0.12 -22.44 -6.67
N LEU A 25 -0.02 -23.73 -6.83
CA LEU A 25 1.22 -24.43 -6.39
C LEU A 25 2.35 -24.26 -7.42
N ALA A 26 2.00 -24.19 -8.68
CA ALA A 26 3.04 -24.03 -9.74
C ALA A 26 3.84 -22.74 -9.53
N GLY A 27 3.23 -21.74 -8.95
CA GLY A 27 3.95 -20.46 -8.72
C GLY A 27 5.01 -20.64 -7.63
N PHE A 28 4.79 -21.54 -6.71
CA PHE A 28 5.78 -21.76 -5.62
C PHE A 28 7.01 -22.51 -6.15
N ALA A 29 6.84 -23.29 -7.19
CA ALA A 29 8.00 -24.05 -7.75
C ALA A 29 8.86 -23.16 -8.65
N ILE A 30 8.26 -22.56 -9.64
CA ILE A 30 9.05 -21.68 -10.57
C ILE A 30 9.61 -20.47 -9.81
N SER A 31 8.97 -20.06 -8.75
CA SER A 31 9.47 -18.89 -7.98
C SER A 31 10.87 -19.16 -7.40
N ALA A 32 11.12 -20.37 -6.99
CA ALA A 32 12.47 -20.69 -6.41
C ALA A 32 13.51 -20.94 -7.51
N ILE A 33 13.08 -21.43 -8.65
CA ILE A 33 14.06 -21.72 -9.75
C ILE A 33 14.65 -20.43 -10.32
N ILE A 34 13.82 -19.47 -10.62
CA ILE A 34 14.34 -18.19 -11.21
C ILE A 34 15.45 -17.58 -10.32
N PHE A 35 15.38 -17.80 -9.04
CA PHE A 35 16.42 -17.22 -8.13
C PHE A 35 17.77 -17.93 -8.30
N LYS A 36 17.76 -19.18 -8.69
CA LYS A 36 19.06 -19.92 -8.85
C LYS A 36 19.73 -19.59 -10.18
N VAL A 37 18.95 -19.29 -11.19
CA VAL A 37 19.54 -19.01 -12.54
C VAL A 37 20.73 -18.04 -12.47
N LEU A 38 20.58 -16.92 -11.80
CA LEU A 38 21.71 -15.94 -11.75
C LEU A 38 22.86 -16.42 -10.84
N PRO A 39 22.55 -16.67 -9.59
CA PRO A 39 23.60 -17.12 -8.64
C PRO A 39 24.11 -18.52 -9.01
N ARG A 40 23.43 -19.20 -9.88
CA ARG A 40 23.86 -20.56 -10.29
C ARG A 40 25.33 -20.51 -10.76
N ARG A 41 25.72 -19.42 -11.38
CA ARG A 41 27.12 -19.30 -11.86
C ARG A 41 28.08 -19.26 -10.67
N TYR A 42 27.60 -18.85 -9.52
CA TYR A 42 28.47 -18.78 -8.31
C TYR A 42 29.67 -17.85 -8.57
N PRO A 43 29.38 -16.64 -8.97
CA PRO A 43 30.46 -15.67 -9.27
C PRO A 43 31.07 -15.16 -7.96
N LYS A 44 31.82 -14.09 -8.01
CA LYS A 44 32.45 -13.54 -6.77
C LYS A 44 31.40 -12.84 -5.91
N PHE A 45 30.38 -12.30 -6.53
CA PHE A 45 29.32 -11.59 -5.75
C PHE A 45 27.99 -11.61 -6.51
N LYS A 46 26.90 -11.46 -5.83
CA LYS A 46 25.58 -11.47 -6.50
C LYS A 46 24.61 -10.50 -5.81
N PRO A 47 23.85 -9.79 -6.60
CA PRO A 47 22.88 -8.81 -6.03
C PRO A 47 21.68 -9.55 -5.41
N SER A 48 21.74 -9.82 -4.14
CA SER A 48 20.60 -10.52 -3.47
C SER A 48 19.59 -9.51 -2.94
N THR A 49 20.03 -8.34 -2.59
CA THR A 49 19.08 -7.31 -2.06
C THR A 49 18.03 -6.96 -3.11
N LEU A 50 18.41 -6.93 -4.36
CA LEU A 50 17.43 -6.60 -5.44
C LEU A 50 16.46 -7.76 -5.65
N THR A 51 16.98 -8.96 -5.83
CA THR A 51 16.09 -10.13 -6.05
C THR A 51 15.17 -10.34 -4.85
N TRP A 52 15.65 -10.03 -3.67
CA TRP A 52 14.79 -10.21 -2.45
C TRP A 52 13.61 -9.25 -2.50
N SER A 53 13.77 -8.12 -3.16
CA SER A 53 12.64 -7.14 -3.24
C SER A 53 11.66 -7.52 -4.36
N ILE A 54 12.16 -7.71 -5.54
CA ILE A 54 11.26 -8.07 -6.68
C ILE A 54 10.55 -9.41 -6.42
N LYS A 55 11.05 -10.21 -5.51
CA LYS A 55 10.39 -11.51 -5.22
C LYS A 55 9.36 -11.36 -4.09
N THR A 56 9.41 -10.28 -3.36
CA THR A 56 8.43 -10.09 -2.24
C THR A 56 7.00 -9.91 -2.77
N ALA A 57 6.82 -9.07 -3.76
CA ALA A 57 5.44 -8.84 -4.31
C ALA A 57 4.90 -10.09 -5.02
N LEU A 58 5.73 -11.07 -5.24
CA LEU A 58 5.24 -12.30 -5.94
C LEU A 58 4.57 -13.28 -4.97
N TRP A 59 4.82 -13.17 -3.70
CA TRP A 59 4.19 -14.11 -2.72
C TRP A 59 2.71 -13.77 -2.49
N ILE A 60 2.36 -12.52 -2.59
CA ILE A 60 0.95 -12.10 -2.36
C ILE A 60 0.10 -12.23 -3.64
N THR A 61 0.72 -12.30 -4.78
CA THR A 61 -0.07 -12.38 -6.05
C THR A 61 -0.79 -13.74 -6.25
N PRO A 62 -0.08 -14.83 -6.05
CA PRO A 62 -0.69 -16.17 -6.25
C PRO A 62 -1.79 -16.52 -5.22
N PRO A 63 -1.66 -16.12 -3.98
CA PRO A 63 -2.71 -16.46 -2.98
C PRO A 63 -4.03 -15.71 -3.25
N THR A 64 -4.05 -14.81 -4.21
CA THR A 64 -5.32 -14.06 -4.49
C THR A 64 -6.15 -14.80 -5.55
N VAL A 65 -5.50 -15.56 -6.39
CA VAL A 65 -6.26 -16.30 -7.44
C VAL A 65 -7.13 -17.39 -6.81
N LEU A 66 -6.83 -17.76 -5.60
CA LEU A 66 -7.63 -18.82 -4.91
C LEU A 66 -9.03 -18.28 -4.57
N THR A 67 -9.15 -16.99 -4.39
CA THR A 67 -10.48 -16.40 -4.06
C THR A 67 -11.49 -16.70 -5.17
N ALA A 68 -11.04 -16.76 -6.39
CA ALA A 68 -11.98 -17.04 -7.53
C ALA A 68 -12.63 -18.42 -7.35
N ILE A 69 -11.99 -19.30 -6.62
CA ILE A 69 -12.57 -20.65 -6.41
C ILE A 69 -13.53 -20.65 -5.22
N CYS A 70 -13.09 -20.16 -4.10
CA CYS A 70 -13.97 -20.13 -2.88
C CYS A 70 -15.30 -19.43 -3.20
N ALA A 71 -15.25 -18.37 -3.97
CA ALA A 71 -16.51 -17.65 -4.32
C ALA A 71 -17.38 -18.53 -5.21
N GLU A 72 -16.79 -19.42 -5.95
CA GLU A 72 -17.59 -20.31 -6.85
C GLU A 72 -18.04 -21.56 -6.08
N GLU A 73 -17.29 -21.96 -5.09
CA GLU A 73 -17.68 -23.17 -4.31
C GLU A 73 -18.96 -22.91 -3.52
N ALA A 74 -18.95 -21.95 -2.64
CA ALA A 74 -20.18 -21.65 -1.85
C ALA A 74 -21.32 -21.21 -2.78
N SER A 75 -21.03 -20.39 -3.75
CA SER A 75 -22.09 -19.93 -4.69
C SER A 75 -22.81 -21.13 -5.31
N ASN A 76 -22.26 -21.75 -6.32
CA ASN A 76 -22.91 -22.93 -6.95
C ASN A 76 -21.98 -24.14 -6.90
N ASN A 77 -22.50 -25.30 -6.57
CA ASN A 77 -21.65 -26.51 -6.51
C ASN A 77 -22.52 -27.77 -6.60
N PHE A 78 -23.64 -27.68 -7.27
CA PHE A 78 -24.54 -28.87 -7.40
C PHE A 78 -25.52 -28.65 -8.55
N ASP A 79 -26.59 -29.40 -8.57
CA ASP A 79 -27.59 -29.24 -9.66
C ASP A 79 -28.64 -28.19 -9.27
N ALA A 80 -29.73 -28.14 -9.98
CA ALA A 80 -30.79 -27.13 -9.65
C ALA A 80 -31.62 -27.62 -8.46
N THR A 81 -31.85 -26.76 -7.50
CA THR A 81 -32.66 -27.16 -6.31
C THR A 81 -33.98 -26.38 -6.29
N MET A 82 -34.71 -26.46 -5.20
CA MET A 82 -36.00 -25.73 -5.11
C MET A 82 -35.76 -24.26 -4.74
N TYR A 83 -35.14 -23.52 -5.63
CA TYR A 83 -34.87 -22.08 -5.34
C TYR A 83 -34.44 -21.35 -6.62
N GLY A 84 -35.23 -20.41 -7.07
CA GLY A 84 -34.88 -19.66 -8.31
C GLY A 84 -36.15 -19.30 -9.07
N SER A 85 -36.26 -18.07 -9.48
CA SER A 85 -37.48 -17.63 -10.24
C SER A 85 -37.25 -16.27 -10.89
N GLY A 86 -37.25 -15.22 -10.12
CA GLY A 86 -37.03 -13.86 -10.69
C GLY A 86 -38.17 -13.52 -11.65
N SER A 87 -39.21 -12.91 -11.15
CA SER A 87 -40.37 -12.53 -12.01
C SER A 87 -40.93 -13.78 -12.72
N SER A 88 -40.38 -14.15 -13.85
CA SER A 88 -40.90 -15.35 -14.57
C SER A 88 -39.78 -16.38 -14.75
N SER A 89 -40.12 -17.59 -15.09
CA SER A 89 -39.07 -18.63 -15.29
C SER A 89 -38.38 -18.45 -16.64
N GLU A 90 -37.42 -17.58 -16.70
CA GLU A 90 -36.70 -17.35 -17.99
C GLU A 90 -35.75 -18.51 -18.29
N ASP A 91 -35.47 -19.33 -17.32
CA ASP A 91 -34.53 -20.48 -17.55
C ASP A 91 -35.05 -21.37 -18.69
N ALA A 92 -36.33 -21.32 -18.95
CA ALA A 92 -36.89 -22.16 -20.06
C ALA A 92 -36.73 -21.44 -21.40
N LEU A 93 -36.92 -20.15 -21.42
CA LEU A 93 -36.78 -19.39 -22.69
C LEU A 93 -35.31 -19.05 -22.96
N ASP A 94 -34.54 -18.87 -21.92
CA ASP A 94 -33.09 -18.55 -22.10
C ASP A 94 -32.37 -19.72 -22.75
N GLU A 95 -32.82 -20.93 -22.51
CA GLU A 95 -32.15 -22.12 -23.10
C GLU A 95 -32.75 -22.42 -24.47
N HIS A 96 -34.02 -22.15 -24.66
CA HIS A 96 -34.66 -22.42 -25.97
C HIS A 96 -33.98 -21.61 -27.08
N ARG A 97 -33.57 -20.42 -26.78
CA ARG A 97 -32.90 -19.57 -27.81
C ARG A 97 -31.48 -20.09 -28.09
N ARG A 98 -30.87 -20.71 -27.11
CA ARG A 98 -29.49 -21.25 -27.32
C ARG A 98 -29.54 -22.55 -28.12
N TRP A 99 -30.64 -23.27 -28.03
CA TRP A 99 -30.75 -24.55 -28.79
C TRP A 99 -30.72 -24.28 -30.30
N LYS A 100 -31.33 -23.22 -30.72
CA LYS A 100 -31.34 -22.89 -32.18
C LYS A 100 -30.07 -22.13 -32.56
N SER A 101 -29.53 -21.37 -31.64
CA SER A 101 -28.29 -20.59 -31.95
C SER A 101 -27.13 -21.54 -32.24
N LEU A 102 -27.13 -22.70 -31.63
CA LEU A 102 -26.02 -23.68 -31.87
C LEU A 102 -24.66 -23.02 -31.64
N SER A 103 -24.58 -22.12 -30.70
CA SER A 103 -23.28 -21.44 -30.43
C SER A 103 -22.68 -21.93 -29.10
N THR A 104 -22.34 -23.19 -29.04
CA THR A 104 -21.75 -23.74 -27.78
C THR A 104 -20.28 -23.33 -27.66
N LYS A 105 -19.64 -23.06 -28.76
CA LYS A 105 -18.19 -22.65 -28.71
C LYS A 105 -18.02 -21.40 -27.86
N ASP A 106 -19.08 -20.64 -27.65
CA ASP A 106 -18.96 -19.40 -26.83
C ASP A 106 -18.26 -19.70 -25.50
N LYS A 107 -18.50 -20.87 -24.95
CA LYS A 107 -17.86 -21.23 -23.66
C LYS A 107 -16.51 -21.93 -23.91
N PHE A 108 -16.31 -22.44 -25.10
CA PHE A 108 -15.03 -23.14 -25.41
C PHE A 108 -13.85 -22.15 -25.38
N VAL A 109 -14.11 -20.89 -25.58
CA VAL A 109 -13.00 -19.88 -25.56
C VAL A 109 -12.47 -19.69 -24.14
N GLU A 110 -13.34 -19.59 -23.18
CA GLU A 110 -12.88 -19.41 -21.77
C GLU A 110 -12.07 -20.63 -21.30
N GLY A 111 -12.27 -21.76 -21.92
CA GLY A 111 -11.53 -22.98 -21.50
C GLY A 111 -10.23 -23.14 -22.30
N LEU A 112 -10.32 -23.42 -23.56
CA LEU A 112 -9.09 -23.61 -24.41
C LEU A 112 -8.13 -22.43 -24.24
N SER A 113 -8.63 -21.22 -24.27
CA SER A 113 -7.74 -20.04 -24.14
C SER A 113 -6.94 -20.08 -22.83
N ASN A 114 -7.47 -20.71 -21.82
CA ASN A 114 -6.74 -20.78 -20.52
C ASN A 114 -5.39 -21.48 -20.70
N ASN A 115 -5.32 -22.46 -21.56
CA ASN A 115 -4.04 -23.19 -21.76
C ASN A 115 -3.15 -22.46 -22.77
N LYS A 116 -3.76 -21.84 -23.75
CA LYS A 116 -2.95 -21.11 -24.78
C LYS A 116 -2.16 -19.97 -24.12
N TYR A 117 -2.67 -19.41 -23.06
CA TYR A 117 -1.94 -18.30 -22.38
C TYR A 117 -1.00 -18.85 -21.30
N LYS A 118 -1.13 -20.10 -20.95
CA LYS A 118 -0.24 -20.68 -19.90
C LYS A 118 1.06 -21.20 -20.53
N ILE A 119 1.03 -21.53 -21.79
CA ILE A 119 2.26 -22.05 -22.45
C ILE A 119 3.12 -20.90 -22.99
N ILE A 120 2.52 -19.77 -23.23
CA ILE A 120 3.31 -18.61 -23.76
C ILE A 120 4.01 -17.87 -22.61
N THR A 121 3.52 -18.01 -21.41
CA THR A 121 4.17 -17.31 -20.25
C THR A 121 5.27 -18.18 -19.64
N GLY A 122 5.03 -19.46 -19.51
CA GLY A 122 6.05 -20.35 -18.91
C GLY A 122 7.34 -20.29 -19.73
N ALA A 123 7.23 -20.01 -21.00
CA ALA A 123 8.45 -19.93 -21.85
C ALA A 123 9.04 -18.52 -21.84
N TRP A 124 8.22 -17.53 -21.55
CA TRP A 124 8.73 -16.13 -21.53
C TRP A 124 9.75 -15.96 -20.39
N ALA A 125 9.67 -16.77 -19.38
CA ALA A 125 10.64 -16.66 -18.25
C ALA A 125 11.91 -17.47 -18.54
N ALA A 126 11.76 -18.65 -19.07
CA ALA A 126 12.96 -19.49 -19.37
C ALA A 126 13.74 -18.90 -20.54
N SER A 127 13.13 -18.08 -21.34
CA SER A 127 13.84 -17.47 -22.51
C SER A 127 15.05 -16.65 -22.04
N LEU A 128 15.02 -16.17 -20.82
CA LEU A 128 16.17 -15.37 -20.30
C LEU A 128 17.31 -16.29 -19.84
N TYR A 129 16.97 -17.39 -19.21
CA TYR A 129 18.04 -18.33 -18.74
C TYR A 129 18.78 -18.91 -19.93
N GLY A 130 18.08 -19.60 -20.78
CA GLY A 130 18.73 -20.22 -21.97
C GLY A 130 19.34 -19.14 -22.86
N SER A 131 18.90 -17.92 -22.73
CA SER A 131 19.46 -16.83 -23.59
C SER A 131 20.95 -16.64 -23.29
N TRP A 132 21.38 -17.02 -22.12
CA TRP A 132 22.83 -16.86 -21.77
C TRP A 132 23.62 -18.11 -22.17
N VAL A 133 23.00 -19.26 -22.12
CA VAL A 133 23.70 -20.52 -22.50
C VAL A 133 23.58 -20.78 -24.00
N ILE A 134 22.51 -20.32 -24.61
CA ILE A 134 22.33 -20.56 -26.07
C ILE A 134 23.55 -20.03 -26.85
N VAL A 135 24.23 -19.06 -26.32
CA VAL A 135 25.42 -18.52 -27.03
C VAL A 135 26.67 -19.34 -26.69
N ASN A 136 27.51 -19.60 -27.66
CA ASN A 136 28.73 -20.40 -27.39
C ASN A 136 29.88 -19.49 -26.95
N LYS A 137 30.85 -20.03 -26.25
CA LYS A 137 32.00 -19.19 -25.79
C LYS A 137 31.49 -17.94 -25.05
N ASP A 138 31.32 -18.04 -23.76
CA ASP A 138 30.83 -16.87 -22.97
C ASP A 138 31.81 -15.68 -23.14
N PRO A 139 31.34 -14.65 -23.80
CA PRO A 139 32.19 -13.45 -24.03
C PRO A 139 32.33 -12.67 -22.72
N ILE A 140 32.83 -11.46 -22.80
CA ILE A 140 33.01 -10.63 -21.57
C ILE A 140 32.78 -9.15 -21.89
N MET A 141 31.58 -8.80 -22.26
CA MET A 141 31.30 -7.36 -22.59
C MET A 141 30.96 -6.58 -21.32
N THR A 142 30.41 -5.41 -21.46
CA THR A 142 30.07 -4.60 -20.25
C THR A 142 29.00 -5.32 -19.43
N LYS A 143 29.37 -5.87 -18.30
CA LYS A 143 28.37 -6.57 -17.44
C LYS A 143 27.60 -5.57 -16.59
N ALA A 144 28.24 -4.50 -16.19
CA ALA A 144 27.53 -3.49 -15.34
C ALA A 144 26.35 -2.90 -16.11
N GLN A 145 26.57 -2.47 -17.33
CA GLN A 145 25.45 -1.90 -18.13
C GLN A 145 24.39 -2.96 -18.40
N LYS A 146 24.79 -4.21 -18.45
CA LYS A 146 23.80 -5.30 -18.73
C LYS A 146 22.81 -5.41 -17.56
N ILE A 147 23.27 -5.20 -16.35
CA ILE A 147 22.36 -5.30 -15.18
C ILE A 147 21.27 -4.22 -15.28
N VAL A 148 21.66 -2.98 -15.34
CA VAL A 148 20.65 -1.89 -15.44
C VAL A 148 19.79 -2.06 -16.70
N GLN A 149 20.31 -2.71 -17.69
CA GLN A 149 19.53 -2.92 -18.94
C GLN A 149 18.30 -3.78 -18.65
N ALA A 150 18.48 -4.87 -17.95
CA ALA A 150 17.32 -5.77 -17.63
C ALA A 150 16.20 -4.95 -16.97
N ARG A 151 16.54 -3.87 -16.32
CA ARG A 151 15.49 -3.03 -15.66
C ARG A 151 14.49 -2.52 -16.71
N MET A 152 14.98 -2.04 -17.82
CA MET A 152 14.06 -1.53 -18.87
C MET A 152 13.16 -2.66 -19.39
N TYR A 153 13.65 -3.87 -19.34
CA TYR A 153 12.82 -5.03 -19.82
C TYR A 153 12.01 -5.61 -18.66
N ALA A 154 12.39 -5.31 -17.44
CA ALA A 154 11.64 -5.85 -16.26
C ALA A 154 10.44 -4.95 -15.94
N GLN A 155 10.60 -3.66 -16.09
CA GLN A 155 9.46 -2.73 -15.78
C GLN A 155 8.20 -3.19 -16.54
N PHE A 156 8.39 -3.92 -17.61
CA PHE A 156 7.23 -4.43 -18.39
C PHE A 156 6.78 -5.78 -17.83
N ILE A 157 7.70 -6.63 -17.46
CA ILE A 157 7.32 -7.96 -16.89
C ILE A 157 6.64 -7.77 -15.52
N THR A 158 6.87 -6.65 -14.90
CA THR A 158 6.24 -6.39 -13.57
C THR A 158 4.82 -5.88 -13.74
N VAL A 159 4.64 -4.84 -14.52
CA VAL A 159 3.28 -4.28 -14.74
C VAL A 159 2.34 -5.38 -15.25
N GLY A 160 2.88 -6.37 -15.91
CA GLY A 160 2.03 -7.47 -16.43
C GLY A 160 1.43 -8.25 -15.25
N LEU A 161 2.10 -8.26 -14.13
CA LEU A 161 1.58 -8.99 -12.95
C LEU A 161 0.53 -8.14 -12.23
N LEU A 162 0.65 -6.83 -12.29
CA LEU A 162 -0.34 -5.95 -11.61
C LEU A 162 -1.50 -5.61 -12.55
N LEU A 163 -1.21 -5.31 -13.79
CA LEU A 163 -2.30 -4.96 -14.75
C LEU A 163 -3.38 -6.05 -14.77
N ALA A 164 -2.97 -7.29 -14.87
CA ALA A 164 -3.97 -8.40 -14.89
C ALA A 164 -4.48 -8.68 -13.47
N SER A 165 -3.74 -8.28 -12.48
CA SER A 165 -4.18 -8.52 -11.07
C SER A 165 -5.42 -7.68 -10.74
N VAL A 166 -5.29 -6.38 -10.77
CA VAL A 166 -6.46 -5.50 -10.45
C VAL A 166 -7.69 -5.91 -11.26
N GLY A 167 -7.50 -6.38 -12.47
CA GLY A 167 -8.66 -6.78 -13.31
C GLY A 167 -9.50 -7.81 -12.55
N LEU A 168 -8.89 -8.59 -11.70
CA LEU A 168 -9.66 -9.60 -10.92
C LEU A 168 -10.57 -8.88 -9.92
N SER A 169 -10.09 -7.82 -9.32
CA SER A 169 -10.93 -7.07 -8.35
C SER A 169 -11.80 -6.04 -9.08
N MET A 170 -11.42 -5.68 -10.28
CA MET A 170 -12.22 -4.68 -11.06
C MET A 170 -13.42 -5.37 -11.72
N TYR A 171 -13.20 -6.45 -12.40
CA TYR A 171 -14.34 -7.17 -13.06
C TYR A 171 -15.38 -7.57 -12.02
N GLU A 172 -14.95 -7.89 -10.82
CA GLU A 172 -15.92 -8.29 -9.77
C GLU A 172 -16.89 -7.13 -9.47
N ASN A 173 -16.47 -5.92 -9.70
CA ASN A 173 -17.36 -4.75 -9.43
C ASN A 173 -18.59 -4.81 -10.36
N LYS A 174 -18.37 -4.89 -11.65
CA LYS A 174 -19.51 -4.96 -12.60
C LYS A 174 -20.49 -3.80 -12.36
N LEU A 175 -21.69 -3.92 -12.85
CA LEU A 175 -22.69 -2.83 -12.64
C LEU A 175 -23.59 -3.16 -11.44
N HIS A 176 -23.05 -3.81 -10.44
CA HIS A 176 -23.86 -4.15 -9.24
C HIS A 176 -23.81 -3.02 -8.21
N PRO A 177 -24.95 -2.42 -7.96
CA PRO A 177 -25.01 -1.30 -6.98
C PRO A 177 -24.85 -1.83 -5.55
N ASN A 178 -23.71 -2.37 -5.24
CA ASN A 178 -23.49 -2.91 -3.86
C ASN A 178 -22.00 -2.89 -3.52
N LYS A 179 -21.18 -3.47 -4.37
CA LYS A 179 -19.72 -3.48 -4.09
C LYS A 179 -19.13 -2.07 -4.21
N GLN A 180 -18.19 -1.73 -3.39
CA GLN A 180 -17.59 -0.37 -3.45
C GLN A 180 -16.09 -0.42 -3.10
N LYS A 181 -15.48 0.72 -2.93
CA LYS A 181 -14.02 0.75 -2.57
C LYS A 181 -13.20 0.06 -3.67
N VAL A 182 -11.92 0.36 -3.74
CA VAL A 182 -11.06 -0.27 -4.78
C VAL A 182 -9.60 0.10 -4.55
N ASN A 183 -8.69 -0.82 -4.79
CA ASN A 183 -7.24 -0.52 -4.59
C ASN A 183 -6.59 -0.11 -5.91
N GLU A 184 -7.12 0.89 -6.55
CA GLU A 184 -6.53 1.35 -7.84
C GLU A 184 -5.31 2.22 -7.59
N MET A 185 -5.50 3.36 -6.98
CA MET A 185 -4.34 4.27 -6.71
C MET A 185 -3.65 3.90 -5.39
N ARG A 186 -4.27 3.08 -4.57
CA ARG A 186 -3.63 2.68 -3.26
C ARG A 186 -2.21 2.17 -3.52
N ARG A 187 -2.05 1.33 -4.49
CA ARG A 187 -0.72 0.74 -4.78
C ARG A 187 0.08 1.57 -5.82
N TRP A 188 -0.55 2.18 -6.80
CA TRP A 188 0.24 2.97 -7.82
C TRP A 188 1.11 4.02 -7.10
N GLU A 189 0.51 4.90 -6.37
CA GLU A 189 1.30 5.96 -5.65
C GLU A 189 2.38 5.29 -4.78
N ASN A 190 2.13 4.10 -4.34
CA ASN A 190 3.14 3.40 -3.49
C ASN A 190 4.28 2.87 -4.37
N ALA A 191 3.95 2.32 -5.51
CA ALA A 191 5.01 1.81 -6.43
C ALA A 191 5.86 2.96 -6.97
N LEU A 192 5.35 4.17 -6.91
CA LEU A 192 6.12 5.34 -7.42
C LEU A 192 7.16 5.77 -6.38
N ARG A 193 6.78 5.85 -5.13
CA ARG A 193 7.74 6.26 -4.07
C ARG A 193 8.92 5.29 -4.04
N VAL A 194 8.66 4.01 -3.97
CA VAL A 194 9.77 3.02 -3.94
C VAL A 194 10.54 3.06 -5.26
N ALA A 195 9.95 3.59 -6.29
CA ALA A 195 10.64 3.65 -7.61
C ALA A 195 11.62 4.83 -7.63
N GLU A 196 11.12 6.03 -7.53
CA GLU A 196 12.03 7.22 -7.54
C GLU A 196 13.11 7.07 -6.47
N GLU A 197 12.80 6.37 -5.41
CA GLU A 197 13.81 6.17 -4.32
C GLU A 197 15.04 5.46 -4.88
N GLU A 198 14.86 4.68 -5.90
CA GLU A 198 16.02 3.93 -6.49
C GLU A 198 16.88 4.88 -7.34
N GLU A 199 16.30 5.95 -7.83
CA GLU A 199 17.07 6.91 -8.66
C GLU A 199 18.12 7.64 -7.82
N ARG A 200 17.80 7.95 -6.59
CA ARG A 200 18.76 8.67 -5.71
C ARG A 200 20.14 7.98 -5.77
N LEU A 201 20.16 6.71 -6.04
CA LEU A 201 21.45 5.97 -6.12
C LEU A 201 22.07 6.16 -7.52
N GLU A 202 21.26 6.43 -8.50
CA GLU A 202 21.78 6.63 -9.88
C GLU A 202 22.29 8.06 -10.05
N LYS A 203 21.58 9.02 -9.52
CA LYS A 203 22.02 10.44 -9.64
C LYS A 203 23.40 10.64 -9.01
N GLU A 204 23.77 9.80 -8.09
CA GLU A 204 25.11 9.93 -7.45
C GLU A 204 26.22 9.83 -8.50
N GLY A 205 26.00 9.05 -9.52
CA GLY A 205 27.05 8.91 -10.58
C GLY A 205 27.16 7.45 -10.99
N ARG A 206 26.25 6.97 -11.79
CA ARG A 206 26.30 5.54 -12.23
C ARG A 206 26.68 5.45 -13.71
N ARG A 207 27.93 5.64 -14.02
CA ARG A 207 28.36 5.57 -15.44
C ARG A 207 29.88 5.43 -15.53
N THR A 208 30.45 5.72 -16.67
CA THR A 208 31.93 5.60 -16.82
C THR A 208 32.46 6.66 -17.80
N GLY A 209 32.22 7.92 -17.50
CA GLY A 209 32.70 8.99 -18.41
C GLY A 209 34.17 9.32 -18.11
N TYR A 210 34.74 10.25 -18.81
CA TYR A 210 36.17 10.61 -18.56
C TYR A 210 36.30 11.38 -17.24
N VAL A 211 37.17 10.94 -16.38
CA VAL A 211 37.35 11.66 -15.08
C VAL A 211 37.79 13.10 -15.32
N SER A 212 38.39 13.37 -16.44
CA SER A 212 38.85 14.76 -16.74
C SER A 212 37.70 15.57 -17.35
N ASN A 213 36.75 14.91 -17.95
CA ASN A 213 35.60 15.65 -18.56
C ASN A 213 34.91 16.52 -17.51
N GLU A 214 34.51 15.95 -16.42
CA GLU A 214 33.82 16.75 -15.36
C GLU A 214 34.74 17.88 -14.87
N GLU A 215 36.03 17.66 -14.92
CA GLU A 215 36.98 18.72 -14.47
C GLU A 215 37.22 19.73 -15.59
N ARG A 216 37.15 19.30 -16.82
CA ARG A 216 37.38 20.24 -17.96
C ARG A 216 36.17 21.18 -18.12
N ILE A 217 35.01 20.73 -17.73
CA ILE A 217 33.80 21.60 -17.85
C ILE A 217 33.67 22.51 -16.62
N ASN A 218 34.17 22.06 -15.49
CA ASN A 218 34.08 22.89 -14.25
C ASN A 218 34.92 24.16 -14.41
N SER A 219 35.99 24.09 -15.17
CA SER A 219 36.85 25.29 -15.37
C SER A 219 36.08 26.39 -16.09
N LYS A 220 35.09 26.03 -16.87
CA LYS A 220 34.30 27.06 -17.61
C LYS A 220 33.62 28.01 -16.61
N ILE A 221 33.32 27.54 -15.44
CA ILE A 221 32.66 28.42 -14.43
C ILE A 221 33.72 29.14 -13.58
N PHE A 222 34.48 28.40 -12.81
CA PHE A 222 35.53 29.04 -11.97
C PHE A 222 36.79 29.32 -12.80
N LYS A 223 37.20 28.38 -13.60
CA LYS A 223 38.43 28.58 -14.44
C LYS A 223 39.60 29.03 -13.57
N SER A 224 40.37 28.09 -13.08
CA SER A 224 41.55 28.46 -12.23
C SER A 224 42.67 29.05 -13.09
N MET B 1 -16.61 30.49 34.88
CA MET B 1 -17.40 31.39 35.78
C MET B 1 -16.79 32.79 35.80
N LYS B 2 -15.48 32.88 35.82
CA LYS B 2 -14.82 34.22 35.84
C LYS B 2 -14.50 34.68 34.42
N ILE B 3 -13.58 34.01 33.77
CA ILE B 3 -13.21 34.39 32.38
C ILE B 3 -13.42 33.21 31.43
N LEU B 4 -14.52 32.53 31.56
CA LEU B 4 -14.80 31.36 30.66
C LEU B 4 -16.30 31.22 30.42
N THR B 5 -16.85 32.03 29.56
CA THR B 5 -18.32 31.94 29.28
C THR B 5 -18.56 31.12 28.01
N GLN B 6 -19.76 30.61 27.84
CA GLN B 6 -20.07 29.80 26.63
C GLN B 6 -21.58 29.69 26.43
N ASP B 7 -22.16 30.61 25.69
CA ASP B 7 -23.62 30.57 25.47
C ASP B 7 -23.98 29.44 24.49
N GLU B 8 -25.22 29.38 24.06
CA GLU B 8 -25.64 28.31 23.11
C GLU B 8 -25.22 26.92 23.63
N ILE B 9 -25.84 26.48 24.69
CA ILE B 9 -25.49 25.14 25.26
C ILE B 9 -25.85 24.03 24.26
N GLU B 10 -25.19 22.91 24.34
CA GLU B 10 -25.49 21.79 23.38
C GLU B 10 -25.43 20.45 24.12
N ALA B 11 -25.34 19.37 23.38
CA ALA B 11 -25.26 18.03 24.03
C ALA B 11 -24.74 16.99 23.04
N HIS B 12 -24.77 15.74 23.41
CA HIS B 12 -24.27 14.66 22.49
C HIS B 12 -22.86 15.00 22.00
N ARG B 13 -22.33 14.21 21.10
CA ARG B 13 -20.96 14.47 20.58
C ARG B 13 -21.00 15.58 19.52
N SER B 14 -22.17 15.98 19.10
CA SER B 14 -22.28 17.05 18.06
C SER B 14 -21.50 18.29 18.52
N HIS B 15 -21.34 18.47 19.80
CA HIS B 15 -20.59 19.66 20.31
C HIS B 15 -19.20 19.72 19.65
N THR B 16 -18.52 18.61 19.56
CA THR B 16 -17.16 18.62 18.91
C THR B 16 -17.30 18.75 17.40
N LEU B 17 -18.42 18.40 16.85
CA LEU B 17 -18.60 18.48 15.36
C LEU B 17 -18.18 19.86 14.86
N LYS B 18 -18.23 20.86 15.69
CA LYS B 18 -17.83 22.24 15.25
C LYS B 18 -16.31 22.28 15.05
N GLY B 19 -15.56 21.75 15.98
CA GLY B 19 -14.08 21.77 15.85
C GLY B 19 -13.62 20.71 14.84
N GLY B 20 -14.41 19.69 14.62
CA GLY B 20 -14.02 18.63 13.65
C GLY B 20 -13.65 19.26 12.31
N ILE B 21 -14.46 20.16 11.81
CA ILE B 21 -14.15 20.80 10.51
C ILE B 21 -13.12 21.92 10.72
N GLU B 22 -13.04 22.47 11.89
CA GLU B 22 -12.06 23.55 12.16
C GLU B 22 -10.63 23.03 11.93
N GLY B 23 -10.41 21.76 12.18
CA GLY B 23 -9.04 21.19 11.97
C GLY B 23 -8.72 21.16 10.48
N ALA B 24 -9.73 21.07 9.64
CA ALA B 24 -9.48 21.03 8.17
C ALA B 24 -8.64 22.24 7.73
N LEU B 25 -9.00 23.41 8.19
CA LEU B 25 -8.24 24.63 7.81
C LEU B 25 -6.97 24.75 8.65
N ALA B 26 -7.01 24.31 9.88
CA ALA B 26 -5.81 24.40 10.76
C ALA B 26 -4.64 23.64 10.13
N GLY B 27 -4.79 22.36 9.92
CA GLY B 27 -3.68 21.56 9.31
C GLY B 27 -3.28 22.16 7.97
N PHE B 28 -4.19 22.80 7.30
CA PHE B 28 -3.85 23.41 5.97
C PHE B 28 -2.67 24.37 6.11
N ALA B 29 -2.72 25.27 7.05
CA ALA B 29 -1.60 26.24 7.24
C ALA B 29 -0.46 25.57 8.00
N ILE B 30 -0.75 24.98 9.13
CA ILE B 30 0.33 24.31 9.92
C ILE B 30 1.10 23.31 9.05
N SER B 31 0.46 22.79 8.03
CA SER B 31 1.12 21.80 7.15
C SER B 31 2.43 22.35 6.55
N ALA B 32 2.36 23.41 5.80
CA ALA B 32 3.60 23.97 5.16
C ALA B 32 4.41 24.84 6.15
N ILE B 33 3.75 25.53 7.03
CA ILE B 33 4.48 26.41 8.00
C ILE B 33 5.63 25.66 8.69
N ILE B 34 5.49 24.39 8.90
CA ILE B 34 6.57 23.62 9.60
C ILE B 34 7.78 23.42 8.67
N PHE B 35 7.57 23.33 7.39
CA PHE B 35 8.70 23.12 6.45
C PHE B 35 9.55 24.40 6.29
N LYS B 36 8.96 25.54 6.55
CA LYS B 36 9.72 26.82 6.38
C LYS B 36 10.64 27.12 7.58
N VAL B 37 10.25 26.73 8.77
CA VAL B 37 11.09 27.02 9.97
C VAL B 37 12.57 26.67 9.74
N LEU B 38 12.85 25.60 9.06
CA LEU B 38 14.28 25.21 8.83
C LEU B 38 14.97 26.11 7.79
N PRO B 39 14.43 26.15 6.59
CA PRO B 39 15.05 26.95 5.50
C PRO B 39 14.95 28.45 5.79
N ARG B 40 13.98 28.87 6.54
CA ARG B 40 13.85 30.32 6.85
C ARG B 40 14.93 30.76 7.84
N ARG B 41 15.37 29.85 8.67
CA ARG B 41 16.43 30.20 9.67
C ARG B 41 17.74 30.53 8.95
N TYR B 42 18.03 29.85 7.88
CA TYR B 42 19.30 30.14 7.13
C TYR B 42 19.17 29.64 5.69
N PRO B 43 19.09 30.57 4.76
CA PRO B 43 18.98 30.22 3.33
C PRO B 43 20.30 29.66 2.80
N LYS B 44 20.42 28.36 2.73
CA LYS B 44 21.68 27.76 2.22
C LYS B 44 21.47 26.28 1.90
N PHE B 45 21.03 25.51 2.86
CA PHE B 45 20.79 24.06 2.61
C PHE B 45 19.68 23.53 3.52
N LYS B 46 18.56 23.18 2.95
CA LYS B 46 17.42 22.66 3.77
C LYS B 46 17.00 21.27 3.27
N PRO B 47 16.48 20.48 4.18
CA PRO B 47 16.02 19.11 3.82
C PRO B 47 14.73 19.17 2.99
N SER B 48 14.87 19.25 1.69
CA SER B 48 13.65 19.32 0.83
C SER B 48 13.18 17.91 0.47
N THR B 49 14.01 17.14 -0.18
CA THR B 49 13.61 15.75 -0.56
C THR B 49 13.27 14.93 0.69
N LEU B 50 14.00 15.12 1.75
CA LEU B 50 13.73 14.35 3.00
C LEU B 50 12.32 14.68 3.52
N THR B 51 11.97 15.93 3.55
CA THR B 51 10.62 16.32 4.05
C THR B 51 9.57 16.18 2.93
N TRP B 52 10.01 16.17 1.70
CA TRP B 52 9.04 16.04 0.56
C TRP B 52 8.30 14.70 0.65
N SER B 53 8.91 13.71 1.23
CA SER B 53 8.25 12.38 1.36
C SER B 53 7.11 12.46 2.39
N ILE B 54 7.18 13.40 3.29
CA ILE B 54 6.12 13.52 4.33
C ILE B 54 5.01 14.47 3.85
N LYS B 55 5.30 15.33 2.91
CA LYS B 55 4.26 16.27 2.42
C LYS B 55 3.10 15.52 1.75
N THR B 56 3.30 14.27 1.40
CA THR B 56 2.21 13.49 0.75
C THR B 56 1.31 12.84 1.80
N ALA B 57 1.89 12.10 2.71
CA ALA B 57 1.06 11.43 3.77
C ALA B 57 0.32 12.46 4.62
N LEU B 58 0.72 13.70 4.57
CA LEU B 58 0.06 14.76 5.39
C LEU B 58 -1.21 15.30 4.70
N TRP B 59 -1.28 15.23 3.39
CA TRP B 59 -2.50 15.75 2.69
C TRP B 59 -3.55 14.66 2.51
N ILE B 60 -3.16 13.42 2.62
CA ILE B 60 -4.16 12.30 2.45
C ILE B 60 -4.87 12.00 3.77
N THR B 61 -4.31 12.42 4.88
CA THR B 61 -4.94 12.10 6.21
C THR B 61 -6.10 13.07 6.56
N PRO B 62 -5.92 14.36 6.32
CA PRO B 62 -6.97 15.34 6.68
C PRO B 62 -8.27 15.21 5.84
N PRO B 63 -8.17 14.79 4.60
CA PRO B 63 -9.40 14.64 3.79
C PRO B 63 -10.12 13.32 4.13
N THR B 64 -9.44 12.41 4.79
CA THR B 64 -10.08 11.10 5.14
C THR B 64 -10.76 11.17 6.51
N VAL B 65 -10.23 11.97 7.40
CA VAL B 65 -10.85 12.09 8.75
C VAL B 65 -12.27 12.65 8.61
N LEU B 66 -12.57 13.27 7.50
CA LEU B 66 -13.94 13.84 7.27
C LEU B 66 -15.01 12.75 7.38
N THR B 67 -14.66 11.52 7.15
CA THR B 67 -15.66 10.42 7.23
C THR B 67 -16.35 10.37 8.61
N ALA B 68 -15.76 10.96 9.61
CA ALA B 68 -16.39 10.93 10.96
C ALA B 68 -17.59 11.88 11.04
N ILE B 69 -17.64 12.88 10.20
CA ILE B 69 -18.79 13.83 10.24
C ILE B 69 -19.91 13.36 9.32
N CYS B 70 -19.61 13.10 8.07
CA CYS B 70 -20.64 12.64 7.11
C CYS B 70 -21.41 11.43 7.69
N ALA B 71 -20.79 10.70 8.57
CA ALA B 71 -21.48 9.51 9.16
C ALA B 71 -22.49 9.96 10.21
N GLU B 72 -22.29 11.10 10.80
CA GLU B 72 -23.24 11.59 11.84
C GLU B 72 -24.35 12.43 11.19
N GLU B 73 -24.03 13.12 10.13
CA GLU B 73 -25.07 13.96 9.45
C GLU B 73 -26.22 13.08 8.95
N ALA B 74 -25.93 12.13 8.09
CA ALA B 74 -27.00 11.24 7.58
C ALA B 74 -27.63 10.45 8.73
N SER B 75 -26.84 9.86 9.57
CA SER B 75 -27.39 9.08 10.72
C SER B 75 -28.36 9.93 11.54
N ASN B 76 -27.85 10.75 12.43
CA ASN B 76 -28.75 11.61 13.26
C ASN B 76 -28.37 13.08 13.11
N ASN B 77 -29.34 13.94 12.91
CA ASN B 77 -29.03 15.38 12.75
C ASN B 77 -30.27 16.23 13.06
N PHE B 78 -31.40 15.84 12.52
CA PHE B 78 -32.65 16.61 12.78
C PHE B 78 -33.87 15.69 12.69
N ASP B 79 -34.95 16.06 13.32
CA ASP B 79 -36.18 15.20 13.26
C ASP B 79 -36.97 15.51 11.98
N ALA B 80 -37.88 14.64 11.63
CA ALA B 80 -38.69 14.88 10.40
C ALA B 80 -40.06 14.20 10.53
N THR B 81 -40.76 14.04 9.43
CA THR B 81 -42.10 13.40 9.49
C THR B 81 -42.04 11.99 8.88
N MET B 82 -42.57 11.02 9.57
CA MET B 82 -42.54 9.62 9.04
C MET B 82 -43.90 9.26 8.45
N TYR B 83 -44.09 8.02 8.09
CA TYR B 83 -45.40 7.59 7.50
C TYR B 83 -45.84 6.26 8.10
N GLY B 84 -46.72 6.29 9.07
CA GLY B 84 -47.19 5.03 9.69
C GLY B 84 -46.42 4.77 10.99
N SER B 85 -47.11 4.72 12.10
CA SER B 85 -46.40 4.49 13.40
C SER B 85 -45.69 3.12 13.37
N GLY B 86 -46.37 2.10 12.92
CA GLY B 86 -45.74 0.75 12.86
C GLY B 86 -45.77 0.12 14.25
N SER B 87 -44.82 0.44 15.09
CA SER B 87 -44.80 -0.15 16.46
C SER B 87 -45.96 0.41 17.29
N SER B 88 -46.40 -0.32 18.27
CA SER B 88 -47.53 0.16 19.12
C SER B 88 -47.06 1.29 20.04
N SER B 89 -45.82 1.23 20.46
CA SER B 89 -45.29 2.30 21.36
C SER B 89 -43.99 2.89 20.79
N GLU B 90 -44.08 3.99 20.11
CA GLU B 90 -42.86 4.61 19.52
C GLU B 90 -42.16 5.48 20.57
N ASP B 91 -42.90 5.96 21.54
CA ASP B 91 -42.28 6.83 22.59
C ASP B 91 -41.16 6.07 23.32
N ALA B 92 -41.18 4.77 23.27
CA ALA B 92 -40.12 3.97 23.96
C ALA B 92 -38.73 4.40 23.46
N LEU B 93 -38.65 4.94 22.27
CA LEU B 93 -37.33 5.37 21.73
C LEU B 93 -36.70 6.43 22.65
N ASP B 94 -37.52 7.18 23.33
CA ASP B 94 -36.98 8.24 24.25
C ASP B 94 -36.64 7.63 25.62
N GLU B 95 -37.33 6.59 25.99
CA GLU B 95 -37.07 5.94 27.31
C GLU B 95 -35.69 5.25 27.29
N HIS B 96 -35.22 4.88 26.13
CA HIS B 96 -33.89 4.20 26.04
C HIS B 96 -32.79 5.09 26.63
N ARG B 97 -33.03 6.38 26.70
CA ARG B 97 -32.00 7.30 27.26
C ARG B 97 -31.61 6.87 28.69
N ARG B 98 -32.51 6.21 29.38
CA ARG B 98 -32.19 5.76 30.77
C ARG B 98 -31.07 4.72 30.75
N TRP B 99 -31.15 3.76 29.87
CA TRP B 99 -30.09 2.72 29.80
C TRP B 99 -28.99 3.15 28.83
N LYS B 100 -29.34 3.80 27.76
CA LYS B 100 -28.32 4.25 26.77
C LYS B 100 -27.35 5.24 27.43
N SER B 101 -27.85 6.14 28.22
CA SER B 101 -26.96 7.13 28.89
C SER B 101 -26.96 6.90 30.40
N LEU B 102 -25.97 7.40 31.10
CA LEU B 102 -25.92 7.21 32.58
C LEU B 102 -25.87 8.57 33.28
N SER B 103 -25.13 9.50 32.74
CA SER B 103 -25.04 10.85 33.37
C SER B 103 -24.56 11.88 32.35
N THR B 104 -25.00 13.10 32.48
CA THR B 104 -24.57 14.16 31.52
C THR B 104 -23.09 14.49 31.71
N LYS B 105 -22.57 14.26 32.89
CA LYS B 105 -21.14 14.57 33.15
C LYS B 105 -20.24 13.48 32.53
N ASP B 106 -20.79 12.32 32.26
CA ASP B 106 -19.97 11.22 31.66
C ASP B 106 -19.50 11.64 30.26
N LYS B 107 -20.28 12.44 29.58
CA LYS B 107 -19.88 12.86 28.21
C LYS B 107 -18.95 14.08 28.27
N PHE B 108 -18.94 14.78 29.37
CA PHE B 108 -18.05 15.98 29.49
C PHE B 108 -16.60 15.61 29.12
N VAL B 109 -16.21 14.38 29.32
CA VAL B 109 -14.82 13.98 28.97
C VAL B 109 -14.62 13.98 27.44
N GLU B 110 -15.49 13.36 26.71
CA GLU B 110 -15.33 13.34 25.22
C GLU B 110 -15.30 14.77 24.67
N GLY B 111 -15.86 15.71 25.38
CA GLY B 111 -15.86 17.13 24.89
C GLY B 111 -14.63 17.89 25.39
N LEU B 112 -14.58 18.18 26.67
CA LEU B 112 -13.42 18.95 27.23
C LEU B 112 -12.09 18.33 26.82
N SER B 113 -11.95 17.04 26.94
CA SER B 113 -10.67 16.37 26.57
C SER B 113 -10.28 16.70 25.12
N ASN B 114 -11.25 16.98 24.28
CA ASN B 114 -10.93 17.29 22.86
C ASN B 114 -10.20 18.63 22.74
N ASN B 115 -10.30 19.46 23.75
CA ASN B 115 -9.59 20.79 23.70
C ASN B 115 -8.15 20.64 24.20
N LYS B 116 -7.95 19.92 25.27
CA LYS B 116 -6.56 19.75 25.81
C LYS B 116 -5.67 19.07 24.78
N TYR B 117 -6.10 17.96 24.24
CA TYR B 117 -5.26 17.23 23.23
C TYR B 117 -5.05 18.09 21.98
N LYS B 118 -5.81 19.14 21.82
CA LYS B 118 -5.65 20.01 20.61
C LYS B 118 -4.63 21.12 20.89
N ILE B 119 -4.51 21.55 22.11
CA ILE B 119 -3.54 22.64 22.43
C ILE B 119 -2.16 22.07 22.78
N ILE B 120 -2.11 20.85 23.26
CA ILE B 120 -0.81 20.24 23.64
C ILE B 120 -0.03 19.82 22.38
N THR B 121 -0.73 19.42 21.35
CA THR B 121 -0.04 18.99 20.10
C THR B 121 0.33 20.21 19.25
N GLY B 122 -0.48 21.23 19.28
CA GLY B 122 -0.18 22.44 18.46
C GLY B 122 1.14 23.08 18.94
N ALA B 123 1.49 22.88 20.18
CA ALA B 123 2.75 23.48 20.71
C ALA B 123 3.93 22.53 20.50
N TRP B 124 3.67 21.25 20.38
CA TRP B 124 4.79 20.27 20.18
C TRP B 124 5.45 20.48 18.82
N ALA B 125 4.83 21.21 17.94
CA ALA B 125 5.42 21.42 16.58
C ALA B 125 6.36 22.63 16.60
N ALA B 126 5.89 23.77 17.02
CA ALA B 126 6.75 24.99 17.05
C ALA B 126 8.01 24.77 17.90
N SER B 127 8.00 23.78 18.75
CA SER B 127 9.19 23.51 19.62
C SER B 127 10.44 23.29 18.77
N LEU B 128 10.30 22.97 17.51
CA LEU B 128 11.51 22.72 16.66
C LEU B 128 12.16 24.05 16.23
N TYR B 129 11.39 25.04 15.88
CA TYR B 129 12.02 26.34 15.46
C TYR B 129 12.34 27.19 16.69
N GLY B 130 11.57 27.05 17.74
CA GLY B 130 11.85 27.84 18.97
C GLY B 130 13.07 27.27 19.68
N SER B 131 13.39 26.02 19.45
CA SER B 131 14.57 25.40 20.10
C SER B 131 15.86 25.90 19.44
N TRP B 132 15.77 26.39 18.23
CA TRP B 132 16.99 26.89 17.53
C TRP B 132 17.21 28.38 17.82
N VAL B 133 16.23 29.20 17.54
CA VAL B 133 16.38 30.67 17.79
C VAL B 133 16.70 30.94 19.26
N ILE B 134 16.08 30.20 20.15
CA ILE B 134 16.34 30.41 21.61
C ILE B 134 17.85 30.31 21.91
N VAL B 135 18.57 29.56 21.11
CA VAL B 135 20.04 29.43 21.35
C VAL B 135 20.81 30.01 20.16
N ASN B 136 22.10 29.83 20.15
CA ASN B 136 22.93 30.38 19.02
C ASN B 136 23.78 29.27 18.40
N LYS B 137 23.86 29.24 17.10
CA LYS B 137 24.68 28.18 16.43
C LYS B 137 26.13 28.65 16.29
N ASP B 138 27.07 27.74 16.32
CA ASP B 138 28.49 28.14 16.20
C ASP B 138 28.85 28.39 14.73
N PRO B 139 29.84 29.22 14.51
CA PRO B 139 30.27 29.54 13.13
C PRO B 139 31.03 28.35 12.51
N ILE B 140 31.06 28.27 11.21
CA ILE B 140 31.78 27.13 10.55
C ILE B 140 31.29 25.79 11.11
N MET B 141 30.26 25.23 10.52
CA MET B 141 29.73 23.93 11.01
C MET B 141 29.05 23.19 9.87
N THR B 142 29.34 21.92 9.71
CA THR B 142 28.72 21.14 8.61
C THR B 142 27.22 20.96 8.88
N LYS B 143 26.40 21.74 8.22
CA LYS B 143 24.93 21.63 8.43
C LYS B 143 24.42 20.27 7.92
N ALA B 144 25.01 19.76 6.87
CA ALA B 144 24.56 18.45 6.33
C ALA B 144 24.55 17.39 7.43
N GLN B 145 25.59 17.33 8.21
CA GLN B 145 25.64 16.31 9.31
C GLN B 145 24.49 16.55 10.30
N LYS B 146 23.93 17.73 10.31
CA LYS B 146 22.81 18.02 11.25
C LYS B 146 21.47 17.66 10.59
N ILE B 147 21.40 17.75 9.29
CA ILE B 147 20.13 17.41 8.59
C ILE B 147 19.72 15.96 8.88
N VAL B 148 20.68 15.08 8.95
CA VAL B 148 20.35 13.64 9.24
C VAL B 148 19.89 13.48 10.69
N GLN B 149 20.28 14.38 11.56
CA GLN B 149 19.86 14.29 12.99
C GLN B 149 18.34 14.39 13.11
N ALA B 150 17.73 15.27 12.36
CA ALA B 150 16.24 15.42 12.44
C ALA B 150 15.55 14.09 12.13
N ARG B 151 16.22 13.21 11.44
CA ARG B 151 15.60 11.89 11.10
C ARG B 151 15.20 11.15 12.38
N MET B 152 16.13 10.96 13.28
CA MET B 152 15.81 10.25 14.55
C MET B 152 14.71 10.99 15.31
N TYR B 153 14.86 12.27 15.47
CA TYR B 153 13.82 13.07 16.20
C TYR B 153 12.50 13.06 15.41
N ALA B 154 12.58 12.90 14.12
CA ALA B 154 11.34 12.89 13.28
C ALA B 154 10.65 11.52 13.37
N GLN B 155 11.35 10.48 13.00
CA GLN B 155 10.75 9.11 13.07
C GLN B 155 10.09 8.89 14.43
N PHE B 156 10.60 9.54 15.44
CA PHE B 156 10.00 9.40 16.80
C PHE B 156 8.65 10.10 16.83
N ILE B 157 8.55 11.27 16.27
CA ILE B 157 7.23 11.99 16.26
C ILE B 157 6.38 11.48 15.09
N THR B 158 6.99 10.85 14.12
CA THR B 158 6.21 10.33 12.95
C THR B 158 5.28 9.19 13.40
N VAL B 159 5.81 8.20 14.06
CA VAL B 159 4.96 7.06 14.52
C VAL B 159 3.74 7.58 15.30
N GLY B 160 3.85 8.74 15.88
CA GLY B 160 2.71 9.30 16.65
C GLY B 160 1.50 9.48 15.72
N LEU B 161 1.74 9.60 14.44
CA LEU B 161 0.61 9.78 13.49
C LEU B 161 0.02 8.41 13.11
N LEU B 162 0.84 7.51 12.63
CA LEU B 162 0.33 6.16 12.24
C LEU B 162 -0.15 5.40 13.48
N LEU B 163 0.58 5.48 14.56
CA LEU B 163 0.17 4.75 15.80
C LEU B 163 -1.22 5.21 16.26
N ALA B 164 -1.48 6.49 16.23
CA ALA B 164 -2.82 6.98 16.66
C ALA B 164 -3.83 6.86 15.51
N SER B 165 -3.35 6.77 14.29
CA SER B 165 -4.28 6.65 13.13
C SER B 165 -4.91 5.26 13.10
N VAL B 166 -4.10 4.23 13.13
CA VAL B 166 -4.65 2.84 13.10
C VAL B 166 -5.72 2.63 14.17
N GLY B 167 -5.49 3.10 15.35
CA GLY B 167 -6.49 2.94 16.44
C GLY B 167 -7.85 3.45 15.99
N LEU B 168 -7.88 4.36 15.07
CA LEU B 168 -9.18 4.91 14.57
C LEU B 168 -9.95 3.80 13.83
N SER B 169 -9.28 3.05 13.00
CA SER B 169 -9.96 1.96 12.26
C SER B 169 -10.02 0.68 13.11
N MET B 170 -9.15 0.57 14.09
CA MET B 170 -9.16 -0.64 14.96
C MET B 170 -10.33 -0.59 15.94
N TYR B 171 -10.50 0.52 16.61
CA TYR B 171 -11.63 0.64 17.60
C TYR B 171 -12.96 0.32 16.91
N GLU B 172 -13.10 0.67 15.66
CA GLU B 172 -14.38 0.38 14.94
C GLU B 172 -14.64 -1.12 14.91
N ASN B 173 -13.61 -1.92 15.02
CA ASN B 173 -13.79 -3.40 15.00
C ASN B 173 -14.82 -3.83 16.05
N LYS B 174 -14.99 -3.05 17.08
CA LYS B 174 -15.98 -3.39 18.14
C LYS B 174 -15.69 -4.80 18.70
N LEU B 175 -16.50 -5.26 19.61
CA LEU B 175 -16.27 -6.62 20.20
C LEU B 175 -17.19 -7.64 19.53
N HIS B 176 -17.36 -7.56 18.24
CA HIS B 176 -18.25 -8.53 17.53
C HIS B 176 -17.41 -9.49 16.68
N PRO B 177 -18.06 -10.50 16.16
CA PRO B 177 -17.36 -11.50 15.31
C PRO B 177 -16.99 -10.90 13.95
N ASN B 178 -15.76 -10.49 13.78
CA ASN B 178 -15.34 -9.89 12.48
C ASN B 178 -15.28 -10.97 11.41
N LYS B 179 -15.09 -10.59 10.17
CA LYS B 179 -15.02 -11.60 9.07
C LYS B 179 -14.32 -11.01 7.85
N GLN B 180 -14.85 -9.95 7.30
CA GLN B 180 -14.21 -9.32 6.11
C GLN B 180 -13.94 -7.84 6.36
N LYS B 181 -12.70 -7.46 6.50
CA LYS B 181 -12.37 -6.03 6.76
C LYS B 181 -11.31 -5.55 5.76
N VAL B 182 -11.09 -4.26 5.71
CA VAL B 182 -10.08 -3.71 4.77
C VAL B 182 -8.69 -4.27 5.09
N ASN B 183 -7.67 -3.78 4.43
CA ASN B 183 -6.29 -4.27 4.70
C ASN B 183 -5.51 -3.24 5.52
N GLU B 184 -5.31 -3.51 6.80
CA GLU B 184 -4.57 -2.55 7.66
C GLU B 184 -3.06 -2.77 7.51
N MET B 185 -2.63 -3.99 7.40
CA MET B 185 -1.16 -4.27 7.26
C MET B 185 -0.64 -3.73 5.92
N ARG B 186 -1.51 -3.38 5.00
CA ARG B 186 -1.04 -2.84 3.69
C ARG B 186 -0.15 -1.62 3.90
N ARG B 187 -0.48 -0.78 4.84
CA ARG B 187 0.33 0.45 5.06
C ARG B 187 1.46 0.21 6.08
N TRP B 188 1.40 -0.85 6.88
CA TRP B 188 2.52 -1.09 7.85
C TRP B 188 3.74 -1.64 7.10
N GLU B 189 3.58 -2.76 6.43
CA GLU B 189 4.71 -3.35 5.67
C GLU B 189 5.21 -2.35 4.62
N ASN B 190 4.32 -1.61 4.02
CA ASN B 190 4.74 -0.61 3.00
C ASN B 190 5.64 0.44 3.65
N ALA B 191 5.27 0.92 4.81
CA ALA B 191 6.12 1.93 5.50
C ALA B 191 7.47 1.31 5.89
N LEU B 192 7.51 0.01 6.04
CA LEU B 192 8.77 -0.67 6.41
C LEU B 192 9.74 -0.67 5.22
N ARG B 193 9.24 -0.94 4.04
CA ARG B 193 10.13 -0.95 2.84
C ARG B 193 10.76 0.43 2.66
N VAL B 194 9.95 1.46 2.57
CA VAL B 194 10.51 2.83 2.39
C VAL B 194 11.44 3.18 3.56
N ALA B 195 11.26 2.51 4.68
CA ALA B 195 12.13 2.77 5.86
C ALA B 195 13.49 2.10 5.67
N GLU B 196 13.50 0.79 5.55
CA GLU B 196 14.80 0.07 5.36
C GLU B 196 15.51 0.59 4.11
N GLU B 197 14.76 1.06 3.15
CA GLU B 197 15.39 1.61 1.92
C GLU B 197 16.29 2.80 2.25
N GLU B 198 15.97 3.49 3.30
CA GLU B 198 16.79 4.67 3.71
C GLU B 198 18.10 4.22 4.35
N GLU B 199 18.12 3.03 4.89
CA GLU B 199 19.37 2.52 5.55
C GLU B 199 20.46 2.26 4.51
N ARG B 200 20.10 1.81 3.34
CA ARG B 200 21.13 1.53 2.29
C ARG B 200 22.05 2.74 2.12
N LEU B 201 21.56 3.90 2.44
CA LEU B 201 22.40 5.12 2.33
C LEU B 201 23.24 5.30 3.59
N GLU B 202 22.79 4.77 4.70
CA GLU B 202 23.55 4.90 5.97
C GLU B 202 24.73 3.92 5.99
N LYS B 203 24.55 2.74 5.45
CA LYS B 203 25.65 1.75 5.43
C LYS B 203 26.83 2.27 4.61
N GLU B 204 26.56 2.88 3.49
CA GLU B 204 27.66 3.42 2.64
C GLU B 204 27.97 4.86 3.03
N GLY B 205 27.00 5.58 3.53
CA GLY B 205 27.24 7.00 3.93
C GLY B 205 27.64 7.82 2.70
N ARG B 206 28.42 8.84 2.89
CA ARG B 206 28.85 9.69 1.73
C ARG B 206 30.37 9.70 1.63
N ARG B 207 30.90 10.44 0.68
CA ARG B 207 32.38 10.50 0.52
C ARG B 207 32.92 11.80 1.12
N THR B 208 32.62 12.07 2.36
CA THR B 208 33.12 13.32 2.99
C THR B 208 34.65 13.30 3.11
N GLY B 209 35.29 14.41 2.93
CA GLY B 209 36.78 14.46 3.01
C GLY B 209 37.31 15.57 2.10
N TYR B 210 38.59 15.83 2.17
CA TYR B 210 39.17 16.90 1.30
C TYR B 210 40.70 16.76 1.26
N VAL B 211 41.39 17.80 0.87
CA VAL B 211 42.88 17.73 0.80
C VAL B 211 43.45 17.42 2.18
N SER B 212 42.78 17.82 3.22
CA SER B 212 43.28 17.56 4.60
C SER B 212 43.24 16.06 4.91
N ASN B 213 42.15 15.41 4.55
CA ASN B 213 42.05 13.94 4.82
C ASN B 213 42.65 13.14 3.66
N GLU B 214 42.66 13.70 2.48
CA GLU B 214 43.24 12.97 1.31
C GLU B 214 44.74 12.74 1.52
N GLU B 215 45.43 13.69 2.10
CA GLU B 215 46.89 13.52 2.32
C GLU B 215 47.14 12.65 3.55
N ARG B 216 46.22 12.65 4.49
CA ARG B 216 46.40 11.81 5.72
C ARG B 216 46.06 10.36 5.41
N ILE B 217 44.94 10.10 4.79
CA ILE B 217 44.55 8.71 4.47
C ILE B 217 45.58 8.07 3.53
N ASN B 218 46.27 8.87 2.77
CA ASN B 218 47.29 8.31 1.84
C ASN B 218 48.38 7.56 2.61
N SER B 219 48.96 8.19 3.60
CA SER B 219 50.02 7.52 4.41
C SER B 219 49.41 6.41 5.26
N LYS B 220 48.16 6.55 5.63
CA LYS B 220 47.52 5.50 6.47
C LYS B 220 47.42 4.18 5.70
N ILE B 221 47.14 4.26 4.42
CA ILE B 221 47.03 3.01 3.61
C ILE B 221 48.42 2.52 3.19
N PHE B 222 49.23 3.40 2.65
CA PHE B 222 50.60 2.98 2.22
C PHE B 222 51.43 2.57 3.44
N LYS B 223 51.61 3.48 4.38
CA LYS B 223 52.41 3.16 5.60
C LYS B 223 53.83 2.72 5.22
N SER B 224 54.02 1.48 4.86
CA SER B 224 55.39 1.01 4.48
C SER B 224 55.29 -0.14 3.47
N MET A 1 -8.36 -38.77 -28.97
CA MET A 1 -7.76 -40.09 -28.63
C MET A 1 -8.68 -40.87 -27.68
N LYS A 2 -9.60 -41.62 -28.23
CA LYS A 2 -10.53 -42.41 -27.36
C LYS A 2 -9.94 -43.79 -27.06
N ILE A 3 -10.18 -44.29 -25.88
CA ILE A 3 -9.63 -45.63 -25.51
C ILE A 3 -10.78 -46.60 -25.22
N LEU A 4 -11.50 -47.01 -26.23
CA LEU A 4 -12.64 -47.96 -26.02
C LEU A 4 -13.61 -47.40 -24.96
N THR A 5 -13.95 -46.15 -25.07
CA THR A 5 -14.89 -45.55 -24.07
C THR A 5 -15.78 -44.49 -24.74
N GLN A 6 -16.81 -44.06 -24.07
CA GLN A 6 -17.71 -43.03 -24.66
C GLN A 6 -17.80 -41.80 -23.74
N ASP A 7 -18.05 -40.65 -24.30
CA ASP A 7 -18.15 -39.41 -23.46
C ASP A 7 -18.83 -38.29 -24.25
N GLU A 8 -19.76 -37.61 -23.64
CA GLU A 8 -20.45 -36.50 -24.35
C GLU A 8 -19.78 -35.16 -24.04
N ILE A 9 -20.15 -34.12 -24.75
CA ILE A 9 -19.53 -32.79 -24.49
C ILE A 9 -19.89 -32.29 -23.09
N GLU A 10 -19.05 -31.50 -22.50
CA GLU A 10 -19.34 -30.98 -21.13
C GLU A 10 -18.89 -29.52 -21.01
N ALA A 11 -19.54 -28.62 -21.70
CA ALA A 11 -19.13 -27.18 -21.62
C ALA A 11 -19.54 -26.59 -20.26
N HIS A 12 -18.58 -26.18 -19.48
CA HIS A 12 -18.90 -25.59 -18.15
C HIS A 12 -17.64 -24.96 -17.54
N ARG A 13 -17.82 -24.10 -16.57
CA ARG A 13 -16.65 -23.43 -15.93
C ARG A 13 -15.97 -24.40 -14.96
N SER A 14 -16.73 -25.32 -14.41
CA SER A 14 -16.14 -26.31 -13.45
C SER A 14 -14.92 -26.99 -14.08
N HIS A 15 -14.88 -27.06 -15.39
CA HIS A 15 -13.71 -27.72 -16.07
C HIS A 15 -12.39 -27.10 -15.58
N THR A 16 -12.25 -25.82 -15.67
CA THR A 16 -10.98 -25.17 -15.22
C THR A 16 -10.91 -25.12 -13.68
N LEU A 17 -12.03 -25.13 -13.02
CA LEU A 17 -12.03 -25.07 -11.53
C LEU A 17 -11.06 -26.11 -10.95
N LYS A 18 -10.89 -27.21 -11.63
CA LYS A 18 -9.96 -28.27 -11.12
C LYS A 18 -8.51 -27.85 -11.38
N GLY A 19 -8.24 -27.28 -12.53
CA GLY A 19 -6.85 -26.85 -12.85
C GLY A 19 -6.51 -25.57 -12.08
N GLY A 20 -7.51 -24.81 -11.70
CA GLY A 20 -7.25 -23.54 -10.96
C GLY A 20 -6.32 -23.80 -9.77
N ILE A 21 -6.36 -24.99 -9.23
CA ILE A 21 -5.49 -25.31 -8.06
C ILE A 21 -4.03 -25.45 -8.51
N GLU A 22 -3.81 -25.79 -9.75
CA GLU A 22 -2.41 -25.95 -10.25
C GLU A 22 -1.72 -24.58 -10.33
N GLY A 23 -2.48 -23.54 -10.58
CA GLY A 23 -1.86 -22.18 -10.68
C GLY A 23 -1.25 -21.80 -9.33
N ALA A 24 -1.83 -22.23 -8.25
CA ALA A 24 -1.28 -21.87 -6.90
C ALA A 24 -0.09 -22.76 -6.56
N LEU A 25 -0.08 -23.98 -7.03
CA LEU A 25 1.05 -24.90 -6.74
C LEU A 25 2.24 -24.62 -7.67
N ALA A 26 1.99 -24.54 -8.95
CA ALA A 26 3.11 -24.28 -9.91
C ALA A 26 3.76 -22.92 -9.63
N GLY A 27 2.97 -21.90 -9.39
CA GLY A 27 3.54 -20.55 -9.11
C GLY A 27 4.49 -20.62 -7.91
N PHE A 28 4.27 -21.54 -7.01
CA PHE A 28 5.16 -21.65 -5.81
C PHE A 28 6.49 -22.32 -6.17
N ALA A 29 6.48 -23.18 -7.16
CA ALA A 29 7.75 -23.88 -7.54
C ALA A 29 8.64 -22.97 -8.40
N ILE A 30 8.14 -22.55 -9.53
CA ILE A 30 8.97 -21.67 -10.42
C ILE A 30 9.46 -20.43 -9.68
N SER A 31 8.76 -20.02 -8.66
CA SER A 31 9.18 -18.80 -7.89
C SER A 31 10.67 -18.86 -7.52
N ALA A 32 11.11 -19.94 -6.95
CA ALA A 32 12.54 -20.07 -6.55
C ALA A 32 13.42 -20.43 -7.76
N ILE A 33 12.87 -21.14 -8.71
CA ILE A 33 13.68 -21.54 -9.91
C ILE A 33 14.39 -20.33 -10.53
N ILE A 34 13.77 -19.19 -10.52
CA ILE A 34 14.42 -17.98 -11.13
C ILE A 34 15.55 -17.47 -10.25
N PHE A 35 15.50 -17.73 -8.97
CA PHE A 35 16.58 -17.23 -8.05
C PHE A 35 17.88 -18.00 -8.27
N LYS A 36 17.81 -19.20 -8.78
CA LYS A 36 19.05 -20.00 -9.00
C LYS A 36 19.76 -19.58 -10.29
N VAL A 37 19.02 -19.15 -11.28
CA VAL A 37 19.64 -18.75 -12.58
C VAL A 37 20.85 -17.82 -12.39
N LEU A 38 20.75 -16.84 -11.54
CA LEU A 38 21.90 -15.90 -11.36
C LEU A 38 23.06 -16.56 -10.60
N PRO A 39 22.79 -17.05 -9.41
CA PRO A 39 23.85 -17.71 -8.60
C PRO A 39 24.30 -19.01 -9.28
N ARG A 40 23.54 -19.49 -10.22
CA ARG A 40 23.92 -20.75 -10.92
C ARG A 40 25.25 -20.54 -11.66
N ARG A 41 25.47 -19.37 -12.19
CA ARG A 41 26.75 -19.10 -12.91
C ARG A 41 27.88 -18.85 -11.91
N TYR A 42 27.54 -18.43 -10.72
CA TYR A 42 28.60 -18.16 -9.69
C TYR A 42 29.57 -17.09 -10.19
N PRO A 43 29.04 -15.92 -10.44
CA PRO A 43 29.88 -14.80 -10.92
C PRO A 43 30.74 -14.25 -9.78
N LYS A 44 31.31 -13.08 -9.95
CA LYS A 44 32.17 -12.49 -8.89
C LYS A 44 31.29 -11.92 -7.77
N PHE A 45 30.39 -11.03 -8.10
CA PHE A 45 29.50 -10.44 -7.05
C PHE A 45 28.13 -11.13 -7.05
N LYS A 46 27.28 -10.76 -6.15
CA LYS A 46 25.92 -11.39 -6.10
C LYS A 46 24.99 -10.58 -5.20
N PRO A 47 24.46 -9.51 -5.74
CA PRO A 47 23.53 -8.65 -4.96
C PRO A 47 22.18 -9.34 -4.77
N SER A 48 21.95 -9.88 -3.61
CA SER A 48 20.65 -10.58 -3.35
C SER A 48 19.61 -9.58 -2.82
N THR A 49 20.04 -8.59 -2.09
CA THR A 49 19.07 -7.60 -1.54
C THR A 49 18.33 -6.90 -2.68
N LEU A 50 18.93 -6.80 -3.83
CA LEU A 50 18.25 -6.14 -4.98
C LEU A 50 17.04 -6.98 -5.43
N THR A 51 17.28 -8.19 -5.85
CA THR A 51 16.15 -9.06 -6.31
C THR A 51 15.20 -9.34 -5.13
N TRP A 52 15.71 -9.28 -3.92
CA TRP A 52 14.84 -9.56 -2.74
C TRP A 52 13.63 -8.61 -2.72
N SER A 53 13.77 -7.45 -3.30
CA SER A 53 12.63 -6.49 -3.31
C SER A 53 11.52 -6.99 -4.26
N ILE A 54 11.89 -7.73 -5.27
CA ILE A 54 10.86 -8.25 -6.22
C ILE A 54 10.32 -9.60 -5.75
N LYS A 55 11.05 -10.29 -4.92
CA LYS A 55 10.56 -11.62 -4.43
C LYS A 55 9.45 -11.44 -3.39
N THR A 56 9.45 -10.35 -2.69
CA THR A 56 8.40 -10.10 -1.65
C THR A 56 7.02 -9.96 -2.31
N ALA A 57 6.92 -9.16 -3.33
CA ALA A 57 5.59 -8.96 -4.01
C ALA A 57 5.19 -10.23 -4.77
N LEU A 58 6.07 -11.19 -4.89
CA LEU A 58 5.73 -12.44 -5.64
C LEU A 58 4.96 -13.44 -4.76
N TRP A 59 5.05 -13.33 -3.46
CA TRP A 59 4.32 -14.30 -2.58
C TRP A 59 2.90 -13.81 -2.29
N ILE A 60 2.64 -12.54 -2.42
CA ILE A 60 1.28 -12.00 -2.14
C ILE A 60 0.38 -12.10 -3.38
N THR A 61 0.96 -12.25 -4.55
CA THR A 61 0.13 -12.31 -5.80
C THR A 61 -0.51 -13.69 -6.03
N PRO A 62 0.23 -14.75 -5.82
CA PRO A 62 -0.32 -16.11 -6.06
C PRO A 62 -1.44 -16.51 -5.07
N PRO A 63 -1.37 -16.10 -3.82
CA PRO A 63 -2.44 -16.48 -2.86
C PRO A 63 -3.75 -15.74 -3.17
N THR A 64 -3.75 -14.82 -4.09
CA THR A 64 -5.03 -14.09 -4.41
C THR A 64 -5.81 -14.82 -5.51
N VAL A 65 -5.13 -15.56 -6.33
CA VAL A 65 -5.83 -16.28 -7.43
C VAL A 65 -6.76 -17.36 -6.85
N LEU A 66 -6.54 -17.75 -5.61
CA LEU A 66 -7.40 -18.79 -5.00
C LEU A 66 -8.78 -18.21 -4.66
N THR A 67 -8.86 -16.92 -4.47
CA THR A 67 -10.17 -16.28 -4.14
C THR A 67 -11.21 -16.60 -5.22
N ALA A 68 -10.77 -16.79 -6.43
CA ALA A 68 -11.73 -17.11 -7.54
C ALA A 68 -12.35 -18.49 -7.33
N ILE A 69 -11.69 -19.33 -6.57
CA ILE A 69 -12.23 -20.71 -6.33
C ILE A 69 -13.21 -20.70 -5.16
N CYS A 70 -12.76 -20.28 -4.00
CA CYS A 70 -13.65 -20.25 -2.82
C CYS A 70 -14.95 -19.50 -3.13
N ALA A 71 -14.88 -18.50 -3.98
CA ALA A 71 -16.11 -17.74 -4.32
C ALA A 71 -17.03 -18.60 -5.19
N GLU A 72 -16.48 -19.50 -5.96
CA GLU A 72 -17.31 -20.37 -6.84
C GLU A 72 -17.82 -21.58 -6.05
N GLU A 73 -16.97 -22.19 -5.28
CA GLU A 73 -17.39 -23.39 -4.48
C GLU A 73 -18.58 -23.03 -3.59
N ALA A 74 -18.68 -21.80 -3.18
CA ALA A 74 -19.81 -21.38 -2.31
C ALA A 74 -20.99 -20.91 -3.17
N SER A 75 -20.73 -20.07 -4.14
CA SER A 75 -21.83 -19.57 -5.01
C SER A 75 -22.60 -20.74 -5.63
N ASN A 76 -22.10 -21.30 -6.70
CA ASN A 76 -22.81 -22.45 -7.34
C ASN A 76 -21.92 -23.69 -7.35
N ASN A 77 -22.47 -24.84 -7.07
CA ASN A 77 -21.66 -26.08 -7.06
C ASN A 77 -22.18 -27.07 -8.10
N PHE A 78 -21.59 -28.23 -8.19
CA PHE A 78 -22.06 -29.23 -9.19
C PHE A 78 -22.87 -30.32 -8.50
N ASP A 79 -24.13 -30.07 -8.26
CA ASP A 79 -24.99 -31.10 -7.59
C ASP A 79 -25.09 -32.34 -8.47
N ALA A 80 -24.98 -33.51 -7.88
CA ALA A 80 -25.07 -34.76 -8.68
C ALA A 80 -25.35 -35.96 -7.76
N THR A 81 -26.36 -36.72 -8.06
CA THR A 81 -26.69 -37.91 -7.20
C THR A 81 -26.12 -39.19 -7.82
N MET A 82 -25.54 -40.03 -7.02
CA MET A 82 -24.97 -41.30 -7.57
C MET A 82 -26.08 -42.30 -7.88
N TYR A 83 -25.76 -43.39 -8.51
CA TYR A 83 -26.79 -44.42 -8.86
C TYR A 83 -27.87 -43.82 -9.78
N GLY A 84 -28.79 -43.08 -9.23
CA GLY A 84 -29.85 -42.46 -10.07
C GLY A 84 -31.18 -43.19 -9.82
N SER A 85 -32.23 -42.44 -9.59
CA SER A 85 -33.55 -43.08 -9.34
C SER A 85 -34.06 -43.77 -10.61
N GLY A 86 -34.15 -43.05 -11.69
CA GLY A 86 -34.64 -43.65 -12.97
C GLY A 86 -36.14 -43.39 -13.12
N SER A 87 -36.92 -43.83 -12.17
CA SER A 87 -38.40 -43.61 -12.26
C SER A 87 -38.75 -42.23 -11.69
N SER A 88 -38.19 -41.19 -12.25
CA SER A 88 -38.49 -39.82 -11.74
C SER A 88 -39.59 -39.18 -12.59
N SER A 89 -39.70 -37.88 -12.55
CA SER A 89 -40.75 -37.19 -13.36
C SER A 89 -40.14 -36.65 -14.67
N GLU A 90 -40.97 -36.32 -15.62
CA GLU A 90 -40.45 -35.80 -16.92
C GLU A 90 -39.84 -34.41 -16.73
N ASP A 91 -40.12 -33.77 -15.62
CA ASP A 91 -39.56 -32.41 -15.38
C ASP A 91 -38.02 -32.44 -15.45
N ALA A 92 -37.43 -33.55 -15.07
CA ALA A 92 -35.94 -33.63 -15.11
C ALA A 92 -35.45 -33.49 -16.55
N LEU A 93 -36.26 -33.85 -17.51
CA LEU A 93 -35.83 -33.72 -18.94
C LEU A 93 -36.18 -32.34 -19.48
N ASP A 94 -37.12 -31.66 -18.87
CA ASP A 94 -37.52 -30.30 -19.35
C ASP A 94 -36.30 -29.38 -19.37
N GLU A 95 -35.35 -29.60 -18.50
CA GLU A 95 -34.14 -28.73 -18.47
C GLU A 95 -33.16 -29.15 -19.56
N HIS A 96 -33.24 -30.37 -20.01
CA HIS A 96 -32.32 -30.84 -21.08
C HIS A 96 -32.46 -29.97 -22.34
N ARG A 97 -33.61 -29.39 -22.53
CA ARG A 97 -33.82 -28.54 -23.74
C ARG A 97 -32.93 -27.29 -23.66
N ARG A 98 -32.96 -26.61 -22.54
CA ARG A 98 -32.12 -25.38 -22.39
C ARG A 98 -30.63 -25.76 -22.36
N TRP A 99 -30.33 -26.95 -21.93
CA TRP A 99 -28.90 -27.38 -21.86
C TRP A 99 -28.37 -27.65 -23.28
N LYS A 100 -29.23 -28.04 -24.18
CA LYS A 100 -28.77 -28.31 -25.58
C LYS A 100 -28.24 -27.03 -26.23
N SER A 101 -29.04 -26.00 -26.25
CA SER A 101 -28.60 -24.70 -26.87
C SER A 101 -28.06 -24.94 -28.28
N LEU A 102 -27.55 -23.91 -28.90
CA LEU A 102 -27.01 -24.07 -30.29
C LEU A 102 -25.51 -23.74 -30.31
N SER A 103 -25.15 -22.53 -29.98
CA SER A 103 -23.72 -22.15 -29.99
C SER A 103 -23.06 -22.55 -28.66
N THR A 104 -22.86 -23.83 -28.45
CA THR A 104 -22.23 -24.28 -27.18
C THR A 104 -20.77 -23.84 -27.12
N LYS A 105 -20.17 -23.58 -28.26
CA LYS A 105 -18.75 -23.13 -28.27
C LYS A 105 -18.56 -21.86 -27.44
N ASP A 106 -19.63 -21.12 -27.21
CA ASP A 106 -19.51 -19.87 -26.41
C ASP A 106 -18.74 -20.13 -25.11
N LYS A 107 -18.92 -21.29 -24.54
CA LYS A 107 -18.20 -21.62 -23.27
C LYS A 107 -16.86 -22.30 -23.60
N PHE A 108 -16.72 -22.85 -24.79
CA PHE A 108 -15.46 -23.54 -25.16
C PHE A 108 -14.28 -22.55 -25.15
N VAL A 109 -14.55 -21.28 -25.28
CA VAL A 109 -13.44 -20.27 -25.30
C VAL A 109 -12.86 -20.12 -23.88
N GLU A 110 -13.68 -19.93 -22.88
CA GLU A 110 -13.16 -19.76 -21.49
C GLU A 110 -12.35 -21.00 -21.08
N GLY A 111 -12.56 -22.12 -21.73
CA GLY A 111 -11.82 -23.35 -21.35
C GLY A 111 -10.52 -23.48 -22.16
N LEU A 112 -10.63 -23.74 -23.43
CA LEU A 112 -9.40 -23.91 -24.28
C LEU A 112 -8.47 -22.70 -24.12
N SER A 113 -9.01 -21.51 -24.12
CA SER A 113 -8.15 -20.30 -23.98
C SER A 113 -7.32 -20.35 -22.69
N ASN A 114 -7.84 -20.95 -21.65
CA ASN A 114 -7.08 -21.03 -20.37
C ASN A 114 -5.84 -21.89 -20.55
N ASN A 115 -5.84 -22.78 -21.51
CA ASN A 115 -4.65 -23.66 -21.71
C ASN A 115 -3.63 -22.97 -22.63
N LYS A 116 -4.07 -22.06 -23.45
CA LYS A 116 -3.13 -21.35 -24.36
C LYS A 116 -2.32 -20.30 -23.59
N TYR A 117 -2.98 -19.40 -22.93
CA TYR A 117 -2.26 -18.35 -22.15
C TYR A 117 -1.38 -18.99 -21.06
N LYS A 118 -1.66 -20.22 -20.70
CA LYS A 118 -0.83 -20.89 -19.65
C LYS A 118 0.54 -21.26 -20.21
N ILE A 119 0.61 -21.55 -21.48
CA ILE A 119 1.92 -21.93 -22.09
C ILE A 119 2.66 -20.69 -22.62
N ILE A 120 1.94 -19.75 -23.17
CA ILE A 120 2.60 -18.52 -23.71
C ILE A 120 3.33 -17.77 -22.59
N THR A 121 2.87 -17.90 -21.38
CA THR A 121 3.53 -17.19 -20.24
C THR A 121 4.62 -18.07 -19.62
N GLY A 122 4.44 -19.37 -19.70
CA GLY A 122 5.47 -20.29 -19.10
C GLY A 122 6.75 -20.24 -19.93
N ALA A 123 6.66 -19.95 -21.20
CA ALA A 123 7.88 -19.89 -22.05
C ALA A 123 8.47 -18.47 -22.05
N TRP A 124 7.69 -17.49 -21.68
CA TRP A 124 8.21 -16.09 -21.66
C TRP A 124 9.23 -15.90 -20.53
N ALA A 125 9.21 -16.77 -19.55
CA ALA A 125 10.18 -16.64 -18.42
C ALA A 125 11.46 -17.43 -18.72
N ALA A 126 11.35 -18.52 -19.43
CA ALA A 126 12.56 -19.33 -19.76
C ALA A 126 13.34 -18.71 -20.92
N SER A 127 12.71 -17.87 -21.69
CA SER A 127 13.42 -17.24 -22.84
C SER A 127 14.64 -16.45 -22.35
N LEU A 128 14.64 -16.04 -21.11
CA LEU A 128 15.80 -15.26 -20.57
C LEU A 128 16.95 -16.20 -20.19
N TYR A 129 16.65 -17.25 -19.47
CA TYR A 129 17.73 -18.20 -19.06
C TYR A 129 18.40 -18.82 -20.29
N GLY A 130 17.63 -19.54 -21.08
CA GLY A 130 18.21 -20.19 -22.29
C GLY A 130 18.83 -19.14 -23.20
N SER A 131 18.44 -17.89 -23.06
CA SER A 131 19.03 -16.83 -23.94
C SER A 131 20.52 -16.65 -23.61
N TRP A 132 20.92 -16.98 -22.42
CA TRP A 132 22.35 -16.84 -22.03
C TRP A 132 23.14 -18.09 -22.42
N VAL A 133 22.54 -19.24 -22.27
CA VAL A 133 23.24 -20.51 -22.62
C VAL A 133 23.44 -20.60 -24.14
N ILE A 134 22.39 -20.39 -24.89
CA ILE A 134 22.51 -20.46 -26.38
C ILE A 134 23.62 -19.54 -26.87
N VAL A 135 23.94 -18.52 -26.13
CA VAL A 135 25.03 -17.58 -26.56
C VAL A 135 26.22 -17.70 -25.60
N ASN A 136 27.36 -18.12 -26.09
CA ASN A 136 28.55 -18.26 -25.21
C ASN A 136 29.48 -17.06 -25.40
N LYS A 137 29.69 -16.29 -24.36
CA LYS A 137 30.59 -15.11 -24.48
C LYS A 137 31.01 -14.62 -23.09
N ASP A 138 32.09 -13.90 -23.01
CA ASP A 138 32.56 -13.39 -21.68
C ASP A 138 32.41 -11.87 -21.61
N PRO A 139 31.88 -11.39 -20.51
CA PRO A 139 31.69 -9.93 -20.33
C PRO A 139 33.04 -9.24 -20.08
N ILE A 140 33.80 -9.00 -21.11
CA ILE A 140 35.12 -8.34 -20.93
C ILE A 140 34.93 -6.88 -20.47
N MET A 141 33.82 -6.30 -20.79
CA MET A 141 33.57 -4.88 -20.37
C MET A 141 32.84 -4.84 -19.03
N THR A 142 32.40 -3.68 -18.62
CA THR A 142 31.67 -3.56 -17.32
C THR A 142 30.30 -4.27 -17.42
N LYS A 143 30.20 -5.45 -16.90
CA LYS A 143 28.91 -6.19 -16.94
C LYS A 143 27.82 -5.40 -16.20
N ALA A 144 28.22 -4.57 -15.28
CA ALA A 144 27.23 -3.76 -14.51
C ALA A 144 26.27 -3.03 -15.46
N GLN A 145 26.77 -2.55 -16.56
CA GLN A 145 25.90 -1.83 -17.54
C GLN A 145 24.79 -2.77 -18.05
N LYS A 146 25.08 -4.05 -18.11
CA LYS A 146 24.06 -5.02 -18.59
C LYS A 146 23.03 -5.30 -17.49
N ILE A 147 23.45 -5.21 -16.25
CA ILE A 147 22.50 -5.48 -15.13
C ILE A 147 21.37 -4.44 -15.15
N VAL A 148 21.72 -3.17 -15.20
CA VAL A 148 20.67 -2.11 -15.22
C VAL A 148 19.89 -2.17 -16.54
N GLN A 149 20.47 -2.74 -17.56
CA GLN A 149 19.76 -2.83 -18.88
C GLN A 149 18.47 -3.64 -18.73
N ALA A 150 18.55 -4.81 -18.14
CA ALA A 150 17.33 -5.65 -17.96
C ALA A 150 16.22 -4.85 -17.27
N ARG A 151 16.58 -3.83 -16.53
CA ARG A 151 15.55 -3.01 -15.82
C ARG A 151 14.49 -2.52 -16.82
N MET A 152 14.92 -2.09 -17.98
CA MET A 152 13.94 -1.60 -19.00
C MET A 152 13.07 -2.75 -19.50
N TYR A 153 13.67 -3.83 -19.93
CA TYR A 153 12.87 -4.98 -20.42
C TYR A 153 12.09 -5.61 -19.27
N ALA A 154 12.56 -5.45 -18.07
CA ALA A 154 11.84 -6.03 -16.89
C ALA A 154 10.71 -5.10 -16.46
N GLN A 155 10.95 -3.81 -16.45
CA GLN A 155 9.88 -2.85 -16.04
C GLN A 155 8.58 -3.15 -16.79
N PHE A 156 8.69 -3.76 -17.95
CA PHE A 156 7.49 -4.09 -18.74
C PHE A 156 6.94 -5.46 -18.32
N ILE A 157 7.76 -6.33 -17.79
CA ILE A 157 7.25 -7.66 -17.36
C ILE A 157 6.42 -7.51 -16.08
N THR A 158 6.60 -6.41 -15.38
CA THR A 158 5.84 -6.20 -14.12
C THR A 158 4.42 -5.70 -14.43
N VAL A 159 4.29 -4.76 -15.33
CA VAL A 159 2.92 -4.24 -15.65
C VAL A 159 1.99 -5.40 -16.03
N GLY A 160 2.55 -6.50 -16.47
CA GLY A 160 1.70 -7.67 -16.83
C GLY A 160 1.20 -8.32 -15.54
N LEU A 161 1.89 -8.11 -14.45
CA LEU A 161 1.46 -8.71 -13.16
C LEU A 161 0.52 -7.76 -12.42
N LEU A 162 0.65 -6.48 -12.65
CA LEU A 162 -0.24 -5.49 -11.97
C LEU A 162 -1.51 -5.24 -12.79
N LEU A 163 -1.34 -4.99 -14.07
CA LEU A 163 -2.53 -4.73 -14.93
C LEU A 163 -3.51 -5.90 -14.86
N ALA A 164 -3.03 -7.11 -14.98
CA ALA A 164 -3.92 -8.29 -14.90
C ALA A 164 -4.50 -8.43 -13.50
N SER A 165 -3.88 -7.83 -12.51
CA SER A 165 -4.40 -7.93 -11.12
C SER A 165 -5.58 -6.97 -10.90
N VAL A 166 -5.44 -5.71 -11.24
CA VAL A 166 -6.57 -4.76 -11.03
C VAL A 166 -7.78 -5.19 -11.85
N GLY A 167 -7.55 -5.76 -13.00
CA GLY A 167 -8.69 -6.21 -13.85
C GLY A 167 -9.52 -7.23 -13.07
N LEU A 168 -8.87 -8.11 -12.36
CA LEU A 168 -9.64 -9.13 -11.57
C LEU A 168 -10.50 -8.43 -10.52
N SER A 169 -9.94 -7.51 -9.79
CA SER A 169 -10.73 -6.78 -8.76
C SER A 169 -11.71 -5.81 -9.42
N MET A 170 -11.45 -5.43 -10.64
CA MET A 170 -12.36 -4.49 -11.35
C MET A 170 -13.52 -5.25 -12.00
N TYR A 171 -13.24 -6.38 -12.60
CA TYR A 171 -14.33 -7.17 -13.26
C TYR A 171 -15.48 -7.43 -12.27
N GLU A 172 -15.19 -7.40 -10.99
CA GLU A 172 -16.27 -7.64 -9.99
C GLU A 172 -17.18 -6.41 -9.88
N ASN A 173 -16.67 -5.25 -10.20
CA ASN A 173 -17.50 -4.02 -10.11
C ASN A 173 -18.71 -4.12 -11.05
N LYS A 174 -18.47 -4.29 -12.32
CA LYS A 174 -19.60 -4.40 -13.29
C LYS A 174 -20.56 -3.22 -13.14
N LEU A 175 -21.75 -3.33 -13.68
CA LEU A 175 -22.73 -2.21 -13.56
C LEU A 175 -23.65 -2.44 -12.35
N HIS A 176 -23.09 -2.84 -11.24
CA HIS A 176 -23.93 -3.08 -10.02
C HIS A 176 -23.32 -2.36 -8.81
N PRO A 177 -23.86 -1.21 -8.50
CA PRO A 177 -23.35 -0.44 -7.34
C PRO A 177 -23.75 -1.10 -6.02
N ASN A 178 -22.94 -2.00 -5.52
CA ASN A 178 -23.27 -2.68 -4.25
C ASN A 178 -22.29 -2.25 -3.14
N LYS A 179 -22.07 -0.97 -3.01
CA LYS A 179 -21.12 -0.47 -1.97
C LYS A 179 -19.78 -1.21 -2.05
N GLN A 180 -19.34 -1.52 -3.24
CA GLN A 180 -18.05 -2.23 -3.40
C GLN A 180 -16.88 -1.27 -3.16
N LYS A 181 -15.68 -1.79 -3.05
CA LYS A 181 -14.50 -0.91 -2.82
C LYS A 181 -13.53 -0.99 -4.00
N VAL A 182 -13.21 0.13 -4.59
CA VAL A 182 -12.27 0.12 -5.75
C VAL A 182 -11.18 1.19 -5.56
N ASN A 183 -9.97 0.78 -5.31
CA ASN A 183 -8.89 1.79 -5.11
C ASN A 183 -7.55 1.22 -5.62
N GLU A 184 -7.21 1.49 -6.85
CA GLU A 184 -5.93 0.98 -7.40
C GLU A 184 -4.78 1.95 -7.08
N MET A 185 -5.10 3.20 -6.86
CA MET A 185 -4.02 4.18 -6.53
C MET A 185 -3.37 3.84 -5.18
N ARG A 186 -3.99 3.00 -4.39
CA ARG A 186 -3.39 2.62 -3.07
C ARG A 186 -1.98 2.07 -3.27
N ARG A 187 -1.80 1.24 -4.27
CA ARG A 187 -0.46 0.64 -4.51
C ARG A 187 0.38 1.47 -5.51
N TRP A 188 -0.21 2.08 -6.53
CA TRP A 188 0.63 2.87 -7.50
C TRP A 188 1.48 3.91 -6.75
N GLU A 189 0.85 4.79 -6.03
CA GLU A 189 1.62 5.83 -5.28
C GLU A 189 2.69 5.17 -4.40
N ASN A 190 2.44 3.96 -3.95
CA ASN A 190 3.44 3.26 -3.11
C ASN A 190 4.56 2.69 -3.99
N ALA A 191 4.21 2.22 -5.16
CA ALA A 191 5.25 1.67 -6.07
C ALA A 191 6.13 2.80 -6.61
N LEU A 192 5.62 4.00 -6.62
CA LEU A 192 6.41 5.16 -7.13
C LEU A 192 7.36 5.66 -6.03
N ARG A 193 6.90 5.67 -4.81
CA ARG A 193 7.77 6.15 -3.69
C ARG A 193 9.01 5.26 -3.57
N VAL A 194 8.82 3.97 -3.51
CA VAL A 194 9.98 3.03 -3.40
C VAL A 194 10.78 3.03 -4.71
N ALA A 195 10.18 3.49 -5.77
CA ALA A 195 10.90 3.51 -7.08
C ALA A 195 11.92 4.66 -7.10
N GLU A 196 11.45 5.88 -7.08
CA GLU A 196 12.39 7.04 -7.10
C GLU A 196 13.43 6.90 -5.99
N GLU A 197 13.08 6.26 -4.91
CA GLU A 197 14.06 6.07 -3.79
C GLU A 197 15.30 5.35 -4.29
N GLU A 198 15.19 4.60 -5.36
CA GLU A 198 16.36 3.86 -5.90
C GLU A 198 17.26 4.80 -6.73
N GLU A 199 16.69 5.86 -7.24
CA GLU A 199 17.51 6.83 -8.06
C GLU A 199 18.57 7.51 -7.20
N ARG A 200 18.23 7.86 -5.99
CA ARG A 200 19.22 8.57 -5.11
C ARG A 200 20.56 7.83 -5.13
N LEU A 201 20.54 6.55 -5.36
CA LEU A 201 21.81 5.77 -5.42
C LEU A 201 22.48 5.96 -6.77
N GLU A 202 21.71 6.18 -7.80
CA GLU A 202 22.29 6.38 -9.16
C GLU A 202 22.90 7.78 -9.29
N LYS A 203 22.32 8.74 -8.62
CA LYS A 203 22.85 10.14 -8.69
C LYS A 203 24.16 10.25 -7.92
N GLU A 204 24.40 9.37 -6.99
CA GLU A 204 25.66 9.42 -6.19
C GLU A 204 26.88 9.33 -7.11
N GLY A 205 26.73 8.69 -8.25
CA GLY A 205 27.88 8.57 -9.19
C GLY A 205 27.36 8.52 -10.63
N ARG A 206 28.16 8.92 -11.57
CA ARG A 206 27.73 8.89 -13.00
C ARG A 206 28.22 7.62 -13.69
N ARG A 207 28.01 7.50 -14.97
CA ARG A 207 28.47 6.29 -15.71
C ARG A 207 30.00 6.18 -15.63
N THR A 208 30.51 5.04 -15.23
CA THR A 208 31.98 4.87 -15.13
C THR A 208 32.59 4.72 -16.53
N GLY A 209 33.76 5.28 -16.75
CA GLY A 209 34.40 5.16 -18.08
C GLY A 209 34.71 6.56 -18.63
N TYR A 210 33.76 7.46 -18.57
CA TYR A 210 34.00 8.84 -19.09
C TYR A 210 34.49 9.75 -17.96
N VAL A 211 34.36 9.33 -16.73
CA VAL A 211 34.82 10.18 -15.59
C VAL A 211 36.32 10.50 -15.75
N SER A 212 37.04 9.65 -16.43
CA SER A 212 38.51 9.91 -16.61
C SER A 212 38.73 11.12 -17.51
N ASN A 213 37.77 11.44 -18.34
CA ASN A 213 37.93 12.62 -19.24
C ASN A 213 38.10 13.90 -18.42
N GLU A 214 37.35 14.04 -17.36
CA GLU A 214 37.47 15.27 -16.51
C GLU A 214 38.89 15.36 -15.92
N GLU A 215 39.51 14.24 -15.68
CA GLU A 215 40.89 14.27 -15.10
C GLU A 215 41.87 14.90 -16.10
N ARG A 216 41.58 14.80 -17.37
CA ARG A 216 42.50 15.40 -18.39
C ARG A 216 42.55 16.93 -18.23
N ILE A 217 41.44 17.54 -17.93
CA ILE A 217 41.43 19.03 -17.75
C ILE A 217 41.91 19.40 -16.35
N ASN A 218 41.70 18.53 -15.40
CA ASN A 218 42.15 18.84 -14.00
C ASN A 218 43.66 18.74 -13.90
N SER A 219 44.27 17.89 -14.70
CA SER A 219 45.76 17.74 -14.64
C SER A 219 46.42 18.95 -15.30
N LYS A 220 45.77 19.56 -16.24
CA LYS A 220 46.37 20.75 -16.91
C LYS A 220 46.55 21.90 -15.91
N ILE A 221 45.71 21.94 -14.90
CA ILE A 221 45.83 23.03 -13.88
C ILE A 221 46.95 22.70 -12.88
N PHE A 222 47.23 21.44 -12.70
CA PHE A 222 48.31 21.04 -11.73
C PHE A 222 49.63 21.69 -12.13
N LYS A 223 49.95 21.68 -13.40
CA LYS A 223 51.23 22.30 -13.86
C LYS A 223 50.94 23.40 -14.89
N SER A 224 51.90 24.26 -15.12
CA SER A 224 51.69 25.36 -16.11
C SER A 224 52.94 25.56 -16.96
N MET B 1 -32.73 0.04 29.93
CA MET B 1 -32.11 1.01 30.89
C MET B 1 -31.36 0.26 31.98
N LYS B 2 -30.66 -0.79 31.63
CA LYS B 2 -29.91 -1.57 32.66
C LYS B 2 -28.40 -1.44 32.41
N ILE B 3 -28.01 -0.99 31.24
CA ILE B 3 -26.55 -0.84 30.95
C ILE B 3 -25.94 0.25 31.83
N LEU B 4 -25.28 -0.13 32.90
CA LEU B 4 -24.66 0.88 33.79
C LEU B 4 -23.14 0.79 33.73
N THR B 5 -22.61 0.40 32.60
CA THR B 5 -21.13 0.28 32.48
C THR B 5 -20.65 0.93 31.17
N GLN B 6 -19.41 0.75 30.82
CA GLN B 6 -18.89 1.35 29.56
C GLN B 6 -18.99 0.34 28.41
N ASP B 7 -20.18 -0.15 28.16
CA ASP B 7 -20.36 -1.14 27.05
C ASP B 7 -21.50 -0.71 26.15
N GLU B 8 -21.76 0.57 26.06
CA GLU B 8 -22.87 1.06 25.18
C GLU B 8 -22.78 2.57 25.03
N ILE B 9 -21.64 3.09 24.65
CA ILE B 9 -21.50 4.57 24.49
C ILE B 9 -22.08 5.00 23.13
N GLU B 10 -22.70 6.15 23.09
CA GLU B 10 -23.29 6.63 21.81
C GLU B 10 -22.22 7.35 20.98
N ALA B 11 -22.50 7.62 19.73
CA ALA B 11 -21.50 8.32 18.88
C ALA B 11 -21.99 9.74 18.54
N HIS B 12 -22.57 10.41 19.50
CA HIS B 12 -23.06 11.79 19.23
C HIS B 12 -21.88 12.77 19.15
N ARG B 13 -21.16 12.76 18.07
CA ARG B 13 -19.99 13.69 17.94
C ARG B 13 -20.45 15.08 17.52
N SER B 14 -21.73 15.32 17.46
CA SER B 14 -22.24 16.67 17.06
C SER B 14 -21.58 17.76 17.92
N HIS B 15 -21.23 17.45 19.13
CA HIS B 15 -20.59 18.46 20.01
C HIS B 15 -19.20 18.81 19.47
N THR B 16 -18.37 17.82 19.26
CA THR B 16 -17.00 18.09 18.72
C THR B 16 -17.07 18.45 17.24
N LEU B 17 -18.13 18.08 16.56
CA LEU B 17 -18.27 18.39 15.10
C LEU B 17 -17.88 19.85 14.82
N LYS B 18 -18.07 20.72 15.77
CA LYS B 18 -17.71 22.15 15.55
C LYS B 18 -16.19 22.30 15.38
N GLY B 19 -15.44 21.81 16.33
CA GLY B 19 -13.95 21.92 16.23
C GLY B 19 -13.42 20.89 15.23
N GLY B 20 -14.16 19.83 15.01
CA GLY B 20 -13.70 18.78 14.04
C GLY B 20 -13.42 19.41 12.67
N ILE B 21 -14.39 20.05 12.09
CA ILE B 21 -14.19 20.67 10.75
C ILE B 21 -13.11 21.77 10.83
N GLU B 22 -12.97 22.40 11.96
CA GLU B 22 -11.94 23.48 12.10
C GLU B 22 -10.55 22.91 11.84
N GLY B 23 -10.33 21.66 12.17
CA GLY B 23 -8.99 21.04 11.93
C GLY B 23 -8.71 20.96 10.43
N ALA B 24 -9.72 20.88 9.62
CA ALA B 24 -9.50 20.79 8.14
C ALA B 24 -8.63 21.95 7.66
N LEU B 25 -9.00 23.17 8.00
CA LEU B 25 -8.19 24.34 7.55
C LEU B 25 -6.97 24.53 8.47
N ALA B 26 -7.08 24.13 9.71
CA ALA B 26 -5.93 24.29 10.64
C ALA B 26 -4.71 23.51 10.14
N GLY B 27 -4.93 22.40 9.49
CA GLY B 27 -3.79 21.59 8.98
C GLY B 27 -3.27 22.20 7.67
N PHE B 28 -4.12 22.86 6.93
CA PHE B 28 -3.68 23.47 5.64
C PHE B 28 -2.55 24.48 5.88
N ALA B 29 -2.68 25.32 6.87
CA ALA B 29 -1.62 26.33 7.15
C ALA B 29 -0.46 25.69 7.92
N ILE B 30 -0.74 25.11 9.04
CA ILE B 30 0.35 24.47 9.86
C ILE B 30 1.17 23.50 8.99
N SER B 31 0.58 22.98 7.96
CA SER B 31 1.32 22.02 7.06
C SER B 31 2.56 22.69 6.45
N ALA B 32 2.37 23.75 5.71
CA ALA B 32 3.54 24.42 5.05
C ALA B 32 4.30 25.34 6.02
N ILE B 33 3.60 26.00 6.91
CA ILE B 33 4.28 26.93 7.87
C ILE B 33 5.47 26.25 8.56
N ILE B 34 5.32 25.03 8.98
CA ILE B 34 6.44 24.33 9.69
C ILE B 34 7.61 24.04 8.73
N PHE B 35 7.32 23.66 7.51
CA PHE B 35 8.40 23.35 6.54
C PHE B 35 9.23 24.60 6.21
N LYS B 36 8.67 25.76 6.39
CA LYS B 36 9.41 27.01 6.05
C LYS B 36 10.43 27.39 7.14
N VAL B 37 10.08 27.20 8.38
CA VAL B 37 11.00 27.60 9.50
C VAL B 37 12.45 27.13 9.26
N LEU B 38 12.66 25.93 8.79
CA LEU B 38 14.09 25.47 8.60
C LEU B 38 14.74 26.12 7.37
N PRO B 39 14.12 26.03 6.22
CA PRO B 39 14.70 26.61 4.99
C PRO B 39 14.73 28.15 5.05
N ARG B 40 13.82 28.74 5.78
CA ARG B 40 13.80 30.23 5.86
C ARG B 40 15.13 30.75 6.41
N ARG B 41 15.82 29.96 7.20
CA ARG B 41 17.12 30.40 7.76
C ARG B 41 18.20 30.37 6.67
N TYR B 42 18.00 29.58 5.65
CA TYR B 42 19.01 29.49 4.55
C TYR B 42 20.35 29.01 5.10
N PRO B 43 20.36 27.80 5.60
CA PRO B 43 21.60 27.22 6.16
C PRO B 43 22.52 26.70 5.05
N LYS B 44 22.74 27.49 4.03
CA LYS B 44 23.64 27.05 2.91
C LYS B 44 23.27 25.64 2.44
N PHE B 45 22.03 25.26 2.59
CA PHE B 45 21.61 23.89 2.15
C PHE B 45 20.17 23.92 1.62
N LYS B 46 19.62 22.78 1.28
CA LYS B 46 18.23 22.73 0.77
C LYS B 46 17.69 21.30 0.83
N PRO B 47 17.43 20.84 2.04
CA PRO B 47 16.91 19.47 2.22
C PRO B 47 15.45 19.38 1.78
N SER B 48 15.19 19.57 0.51
CA SER B 48 13.80 19.49 0.01
C SER B 48 13.42 18.04 -0.31
N THR B 49 14.39 17.21 -0.57
CA THR B 49 14.09 15.78 -0.89
C THR B 49 13.40 15.10 0.30
N LEU B 50 13.82 15.42 1.50
CA LEU B 50 13.18 14.79 2.69
C LEU B 50 11.86 15.48 3.03
N THR B 51 11.76 16.76 2.78
CA THR B 51 10.50 17.48 3.07
C THR B 51 9.45 17.19 2.00
N TRP B 52 9.88 16.78 0.83
CA TRP B 52 8.91 16.48 -0.26
C TRP B 52 8.27 15.10 -0.05
N SER B 53 9.00 14.19 0.54
CA SER B 53 8.42 12.83 0.78
C SER B 53 7.47 12.87 1.96
N ILE B 54 7.62 13.82 2.84
CA ILE B 54 6.71 13.92 4.02
C ILE B 54 5.50 14.80 3.70
N LYS B 55 5.56 15.55 2.63
CA LYS B 55 4.41 16.44 2.27
C LYS B 55 3.25 15.62 1.70
N THR B 56 3.51 14.40 1.28
CA THR B 56 2.41 13.57 0.69
C THR B 56 1.57 12.92 1.81
N ALA B 57 2.20 12.23 2.72
CA ALA B 57 1.43 11.56 3.82
C ALA B 57 0.64 12.59 4.64
N LEU B 58 1.00 13.84 4.54
CA LEU B 58 0.26 14.89 5.32
C LEU B 58 -1.01 15.34 4.58
N TRP B 59 -1.08 15.15 3.29
CA TRP B 59 -2.30 15.59 2.53
C TRP B 59 -3.35 14.48 2.48
N ILE B 60 -2.95 13.25 2.67
CA ILE B 60 -3.93 12.12 2.61
C ILE B 60 -4.61 11.90 3.96
N THR B 61 -4.04 12.40 5.03
CA THR B 61 -4.64 12.18 6.38
C THR B 61 -5.80 13.15 6.71
N PRO B 62 -5.63 14.42 6.39
CA PRO B 62 -6.69 15.41 6.72
C PRO B 62 -8.00 15.24 5.91
N PRO B 63 -7.91 14.81 4.67
CA PRO B 63 -9.16 14.64 3.87
C PRO B 63 -9.87 13.33 4.25
N THR B 64 -9.19 12.42 4.90
CA THR B 64 -9.84 11.13 5.27
C THR B 64 -10.50 11.23 6.66
N VAL B 65 -9.92 12.01 7.54
CA VAL B 65 -10.50 12.15 8.89
C VAL B 65 -11.91 12.76 8.81
N LEU B 66 -12.23 13.39 7.70
CA LEU B 66 -13.58 14.00 7.53
C LEU B 66 -14.67 12.91 7.59
N THR B 67 -14.31 11.68 7.36
CA THR B 67 -15.32 10.57 7.38
C THR B 67 -16.09 10.55 8.71
N ALA B 68 -15.55 11.14 9.74
CA ALA B 68 -16.27 11.14 11.05
C ALA B 68 -17.44 12.12 11.04
N ILE B 69 -17.39 13.12 10.20
CA ILE B 69 -18.52 14.10 10.14
C ILE B 69 -19.62 13.59 9.22
N CYS B 70 -19.29 13.25 8.01
CA CYS B 70 -20.32 12.75 7.06
C CYS B 70 -21.08 11.57 7.66
N ALA B 71 -20.41 10.77 8.46
CA ALA B 71 -21.10 9.60 9.09
C ALA B 71 -22.06 10.08 10.19
N GLU B 72 -21.75 11.17 10.82
CA GLU B 72 -22.65 11.70 11.90
C GLU B 72 -23.89 12.35 11.27
N GLU B 73 -23.69 13.27 10.37
CA GLU B 73 -24.86 13.95 9.73
C GLU B 73 -25.72 12.93 8.98
N ALA B 74 -25.15 11.79 8.64
CA ALA B 74 -25.93 10.76 7.91
C ALA B 74 -26.69 9.87 8.91
N SER B 75 -25.97 9.25 9.80
CA SER B 75 -26.63 8.34 10.81
C SER B 75 -27.74 9.11 11.55
N ASN B 76 -27.40 9.87 12.55
CA ASN B 76 -28.43 10.63 13.30
C ASN B 76 -28.68 11.99 12.64
N ASN B 77 -29.88 12.50 12.75
CA ASN B 77 -30.17 13.82 12.12
C ASN B 77 -31.05 14.66 13.05
N PHE B 78 -32.17 14.13 13.48
CA PHE B 78 -33.07 14.90 14.39
C PHE B 78 -32.51 14.88 15.82
N ASP B 79 -33.15 15.57 16.73
CA ASP B 79 -32.67 15.59 18.13
C ASP B 79 -33.84 15.69 19.11
N ALA B 80 -34.79 14.82 19.00
CA ALA B 80 -35.97 14.87 19.92
C ALA B 80 -36.80 13.59 19.79
N THR B 81 -37.76 13.41 20.66
CA THR B 81 -38.61 12.18 20.60
C THR B 81 -39.82 12.43 19.71
N MET B 82 -40.58 11.41 19.41
CA MET B 82 -41.79 11.59 18.55
C MET B 82 -42.87 12.36 19.31
N TYR B 83 -43.66 11.69 20.10
CA TYR B 83 -44.74 12.37 20.88
C TYR B 83 -45.68 13.14 19.93
N GLY B 84 -45.31 14.32 19.52
CA GLY B 84 -46.18 15.10 18.61
C GLY B 84 -46.32 16.54 19.13
N SER B 85 -46.99 16.71 20.24
CA SER B 85 -47.16 18.08 20.82
C SER B 85 -46.50 18.14 22.19
N GLY B 86 -46.98 19.00 23.05
CA GLY B 86 -46.38 19.11 24.41
C GLY B 86 -47.49 19.22 25.46
N SER B 87 -47.17 18.99 26.70
CA SER B 87 -48.22 19.09 27.77
C SER B 87 -48.28 20.51 28.31
N SER B 88 -48.87 20.69 29.46
CA SER B 88 -48.97 22.06 30.05
C SER B 88 -48.11 22.16 31.31
N SER B 89 -48.26 21.24 32.23
CA SER B 89 -47.45 21.28 33.47
C SER B 89 -45.99 20.96 33.18
N GLU B 90 -45.08 21.83 33.54
CA GLU B 90 -43.64 21.57 33.27
C GLU B 90 -43.01 20.79 34.43
N ASP B 91 -43.64 20.79 35.58
CA ASP B 91 -43.08 20.05 36.75
C ASP B 91 -42.90 18.57 36.38
N ALA B 92 -43.88 17.97 35.78
CA ALA B 92 -43.77 16.53 35.40
C ALA B 92 -42.71 16.35 34.31
N LEU B 93 -42.49 17.36 33.51
CA LEU B 93 -41.47 17.26 32.42
C LEU B 93 -40.07 17.30 33.02
N ASP B 94 -39.83 18.21 33.93
CA ASP B 94 -38.48 18.30 34.56
C ASP B 94 -38.13 17.00 35.28
N GLU B 95 -39.12 16.30 35.75
CA GLU B 95 -38.86 15.02 36.47
C GLU B 95 -38.19 14.02 35.53
N HIS B 96 -38.64 13.94 34.31
CA HIS B 96 -38.03 12.99 33.34
C HIS B 96 -36.66 13.50 32.89
N ARG B 97 -36.44 14.78 32.96
CA ARG B 97 -35.12 15.35 32.54
C ARG B 97 -34.03 14.96 33.55
N ARG B 98 -34.40 14.81 34.80
CA ARG B 98 -33.39 14.43 35.82
C ARG B 98 -33.16 12.92 35.81
N TRP B 99 -34.18 12.16 35.53
CA TRP B 99 -34.03 10.67 35.49
C TRP B 99 -33.01 10.26 34.44
N LYS B 100 -33.16 10.74 33.23
CA LYS B 100 -32.19 10.39 32.15
C LYS B 100 -30.86 11.12 32.37
N SER B 101 -30.90 12.23 33.05
CA SER B 101 -29.64 13.00 33.29
C SER B 101 -28.64 12.14 34.09
N LEU B 102 -28.86 12.00 35.37
CA LEU B 102 -27.93 11.18 36.21
C LEU B 102 -26.48 11.64 35.99
N SER B 103 -25.55 10.73 35.86
CA SER B 103 -24.13 11.14 35.64
C SER B 103 -23.95 11.75 34.25
N THR B 104 -24.18 13.03 34.13
CA THR B 104 -24.03 13.69 32.79
C THR B 104 -22.55 13.88 32.45
N LYS B 105 -21.70 13.90 33.44
CA LYS B 105 -20.24 14.08 33.17
C LYS B 105 -19.73 12.99 32.24
N ASP B 106 -20.43 11.88 32.15
CA ASP B 106 -19.97 10.77 31.25
C ASP B 106 -19.69 11.32 29.84
N LYS B 107 -20.47 12.27 29.40
CA LYS B 107 -20.26 12.86 28.04
C LYS B 107 -19.30 14.05 28.12
N PHE B 108 -19.14 14.62 29.28
CA PHE B 108 -18.22 15.80 29.42
C PHE B 108 -16.78 15.40 29.10
N VAL B 109 -16.44 14.14 29.21
CA VAL B 109 -15.04 13.72 28.90
C VAL B 109 -14.80 13.72 27.39
N GLU B 110 -15.70 13.18 26.61
CA GLU B 110 -15.50 13.17 25.13
C GLU B 110 -15.45 14.59 24.59
N GLY B 111 -16.01 15.55 25.31
CA GLY B 111 -16.00 16.95 24.82
C GLY B 111 -14.76 17.69 25.34
N LEU B 112 -14.71 17.98 26.62
CA LEU B 112 -13.55 18.72 27.19
C LEU B 112 -12.22 18.11 26.75
N SER B 113 -12.09 16.81 26.85
CA SER B 113 -10.82 16.14 26.45
C SER B 113 -10.43 16.51 25.01
N ASN B 114 -11.40 16.63 24.13
CA ASN B 114 -11.08 16.99 22.71
C ASN B 114 -10.39 18.36 22.65
N ASN B 115 -10.65 19.22 23.61
CA ASN B 115 -10.02 20.56 23.60
C ASN B 115 -8.65 20.51 24.28
N LYS B 116 -8.47 19.59 25.19
CA LYS B 116 -7.15 19.48 25.90
C LYS B 116 -6.10 18.85 24.97
N TYR B 117 -6.48 17.87 24.20
CA TYR B 117 -5.51 17.21 23.28
C TYR B 117 -5.22 18.12 22.07
N LYS B 118 -6.00 19.15 21.88
CA LYS B 118 -5.77 20.07 20.73
C LYS B 118 -4.75 21.15 21.10
N ILE B 119 -4.63 21.46 22.37
CA ILE B 119 -3.67 22.52 22.79
C ILE B 119 -2.30 21.90 23.08
N ILE B 120 -2.26 20.65 23.45
CA ILE B 120 -0.95 19.99 23.75
C ILE B 120 -0.21 19.66 22.46
N THR B 121 -0.89 19.05 21.51
CA THR B 121 -0.23 18.70 20.22
C THR B 121 0.08 19.97 19.42
N GLY B 122 -0.75 20.97 19.53
CA GLY B 122 -0.51 22.24 18.78
C GLY B 122 0.82 22.86 19.21
N ALA B 123 1.23 22.61 20.44
CA ALA B 123 2.51 23.19 20.92
C ALA B 123 3.69 22.29 20.54
N TRP B 124 3.47 21.00 20.52
CA TRP B 124 4.58 20.06 20.16
C TRP B 124 5.14 20.41 18.78
N ALA B 125 4.36 21.07 17.95
CA ALA B 125 4.84 21.42 16.59
C ALA B 125 5.67 22.72 16.65
N ALA B 126 5.27 23.65 17.48
CA ALA B 126 6.03 24.93 17.59
C ALA B 126 7.29 24.73 18.42
N SER B 127 7.24 23.84 19.39
CA SER B 127 8.44 23.61 20.25
C SER B 127 9.63 23.19 19.38
N LEU B 128 9.38 22.56 18.27
CA LEU B 128 10.49 22.12 17.38
C LEU B 128 11.34 23.32 16.94
N TYR B 129 10.73 24.25 16.24
CA TYR B 129 11.49 25.45 15.77
C TYR B 129 11.84 26.35 16.95
N GLY B 130 10.88 26.63 17.79
CA GLY B 130 11.15 27.51 18.95
C GLY B 130 12.37 27.00 19.74
N SER B 131 12.64 25.72 19.66
CA SER B 131 13.81 25.16 20.40
C SER B 131 15.11 25.78 19.87
N TRP B 132 15.13 26.17 18.62
CA TRP B 132 16.37 26.76 18.04
C TRP B 132 16.38 28.29 18.23
N VAL B 133 15.43 28.97 17.64
CA VAL B 133 15.38 30.46 17.78
C VAL B 133 15.45 30.91 19.24
N ILE B 134 14.71 30.26 20.11
CA ILE B 134 14.74 30.67 21.54
C ILE B 134 16.14 30.47 22.13
N VAL B 135 16.72 29.32 21.92
CA VAL B 135 18.10 29.07 22.46
C VAL B 135 18.84 28.04 21.59
N ASN B 136 20.06 28.32 21.25
CA ASN B 136 20.84 27.38 20.41
C ASN B 136 22.34 27.67 20.53
N LYS B 137 23.13 26.66 20.78
CA LYS B 137 24.60 26.87 20.92
C LYS B 137 25.36 25.58 20.60
N ASP B 138 26.09 25.56 19.52
CA ASP B 138 26.85 24.32 19.15
C ASP B 138 28.09 24.71 18.33
N PRO B 139 29.02 23.78 18.25
CA PRO B 139 30.27 24.03 17.48
C PRO B 139 29.99 24.02 15.98
N ILE B 140 30.50 24.98 15.26
CA ILE B 140 30.27 25.03 13.79
C ILE B 140 30.93 23.83 13.11
N MET B 141 30.14 22.93 12.60
CA MET B 141 30.72 21.73 11.92
C MET B 141 30.01 21.48 10.58
N THR B 142 30.04 20.27 10.10
CA THR B 142 29.38 19.96 8.79
C THR B 142 27.88 20.26 8.88
N LYS B 143 27.40 21.19 8.09
CA LYS B 143 25.94 21.52 8.12
C LYS B 143 25.12 20.32 7.63
N ALA B 144 25.66 19.55 6.73
CA ALA B 144 24.92 18.37 6.20
C ALA B 144 24.68 17.35 7.32
N GLN B 145 25.53 17.33 8.31
CA GLN B 145 25.35 16.35 9.43
C GLN B 145 24.13 16.73 10.27
N LYS B 146 23.78 17.99 10.30
CA LYS B 146 22.59 18.41 11.10
C LYS B 146 21.30 17.99 10.40
N ILE B 147 21.36 17.79 9.11
CA ILE B 147 20.13 17.37 8.37
C ILE B 147 19.74 15.93 8.74
N VAL B 148 20.61 14.99 8.51
CA VAL B 148 20.29 13.57 8.86
C VAL B 148 19.95 13.45 10.35
N GLN B 149 20.38 14.39 11.14
CA GLN B 149 20.07 14.33 12.60
C GLN B 149 18.56 14.43 12.83
N ALA B 150 17.92 15.38 12.20
CA ALA B 150 16.44 15.53 12.38
C ALA B 150 15.71 14.23 12.01
N ARG B 151 16.34 13.40 11.21
CA ARG B 151 15.69 12.12 10.81
C ARG B 151 15.39 11.26 12.05
N MET B 152 16.33 11.18 12.95
CA MET B 152 16.10 10.36 14.18
C MET B 152 14.99 10.98 15.03
N TYR B 153 14.97 12.28 15.16
CA TYR B 153 13.90 12.94 15.96
C TYR B 153 12.59 12.98 15.17
N ALA B 154 12.69 12.98 13.86
CA ALA B 154 11.46 13.01 13.03
C ALA B 154 10.77 11.65 13.03
N GLN B 155 11.50 10.61 12.67
CA GLN B 155 10.89 9.24 12.66
C GLN B 155 10.20 8.97 14.01
N PHE B 156 10.67 9.59 15.05
CA PHE B 156 10.04 9.40 16.38
C PHE B 156 8.69 10.13 16.42
N ILE B 157 8.66 11.36 15.98
CA ILE B 157 7.36 12.11 15.98
C ILE B 157 6.49 11.61 14.82
N THR B 158 7.10 10.96 13.85
CA THR B 158 6.32 10.44 12.69
C THR B 158 5.38 9.31 13.13
N VAL B 159 5.91 8.31 13.82
CA VAL B 159 5.05 7.18 14.26
C VAL B 159 3.84 7.70 15.05
N GLY B 160 3.92 8.88 15.60
CA GLY B 160 2.77 9.45 16.35
C GLY B 160 1.62 9.72 15.38
N LEU B 161 1.90 9.83 14.12
CA LEU B 161 0.83 10.09 13.12
C LEU B 161 0.21 8.78 12.63
N LEU B 162 0.99 7.74 12.54
CA LEU B 162 0.45 6.42 12.08
C LEU B 162 -0.06 5.60 13.25
N LEU B 163 0.68 5.55 14.33
CA LEU B 163 0.24 4.75 15.52
C LEU B 163 -1.15 5.21 15.98
N ALA B 164 -1.45 6.47 15.85
CA ALA B 164 -2.78 6.97 16.29
C ALA B 164 -3.81 6.81 15.17
N SER B 165 -3.38 6.80 13.94
CA SER B 165 -4.34 6.65 12.80
C SER B 165 -5.00 5.27 12.85
N VAL B 166 -4.22 4.23 12.81
CA VAL B 166 -4.80 2.84 12.85
C VAL B 166 -5.79 2.69 14.00
N GLY B 167 -5.46 3.19 15.16
CA GLY B 167 -6.38 3.07 16.32
C GLY B 167 -7.78 3.55 15.93
N LEU B 168 -7.87 4.43 14.97
CA LEU B 168 -9.21 4.93 14.53
C LEU B 168 -9.94 3.83 13.76
N SER B 169 -9.22 3.09 12.95
CA SER B 169 -9.86 1.99 12.17
C SER B 169 -9.95 0.72 13.02
N MET B 170 -9.13 0.61 14.03
CA MET B 170 -9.15 -0.60 14.90
C MET B 170 -10.29 -0.50 15.93
N TYR B 171 -10.49 0.67 16.50
CA TYR B 171 -11.58 0.82 17.51
C TYR B 171 -12.92 0.40 16.92
N GLU B 172 -13.10 0.58 15.63
CA GLU B 172 -14.39 0.19 15.00
C GLU B 172 -14.58 -1.32 15.08
N ASN B 173 -13.50 -2.07 15.08
CA ASN B 173 -13.63 -3.56 15.16
C ASN B 173 -14.33 -3.95 16.46
N LYS B 174 -13.84 -3.48 17.58
CA LYS B 174 -14.46 -3.81 18.91
C LYS B 174 -14.31 -5.31 19.21
N LEU B 175 -14.94 -6.15 18.44
CA LEU B 175 -14.83 -7.63 18.68
C LEU B 175 -13.35 -8.05 18.76
N HIS B 176 -12.53 -7.55 17.88
CA HIS B 176 -11.09 -7.91 17.89
C HIS B 176 -10.92 -9.44 17.90
N PRO B 177 -11.05 -10.03 16.74
CA PRO B 177 -10.91 -11.50 16.61
C PRO B 177 -9.44 -11.92 16.79
N ASN B 178 -8.68 -11.94 15.72
CA ASN B 178 -7.25 -12.35 15.83
C ASN B 178 -6.52 -12.11 14.51
N LYS B 179 -7.17 -12.38 13.41
CA LYS B 179 -6.52 -12.17 12.08
C LYS B 179 -6.67 -10.70 11.65
N GLN B 180 -5.72 -10.18 10.92
CA GLN B 180 -5.81 -8.76 10.47
C GLN B 180 -6.40 -8.71 9.04
N LYS B 181 -6.30 -7.58 8.40
CA LYS B 181 -6.84 -7.45 7.02
C LYS B 181 -5.83 -6.78 6.11
N VAL B 182 -6.05 -6.80 4.82
CA VAL B 182 -5.09 -6.16 3.87
C VAL B 182 -4.81 -4.71 4.29
N ASN B 183 -5.69 -3.79 3.98
CA ASN B 183 -5.48 -2.35 4.35
C ASN B 183 -4.75 -2.19 5.69
N GLU B 184 -5.25 -2.78 6.74
CA GLU B 184 -4.59 -2.66 8.08
C GLU B 184 -3.07 -2.85 7.98
N MET B 185 -2.64 -4.04 7.62
CA MET B 185 -1.17 -4.31 7.51
C MET B 185 -0.62 -3.75 6.18
N ARG B 186 -1.48 -3.41 5.24
CA ARG B 186 -0.98 -2.87 3.94
C ARG B 186 -0.10 -1.64 4.15
N ARG B 187 -0.45 -0.81 5.09
CA ARG B 187 0.35 0.43 5.32
C ARG B 187 1.48 0.21 6.34
N TRP B 188 1.44 -0.84 7.14
CA TRP B 188 2.55 -1.07 8.11
C TRP B 188 3.75 -1.68 7.39
N GLU B 189 3.54 -2.80 6.74
CA GLU B 189 4.67 -3.45 6.00
C GLU B 189 5.22 -2.49 4.93
N ASN B 190 4.39 -1.61 4.44
CA ASN B 190 4.85 -0.64 3.42
C ASN B 190 5.74 0.41 4.07
N ALA B 191 5.30 0.95 5.18
CA ALA B 191 6.12 1.98 5.90
C ALA B 191 7.41 1.34 6.41
N LEU B 192 7.38 0.06 6.64
CA LEU B 192 8.60 -0.64 7.13
C LEU B 192 9.62 -0.79 6.00
N ARG B 193 9.15 -1.05 4.80
CA ARG B 193 10.08 -1.20 3.65
C ARG B 193 10.75 0.15 3.35
N VAL B 194 9.98 1.19 3.25
CA VAL B 194 10.58 2.53 2.97
C VAL B 194 11.52 2.94 4.10
N ALA B 195 11.32 2.40 5.28
CA ALA B 195 12.21 2.75 6.42
C ALA B 195 13.58 2.09 6.25
N GLU B 196 13.60 0.79 6.10
CA GLU B 196 14.90 0.07 5.92
C GLU B 196 15.62 0.63 4.69
N GLU B 197 14.88 1.05 3.71
CA GLU B 197 15.51 1.61 2.47
C GLU B 197 16.38 2.82 2.83
N GLU B 198 16.08 3.46 3.93
CA GLU B 198 16.88 4.65 4.34
C GLU B 198 18.18 4.22 5.02
N GLU B 199 18.21 3.02 5.56
CA GLU B 199 19.45 2.54 6.24
C GLU B 199 20.58 2.31 5.23
N ARG B 200 20.26 1.83 4.05
CA ARG B 200 21.32 1.59 3.02
C ARG B 200 22.22 2.82 2.89
N LEU B 201 21.70 3.98 3.20
CA LEU B 201 22.52 5.22 3.10
C LEU B 201 23.35 5.38 4.37
N GLU B 202 22.87 4.87 5.48
CA GLU B 202 23.63 4.99 6.76
C GLU B 202 24.80 4.01 6.77
N LYS B 203 24.67 2.90 6.10
CA LYS B 203 25.78 1.90 6.07
C LYS B 203 26.98 2.47 5.31
N GLU B 204 26.76 2.99 4.13
CA GLU B 204 27.89 3.55 3.34
C GLU B 204 28.52 4.74 4.08
N GLY B 205 27.71 5.60 4.62
CA GLY B 205 28.26 6.77 5.37
C GLY B 205 28.45 7.95 4.40
N ARG B 206 29.62 8.55 4.40
CA ARG B 206 29.86 9.70 3.48
C ARG B 206 31.36 10.01 3.42
N ARG B 207 31.89 10.15 2.23
CA ARG B 207 33.35 10.46 2.11
C ARG B 207 33.55 11.95 1.85
N THR B 208 33.56 12.74 2.89
CA THR B 208 33.76 14.21 2.72
C THR B 208 35.16 14.50 2.17
N GLY B 209 35.25 15.31 1.16
CA GLY B 209 36.60 15.63 0.58
C GLY B 209 37.05 17.01 1.07
N TYR B 210 38.24 17.08 1.61
CA TYR B 210 38.74 18.40 2.11
C TYR B 210 40.27 18.47 1.94
N VAL B 211 40.89 19.50 2.45
CA VAL B 211 42.37 19.63 2.32
C VAL B 211 43.07 18.45 2.99
N SER B 212 42.42 17.82 3.94
CA SER B 212 43.04 16.65 4.63
C SER B 212 43.33 15.53 3.62
N ASN B 213 42.43 15.29 2.71
CA ASN B 213 42.64 14.21 1.71
C ASN B 213 43.81 14.55 0.80
N GLU B 214 44.00 15.81 0.48
CA GLU B 214 45.13 16.21 -0.40
C GLU B 214 46.44 16.20 0.38
N GLU B 215 46.39 16.47 1.66
CA GLU B 215 47.64 16.48 2.48
C GLU B 215 48.27 15.08 2.49
N ARG B 216 47.48 14.06 2.31
CA ARG B 216 48.02 12.67 2.31
C ARG B 216 49.12 12.53 1.25
N ILE B 217 49.06 13.32 0.21
CA ILE B 217 50.09 13.23 -0.86
C ILE B 217 51.29 14.13 -0.52
N ASN B 218 51.05 15.18 0.22
CA ASN B 218 52.16 16.09 0.60
C ASN B 218 52.83 15.62 1.90
N SER B 219 52.13 14.87 2.70
CA SER B 219 52.72 14.39 3.98
C SER B 219 53.97 13.53 3.71
N LYS B 220 53.98 12.84 2.61
CA LYS B 220 55.17 11.98 2.28
C LYS B 220 56.28 12.83 1.66
N ILE B 221 55.95 13.97 1.11
CA ILE B 221 56.99 14.84 0.49
C ILE B 221 57.78 15.57 1.57
N PHE B 222 57.15 15.86 2.68
CA PHE B 222 57.87 16.58 3.78
C PHE B 222 58.85 15.64 4.48
N LYS B 223 58.36 14.61 5.11
CA LYS B 223 59.26 13.65 5.82
C LYS B 223 60.22 14.39 6.75
N SER B 224 59.70 15.05 7.76
CA SER B 224 60.58 15.79 8.70
C SER B 224 60.57 15.12 10.07
N MET A 1 -37.15 -16.06 -3.77
CA MET A 1 -38.08 -17.07 -4.37
C MET A 1 -37.69 -17.34 -5.83
N LYS A 2 -37.08 -18.48 -6.08
CA LYS A 2 -36.67 -18.81 -7.48
C LYS A 2 -35.84 -17.68 -8.08
N ILE A 3 -35.53 -17.77 -9.35
CA ILE A 3 -34.71 -16.69 -9.99
C ILE A 3 -35.64 -15.61 -10.57
N LEU A 4 -36.32 -14.89 -9.72
CA LEU A 4 -37.23 -13.80 -10.22
C LEU A 4 -36.43 -12.73 -10.96
N THR A 5 -35.29 -12.37 -10.44
CA THR A 5 -34.46 -11.31 -11.10
C THR A 5 -34.02 -11.79 -12.50
N GLN A 6 -33.42 -10.93 -13.26
CA GLN A 6 -32.97 -11.32 -14.63
C GLN A 6 -31.50 -11.76 -14.59
N ASP A 7 -31.08 -12.53 -15.56
CA ASP A 7 -29.65 -12.99 -15.58
C ASP A 7 -29.11 -12.96 -17.01
N GLU A 8 -28.34 -11.97 -17.34
CA GLU A 8 -27.77 -11.88 -18.72
C GLU A 8 -26.41 -12.59 -18.78
N ILE A 9 -25.65 -12.50 -17.73
CA ILE A 9 -24.31 -13.16 -17.71
C ILE A 9 -24.38 -14.49 -16.94
N GLU A 10 -24.03 -15.57 -17.57
CA GLU A 10 -24.08 -16.89 -16.87
C GLU A 10 -22.87 -17.74 -17.25
N ALA A 11 -21.72 -17.41 -16.73
CA ALA A 11 -20.49 -18.18 -17.07
C ALA A 11 -20.15 -19.16 -15.93
N HIS A 12 -19.99 -20.42 -16.24
CA HIS A 12 -19.66 -21.42 -15.17
C HIS A 12 -18.15 -21.64 -15.11
N ARG A 13 -17.54 -21.34 -14.00
CA ARG A 13 -16.07 -21.52 -13.87
C ARG A 13 -15.76 -22.88 -13.24
N SER A 14 -16.70 -23.79 -13.26
CA SER A 14 -16.45 -25.14 -12.66
C SER A 14 -15.36 -25.87 -13.45
N HIS A 15 -15.25 -25.58 -14.72
CA HIS A 15 -14.21 -26.25 -15.55
C HIS A 15 -12.81 -25.81 -15.10
N THR A 16 -12.58 -24.52 -15.01
CA THR A 16 -11.25 -24.02 -14.57
C THR A 16 -11.08 -24.22 -13.06
N LEU A 17 -12.16 -24.35 -12.34
CA LEU A 17 -12.06 -24.54 -10.85
C LEU A 17 -11.05 -25.64 -10.51
N LYS A 18 -10.95 -26.64 -11.34
CA LYS A 18 -9.97 -27.74 -11.06
C LYS A 18 -8.54 -27.27 -11.31
N GLY A 19 -8.31 -26.61 -12.41
CA GLY A 19 -6.94 -26.11 -12.72
C GLY A 19 -6.63 -24.88 -11.87
N GLY A 20 -7.64 -24.18 -11.43
CA GLY A 20 -7.41 -22.95 -10.59
C GLY A 20 -6.48 -23.28 -9.43
N ILE A 21 -6.62 -24.44 -8.84
CA ILE A 21 -5.72 -24.81 -7.69
C ILE A 21 -4.34 -25.22 -8.20
N GLU A 22 -4.25 -25.67 -9.43
CA GLU A 22 -2.93 -26.09 -9.98
C GLU A 22 -2.00 -24.87 -10.10
N GLY A 23 -2.55 -23.71 -10.33
CA GLY A 23 -1.71 -22.50 -10.46
C GLY A 23 -0.99 -22.20 -9.14
N ALA A 24 -1.72 -22.14 -8.05
CA ALA A 24 -1.08 -21.87 -6.73
C ALA A 24 0.02 -22.88 -6.44
N LEU A 25 -0.07 -24.06 -7.00
CA LEU A 25 0.98 -25.09 -6.74
C LEU A 25 2.22 -24.81 -7.59
N ALA A 26 2.04 -24.38 -8.81
CA ALA A 26 3.21 -24.09 -9.69
C ALA A 26 3.81 -22.72 -9.37
N GLY A 27 3.03 -21.84 -8.80
CA GLY A 27 3.56 -20.48 -8.47
C GLY A 27 4.84 -20.59 -7.63
N PHE A 28 4.77 -21.25 -6.50
CA PHE A 28 5.98 -21.39 -5.64
C PHE A 28 7.04 -22.26 -6.36
N ALA A 29 6.61 -23.13 -7.23
CA ALA A 29 7.58 -24.00 -7.94
C ALA A 29 8.55 -23.16 -8.78
N ILE A 30 8.03 -22.41 -9.72
CA ILE A 30 8.92 -21.57 -10.58
C ILE A 30 9.42 -20.34 -9.80
N SER A 31 8.68 -19.90 -8.83
CA SER A 31 9.12 -18.69 -8.03
C SER A 31 10.53 -18.88 -7.47
N ALA A 32 10.85 -20.05 -7.01
CA ALA A 32 12.21 -20.28 -6.42
C ALA A 32 13.27 -20.50 -7.52
N ILE A 33 12.87 -21.04 -8.64
CA ILE A 33 13.86 -21.30 -9.73
C ILE A 33 14.52 -20.00 -10.20
N ILE A 34 13.73 -18.99 -10.50
CA ILE A 34 14.32 -17.69 -10.99
C ILE A 34 15.43 -17.21 -10.05
N PHE A 35 15.35 -17.56 -8.80
CA PHE A 35 16.40 -17.12 -7.83
C PHE A 35 17.72 -17.85 -8.08
N LYS A 36 17.64 -19.08 -8.53
CA LYS A 36 18.89 -19.86 -8.79
C LYS A 36 19.49 -19.48 -10.14
N VAL A 37 18.67 -19.04 -11.06
CA VAL A 37 19.15 -18.68 -12.43
C VAL A 37 20.46 -17.85 -12.38
N LEU A 38 20.45 -16.74 -11.70
CA LEU A 38 21.69 -15.88 -11.68
C LEU A 38 22.82 -16.47 -10.81
N PRO A 39 22.52 -16.82 -9.58
CA PRO A 39 23.58 -17.37 -8.68
C PRO A 39 24.06 -18.74 -9.14
N ARG A 40 23.27 -19.42 -9.95
CA ARG A 40 23.69 -20.77 -10.44
C ARG A 40 25.05 -20.67 -11.16
N ARG A 41 25.26 -19.61 -11.90
CA ARG A 41 26.55 -19.44 -12.61
C ARG A 41 27.71 -19.39 -11.62
N TYR A 42 27.66 -18.48 -10.67
CA TYR A 42 28.75 -18.37 -9.66
C TYR A 42 28.16 -18.28 -8.25
N PRO A 43 28.93 -18.74 -7.29
CA PRO A 43 28.48 -18.70 -5.88
C PRO A 43 28.50 -17.27 -5.34
N LYS A 44 28.44 -17.11 -4.04
CA LYS A 44 28.45 -15.75 -3.44
C LYS A 44 27.25 -14.93 -3.93
N PHE A 45 26.84 -13.95 -3.18
CA PHE A 45 25.66 -13.12 -3.59
C PHE A 45 25.95 -11.64 -3.33
N LYS A 46 25.08 -10.77 -3.79
CA LYS A 46 25.28 -9.31 -3.57
C LYS A 46 24.10 -8.51 -4.16
N PRO A 47 23.87 -8.69 -5.45
CA PRO A 47 22.76 -7.97 -6.11
C PRO A 47 21.40 -8.56 -5.71
N SER A 48 21.40 -9.60 -4.92
CA SER A 48 20.09 -10.23 -4.50
C SER A 48 19.16 -9.16 -3.92
N THR A 49 19.69 -8.09 -3.41
CA THR A 49 18.82 -7.02 -2.84
C THR A 49 17.86 -6.49 -3.92
N LEU A 50 18.30 -6.44 -5.15
CA LEU A 50 17.41 -5.96 -6.24
C LEU A 50 16.31 -6.99 -6.54
N THR A 51 16.69 -8.21 -6.77
CA THR A 51 15.68 -9.27 -7.05
C THR A 51 14.82 -9.53 -5.81
N TRP A 52 15.35 -9.25 -4.64
CA TRP A 52 14.58 -9.48 -3.39
C TRP A 52 13.28 -8.65 -3.41
N SER A 53 13.39 -7.38 -3.67
CA SER A 53 12.18 -6.51 -3.69
C SER A 53 11.17 -7.05 -4.71
N ILE A 54 11.64 -7.73 -5.72
CA ILE A 54 10.70 -8.29 -6.74
C ILE A 54 10.05 -9.57 -6.21
N LYS A 55 10.82 -10.42 -5.60
CA LYS A 55 10.24 -11.70 -5.07
C LYS A 55 9.29 -11.41 -3.89
N THR A 56 9.36 -10.21 -3.33
CA THR A 56 8.46 -9.88 -2.18
C THR A 56 7.00 -9.78 -2.64
N ALA A 57 6.73 -8.99 -3.65
CA ALA A 57 5.33 -8.85 -4.14
C ALA A 57 4.83 -10.14 -4.79
N LEU A 58 5.71 -11.08 -5.02
CA LEU A 58 5.29 -12.36 -5.67
C LEU A 58 4.70 -13.35 -4.64
N TRP A 59 4.99 -13.18 -3.38
CA TRP A 59 4.46 -14.13 -2.35
C TRP A 59 2.96 -13.91 -2.09
N ILE A 60 2.53 -12.68 -2.05
CA ILE A 60 1.09 -12.39 -1.78
C ILE A 60 0.25 -12.47 -3.06
N THR A 61 0.88 -12.40 -4.21
CA THR A 61 0.11 -12.42 -5.49
C THR A 61 -0.67 -13.74 -5.68
N PRO A 62 -0.01 -14.86 -5.56
CA PRO A 62 -0.70 -16.16 -5.78
C PRO A 62 -1.80 -16.47 -4.74
N PRO A 63 -1.58 -16.18 -3.47
CA PRO A 63 -2.65 -16.47 -2.46
C PRO A 63 -3.91 -15.62 -2.72
N THR A 64 -3.94 -14.85 -3.79
CA THR A 64 -5.14 -14.03 -4.10
C THR A 64 -6.09 -14.81 -5.02
N VAL A 65 -5.55 -15.56 -5.93
CA VAL A 65 -6.42 -16.35 -6.86
C VAL A 65 -7.15 -17.45 -6.10
N LEU A 66 -6.67 -17.81 -4.93
CA LEU A 66 -7.33 -18.90 -4.15
C LEU A 66 -8.72 -18.44 -3.69
N THR A 67 -8.85 -17.21 -3.28
CA THR A 67 -10.19 -16.72 -2.82
C THR A 67 -11.27 -16.94 -3.89
N ALA A 68 -10.87 -17.04 -5.13
CA ALA A 68 -11.87 -17.26 -6.21
C ALA A 68 -12.44 -18.69 -6.14
N ILE A 69 -11.78 -19.58 -5.45
CA ILE A 69 -12.29 -20.98 -5.36
C ILE A 69 -13.33 -21.11 -4.25
N CYS A 70 -12.96 -20.77 -3.03
CA CYS A 70 -13.91 -20.89 -1.89
C CYS A 70 -15.24 -20.19 -2.21
N ALA A 71 -15.19 -19.06 -2.85
CA ALA A 71 -16.46 -18.34 -3.19
C ALA A 71 -17.39 -19.24 -3.99
N GLU A 72 -16.85 -20.13 -4.78
CA GLU A 72 -17.70 -21.04 -5.58
C GLU A 72 -18.10 -22.26 -4.74
N GLU A 73 -17.25 -22.70 -3.87
CA GLU A 73 -17.58 -23.87 -3.01
C GLU A 73 -18.76 -23.55 -2.10
N ALA A 74 -18.91 -22.30 -1.73
CA ALA A 74 -20.04 -21.92 -0.83
C ALA A 74 -21.28 -21.57 -1.68
N SER A 75 -21.13 -20.70 -2.64
CA SER A 75 -22.30 -20.33 -3.50
C SER A 75 -22.96 -21.57 -4.08
N ASN A 76 -22.40 -22.11 -5.15
CA ASN A 76 -23.00 -23.33 -5.76
C ASN A 76 -22.03 -24.50 -5.68
N ASN A 77 -22.51 -25.68 -5.36
CA ASN A 77 -21.62 -26.86 -5.26
C ASN A 77 -22.25 -28.06 -5.95
N PHE A 78 -22.09 -28.17 -7.25
CA PHE A 78 -22.69 -29.32 -7.99
C PHE A 78 -21.73 -30.52 -7.96
N ASP A 79 -20.53 -30.35 -7.47
CA ASP A 79 -19.57 -31.48 -7.42
C ASP A 79 -20.14 -32.63 -6.59
N ALA A 80 -20.81 -33.55 -7.22
CA ALA A 80 -21.39 -34.71 -6.46
C ALA A 80 -21.78 -35.83 -7.43
N THR A 81 -21.20 -36.99 -7.26
CA THR A 81 -21.52 -38.13 -8.17
C THR A 81 -23.03 -38.42 -8.13
N MET A 82 -23.64 -38.60 -9.28
CA MET A 82 -25.10 -38.88 -9.31
C MET A 82 -25.45 -39.68 -10.57
N TYR A 83 -26.42 -40.55 -10.48
CA TYR A 83 -26.81 -41.37 -11.66
C TYR A 83 -28.29 -41.75 -11.57
N GLY A 84 -28.68 -42.84 -12.18
CA GLY A 84 -30.10 -43.27 -12.13
C GLY A 84 -30.97 -42.26 -12.87
N SER A 85 -31.01 -42.36 -14.18
CA SER A 85 -31.84 -41.40 -14.97
C SER A 85 -33.31 -41.50 -14.57
N GLY A 86 -33.82 -42.71 -14.48
CA GLY A 86 -35.26 -42.88 -14.09
C GLY A 86 -36.13 -42.81 -15.33
N SER A 87 -37.07 -41.90 -15.37
CA SER A 87 -37.96 -41.78 -16.56
C SER A 87 -38.13 -40.30 -16.94
N SER A 88 -38.27 -40.04 -18.22
CA SER A 88 -38.44 -38.62 -18.67
C SER A 88 -39.69 -38.49 -19.55
N SER A 89 -40.16 -37.29 -19.77
CA SER A 89 -41.36 -37.10 -20.62
C SER A 89 -40.97 -37.13 -22.10
N GLU A 90 -41.95 -37.12 -22.98
CA GLU A 90 -41.63 -37.16 -24.44
C GLU A 90 -41.12 -35.78 -24.90
N ASP A 91 -41.51 -34.74 -24.23
CA ASP A 91 -41.04 -33.38 -24.63
C ASP A 91 -39.65 -33.10 -24.06
N ALA A 92 -39.27 -33.80 -23.02
CA ALA A 92 -37.92 -33.58 -22.42
C ALA A 92 -36.83 -33.85 -23.46
N LEU A 93 -37.04 -34.82 -24.32
CA LEU A 93 -36.01 -35.13 -25.35
C LEU A 93 -35.94 -34.00 -26.38
N ASP A 94 -37.08 -33.51 -26.80
CA ASP A 94 -37.09 -32.41 -27.81
C ASP A 94 -36.56 -31.12 -27.18
N GLU A 95 -36.76 -30.94 -25.90
CA GLU A 95 -36.27 -29.71 -25.22
C GLU A 95 -34.74 -29.76 -25.08
N HIS A 96 -34.18 -30.93 -24.97
CA HIS A 96 -32.70 -31.04 -24.83
C HIS A 96 -32.01 -30.50 -26.08
N ARG A 97 -32.64 -30.63 -27.23
CA ARG A 97 -32.02 -30.12 -28.48
C ARG A 97 -31.82 -28.59 -28.39
N ARG A 98 -32.68 -27.92 -27.68
CA ARG A 98 -32.55 -26.43 -27.55
C ARG A 98 -31.45 -26.10 -26.53
N TRP A 99 -31.28 -26.93 -25.53
CA TRP A 99 -30.23 -26.67 -24.50
C TRP A 99 -28.85 -26.66 -25.15
N LYS A 100 -28.66 -27.46 -26.17
CA LYS A 100 -27.32 -27.51 -26.85
C LYS A 100 -27.26 -26.43 -27.94
N SER A 101 -28.38 -25.94 -28.39
CA SER A 101 -28.37 -24.90 -29.45
C SER A 101 -28.40 -23.50 -28.82
N LEU A 102 -27.66 -23.29 -27.77
CA LEU A 102 -27.63 -21.96 -27.11
C LEU A 102 -26.20 -21.43 -27.06
N SER A 103 -25.33 -22.12 -26.36
CA SER A 103 -23.91 -21.65 -26.27
C SER A 103 -22.98 -22.85 -26.08
N THR A 104 -22.65 -23.54 -27.15
CA THR A 104 -21.74 -24.72 -27.02
C THR A 104 -20.28 -24.27 -27.02
N LYS A 105 -19.81 -23.73 -28.12
CA LYS A 105 -18.39 -23.28 -28.18
C LYS A 105 -18.19 -21.99 -27.38
N ASP A 106 -19.26 -21.26 -27.12
CA ASP A 106 -19.12 -20.00 -26.33
C ASP A 106 -18.36 -20.27 -25.02
N LYS A 107 -18.54 -21.44 -24.47
CA LYS A 107 -17.83 -21.79 -23.21
C LYS A 107 -16.48 -22.45 -23.53
N PHE A 108 -16.33 -22.97 -24.72
CA PHE A 108 -15.05 -23.65 -25.10
C PHE A 108 -13.89 -22.64 -25.13
N VAL A 109 -14.18 -21.36 -25.16
CA VAL A 109 -13.08 -20.36 -25.21
C VAL A 109 -12.47 -20.15 -23.80
N GLU A 110 -13.28 -19.89 -22.80
CA GLU A 110 -12.71 -19.69 -21.43
C GLU A 110 -11.92 -20.92 -20.98
N GLY A 111 -12.17 -22.07 -21.58
CA GLY A 111 -11.45 -23.30 -21.17
C GLY A 111 -10.17 -23.48 -22.01
N LEU A 112 -10.31 -23.79 -23.28
CA LEU A 112 -9.12 -23.99 -24.14
C LEU A 112 -8.17 -22.78 -24.10
N SER A 113 -8.69 -21.61 -23.82
CA SER A 113 -7.81 -20.41 -23.79
C SER A 113 -6.98 -20.37 -22.49
N ASN A 114 -7.41 -21.08 -21.48
CA ASN A 114 -6.64 -21.07 -20.19
C ASN A 114 -5.35 -21.87 -20.34
N ASN A 115 -5.29 -22.78 -21.29
CA ASN A 115 -4.06 -23.58 -21.48
C ASN A 115 -3.06 -22.83 -22.36
N LYS A 116 -3.51 -22.23 -23.42
CA LYS A 116 -2.58 -21.49 -24.32
C LYS A 116 -1.93 -20.33 -23.56
N TYR A 117 -2.71 -19.53 -22.88
CA TYR A 117 -2.13 -18.38 -22.12
C TYR A 117 -1.16 -18.89 -21.03
N LYS A 118 -1.26 -20.15 -20.68
CA LYS A 118 -0.34 -20.69 -19.63
C LYS A 118 0.97 -21.18 -20.25
N ILE A 119 0.96 -21.48 -21.53
CA ILE A 119 2.20 -21.96 -22.19
C ILE A 119 3.01 -20.77 -22.75
N ILE A 120 2.35 -19.67 -23.02
CA ILE A 120 3.08 -18.49 -23.57
C ILE A 120 3.83 -17.75 -22.46
N THR A 121 3.39 -17.89 -21.24
CA THR A 121 4.09 -17.18 -20.12
C THR A 121 5.19 -18.06 -19.53
N GLY A 122 4.93 -19.34 -19.40
CA GLY A 122 5.97 -20.26 -18.82
C GLY A 122 7.24 -20.21 -19.68
N ALA A 123 7.11 -19.90 -20.94
CA ALA A 123 8.30 -19.86 -21.83
C ALA A 123 8.93 -18.46 -21.83
N TRP A 124 8.20 -17.47 -21.41
CA TRP A 124 8.76 -16.08 -21.39
C TRP A 124 9.72 -15.89 -20.23
N ALA A 125 9.70 -16.79 -19.27
CA ALA A 125 10.62 -16.65 -18.10
C ALA A 125 11.95 -17.36 -18.36
N ALA A 126 11.92 -18.66 -18.56
CA ALA A 126 13.18 -19.42 -18.80
C ALA A 126 13.94 -18.86 -20.01
N SER A 127 13.27 -18.12 -20.86
CA SER A 127 13.95 -17.55 -22.06
C SER A 127 15.20 -16.75 -21.66
N LEU A 128 15.19 -16.15 -20.51
CA LEU A 128 16.37 -15.34 -20.08
C LEU A 128 17.60 -16.25 -19.85
N TYR A 129 17.51 -17.23 -18.99
CA TYR A 129 18.69 -18.11 -18.77
C TYR A 129 18.96 -18.95 -20.02
N GLY A 130 17.98 -19.11 -20.87
CA GLY A 130 18.18 -19.90 -22.11
C GLY A 130 18.96 -19.05 -23.13
N SER A 131 18.83 -17.75 -23.05
CA SER A 131 19.56 -16.87 -23.99
C SER A 131 21.05 -16.81 -23.63
N TRP A 132 21.39 -17.14 -22.42
CA TRP A 132 22.82 -17.10 -22.01
C TRP A 132 23.52 -18.43 -22.35
N VAL A 133 22.97 -19.54 -21.93
CA VAL A 133 23.60 -20.85 -22.23
C VAL A 133 23.78 -21.03 -23.74
N ILE A 134 22.75 -20.72 -24.50
CA ILE A 134 22.85 -20.87 -25.99
C ILE A 134 24.05 -20.08 -26.52
N VAL A 135 24.31 -18.93 -25.97
CA VAL A 135 25.46 -18.11 -26.45
C VAL A 135 26.40 -17.82 -25.28
N ASN A 136 27.43 -18.63 -25.11
CA ASN A 136 28.38 -18.40 -23.98
C ASN A 136 29.63 -17.68 -24.49
N LYS A 137 29.47 -16.79 -25.44
CA LYS A 137 30.65 -16.06 -25.98
C LYS A 137 31.30 -15.23 -24.88
N ASP A 138 32.17 -14.31 -25.24
CA ASP A 138 32.85 -13.48 -24.21
C ASP A 138 32.70 -11.98 -24.55
N PRO A 139 32.14 -11.23 -23.65
CA PRO A 139 31.95 -9.78 -23.87
C PRO A 139 33.29 -9.04 -23.78
N ILE A 140 33.26 -7.75 -23.72
CA ILE A 140 34.54 -6.96 -23.62
C ILE A 140 34.27 -5.57 -23.04
N MET A 141 33.55 -5.50 -21.94
CA MET A 141 33.25 -4.18 -21.33
C MET A 141 32.81 -4.37 -19.88
N THR A 142 32.44 -3.30 -19.22
CA THR A 142 31.99 -3.42 -17.80
C THR A 142 30.73 -4.28 -17.70
N LYS A 143 30.71 -5.23 -16.81
CA LYS A 143 29.51 -6.10 -16.66
C LYS A 143 28.43 -5.40 -15.83
N ALA A 144 28.81 -4.49 -14.98
CA ALA A 144 27.81 -3.77 -14.14
C ALA A 144 26.78 -3.06 -15.02
N GLN A 145 27.21 -2.49 -16.12
CA GLN A 145 26.25 -1.79 -17.02
C GLN A 145 25.24 -2.78 -17.59
N LYS A 146 25.56 -4.05 -17.59
CA LYS A 146 24.61 -5.06 -18.14
C LYS A 146 23.51 -5.37 -17.12
N ILE A 147 23.80 -5.24 -15.86
CA ILE A 147 22.78 -5.53 -14.81
C ILE A 147 21.65 -4.48 -14.89
N VAL A 148 22.01 -3.22 -14.80
CA VAL A 148 20.96 -2.15 -14.87
C VAL A 148 20.20 -2.24 -16.20
N GLN A 149 20.81 -2.79 -17.22
CA GLN A 149 20.12 -2.90 -18.53
C GLN A 149 18.86 -3.76 -18.39
N ALA A 150 18.95 -4.85 -17.67
CA ALA A 150 17.76 -5.73 -17.49
C ALA A 150 16.61 -4.95 -16.84
N ARG A 151 16.92 -3.92 -16.10
CA ARG A 151 15.85 -3.12 -15.44
C ARG A 151 14.88 -2.57 -16.49
N MET A 152 15.40 -2.01 -17.55
CA MET A 152 14.50 -1.46 -18.62
C MET A 152 13.62 -2.57 -19.20
N TYR A 153 14.18 -3.69 -19.53
CA TYR A 153 13.37 -4.81 -20.09
C TYR A 153 12.54 -5.46 -18.98
N ALA A 154 12.92 -5.26 -17.75
CA ALA A 154 12.16 -5.87 -16.62
C ALA A 154 11.03 -4.93 -16.18
N GLN A 155 11.28 -3.65 -16.16
CA GLN A 155 10.20 -2.69 -15.73
C GLN A 155 8.90 -2.98 -16.48
N PHE A 156 9.00 -3.60 -17.62
CA PHE A 156 7.78 -3.93 -18.41
C PHE A 156 7.19 -5.27 -17.93
N ILE A 157 8.02 -6.17 -17.46
CA ILE A 157 7.48 -7.48 -16.97
C ILE A 157 6.71 -7.27 -15.66
N THR A 158 6.95 -6.18 -14.99
CA THR A 158 6.23 -5.91 -13.72
C THR A 158 4.84 -5.34 -14.00
N VAL A 159 4.75 -4.32 -14.82
CA VAL A 159 3.41 -3.73 -15.15
C VAL A 159 2.48 -4.84 -15.66
N GLY A 160 3.03 -5.87 -16.24
CA GLY A 160 2.20 -6.99 -16.74
C GLY A 160 1.59 -7.72 -15.54
N LEU A 161 2.23 -7.63 -14.40
CA LEU A 161 1.71 -8.31 -13.18
C LEU A 161 0.76 -7.38 -12.42
N LEU A 162 0.90 -6.09 -12.60
CA LEU A 162 0.02 -5.14 -11.88
C LEU A 162 -1.24 -4.85 -12.73
N LEU A 163 -1.08 -4.72 -14.01
CA LEU A 163 -2.26 -4.45 -14.89
C LEU A 163 -3.29 -5.57 -14.76
N ALA A 164 -2.85 -6.80 -14.88
CA ALA A 164 -3.80 -7.95 -14.76
C ALA A 164 -4.32 -8.07 -13.32
N SER A 165 -3.61 -7.51 -12.37
CA SER A 165 -4.07 -7.59 -10.96
C SER A 165 -5.28 -6.68 -10.73
N VAL A 166 -5.18 -5.44 -11.09
CA VAL A 166 -6.34 -4.51 -10.89
C VAL A 166 -7.50 -4.94 -11.78
N GLY A 167 -7.21 -5.56 -12.90
CA GLY A 167 -8.28 -6.01 -13.82
C GLY A 167 -9.26 -6.90 -13.06
N LEU A 168 -8.76 -7.81 -12.27
CA LEU A 168 -9.66 -8.71 -11.48
C LEU A 168 -10.57 -7.86 -10.58
N SER A 169 -10.01 -6.86 -9.94
CA SER A 169 -10.83 -5.99 -9.05
C SER A 169 -11.64 -5.01 -9.90
N MET A 170 -11.21 -4.77 -11.12
CA MET A 170 -11.94 -3.82 -12.00
C MET A 170 -13.17 -4.50 -12.63
N TYR A 171 -12.99 -5.65 -13.23
CA TYR A 171 -14.13 -6.36 -13.85
C TYR A 171 -15.26 -6.58 -12.83
N GLU A 172 -14.92 -6.60 -11.56
CA GLU A 172 -15.96 -6.80 -10.52
C GLU A 172 -16.77 -5.52 -10.31
N ASN A 173 -16.19 -4.39 -10.61
CA ASN A 173 -16.92 -3.09 -10.41
C ASN A 173 -18.25 -3.11 -11.17
N LYS A 174 -18.28 -3.73 -12.32
CA LYS A 174 -19.55 -3.79 -13.11
C LYS A 174 -20.64 -4.49 -12.31
N LEU A 175 -21.40 -3.75 -11.54
CA LEU A 175 -22.48 -4.39 -10.72
C LEU A 175 -23.46 -3.33 -10.23
N HIS A 176 -22.99 -2.36 -9.49
CA HIS A 176 -23.90 -1.29 -8.97
C HIS A 176 -23.11 -0.24 -8.18
N PRO A 177 -22.42 -0.68 -7.15
CA PRO A 177 -21.62 0.25 -6.31
C PRO A 177 -20.38 0.73 -7.08
N ASN A 178 -20.09 2.00 -7.03
CA ASN A 178 -18.90 2.54 -7.75
C ASN A 178 -17.86 3.03 -6.75
N LYS A 179 -17.06 4.00 -7.12
CA LYS A 179 -16.02 4.52 -6.19
C LYS A 179 -16.65 4.95 -4.86
N GLN A 180 -16.00 4.66 -3.77
CA GLN A 180 -16.56 5.04 -2.44
C GLN A 180 -15.43 5.24 -1.42
N LYS A 181 -14.70 4.20 -1.13
CA LYS A 181 -13.58 4.33 -0.14
C LYS A 181 -12.23 4.37 -0.88
N VAL A 182 -11.18 3.94 -0.24
CA VAL A 182 -9.84 3.95 -0.91
C VAL A 182 -9.90 3.20 -2.24
N ASN A 183 -8.93 3.38 -3.09
CA ASN A 183 -8.94 2.68 -4.40
C ASN A 183 -7.60 1.96 -4.63
N GLU A 184 -7.32 1.62 -5.86
CA GLU A 184 -6.03 0.92 -6.16
C GLU A 184 -4.88 1.92 -6.20
N MET A 185 -5.17 3.19 -6.26
CA MET A 185 -4.08 4.22 -6.29
C MET A 185 -3.09 4.01 -5.13
N ARG A 186 -3.49 3.32 -4.09
CA ARG A 186 -2.55 3.11 -2.94
C ARG A 186 -1.31 2.36 -3.41
N ARG A 187 -1.46 1.45 -4.32
CA ARG A 187 -0.29 0.67 -4.81
C ARG A 187 0.38 1.35 -6.03
N TRP A 188 -0.27 2.27 -6.70
CA TRP A 188 0.39 2.95 -7.87
C TRP A 188 1.34 4.03 -7.36
N GLU A 189 0.82 5.00 -6.64
CA GLU A 189 1.70 6.09 -6.11
C GLU A 189 2.78 5.50 -5.20
N ASN A 190 2.48 4.44 -4.49
CA ASN A 190 3.48 3.82 -3.60
C ASN A 190 4.62 3.23 -4.45
N ALA A 191 4.29 2.55 -5.51
CA ALA A 191 5.34 1.96 -6.39
C ALA A 191 6.19 3.08 -7.00
N LEU A 192 5.64 4.26 -7.08
CA LEU A 192 6.41 5.40 -7.66
C LEU A 192 7.45 5.91 -6.65
N ARG A 193 7.13 5.86 -5.39
CA ARG A 193 8.10 6.34 -4.36
C ARG A 193 9.30 5.39 -4.30
N VAL A 194 9.05 4.11 -4.13
CA VAL A 194 10.18 3.13 -4.07
C VAL A 194 10.95 3.15 -5.40
N ALA A 195 10.33 3.63 -6.45
CA ALA A 195 11.02 3.69 -7.77
C ALA A 195 11.97 4.90 -7.82
N GLU A 196 11.44 6.09 -7.70
CA GLU A 196 12.31 7.30 -7.72
C GLU A 196 13.41 7.19 -6.66
N GLU A 197 13.12 6.49 -5.59
CA GLU A 197 14.14 6.32 -4.52
C GLU A 197 15.39 5.60 -5.07
N GLU A 198 15.22 4.91 -6.17
CA GLU A 198 16.38 4.18 -6.77
C GLU A 198 17.18 5.13 -7.67
N GLU A 199 16.56 6.16 -8.17
CA GLU A 199 17.29 7.11 -9.07
C GLU A 199 18.41 7.84 -8.30
N ARG A 200 18.14 8.23 -7.08
CA ARG A 200 19.18 8.95 -6.27
C ARG A 200 20.51 8.20 -6.33
N LEU A 201 20.46 6.90 -6.53
CA LEU A 201 21.72 6.10 -6.60
C LEU A 201 22.33 6.24 -7.99
N GLU A 202 21.52 6.50 -8.99
CA GLU A 202 22.06 6.65 -10.37
C GLU A 202 22.70 8.04 -10.54
N LYS A 203 22.24 9.01 -9.81
CA LYS A 203 22.82 10.38 -9.92
C LYS A 203 24.22 10.42 -9.31
N GLU A 204 24.50 9.54 -8.38
CA GLU A 204 25.85 9.53 -7.74
C GLU A 204 26.93 9.33 -8.80
N GLY A 205 26.60 8.68 -9.88
CA GLY A 205 27.61 8.45 -10.96
C GLY A 205 27.57 9.61 -11.96
N ARG A 206 26.86 9.45 -13.04
CA ARG A 206 26.78 10.54 -14.06
C ARG A 206 28.18 11.02 -14.45
N ARG A 207 29.15 10.14 -14.41
CA ARG A 207 30.54 10.54 -14.79
C ARG A 207 31.41 9.29 -15.00
N THR A 208 31.70 8.97 -16.23
CA THR A 208 32.54 7.77 -16.50
C THR A 208 33.24 7.93 -17.86
N GLY A 209 34.48 7.51 -17.95
CA GLY A 209 35.22 7.62 -19.25
C GLY A 209 36.32 6.57 -19.29
N TYR A 210 37.45 6.85 -18.71
CA TYR A 210 38.59 5.88 -18.72
C TYR A 210 39.11 5.67 -20.14
N VAL A 211 38.35 5.02 -20.98
CA VAL A 211 38.80 4.80 -22.38
C VAL A 211 38.97 6.13 -23.12
N SER A 212 38.28 7.15 -22.68
CA SER A 212 38.40 8.48 -23.36
C SER A 212 39.83 8.98 -23.31
N ASN A 213 40.58 8.57 -22.31
CA ASN A 213 42.00 9.02 -22.22
C ASN A 213 42.86 8.32 -23.27
N GLU A 214 42.49 7.11 -23.63
CA GLU A 214 43.28 6.37 -24.66
C GLU A 214 43.30 7.14 -25.98
N GLU A 215 42.24 7.84 -26.29
CA GLU A 215 42.20 8.62 -27.56
C GLU A 215 42.83 9.99 -27.36
N ARG A 216 42.77 10.51 -26.16
CA ARG A 216 43.37 11.85 -25.88
C ARG A 216 44.89 11.80 -26.04
N ILE A 217 45.46 10.63 -26.09
CA ILE A 217 46.95 10.52 -26.24
C ILE A 217 47.39 11.23 -27.52
N ASN A 218 46.53 11.36 -28.49
CA ASN A 218 46.91 12.05 -29.75
C ASN A 218 47.27 13.52 -29.47
N SER A 219 46.61 14.12 -28.51
CA SER A 219 46.91 15.54 -28.18
C SER A 219 48.04 15.62 -27.14
N LYS A 220 48.20 14.59 -26.35
CA LYS A 220 49.29 14.61 -25.32
C LYS A 220 50.66 14.65 -26.01
N ILE A 221 50.85 13.85 -27.01
CA ILE A 221 52.16 13.84 -27.73
C ILE A 221 52.46 15.21 -28.33
N PHE A 222 51.44 15.99 -28.59
CA PHE A 222 51.66 17.34 -29.17
C PHE A 222 52.21 18.30 -28.11
N LYS A 223 51.60 18.31 -26.95
CA LYS A 223 52.08 19.22 -25.86
C LYS A 223 53.44 18.76 -25.35
N SER A 224 54.37 19.66 -25.19
CA SER A 224 55.72 19.29 -24.68
C SER A 224 56.31 18.16 -25.52
N MET B 1 -46.75 26.14 33.15
CA MET B 1 -47.93 25.59 33.86
C MET B 1 -48.25 24.18 33.34
N LYS B 2 -47.31 23.28 33.41
CA LYS B 2 -47.55 21.89 32.92
C LYS B 2 -46.56 20.92 33.57
N ILE B 3 -46.45 19.73 33.04
CA ILE B 3 -45.50 18.74 33.62
C ILE B 3 -44.35 18.47 32.64
N LEU B 4 -44.55 18.76 31.38
CA LEU B 4 -43.46 18.52 30.39
C LEU B 4 -42.21 19.31 30.77
N THR B 5 -42.22 20.61 30.56
CA THR B 5 -41.03 21.44 30.90
C THR B 5 -39.77 20.88 30.25
N GLN B 6 -39.92 20.19 29.15
CA GLN B 6 -38.74 19.60 28.46
C GLN B 6 -38.88 19.75 26.94
N ASP B 7 -38.72 20.94 26.43
CA ASP B 7 -38.85 21.14 24.96
C ASP B 7 -37.46 21.26 24.32
N GLU B 8 -36.49 20.55 24.82
CA GLU B 8 -35.12 20.63 24.24
C GLU B 8 -34.55 19.22 24.03
N ILE B 9 -33.27 19.12 23.81
CA ILE B 9 -32.65 17.77 23.58
C ILE B 9 -31.20 17.77 24.05
N GLU B 10 -30.75 16.70 24.63
CA GLU B 10 -29.33 16.64 25.11
C GLU B 10 -28.40 16.29 23.93
N ALA B 11 -27.37 17.06 23.75
CA ALA B 11 -26.42 16.78 22.63
C ALA B 11 -25.32 15.81 23.08
N HIS B 12 -24.88 14.95 22.20
CA HIS B 12 -23.81 13.98 22.58
C HIS B 12 -22.46 14.41 21.97
N ARG B 13 -22.03 13.78 20.91
CA ARG B 13 -20.73 14.17 20.30
C ARG B 13 -20.92 15.31 19.29
N SER B 14 -22.12 15.80 19.15
CA SER B 14 -22.37 16.91 18.18
C SER B 14 -21.63 18.17 18.63
N HIS B 15 -21.41 18.32 19.91
CA HIS B 15 -20.69 19.53 20.41
C HIS B 15 -19.32 19.65 19.72
N THR B 16 -18.62 18.57 19.58
CA THR B 16 -17.28 18.61 18.92
C THR B 16 -17.44 18.79 17.40
N LEU B 17 -18.58 18.47 16.87
CA LEU B 17 -18.80 18.62 15.39
C LEU B 17 -18.34 20.00 14.91
N LYS B 18 -18.36 20.98 15.77
CA LYS B 18 -17.92 22.34 15.34
C LYS B 18 -16.39 22.40 15.26
N GLY B 19 -15.71 21.80 16.20
CA GLY B 19 -14.23 21.81 16.18
C GLY B 19 -13.71 20.82 15.13
N GLY B 20 -14.50 19.83 14.80
CA GLY B 20 -14.05 18.82 13.79
C GLY B 20 -13.67 19.52 12.48
N ILE B 21 -14.55 20.31 11.93
CA ILE B 21 -14.22 21.02 10.66
C ILE B 21 -13.08 22.01 10.90
N GLU B 22 -12.97 22.54 12.09
CA GLU B 22 -11.89 23.51 12.38
C GLU B 22 -10.52 22.83 12.27
N GLY B 23 -10.45 21.56 12.58
CA GLY B 23 -9.15 20.84 12.50
C GLY B 23 -8.68 20.76 11.05
N ALA B 24 -9.56 20.39 10.15
CA ALA B 24 -9.16 20.29 8.71
C ALA B 24 -8.59 21.62 8.21
N LEU B 25 -9.02 22.71 8.79
CA LEU B 25 -8.51 24.05 8.35
C LEU B 25 -7.14 24.33 8.95
N ALA B 26 -6.97 24.02 10.21
CA ALA B 26 -5.64 24.28 10.88
C ALA B 26 -4.55 23.45 10.21
N GLY B 27 -4.79 22.19 9.99
CA GLY B 27 -3.76 21.32 9.36
C GLY B 27 -3.36 21.88 7.98
N PHE B 28 -4.26 22.56 7.33
CA PHE B 28 -3.94 23.13 5.99
C PHE B 28 -2.87 24.23 6.12
N ALA B 29 -2.98 25.05 7.13
CA ALA B 29 -1.97 26.15 7.30
C ALA B 29 -0.69 25.62 7.94
N ILE B 30 -0.79 25.06 9.12
CA ILE B 30 0.43 24.52 9.80
C ILE B 30 1.17 23.54 8.89
N SER B 31 0.47 22.91 7.99
CA SER B 31 1.12 21.93 7.06
C SER B 31 2.34 22.55 6.36
N ALA B 32 2.15 23.64 5.66
CA ALA B 32 3.30 24.27 4.93
C ALA B 32 4.16 25.12 5.86
N ILE B 33 3.59 25.69 6.90
CA ILE B 33 4.38 26.55 7.83
C ILE B 33 5.62 25.80 8.35
N ILE B 34 5.54 24.50 8.50
CA ILE B 34 6.71 23.73 9.02
C ILE B 34 7.83 23.65 7.97
N PHE B 35 7.47 23.62 6.70
CA PHE B 35 8.50 23.54 5.63
C PHE B 35 9.25 24.87 5.48
N LYS B 36 8.66 25.96 5.88
CA LYS B 36 9.36 27.27 5.74
C LYS B 36 10.37 27.48 6.86
N VAL B 37 10.11 26.95 8.02
CA VAL B 37 11.04 27.14 9.19
C VAL B 37 12.52 26.92 8.80
N LEU B 38 12.84 25.84 8.16
CA LEU B 38 14.27 25.59 7.83
C LEU B 38 14.78 26.49 6.67
N PRO B 39 14.08 26.49 5.56
CA PRO B 39 14.53 27.32 4.40
C PRO B 39 14.35 28.80 4.71
N ARG B 40 13.51 29.13 5.66
CA ARG B 40 13.29 30.56 6.02
C ARG B 40 14.64 31.26 6.27
N ARG B 41 15.60 30.53 6.77
CA ARG B 41 16.93 31.15 7.04
C ARG B 41 17.62 31.49 5.72
N TYR B 42 17.87 30.51 4.89
CA TYR B 42 18.54 30.78 3.59
C TYR B 42 18.35 29.59 2.63
N PRO B 43 18.07 29.88 1.39
CA PRO B 43 17.87 28.81 0.39
C PRO B 43 19.20 28.17 0.01
N LYS B 44 19.34 26.88 0.20
CA LYS B 44 20.61 26.21 -0.15
C LYS B 44 20.35 24.74 -0.53
N PHE B 45 20.97 24.27 -1.58
CA PHE B 45 20.76 22.85 -2.00
C PHE B 45 19.26 22.56 -2.17
N LYS B 46 18.91 21.31 -2.36
CA LYS B 46 17.46 20.97 -2.53
C LYS B 46 17.04 19.95 -1.47
N PRO B 47 16.96 20.41 -0.24
CA PRO B 47 16.56 19.53 0.88
C PRO B 47 15.06 19.21 0.80
N SER B 48 14.34 19.87 -0.07
CA SER B 48 12.87 19.60 -0.18
C SER B 48 12.60 18.11 -0.42
N THR B 49 13.57 17.40 -0.93
CA THR B 49 13.37 15.94 -1.18
C THR B 49 13.07 15.22 0.13
N LEU B 50 13.65 15.67 1.21
CA LEU B 50 13.39 15.01 2.53
C LEU B 50 11.97 15.34 3.03
N THR B 51 11.54 16.55 2.80
CA THR B 51 10.16 16.94 3.25
C THR B 51 9.11 16.36 2.31
N TRP B 52 9.42 16.31 1.04
CA TRP B 52 8.43 15.76 0.05
C TRP B 52 7.94 14.38 0.50
N SER B 53 8.74 13.66 1.23
CA SER B 53 8.32 12.30 1.69
C SER B 53 7.42 12.40 2.92
N ILE B 54 7.80 13.20 3.89
CA ILE B 54 6.96 13.34 5.12
C ILE B 54 5.78 14.29 4.89
N LYS B 55 5.81 15.02 3.80
CA LYS B 55 4.68 15.98 3.53
C LYS B 55 3.58 15.31 2.70
N THR B 56 3.87 14.20 2.06
CA THR B 56 2.83 13.52 1.24
C THR B 56 1.80 12.82 2.13
N ALA B 57 2.23 12.01 3.05
CA ALA B 57 1.28 11.29 3.94
C ALA B 57 0.45 12.29 4.77
N LEU B 58 0.87 13.53 4.83
CA LEU B 58 0.12 14.54 5.63
C LEU B 58 -1.06 15.13 4.83
N TRP B 59 -1.03 15.03 3.52
CA TRP B 59 -2.15 15.60 2.71
C TRP B 59 -3.40 14.72 2.77
N ILE B 60 -3.21 13.42 2.78
CA ILE B 60 -4.37 12.49 2.83
C ILE B 60 -4.84 12.25 4.26
N THR B 61 -4.02 12.52 5.23
CA THR B 61 -4.40 12.26 6.65
C THR B 61 -5.61 13.11 7.10
N PRO B 62 -5.55 14.40 6.88
CA PRO B 62 -6.67 15.29 7.33
C PRO B 62 -8.02 15.03 6.62
N PRO B 63 -8.02 14.78 5.33
CA PRO B 63 -9.32 14.55 4.63
C PRO B 63 -10.06 13.30 5.12
N THR B 64 -9.53 12.56 6.08
CA THR B 64 -10.26 11.36 6.59
C THR B 64 -11.14 11.72 7.78
N VAL B 65 -10.75 12.69 8.54
CA VAL B 65 -11.56 13.10 9.72
C VAL B 65 -12.88 13.74 9.26
N LEU B 66 -12.95 14.17 8.03
CA LEU B 66 -14.21 14.79 7.52
C LEU B 66 -15.31 13.73 7.39
N THR B 67 -14.93 12.49 7.19
CA THR B 67 -15.95 11.41 7.05
C THR B 67 -16.71 11.22 8.37
N ALA B 68 -16.06 11.43 9.48
CA ALA B 68 -16.74 11.26 10.80
C ALA B 68 -17.98 12.16 10.88
N ILE B 69 -18.02 13.21 10.11
CA ILE B 69 -19.20 14.13 10.13
C ILE B 69 -20.25 13.67 9.11
N CYS B 70 -19.83 13.42 7.90
CA CYS B 70 -20.80 12.97 6.86
C CYS B 70 -21.60 11.76 7.34
N ALA B 71 -21.01 10.94 8.19
CA ALA B 71 -21.74 9.75 8.71
C ALA B 71 -22.69 10.15 9.84
N GLU B 72 -22.38 11.21 10.54
CA GLU B 72 -23.26 11.66 11.66
C GLU B 72 -24.44 12.48 11.11
N GLU B 73 -24.17 13.39 10.20
CA GLU B 73 -25.27 14.22 9.64
C GLU B 73 -26.27 13.34 8.87
N ALA B 74 -25.79 12.30 8.25
CA ALA B 74 -26.71 11.41 7.48
C ALA B 74 -27.33 10.35 8.42
N SER B 75 -26.56 9.87 9.36
CA SER B 75 -27.09 8.84 10.30
C SER B 75 -28.42 9.29 10.91
N ASN B 76 -28.38 10.16 11.89
CA ASN B 76 -29.64 10.65 12.52
C ASN B 76 -30.62 11.15 11.46
N ASN B 77 -31.89 11.02 11.71
CA ASN B 77 -32.91 11.50 10.71
C ASN B 77 -32.65 10.86 9.34
N PHE B 78 -33.21 9.71 9.10
CA PHE B 78 -32.99 9.04 7.79
C PHE B 78 -34.34 8.74 7.12
N ASP B 79 -35.20 8.03 7.80
CA ASP B 79 -36.53 7.70 7.21
C ASP B 79 -37.66 8.22 8.10
N ALA B 80 -38.88 7.92 7.78
CA ALA B 80 -40.02 8.41 8.61
C ALA B 80 -40.14 7.57 9.89
N THR B 81 -39.56 8.04 10.96
CA THR B 81 -39.64 7.27 12.24
C THR B 81 -40.82 7.77 13.08
N MET B 82 -40.74 7.62 14.39
CA MET B 82 -41.86 8.07 15.28
C MET B 82 -43.13 7.26 15.00
N TYR B 83 -43.78 7.49 13.89
CA TYR B 83 -45.01 6.74 13.57
C TYR B 83 -44.74 5.70 12.47
N GLY B 84 -44.27 4.54 12.84
CA GLY B 84 -43.97 3.49 11.82
C GLY B 84 -42.47 3.42 11.56
N SER B 85 -41.84 2.34 11.93
CA SER B 85 -40.37 2.21 11.71
C SER B 85 -39.94 0.75 11.82
N GLY B 86 -40.17 -0.03 10.79
CA GLY B 86 -39.78 -1.47 10.84
C GLY B 86 -40.59 -2.18 11.92
N SER B 87 -39.92 -2.91 12.79
CA SER B 87 -40.64 -3.63 13.87
C SER B 87 -39.86 -3.53 15.19
N SER B 88 -40.35 -4.15 16.23
CA SER B 88 -39.64 -4.09 17.53
C SER B 88 -39.44 -5.51 18.09
N SER B 89 -38.22 -5.87 18.38
CA SER B 89 -37.96 -7.24 18.92
C SER B 89 -37.07 -7.15 20.17
N GLU B 90 -36.41 -8.23 20.52
CA GLU B 90 -35.53 -8.21 21.72
C GLU B 90 -34.39 -7.21 21.52
N ASP B 91 -34.03 -6.93 20.30
CA ASP B 91 -32.92 -5.96 20.05
C ASP B 91 -33.27 -4.59 20.64
N ALA B 92 -34.53 -4.27 20.70
CA ALA B 92 -34.93 -2.95 21.27
C ALA B 92 -34.50 -2.84 22.74
N LEU B 93 -34.40 -3.96 23.42
CA LEU B 93 -33.97 -3.92 24.85
C LEU B 93 -32.57 -3.32 24.98
N ASP B 94 -31.79 -3.37 23.93
CA ASP B 94 -30.42 -2.79 23.99
C ASP B 94 -30.48 -1.30 24.33
N GLU B 95 -31.55 -0.65 23.96
CA GLU B 95 -31.68 0.81 24.26
C GLU B 95 -31.91 1.03 25.75
N HIS B 96 -32.51 0.07 26.42
CA HIS B 96 -32.77 0.22 27.88
C HIS B 96 -31.44 0.34 28.64
N ARG B 97 -30.40 -0.28 28.14
CA ARG B 97 -29.09 -0.20 28.83
C ARG B 97 -28.54 1.23 28.78
N ARG B 98 -28.61 1.86 27.63
CA ARG B 98 -28.10 3.25 27.51
C ARG B 98 -28.98 4.20 28.33
N TRP B 99 -30.22 3.86 28.53
CA TRP B 99 -31.13 4.74 29.32
C TRP B 99 -30.80 4.66 30.81
N LYS B 100 -30.42 3.49 31.28
CA LYS B 100 -30.08 3.34 32.72
C LYS B 100 -28.74 4.02 33.01
N SER B 101 -27.75 3.78 32.20
CA SER B 101 -26.42 4.41 32.43
C SER B 101 -26.28 5.68 31.60
N LEU B 102 -27.14 6.64 31.81
CA LEU B 102 -27.07 7.91 31.03
C LEU B 102 -25.86 8.74 31.49
N SER B 103 -25.88 9.19 32.72
CA SER B 103 -24.74 10.00 33.25
C SER B 103 -24.48 11.21 32.34
N THR B 104 -24.93 12.37 32.75
CA THR B 104 -24.72 13.59 31.91
C THR B 104 -23.26 14.05 32.00
N LYS B 105 -22.61 13.83 33.11
CA LYS B 105 -21.19 14.26 33.26
C LYS B 105 -20.25 13.26 32.58
N ASP B 106 -20.71 12.06 32.37
CA ASP B 106 -19.83 11.03 31.70
C ASP B 106 -19.51 11.48 30.27
N LYS B 107 -20.29 12.34 29.71
CA LYS B 107 -20.03 12.80 28.32
C LYS B 107 -19.08 14.00 28.32
N PHE B 108 -18.95 14.67 29.44
CA PHE B 108 -18.04 15.84 29.51
C PHE B 108 -16.61 15.44 29.15
N VAL B 109 -16.26 14.19 29.34
CA VAL B 109 -14.87 13.76 29.01
C VAL B 109 -14.65 13.76 27.49
N GLU B 110 -15.57 13.21 26.74
CA GLU B 110 -15.39 13.19 25.25
C GLU B 110 -15.35 14.63 24.71
N GLY B 111 -15.87 15.57 25.43
CA GLY B 111 -15.86 16.98 24.95
C GLY B 111 -14.60 17.72 25.43
N LEU B 112 -14.52 18.00 26.70
CA LEU B 112 -13.33 18.74 27.25
C LEU B 112 -12.02 18.07 26.83
N SER B 113 -11.91 16.78 26.99
CA SER B 113 -10.64 16.08 26.62
C SER B 113 -10.25 16.39 25.17
N ASN B 114 -11.21 16.63 24.32
CA ASN B 114 -10.88 16.94 22.89
C ASN B 114 -10.15 18.28 22.79
N ASN B 115 -10.38 19.17 23.72
CA ASN B 115 -9.70 20.50 23.67
C ASN B 115 -8.33 20.43 24.35
N LYS B 116 -8.09 19.41 25.13
CA LYS B 116 -6.78 19.29 25.83
C LYS B 116 -5.73 18.64 24.91
N TYR B 117 -6.08 17.54 24.30
CA TYR B 117 -5.12 16.85 23.38
C TYR B 117 -4.84 17.70 22.14
N LYS B 118 -5.62 18.72 21.91
CA LYS B 118 -5.42 19.58 20.71
C LYS B 118 -4.41 20.70 21.02
N ILE B 119 -4.23 21.02 22.27
CA ILE B 119 -3.27 22.11 22.64
C ILE B 119 -1.87 21.53 22.87
N ILE B 120 -1.78 20.42 23.54
CA ILE B 120 -0.44 19.81 23.81
C ILE B 120 0.21 19.34 22.51
N THR B 121 -0.58 19.06 21.50
CA THR B 121 0.01 18.60 20.21
C THR B 121 0.33 19.77 19.30
N GLY B 122 -0.41 20.85 19.40
CA GLY B 122 -0.14 22.03 18.54
C GLY B 122 1.20 22.66 18.91
N ALA B 123 1.61 22.51 20.14
CA ALA B 123 2.92 23.10 20.57
C ALA B 123 4.07 22.11 20.36
N TRP B 124 3.76 20.85 20.28
CA TRP B 124 4.84 19.83 20.07
C TRP B 124 5.59 20.09 18.75
N ALA B 125 4.99 20.83 17.86
CA ALA B 125 5.67 21.12 16.55
C ALA B 125 6.51 22.39 16.65
N ALA B 126 5.92 23.47 17.08
CA ALA B 126 6.69 24.76 17.20
C ALA B 126 7.89 24.59 18.13
N SER B 127 7.86 23.60 18.98
CA SER B 127 9.01 23.40 19.92
C SER B 127 10.31 23.18 19.15
N LEU B 128 10.22 22.77 17.91
CA LEU B 128 11.46 22.53 17.11
C LEU B 128 11.94 23.84 16.47
N TYR B 129 11.03 24.67 16.03
CA TYR B 129 11.45 25.96 15.39
C TYR B 129 12.13 26.86 16.42
N GLY B 130 11.42 27.22 17.45
CA GLY B 130 12.00 28.11 18.50
C GLY B 130 13.24 27.47 19.11
N SER B 131 13.36 26.17 19.05
CA SER B 131 14.55 25.49 19.63
C SER B 131 15.82 25.97 18.92
N TRP B 132 15.69 26.47 17.72
CA TRP B 132 16.89 26.97 16.98
C TRP B 132 17.13 28.45 17.28
N VAL B 133 16.10 29.26 17.19
CA VAL B 133 16.26 30.71 17.47
C VAL B 133 16.71 30.93 18.92
N ILE B 134 16.14 30.20 19.85
CA ILE B 134 16.53 30.36 21.29
C ILE B 134 18.05 30.21 21.44
N VAL B 135 18.68 29.45 20.59
CA VAL B 135 20.16 29.27 20.69
C VAL B 135 20.72 28.77 19.36
N ASN B 136 21.66 29.50 18.79
CA ASN B 136 22.25 29.07 17.50
C ASN B 136 23.47 28.17 17.74
N LYS B 137 24.55 28.73 18.20
CA LYS B 137 25.77 27.92 18.46
C LYS B 137 26.15 27.11 17.23
N ASP B 138 26.64 27.76 16.19
CA ASP B 138 27.03 27.03 14.96
C ASP B 138 28.35 27.59 14.41
N PRO B 139 29.42 27.31 15.12
CA PRO B 139 30.75 27.79 14.69
C PRO B 139 31.24 26.99 13.47
N ILE B 140 30.54 27.08 12.37
CA ILE B 140 30.96 26.33 11.15
C ILE B 140 31.17 24.85 11.47
N MET B 141 30.16 24.18 11.96
CA MET B 141 30.31 22.74 12.30
C MET B 141 29.69 21.87 11.20
N THR B 142 29.89 20.58 11.28
CA THR B 142 29.31 19.68 10.23
C THR B 142 27.79 19.59 10.39
N LYS B 143 27.07 20.54 9.85
CA LYS B 143 25.58 20.51 9.97
C LYS B 143 25.03 19.23 9.34
N ALA B 144 25.78 18.61 8.46
CA ALA B 144 25.30 17.35 7.81
C ALA B 144 24.89 16.33 8.88
N GLN B 145 25.51 16.38 10.03
CA GLN B 145 25.17 15.40 11.11
C GLN B 145 23.92 15.86 11.86
N LYS B 146 23.61 17.14 11.80
CA LYS B 146 22.41 17.65 12.52
C LYS B 146 21.14 17.26 11.75
N ILE B 147 21.24 17.12 10.45
CA ILE B 147 20.05 16.75 9.64
C ILE B 147 19.69 15.27 9.87
N VAL B 148 20.62 14.39 9.68
CA VAL B 148 20.33 12.94 9.89
C VAL B 148 19.89 12.69 11.34
N GLN B 149 20.34 13.50 12.25
CA GLN B 149 19.94 13.33 13.68
C GLN B 149 18.43 13.49 13.83
N ALA B 150 17.87 14.50 13.20
CA ALA B 150 16.39 14.72 13.30
C ALA B 150 15.64 13.47 12.85
N ARG B 151 16.24 12.65 12.03
CA ARG B 151 15.55 11.42 11.56
C ARG B 151 15.08 10.57 12.74
N MET B 152 15.91 10.41 13.74
CA MET B 152 15.50 9.60 14.93
C MET B 152 14.35 10.28 15.66
N TYR B 153 14.55 11.47 16.14
CA TYR B 153 13.45 12.19 16.86
C TYR B 153 12.24 12.36 15.95
N ALA B 154 12.43 12.27 14.66
CA ALA B 154 11.29 12.42 13.72
C ALA B 154 10.61 11.08 13.47
N GLN B 155 11.38 10.04 13.30
CA GLN B 155 10.79 8.69 13.05
C GLN B 155 9.70 8.39 14.10
N PHE B 156 9.78 9.02 15.23
CA PHE B 156 8.77 8.78 16.30
C PHE B 156 7.58 9.74 16.11
N ILE B 157 7.78 10.86 15.48
CA ILE B 157 6.64 11.81 15.28
C ILE B 157 5.70 11.28 14.20
N THR B 158 6.16 10.37 13.38
CA THR B 158 5.30 9.81 12.31
C THR B 158 4.38 8.72 12.88
N VAL B 159 4.94 7.80 13.63
CA VAL B 159 4.10 6.71 14.22
C VAL B 159 2.93 7.32 15.01
N GLY B 160 3.08 8.54 15.48
CA GLY B 160 1.98 9.19 16.24
C GLY B 160 0.85 9.54 15.28
N LEU B 161 1.17 9.76 14.02
CA LEU B 161 0.13 10.11 13.02
C LEU B 161 -0.53 8.83 12.47
N LEU B 162 0.22 7.76 12.39
CA LEU B 162 -0.35 6.49 11.85
C LEU B 162 -0.95 5.66 12.99
N LEU B 163 -0.26 5.55 14.10
CA LEU B 163 -0.81 4.75 15.24
C LEU B 163 -2.23 5.20 15.59
N ALA B 164 -2.48 6.48 15.53
CA ALA B 164 -3.85 6.99 15.84
C ALA B 164 -4.74 6.88 14.60
N SER B 165 -4.17 6.97 13.44
CA SER B 165 -4.98 6.87 12.19
C SER B 165 -5.68 5.50 12.13
N VAL B 166 -4.92 4.44 12.07
CA VAL B 166 -5.52 3.07 12.01
C VAL B 166 -6.57 2.90 13.13
N GLY B 167 -6.32 3.50 14.26
CA GLY B 167 -7.28 3.37 15.39
C GLY B 167 -8.69 3.76 14.93
N LEU B 168 -8.77 4.62 13.93
CA LEU B 168 -10.11 5.04 13.42
C LEU B 168 -10.79 3.86 12.73
N SER B 169 -10.07 3.17 11.89
CA SER B 169 -10.66 1.99 11.19
C SER B 169 -10.77 0.80 12.15
N MET B 170 -9.98 0.82 13.19
CA MET B 170 -10.02 -0.31 14.17
C MET B 170 -11.29 -0.23 15.03
N TYR B 171 -11.48 0.86 15.72
CA TYR B 171 -12.70 1.00 16.59
C TYR B 171 -13.97 0.75 15.76
N GLU B 172 -13.90 0.95 14.47
CA GLU B 172 -15.10 0.73 13.62
C GLU B 172 -15.39 -0.77 13.47
N ASN B 173 -14.38 -1.59 13.60
CA ASN B 173 -14.59 -3.07 13.47
C ASN B 173 -15.67 -3.54 14.45
N LYS B 174 -15.79 -2.90 15.59
CA LYS B 174 -16.82 -3.31 16.59
C LYS B 174 -16.73 -4.81 16.87
N LEU B 175 -17.73 -5.36 17.51
CA LEU B 175 -17.70 -6.82 17.83
C LEU B 175 -17.78 -7.64 16.54
N HIS B 176 -18.38 -7.09 15.51
CA HIS B 176 -18.49 -7.84 14.23
C HIS B 176 -17.10 -8.16 13.67
N PRO B 177 -16.95 -9.35 13.15
CA PRO B 177 -15.64 -9.75 12.58
C PRO B 177 -15.40 -9.06 11.24
N ASN B 178 -15.09 -7.79 11.26
CA ASN B 178 -14.84 -7.05 9.98
C ASN B 178 -13.35 -6.76 9.82
N LYS B 179 -12.62 -7.66 9.22
CA LYS B 179 -11.16 -7.43 9.03
C LYS B 179 -10.73 -7.93 7.64
N GLN B 180 -11.09 -7.22 6.60
CA GLN B 180 -10.70 -7.65 5.23
C GLN B 180 -10.60 -6.44 4.30
N LYS B 181 -10.14 -6.64 3.09
CA LYS B 181 -10.02 -5.51 2.12
C LYS B 181 -9.05 -4.44 2.66
N VAL B 182 -9.51 -3.62 3.57
CA VAL B 182 -8.61 -2.56 4.12
C VAL B 182 -7.52 -3.18 5.00
N ASN B 183 -6.57 -3.84 4.39
CA ASN B 183 -5.47 -4.47 5.19
C ASN B 183 -4.69 -3.39 5.95
N GLU B 184 -4.59 -3.50 7.24
CA GLU B 184 -3.84 -2.48 8.04
C GLU B 184 -2.33 -2.69 7.87
N MET B 185 -1.90 -3.91 7.74
CA MET B 185 -0.43 -4.17 7.57
C MET B 185 0.06 -3.59 6.24
N ARG B 186 -0.83 -3.24 5.33
CA ARG B 186 -0.37 -2.68 4.02
C ARG B 186 0.50 -1.44 4.25
N ARG B 187 0.18 -0.65 5.23
CA ARG B 187 0.98 0.59 5.48
C ARG B 187 2.14 0.33 6.46
N TRP B 188 2.13 -0.76 7.20
CA TRP B 188 3.28 -1.02 8.13
C TRP B 188 4.45 -1.61 7.36
N GLU B 189 4.23 -2.73 6.71
CA GLU B 189 5.33 -3.38 5.93
C GLU B 189 5.81 -2.43 4.83
N ASN B 190 4.94 -1.61 4.31
CA ASN B 190 5.35 -0.64 3.25
C ASN B 190 6.25 0.44 3.85
N ALA B 191 5.91 0.93 5.01
CA ALA B 191 6.77 1.97 5.66
C ALA B 191 8.14 1.38 5.97
N LEU B 192 8.18 0.13 6.35
CA LEU B 192 9.49 -0.52 6.67
C LEU B 192 10.33 -0.62 5.40
N ARG B 193 9.71 -0.81 4.27
CA ARG B 193 10.47 -0.92 3.00
C ARG B 193 11.10 0.44 2.65
N VAL B 194 10.30 1.47 2.56
CA VAL B 194 10.85 2.82 2.24
C VAL B 194 11.83 3.26 3.33
N ALA B 195 11.72 2.69 4.50
CA ALA B 195 12.63 3.06 5.62
C ALA B 195 14.00 2.40 5.42
N GLU B 196 14.02 1.08 5.39
CA GLU B 196 15.33 0.37 5.20
C GLU B 196 16.04 0.89 3.94
N GLU B 197 15.28 1.35 2.98
CA GLU B 197 15.90 1.87 1.73
C GLU B 197 16.80 3.07 2.05
N GLU B 198 16.45 3.82 3.07
CA GLU B 198 17.28 5.00 3.46
C GLU B 198 18.62 4.55 4.04
N GLU B 199 18.69 3.35 4.54
CA GLU B 199 19.97 2.86 5.13
C GLU B 199 21.02 2.63 4.04
N ARG B 200 20.61 2.11 2.90
CA ARG B 200 21.59 1.86 1.80
C ARG B 200 22.47 3.09 1.57
N LEU B 201 21.96 4.26 1.87
CA LEU B 201 22.76 5.50 1.69
C LEU B 201 23.71 5.69 2.87
N GLU B 202 23.33 5.22 4.03
CA GLU B 202 24.20 5.37 5.23
C GLU B 202 25.37 4.39 5.16
N LYS B 203 25.13 3.20 4.69
CA LYS B 203 26.24 2.20 4.59
C LYS B 203 27.22 2.60 3.50
N GLU B 204 26.74 2.84 2.31
CA GLU B 204 27.66 3.24 1.20
C GLU B 204 28.19 4.65 1.43
N GLY B 205 27.44 5.48 2.10
CA GLY B 205 27.90 6.87 2.38
C GLY B 205 29.16 6.84 3.25
N ARG B 206 30.12 7.66 2.95
CA ARG B 206 31.38 7.69 3.77
C ARG B 206 31.60 9.08 4.35
N ARG B 207 32.19 9.15 5.51
CA ARG B 207 32.44 10.48 6.14
C ARG B 207 33.67 11.14 5.50
N THR B 208 33.73 12.45 5.52
CA THR B 208 34.89 13.16 4.92
C THR B 208 36.20 12.72 5.60
N GLY B 209 37.26 12.61 4.85
CA GLY B 209 38.55 12.18 5.45
C GLY B 209 39.33 13.42 5.91
N TYR B 210 39.41 13.64 7.19
CA TYR B 210 40.15 14.83 7.70
C TYR B 210 41.63 14.74 7.30
N VAL B 211 42.22 15.85 6.93
CA VAL B 211 43.65 15.82 6.52
C VAL B 211 44.53 15.38 7.70
N SER B 212 44.07 15.59 8.91
CA SER B 212 44.87 15.19 10.10
C SER B 212 44.80 13.68 10.30
N ASN B 213 43.79 13.04 9.77
CA ASN B 213 43.66 11.56 9.94
C ASN B 213 44.91 10.86 9.39
N GLU B 214 45.55 11.44 8.43
CA GLU B 214 46.78 10.82 7.84
C GLU B 214 47.98 11.07 8.75
N GLU B 215 47.99 12.18 9.45
CA GLU B 215 49.13 12.50 10.35
C GLU B 215 49.07 11.63 11.61
N ARG B 216 47.90 11.16 11.97
CA ARG B 216 47.78 10.30 13.19
C ARG B 216 48.68 9.07 13.07
N ILE B 217 48.88 8.59 11.88
CA ILE B 217 49.76 7.39 11.69
C ILE B 217 51.22 7.81 11.62
N ASN B 218 51.49 8.98 11.10
CA ASN B 218 52.90 9.46 11.01
C ASN B 218 53.37 10.02 12.35
N SER B 219 52.47 10.50 13.15
CA SER B 219 52.86 11.06 14.48
C SER B 219 53.55 9.99 15.33
N LYS B 220 53.18 8.76 15.16
CA LYS B 220 53.81 7.66 15.96
C LYS B 220 55.28 7.53 15.58
N ILE B 221 55.62 7.85 14.35
CA ILE B 221 57.05 7.74 13.91
C ILE B 221 57.82 9.00 14.28
N PHE B 222 57.14 10.10 14.41
CA PHE B 222 57.83 11.38 14.76
C PHE B 222 58.54 11.23 16.11
N LYS B 223 57.84 10.80 17.12
CA LYS B 223 58.47 10.63 18.46
C LYS B 223 59.24 9.31 18.51
N SER B 224 60.05 9.12 19.53
CA SER B 224 60.83 7.86 19.64
C SER B 224 61.24 7.62 21.10
N MET A 1 -30.75 -39.61 -22.38
CA MET A 1 -31.65 -38.46 -22.70
C MET A 1 -31.18 -37.77 -23.98
N LYS A 2 -31.77 -38.11 -25.10
CA LYS A 2 -31.37 -37.48 -26.39
C LYS A 2 -29.86 -37.65 -26.65
N ILE A 3 -29.06 -36.76 -26.13
CA ILE A 3 -27.58 -36.87 -26.34
C ILE A 3 -26.86 -36.85 -25.00
N LEU A 4 -27.27 -36.00 -24.10
CA LEU A 4 -26.60 -35.93 -22.76
C LEU A 4 -27.10 -37.05 -21.85
N THR A 5 -26.29 -38.05 -21.64
CA THR A 5 -26.73 -39.18 -20.76
C THR A 5 -26.04 -39.07 -19.39
N GLN A 6 -24.74 -38.99 -19.38
CA GLN A 6 -24.01 -38.88 -18.08
C GLN A 6 -24.09 -37.44 -17.54
N ASP A 7 -23.43 -37.18 -16.45
CA ASP A 7 -23.46 -35.80 -15.88
C ASP A 7 -22.17 -35.52 -15.10
N GLU A 8 -21.05 -35.95 -15.61
CA GLU A 8 -19.76 -35.71 -14.89
C GLU A 8 -19.04 -34.49 -15.49
N ILE A 9 -19.21 -34.25 -16.75
CA ILE A 9 -18.54 -33.07 -17.39
C ILE A 9 -19.32 -31.79 -17.06
N GLU A 10 -18.63 -30.66 -17.06
CA GLU A 10 -19.33 -29.38 -16.75
C GLU A 10 -19.24 -28.43 -17.95
N ALA A 11 -20.35 -27.93 -18.40
CA ALA A 11 -20.33 -26.99 -19.57
C ALA A 11 -20.35 -25.54 -19.09
N HIS A 12 -19.34 -25.12 -18.39
CA HIS A 12 -19.30 -23.71 -17.89
C HIS A 12 -17.89 -23.36 -17.41
N ARG A 13 -17.62 -22.09 -17.24
CA ARG A 13 -16.28 -21.65 -16.77
C ARG A 13 -15.88 -22.40 -15.50
N SER A 14 -16.83 -22.85 -14.73
CA SER A 14 -16.50 -23.59 -13.47
C SER A 14 -15.53 -24.74 -13.75
N HIS A 15 -15.53 -25.25 -14.96
CA HIS A 15 -14.59 -26.37 -15.29
C HIS A 15 -13.14 -25.96 -15.03
N THR A 16 -12.86 -24.69 -15.04
CA THR A 16 -11.47 -24.22 -14.80
C THR A 16 -11.09 -24.35 -13.31
N LEU A 17 -12.06 -24.41 -12.44
CA LEU A 17 -11.75 -24.51 -10.97
C LEU A 17 -10.73 -25.63 -10.72
N LYS A 18 -10.68 -26.62 -11.57
CA LYS A 18 -9.70 -27.72 -11.37
C LYS A 18 -8.28 -27.21 -11.61
N GLY A 19 -8.09 -26.44 -12.65
CA GLY A 19 -6.73 -25.91 -12.95
C GLY A 19 -6.40 -24.76 -11.98
N GLY A 20 -7.39 -24.12 -11.44
CA GLY A 20 -7.13 -22.98 -10.50
C GLY A 20 -6.18 -23.44 -9.38
N ILE A 21 -6.35 -24.64 -8.90
CA ILE A 21 -5.45 -25.14 -7.82
C ILE A 21 -4.07 -25.49 -8.40
N GLU A 22 -4.03 -25.87 -9.65
CA GLU A 22 -2.71 -26.22 -10.27
C GLU A 22 -1.79 -25.01 -10.26
N GLY A 23 -2.33 -23.82 -10.33
CA GLY A 23 -1.48 -22.59 -10.33
C GLY A 23 -0.95 -22.31 -8.92
N ALA A 24 -1.74 -22.58 -7.91
CA ALA A 24 -1.28 -22.31 -6.50
C ALA A 24 0.02 -23.06 -6.21
N LEU A 25 0.05 -24.34 -6.47
CA LEU A 25 1.28 -25.14 -6.20
C LEU A 25 2.31 -24.97 -7.33
N ALA A 26 1.89 -24.54 -8.48
CA ALA A 26 2.85 -24.37 -9.61
C ALA A 26 3.90 -23.30 -9.28
N GLY A 27 3.47 -22.17 -8.77
CA GLY A 27 4.44 -21.09 -8.45
C GLY A 27 5.56 -21.63 -7.56
N PHE A 28 5.29 -22.63 -6.78
CA PHE A 28 6.33 -23.20 -5.88
C PHE A 28 7.52 -23.72 -6.70
N ALA A 29 7.28 -24.10 -7.92
CA ALA A 29 8.40 -24.64 -8.76
C ALA A 29 9.25 -23.50 -9.35
N ILE A 30 8.64 -22.65 -10.14
CA ILE A 30 9.40 -21.52 -10.76
C ILE A 30 9.91 -20.56 -9.68
N SER A 31 9.25 -20.51 -8.55
CA SER A 31 9.68 -19.56 -7.45
C SER A 31 11.17 -19.77 -7.10
N ALA A 32 11.56 -20.98 -6.81
CA ALA A 32 12.99 -21.24 -6.44
C ALA A 32 13.90 -21.33 -7.68
N ILE A 33 13.38 -21.77 -8.79
CA ILE A 33 14.22 -21.90 -10.02
C ILE A 33 14.65 -20.52 -10.56
N ILE A 34 13.77 -19.56 -10.56
CA ILE A 34 14.15 -18.22 -11.09
C ILE A 34 15.25 -17.57 -10.25
N PHE A 35 15.24 -17.78 -8.96
CA PHE A 35 16.29 -17.16 -8.08
C PHE A 35 17.65 -17.85 -8.28
N LYS A 36 17.66 -19.08 -8.73
CA LYS A 36 18.95 -19.81 -8.90
C LYS A 36 19.67 -19.44 -10.21
N VAL A 37 18.93 -19.19 -11.26
CA VAL A 37 19.58 -18.88 -12.58
C VAL A 37 20.73 -17.87 -12.45
N LEU A 38 20.56 -16.81 -11.71
CA LEU A 38 21.64 -15.81 -11.58
C LEU A 38 22.81 -16.31 -10.70
N PRO A 39 22.51 -16.62 -9.46
CA PRO A 39 23.56 -17.10 -8.52
C PRO A 39 24.11 -18.45 -9.00
N ARG A 40 23.41 -19.11 -9.87
CA ARG A 40 23.89 -20.42 -10.38
C ARG A 40 25.28 -20.25 -11.01
N ARG A 41 25.42 -19.30 -11.89
CA ARG A 41 26.75 -19.06 -12.53
C ARG A 41 27.69 -18.32 -11.58
N TYR A 42 27.14 -17.60 -10.63
CA TYR A 42 27.99 -16.83 -9.66
C TYR A 42 28.85 -15.81 -10.42
N PRO A 43 28.23 -14.74 -10.85
CA PRO A 43 28.95 -13.68 -11.59
C PRO A 43 29.82 -12.87 -10.62
N LYS A 44 30.14 -11.64 -10.94
CA LYS A 44 31.00 -10.82 -10.04
C LYS A 44 30.13 -10.08 -9.02
N PHE A 45 29.27 -9.21 -9.47
CA PHE A 45 28.40 -8.45 -8.53
C PHE A 45 27.43 -9.40 -7.82
N LYS A 46 26.53 -8.86 -7.04
CA LYS A 46 25.54 -9.71 -6.31
C LYS A 46 24.22 -8.96 -6.14
N PRO A 47 23.38 -9.05 -7.14
CA PRO A 47 22.06 -8.36 -7.10
C PRO A 47 21.05 -9.16 -6.26
N SER A 48 21.45 -9.68 -5.13
CA SER A 48 20.50 -10.46 -4.29
C SER A 48 19.56 -9.52 -3.52
N THR A 49 19.98 -8.31 -3.27
CA THR A 49 19.11 -7.35 -2.53
C THR A 49 18.04 -6.76 -3.46
N LEU A 50 18.23 -6.86 -4.75
CA LEU A 50 17.21 -6.30 -5.70
C LEU A 50 16.06 -7.29 -5.90
N THR A 51 16.37 -8.54 -6.09
CA THR A 51 15.30 -9.55 -6.29
C THR A 51 14.63 -9.92 -4.95
N TRP A 52 15.28 -9.64 -3.85
CA TRP A 52 14.68 -9.98 -2.53
C TRP A 52 13.39 -9.19 -2.31
N SER A 53 13.29 -8.03 -2.91
CA SER A 53 12.05 -7.21 -2.72
C SER A 53 10.95 -7.72 -3.66
N ILE A 54 11.28 -7.98 -4.90
CA ILE A 54 10.25 -8.49 -5.86
C ILE A 54 9.68 -9.82 -5.35
N LYS A 55 10.49 -10.63 -4.73
CA LYS A 55 10.01 -11.93 -4.22
C LYS A 55 8.92 -11.74 -3.17
N THR A 56 8.79 -10.56 -2.61
CA THR A 56 7.75 -10.31 -1.57
C THR A 56 6.40 -10.04 -2.22
N ALA A 57 6.37 -9.24 -3.26
CA ALA A 57 5.07 -8.93 -3.94
C ALA A 57 4.54 -10.17 -4.68
N LEU A 58 5.38 -11.12 -4.95
CA LEU A 58 4.92 -12.35 -5.68
C LEU A 58 4.31 -13.38 -4.72
N TRP A 59 4.59 -13.32 -3.45
CA TRP A 59 4.02 -14.32 -2.51
C TRP A 59 2.55 -13.99 -2.17
N ILE A 60 2.21 -12.73 -2.16
CA ILE A 60 0.81 -12.33 -1.84
C ILE A 60 -0.11 -12.40 -3.06
N THR A 61 0.45 -12.43 -4.24
CA THR A 61 -0.39 -12.47 -5.48
C THR A 61 -1.13 -13.82 -5.66
N PRO A 62 -0.42 -14.91 -5.55
CA PRO A 62 -1.05 -16.23 -5.75
C PRO A 62 -2.10 -16.61 -4.67
N PRO A 63 -1.89 -16.26 -3.43
CA PRO A 63 -2.89 -16.61 -2.39
C PRO A 63 -4.18 -15.80 -2.57
N THR A 64 -4.13 -14.70 -3.28
CA THR A 64 -5.37 -13.89 -3.46
C THR A 64 -6.12 -14.31 -4.72
N VAL A 65 -5.45 -14.87 -5.69
CA VAL A 65 -6.16 -15.30 -6.91
C VAL A 65 -7.15 -16.43 -6.54
N LEU A 66 -6.94 -17.05 -5.41
CA LEU A 66 -7.86 -18.16 -4.96
C LEU A 66 -9.29 -17.62 -4.73
N THR A 67 -9.43 -16.33 -4.59
CA THR A 67 -10.78 -15.74 -4.35
C THR A 67 -11.78 -16.15 -5.44
N ALA A 68 -11.30 -16.58 -6.57
CA ALA A 68 -12.24 -16.98 -7.67
C ALA A 68 -12.85 -18.36 -7.41
N ILE A 69 -12.11 -19.26 -6.81
CA ILE A 69 -12.64 -20.61 -6.55
C ILE A 69 -13.66 -20.58 -5.40
N CYS A 70 -13.26 -20.08 -4.26
CA CYS A 70 -14.18 -20.02 -3.09
C CYS A 70 -15.48 -19.30 -3.49
N ALA A 71 -15.41 -18.41 -4.44
CA ALA A 71 -16.66 -17.68 -4.87
C ALA A 71 -17.49 -18.57 -5.80
N GLU A 72 -16.84 -19.38 -6.61
CA GLU A 72 -17.60 -20.26 -7.54
C GLU A 72 -18.24 -21.41 -6.76
N GLU A 73 -17.54 -21.96 -5.81
CA GLU A 73 -18.11 -23.09 -5.01
C GLU A 73 -19.22 -22.58 -4.08
N ALA A 74 -19.22 -21.30 -3.78
CA ALA A 74 -20.29 -20.75 -2.89
C ALA A 74 -21.48 -20.27 -3.72
N SER A 75 -21.23 -19.44 -4.71
CA SER A 75 -22.35 -18.93 -5.56
C SER A 75 -23.22 -20.10 -6.06
N ASN A 76 -22.84 -20.72 -7.16
CA ASN A 76 -23.65 -21.85 -7.70
C ASN A 76 -23.16 -23.17 -7.10
N ASN A 77 -24.04 -24.14 -7.00
CA ASN A 77 -23.63 -25.46 -6.43
C ASN A 77 -24.71 -26.52 -6.72
N PHE A 78 -24.30 -27.70 -7.11
CA PHE A 78 -25.28 -28.77 -7.40
C PHE A 78 -25.86 -29.33 -6.10
N ASP A 79 -25.08 -29.34 -5.06
CA ASP A 79 -25.58 -29.88 -3.75
C ASP A 79 -26.46 -28.84 -3.04
N ALA A 80 -26.59 -27.66 -3.60
CA ALA A 80 -27.43 -26.62 -2.94
C ALA A 80 -28.86 -27.13 -2.75
N THR A 81 -29.62 -27.21 -3.81
CA THR A 81 -31.03 -27.70 -3.69
C THR A 81 -31.54 -28.18 -5.06
N MET A 82 -32.17 -29.33 -5.10
CA MET A 82 -32.70 -29.85 -6.40
C MET A 82 -33.73 -28.88 -6.98
N TYR A 83 -34.55 -29.34 -7.89
CA TYR A 83 -35.58 -28.46 -8.49
C TYR A 83 -36.75 -28.26 -7.52
N GLY A 84 -37.45 -27.16 -7.63
CA GLY A 84 -38.59 -26.91 -6.70
C GLY A 84 -39.32 -25.64 -7.14
N SER A 85 -39.95 -24.96 -6.22
CA SER A 85 -40.68 -23.71 -6.57
C SER A 85 -39.69 -22.58 -6.88
N GLY A 86 -40.17 -21.44 -7.28
CA GLY A 86 -39.25 -20.30 -7.59
C GLY A 86 -39.15 -19.38 -6.38
N SER A 87 -38.96 -18.11 -6.60
CA SER A 87 -38.85 -17.16 -5.45
C SER A 87 -39.01 -15.71 -5.95
N SER A 88 -37.97 -15.11 -6.46
CA SER A 88 -38.07 -13.71 -6.95
C SER A 88 -37.84 -13.67 -8.47
N SER A 89 -38.51 -14.51 -9.20
CA SER A 89 -38.34 -14.52 -10.69
C SER A 89 -36.85 -14.66 -11.05
N GLU A 90 -36.14 -15.49 -10.34
CA GLU A 90 -34.69 -15.66 -10.64
C GLU A 90 -34.51 -16.33 -12.01
N ASP A 91 -35.47 -17.10 -12.43
CA ASP A 91 -35.36 -17.78 -13.76
C ASP A 91 -35.18 -16.74 -14.88
N ALA A 92 -35.62 -15.54 -14.65
CA ALA A 92 -35.48 -14.48 -15.69
C ALA A 92 -34.00 -14.25 -16.01
N LEU A 93 -33.15 -14.36 -15.03
CA LEU A 93 -31.69 -14.15 -15.26
C LEU A 93 -31.12 -15.31 -16.08
N ASP A 94 -31.70 -16.47 -15.95
CA ASP A 94 -31.19 -17.65 -16.72
C ASP A 94 -31.48 -17.47 -18.21
N GLU A 95 -32.58 -16.86 -18.55
CA GLU A 95 -32.92 -16.66 -19.99
C GLU A 95 -32.22 -15.39 -20.51
N HIS A 96 -32.26 -14.31 -19.77
CA HIS A 96 -31.61 -13.06 -20.22
C HIS A 96 -30.12 -13.31 -20.50
N ARG A 97 -29.55 -14.32 -19.89
CA ARG A 97 -28.10 -14.61 -20.13
C ARG A 97 -27.93 -15.40 -21.43
N ARG A 98 -28.74 -16.40 -21.63
CA ARG A 98 -28.62 -17.21 -22.89
C ARG A 98 -29.22 -16.44 -24.07
N TRP A 99 -30.05 -15.47 -23.79
CA TRP A 99 -30.67 -14.68 -24.90
C TRP A 99 -29.60 -13.90 -25.66
N LYS A 100 -28.46 -13.68 -25.05
CA LYS A 100 -27.36 -12.92 -25.74
C LYS A 100 -26.72 -13.79 -26.83
N SER A 101 -26.21 -14.92 -26.45
CA SER A 101 -25.56 -15.82 -27.46
C SER A 101 -26.41 -17.07 -27.69
N LEU A 102 -25.90 -18.02 -28.44
CA LEU A 102 -26.68 -19.26 -28.70
C LEU A 102 -25.74 -20.37 -29.20
N SER A 103 -24.50 -20.32 -28.81
CA SER A 103 -23.54 -21.38 -29.26
C SER A 103 -22.94 -22.10 -28.05
N THR A 104 -22.83 -23.40 -28.12
CA THR A 104 -22.26 -24.17 -26.97
C THR A 104 -20.75 -23.90 -26.87
N LYS A 105 -20.10 -23.63 -27.96
CA LYS A 105 -18.65 -23.36 -27.94
C LYS A 105 -18.34 -22.12 -27.09
N ASP A 106 -19.31 -21.27 -26.87
CA ASP A 106 -19.06 -20.05 -26.05
C ASP A 106 -18.37 -20.43 -24.74
N LYS A 107 -18.71 -21.56 -24.19
CA LYS A 107 -18.08 -22.00 -22.91
C LYS A 107 -16.75 -22.72 -23.20
N PHE A 108 -16.54 -23.17 -24.41
CA PHE A 108 -15.27 -23.89 -24.75
C PHE A 108 -14.13 -22.89 -24.95
N VAL A 109 -14.38 -21.80 -25.63
CA VAL A 109 -13.29 -20.80 -25.86
C VAL A 109 -12.76 -20.29 -24.52
N GLU A 110 -13.50 -20.47 -23.46
CA GLU A 110 -13.02 -20.00 -22.12
C GLU A 110 -11.97 -20.96 -21.57
N GLY A 111 -12.15 -22.24 -21.81
CA GLY A 111 -11.16 -23.24 -21.28
C GLY A 111 -10.06 -23.52 -22.32
N LEU A 112 -10.44 -23.92 -23.50
CA LEU A 112 -9.44 -24.25 -24.57
C LEU A 112 -8.38 -23.15 -24.70
N SER A 113 -8.77 -21.91 -24.61
CA SER A 113 -7.77 -20.81 -24.76
C SER A 113 -6.88 -20.72 -23.52
N ASN A 114 -7.41 -20.97 -22.35
CA ASN A 114 -6.58 -20.89 -21.12
C ASN A 114 -5.40 -21.86 -21.22
N ASN A 115 -5.64 -23.07 -21.63
CA ASN A 115 -4.53 -24.06 -21.74
C ASN A 115 -3.43 -23.52 -22.66
N LYS A 116 -3.77 -22.66 -23.58
CA LYS A 116 -2.74 -22.09 -24.49
C LYS A 116 -1.94 -21.00 -23.77
N TYR A 117 -2.59 -19.95 -23.36
CA TYR A 117 -1.87 -18.86 -22.64
C TYR A 117 -1.08 -19.42 -21.46
N LYS A 118 -1.51 -20.54 -20.94
CA LYS A 118 -0.78 -21.16 -19.79
C LYS A 118 0.68 -21.46 -20.16
N ILE A 119 0.91 -22.04 -21.30
CA ILE A 119 2.31 -22.37 -21.71
C ILE A 119 3.02 -21.13 -22.28
N ILE A 120 2.29 -20.22 -22.85
CA ILE A 120 2.95 -19.00 -23.43
C ILE A 120 3.66 -18.20 -22.33
N THR A 121 3.09 -18.10 -21.17
CA THR A 121 3.74 -17.34 -20.06
C THR A 121 4.88 -18.15 -19.44
N GLY A 122 4.86 -19.44 -19.61
CA GLY A 122 5.94 -20.28 -19.01
C GLY A 122 7.23 -20.11 -19.81
N ALA A 123 7.14 -19.95 -21.11
CA ALA A 123 8.37 -19.78 -21.94
C ALA A 123 8.90 -18.35 -21.85
N TRP A 124 8.09 -17.43 -21.41
CA TRP A 124 8.55 -16.01 -21.30
C TRP A 124 9.61 -15.87 -20.19
N ALA A 125 9.62 -16.78 -19.25
CA ALA A 125 10.62 -16.68 -18.13
C ALA A 125 11.92 -17.41 -18.50
N ALA A 126 11.82 -18.64 -18.96
CA ALA A 126 13.05 -19.41 -19.32
C ALA A 126 13.87 -18.68 -20.38
N SER A 127 13.28 -17.75 -21.09
CA SER A 127 14.05 -17.01 -22.14
C SER A 127 15.19 -16.19 -21.53
N LEU A 128 15.13 -15.91 -20.25
CA LEU A 128 16.22 -15.11 -19.64
C LEU A 128 17.50 -15.94 -19.49
N TYR A 129 17.41 -17.12 -18.92
CA TYR A 129 18.66 -17.96 -18.77
C TYR A 129 18.91 -18.76 -20.06
N GLY A 130 17.91 -18.95 -20.88
CA GLY A 130 18.12 -19.73 -22.14
C GLY A 130 18.85 -18.87 -23.16
N SER A 131 18.79 -17.56 -23.04
CA SER A 131 19.50 -16.70 -24.03
C SER A 131 20.99 -16.60 -23.68
N TRP A 132 21.36 -16.88 -22.46
CA TRP A 132 22.79 -16.80 -22.07
C TRP A 132 23.51 -18.13 -22.35
N VAL A 133 22.90 -19.24 -22.01
CA VAL A 133 23.56 -20.56 -22.26
C VAL A 133 23.96 -20.69 -23.73
N ILE A 134 23.08 -20.35 -24.63
CA ILE A 134 23.40 -20.45 -26.08
C ILE A 134 24.70 -19.71 -26.39
N VAL A 135 24.72 -18.42 -26.20
CA VAL A 135 25.97 -17.63 -26.48
C VAL A 135 25.76 -16.16 -26.10
N ASN A 136 26.80 -15.50 -25.69
CA ASN A 136 26.68 -14.06 -25.32
C ASN A 136 27.83 -13.25 -25.90
N LYS A 137 27.64 -12.66 -27.05
CA LYS A 137 28.73 -11.86 -27.69
C LYS A 137 28.97 -10.58 -26.89
N ASP A 138 29.76 -10.64 -25.86
CA ASP A 138 30.04 -9.43 -25.04
C ASP A 138 31.42 -9.53 -24.38
N PRO A 139 32.27 -8.55 -24.65
CA PRO A 139 33.62 -8.56 -24.06
C PRO A 139 33.56 -8.24 -22.57
N ILE A 140 34.69 -8.14 -21.93
CA ILE A 140 34.70 -7.84 -20.46
C ILE A 140 34.43 -6.34 -20.23
N MET A 141 35.44 -5.52 -20.33
CA MET A 141 35.25 -4.05 -20.11
C MET A 141 34.46 -3.79 -18.81
N THR A 142 33.16 -3.64 -18.89
CA THR A 142 32.36 -3.41 -17.65
C THR A 142 31.03 -4.16 -17.73
N LYS A 143 30.90 -5.24 -17.00
CA LYS A 143 29.63 -6.02 -17.03
C LYS A 143 28.54 -5.31 -16.23
N ALA A 144 28.91 -4.44 -15.33
CA ALA A 144 27.89 -3.72 -14.52
C ALA A 144 26.86 -3.03 -15.43
N GLN A 145 27.30 -2.49 -16.53
CA GLN A 145 26.34 -1.81 -17.46
C GLN A 145 25.23 -2.79 -17.83
N LYS A 146 25.51 -4.06 -17.86
CA LYS A 146 24.47 -5.06 -18.20
C LYS A 146 23.53 -5.24 -17.01
N ILE A 147 24.03 -5.07 -15.81
CA ILE A 147 23.15 -5.22 -14.60
C ILE A 147 22.09 -4.12 -14.59
N VAL A 148 22.46 -2.92 -14.95
CA VAL A 148 21.45 -1.80 -14.96
C VAL A 148 20.68 -1.80 -16.29
N GLN A 149 21.11 -2.57 -17.26
CA GLN A 149 20.39 -2.61 -18.57
C GLN A 149 19.10 -3.43 -18.40
N ALA A 150 19.18 -4.52 -17.69
CA ALA A 150 17.97 -5.38 -17.47
C ALA A 150 16.75 -4.53 -17.10
N ARG A 151 16.96 -3.48 -16.34
CA ARG A 151 15.81 -2.60 -15.94
C ARG A 151 15.05 -2.11 -17.17
N MET A 152 15.68 -2.09 -18.32
CA MET A 152 14.98 -1.62 -19.55
C MET A 152 13.78 -2.53 -19.85
N TYR A 153 13.97 -3.82 -19.74
CA TYR A 153 12.85 -4.76 -20.04
C TYR A 153 12.02 -5.06 -18.78
N ALA A 154 12.54 -4.77 -17.61
CA ALA A 154 11.78 -5.04 -16.35
C ALA A 154 10.54 -4.15 -16.24
N GLN A 155 10.72 -2.85 -16.25
CA GLN A 155 9.55 -1.92 -16.15
C GLN A 155 8.45 -2.36 -17.13
N PHE A 156 8.83 -3.01 -18.19
CA PHE A 156 7.83 -3.47 -19.19
C PHE A 156 7.27 -4.84 -18.78
N ILE A 157 8.11 -5.85 -18.68
CA ILE A 157 7.63 -7.20 -18.28
C ILE A 157 6.95 -7.14 -16.90
N THR A 158 7.24 -6.11 -16.14
CA THR A 158 6.62 -5.98 -14.78
C THR A 158 5.18 -5.48 -14.92
N VAL A 159 4.98 -4.40 -15.63
CA VAL A 159 3.60 -3.85 -15.79
C VAL A 159 2.63 -4.94 -16.25
N GLY A 160 3.13 -5.96 -16.90
CA GLY A 160 2.25 -7.07 -17.36
C GLY A 160 1.57 -7.71 -16.14
N LEU A 161 2.17 -7.58 -14.98
CA LEU A 161 1.57 -8.17 -13.76
C LEU A 161 0.55 -7.19 -13.15
N LEU A 162 0.93 -5.96 -13.01
CA LEU A 162 0.00 -4.94 -12.42
C LEU A 162 -1.31 -4.86 -13.21
N LEU A 163 -1.22 -4.67 -14.50
CA LEU A 163 -2.48 -4.56 -15.33
C LEU A 163 -3.40 -5.77 -15.06
N ALA A 164 -2.88 -6.96 -15.20
CA ALA A 164 -3.73 -8.16 -14.95
C ALA A 164 -4.31 -8.14 -13.53
N SER A 165 -3.71 -7.38 -12.65
CA SER A 165 -4.23 -7.33 -11.24
C SER A 165 -5.42 -6.37 -11.12
N VAL A 166 -5.25 -5.12 -11.47
CA VAL A 166 -6.39 -4.15 -11.36
C VAL A 166 -7.59 -4.66 -12.16
N GLY A 167 -7.33 -5.33 -13.26
CA GLY A 167 -8.46 -5.85 -14.09
C GLY A 167 -9.28 -6.85 -13.28
N LEU A 168 -8.63 -7.62 -12.44
CA LEU A 168 -9.38 -8.61 -11.61
C LEU A 168 -10.18 -7.90 -10.52
N SER A 169 -9.61 -6.90 -9.91
CA SER A 169 -10.34 -6.16 -8.83
C SER A 169 -11.38 -5.21 -9.44
N MET A 170 -11.14 -4.76 -10.65
CA MET A 170 -12.12 -3.83 -11.30
C MET A 170 -13.30 -4.61 -11.87
N TYR A 171 -13.12 -5.87 -12.18
CA TYR A 171 -14.25 -6.67 -12.74
C TYR A 171 -15.28 -6.97 -11.66
N GLU A 172 -14.84 -7.31 -10.48
CA GLU A 172 -15.81 -7.60 -9.38
C GLU A 172 -16.66 -6.37 -9.07
N ASN A 173 -16.16 -5.20 -9.39
CA ASN A 173 -16.93 -3.95 -9.11
C ASN A 173 -18.40 -4.08 -9.56
N LYS A 174 -18.66 -4.88 -10.56
CA LYS A 174 -20.06 -5.05 -11.03
C LYS A 174 -20.87 -5.87 -10.02
N LEU A 175 -21.05 -5.35 -8.83
CA LEU A 175 -21.81 -6.11 -7.79
C LEU A 175 -22.73 -5.16 -7.04
N HIS A 176 -22.19 -4.21 -6.34
CA HIS A 176 -23.04 -3.25 -5.57
C HIS A 176 -22.75 -1.81 -6.03
N PRO A 177 -23.73 -0.96 -5.84
CA PRO A 177 -23.58 0.46 -6.25
C PRO A 177 -22.64 1.20 -5.28
N ASN A 178 -22.64 0.80 -4.03
CA ASN A 178 -21.74 1.47 -3.05
C ASN A 178 -20.28 1.10 -3.30
N LYS A 179 -19.75 1.48 -4.43
CA LYS A 179 -18.33 1.15 -4.74
C LYS A 179 -17.85 1.96 -5.94
N GLN A 180 -16.59 2.31 -5.98
CA GLN A 180 -16.07 3.10 -7.13
C GLN A 180 -14.54 2.97 -7.22
N LYS A 181 -13.87 3.96 -7.75
CA LYS A 181 -12.38 3.87 -7.86
C LYS A 181 -11.75 3.54 -6.50
N VAL A 182 -11.05 2.45 -6.42
CA VAL A 182 -10.42 2.06 -5.12
C VAL A 182 -9.32 1.01 -5.37
N ASN A 183 -8.49 0.76 -4.39
CA ASN A 183 -7.40 -0.25 -4.54
C ASN A 183 -6.36 0.22 -5.56
N GLU A 184 -6.75 0.41 -6.78
CA GLU A 184 -5.78 0.87 -7.85
C GLU A 184 -4.84 1.96 -7.32
N MET A 185 -5.36 3.12 -7.00
CA MET A 185 -4.48 4.22 -6.50
C MET A 185 -3.86 3.88 -5.14
N ARG A 186 -4.46 2.99 -4.38
CA ARG A 186 -3.87 2.63 -3.05
C ARG A 186 -2.45 2.12 -3.23
N ARG A 187 -2.27 1.23 -4.17
CA ARG A 187 -0.92 0.64 -4.40
C ARG A 187 -0.11 1.40 -5.46
N TRP A 188 -0.73 2.02 -6.45
CA TRP A 188 0.08 2.76 -7.48
C TRP A 188 0.91 3.86 -6.82
N GLU A 189 0.27 4.75 -6.10
CA GLU A 189 1.01 5.86 -5.44
C GLU A 189 2.15 5.29 -4.59
N ASN A 190 2.00 4.08 -4.11
CA ASN A 190 3.08 3.47 -3.28
C ASN A 190 4.15 2.90 -4.19
N ALA A 191 3.76 2.25 -5.26
CA ALA A 191 4.75 1.68 -6.22
C ALA A 191 5.57 2.81 -6.85
N LEU A 192 5.00 3.98 -6.95
CA LEU A 192 5.73 5.12 -7.56
C LEU A 192 6.72 5.70 -6.55
N ARG A 193 6.41 5.62 -5.28
CA ARG A 193 7.33 6.17 -4.25
C ARG A 193 8.55 5.25 -4.11
N VAL A 194 8.33 3.97 -3.95
CA VAL A 194 9.48 3.03 -3.81
C VAL A 194 10.32 3.02 -5.11
N ALA A 195 9.72 3.39 -6.20
CA ALA A 195 10.46 3.41 -7.49
C ALA A 195 11.38 4.64 -7.56
N GLU A 196 10.81 5.82 -7.52
CA GLU A 196 11.65 7.05 -7.59
C GLU A 196 12.74 7.02 -6.51
N GLU A 197 12.51 6.29 -5.45
CA GLU A 197 13.52 6.19 -4.36
C GLU A 197 14.78 5.48 -4.88
N GLU A 198 14.61 4.60 -5.82
CA GLU A 198 15.79 3.87 -6.38
C GLU A 198 16.65 4.80 -7.24
N GLU A 199 16.06 5.85 -7.77
CA GLU A 199 16.84 6.80 -8.63
C GLU A 199 17.88 7.56 -7.79
N ARG A 200 17.55 7.92 -6.58
CA ARG A 200 18.51 8.67 -5.72
C ARG A 200 19.89 8.00 -5.74
N LEU A 201 19.92 6.71 -5.96
CA LEU A 201 21.22 5.98 -5.99
C LEU A 201 21.81 6.06 -7.41
N GLU A 202 20.99 6.23 -8.41
CA GLU A 202 21.51 6.31 -9.80
C GLU A 202 22.23 7.65 -10.01
N LYS A 203 21.69 8.72 -9.47
CA LYS A 203 22.35 10.04 -9.63
C LYS A 203 23.60 10.13 -8.76
N GLU A 204 23.63 9.39 -7.68
CA GLU A 204 24.81 9.43 -6.77
C GLU A 204 25.88 8.44 -7.26
N GLY A 205 25.47 7.31 -7.77
CA GLY A 205 26.45 6.31 -8.25
C GLY A 205 27.24 6.89 -9.42
N ARG A 206 28.48 7.27 -9.19
CA ARG A 206 29.31 7.85 -10.27
C ARG A 206 30.13 6.75 -10.95
N ARG A 207 30.47 6.94 -12.20
CA ARG A 207 31.27 5.91 -12.92
C ARG A 207 32.66 5.76 -12.28
N THR A 208 33.55 5.06 -12.92
CA THR A 208 34.92 4.89 -12.36
C THR A 208 35.98 5.32 -13.37
N GLY A 209 37.04 5.94 -12.92
CA GLY A 209 38.11 6.38 -13.86
C GLY A 209 38.83 7.59 -13.27
N TYR A 210 39.86 8.05 -13.93
CA TYR A 210 40.61 9.23 -13.42
C TYR A 210 40.80 10.26 -14.53
N VAL A 211 41.34 11.41 -14.21
CA VAL A 211 41.56 12.47 -15.24
C VAL A 211 42.49 11.94 -16.34
N SER A 212 43.32 10.99 -16.02
CA SER A 212 44.25 10.43 -17.05
C SER A 212 43.58 9.30 -17.82
N ASN A 213 42.99 8.36 -17.14
CA ASN A 213 42.33 7.22 -17.82
C ASN A 213 41.07 7.70 -18.54
N GLU A 214 40.34 8.61 -17.93
CA GLU A 214 39.09 9.12 -18.59
C GLU A 214 39.42 9.74 -19.94
N GLU A 215 40.50 10.46 -20.03
CA GLU A 215 40.87 11.10 -21.33
C GLU A 215 41.43 10.04 -22.30
N ARG A 216 41.94 8.96 -21.78
CA ARG A 216 42.50 7.89 -22.68
C ARG A 216 41.38 7.20 -23.45
N ILE A 217 40.18 7.22 -22.91
CA ILE A 217 39.04 6.56 -23.62
C ILE A 217 38.71 7.32 -24.91
N ASN A 218 38.79 8.62 -24.88
CA ASN A 218 38.49 9.42 -26.11
C ASN A 218 39.45 9.06 -27.24
N SER A 219 40.59 8.51 -26.90
CA SER A 219 41.57 8.14 -27.96
C SER A 219 41.33 6.71 -28.43
N LYS A 220 41.20 5.78 -27.53
CA LYS A 220 40.96 4.35 -27.93
C LYS A 220 39.76 4.25 -28.87
N ILE A 221 38.76 5.07 -28.65
CA ILE A 221 37.55 5.02 -29.53
C ILE A 221 37.93 5.40 -30.96
N PHE A 222 38.99 6.14 -31.13
CA PHE A 222 39.41 6.56 -32.51
C PHE A 222 40.11 5.39 -33.21
N LYS A 223 41.13 4.84 -32.60
CA LYS A 223 41.86 3.70 -33.24
C LYS A 223 41.24 2.36 -32.82
N SER A 224 40.06 2.07 -33.29
CA SER A 224 39.40 0.79 -32.91
C SER A 224 38.39 0.38 -33.98
N MET B 1 -22.11 -10.67 31.85
CA MET B 1 -22.12 -11.78 32.83
C MET B 1 -22.47 -13.10 32.14
N LYS B 2 -23.50 -13.09 31.32
CA LYS B 2 -23.90 -14.35 30.61
C LYS B 2 -24.23 -14.05 29.15
N ILE B 3 -23.53 -14.67 28.23
CA ILE B 3 -23.80 -14.44 26.79
C ILE B 3 -23.75 -12.93 26.48
N LEU B 4 -22.95 -12.20 27.21
CA LEU B 4 -22.85 -10.72 26.97
C LEU B 4 -21.46 -10.23 27.32
N THR B 5 -21.02 -9.16 26.71
CA THR B 5 -19.66 -8.62 27.01
C THR B 5 -19.67 -7.09 26.91
N GLN B 6 -20.70 -6.46 27.42
CA GLN B 6 -20.77 -4.97 27.36
C GLN B 6 -19.95 -4.36 28.49
N ASP B 7 -19.00 -3.52 28.15
CA ASP B 7 -18.17 -2.88 29.21
C ASP B 7 -17.66 -1.51 28.73
N GLU B 8 -18.51 -0.78 28.04
CA GLU B 8 -18.10 0.56 27.54
C GLU B 8 -19.24 1.57 27.75
N ILE B 9 -19.29 2.59 26.95
CA ILE B 9 -20.37 3.61 27.11
C ILE B 9 -20.74 4.21 25.74
N GLU B 10 -21.94 4.73 25.61
CA GLU B 10 -22.36 5.32 24.32
C GLU B 10 -21.57 6.61 24.05
N ALA B 11 -20.42 6.49 23.44
CA ALA B 11 -19.59 7.71 23.16
C ALA B 11 -20.37 8.68 22.27
N HIS B 12 -20.35 9.94 22.59
CA HIS B 12 -21.09 10.94 21.75
C HIS B 12 -20.12 11.97 21.17
N ARG B 13 -19.44 11.62 20.10
CA ARG B 13 -18.48 12.56 19.48
C ARG B 13 -19.22 13.67 18.73
N SER B 14 -20.53 13.62 18.67
CA SER B 14 -21.30 14.68 17.95
C SER B 14 -20.88 16.08 18.42
N HIS B 15 -20.64 16.24 19.69
CA HIS B 15 -20.22 17.57 20.21
C HIS B 15 -18.86 17.97 19.61
N THR B 16 -17.97 17.02 19.47
CA THR B 16 -16.63 17.34 18.88
C THR B 16 -16.75 17.55 17.36
N LEU B 17 -17.80 17.03 16.77
CA LEU B 17 -17.97 17.19 15.28
C LEU B 17 -17.76 18.65 14.86
N LYS B 18 -18.17 19.58 15.67
CA LYS B 18 -17.98 21.02 15.31
C LYS B 18 -16.50 21.32 15.08
N GLY B 19 -15.64 20.67 15.80
CA GLY B 19 -14.18 20.91 15.64
C GLY B 19 -13.69 20.25 14.34
N GLY B 20 -14.39 19.24 13.87
CA GLY B 20 -13.96 18.55 12.62
C GLY B 20 -13.77 19.57 11.50
N ILE B 21 -14.64 20.54 11.40
CA ILE B 21 -14.50 21.58 10.33
C ILE B 21 -13.38 22.55 10.68
N GLU B 22 -13.20 22.82 11.95
CA GLU B 22 -12.12 23.75 12.38
C GLU B 22 -10.75 23.12 12.15
N GLY B 23 -10.67 21.82 12.21
CA GLY B 23 -9.35 21.14 12.00
C GLY B 23 -9.02 21.07 10.50
N ALA B 24 -10.01 21.06 9.65
CA ALA B 24 -9.72 20.97 8.18
C ALA B 24 -8.89 22.17 7.72
N LEU B 25 -9.39 23.36 7.93
CA LEU B 25 -8.63 24.57 7.49
C LEU B 25 -7.38 24.77 8.37
N ALA B 26 -7.36 24.19 9.54
CA ALA B 26 -6.16 24.35 10.43
C ALA B 26 -4.96 23.62 9.84
N GLY B 27 -5.19 22.57 9.09
CA GLY B 27 -4.06 21.81 8.49
C GLY B 27 -3.29 22.71 7.51
N PHE B 28 -3.96 23.26 6.54
CA PHE B 28 -3.27 24.14 5.54
C PHE B 28 -2.46 25.22 6.26
N ALA B 29 -2.85 25.58 7.45
CA ALA B 29 -2.09 26.64 8.19
C ALA B 29 -0.75 26.09 8.69
N ILE B 30 -0.78 25.06 9.50
CA ILE B 30 0.49 24.49 10.03
C ILE B 30 1.19 23.64 8.96
N SER B 31 0.45 23.09 8.03
CA SER B 31 1.11 22.24 6.97
C SER B 31 2.04 23.10 6.10
N ALA B 32 1.65 24.32 5.81
CA ALA B 32 2.51 25.20 4.97
C ALA B 32 3.64 25.85 5.78
N ILE B 33 3.42 26.07 7.06
CA ILE B 33 4.47 26.72 7.90
C ILE B 33 5.55 25.72 8.32
N ILE B 34 5.17 24.54 8.74
CA ILE B 34 6.19 23.53 9.18
C ILE B 34 7.27 23.33 8.10
N PHE B 35 6.90 23.36 6.85
CA PHE B 35 7.90 23.15 5.76
C PHE B 35 8.80 24.38 5.60
N LYS B 36 8.27 25.55 5.88
CA LYS B 36 9.08 26.80 5.71
C LYS B 36 10.02 27.07 6.88
N VAL B 37 9.70 26.61 8.05
CA VAL B 37 10.58 26.92 9.25
C VAL B 37 12.07 26.76 8.94
N LEU B 38 12.51 25.64 8.44
CA LEU B 38 13.96 25.46 8.16
C LEU B 38 14.42 26.24 6.92
N PRO B 39 13.79 25.99 5.79
CA PRO B 39 14.20 26.67 4.53
C PRO B 39 13.86 28.16 4.58
N ARG B 40 13.12 28.59 5.56
CA ARG B 40 12.76 30.05 5.66
C ARG B 40 14.05 30.90 5.60
N ARG B 41 15.11 30.43 6.19
CA ARG B 41 16.38 31.20 6.16
C ARG B 41 17.04 31.08 4.78
N TYR B 42 16.76 30.02 4.07
CA TYR B 42 17.37 29.84 2.72
C TYR B 42 16.48 28.93 1.86
N PRO B 43 16.25 29.33 0.64
CA PRO B 43 15.41 28.52 -0.28
C PRO B 43 16.18 27.30 -0.81
N LYS B 44 17.42 27.15 -0.46
CA LYS B 44 18.20 25.98 -0.96
C LYS B 44 19.10 25.42 0.14
N PHE B 45 18.52 24.81 1.15
CA PHE B 45 19.35 24.24 2.24
C PHE B 45 20.02 22.94 1.77
N LYS B 46 19.32 21.83 1.85
CA LYS B 46 19.93 20.54 1.40
C LYS B 46 18.93 19.38 1.60
N PRO B 47 18.48 19.21 2.82
CA PRO B 47 17.53 18.12 3.14
C PRO B 47 16.10 18.49 2.70
N SER B 48 15.93 19.08 1.55
CA SER B 48 14.56 19.45 1.10
C SER B 48 13.81 18.20 0.61
N THR B 49 14.53 17.19 0.21
CA THR B 49 13.86 15.94 -0.27
C THR B 49 13.42 15.07 0.91
N LEU B 50 13.94 15.31 2.08
CA LEU B 50 13.53 14.49 3.27
C LEU B 50 12.10 14.85 3.68
N THR B 51 11.88 16.07 4.10
CA THR B 51 10.51 16.48 4.51
C THR B 51 9.56 16.48 3.30
N TRP B 52 10.11 16.51 2.11
CA TRP B 52 9.26 16.52 0.88
C TRP B 52 8.38 15.26 0.83
N SER B 53 8.83 14.19 1.41
CA SER B 53 8.02 12.92 1.38
C SER B 53 6.89 13.00 2.40
N ILE B 54 7.21 13.34 3.62
CA ILE B 54 6.14 13.43 4.68
C ILE B 54 4.98 14.30 4.20
N LYS B 55 5.27 15.36 3.49
CA LYS B 55 4.19 16.26 3.00
C LYS B 55 3.19 15.49 2.12
N THR B 56 3.55 14.32 1.65
CA THR B 56 2.61 13.55 0.78
C THR B 56 1.59 12.79 1.64
N ALA B 57 2.03 12.17 2.70
CA ALA B 57 1.10 11.40 3.57
C ALA B 57 0.22 12.34 4.41
N LEU B 58 0.63 13.58 4.56
CA LEU B 58 -0.17 14.54 5.38
C LEU B 58 -1.30 15.19 4.57
N TRP B 59 -1.20 15.20 3.26
CA TRP B 59 -2.28 15.85 2.44
C TRP B 59 -3.55 14.99 2.41
N ILE B 60 -3.40 13.70 2.31
CA ILE B 60 -4.59 12.79 2.24
C ILE B 60 -5.15 12.49 3.64
N THR B 61 -4.37 12.70 4.67
CA THR B 61 -4.85 12.39 6.05
C THR B 61 -6.08 13.23 6.46
N PRO B 62 -6.01 14.53 6.29
CA PRO B 62 -7.13 15.41 6.70
C PRO B 62 -8.43 15.18 5.89
N PRO B 63 -8.35 14.96 4.61
CA PRO B 63 -9.59 14.73 3.82
C PRO B 63 -10.25 13.40 4.20
N THR B 64 -9.54 12.53 4.88
CA THR B 64 -10.15 11.21 5.26
C THR B 64 -10.82 11.29 6.63
N VAL B 65 -10.36 12.14 7.50
CA VAL B 65 -10.98 12.25 8.83
C VAL B 65 -12.43 12.75 8.68
N LEU B 66 -12.74 13.34 7.56
CA LEU B 66 -14.13 13.85 7.32
C LEU B 66 -15.15 12.72 7.45
N THR B 67 -14.72 11.50 7.34
CA THR B 67 -15.68 10.34 7.44
C THR B 67 -16.52 10.41 8.72
N ALA B 68 -16.08 11.15 9.70
CA ALA B 68 -16.87 11.22 10.98
C ALA B 68 -17.99 12.27 10.90
N ILE B 69 -17.81 13.34 10.16
CA ILE B 69 -18.87 14.37 10.06
C ILE B 69 -20.02 13.87 9.17
N CYS B 70 -19.70 13.44 7.98
CA CYS B 70 -20.77 12.94 7.06
C CYS B 70 -21.58 11.83 7.73
N ALA B 71 -20.91 10.88 8.34
CA ALA B 71 -21.67 9.76 9.02
C ALA B 71 -22.68 10.34 10.01
N GLU B 72 -22.44 11.53 10.50
CA GLU B 72 -23.38 12.15 11.48
C GLU B 72 -24.53 12.84 10.74
N GLU B 73 -24.24 13.63 9.75
CA GLU B 73 -25.31 14.32 8.99
C GLU B 73 -26.21 13.30 8.27
N ALA B 74 -25.68 12.12 7.99
CA ALA B 74 -26.52 11.09 7.30
C ALA B 74 -27.25 10.22 8.33
N SER B 75 -26.52 9.66 9.27
CA SER B 75 -27.17 8.80 10.30
C SER B 75 -28.36 9.52 10.94
N ASN B 76 -28.13 10.33 11.95
CA ASN B 76 -29.25 11.05 12.61
C ASN B 76 -29.40 12.45 12.01
N ASN B 77 -30.62 12.89 11.79
CA ASN B 77 -30.83 14.24 11.21
C ASN B 77 -31.22 15.22 12.31
N PHE B 78 -30.56 16.36 12.37
CA PHE B 78 -30.88 17.36 13.41
C PHE B 78 -32.31 17.87 13.24
N ASP B 79 -33.18 17.58 14.17
CA ASP B 79 -34.59 18.05 14.06
C ASP B 79 -34.89 19.07 15.16
N ALA B 80 -34.11 20.11 15.24
CA ALA B 80 -34.35 21.15 16.30
C ALA B 80 -35.75 21.74 16.14
N THR B 81 -36.52 21.74 17.20
CA THR B 81 -37.90 22.29 17.11
C THR B 81 -38.26 23.01 18.43
N MET B 82 -39.53 23.08 18.75
CA MET B 82 -39.94 23.76 20.01
C MET B 82 -40.74 22.80 20.89
N TYR B 83 -40.16 21.69 21.24
CA TYR B 83 -40.88 20.70 22.11
C TYR B 83 -40.91 21.20 23.56
N GLY B 84 -41.52 22.32 23.81
CA GLY B 84 -41.58 22.86 25.20
C GLY B 84 -42.84 22.33 25.89
N SER B 85 -42.95 21.04 26.04
CA SER B 85 -44.15 20.45 26.71
C SER B 85 -43.82 20.03 28.14
N GLY B 86 -44.78 20.07 29.02
CA GLY B 86 -44.51 19.69 30.44
C GLY B 86 -45.24 18.37 30.74
N SER B 87 -44.70 17.59 31.65
CA SER B 87 -45.35 16.29 32.00
C SER B 87 -46.08 16.40 33.34
N SER B 88 -46.52 15.30 33.88
CA SER B 88 -47.24 15.35 35.19
C SER B 88 -46.87 14.12 36.05
N SER B 89 -47.55 13.03 35.87
CA SER B 89 -47.22 11.80 36.67
C SER B 89 -46.28 10.89 35.89
N GLU B 90 -45.94 11.24 34.67
CA GLU B 90 -45.02 10.38 33.87
C GLU B 90 -43.62 10.37 34.48
N ASP B 91 -43.30 11.36 35.27
CA ASP B 91 -41.96 11.41 35.91
C ASP B 91 -41.67 10.12 36.68
N ALA B 92 -42.71 9.43 37.09
CA ALA B 92 -42.49 8.17 37.86
C ALA B 92 -41.73 7.15 37.00
N LEU B 93 -41.92 7.18 35.72
CA LEU B 93 -41.20 6.23 34.82
C LEU B 93 -39.76 6.69 34.60
N ASP B 94 -39.48 7.94 34.84
CA ASP B 94 -38.09 8.46 34.65
C ASP B 94 -37.10 7.66 35.50
N GLU B 95 -37.56 7.09 36.59
CA GLU B 95 -36.64 6.30 37.46
C GLU B 95 -36.03 5.14 36.67
N HIS B 96 -36.85 4.37 36.00
CA HIS B 96 -36.31 3.22 35.21
C HIS B 96 -35.47 3.73 34.05
N ARG B 97 -35.76 4.91 33.56
CA ARG B 97 -34.97 5.48 32.42
C ARG B 97 -33.63 6.03 32.93
N ARG B 98 -33.53 6.32 34.21
CA ARG B 98 -32.25 6.87 34.75
C ARG B 98 -31.22 5.75 34.91
N TRP B 99 -31.65 4.52 34.81
CA TRP B 99 -30.69 3.37 34.95
C TRP B 99 -29.54 3.53 33.95
N LYS B 100 -29.85 3.69 32.69
CA LYS B 100 -28.76 3.85 31.68
C LYS B 100 -28.05 5.19 31.86
N SER B 101 -28.73 6.16 32.44
CA SER B 101 -28.10 7.49 32.65
C SER B 101 -27.72 7.67 34.12
N LEU B 102 -26.62 7.11 34.54
CA LEU B 102 -26.20 7.25 35.97
C LEU B 102 -25.33 8.50 36.16
N SER B 103 -24.35 8.67 35.32
CA SER B 103 -23.47 9.87 35.44
C SER B 103 -23.42 10.64 34.12
N THR B 104 -24.17 11.70 34.01
CA THR B 104 -24.17 12.49 32.74
C THR B 104 -22.83 13.22 32.57
N LYS B 105 -22.16 13.52 33.66
CA LYS B 105 -20.86 14.21 33.58
C LYS B 105 -19.84 13.36 32.82
N ASP B 106 -20.08 12.06 32.72
CA ASP B 106 -19.12 11.18 31.98
C ASP B 106 -18.89 11.70 30.56
N LYS B 107 -19.85 12.40 30.01
CA LYS B 107 -19.70 12.94 28.63
C LYS B 107 -18.83 14.20 28.63
N PHE B 108 -18.79 14.91 29.72
CA PHE B 108 -17.97 16.16 29.77
C PHE B 108 -16.48 15.83 29.56
N VAL B 109 -16.06 14.66 29.93
CA VAL B 109 -14.62 14.29 29.75
C VAL B 109 -14.32 14.04 28.27
N GLU B 110 -15.33 13.83 27.47
CA GLU B 110 -15.07 13.58 26.01
C GLU B 110 -14.76 14.88 25.28
N GLY B 111 -15.37 15.97 25.68
CA GLY B 111 -15.13 17.27 25.00
C GLY B 111 -13.99 18.04 25.68
N LEU B 112 -14.15 18.36 26.94
CA LEU B 112 -13.10 19.15 27.67
C LEU B 112 -11.70 18.60 27.41
N SER B 113 -11.48 17.34 27.64
CA SER B 113 -10.11 16.75 27.41
C SER B 113 -9.62 17.02 25.99
N ASN B 114 -10.50 16.97 25.02
CA ASN B 114 -10.07 17.21 23.61
C ASN B 114 -9.50 18.62 23.46
N ASN B 115 -10.16 19.61 24.02
CA ASN B 115 -9.66 21.01 23.91
C ASN B 115 -8.22 21.12 24.44
N LYS B 116 -7.88 20.29 25.40
CA LYS B 116 -6.50 20.35 25.97
C LYS B 116 -5.50 19.71 25.00
N TYR B 117 -5.69 18.46 24.68
CA TYR B 117 -4.76 17.77 23.73
C TYR B 117 -4.66 18.55 22.42
N LYS B 118 -5.67 19.31 22.10
CA LYS B 118 -5.65 20.09 20.83
C LYS B 118 -4.46 21.06 20.80
N ILE B 119 -4.21 21.74 21.88
CA ILE B 119 -3.07 22.72 21.89
C ILE B 119 -1.74 22.02 22.17
N ILE B 120 -1.76 20.92 22.88
CA ILE B 120 -0.48 20.21 23.19
C ILE B 120 0.23 19.79 21.90
N THR B 121 -0.50 19.35 20.92
CA THR B 121 0.16 18.92 19.64
C THR B 121 0.51 20.14 18.79
N GLY B 122 -0.20 21.22 18.94
CA GLY B 122 0.10 22.44 18.12
C GLY B 122 1.47 23.00 18.51
N ALA B 123 1.80 22.98 19.78
CA ALA B 123 3.12 23.53 20.22
C ALA B 123 4.24 22.51 19.99
N TRP B 124 3.91 21.26 19.82
CA TRP B 124 4.97 20.23 19.59
C TRP B 124 5.63 20.42 18.22
N ALA B 125 5.01 21.15 17.33
CA ALA B 125 5.60 21.35 15.98
C ALA B 125 6.50 22.59 15.96
N ALA B 126 6.00 23.71 16.41
CA ALA B 126 6.81 24.97 16.41
C ALA B 126 8.11 24.80 17.23
N SER B 127 8.16 23.81 18.07
CA SER B 127 9.40 23.62 18.91
C SER B 127 10.66 23.49 18.03
N LEU B 128 10.51 23.19 16.76
CA LEU B 128 11.72 23.04 15.90
C LEU B 128 12.27 24.40 15.45
N TYR B 129 11.42 25.33 15.08
CA TYR B 129 11.94 26.67 14.65
C TYR B 129 12.29 27.51 15.88
N GLY B 130 11.53 27.38 16.94
CA GLY B 130 11.83 28.17 18.17
C GLY B 130 13.08 27.60 18.86
N SER B 131 13.42 26.37 18.59
CA SER B 131 14.62 25.77 19.23
C SER B 131 15.90 26.32 18.58
N TRP B 132 15.80 26.81 17.38
CA TRP B 132 17.01 27.36 16.69
C TRP B 132 17.17 28.86 17.00
N VAL B 133 16.11 29.62 16.84
CA VAL B 133 16.21 31.09 17.12
C VAL B 133 16.67 31.34 18.56
N ILE B 134 16.02 30.73 19.52
CA ILE B 134 16.42 30.93 20.95
C ILE B 134 17.91 30.60 21.12
N VAL B 135 18.29 29.39 20.80
CA VAL B 135 19.73 29.01 20.95
C VAL B 135 20.10 27.97 19.87
N ASN B 136 21.34 27.96 19.46
CA ASN B 136 21.77 26.98 18.42
C ASN B 136 23.21 26.54 18.67
N LYS B 137 23.75 25.71 17.81
CA LYS B 137 25.16 25.25 17.99
C LYS B 137 26.12 26.44 17.96
N ASP B 138 26.88 26.62 19.00
CA ASP B 138 27.85 27.75 19.03
C ASP B 138 28.98 27.52 18.02
N PRO B 139 29.61 26.38 18.11
CA PRO B 139 30.72 26.06 17.18
C PRO B 139 30.16 25.71 15.80
N ILE B 140 30.64 26.35 14.76
CA ILE B 140 30.12 26.05 13.39
C ILE B 140 31.03 25.03 12.69
N MET B 141 30.45 24.14 11.93
CA MET B 141 31.26 23.12 11.21
C MET B 141 30.39 22.40 10.18
N THR B 142 30.75 21.18 9.84
CA THR B 142 29.92 20.42 8.84
C THR B 142 28.47 20.32 9.32
N LYS B 143 27.63 21.22 8.87
CA LYS B 143 26.20 21.18 9.29
C LYS B 143 25.50 19.94 8.75
N ALA B 144 26.00 19.38 7.68
CA ALA B 144 25.37 18.15 7.10
C ALA B 144 25.20 17.08 8.18
N GLN B 145 26.09 17.05 9.14
CA GLN B 145 25.97 16.03 10.23
C GLN B 145 24.68 16.26 11.00
N LYS B 146 24.29 17.49 11.19
CA LYS B 146 23.03 17.78 11.92
C LYS B 146 21.83 17.47 11.02
N ILE B 147 22.00 17.59 9.74
CA ILE B 147 20.88 17.32 8.79
C ILE B 147 20.38 15.88 8.97
N VAL B 148 21.28 14.95 9.19
CA VAL B 148 20.86 13.53 9.39
C VAL B 148 20.58 13.24 10.87
N GLN B 149 20.91 14.16 11.75
CA GLN B 149 20.67 13.92 13.19
C GLN B 149 19.16 14.06 13.48
N ALA B 150 18.48 14.89 12.73
CA ALA B 150 17.02 15.08 12.96
C ALA B 150 16.28 13.74 12.86
N ARG B 151 16.87 12.78 12.20
CA ARG B 151 16.21 11.44 12.06
C ARG B 151 16.16 10.70 13.41
N MET B 152 16.95 11.12 14.36
CA MET B 152 16.94 10.42 15.68
C MET B 152 15.60 10.66 16.40
N TYR B 153 15.08 11.86 16.32
CA TYR B 153 13.79 12.16 17.00
C TYR B 153 12.60 11.92 16.07
N ALA B 154 12.71 12.32 14.82
CA ALA B 154 11.58 12.14 13.85
C ALA B 154 10.96 10.73 13.94
N GLN B 155 11.72 9.72 13.58
CA GLN B 155 11.18 8.32 13.62
C GLN B 155 10.35 8.10 14.88
N PHE B 156 10.70 8.74 15.96
CA PHE B 156 9.93 8.59 17.22
C PHE B 156 8.66 9.45 17.17
N ILE B 157 8.81 10.74 17.03
CA ILE B 157 7.61 11.64 16.96
C ILE B 157 6.71 11.22 15.79
N THR B 158 7.25 10.47 14.86
CA THR B 158 6.43 10.02 13.69
C THR B 158 5.45 8.92 14.10
N VAL B 159 5.93 7.88 14.74
CA VAL B 159 5.04 6.77 15.16
C VAL B 159 3.78 7.28 15.86
N GLY B 160 3.85 8.45 16.46
CA GLY B 160 2.64 9.00 17.15
C GLY B 160 1.53 9.18 16.12
N LEU B 161 1.88 9.34 14.87
CA LEU B 161 0.84 9.51 13.81
C LEU B 161 0.29 8.15 13.39
N LEU B 162 1.16 7.20 13.17
CA LEU B 162 0.71 5.84 12.74
C LEU B 162 -0.17 5.18 13.81
N LEU B 163 0.36 4.98 14.99
CA LEU B 163 -0.45 4.33 16.08
C LEU B 163 -1.86 4.95 16.17
N ALA B 164 -1.94 6.25 16.22
CA ALA B 164 -3.27 6.91 16.32
C ALA B 164 -4.16 6.52 15.12
N SER B 165 -3.57 6.06 14.05
CA SER B 165 -4.38 5.67 12.85
C SER B 165 -5.05 4.30 13.05
N VAL B 166 -4.28 3.26 13.19
CA VAL B 166 -4.89 1.90 13.38
C VAL B 166 -5.92 1.91 14.49
N GLY B 167 -5.63 2.57 15.58
CA GLY B 167 -6.60 2.62 16.71
C GLY B 167 -7.94 3.19 16.21
N LEU B 168 -7.90 4.00 15.19
CA LEU B 168 -9.17 4.58 14.65
C LEU B 168 -9.90 3.54 13.79
N SER B 169 -9.20 2.91 12.87
CA SER B 169 -9.85 1.90 12.00
C SER B 169 -10.09 0.60 12.77
N MET B 170 -9.30 0.36 13.79
CA MET B 170 -9.48 -0.90 14.58
C MET B 170 -10.62 -0.73 15.59
N TYR B 171 -11.03 0.48 15.86
CA TYR B 171 -12.13 0.70 16.84
C TYR B 171 -13.48 0.31 16.22
N GLU B 172 -13.71 0.68 15.00
CA GLU B 172 -15.00 0.33 14.34
C GLU B 172 -15.09 -1.19 14.12
N ASN B 173 -13.98 -1.86 14.07
CA ASN B 173 -13.98 -3.34 13.86
C ASN B 173 -15.01 -4.02 14.77
N LYS B 174 -15.17 -3.54 15.99
CA LYS B 174 -16.15 -4.17 16.92
C LYS B 174 -17.52 -4.36 16.24
N LEU B 175 -18.33 -3.33 16.18
CA LEU B 175 -19.67 -3.46 15.54
C LEU B 175 -19.53 -4.06 14.14
N HIS B 176 -18.46 -3.78 13.46
CA HIS B 176 -18.25 -4.34 12.09
C HIS B 176 -17.07 -5.31 12.07
N PRO B 177 -17.32 -6.50 12.57
CA PRO B 177 -16.25 -7.53 12.60
C PRO B 177 -15.97 -8.07 11.20
N ASN B 178 -17.00 -8.34 10.44
CA ASN B 178 -16.80 -8.86 9.06
C ASN B 178 -15.86 -7.95 8.27
N LYS B 179 -15.17 -8.47 7.29
CA LYS B 179 -14.23 -7.63 6.49
C LYS B 179 -14.26 -8.04 5.02
N GLN B 180 -13.36 -7.51 4.23
CA GLN B 180 -13.34 -7.86 2.78
C GLN B 180 -11.91 -8.17 2.35
N LYS B 181 -11.07 -7.17 2.24
CA LYS B 181 -9.66 -7.41 1.82
C LYS B 181 -8.69 -6.78 2.82
N VAL B 182 -7.43 -6.74 2.50
CA VAL B 182 -6.44 -6.13 3.44
C VAL B 182 -6.77 -4.66 3.68
N ASN B 183 -6.48 -4.16 4.85
CA ASN B 183 -6.79 -2.73 5.15
C ASN B 183 -5.67 -2.12 6.02
N GLU B 184 -5.97 -1.71 7.23
CA GLU B 184 -4.93 -1.09 8.12
C GLU B 184 -3.56 -1.80 8.01
N MET B 185 -3.51 -3.10 8.23
CA MET B 185 -2.21 -3.82 8.15
C MET B 185 -1.55 -3.61 6.77
N ARG B 186 -2.29 -3.14 5.79
CA ARG B 186 -1.70 -2.92 4.43
C ARG B 186 -0.70 -1.76 4.46
N ARG B 187 -0.94 -0.79 5.29
CA ARG B 187 -0.02 0.39 5.32
C ARG B 187 1.14 0.22 6.33
N TRP B 188 1.05 -0.71 7.27
CA TRP B 188 2.21 -0.88 8.22
C TRP B 188 3.38 -1.53 7.49
N GLU B 189 3.18 -2.69 6.93
CA GLU B 189 4.28 -3.37 6.18
C GLU B 189 4.77 -2.46 5.05
N ASN B 190 3.88 -1.68 4.48
CA ASN B 190 4.28 -0.76 3.39
C ASN B 190 5.16 0.36 3.94
N ALA B 191 4.92 0.77 5.15
CA ALA B 191 5.75 1.85 5.76
C ALA B 191 7.13 1.30 6.11
N LEU B 192 7.22 0.03 6.42
CA LEU B 192 8.54 -0.58 6.76
C LEU B 192 9.42 -0.63 5.52
N ARG B 193 8.86 -0.90 4.38
CA ARG B 193 9.67 -0.95 3.13
C ARG B 193 10.27 0.41 2.84
N VAL B 194 9.46 1.44 2.79
CA VAL B 194 9.99 2.80 2.50
C VAL B 194 10.91 3.25 3.64
N ALA B 195 10.77 2.67 4.81
CA ALA B 195 11.64 3.06 5.96
C ALA B 195 13.00 2.36 5.85
N GLU B 196 13.02 1.06 5.76
CA GLU B 196 14.31 0.33 5.66
C GLU B 196 15.08 0.77 4.40
N GLU B 197 14.37 1.22 3.40
CA GLU B 197 15.05 1.66 2.15
C GLU B 197 15.98 2.85 2.44
N GLU B 198 15.66 3.63 3.44
CA GLU B 198 16.51 4.81 3.79
C GLU B 198 17.82 4.34 4.44
N GLU B 199 17.83 3.18 5.03
CA GLU B 199 19.06 2.67 5.70
C GLU B 199 20.17 2.39 4.68
N ARG B 200 19.82 1.87 3.52
CA ARG B 200 20.86 1.56 2.49
C ARG B 200 21.79 2.76 2.28
N LEU B 201 21.30 3.94 2.55
CA LEU B 201 22.15 5.16 2.37
C LEU B 201 23.01 5.36 3.63
N GLU B 202 22.57 4.86 4.75
CA GLU B 202 23.35 5.02 6.01
C GLU B 202 24.51 4.01 6.05
N LYS B 203 24.23 2.78 5.74
CA LYS B 203 25.30 1.74 5.76
C LYS B 203 26.39 2.08 4.73
N GLU B 204 26.07 2.87 3.75
CA GLU B 204 27.09 3.23 2.71
C GLU B 204 28.30 3.91 3.38
N GLY B 205 28.06 4.67 4.41
CA GLY B 205 29.19 5.36 5.10
C GLY B 205 29.24 6.82 4.67
N ARG B 206 28.64 7.70 5.43
CA ARG B 206 28.65 9.14 5.07
C ARG B 206 28.69 10.00 6.34
N ARG B 207 29.82 10.06 6.99
CA ARG B 207 29.93 10.88 8.23
C ARG B 207 30.08 12.36 7.88
N THR B 208 30.77 12.67 6.80
CA THR B 208 30.95 14.09 6.40
C THR B 208 31.55 14.17 5.00
N GLY B 209 32.07 15.32 4.63
CA GLY B 209 32.67 15.46 3.27
C GLY B 209 33.95 14.63 3.20
N TYR B 210 35.02 15.22 2.71
CA TYR B 210 36.31 14.47 2.60
C TYR B 210 37.48 15.39 2.97
N VAL B 211 37.47 15.93 4.15
CA VAL B 211 38.58 16.83 4.58
C VAL B 211 39.79 16.00 5.01
N SER B 212 39.56 14.96 5.78
CA SER B 212 40.70 14.10 6.24
C SER B 212 41.11 13.12 5.13
N ASN B 213 40.16 12.59 4.42
CA ASN B 213 40.49 11.62 3.33
C ASN B 213 41.37 12.31 2.27
N GLU B 214 41.15 13.57 2.03
CA GLU B 214 41.97 14.30 1.01
C GLU B 214 43.44 14.28 1.42
N GLU B 215 43.72 14.26 2.69
CA GLU B 215 45.13 14.24 3.16
C GLU B 215 45.85 12.99 2.63
N ARG B 216 45.12 11.99 2.26
CA ARG B 216 45.76 10.73 1.74
C ARG B 216 46.48 11.02 0.43
N ILE B 217 46.20 12.12 -0.21
CA ILE B 217 46.87 12.45 -1.51
C ILE B 217 48.31 12.91 -1.25
N ASN B 218 48.50 13.82 -0.33
CA ASN B 218 49.88 14.32 -0.05
C ASN B 218 50.70 13.25 0.70
N SER B 219 50.06 12.21 1.17
CA SER B 219 50.81 11.14 1.90
C SER B 219 51.59 10.28 0.90
N LYS B 220 51.06 10.07 -0.27
CA LYS B 220 51.78 9.24 -1.29
C LYS B 220 53.14 9.86 -1.60
N ILE B 221 53.22 11.16 -1.61
CA ILE B 221 54.53 11.83 -1.91
C ILE B 221 55.55 11.49 -0.83
N PHE B 222 55.09 11.18 0.36
CA PHE B 222 56.04 10.84 1.46
C PHE B 222 56.71 9.49 1.18
N LYS B 223 56.02 8.60 0.50
CA LYS B 223 56.61 7.28 0.19
C LYS B 223 56.38 6.92 -1.27
N SER B 224 57.43 6.82 -2.04
CA SER B 224 57.27 6.47 -3.49
C SER B 224 58.36 5.48 -3.92
N MET A 1 -6.81 -35.76 -19.59
CA MET A 1 -7.36 -36.52 -20.74
C MET A 1 -8.29 -37.63 -20.25
N LYS A 2 -9.58 -37.44 -20.39
CA LYS A 2 -10.53 -38.49 -19.94
C LYS A 2 -11.57 -38.77 -21.03
N ILE A 3 -11.69 -39.99 -21.46
CA ILE A 3 -12.69 -40.32 -22.52
C ILE A 3 -13.93 -40.97 -21.89
N LEU A 4 -14.23 -40.63 -20.67
CA LEU A 4 -15.42 -41.23 -19.99
C LEU A 4 -16.28 -40.12 -19.37
N THR A 5 -16.82 -39.25 -20.18
CA THR A 5 -17.68 -38.16 -19.63
C THR A 5 -18.55 -37.55 -20.73
N GLN A 6 -19.82 -37.40 -20.49
CA GLN A 6 -20.73 -36.83 -21.52
C GLN A 6 -22.03 -36.35 -20.86
N ASP A 7 -22.98 -35.92 -21.66
CA ASP A 7 -24.28 -35.44 -21.09
C ASP A 7 -24.03 -34.38 -20.01
N GLU A 8 -24.03 -33.13 -20.38
CA GLU A 8 -23.79 -32.05 -19.38
C GLU A 8 -24.82 -30.92 -19.56
N ILE A 9 -24.72 -29.89 -18.78
CA ILE A 9 -25.69 -28.76 -18.89
C ILE A 9 -25.22 -27.55 -18.07
N GLU A 10 -24.67 -27.80 -16.92
CA GLU A 10 -24.18 -26.67 -16.06
C GLU A 10 -22.70 -26.40 -16.34
N ALA A 11 -22.38 -26.01 -17.55
CA ALA A 11 -20.95 -25.73 -17.88
C ALA A 11 -20.69 -24.22 -17.85
N HIS A 12 -19.66 -23.80 -17.17
CA HIS A 12 -19.35 -22.34 -17.10
C HIS A 12 -17.90 -22.13 -16.63
N ARG A 13 -17.62 -21.02 -16.01
CA ARG A 13 -16.24 -20.74 -15.54
C ARG A 13 -15.76 -21.86 -14.61
N SER A 14 -16.67 -22.55 -13.97
CA SER A 14 -16.26 -23.66 -13.04
C SER A 14 -15.29 -24.61 -13.75
N HIS A 15 -15.36 -24.69 -15.05
CA HIS A 15 -14.43 -25.60 -15.80
C HIS A 15 -12.98 -25.18 -15.54
N THR A 16 -12.70 -23.91 -15.51
CA THR A 16 -11.31 -23.44 -15.25
C THR A 16 -10.96 -23.61 -13.77
N LEU A 17 -11.94 -23.68 -12.92
CA LEU A 17 -11.66 -23.84 -11.46
C LEU A 17 -10.69 -25.02 -11.22
N LYS A 18 -10.68 -25.98 -12.10
CA LYS A 18 -9.77 -27.15 -11.93
C LYS A 18 -8.31 -26.69 -12.02
N GLY A 19 -7.99 -25.85 -12.97
CA GLY A 19 -6.59 -25.37 -13.11
C GLY A 19 -6.28 -24.33 -12.03
N GLY A 20 -7.29 -23.69 -11.50
CA GLY A 20 -7.06 -22.66 -10.44
C GLY A 20 -6.19 -23.24 -9.32
N ILE A 21 -6.45 -24.46 -8.92
CA ILE A 21 -5.62 -25.07 -7.83
C ILE A 21 -4.25 -25.48 -8.38
N GLU A 22 -4.19 -25.83 -9.63
CA GLU A 22 -2.88 -26.23 -10.23
C GLU A 22 -1.91 -25.04 -10.23
N GLY A 23 -2.42 -23.85 -10.33
CA GLY A 23 -1.55 -22.64 -10.34
C GLY A 23 -0.95 -22.40 -8.95
N ALA A 24 -1.73 -22.57 -7.91
CA ALA A 24 -1.21 -22.34 -6.53
C ALA A 24 0.04 -23.19 -6.29
N LEU A 25 0.01 -24.44 -6.64
CA LEU A 25 1.19 -25.32 -6.43
C LEU A 25 2.25 -25.10 -7.52
N ALA A 26 1.86 -24.56 -8.65
CA ALA A 26 2.84 -24.34 -9.75
C ALA A 26 3.85 -23.24 -9.38
N GLY A 27 3.42 -22.24 -8.66
CA GLY A 27 4.35 -21.14 -8.26
C GLY A 27 5.50 -21.70 -7.42
N PHE A 28 5.20 -22.62 -6.54
CA PHE A 28 6.27 -23.20 -5.67
C PHE A 28 7.46 -23.70 -6.51
N ALA A 29 7.20 -24.11 -7.72
CA ALA A 29 8.32 -24.62 -8.58
C ALA A 29 9.10 -23.46 -9.21
N ILE A 30 8.43 -22.65 -9.99
CA ILE A 30 9.12 -21.49 -10.65
C ILE A 30 9.63 -20.50 -9.59
N SER A 31 9.00 -20.46 -8.45
CA SER A 31 9.44 -19.49 -7.38
C SER A 31 10.95 -19.59 -7.11
N ALA A 32 11.42 -20.74 -6.70
CA ALA A 32 12.88 -20.87 -6.38
C ALA A 32 13.72 -21.10 -7.64
N ILE A 33 13.16 -21.69 -8.67
CA ILE A 33 13.97 -21.94 -9.90
C ILE A 33 14.36 -20.63 -10.60
N ILE A 34 13.43 -19.73 -10.77
CA ILE A 34 13.77 -18.44 -11.46
C ILE A 34 14.82 -17.65 -10.66
N PHE A 35 14.76 -17.70 -9.36
CA PHE A 35 15.75 -16.93 -8.54
C PHE A 35 17.13 -17.58 -8.60
N LYS A 36 17.21 -18.85 -8.88
CA LYS A 36 18.52 -19.55 -8.94
C LYS A 36 19.27 -19.32 -10.26
N VAL A 37 18.56 -19.07 -11.33
CA VAL A 37 19.25 -18.90 -12.67
C VAL A 37 20.51 -18.02 -12.59
N LEU A 38 20.41 -16.82 -12.09
CA LEU A 38 21.61 -15.94 -12.04
C LEU A 38 22.59 -16.35 -10.93
N PRO A 39 22.12 -16.37 -9.71
CA PRO A 39 22.99 -16.73 -8.55
C PRO A 39 23.37 -18.21 -8.57
N ARG A 40 22.83 -18.96 -9.50
CA ARG A 40 23.17 -20.42 -9.58
C ARG A 40 24.70 -20.60 -9.53
N ARG A 41 25.44 -19.65 -10.04
CA ARG A 41 26.92 -19.75 -10.03
C ARG A 41 27.46 -19.45 -8.63
N TYR A 42 26.72 -18.69 -7.85
CA TYR A 42 27.18 -18.35 -6.46
C TYR A 42 28.50 -17.56 -6.52
N PRO A 43 28.47 -16.47 -7.24
CA PRO A 43 29.69 -15.62 -7.36
C PRO A 43 29.92 -14.81 -6.08
N LYS A 44 29.18 -13.75 -5.87
CA LYS A 44 29.37 -12.94 -4.64
C LYS A 44 28.01 -12.48 -4.09
N PHE A 45 27.99 -11.49 -3.24
CA PHE A 45 26.70 -11.01 -2.68
C PHE A 45 26.52 -9.52 -2.95
N LYS A 46 25.38 -9.13 -3.45
CA LYS A 46 25.13 -7.68 -3.75
C LYS A 46 23.72 -7.49 -4.35
N PRO A 47 23.47 -8.17 -5.44
CA PRO A 47 22.14 -8.05 -6.10
C PRO A 47 21.08 -8.83 -5.30
N SER A 48 21.47 -9.51 -4.26
CA SER A 48 20.46 -10.29 -3.46
C SER A 48 19.44 -9.35 -2.81
N THR A 49 19.75 -8.08 -2.75
CA THR A 49 18.78 -7.12 -2.13
C THR A 49 17.69 -6.73 -3.13
N LEU A 50 18.06 -6.48 -4.36
CA LEU A 50 17.03 -6.11 -5.38
C LEU A 50 16.14 -7.32 -5.68
N THR A 51 16.68 -8.49 -5.55
CA THR A 51 15.89 -9.72 -5.84
C THR A 51 15.03 -10.12 -4.63
N TRP A 52 15.34 -9.62 -3.45
CA TRP A 52 14.54 -9.98 -2.25
C TRP A 52 13.19 -9.24 -2.23
N SER A 53 13.13 -8.09 -2.83
CA SER A 53 11.85 -7.32 -2.83
C SER A 53 10.90 -7.83 -3.92
N ILE A 54 11.38 -7.98 -5.13
CA ILE A 54 10.51 -8.45 -6.24
C ILE A 54 9.84 -9.78 -5.85
N LYS A 55 10.46 -10.54 -4.98
CA LYS A 55 9.89 -11.83 -4.56
C LYS A 55 8.83 -11.65 -3.46
N THR A 56 8.81 -10.51 -2.82
CA THR A 56 7.81 -10.28 -1.73
C THR A 56 6.40 -10.06 -2.32
N ALA A 57 6.27 -9.21 -3.29
CA ALA A 57 4.93 -8.94 -3.88
C ALA A 57 4.39 -10.18 -4.60
N LEU A 58 5.23 -11.16 -4.87
CA LEU A 58 4.75 -12.38 -5.58
C LEU A 58 4.14 -13.40 -4.61
N TRP A 59 4.44 -13.33 -3.34
CA TRP A 59 3.87 -14.33 -2.37
C TRP A 59 2.41 -14.01 -2.04
N ILE A 60 2.03 -12.76 -2.05
CA ILE A 60 0.63 -12.37 -1.72
C ILE A 60 -0.29 -12.46 -2.94
N THR A 61 0.27 -12.50 -4.12
CA THR A 61 -0.58 -12.55 -5.36
C THR A 61 -1.31 -13.90 -5.54
N PRO A 62 -0.59 -15.00 -5.40
CA PRO A 62 -1.21 -16.33 -5.60
C PRO A 62 -2.27 -16.70 -4.52
N PRO A 63 -2.06 -16.33 -3.28
CA PRO A 63 -3.07 -16.68 -2.24
C PRO A 63 -4.37 -15.89 -2.42
N THR A 64 -4.32 -14.79 -3.12
CA THR A 64 -5.58 -14.00 -3.30
C THR A 64 -6.32 -14.41 -4.57
N VAL A 65 -5.64 -14.95 -5.54
CA VAL A 65 -6.35 -15.37 -6.77
C VAL A 65 -7.33 -16.50 -6.41
N LEU A 66 -7.12 -17.14 -5.28
CA LEU A 66 -8.04 -18.25 -4.83
C LEU A 66 -9.46 -17.71 -4.61
N THR A 67 -9.60 -16.41 -4.46
CA THR A 67 -10.95 -15.83 -4.21
C THR A 67 -11.96 -16.24 -5.30
N ALA A 68 -11.48 -16.67 -6.44
CA ALA A 68 -12.44 -17.06 -7.53
C ALA A 68 -13.02 -18.47 -7.27
N ILE A 69 -12.27 -19.34 -6.66
CA ILE A 69 -12.80 -20.71 -6.40
C ILE A 69 -13.84 -20.66 -5.27
N CYS A 70 -13.49 -20.11 -4.14
CA CYS A 70 -14.45 -20.03 -3.00
C CYS A 70 -15.74 -19.32 -3.43
N ALA A 71 -15.68 -18.52 -4.46
CA ALA A 71 -16.92 -17.81 -4.91
C ALA A 71 -17.79 -18.75 -5.76
N GLU A 72 -17.18 -19.53 -6.60
CA GLU A 72 -17.97 -20.47 -7.45
C GLU A 72 -18.51 -21.63 -6.61
N GLU A 73 -17.83 -21.97 -5.55
CA GLU A 73 -18.30 -23.09 -4.68
C GLU A 73 -19.49 -22.64 -3.82
N ALA A 74 -19.54 -21.39 -3.47
CA ALA A 74 -20.67 -20.89 -2.62
C ALA A 74 -21.83 -20.41 -3.51
N SER A 75 -21.55 -19.57 -4.47
CA SER A 75 -22.62 -19.05 -5.36
C SER A 75 -23.48 -20.20 -5.91
N ASN A 76 -23.05 -20.84 -6.98
CA ASN A 76 -23.84 -21.97 -7.54
C ASN A 76 -23.54 -23.27 -6.80
N ASN A 77 -24.52 -24.10 -6.60
CA ASN A 77 -24.29 -25.38 -5.88
C ASN A 77 -25.48 -26.32 -6.08
N PHE A 78 -25.62 -27.30 -5.23
CA PHE A 78 -26.75 -28.26 -5.36
C PHE A 78 -28.08 -27.52 -5.20
N ASP A 79 -28.96 -27.64 -6.16
CA ASP A 79 -30.27 -26.94 -6.07
C ASP A 79 -31.41 -27.92 -6.41
N ALA A 80 -31.56 -28.96 -5.63
CA ALA A 80 -32.65 -29.94 -5.90
C ALA A 80 -34.02 -29.25 -5.86
N THR A 81 -34.50 -28.93 -4.70
CA THR A 81 -35.83 -28.25 -4.59
C THR A 81 -36.90 -29.04 -5.35
N MET A 82 -37.53 -29.98 -4.69
CA MET A 82 -38.58 -30.80 -5.37
C MET A 82 -39.72 -29.89 -5.86
N TYR A 83 -40.68 -30.45 -6.54
CA TYR A 83 -41.82 -29.62 -7.04
C TYR A 83 -42.72 -29.21 -5.87
N GLY A 84 -43.19 -27.98 -5.88
CA GLY A 84 -44.08 -27.52 -4.78
C GLY A 84 -44.43 -26.05 -4.98
N SER A 85 -44.81 -25.37 -3.93
CA SER A 85 -45.17 -23.92 -4.07
C SER A 85 -43.90 -23.07 -4.17
N GLY A 86 -43.69 -22.43 -5.29
CA GLY A 86 -42.47 -21.58 -5.46
C GLY A 86 -42.58 -20.79 -6.75
N SER A 87 -41.72 -19.81 -6.94
CA SER A 87 -41.78 -18.99 -8.18
C SER A 87 -41.31 -19.82 -9.39
N SER A 88 -42.23 -20.20 -10.24
CA SER A 88 -41.85 -21.01 -11.44
C SER A 88 -41.04 -20.16 -12.42
N SER A 89 -41.69 -19.28 -13.13
CA SER A 89 -40.97 -18.41 -14.11
C SER A 89 -40.12 -19.27 -15.06
N GLU A 90 -40.56 -20.48 -15.32
CA GLU A 90 -39.78 -21.36 -16.24
C GLU A 90 -39.78 -20.79 -17.66
N ASP A 91 -40.93 -20.58 -18.22
CA ASP A 91 -41.00 -20.02 -19.60
C ASP A 91 -40.35 -18.63 -19.65
N ALA A 92 -40.37 -17.92 -18.55
CA ALA A 92 -39.77 -16.56 -18.52
C ALA A 92 -38.25 -16.65 -18.72
N LEU A 93 -37.58 -17.44 -17.92
CA LEU A 93 -36.10 -17.57 -18.06
C LEU A 93 -35.76 -18.50 -19.24
N ASP A 94 -36.68 -19.33 -19.64
CA ASP A 94 -36.41 -20.25 -20.79
C ASP A 94 -36.00 -19.45 -22.04
N GLU A 95 -36.61 -18.32 -22.26
CA GLU A 95 -36.26 -17.50 -23.45
C GLU A 95 -35.05 -16.60 -23.15
N HIS A 96 -35.04 -15.96 -22.00
CA HIS A 96 -33.89 -15.07 -21.64
C HIS A 96 -32.57 -15.85 -21.71
N ARG A 97 -32.54 -17.03 -21.18
CA ARG A 97 -31.27 -17.84 -21.21
C ARG A 97 -30.92 -18.22 -22.66
N ARG A 98 -31.89 -18.23 -23.53
CA ARG A 98 -31.61 -18.59 -24.96
C ARG A 98 -30.93 -17.41 -25.68
N TRP A 99 -31.18 -16.22 -25.22
CA TRP A 99 -30.56 -15.02 -25.87
C TRP A 99 -29.06 -14.94 -25.52
N LYS A 100 -28.74 -14.96 -24.25
CA LYS A 100 -27.32 -14.88 -23.84
C LYS A 100 -26.52 -16.05 -24.41
N SER A 101 -27.16 -17.19 -24.58
CA SER A 101 -26.44 -18.37 -25.13
C SER A 101 -26.64 -18.46 -26.65
N LEU A 102 -25.81 -17.80 -27.42
CA LEU A 102 -25.96 -17.85 -28.90
C LEU A 102 -25.34 -19.14 -29.46
N SER A 103 -24.12 -19.43 -29.06
CA SER A 103 -23.46 -20.67 -29.59
C SER A 103 -22.84 -21.46 -28.43
N THR A 104 -22.58 -22.73 -28.63
CA THR A 104 -21.98 -23.55 -27.55
C THR A 104 -20.47 -23.29 -27.44
N LYS A 105 -19.81 -23.11 -28.56
CA LYS A 105 -18.36 -22.84 -28.54
C LYS A 105 -18.03 -21.59 -27.74
N ASP A 106 -19.00 -20.72 -27.51
CA ASP A 106 -18.73 -19.49 -26.72
C ASP A 106 -18.00 -19.84 -25.42
N LYS A 107 -18.35 -20.94 -24.81
CA LYS A 107 -17.67 -21.37 -23.56
C LYS A 107 -16.37 -22.13 -23.88
N PHE A 108 -16.23 -22.64 -25.09
CA PHE A 108 -15.00 -23.39 -25.45
C PHE A 108 -13.81 -22.45 -25.58
N VAL A 109 -13.98 -21.33 -26.24
CA VAL A 109 -12.85 -20.37 -26.40
C VAL A 109 -12.37 -19.88 -25.03
N GLU A 110 -13.17 -20.05 -24.01
CA GLU A 110 -12.75 -19.59 -22.64
C GLU A 110 -11.70 -20.55 -22.07
N GLY A 111 -11.89 -21.83 -22.26
CA GLY A 111 -10.90 -22.81 -21.72
C GLY A 111 -9.81 -23.12 -22.76
N LEU A 112 -10.20 -23.47 -23.96
CA LEU A 112 -9.20 -23.82 -25.02
C LEU A 112 -8.09 -22.76 -25.12
N SER A 113 -8.43 -21.50 -25.00
CA SER A 113 -7.39 -20.44 -25.10
C SER A 113 -6.52 -20.40 -23.84
N ASN A 114 -7.08 -20.75 -22.71
CA ASN A 114 -6.29 -20.72 -21.44
C ASN A 114 -5.04 -21.61 -21.57
N ASN A 115 -5.22 -22.84 -22.00
CA ASN A 115 -4.06 -23.76 -22.14
C ASN A 115 -2.97 -23.14 -23.03
N LYS A 116 -3.36 -22.39 -24.03
CA LYS A 116 -2.35 -21.78 -24.93
C LYS A 116 -1.56 -20.70 -24.18
N TYR A 117 -2.24 -19.71 -23.66
CA TYR A 117 -1.52 -18.63 -22.91
C TYR A 117 -0.79 -19.21 -21.70
N LYS A 118 -1.25 -20.31 -21.18
CA LYS A 118 -0.59 -20.92 -20.00
C LYS A 118 0.86 -21.31 -20.31
N ILE A 119 1.11 -21.85 -21.48
CA ILE A 119 2.50 -22.26 -21.83
C ILE A 119 3.31 -21.06 -22.37
N ILE A 120 2.69 -20.22 -23.16
CA ILE A 120 3.43 -19.05 -23.72
C ILE A 120 4.03 -18.19 -22.60
N THR A 121 3.39 -18.13 -21.46
CA THR A 121 3.93 -17.30 -20.34
C THR A 121 5.05 -18.04 -19.62
N GLY A 122 5.01 -19.35 -19.59
CA GLY A 122 6.08 -20.12 -18.88
C GLY A 122 7.39 -20.06 -19.67
N ALA A 123 7.31 -19.87 -20.97
CA ALA A 123 8.55 -19.82 -21.80
C ALA A 123 9.20 -18.42 -21.72
N TRP A 124 8.45 -17.43 -21.30
CA TRP A 124 9.02 -16.05 -21.22
C TRP A 124 9.98 -15.92 -20.02
N ALA A 125 9.95 -16.86 -19.11
CA ALA A 125 10.85 -16.77 -17.92
C ALA A 125 12.19 -17.47 -18.19
N ALA A 126 12.14 -18.72 -18.58
CA ALA A 126 13.41 -19.47 -18.85
C ALA A 126 14.25 -18.77 -19.93
N SER A 127 13.65 -17.90 -20.70
CA SER A 127 14.43 -17.20 -21.78
C SER A 127 15.64 -16.46 -21.20
N LEU A 128 15.65 -16.17 -19.92
CA LEU A 128 16.81 -15.43 -19.34
C LEU A 128 18.00 -16.36 -19.10
N TYR A 129 17.78 -17.55 -18.61
CA TYR A 129 18.94 -18.48 -18.38
C TYR A 129 19.33 -19.16 -19.69
N GLY A 130 18.39 -19.42 -20.55
CA GLY A 130 18.71 -20.08 -21.84
C GLY A 130 19.40 -19.09 -22.77
N SER A 131 19.22 -17.81 -22.54
CA SER A 131 19.89 -16.80 -23.43
C SER A 131 21.36 -16.65 -23.05
N TRP A 132 21.72 -16.99 -21.84
CA TRP A 132 23.15 -16.86 -21.43
C TRP A 132 23.95 -18.09 -21.89
N VAL A 133 23.40 -19.26 -21.75
CA VAL A 133 24.14 -20.49 -22.18
C VAL A 133 24.08 -20.62 -23.70
N ILE A 134 22.91 -20.64 -24.27
CA ILE A 134 22.78 -20.78 -25.76
C ILE A 134 23.66 -19.73 -26.47
N VAL A 135 23.52 -18.48 -26.10
CA VAL A 135 24.33 -17.39 -26.74
C VAL A 135 24.03 -17.32 -28.25
N ASN A 136 23.71 -16.15 -28.74
CA ASN A 136 23.41 -16.01 -30.19
C ASN A 136 23.76 -14.59 -30.66
N LYS A 137 24.70 -13.95 -30.01
CA LYS A 137 25.08 -12.56 -30.43
C LYS A 137 26.51 -12.26 -29.98
N ASP A 138 26.84 -11.00 -29.83
CA ASP A 138 28.22 -10.63 -29.40
C ASP A 138 28.18 -9.93 -28.03
N PRO A 139 28.19 -10.72 -26.99
CA PRO A 139 28.16 -10.16 -25.62
C PRO A 139 29.51 -9.53 -25.27
N ILE A 140 29.78 -8.35 -25.78
CA ILE A 140 31.06 -7.68 -25.47
C ILE A 140 30.82 -6.42 -24.62
N MET A 141 30.34 -6.59 -23.42
CA MET A 141 30.08 -5.42 -22.54
C MET A 141 30.48 -5.75 -21.10
N THR A 142 30.61 -4.75 -20.26
CA THR A 142 31.00 -5.00 -18.84
C THR A 142 29.88 -5.76 -18.12
N LYS A 143 30.24 -6.59 -17.17
CA LYS A 143 29.21 -7.36 -16.43
C LYS A 143 28.30 -6.41 -15.64
N ALA A 144 28.84 -5.31 -15.18
CA ALA A 144 28.01 -4.34 -14.41
C ALA A 144 26.92 -3.74 -15.30
N GLN A 145 27.30 -3.13 -16.39
CA GLN A 145 26.27 -2.52 -17.30
C GLN A 145 25.15 -3.52 -17.61
N LYS A 146 25.44 -4.79 -17.54
CA LYS A 146 24.39 -5.82 -17.82
C LYS A 146 23.43 -5.89 -16.63
N ILE A 147 23.91 -5.61 -15.45
CA ILE A 147 23.03 -5.66 -14.24
C ILE A 147 22.02 -4.50 -14.27
N VAL A 148 22.44 -3.35 -14.73
CA VAL A 148 21.51 -2.19 -14.79
C VAL A 148 20.74 -2.17 -16.11
N GLN A 149 21.13 -2.97 -17.08
CA GLN A 149 20.41 -2.99 -18.38
C GLN A 149 19.10 -3.78 -18.23
N ALA A 150 19.10 -4.80 -17.42
CA ALA A 150 17.86 -5.62 -17.23
C ALA A 150 16.69 -4.71 -16.84
N ARG A 151 16.97 -3.58 -16.24
CA ARG A 151 15.88 -2.65 -15.85
C ARG A 151 15.12 -2.14 -17.07
N MET A 152 15.69 -2.28 -18.24
CA MET A 152 14.99 -1.80 -19.47
C MET A 152 13.85 -2.75 -19.85
N TYR A 153 14.07 -4.04 -19.74
CA TYR A 153 13.00 -5.01 -20.09
C TYR A 153 12.16 -5.34 -18.85
N ALA A 154 12.79 -5.65 -17.75
CA ALA A 154 12.03 -6.00 -16.50
C ALA A 154 10.91 -4.99 -16.23
N GLN A 155 11.25 -3.74 -16.02
CA GLN A 155 10.19 -2.71 -15.75
C GLN A 155 8.99 -2.93 -16.68
N PHE A 156 9.26 -3.39 -17.87
CA PHE A 156 8.15 -3.64 -18.84
C PHE A 156 7.52 -5.02 -18.58
N ILE A 157 8.33 -6.01 -18.24
CA ILE A 157 7.76 -7.36 -17.97
C ILE A 157 6.97 -7.33 -16.65
N THR A 158 7.22 -6.34 -15.83
CA THR A 158 6.48 -6.25 -14.53
C THR A 158 5.08 -5.67 -14.75
N VAL A 159 4.96 -4.61 -15.52
CA VAL A 159 3.63 -4.01 -15.77
C VAL A 159 2.63 -5.08 -16.23
N GLY A 160 3.12 -6.14 -16.83
CA GLY A 160 2.20 -7.23 -17.28
C GLY A 160 1.49 -7.82 -16.07
N LEU A 161 2.08 -7.68 -14.91
CA LEU A 161 1.44 -8.22 -13.67
C LEU A 161 0.45 -7.20 -13.12
N LEU A 162 0.87 -5.97 -12.96
CA LEU A 162 -0.03 -4.91 -12.44
C LEU A 162 -1.34 -4.85 -13.23
N LEU A 163 -1.26 -4.64 -14.51
CA LEU A 163 -2.51 -4.56 -15.34
C LEU A 163 -3.39 -5.79 -15.09
N ALA A 164 -2.83 -6.96 -15.18
CA ALA A 164 -3.63 -8.20 -14.94
C ALA A 164 -4.20 -8.21 -13.52
N SER A 165 -3.64 -7.43 -12.63
CA SER A 165 -4.15 -7.41 -11.22
C SER A 165 -5.36 -6.48 -11.09
N VAL A 166 -5.27 -5.27 -11.57
CA VAL A 166 -6.42 -4.33 -11.45
C VAL A 166 -7.60 -4.82 -12.30
N GLY A 167 -7.33 -5.37 -13.45
CA GLY A 167 -8.43 -5.87 -14.33
C GLY A 167 -9.25 -6.91 -13.56
N LEU A 168 -8.64 -7.64 -12.68
CA LEU A 168 -9.38 -8.67 -11.89
C LEU A 168 -10.28 -7.99 -10.84
N SER A 169 -9.79 -6.95 -10.22
CA SER A 169 -10.60 -6.25 -9.18
C SER A 169 -11.64 -5.33 -9.85
N MET A 170 -11.36 -4.88 -11.04
CA MET A 170 -12.33 -3.98 -11.75
C MET A 170 -13.49 -4.79 -12.31
N TYR A 171 -13.28 -6.06 -12.57
CA TYR A 171 -14.38 -6.91 -13.12
C TYR A 171 -15.45 -7.15 -12.05
N GLU A 172 -15.05 -7.32 -10.82
CA GLU A 172 -16.03 -7.57 -9.73
C GLU A 172 -16.95 -6.35 -9.56
N ASN A 173 -16.44 -5.17 -9.82
CA ASN A 173 -17.27 -3.93 -9.67
C ASN A 173 -18.66 -4.10 -10.32
N LYS A 174 -18.76 -4.93 -11.33
CA LYS A 174 -20.09 -5.13 -11.99
C LYS A 174 -21.18 -5.43 -10.96
N LEU A 175 -21.30 -6.65 -10.52
CA LEU A 175 -22.36 -6.98 -9.51
C LEU A 175 -22.23 -6.08 -8.28
N HIS A 176 -21.06 -5.54 -8.04
CA HIS A 176 -20.88 -4.64 -6.87
C HIS A 176 -20.68 -3.19 -7.33
N PRO A 177 -21.78 -2.53 -7.58
CA PRO A 177 -21.72 -1.12 -8.03
C PRO A 177 -21.28 -0.20 -6.89
N ASN A 178 -21.53 -0.60 -5.67
CA ASN A 178 -21.14 0.25 -4.50
C ASN A 178 -19.65 0.61 -4.59
N LYS A 179 -19.19 1.46 -3.71
CA LYS A 179 -17.76 1.87 -3.73
C LYS A 179 -17.20 1.96 -2.31
N GLN A 180 -15.91 1.87 -2.17
CA GLN A 180 -15.30 1.97 -0.80
C GLN A 180 -14.23 3.06 -0.77
N LYS A 181 -14.58 4.25 -1.19
CA LYS A 181 -13.59 5.37 -1.19
C LYS A 181 -12.33 4.96 -1.96
N VAL A 182 -11.20 5.53 -1.63
CA VAL A 182 -9.94 5.19 -2.34
C VAL A 182 -9.72 3.66 -2.31
N ASN A 183 -9.06 3.14 -3.31
CA ASN A 183 -8.81 1.66 -3.34
C ASN A 183 -7.66 1.34 -4.31
N GLU A 184 -7.97 0.91 -5.52
CA GLU A 184 -6.90 0.57 -6.53
C GLU A 184 -5.69 1.50 -6.43
N MET A 185 -5.89 2.80 -6.48
CA MET A 185 -4.73 3.75 -6.42
C MET A 185 -3.81 3.46 -5.21
N ARG A 186 -4.27 2.68 -4.24
CA ARG A 186 -3.40 2.37 -3.06
C ARG A 186 -2.02 1.89 -3.50
N ARG A 187 -1.99 1.05 -4.49
CA ARG A 187 -0.71 0.47 -4.96
C ARG A 187 -0.07 1.29 -6.10
N TRP A 188 -0.83 1.90 -6.98
CA TRP A 188 -0.20 2.69 -8.08
C TRP A 188 0.65 3.82 -7.49
N GLU A 189 0.04 4.71 -6.74
CA GLU A 189 0.81 5.84 -6.14
C GLU A 189 1.92 5.28 -5.24
N ASN A 190 1.74 4.10 -4.71
CA ASN A 190 2.78 3.51 -3.82
C ASN A 190 3.92 2.92 -4.67
N ALA A 191 3.59 2.22 -5.72
CA ALA A 191 4.65 1.62 -6.58
C ALA A 191 5.50 2.73 -7.19
N LEU A 192 4.94 3.90 -7.38
CA LEU A 192 5.72 5.02 -7.97
C LEU A 192 6.72 5.57 -6.95
N ARG A 193 6.35 5.59 -5.69
CA ARG A 193 7.28 6.11 -4.65
C ARG A 193 8.51 5.20 -4.55
N VAL A 194 8.31 3.93 -4.31
CA VAL A 194 9.47 2.99 -4.22
C VAL A 194 10.23 2.95 -5.54
N ALA A 195 9.61 3.37 -6.61
CA ALA A 195 10.30 3.36 -7.93
C ALA A 195 11.23 4.57 -8.06
N GLU A 196 10.69 5.76 -7.93
CA GLU A 196 11.55 6.98 -8.03
C GLU A 196 12.70 6.91 -7.04
N GLU A 197 12.50 6.26 -5.92
CA GLU A 197 13.58 6.16 -4.90
C GLU A 197 14.80 5.46 -5.51
N GLU A 198 14.58 4.59 -6.45
CA GLU A 198 15.72 3.86 -7.09
C GLU A 198 16.54 4.83 -7.97
N GLU A 199 15.94 5.89 -8.41
CA GLU A 199 16.68 6.87 -9.26
C GLU A 199 17.72 7.63 -8.43
N ARG A 200 17.37 7.97 -7.21
CA ARG A 200 18.33 8.72 -6.35
C ARG A 200 19.71 8.06 -6.37
N LEU A 201 19.75 6.78 -6.62
CA LEU A 201 21.06 6.06 -6.67
C LEU A 201 21.68 6.20 -8.07
N GLU A 202 20.86 6.38 -9.07
CA GLU A 202 21.40 6.52 -10.46
C GLU A 202 21.99 7.92 -10.66
N LYS A 203 21.30 8.94 -10.24
CA LYS A 203 21.82 10.33 -10.41
C LYS A 203 23.13 10.50 -9.64
N GLU A 204 23.27 9.82 -8.53
CA GLU A 204 24.53 9.95 -7.73
C GLU A 204 25.55 8.92 -8.20
N GLY A 205 25.10 7.80 -8.71
CA GLY A 205 26.05 6.76 -9.19
C GLY A 205 26.41 7.04 -10.65
N ARG A 206 27.22 8.05 -10.89
CA ARG A 206 27.60 8.38 -12.28
C ARG A 206 29.12 8.19 -12.46
N ARG A 207 29.61 7.02 -12.16
CA ARG A 207 31.08 6.78 -12.31
C ARG A 207 31.39 6.24 -13.71
N THR A 208 30.61 5.30 -14.17
CA THR A 208 30.86 4.73 -15.53
C THR A 208 29.55 4.70 -16.33
N GLY A 209 29.40 5.57 -17.29
CA GLY A 209 28.16 5.59 -18.10
C GLY A 209 28.43 4.97 -19.47
N TYR A 210 27.94 5.59 -20.52
CA TYR A 210 28.17 5.03 -21.89
C TYR A 210 29.50 5.55 -22.45
N VAL A 211 29.77 5.27 -23.70
CA VAL A 211 31.04 5.73 -24.31
C VAL A 211 30.92 7.19 -24.75
N SER A 212 29.82 7.55 -25.36
CA SER A 212 29.64 8.97 -25.82
C SER A 212 29.31 9.86 -24.63
N ASN A 213 28.68 9.33 -23.61
CA ASN A 213 28.34 10.17 -22.43
C ASN A 213 29.62 10.68 -21.76
N GLU A 214 30.66 9.90 -21.76
CA GLU A 214 31.94 10.34 -21.12
C GLU A 214 32.71 11.26 -22.08
N GLU A 215 32.76 10.91 -23.34
CA GLU A 215 33.49 11.76 -24.32
C GLU A 215 32.86 13.15 -24.39
N ARG A 216 31.58 13.25 -24.15
CA ARG A 216 30.90 14.57 -24.20
C ARG A 216 31.44 15.49 -23.11
N ILE A 217 31.92 14.93 -22.03
CA ILE A 217 32.46 15.77 -20.93
C ILE A 217 33.96 16.03 -21.14
N ASN A 218 34.73 14.99 -21.30
CA ASN A 218 36.20 15.17 -21.52
C ASN A 218 36.46 16.02 -22.76
N SER A 219 35.51 16.08 -23.66
CA SER A 219 35.70 16.91 -24.89
C SER A 219 35.44 18.38 -24.58
N LYS A 220 34.42 18.66 -23.82
CA LYS A 220 34.10 20.09 -23.48
C LYS A 220 35.27 20.72 -22.71
N ILE A 221 35.80 20.03 -21.75
CA ILE A 221 36.94 20.59 -20.96
C ILE A 221 38.16 20.83 -21.87
N PHE A 222 38.21 20.17 -23.00
CA PHE A 222 39.37 20.35 -23.92
C PHE A 222 39.16 21.59 -24.79
N LYS A 223 37.97 21.78 -25.29
CA LYS A 223 37.69 22.97 -26.14
C LYS A 223 37.42 24.20 -25.26
N SER A 224 37.55 25.38 -25.81
CA SER A 224 37.29 26.62 -25.02
C SER A 224 36.67 27.70 -25.91
N MET B 1 -45.83 6.96 25.74
CA MET B 1 -46.71 6.29 26.75
C MET B 1 -47.43 5.11 26.12
N LYS B 2 -48.18 5.33 25.08
CA LYS B 2 -48.91 4.23 24.41
C LYS B 2 -48.29 3.92 23.05
N ILE B 3 -47.75 4.91 22.39
CA ILE B 3 -47.13 4.69 21.06
C ILE B 3 -45.64 4.34 21.23
N LEU B 4 -45.36 3.14 21.66
CA LEU B 4 -43.93 2.72 21.85
C LEU B 4 -43.18 3.76 22.69
N THR B 5 -41.88 3.66 22.74
CA THR B 5 -41.08 4.64 23.53
C THR B 5 -39.63 4.67 23.04
N GLN B 6 -39.42 5.08 21.82
CA GLN B 6 -38.03 5.14 21.27
C GLN B 6 -37.17 6.10 22.10
N ASP B 7 -35.88 5.97 22.02
CA ASP B 7 -34.99 6.88 22.81
C ASP B 7 -34.89 8.25 22.13
N GLU B 8 -34.92 9.31 22.90
CA GLU B 8 -34.83 10.68 22.32
C GLU B 8 -33.81 11.51 23.08
N ILE B 9 -33.45 12.66 22.55
CA ILE B 9 -32.45 13.53 23.24
C ILE B 9 -31.18 12.74 23.55
N GLU B 10 -30.28 12.64 22.62
CA GLU B 10 -29.02 11.88 22.86
C GLU B 10 -27.87 12.47 22.03
N ALA B 11 -26.68 12.46 22.55
CA ALA B 11 -25.52 13.02 21.80
C ALA B 11 -24.21 12.48 22.36
N HIS B 12 -23.23 12.28 21.51
CA HIS B 12 -21.91 11.76 22.00
C HIS B 12 -20.77 12.53 21.30
N ARG B 13 -20.05 11.90 20.41
CA ARG B 13 -18.94 12.60 19.72
C ARG B 13 -19.48 13.71 18.82
N SER B 14 -20.77 13.73 18.58
CA SER B 14 -21.35 14.79 17.70
C SER B 14 -20.93 16.18 18.19
N HIS B 15 -20.71 16.34 19.46
CA HIS B 15 -20.29 17.68 19.99
C HIS B 15 -18.94 18.07 19.38
N THR B 16 -18.03 17.14 19.28
CA THR B 16 -16.70 17.45 18.68
C THR B 16 -16.82 17.61 17.17
N LEU B 17 -17.86 17.06 16.58
CA LEU B 17 -18.04 17.16 15.10
C LEU B 17 -17.88 18.61 14.64
N LYS B 18 -18.46 19.55 15.34
CA LYS B 18 -18.33 20.98 14.93
C LYS B 18 -16.86 21.37 14.87
N GLY B 19 -16.06 20.88 15.79
CA GLY B 19 -14.62 21.22 15.79
C GLY B 19 -13.91 20.47 14.67
N GLY B 20 -14.47 19.36 14.25
CA GLY B 20 -13.83 18.56 13.15
C GLY B 20 -13.60 19.46 11.94
N ILE B 21 -14.51 20.36 11.67
CA ILE B 21 -14.34 21.27 10.49
C ILE B 21 -13.25 22.30 10.78
N GLU B 22 -13.10 22.68 12.02
CA GLU B 22 -12.05 23.68 12.38
C GLU B 22 -10.65 23.05 12.17
N GLY B 23 -10.54 21.76 12.35
CA GLY B 23 -9.23 21.09 12.16
C GLY B 23 -8.93 20.94 10.68
N ALA B 24 -9.93 20.76 9.86
CA ALA B 24 -9.69 20.61 8.40
C ALA B 24 -8.97 21.84 7.84
N LEU B 25 -9.39 23.00 8.24
CA LEU B 25 -8.74 24.25 7.73
C LEU B 25 -7.43 24.51 8.49
N ALA B 26 -7.36 24.13 9.74
CA ALA B 26 -6.11 24.35 10.53
C ALA B 26 -4.93 23.64 9.88
N GLY B 27 -5.18 22.54 9.22
CA GLY B 27 -4.06 21.78 8.59
C GLY B 27 -3.34 22.68 7.57
N PHE B 28 -4.09 23.26 6.66
CA PHE B 28 -3.45 24.14 5.62
C PHE B 28 -2.52 25.17 6.28
N ALA B 29 -2.76 25.52 7.51
CA ALA B 29 -1.89 26.52 8.19
C ALA B 29 -0.61 25.86 8.70
N ILE B 30 -0.73 24.89 9.57
CA ILE B 30 0.49 24.21 10.11
C ILE B 30 1.15 23.35 9.03
N SER B 31 0.40 22.90 8.06
CA SER B 31 1.00 22.03 6.98
C SER B 31 2.03 22.82 6.17
N ALA B 32 1.69 24.00 5.72
CA ALA B 32 2.65 24.80 4.90
C ALA B 32 3.68 25.54 5.76
N ILE B 33 3.33 25.90 6.96
CA ILE B 33 4.30 26.65 7.83
C ILE B 33 5.43 25.75 8.32
N ILE B 34 5.13 24.56 8.77
CA ILE B 34 6.22 23.65 9.27
C ILE B 34 7.30 23.44 8.20
N PHE B 35 6.93 23.40 6.95
CA PHE B 35 7.94 23.18 5.87
C PHE B 35 8.82 24.42 5.67
N LYS B 36 8.31 25.58 6.01
CA LYS B 36 9.11 26.83 5.80
C LYS B 36 10.13 27.08 6.91
N VAL B 37 9.88 26.60 8.10
CA VAL B 37 10.84 26.88 9.24
C VAL B 37 12.31 26.72 8.84
N LEU B 38 12.71 25.61 8.30
CA LEU B 38 14.14 25.42 7.94
C LEU B 38 14.53 26.22 6.69
N PRO B 39 13.83 26.00 5.60
CA PRO B 39 14.16 26.71 4.33
C PRO B 39 13.87 28.20 4.43
N ARG B 40 13.18 28.63 5.45
CA ARG B 40 12.88 30.08 5.62
C ARG B 40 14.19 30.87 5.67
N ARG B 41 15.12 30.44 6.47
CA ARG B 41 16.42 31.17 6.58
C ARG B 41 17.32 30.82 5.40
N TYR B 42 17.47 29.55 5.11
CA TYR B 42 18.34 29.14 3.98
C TYR B 42 17.49 28.87 2.72
N PRO B 43 17.82 29.54 1.65
CA PRO B 43 17.07 29.36 0.38
C PRO B 43 17.40 28.01 -0.26
N LYS B 44 18.52 27.44 0.09
CA LYS B 44 18.92 26.12 -0.50
C LYS B 44 17.81 25.09 -0.27
N PHE B 45 17.63 24.18 -1.20
CA PHE B 45 16.58 23.14 -1.04
C PHE B 45 17.05 21.81 -1.62
N LYS B 46 18.32 21.50 -1.47
CA LYS B 46 18.84 20.21 -2.01
C LYS B 46 18.29 19.03 -1.21
N PRO B 47 18.44 19.09 0.09
CA PRO B 47 17.94 17.99 0.97
C PRO B 47 16.42 18.10 1.18
N SER B 48 15.76 18.98 0.45
CA SER B 48 14.27 19.12 0.62
C SER B 48 13.56 17.86 0.14
N THR B 49 14.25 16.98 -0.54
CA THR B 49 13.59 15.72 -1.02
C THR B 49 13.12 14.87 0.15
N LEU B 50 13.81 14.95 1.26
CA LEU B 50 13.39 14.14 2.45
C LEU B 50 12.09 14.71 3.01
N THR B 51 12.07 15.98 3.30
CA THR B 51 10.84 16.62 3.84
C THR B 51 9.67 16.45 2.86
N TRP B 52 9.95 16.14 1.63
CA TRP B 52 8.85 15.96 0.62
C TRP B 52 8.09 14.66 0.88
N SER B 53 8.74 13.67 1.45
CA SER B 53 8.02 12.37 1.71
C SER B 53 6.85 12.62 2.68
N ILE B 54 7.14 12.97 3.91
CA ILE B 54 6.04 13.22 4.89
C ILE B 54 5.11 14.31 4.35
N LYS B 55 5.63 15.23 3.59
CA LYS B 55 4.78 16.31 3.03
C LYS B 55 3.65 15.73 2.16
N THR B 56 3.78 14.49 1.74
CA THR B 56 2.72 13.87 0.89
C THR B 56 1.68 13.12 1.75
N ALA B 57 2.11 12.24 2.61
CA ALA B 57 1.15 11.45 3.46
C ALA B 57 0.28 12.35 4.32
N LEU B 58 0.63 13.61 4.47
CA LEU B 58 -0.19 14.51 5.33
C LEU B 58 -1.40 15.09 4.58
N TRP B 59 -1.37 15.09 3.27
CA TRP B 59 -2.52 15.66 2.50
C TRP B 59 -3.72 14.69 2.48
N ILE B 60 -3.45 13.42 2.55
CA ILE B 60 -4.56 12.41 2.51
C ILE B 60 -5.16 12.17 3.90
N THR B 61 -4.47 12.52 4.95
CA THR B 61 -5.01 12.27 6.33
C THR B 61 -6.20 13.17 6.71
N PRO B 62 -6.09 14.45 6.46
CA PRO B 62 -7.19 15.38 6.85
C PRO B 62 -8.49 15.19 6.04
N PRO B 63 -8.41 14.89 4.77
CA PRO B 63 -9.66 14.71 3.99
C PRO B 63 -10.39 13.41 4.39
N THR B 64 -9.72 12.51 5.03
CA THR B 64 -10.40 11.24 5.42
C THR B 64 -11.01 11.33 6.83
N VAL B 65 -10.48 12.16 7.68
CA VAL B 65 -11.05 12.28 9.03
C VAL B 65 -12.47 12.86 8.93
N LEU B 66 -12.79 13.47 7.82
CA LEU B 66 -14.17 14.05 7.63
C LEU B 66 -15.24 12.96 7.68
N THR B 67 -14.84 11.71 7.48
CA THR B 67 -15.84 10.60 7.50
C THR B 67 -16.63 10.58 8.81
N ALA B 68 -16.14 11.20 9.84
CA ALA B 68 -16.90 11.19 11.15
C ALA B 68 -18.07 12.18 11.11
N ILE B 69 -17.95 13.25 10.37
CA ILE B 69 -19.07 14.23 10.30
C ILE B 69 -20.20 13.69 9.41
N CYS B 70 -19.88 13.29 8.22
CA CYS B 70 -20.93 12.77 7.30
C CYS B 70 -21.67 11.60 7.94
N ALA B 71 -20.96 10.61 8.43
CA ALA B 71 -21.64 9.43 9.08
C ALA B 71 -22.62 9.92 10.14
N GLU B 72 -22.35 11.04 10.75
CA GLU B 72 -23.25 11.57 11.82
C GLU B 72 -24.40 12.34 11.18
N GLU B 73 -24.13 13.15 10.19
CA GLU B 73 -25.21 13.93 9.54
C GLU B 73 -26.27 13.00 8.93
N ALA B 74 -25.88 11.80 8.58
CA ALA B 74 -26.88 10.85 7.99
C ALA B 74 -27.53 10.01 9.10
N SER B 75 -26.74 9.37 9.92
CA SER B 75 -27.32 8.53 11.02
C SER B 75 -28.32 9.34 11.85
N ASN B 76 -27.85 10.08 12.83
CA ASN B 76 -28.80 10.89 13.66
C ASN B 76 -28.61 12.38 13.38
N ASN B 77 -29.22 13.22 14.19
CA ASN B 77 -29.07 14.69 13.98
C ASN B 77 -29.42 15.07 12.53
N PHE B 78 -30.67 14.92 12.16
CA PHE B 78 -31.09 15.26 10.78
C PHE B 78 -30.86 16.76 10.52
N ASP B 79 -30.32 17.09 9.37
CA ASP B 79 -30.09 18.54 9.05
C ASP B 79 -31.06 19.00 7.97
N ALA B 80 -32.34 18.70 8.13
CA ALA B 80 -33.34 19.13 7.12
C ALA B 80 -34.34 20.11 7.75
N THR B 81 -33.90 21.30 8.06
CA THR B 81 -34.81 22.31 8.67
C THR B 81 -35.47 21.73 9.93
N MET B 82 -34.93 22.04 11.08
CA MET B 82 -35.53 21.51 12.35
C MET B 82 -36.96 22.04 12.53
N TYR B 83 -37.73 21.40 13.37
CA TYR B 83 -39.14 21.85 13.58
C TYR B 83 -39.21 22.80 14.78
N GLY B 84 -38.28 23.72 14.88
CA GLY B 84 -38.29 24.68 16.02
C GLY B 84 -38.09 23.92 17.34
N SER B 85 -39.12 23.82 18.14
CA SER B 85 -39.00 23.09 19.43
C SER B 85 -40.39 22.74 19.97
N GLY B 86 -40.46 22.33 21.21
CA GLY B 86 -41.78 21.97 21.81
C GLY B 86 -42.12 22.97 22.91
N SER B 87 -42.93 22.56 23.86
CA SER B 87 -43.30 23.48 24.97
C SER B 87 -42.05 23.84 25.80
N SER B 88 -42.24 24.37 26.97
CA SER B 88 -41.08 24.74 27.83
C SER B 88 -41.15 24.02 29.17
N SER B 89 -40.62 22.82 29.24
CA SER B 89 -40.66 22.06 30.52
C SER B 89 -39.24 21.71 30.98
N GLU B 90 -38.28 22.57 30.70
CA GLU B 90 -36.88 22.29 31.12
C GLU B 90 -36.78 22.26 32.65
N ASP B 91 -37.65 22.96 33.32
CA ASP B 91 -37.60 22.98 34.82
C ASP B 91 -38.21 21.69 35.38
N ALA B 92 -39.31 21.26 34.82
CA ALA B 92 -39.96 20.01 35.32
C ALA B 92 -39.18 18.78 34.84
N LEU B 93 -38.61 18.86 33.67
CA LEU B 93 -37.83 17.70 33.14
C LEU B 93 -36.57 17.47 33.99
N ASP B 94 -36.15 18.47 34.73
CA ASP B 94 -34.93 18.32 35.56
C ASP B 94 -35.04 17.07 36.46
N GLU B 95 -36.24 16.67 36.77
CA GLU B 95 -36.42 15.45 37.63
C GLU B 95 -36.35 14.20 36.76
N HIS B 96 -37.06 14.18 35.67
CA HIS B 96 -37.04 12.97 34.79
C HIS B 96 -35.65 12.77 34.18
N ARG B 97 -34.85 13.81 34.14
CA ARG B 97 -33.48 13.68 33.58
C ARG B 97 -32.59 12.85 34.52
N ARG B 98 -32.72 13.07 35.80
CA ARG B 98 -31.90 12.30 36.77
C ARG B 98 -32.46 10.88 36.95
N TRP B 99 -33.74 10.72 36.78
CA TRP B 99 -34.35 9.36 36.93
C TRP B 99 -34.03 8.50 35.71
N LYS B 100 -33.79 9.11 34.58
CA LYS B 100 -33.46 8.32 33.36
C LYS B 100 -31.95 8.11 33.24
N SER B 101 -31.18 9.15 33.44
CA SER B 101 -29.70 9.02 33.35
C SER B 101 -29.07 9.18 34.74
N LEU B 102 -27.87 8.71 34.92
CA LEU B 102 -27.19 8.84 36.24
C LEU B 102 -25.82 9.49 36.07
N SER B 103 -25.08 9.08 35.08
CA SER B 103 -23.73 9.67 34.85
C SER B 103 -23.74 10.56 33.60
N THR B 104 -24.41 11.69 33.67
CA THR B 104 -24.46 12.59 32.48
C THR B 104 -23.11 13.32 32.32
N LYS B 105 -22.45 13.59 33.41
CA LYS B 105 -21.15 14.30 33.34
C LYS B 105 -20.12 13.46 32.57
N ASP B 106 -20.36 12.17 32.45
CA ASP B 106 -19.39 11.30 31.71
C ASP B 106 -19.17 11.83 30.29
N LYS B 107 -20.11 12.58 29.78
CA LYS B 107 -19.96 13.14 28.39
C LYS B 107 -19.08 14.39 28.40
N PHE B 108 -18.89 15.01 29.53
CA PHE B 108 -18.04 16.24 29.58
C PHE B 108 -16.58 15.88 29.34
N VAL B 109 -16.12 14.78 29.86
CA VAL B 109 -14.70 14.39 29.65
C VAL B 109 -14.41 14.14 28.17
N GLU B 110 -15.44 13.96 27.36
CA GLU B 110 -15.21 13.71 25.90
C GLU B 110 -14.84 15.02 25.19
N GLY B 111 -15.47 16.11 25.55
CA GLY B 111 -15.16 17.41 24.88
C GLY B 111 -14.06 18.16 25.65
N LEU B 112 -14.24 18.38 26.92
CA LEU B 112 -13.23 19.13 27.72
C LEU B 112 -11.80 18.63 27.45
N SER B 113 -11.57 17.35 27.57
CA SER B 113 -10.20 16.81 27.33
C SER B 113 -9.72 17.14 25.92
N ASN B 114 -10.59 17.07 24.95
CA ASN B 114 -10.18 17.37 23.54
C ASN B 114 -9.47 18.73 23.46
N ASN B 115 -10.10 19.77 23.96
CA ASN B 115 -9.47 21.12 23.91
C ASN B 115 -8.07 21.10 24.52
N LYS B 116 -7.86 20.35 25.57
CA LYS B 116 -6.51 20.29 26.20
C LYS B 116 -5.51 19.61 25.26
N TYR B 117 -5.78 18.40 24.86
CA TYR B 117 -4.84 17.68 23.94
C TYR B 117 -4.68 18.46 22.63
N LYS B 118 -5.66 19.25 22.27
CA LYS B 118 -5.59 20.03 21.01
C LYS B 118 -4.41 21.01 21.03
N ILE B 119 -4.21 21.68 22.13
CA ILE B 119 -3.09 22.67 22.22
C ILE B 119 -1.75 21.96 22.52
N ILE B 120 -1.80 20.86 23.22
CA ILE B 120 -0.53 20.14 23.56
C ILE B 120 0.20 19.69 22.27
N THR B 121 -0.52 19.40 21.23
CA THR B 121 0.14 18.95 19.97
C THR B 121 0.64 20.15 19.14
N GLY B 122 -0.05 21.25 19.19
CA GLY B 122 0.39 22.44 18.40
C GLY B 122 1.74 22.94 18.90
N ALA B 123 2.06 22.70 20.14
CA ALA B 123 3.36 23.18 20.69
C ALA B 123 4.50 22.23 20.34
N TRP B 124 4.20 21.02 19.96
CA TRP B 124 5.28 20.04 19.62
C TRP B 124 5.87 20.35 18.23
N ALA B 125 5.19 21.14 17.44
CA ALA B 125 5.72 21.45 16.08
C ALA B 125 6.60 22.71 16.10
N ALA B 126 6.08 23.81 16.59
CA ALA B 126 6.88 25.07 16.63
C ALA B 126 8.17 24.88 17.45
N SER B 127 8.24 23.85 18.26
CA SER B 127 9.47 23.63 19.09
C SER B 127 10.72 23.49 18.20
N LEU B 128 10.56 23.21 16.93
CA LEU B 128 11.75 23.06 16.06
C LEU B 128 12.31 24.42 15.62
N TYR B 129 11.47 25.35 15.23
CA TYR B 129 12.00 26.69 14.81
C TYR B 129 12.34 27.54 16.02
N GLY B 130 11.58 27.41 17.09
CA GLY B 130 11.87 28.21 18.31
C GLY B 130 13.12 27.67 19.00
N SER B 131 13.49 26.44 18.72
CA SER B 131 14.71 25.86 19.36
C SER B 131 15.98 26.37 18.67
N TRP B 132 15.86 26.84 17.45
CA TRP B 132 17.06 27.35 16.72
C TRP B 132 17.29 28.83 17.03
N VAL B 133 16.28 29.65 16.86
CA VAL B 133 16.44 31.11 17.14
C VAL B 133 16.85 31.32 18.61
N ILE B 134 16.06 30.82 19.52
CA ILE B 134 16.39 30.98 20.97
C ILE B 134 17.83 30.51 21.25
N VAL B 135 18.13 29.28 20.92
CA VAL B 135 19.51 28.76 21.17
C VAL B 135 20.06 28.09 19.91
N ASN B 136 21.30 28.34 19.59
CA ASN B 136 21.89 27.71 18.37
C ASN B 136 23.31 27.20 18.67
N LYS B 137 23.41 26.20 19.51
CA LYS B 137 24.77 25.65 19.85
C LYS B 137 25.42 25.05 18.61
N ASP B 138 26.22 25.81 17.92
CA ASP B 138 26.90 25.29 16.70
C ASP B 138 28.41 25.46 16.81
N PRO B 139 29.03 24.57 17.55
CA PRO B 139 30.51 24.63 17.73
C PRO B 139 31.23 24.21 16.45
N ILE B 140 32.52 24.00 16.52
CA ILE B 140 33.28 23.58 15.31
C ILE B 140 32.77 22.23 14.79
N MET B 141 31.99 22.26 13.73
CA MET B 141 31.45 20.98 13.18
C MET B 141 30.82 21.22 11.81
N THR B 142 30.09 20.28 11.29
CA THR B 142 29.45 20.45 9.96
C THR B 142 27.93 20.48 10.10
N LYS B 143 27.28 21.36 9.40
CA LYS B 143 25.78 21.44 9.49
C LYS B 143 25.14 20.18 8.91
N ALA B 144 25.73 19.64 7.85
CA ALA B 144 25.15 18.41 7.23
C ALA B 144 25.02 17.29 8.26
N GLN B 145 25.96 17.19 9.17
CA GLN B 145 25.88 16.11 10.20
C GLN B 145 24.60 16.28 11.04
N LYS B 146 24.18 17.49 11.25
CA LYS B 146 22.93 17.73 12.05
C LYS B 146 21.70 17.41 11.19
N ILE B 147 21.82 17.53 9.89
CA ILE B 147 20.66 17.23 9.00
C ILE B 147 20.20 15.77 9.19
N VAL B 148 21.14 14.88 9.39
CA VAL B 148 20.75 13.44 9.59
C VAL B 148 20.50 13.14 11.08
N GLN B 149 20.83 14.05 11.95
CA GLN B 149 20.58 13.81 13.41
C GLN B 149 19.08 13.91 13.72
N ALA B 150 18.38 14.74 12.99
CA ALA B 150 16.91 14.88 13.24
C ALA B 150 16.22 13.53 13.13
N ARG B 151 16.78 12.62 12.36
CA ARG B 151 16.16 11.28 12.20
C ARG B 151 16.06 10.58 13.56
N MET B 152 16.83 11.00 14.53
CA MET B 152 16.77 10.34 15.87
C MET B 152 15.43 10.64 16.54
N TYR B 153 14.97 11.86 16.45
CA TYR B 153 13.65 12.22 17.08
C TYR B 153 12.50 11.98 16.11
N ALA B 154 12.66 12.34 14.86
CA ALA B 154 11.56 12.13 13.84
C ALA B 154 10.97 10.73 13.94
N GLN B 155 11.76 9.72 13.65
CA GLN B 155 11.25 8.31 13.72
C GLN B 155 10.43 8.10 14.99
N PHE B 156 10.75 8.81 16.04
CA PHE B 156 9.99 8.65 17.32
C PHE B 156 8.73 9.52 17.27
N ILE B 157 8.89 10.81 17.10
CA ILE B 157 7.69 11.71 17.04
C ILE B 157 6.77 11.27 15.88
N THR B 158 7.29 10.50 14.96
CA THR B 158 6.45 10.04 13.80
C THR B 158 5.46 8.96 14.26
N VAL B 159 5.93 7.92 14.91
CA VAL B 159 5.03 6.83 15.37
C VAL B 159 3.78 7.39 16.06
N GLY B 160 3.87 8.57 16.62
CA GLY B 160 2.69 9.17 17.30
C GLY B 160 1.52 9.27 16.31
N LEU B 161 1.82 9.29 15.04
CA LEU B 161 0.73 9.38 14.02
C LEU B 161 0.19 7.98 13.70
N LEU B 162 1.07 7.06 13.40
CA LEU B 162 0.64 5.67 13.07
C LEU B 162 -0.19 5.07 14.21
N LEU B 163 0.35 5.01 15.40
CA LEU B 163 -0.41 4.41 16.55
C LEU B 163 -1.82 5.03 16.65
N ALA B 164 -1.92 6.31 16.48
CA ALA B 164 -3.26 6.97 16.57
C ALA B 164 -4.16 6.50 15.42
N SER B 165 -3.59 5.98 14.37
CA SER B 165 -4.42 5.53 13.21
C SER B 165 -5.00 4.12 13.47
N VAL B 166 -4.16 3.15 13.66
CA VAL B 166 -4.66 1.75 13.90
C VAL B 166 -5.57 1.71 15.12
N GLY B 167 -5.23 2.45 16.15
CA GLY B 167 -6.08 2.45 17.39
C GLY B 167 -7.54 2.76 17.02
N LEU B 168 -7.75 3.44 15.94
CA LEU B 168 -9.15 3.78 15.53
C LEU B 168 -9.75 2.63 14.71
N SER B 169 -8.99 2.09 13.78
CA SER B 169 -9.52 0.96 12.95
C SER B 169 -9.51 -0.33 13.76
N MET B 170 -8.73 -0.39 14.81
CA MET B 170 -8.68 -1.63 15.64
C MET B 170 -9.78 -1.61 16.70
N TYR B 171 -9.90 -0.52 17.42
CA TYR B 171 -10.95 -0.43 18.47
C TYR B 171 -12.34 -0.54 17.85
N GLU B 172 -12.50 -0.05 16.64
CA GLU B 172 -13.84 -0.14 15.98
C GLU B 172 -14.22 -1.59 15.72
N ASN B 173 -13.25 -2.47 15.62
CA ASN B 173 -13.56 -3.91 15.37
C ASN B 173 -14.63 -4.43 16.35
N LYS B 174 -14.47 -4.13 17.62
CA LYS B 174 -15.46 -4.61 18.62
C LYS B 174 -16.90 -4.25 18.19
N LEU B 175 -17.35 -3.05 18.50
CA LEU B 175 -18.74 -2.66 18.10
C LEU B 175 -18.91 -2.77 16.59
N HIS B 176 -17.87 -2.51 15.84
CA HIS B 176 -17.97 -2.60 14.34
C HIS B 176 -19.16 -1.76 13.83
N PRO B 177 -18.97 -0.47 13.82
CA PRO B 177 -20.04 0.45 13.35
C PRO B 177 -20.21 0.37 11.83
N ASN B 178 -19.35 1.03 11.09
CA ASN B 178 -19.46 0.99 9.61
C ASN B 178 -18.15 1.44 8.96
N LYS B 179 -17.43 0.54 8.35
CA LYS B 179 -16.14 0.91 7.71
C LYS B 179 -15.90 0.03 6.48
N GLN B 180 -14.69 0.03 5.97
CA GLN B 180 -14.39 -0.82 4.77
C GLN B 180 -13.40 -1.92 5.13
N LYS B 181 -12.91 -2.65 4.15
CA LYS B 181 -11.95 -3.74 4.44
C LYS B 181 -10.51 -3.24 4.25
N VAL B 182 -10.15 -2.18 4.92
CA VAL B 182 -8.76 -1.65 4.79
C VAL B 182 -7.75 -2.61 5.44
N ASN B 183 -6.80 -3.08 4.68
CA ASN B 183 -5.78 -4.02 5.26
C ASN B 183 -4.71 -3.24 6.02
N GLU B 184 -4.97 -2.94 7.27
CA GLU B 184 -3.99 -2.16 8.11
C GLU B 184 -2.53 -2.55 7.78
N MET B 185 -2.17 -3.81 7.91
CA MET B 185 -0.77 -4.23 7.63
C MET B 185 -0.25 -3.65 6.29
N ARG B 186 -1.12 -3.26 5.38
CA ARG B 186 -0.60 -2.68 4.09
C ARG B 186 0.27 -1.45 4.36
N ARG B 187 -0.08 -0.69 5.36
CA ARG B 187 0.69 0.55 5.66
C ARG B 187 1.85 0.27 6.64
N TRP B 188 1.83 -0.83 7.34
CA TRP B 188 2.97 -1.12 8.28
C TRP B 188 4.13 -1.74 7.51
N GLU B 189 3.84 -2.71 6.68
CA GLU B 189 4.93 -3.37 5.89
C GLU B 189 5.39 -2.43 4.76
N ASN B 190 4.49 -1.69 4.19
CA ASN B 190 4.89 -0.76 3.09
C ASN B 190 5.84 0.31 3.63
N ALA B 191 5.52 0.90 4.76
CA ALA B 191 6.42 1.93 5.33
C ALA B 191 7.77 1.30 5.65
N LEU B 192 7.77 0.06 6.05
CA LEU B 192 9.06 -0.63 6.36
C LEU B 192 9.97 -0.62 5.13
N ARG B 193 9.42 -0.91 3.98
CA ARG B 193 10.25 -0.91 2.73
C ARG B 193 10.81 0.50 2.50
N VAL B 194 9.96 1.48 2.36
CA VAL B 194 10.44 2.87 2.13
C VAL B 194 11.34 3.30 3.30
N ALA B 195 11.17 2.69 4.45
CA ALA B 195 12.01 3.04 5.62
C ALA B 195 13.39 2.37 5.51
N GLU B 196 13.41 1.08 5.39
CA GLU B 196 14.72 0.36 5.27
C GLU B 196 15.46 0.82 4.01
N GLU B 197 14.73 1.20 3.00
CA GLU B 197 15.38 1.67 1.74
C GLU B 197 16.29 2.87 2.04
N GLU B 198 15.92 3.67 3.00
CA GLU B 198 16.75 4.86 3.34
C GLU B 198 18.10 4.42 3.93
N GLU B 199 18.16 3.23 4.47
CA GLU B 199 19.44 2.74 5.05
C GLU B 199 20.46 2.46 3.95
N ARG B 200 20.02 1.96 2.83
CA ARG B 200 20.96 1.65 1.71
C ARG B 200 21.88 2.84 1.44
N LEU B 201 21.44 4.03 1.78
CA LEU B 201 22.29 5.24 1.58
C LEU B 201 23.17 5.48 2.80
N GLU B 202 22.77 4.99 3.94
CA GLU B 202 23.59 5.21 5.18
C GLU B 202 24.81 4.28 5.17
N LYS B 203 24.67 3.10 4.62
CA LYS B 203 25.82 2.15 4.59
C LYS B 203 27.00 2.78 3.84
N GLU B 204 26.75 3.74 3.00
CA GLU B 204 27.86 4.39 2.24
C GLU B 204 28.88 5.01 3.20
N GLY B 205 28.40 5.64 4.24
CA GLY B 205 29.33 6.26 5.22
C GLY B 205 29.41 7.77 4.96
N ARG B 206 30.51 8.39 5.29
CA ARG B 206 30.64 9.86 5.07
C ARG B 206 31.73 10.14 4.04
N ARG B 207 31.58 11.19 3.26
CA ARG B 207 32.61 11.52 2.24
C ARG B 207 33.72 12.37 2.85
N THR B 208 33.37 13.25 3.75
CA THR B 208 34.41 14.12 4.40
C THR B 208 35.01 13.41 5.61
N GLY B 209 35.67 12.30 5.40
CA GLY B 209 36.28 11.56 6.54
C GLY B 209 36.69 10.16 6.09
N TYR B 210 37.97 9.89 6.01
CA TYR B 210 38.43 8.55 5.58
C TYR B 210 39.78 8.22 6.22
N VAL B 211 40.04 6.96 6.47
CA VAL B 211 41.34 6.57 7.09
C VAL B 211 42.47 6.67 6.07
N SER B 212 42.15 6.56 4.81
CA SER B 212 43.21 6.65 3.76
C SER B 212 43.61 8.11 3.52
N ASN B 213 42.68 9.01 3.64
CA ASN B 213 43.00 10.46 3.43
C ASN B 213 43.82 10.99 4.60
N GLU B 214 43.70 10.39 5.75
CA GLU B 214 44.46 10.86 6.94
C GLU B 214 45.97 10.76 6.67
N GLU B 215 46.40 9.71 6.01
CA GLU B 215 47.85 9.57 5.71
C GLU B 215 48.32 10.69 4.78
N ARG B 216 47.42 11.28 4.04
CA ARG B 216 47.82 12.38 3.12
C ARG B 216 48.49 13.52 3.89
N ILE B 217 48.17 13.67 5.16
CA ILE B 217 48.79 14.74 5.97
C ILE B 217 50.28 14.45 6.17
N ASN B 218 50.61 13.26 6.59
CA ASN B 218 52.04 12.91 6.81
C ASN B 218 52.83 13.06 5.51
N SER B 219 52.18 12.92 4.38
CA SER B 219 52.90 13.05 3.08
C SER B 219 53.11 14.53 2.74
N LYS B 220 52.27 15.40 3.25
CA LYS B 220 52.43 16.85 2.95
C LYS B 220 53.76 17.36 3.50
N ILE B 221 53.97 17.24 4.79
CA ILE B 221 55.26 17.71 5.39
C ILE B 221 56.43 16.90 4.84
N PHE B 222 56.18 15.69 4.40
CA PHE B 222 57.28 14.83 3.86
C PHE B 222 57.93 15.52 2.65
N LYS B 223 57.16 15.80 1.63
CA LYS B 223 57.74 16.47 0.42
C LYS B 223 57.33 17.94 0.40
N SER B 224 58.21 18.82 0.78
CA SER B 224 57.87 20.28 0.77
C SER B 224 58.74 21.02 -0.24
N MET A 1 -20.26 -48.10 -12.34
CA MET A 1 -19.20 -47.11 -12.64
C MET A 1 -18.91 -46.24 -11.41
N LYS A 2 -18.07 -45.24 -11.56
CA LYS A 2 -17.75 -44.36 -10.40
C LYS A 2 -18.37 -42.97 -10.61
N ILE A 3 -19.61 -42.81 -10.22
CA ILE A 3 -20.27 -41.48 -10.39
C ILE A 3 -20.20 -40.68 -9.09
N LEU A 4 -19.64 -39.50 -9.14
CA LEU A 4 -19.53 -38.66 -7.91
C LEU A 4 -20.89 -38.02 -7.59
N THR A 5 -21.47 -38.35 -6.47
CA THR A 5 -22.78 -37.75 -6.10
C THR A 5 -22.60 -36.30 -5.64
N GLN A 6 -21.44 -35.97 -5.14
CA GLN A 6 -21.20 -34.56 -4.68
C GLN A 6 -21.37 -33.59 -5.83
N ASP A 7 -20.58 -33.72 -6.86
CA ASP A 7 -20.70 -32.81 -8.03
C ASP A 7 -22.03 -33.04 -8.76
N GLU A 8 -22.63 -32.00 -9.26
CA GLU A 8 -23.93 -32.17 -9.98
C GLU A 8 -24.05 -31.12 -11.09
N ILE A 9 -23.00 -30.92 -11.84
CA ILE A 9 -23.05 -29.91 -12.94
C ILE A 9 -21.84 -30.07 -13.87
N GLU A 10 -22.02 -29.83 -15.15
CA GLU A 10 -20.88 -29.97 -16.10
C GLU A 10 -21.03 -28.96 -17.25
N ALA A 11 -20.08 -28.95 -18.15
CA ALA A 11 -20.16 -27.99 -19.29
C ALA A 11 -20.36 -26.56 -18.79
N HIS A 12 -19.33 -25.95 -18.25
CA HIS A 12 -19.48 -24.57 -17.73
C HIS A 12 -18.09 -23.94 -17.51
N ARG A 13 -17.98 -22.64 -17.63
CA ARG A 13 -16.69 -21.96 -17.43
C ARG A 13 -16.07 -22.35 -16.08
N SER A 14 -16.89 -22.73 -15.13
CA SER A 14 -16.36 -23.13 -13.78
C SER A 14 -15.33 -24.24 -13.93
N HIS A 15 -15.40 -25.00 -14.99
CA HIS A 15 -14.41 -26.11 -15.19
C HIS A 15 -12.97 -25.64 -14.96
N THR A 16 -12.72 -24.36 -15.11
CA THR A 16 -11.34 -23.84 -14.89
C THR A 16 -10.91 -24.02 -13.42
N LEU A 17 -11.86 -24.17 -12.53
CA LEU A 17 -11.51 -24.33 -11.08
C LEU A 17 -10.46 -25.43 -10.90
N LYS A 18 -10.59 -26.52 -11.62
CA LYS A 18 -9.59 -27.63 -11.49
C LYS A 18 -8.19 -27.11 -11.81
N GLY A 19 -8.07 -26.31 -12.84
CA GLY A 19 -6.73 -25.77 -13.22
C GLY A 19 -6.33 -24.65 -12.24
N GLY A 20 -7.29 -24.01 -11.63
CA GLY A 20 -6.96 -22.90 -10.67
C GLY A 20 -6.07 -23.44 -9.55
N ILE A 21 -6.30 -24.65 -9.12
CA ILE A 21 -5.45 -25.22 -8.03
C ILE A 21 -4.06 -25.60 -8.58
N GLU A 22 -4.00 -25.93 -9.85
CA GLU A 22 -2.68 -26.30 -10.46
C GLU A 22 -1.73 -25.10 -10.40
N GLY A 23 -2.26 -23.91 -10.46
CA GLY A 23 -1.40 -22.69 -10.42
C GLY A 23 -0.77 -22.53 -9.03
N ALA A 24 -1.56 -22.66 -7.99
CA ALA A 24 -1.00 -22.51 -6.61
C ALA A 24 0.22 -23.41 -6.42
N LEU A 25 0.15 -24.62 -6.90
CA LEU A 25 1.31 -25.56 -6.74
C LEU A 25 2.39 -25.28 -7.79
N ALA A 26 2.05 -24.62 -8.87
CA ALA A 26 3.06 -24.32 -9.93
C ALA A 26 4.06 -23.26 -9.48
N GLY A 27 3.61 -22.27 -8.75
CA GLY A 27 4.53 -21.19 -8.29
C GLY A 27 5.72 -21.79 -7.55
N PHE A 28 5.48 -22.74 -6.68
CA PHE A 28 6.60 -23.37 -5.92
C PHE A 28 7.69 -23.88 -6.87
N ALA A 29 7.35 -24.21 -8.08
CA ALA A 29 8.38 -24.72 -9.03
C ALA A 29 9.18 -23.57 -9.65
N ILE A 30 8.53 -22.67 -10.34
CA ILE A 30 9.26 -21.53 -10.97
C ILE A 30 9.80 -20.57 -9.91
N SER A 31 9.18 -20.53 -8.76
CA SER A 31 9.64 -19.60 -7.67
C SER A 31 11.13 -19.81 -7.36
N ALA A 32 11.54 -21.02 -7.08
CA ALA A 32 12.97 -21.27 -6.73
C ALA A 32 13.86 -21.35 -7.98
N ILE A 33 13.33 -21.77 -9.09
CA ILE A 33 14.17 -21.89 -10.32
C ILE A 33 14.59 -20.51 -10.85
N ILE A 34 13.65 -19.64 -11.10
CA ILE A 34 14.00 -18.28 -11.64
C ILE A 34 14.96 -17.56 -10.70
N PHE A 35 14.85 -17.76 -9.42
CA PHE A 35 15.76 -17.07 -8.46
C PHE A 35 17.18 -17.64 -8.52
N LYS A 36 17.30 -18.92 -8.78
CA LYS A 36 18.66 -19.57 -8.82
C LYS A 36 19.40 -19.34 -10.14
N VAL A 37 18.69 -19.16 -11.23
CA VAL A 37 19.37 -19.01 -12.57
C VAL A 37 20.59 -18.07 -12.52
N LEU A 38 20.45 -16.87 -12.05
CA LEU A 38 21.60 -15.94 -12.03
C LEU A 38 22.63 -16.30 -10.94
N PRO A 39 22.18 -16.39 -9.71
CA PRO A 39 23.12 -16.71 -8.60
C PRO A 39 23.66 -18.14 -8.72
N ARG A 40 23.08 -18.94 -9.59
CA ARG A 40 23.57 -20.33 -9.77
C ARG A 40 25.04 -20.30 -10.24
N ARG A 41 25.36 -19.43 -11.15
CA ARG A 41 26.76 -19.35 -11.66
C ARG A 41 27.64 -18.59 -10.67
N TYR A 42 27.12 -17.52 -10.10
CA TYR A 42 27.92 -16.73 -9.13
C TYR A 42 27.41 -16.99 -7.70
N PRO A 43 28.27 -17.56 -6.88
CA PRO A 43 27.89 -17.85 -5.47
C PRO A 43 27.80 -16.56 -4.65
N LYS A 44 28.41 -15.50 -5.11
CA LYS A 44 28.36 -14.22 -4.36
C LYS A 44 26.91 -13.77 -4.16
N PHE A 45 26.67 -12.82 -3.30
CA PHE A 45 25.28 -12.34 -3.06
C PHE A 45 25.23 -10.81 -3.10
N LYS A 46 25.72 -10.21 -4.15
CA LYS A 46 25.70 -8.73 -4.24
C LYS A 46 24.30 -8.23 -4.66
N PRO A 47 23.79 -8.79 -5.73
CA PRO A 47 22.45 -8.38 -6.22
C PRO A 47 21.34 -9.10 -5.43
N SER A 48 21.65 -9.65 -4.28
CA SER A 48 20.61 -10.36 -3.48
C SER A 48 19.61 -9.36 -2.87
N THR A 49 19.92 -8.10 -2.90
CA THR A 49 18.99 -7.07 -2.32
C THR A 49 17.85 -6.79 -3.29
N LEU A 50 18.14 -6.51 -4.53
CA LEU A 50 17.06 -6.21 -5.52
C LEU A 50 16.20 -7.47 -5.74
N THR A 51 16.78 -8.62 -5.53
CA THR A 51 16.03 -9.88 -5.73
C THR A 51 15.13 -10.20 -4.52
N TRP A 52 15.39 -9.59 -3.40
CA TRP A 52 14.55 -9.86 -2.18
C TRP A 52 13.21 -9.12 -2.26
N SER A 53 13.17 -8.01 -2.95
CA SER A 53 11.90 -7.24 -3.04
C SER A 53 10.99 -7.80 -4.14
N ILE A 54 11.50 -7.89 -5.35
CA ILE A 54 10.67 -8.41 -6.47
C ILE A 54 10.02 -9.75 -6.10
N LYS A 55 10.64 -10.50 -5.24
CA LYS A 55 10.07 -11.82 -4.84
C LYS A 55 9.01 -11.66 -3.74
N THR A 56 8.98 -10.54 -3.06
CA THR A 56 7.98 -10.35 -1.97
C THR A 56 6.59 -10.06 -2.53
N ALA A 57 6.51 -9.26 -3.56
CA ALA A 57 5.17 -8.93 -4.15
C ALA A 57 4.56 -10.15 -4.85
N LEU A 58 5.36 -11.12 -5.20
CA LEU A 58 4.82 -12.32 -5.90
C LEU A 58 4.25 -13.35 -4.91
N TRP A 59 4.63 -13.29 -3.66
CA TRP A 59 4.11 -14.29 -2.66
C TRP A 59 2.64 -14.04 -2.34
N ILE A 60 2.22 -12.81 -2.33
CA ILE A 60 0.80 -12.48 -2.00
C ILE A 60 -0.12 -12.59 -3.22
N THR A 61 0.43 -12.55 -4.41
CA THR A 61 -0.42 -12.60 -5.64
C THR A 61 -1.15 -13.95 -5.81
N PRO A 62 -0.44 -15.04 -5.69
CA PRO A 62 -1.07 -16.38 -5.89
C PRO A 62 -2.11 -16.74 -4.81
N PRO A 63 -1.88 -16.40 -3.56
CA PRO A 63 -2.87 -16.75 -2.51
C PRO A 63 -4.17 -15.96 -2.68
N THR A 64 -4.14 -14.85 -3.37
CA THR A 64 -5.39 -14.06 -3.54
C THR A 64 -6.15 -14.46 -4.81
N VAL A 65 -5.48 -14.99 -5.79
CA VAL A 65 -6.19 -15.41 -7.02
C VAL A 65 -7.18 -16.53 -6.65
N LEU A 66 -6.95 -17.18 -5.54
CA LEU A 66 -7.88 -18.29 -5.09
C LEU A 66 -9.30 -17.73 -4.86
N THR A 67 -9.43 -16.45 -4.71
CA THR A 67 -10.78 -15.84 -4.47
C THR A 67 -11.78 -16.24 -5.57
N ALA A 68 -11.31 -16.68 -6.70
CA ALA A 68 -12.25 -17.07 -7.79
C ALA A 68 -12.85 -18.47 -7.54
N ILE A 69 -12.12 -19.35 -6.91
CA ILE A 69 -12.66 -20.71 -6.64
C ILE A 69 -13.66 -20.67 -5.48
N CYS A 70 -13.26 -20.17 -4.35
CA CYS A 70 -14.18 -20.12 -3.17
C CYS A 70 -15.47 -19.38 -3.54
N ALA A 71 -15.40 -18.45 -4.45
CA ALA A 71 -16.64 -17.71 -4.85
C ALA A 71 -17.48 -18.54 -5.83
N GLU A 72 -16.89 -19.52 -6.45
CA GLU A 72 -17.65 -20.38 -7.41
C GLU A 72 -18.33 -21.53 -6.66
N GLU A 73 -17.60 -22.24 -5.86
CA GLU A 73 -18.20 -23.39 -5.09
C GLU A 73 -19.26 -22.88 -4.13
N ALA A 74 -18.90 -22.01 -3.22
CA ALA A 74 -19.90 -21.47 -2.24
C ALA A 74 -21.15 -20.96 -2.97
N SER A 75 -20.96 -20.13 -3.96
CA SER A 75 -22.13 -19.58 -4.71
C SER A 75 -23.06 -20.73 -5.16
N ASN A 76 -22.78 -21.36 -6.28
CA ASN A 76 -23.66 -22.47 -6.75
C ASN A 76 -23.35 -23.75 -5.96
N ASN A 77 -24.29 -24.22 -5.19
CA ASN A 77 -24.06 -25.46 -4.40
C ASN A 77 -25.12 -26.52 -4.74
N PHE A 78 -25.13 -27.61 -4.04
CA PHE A 78 -26.12 -28.68 -4.32
C PHE A 78 -27.54 -28.17 -4.00
N ASP A 79 -27.66 -27.31 -3.04
CA ASP A 79 -29.01 -26.77 -2.67
C ASP A 79 -29.17 -25.36 -3.22
N ALA A 80 -28.66 -25.10 -4.39
CA ALA A 80 -28.78 -23.73 -4.99
C ALA A 80 -30.26 -23.39 -5.21
N THR A 81 -30.86 -23.93 -6.24
CA THR A 81 -32.30 -23.63 -6.51
C THR A 81 -33.10 -24.93 -6.62
N MET A 82 -34.40 -24.84 -6.63
CA MET A 82 -35.24 -26.06 -6.74
C MET A 82 -35.13 -26.65 -8.15
N TYR A 83 -34.04 -27.31 -8.45
CA TYR A 83 -33.88 -27.91 -9.81
C TYR A 83 -34.45 -29.34 -9.83
N GLY A 84 -35.26 -29.64 -10.81
CA GLY A 84 -35.86 -31.00 -10.90
C GLY A 84 -37.20 -30.93 -11.64
N SER A 85 -38.25 -31.37 -11.00
CA SER A 85 -39.59 -31.32 -11.67
C SER A 85 -40.42 -30.15 -11.14
N GLY A 86 -41.70 -30.20 -11.33
CA GLY A 86 -42.58 -29.09 -10.83
C GLY A 86 -43.08 -28.26 -12.01
N SER A 87 -42.97 -26.96 -11.93
CA SER A 87 -43.45 -26.10 -13.05
C SER A 87 -42.49 -26.21 -14.24
N SER A 88 -43.01 -26.49 -15.40
CA SER A 88 -42.13 -26.61 -16.60
C SER A 88 -41.64 -25.22 -17.04
N SER A 89 -42.45 -24.50 -17.78
CA SER A 89 -42.05 -23.14 -18.24
C SER A 89 -40.66 -23.19 -18.89
N GLU A 90 -40.29 -24.32 -19.44
CA GLU A 90 -38.95 -24.43 -20.08
C GLU A 90 -38.88 -23.53 -21.32
N ASP A 91 -39.99 -23.29 -21.95
CA ASP A 91 -39.99 -22.41 -23.17
C ASP A 91 -39.53 -21.00 -22.80
N ALA A 92 -40.15 -20.40 -21.83
CA ALA A 92 -39.75 -19.02 -21.42
C ALA A 92 -38.49 -19.06 -20.56
N LEU A 93 -38.37 -20.05 -19.71
CA LEU A 93 -37.15 -20.14 -18.85
C LEU A 93 -35.90 -20.28 -19.70
N ASP A 94 -36.02 -20.86 -20.87
CA ASP A 94 -34.83 -21.03 -21.76
C ASP A 94 -34.27 -19.65 -22.14
N GLU A 95 -35.09 -18.64 -22.15
CA GLU A 95 -34.60 -17.27 -22.51
C GLU A 95 -33.74 -16.70 -21.37
N HIS A 96 -33.92 -17.19 -20.17
CA HIS A 96 -33.12 -16.67 -19.02
C HIS A 96 -31.62 -16.86 -19.29
N ARG A 97 -31.21 -18.06 -19.60
CA ARG A 97 -29.76 -18.31 -19.87
C ARG A 97 -29.38 -17.76 -21.24
N ARG A 98 -30.33 -17.54 -22.11
CA ARG A 98 -30.01 -17.00 -23.47
C ARG A 98 -29.65 -15.51 -23.36
N TRP A 99 -30.04 -14.87 -22.29
CA TRP A 99 -29.70 -13.42 -22.14
C TRP A 99 -28.19 -13.24 -21.94
N LYS A 100 -27.60 -14.02 -21.07
CA LYS A 100 -26.13 -13.89 -20.83
C LYS A 100 -25.35 -14.35 -22.07
N SER A 101 -25.43 -15.62 -22.39
CA SER A 101 -24.70 -16.14 -23.58
C SER A 101 -25.69 -16.43 -24.71
N LEU A 102 -25.31 -17.30 -25.63
CA LEU A 102 -26.23 -17.62 -26.76
C LEU A 102 -25.96 -19.04 -27.25
N SER A 103 -24.73 -19.36 -27.54
CA SER A 103 -24.40 -20.73 -28.03
C SER A 103 -23.69 -21.53 -26.93
N THR A 104 -23.71 -22.84 -27.02
CA THR A 104 -23.03 -23.67 -25.99
C THR A 104 -21.53 -23.67 -26.21
N LYS A 105 -21.09 -23.62 -27.44
CA LYS A 105 -19.65 -23.62 -27.75
C LYS A 105 -19.00 -22.34 -27.21
N ASP A 106 -19.77 -21.31 -26.95
CA ASP A 106 -19.19 -20.05 -26.42
C ASP A 106 -18.39 -20.33 -25.14
N LYS A 107 -18.72 -21.39 -24.44
CA LYS A 107 -17.98 -21.73 -23.19
C LYS A 107 -16.68 -22.47 -23.50
N PHE A 108 -16.56 -23.04 -24.68
CA PHE A 108 -15.31 -23.78 -25.02
C PHE A 108 -14.14 -22.82 -25.15
N VAL A 109 -14.35 -21.64 -25.67
CA VAL A 109 -13.24 -20.66 -25.81
C VAL A 109 -12.74 -20.22 -24.44
N GLU A 110 -13.52 -20.42 -23.40
CA GLU A 110 -13.08 -20.00 -22.04
C GLU A 110 -11.98 -20.94 -21.53
N GLY A 111 -12.10 -22.21 -21.79
CA GLY A 111 -11.07 -23.18 -21.31
C GLY A 111 -9.98 -23.38 -22.37
N LEU A 112 -10.36 -23.76 -23.56
CA LEU A 112 -9.36 -24.01 -24.65
C LEU A 112 -8.34 -22.87 -24.75
N SER A 113 -8.75 -21.65 -24.62
CA SER A 113 -7.79 -20.52 -24.74
C SER A 113 -6.92 -20.42 -23.48
N ASN A 114 -7.43 -20.82 -22.35
CA ASN A 114 -6.62 -20.75 -21.10
C ASN A 114 -5.36 -21.62 -21.23
N ASN A 115 -5.52 -22.84 -21.66
CA ASN A 115 -4.33 -23.74 -21.80
C ASN A 115 -3.28 -23.10 -22.72
N LYS A 116 -3.70 -22.40 -23.73
CA LYS A 116 -2.72 -21.76 -24.65
C LYS A 116 -1.96 -20.63 -23.93
N TYR A 117 -2.68 -19.64 -23.45
CA TYR A 117 -2.01 -18.51 -22.74
C TYR A 117 -1.15 -19.06 -21.59
N LYS A 118 -1.48 -20.21 -21.08
CA LYS A 118 -0.71 -20.79 -19.94
C LYS A 118 0.70 -21.21 -20.41
N ILE A 119 0.88 -21.44 -21.68
CA ILE A 119 2.23 -21.85 -22.18
C ILE A 119 3.06 -20.62 -22.56
N ILE A 120 2.53 -19.75 -23.38
CA ILE A 120 3.30 -18.54 -23.81
C ILE A 120 3.88 -17.80 -22.60
N THR A 121 3.21 -17.85 -21.48
CA THR A 121 3.72 -17.14 -20.26
C THR A 121 4.85 -17.94 -19.60
N GLY A 122 4.81 -19.25 -19.72
CA GLY A 122 5.88 -20.08 -19.09
C GLY A 122 7.20 -19.92 -19.85
N ALA A 123 7.15 -19.87 -21.16
CA ALA A 123 8.42 -19.72 -21.95
C ALA A 123 8.95 -18.30 -21.84
N TRP A 124 8.11 -17.34 -21.52
CA TRP A 124 8.57 -15.93 -21.41
C TRP A 124 9.63 -15.80 -20.31
N ALA A 125 9.71 -16.76 -19.42
CA ALA A 125 10.72 -16.68 -18.32
C ALA A 125 12.04 -17.35 -18.73
N ALA A 126 11.97 -18.57 -19.20
CA ALA A 126 13.23 -19.29 -19.60
C ALA A 126 14.00 -18.53 -20.68
N SER A 127 13.36 -17.61 -21.36
CA SER A 127 14.08 -16.83 -22.43
C SER A 127 15.27 -16.06 -21.85
N LEU A 128 15.30 -15.84 -20.57
CA LEU A 128 16.42 -15.07 -19.98
C LEU A 128 17.64 -15.98 -19.69
N TYR A 129 17.51 -17.00 -18.88
CA TYR A 129 18.70 -17.87 -18.62
C TYR A 129 18.99 -18.75 -19.84
N GLY A 130 18.00 -18.96 -20.67
CA GLY A 130 18.22 -19.80 -21.88
C GLY A 130 19.06 -19.01 -22.89
N SER A 131 19.04 -17.71 -22.83
CA SER A 131 19.83 -16.89 -23.79
C SER A 131 21.30 -16.78 -23.33
N TRP A 132 21.55 -17.00 -22.06
CA TRP A 132 22.96 -16.89 -21.56
C TRP A 132 23.72 -18.21 -21.80
N VAL A 133 23.17 -19.32 -21.38
CA VAL A 133 23.87 -20.63 -21.58
C VAL A 133 24.23 -20.81 -23.07
N ILE A 134 23.28 -20.58 -23.94
CA ILE A 134 23.56 -20.73 -25.40
C ILE A 134 24.76 -19.88 -25.81
N VAL A 135 24.72 -18.60 -25.56
CA VAL A 135 25.86 -17.73 -25.93
C VAL A 135 26.20 -16.77 -24.78
N ASN A 136 27.46 -16.71 -24.41
CA ASN A 136 27.85 -15.80 -23.29
C ASN A 136 29.37 -15.59 -23.29
N LYS A 137 29.92 -15.17 -24.39
CA LYS A 137 31.40 -14.96 -24.46
C LYS A 137 31.71 -13.62 -25.16
N ASP A 138 30.85 -12.66 -25.01
CA ASP A 138 31.10 -11.34 -25.67
C ASP A 138 31.25 -10.24 -24.61
N PRO A 139 32.40 -10.21 -23.99
CA PRO A 139 32.68 -9.20 -22.95
C PRO A 139 32.87 -7.82 -23.57
N ILE A 140 31.82 -7.24 -24.10
CA ILE A 140 31.94 -5.90 -24.73
C ILE A 140 31.97 -4.81 -23.66
N MET A 141 31.27 -5.01 -22.58
CA MET A 141 31.25 -4.00 -21.49
C MET A 141 31.57 -4.66 -20.15
N THR A 142 31.55 -3.91 -19.08
CA THR A 142 31.85 -4.49 -17.74
C THR A 142 30.66 -5.31 -17.24
N LYS A 143 30.90 -6.29 -16.41
CA LYS A 143 29.78 -7.12 -15.88
C LYS A 143 28.82 -6.26 -15.07
N ALA A 144 29.33 -5.45 -14.19
CA ALA A 144 28.44 -4.58 -13.36
C ALA A 144 27.58 -3.68 -14.28
N GLN A 145 28.17 -3.15 -15.32
CA GLN A 145 27.39 -2.27 -16.23
C GLN A 145 26.22 -3.05 -16.83
N LYS A 146 26.35 -4.33 -16.97
CA LYS A 146 25.23 -5.15 -17.53
C LYS A 146 24.15 -5.36 -16.48
N ILE A 147 24.51 -5.31 -15.22
CA ILE A 147 23.50 -5.52 -14.14
C ILE A 147 22.48 -4.37 -14.14
N VAL A 148 22.86 -3.21 -14.60
CA VAL A 148 21.90 -2.07 -14.62
C VAL A 148 21.11 -2.04 -15.94
N GLN A 149 21.49 -2.83 -16.91
CA GLN A 149 20.75 -2.85 -18.20
C GLN A 149 19.44 -3.64 -18.03
N ALA A 150 19.49 -4.71 -17.30
CA ALA A 150 18.26 -5.54 -17.07
C ALA A 150 17.07 -4.65 -16.68
N ARG A 151 17.34 -3.55 -16.04
CA ARG A 151 16.24 -2.63 -15.62
C ARG A 151 15.47 -2.12 -16.84
N MET A 152 16.05 -2.22 -18.01
CA MET A 152 15.35 -1.73 -19.23
C MET A 152 14.19 -2.67 -19.60
N TYR A 153 14.41 -3.95 -19.51
CA TYR A 153 13.32 -4.92 -19.86
C TYR A 153 12.43 -5.20 -18.62
N ALA A 154 13.03 -5.37 -17.48
CA ALA A 154 12.23 -5.65 -16.23
C ALA A 154 11.06 -4.68 -16.10
N GLN A 155 11.34 -3.42 -15.89
CA GLN A 155 10.25 -2.40 -15.74
C GLN A 155 9.14 -2.64 -16.78
N PHE A 156 9.51 -3.15 -17.92
CA PHE A 156 8.48 -3.42 -18.97
C PHE A 156 7.80 -4.77 -18.72
N ILE A 157 8.55 -5.84 -18.65
CA ILE A 157 7.94 -7.17 -18.39
C ILE A 157 7.19 -7.16 -17.04
N THR A 158 7.49 -6.21 -16.19
CA THR A 158 6.79 -6.14 -14.87
C THR A 158 5.37 -5.60 -15.03
N VAL A 159 5.20 -4.52 -15.76
CA VAL A 159 3.85 -3.93 -15.94
C VAL A 159 2.84 -5.00 -16.37
N GLY A 160 3.29 -6.08 -16.96
CA GLY A 160 2.35 -7.15 -17.38
C GLY A 160 1.66 -7.73 -16.14
N LEU A 161 2.26 -7.58 -14.99
CA LEU A 161 1.63 -8.11 -13.74
C LEU A 161 0.65 -7.09 -13.17
N LEU A 162 1.05 -5.85 -13.09
CA LEU A 162 0.15 -4.78 -12.54
C LEU A 162 -1.16 -4.71 -13.33
N LEU A 163 -1.06 -4.47 -14.61
CA LEU A 163 -2.31 -4.38 -15.45
C LEU A 163 -3.21 -5.60 -15.23
N ALA A 164 -2.66 -6.78 -15.33
CA ALA A 164 -3.48 -8.00 -15.13
C ALA A 164 -4.03 -8.07 -13.69
N SER A 165 -3.42 -7.36 -12.78
CA SER A 165 -3.90 -7.40 -11.36
C SER A 165 -5.08 -6.44 -11.14
N VAL A 166 -5.06 -5.28 -11.75
CA VAL A 166 -6.19 -4.31 -11.54
C VAL A 166 -7.42 -4.77 -12.31
N GLY A 167 -7.23 -5.33 -13.48
CA GLY A 167 -8.40 -5.79 -14.29
C GLY A 167 -9.20 -6.83 -13.50
N LEU A 168 -8.56 -7.55 -12.63
CA LEU A 168 -9.29 -8.58 -11.82
C LEU A 168 -10.16 -7.89 -10.75
N SER A 169 -9.64 -6.88 -10.12
CA SER A 169 -10.43 -6.18 -9.06
C SER A 169 -11.46 -5.25 -9.71
N MET A 170 -11.18 -4.76 -10.89
CA MET A 170 -12.14 -3.84 -11.57
C MET A 170 -13.28 -4.65 -12.21
N TYR A 171 -13.04 -5.89 -12.52
CA TYR A 171 -14.11 -6.73 -13.16
C TYR A 171 -15.31 -6.85 -12.22
N GLU A 172 -15.09 -7.30 -11.01
CA GLU A 172 -16.23 -7.46 -10.05
C GLU A 172 -16.94 -6.11 -9.84
N ASN A 173 -16.26 -5.02 -10.07
CA ASN A 173 -16.89 -3.68 -9.89
C ASN A 173 -18.22 -3.60 -10.67
N LYS A 174 -18.17 -3.88 -11.95
CA LYS A 174 -19.42 -3.81 -12.76
C LYS A 174 -20.37 -4.95 -12.40
N LEU A 175 -20.91 -4.92 -11.20
CA LEU A 175 -21.85 -6.00 -10.79
C LEU A 175 -23.27 -5.65 -11.24
N HIS A 176 -23.80 -4.55 -10.77
CA HIS A 176 -25.18 -4.15 -11.17
C HIS A 176 -25.52 -2.77 -10.58
N PRO A 177 -25.48 -2.67 -9.27
CA PRO A 177 -25.78 -1.37 -8.61
C PRO A 177 -24.62 -0.39 -8.78
N ASN A 178 -23.67 -0.40 -7.88
CA ASN A 178 -22.51 0.53 -8.00
C ASN A 178 -21.47 0.20 -6.92
N LYS A 179 -20.21 0.31 -7.24
CA LYS A 179 -19.14 0.00 -6.24
C LYS A 179 -17.88 0.81 -6.53
N GLN A 180 -16.85 0.62 -5.75
CA GLN A 180 -15.59 1.37 -5.97
C GLN A 180 -14.42 0.64 -5.29
N LYS A 181 -14.06 -0.52 -5.78
CA LYS A 181 -12.93 -1.28 -5.17
C LYS A 181 -11.66 -0.42 -5.11
N VAL A 182 -11.00 -0.43 -3.98
CA VAL A 182 -9.75 0.39 -3.85
C VAL A 182 -8.57 -0.35 -4.50
N ASN A 183 -7.43 -0.38 -3.84
CA ASN A 183 -6.24 -1.08 -4.42
C ASN A 183 -5.69 -0.33 -5.64
N GLU A 184 -6.51 -0.16 -6.65
CA GLU A 184 -6.05 0.57 -7.89
C GLU A 184 -5.16 1.78 -7.53
N MET A 185 -5.72 2.78 -6.90
CA MET A 185 -4.91 3.97 -6.53
C MET A 185 -4.19 3.76 -5.19
N ARG A 186 -4.61 2.78 -4.41
CA ARG A 186 -3.94 2.52 -3.10
C ARG A 186 -2.54 1.96 -3.35
N ARG A 187 -2.43 1.08 -4.32
CA ARG A 187 -1.09 0.47 -4.61
C ARG A 187 -0.32 1.24 -5.71
N TRP A 188 -0.98 1.84 -6.68
CA TRP A 188 -0.21 2.59 -7.75
C TRP A 188 0.64 3.69 -7.11
N GLU A 189 0.02 4.63 -6.45
CA GLU A 189 0.79 5.74 -5.80
C GLU A 189 1.88 5.16 -4.91
N ASN A 190 1.66 3.97 -4.40
CA ASN A 190 2.68 3.34 -3.52
C ASN A 190 3.74 2.66 -4.39
N ALA A 191 3.35 2.20 -5.56
CA ALA A 191 4.33 1.54 -6.47
C ALA A 191 5.19 2.61 -7.15
N LEU A 192 4.68 3.80 -7.30
CA LEU A 192 5.46 4.89 -7.94
C LEU A 192 6.49 5.45 -6.95
N ARG A 193 6.14 5.50 -5.69
CA ARG A 193 7.10 6.03 -4.68
C ARG A 193 8.34 5.12 -4.59
N VAL A 194 8.14 3.86 -4.29
CA VAL A 194 9.31 2.92 -4.20
C VAL A 194 10.04 2.88 -5.54
N ALA A 195 9.38 3.25 -6.61
CA ALA A 195 10.05 3.24 -7.94
C ALA A 195 11.02 4.41 -8.06
N GLU A 196 10.52 5.62 -8.06
CA GLU A 196 11.41 6.81 -8.17
C GLU A 196 12.48 6.76 -7.07
N GLU A 197 12.18 6.13 -5.97
CA GLU A 197 13.17 6.04 -4.86
C GLU A 197 14.45 5.35 -5.33
N GLU A 198 14.37 4.63 -6.42
CA GLU A 198 15.59 3.93 -6.95
C GLU A 198 16.42 4.88 -7.81
N GLU A 199 15.80 5.89 -8.36
CA GLU A 199 16.55 6.84 -9.24
C GLU A 199 17.59 7.63 -8.43
N ARG A 200 17.28 7.96 -7.20
CA ARG A 200 18.24 8.74 -6.36
C ARG A 200 19.63 8.10 -6.42
N LEU A 201 19.69 6.81 -6.67
CA LEU A 201 21.01 6.12 -6.77
C LEU A 201 21.57 6.28 -8.18
N GLU A 202 20.72 6.39 -9.16
CA GLU A 202 21.21 6.55 -10.57
C GLU A 202 21.82 7.94 -10.77
N LYS A 203 21.19 8.95 -10.22
CA LYS A 203 21.74 10.33 -10.39
C LYS A 203 23.11 10.44 -9.71
N GLU A 204 23.36 9.64 -8.71
CA GLU A 204 24.68 9.70 -8.01
C GLU A 204 25.80 9.28 -8.97
N GLY A 205 25.53 8.35 -9.84
CA GLY A 205 26.58 7.90 -10.81
C GLY A 205 27.70 7.18 -10.04
N ARG A 206 27.36 6.14 -9.34
CA ARG A 206 28.41 5.39 -8.57
C ARG A 206 28.80 4.11 -9.31
N ARG A 207 28.76 4.13 -10.61
CA ARG A 207 29.12 2.91 -11.40
C ARG A 207 30.65 2.77 -11.48
N THR A 208 31.31 3.70 -12.10
CA THR A 208 32.80 3.63 -12.21
C THR A 208 33.40 5.03 -12.35
N GLY A 209 34.69 5.14 -12.23
CA GLY A 209 35.33 6.48 -12.36
C GLY A 209 35.49 6.83 -13.84
N TYR A 210 35.96 8.01 -14.14
CA TYR A 210 36.13 8.42 -15.56
C TYR A 210 37.61 8.72 -15.86
N VAL A 211 38.47 8.58 -14.88
CA VAL A 211 39.92 8.85 -15.12
C VAL A 211 40.48 7.86 -16.14
N SER A 212 39.97 6.65 -16.15
CA SER A 212 40.47 5.62 -17.11
C SER A 212 39.76 5.78 -18.46
N ASN A 213 38.46 5.93 -18.45
CA ASN A 213 37.71 6.08 -19.73
C ASN A 213 38.22 7.30 -20.50
N GLU A 214 38.59 8.34 -19.81
CA GLU A 214 39.10 9.57 -20.49
C GLU A 214 40.37 9.24 -21.28
N GLU A 215 41.15 8.32 -20.79
CA GLU A 215 42.42 7.96 -21.51
C GLU A 215 42.10 7.37 -22.88
N ARG A 216 40.97 6.71 -23.02
CA ARG A 216 40.60 6.12 -24.34
C ARG A 216 40.20 7.21 -25.33
N ILE A 217 39.74 8.34 -24.83
CA ILE A 217 39.33 9.44 -25.75
C ILE A 217 40.56 10.06 -26.41
N ASN A 218 41.52 10.51 -25.63
CA ASN A 218 42.74 11.12 -26.22
C ASN A 218 43.45 10.12 -27.13
N SER A 219 43.31 8.84 -26.87
CA SER A 219 43.98 7.82 -27.73
C SER A 219 43.21 7.66 -29.04
N LYS A 220 41.93 7.92 -29.04
CA LYS A 220 41.13 7.78 -30.29
C LYS A 220 41.64 8.75 -31.37
N ILE A 221 41.90 9.97 -30.99
CA ILE A 221 42.40 10.97 -31.98
C ILE A 221 43.73 10.49 -32.57
N PHE A 222 44.50 9.77 -31.81
CA PHE A 222 45.81 9.28 -32.32
C PHE A 222 45.62 7.98 -33.12
N LYS A 223 44.62 7.22 -32.78
CA LYS A 223 44.37 5.93 -33.51
C LYS A 223 43.69 6.21 -34.85
N SER A 224 44.36 5.91 -35.94
CA SER A 224 43.75 6.17 -37.28
C SER A 224 43.64 4.85 -38.06
N MET B 1 -12.11 -13.55 39.53
CA MET B 1 -13.41 -13.25 38.87
C MET B 1 -14.00 -11.94 39.43
N LYS B 2 -13.28 -10.86 39.30
CA LYS B 2 -13.79 -9.55 39.82
C LYS B 2 -12.94 -8.40 39.28
N ILE B 3 -12.83 -8.30 37.98
CA ILE B 3 -12.02 -7.20 37.39
C ILE B 3 -12.59 -6.79 36.02
N LEU B 4 -13.33 -5.72 35.97
CA LEU B 4 -13.92 -5.26 34.67
C LEU B 4 -14.69 -6.41 34.00
N THR B 5 -15.85 -6.74 34.52
CA THR B 5 -16.65 -7.85 33.92
C THR B 5 -17.72 -7.27 32.98
N GLN B 6 -17.37 -6.31 32.18
CA GLN B 6 -18.36 -5.71 31.25
C GLN B 6 -17.67 -5.21 29.97
N ASP B 7 -18.26 -5.46 28.83
CA ASP B 7 -17.64 -5.01 27.56
C ASP B 7 -18.48 -3.90 26.92
N GLU B 8 -18.19 -2.67 27.24
CA GLU B 8 -18.98 -1.54 26.65
C GLU B 8 -18.20 -0.23 26.78
N ILE B 9 -17.98 0.46 25.70
CA ILE B 9 -17.23 1.74 25.76
C ILE B 9 -17.48 2.57 24.49
N GLU B 10 -18.06 3.74 24.64
CA GLU B 10 -18.33 4.59 23.45
C GLU B 10 -18.41 6.06 23.87
N ALA B 11 -18.68 6.93 22.93
CA ALA B 11 -18.77 8.38 23.26
C ALA B 11 -19.59 9.12 22.21
N HIS B 12 -19.87 10.38 22.42
CA HIS B 12 -20.68 11.14 21.43
C HIS B 12 -19.81 12.22 20.76
N ARG B 13 -19.33 11.95 19.57
CA ARG B 13 -18.47 12.93 18.86
C ARG B 13 -19.32 14.08 18.30
N SER B 14 -20.62 14.03 18.45
CA SER B 14 -21.48 15.13 17.92
C SER B 14 -20.99 16.49 18.40
N HIS B 15 -20.69 16.62 19.67
CA HIS B 15 -20.18 17.92 20.19
C HIS B 15 -18.79 18.21 19.62
N THR B 16 -17.99 17.20 19.44
CA THR B 16 -16.62 17.40 18.88
C THR B 16 -16.70 17.68 17.38
N LEU B 17 -17.78 17.29 16.74
CA LEU B 17 -17.92 17.51 15.27
C LEU B 17 -17.56 18.96 14.91
N LYS B 18 -17.74 19.87 15.83
CA LYS B 18 -17.41 21.30 15.55
C LYS B 18 -15.90 21.44 15.29
N GLY B 19 -15.10 20.69 16.00
CA GLY B 19 -13.62 20.78 15.80
C GLY B 19 -13.24 20.05 14.51
N GLY B 20 -14.03 19.11 14.07
CA GLY B 20 -13.70 18.37 12.82
C GLY B 20 -13.52 19.35 11.66
N ILE B 21 -14.44 20.27 11.51
CA ILE B 21 -14.32 21.26 10.39
C ILE B 21 -13.27 22.32 10.74
N GLU B 22 -13.08 22.58 12.00
CA GLU B 22 -12.06 23.60 12.42
C GLU B 22 -10.65 23.06 12.17
N GLY B 23 -10.47 21.77 12.27
CA GLY B 23 -9.12 21.19 12.06
C GLY B 23 -8.81 21.10 10.55
N ALA B 24 -9.81 20.81 9.75
CA ALA B 24 -9.58 20.71 8.28
C ALA B 24 -8.90 21.98 7.74
N LEU B 25 -9.41 23.13 8.10
CA LEU B 25 -8.80 24.39 7.61
C LEU B 25 -7.56 24.77 8.45
N ALA B 26 -7.45 24.23 9.63
CA ALA B 26 -6.26 24.57 10.49
C ALA B 26 -4.97 24.02 9.86
N GLY B 27 -5.04 22.88 9.24
CA GLY B 27 -3.82 22.29 8.63
C GLY B 27 -3.26 23.24 7.56
N PHE B 28 -4.13 23.92 6.85
CA PHE B 28 -3.66 24.87 5.80
C PHE B 28 -2.60 25.84 6.35
N ALA B 29 -2.72 26.21 7.59
CA ALA B 29 -1.72 27.14 8.19
C ALA B 29 -0.45 26.39 8.61
N ILE B 30 -0.59 25.43 9.47
CA ILE B 30 0.61 24.65 9.93
C ILE B 30 1.27 23.91 8.77
N SER B 31 0.51 23.60 7.73
CA SER B 31 1.09 22.85 6.57
C SER B 31 2.32 23.57 5.98
N ALA B 32 2.16 24.77 5.51
CA ALA B 32 3.31 25.50 4.90
C ALA B 32 4.23 26.15 5.95
N ILE B 33 3.70 26.53 7.07
CA ILE B 33 4.56 27.20 8.11
C ILE B 33 5.62 26.24 8.67
N ILE B 34 5.29 24.98 8.82
CA ILE B 34 6.29 24.01 9.37
C ILE B 34 7.39 23.70 8.34
N PHE B 35 7.06 23.61 7.09
CA PHE B 35 8.08 23.29 6.05
C PHE B 35 9.03 24.48 5.81
N LYS B 36 8.57 25.67 6.08
CA LYS B 36 9.41 26.88 5.84
C LYS B 36 10.44 27.13 6.96
N VAL B 37 10.14 26.71 8.16
CA VAL B 37 11.07 26.98 9.31
C VAL B 37 12.55 26.72 8.95
N LEU B 38 12.86 25.64 8.28
CA LEU B 38 14.28 25.36 7.95
C LEU B 38 14.80 26.27 6.83
N PRO B 39 14.17 26.21 5.68
CA PRO B 39 14.62 27.02 4.52
C PRO B 39 14.39 28.52 4.77
N ARG B 40 13.56 28.85 5.71
CA ARG B 40 13.29 30.28 6.02
C ARG B 40 14.59 30.97 6.45
N ARG B 41 15.46 30.27 7.13
CA ARG B 41 16.74 30.88 7.58
C ARG B 41 17.70 31.04 6.40
N TYR B 42 17.95 29.98 5.69
CA TYR B 42 18.89 30.07 4.52
C TYR B 42 18.15 29.72 3.22
N PRO B 43 18.50 30.40 2.15
CA PRO B 43 17.86 30.16 0.85
C PRO B 43 18.35 28.84 0.24
N LYS B 44 19.56 28.44 0.56
CA LYS B 44 20.10 27.17 0.00
C LYS B 44 19.14 26.02 0.27
N PHE B 45 19.13 25.02 -0.58
CA PHE B 45 18.21 23.86 -0.38
C PHE B 45 18.96 22.54 -0.62
N LYS B 46 18.43 21.46 -0.09
CA LYS B 46 19.10 20.13 -0.29
C LYS B 46 18.29 19.03 0.41
N PRO B 47 18.07 19.18 1.70
CA PRO B 47 17.29 18.17 2.45
C PRO B 47 15.79 18.29 2.15
N SER B 48 15.41 19.21 1.30
CA SER B 48 13.95 19.36 0.97
C SER B 48 13.41 18.08 0.33
N THR B 49 14.27 17.24 -0.18
CA THR B 49 13.79 15.98 -0.82
C THR B 49 13.21 15.03 0.23
N LEU B 50 13.60 15.21 1.48
CA LEU B 50 13.06 14.32 2.56
C LEU B 50 11.68 14.79 2.99
N THR B 51 11.57 16.01 3.44
CA THR B 51 10.24 16.54 3.89
C THR B 51 9.27 16.54 2.71
N TRP B 52 9.77 16.50 1.49
CA TRP B 52 8.86 16.49 0.31
C TRP B 52 8.01 15.22 0.28
N SER B 53 8.51 14.15 0.82
CA SER B 53 7.73 12.87 0.82
C SER B 53 6.67 12.90 1.92
N ILE B 54 7.06 13.31 3.11
CA ILE B 54 6.07 13.35 4.24
C ILE B 54 4.91 14.29 3.88
N LYS B 55 5.18 15.35 3.18
CA LYS B 55 4.10 16.30 2.81
C LYS B 55 3.02 15.60 1.97
N THR B 56 3.38 14.56 1.27
CA THR B 56 2.36 13.84 0.43
C THR B 56 1.47 12.96 1.31
N ALA B 57 2.01 12.43 2.37
CA ALA B 57 1.19 11.56 3.27
C ALA B 57 0.29 12.40 4.18
N LEU B 58 0.61 13.66 4.35
CA LEU B 58 -0.22 14.53 5.23
C LEU B 58 -1.45 15.09 4.49
N TRP B 59 -1.42 15.11 3.18
CA TRP B 59 -2.57 15.67 2.42
C TRP B 59 -3.76 14.68 2.38
N ILE B 60 -3.48 13.41 2.42
CA ILE B 60 -4.57 12.39 2.36
C ILE B 60 -5.17 12.10 3.75
N THR B 61 -4.48 12.43 4.80
CA THR B 61 -5.00 12.14 6.17
C THR B 61 -6.19 13.03 6.58
N PRO B 62 -6.08 14.32 6.35
CA PRO B 62 -7.18 15.24 6.76
C PRO B 62 -8.48 15.05 5.96
N PRO B 63 -8.41 14.76 4.69
CA PRO B 63 -9.66 14.57 3.91
C PRO B 63 -10.35 13.25 4.30
N THR B 64 -9.64 12.35 4.94
CA THR B 64 -10.28 11.05 5.32
C THR B 64 -10.89 11.13 6.72
N VAL B 65 -10.42 12.00 7.57
CA VAL B 65 -10.99 12.12 8.91
C VAL B 65 -12.42 12.67 8.82
N LEU B 66 -12.73 13.35 7.74
CA LEU B 66 -14.11 13.92 7.57
C LEU B 66 -15.17 12.81 7.62
N THR B 67 -14.77 11.59 7.39
CA THR B 67 -15.74 10.45 7.41
C THR B 67 -16.50 10.40 8.74
N ALA B 68 -16.00 11.01 9.78
CA ALA B 68 -16.71 10.96 11.10
C ALA B 68 -17.91 11.92 11.11
N ILE B 69 -17.82 13.03 10.41
CA ILE B 69 -18.95 13.99 10.39
C ILE B 69 -20.09 13.45 9.52
N CYS B 70 -19.78 13.02 8.33
CA CYS B 70 -20.84 12.50 7.42
C CYS B 70 -21.56 11.31 8.07
N ALA B 71 -20.83 10.47 8.76
CA ALA B 71 -21.48 9.28 9.41
C ALA B 71 -22.46 9.76 10.49
N GLU B 72 -22.13 10.82 11.18
CA GLU B 72 -23.04 11.32 12.25
C GLU B 72 -24.22 12.08 11.63
N GLU B 73 -24.01 12.72 10.50
CA GLU B 73 -25.11 13.47 9.85
C GLU B 73 -26.10 12.50 9.19
N ALA B 74 -25.65 11.33 8.84
CA ALA B 74 -26.58 10.33 8.20
C ALA B 74 -27.25 9.46 9.27
N SER B 75 -26.47 8.89 10.16
CA SER B 75 -27.07 8.02 11.23
C SER B 75 -28.26 8.71 11.90
N ASN B 76 -28.00 9.56 12.87
CA ASN B 76 -29.13 10.25 13.56
C ASN B 76 -29.76 11.30 12.64
N ASN B 77 -30.87 10.97 12.03
CA ASN B 77 -31.54 11.94 11.11
C ASN B 77 -33.05 11.68 11.07
N PHE B 78 -33.83 12.64 11.50
CA PHE B 78 -35.30 12.45 11.48
C PHE B 78 -35.82 12.35 10.04
N ASP B 79 -35.88 11.17 9.52
CA ASP B 79 -36.37 10.99 8.12
C ASP B 79 -37.31 9.79 8.02
N ALA B 80 -36.79 8.60 8.22
CA ALA B 80 -37.66 7.39 8.14
C ALA B 80 -37.73 6.70 9.51
N THR B 81 -38.49 5.64 9.61
CA THR B 81 -38.61 4.93 10.92
C THR B 81 -38.26 3.46 10.74
N MET B 82 -37.14 3.03 11.27
CA MET B 82 -36.73 1.60 11.15
C MET B 82 -37.82 0.68 11.72
N TYR B 83 -38.62 0.08 10.88
CA TYR B 83 -39.69 -0.82 11.39
C TYR B 83 -39.10 -2.18 11.76
N GLY B 84 -38.54 -2.29 12.93
CA GLY B 84 -37.95 -3.58 13.36
C GLY B 84 -38.47 -3.95 14.76
N SER B 85 -39.76 -4.03 14.91
CA SER B 85 -40.33 -4.38 16.24
C SER B 85 -40.44 -5.91 16.39
N GLY B 86 -41.07 -6.37 17.43
CA GLY B 86 -41.21 -7.85 17.63
C GLY B 86 -41.47 -8.14 19.10
N SER B 87 -40.63 -8.94 19.72
CA SER B 87 -40.84 -9.27 21.15
C SER B 87 -40.54 -8.04 22.02
N SER B 88 -40.97 -8.06 23.26
CA SER B 88 -40.71 -6.90 24.16
C SER B 88 -39.32 -7.00 24.78
N SER B 89 -38.30 -6.97 23.96
CA SER B 89 -36.91 -7.07 24.49
C SER B 89 -36.38 -5.67 24.84
N GLU B 90 -36.89 -4.66 24.20
CA GLU B 90 -36.41 -3.26 24.49
C GLU B 90 -36.70 -2.90 25.96
N ASP B 91 -37.59 -3.60 26.60
CA ASP B 91 -37.91 -3.29 28.02
C ASP B 91 -36.67 -3.48 28.89
N ALA B 92 -36.04 -4.62 28.80
CA ALA B 92 -34.82 -4.87 29.63
C ALA B 92 -33.69 -3.93 29.20
N LEU B 93 -33.67 -3.55 27.94
CA LEU B 93 -32.60 -2.63 27.45
C LEU B 93 -32.73 -1.26 28.12
N ASP B 94 -33.90 -0.92 28.59
CA ASP B 94 -34.08 0.40 29.26
C ASP B 94 -33.15 0.53 30.47
N GLU B 95 -32.96 -0.54 31.19
CA GLU B 95 -32.07 -0.49 32.38
C GLU B 95 -30.61 -0.31 31.94
N HIS B 96 -30.18 -1.06 30.96
CA HIS B 96 -28.77 -0.93 30.48
C HIS B 96 -28.54 0.48 29.91
N ARG B 97 -29.59 1.15 29.53
CA ARG B 97 -29.43 2.53 28.96
C ARG B 97 -29.05 3.51 30.08
N ARG B 98 -29.47 3.24 31.29
CA ARG B 98 -29.13 4.15 32.42
C ARG B 98 -27.71 3.86 32.94
N TRP B 99 -27.38 2.61 33.08
CA TRP B 99 -26.01 2.25 33.57
C TRP B 99 -24.95 2.78 32.62
N LYS B 100 -25.30 3.02 31.38
CA LYS B 100 -24.31 3.54 30.41
C LYS B 100 -24.04 5.02 30.67
N SER B 101 -25.00 5.73 31.19
CA SER B 101 -24.81 7.18 31.47
C SER B 101 -24.24 7.38 32.88
N LEU B 102 -24.89 6.84 33.88
CA LEU B 102 -24.42 6.98 35.28
C LEU B 102 -24.25 8.47 35.65
N SER B 103 -23.14 9.07 35.35
CA SER B 103 -22.94 10.51 35.68
C SER B 103 -23.04 11.36 34.42
N THR B 104 -23.34 12.63 34.57
CA THR B 104 -23.46 13.52 33.37
C THR B 104 -22.06 13.96 32.90
N LYS B 105 -21.14 14.16 33.81
CA LYS B 105 -19.78 14.59 33.43
C LYS B 105 -19.14 13.58 32.46
N ASP B 106 -19.62 12.37 32.43
CA ASP B 106 -19.03 11.35 31.51
C ASP B 106 -18.90 11.94 30.10
N LYS B 107 -19.88 12.69 29.67
CA LYS B 107 -19.83 13.31 28.32
C LYS B 107 -18.98 14.58 28.34
N PHE B 108 -18.79 15.17 29.49
CA PHE B 108 -17.98 16.42 29.58
C PHE B 108 -16.49 16.10 29.35
N VAL B 109 -16.00 15.05 29.94
CA VAL B 109 -14.57 14.70 29.75
C VAL B 109 -14.26 14.43 28.27
N GLU B 110 -15.27 14.21 27.46
CA GLU B 110 -15.02 13.94 26.02
C GLU B 110 -14.68 15.25 25.29
N GLY B 111 -15.38 16.31 25.59
CA GLY B 111 -15.10 17.60 24.90
C GLY B 111 -14.08 18.43 25.67
N LEU B 112 -14.30 18.63 26.95
CA LEU B 112 -13.34 19.45 27.77
C LEU B 112 -11.88 19.02 27.55
N SER B 113 -11.62 17.74 27.56
CA SER B 113 -10.22 17.27 27.37
C SER B 113 -9.73 17.54 25.94
N ASN B 114 -10.59 17.41 24.96
CA ASN B 114 -10.17 17.66 23.55
C ASN B 114 -9.51 19.05 23.42
N ASN B 115 -10.12 20.05 24.00
CA ASN B 115 -9.54 21.42 23.91
C ASN B 115 -8.14 21.47 24.51
N LYS B 116 -7.86 20.63 25.47
CA LYS B 116 -6.50 20.62 26.09
C LYS B 116 -5.49 19.99 25.14
N TYR B 117 -5.74 18.78 24.70
CA TYR B 117 -4.80 18.11 23.76
C TYR B 117 -4.65 18.95 22.48
N LYS B 118 -5.64 19.74 22.17
CA LYS B 118 -5.57 20.59 20.94
C LYS B 118 -4.38 21.55 21.01
N ILE B 119 -4.19 22.21 22.12
CA ILE B 119 -3.06 23.18 22.24
C ILE B 119 -1.75 22.44 22.53
N ILE B 120 -1.82 21.31 23.18
CA ILE B 120 -0.57 20.56 23.50
C ILE B 120 0.14 20.11 22.22
N THR B 121 -0.61 19.72 21.21
CA THR B 121 0.01 19.26 19.94
C THR B 121 0.48 20.46 19.10
N GLY B 122 -0.16 21.59 19.24
CA GLY B 122 0.25 22.78 18.44
C GLY B 122 1.63 23.28 18.89
N ALA B 123 1.94 23.15 20.15
CA ALA B 123 3.27 23.62 20.65
C ALA B 123 4.36 22.59 20.34
N TRP B 124 4.00 21.36 20.10
CA TRP B 124 5.03 20.31 19.81
C TRP B 124 5.68 20.57 18.44
N ALA B 125 5.08 21.38 17.62
CA ALA B 125 5.66 21.67 16.28
C ALA B 125 6.60 22.88 16.33
N ALA B 126 6.15 23.97 16.89
CA ALA B 126 7.01 25.20 16.97
C ALA B 126 8.30 24.92 17.75
N SER B 127 8.33 23.87 18.52
CA SER B 127 9.57 23.56 19.31
C SER B 127 10.79 23.42 18.40
N LEU B 128 10.61 23.22 17.12
CA LEU B 128 11.79 23.06 16.23
C LEU B 128 12.34 24.44 15.79
N TYR B 129 11.49 25.36 15.41
CA TYR B 129 12.02 26.70 14.99
C TYR B 129 12.30 27.56 16.23
N GLY B 130 11.56 27.37 17.29
CA GLY B 130 11.79 28.17 18.53
C GLY B 130 13.04 27.66 19.24
N SER B 131 13.42 26.43 19.00
CA SER B 131 14.64 25.89 19.68
C SER B 131 15.90 26.45 19.01
N TRP B 132 15.79 26.90 17.79
CA TRP B 132 16.99 27.45 17.08
C TRP B 132 17.17 28.95 17.37
N VAL B 133 16.10 29.70 17.46
CA VAL B 133 16.24 31.18 17.70
C VAL B 133 16.29 31.47 19.20
N ILE B 134 15.37 30.95 19.97
CA ILE B 134 15.36 31.23 21.45
C ILE B 134 16.75 31.00 22.05
N VAL B 135 17.35 29.87 21.78
CA VAL B 135 18.72 29.59 22.33
C VAL B 135 19.73 29.43 21.21
N ASN B 136 20.50 30.47 20.94
CA ASN B 136 21.51 30.38 19.85
C ASN B 136 22.75 31.21 20.21
N LYS B 137 23.28 31.02 21.38
CA LYS B 137 24.49 31.79 21.79
C LYS B 137 25.76 31.00 21.48
N ASP B 138 25.66 29.99 20.65
CA ASP B 138 26.87 29.19 20.30
C ASP B 138 26.71 28.57 18.90
N PRO B 139 27.72 28.75 18.08
CA PRO B 139 27.66 28.19 16.70
C PRO B 139 27.84 26.68 16.73
N ILE B 140 26.80 25.94 16.40
CA ILE B 140 26.91 24.45 16.41
C ILE B 140 27.98 24.00 15.40
N MET B 141 29.04 23.41 15.87
CA MET B 141 30.11 22.96 14.95
C MET B 141 29.59 21.82 14.05
N THR B 142 29.91 21.86 12.79
CA THR B 142 29.44 20.80 11.84
C THR B 142 27.92 20.69 11.87
N LYS B 143 27.26 21.25 10.89
CA LYS B 143 25.76 21.19 10.85
C LYS B 143 25.29 19.82 10.33
N ALA B 144 26.15 19.11 9.64
CA ALA B 144 25.76 17.79 9.08
C ALA B 144 25.11 16.88 10.14
N GLN B 145 25.84 16.49 11.16
CA GLN B 145 25.23 15.60 12.19
C GLN B 145 23.81 16.05 12.56
N LYS B 146 23.51 17.31 12.43
CA LYS B 146 22.14 17.80 12.75
C LYS B 146 21.18 17.43 11.61
N ILE B 147 21.70 17.17 10.44
CA ILE B 147 20.83 16.79 9.29
C ILE B 147 20.35 15.34 9.47
N VAL B 148 21.23 14.47 9.91
CA VAL B 148 20.83 13.05 10.13
C VAL B 148 20.35 12.81 11.57
N GLN B 149 20.60 13.74 12.46
CA GLN B 149 20.16 13.55 13.88
C GLN B 149 18.64 13.73 13.96
N ALA B 150 18.08 14.63 13.21
CA ALA B 150 16.61 14.85 13.25
C ALA B 150 15.87 13.52 13.04
N ARG B 151 16.51 12.58 12.41
CA ARG B 151 15.85 11.25 12.18
C ARG B 151 15.71 10.49 13.50
N MET B 152 16.43 10.88 14.51
CA MET B 152 16.32 10.15 15.82
C MET B 152 14.96 10.44 16.47
N TYR B 153 14.54 11.68 16.47
CA TYR B 153 13.22 12.03 17.07
C TYR B 153 12.08 11.84 16.08
N ALA B 154 12.39 11.75 14.80
CA ALA B 154 11.31 11.59 13.78
C ALA B 154 10.62 10.23 13.92
N GLN B 155 11.33 9.14 13.74
CA GLN B 155 10.71 7.78 13.86
C GLN B 155 9.80 7.73 15.10
N PHE B 156 10.13 8.50 16.11
CA PHE B 156 9.30 8.52 17.34
C PHE B 156 8.09 9.45 17.16
N ILE B 157 8.34 10.72 16.92
CA ILE B 157 7.21 11.68 16.72
C ILE B 157 6.35 11.23 15.52
N THR B 158 6.91 10.41 14.66
CA THR B 158 6.15 9.93 13.47
C THR B 158 5.17 8.83 13.88
N VAL B 159 5.66 7.81 14.56
CA VAL B 159 4.76 6.70 14.99
C VAL B 159 3.52 7.25 15.71
N GLY B 160 3.62 8.42 16.29
CA GLY B 160 2.45 9.02 17.00
C GLY B 160 1.30 9.17 15.99
N LEU B 161 1.61 9.22 14.72
CA LEU B 161 0.54 9.36 13.68
C LEU B 161 0.00 7.98 13.32
N LEU B 162 0.88 7.09 12.94
CA LEU B 162 0.46 5.70 12.58
C LEU B 162 -0.47 5.09 13.63
N LEU B 163 -0.06 5.09 14.88
CA LEU B 163 -0.94 4.49 15.95
C LEU B 163 -2.33 5.13 15.92
N ALA B 164 -2.40 6.42 16.08
CA ALA B 164 -3.74 7.10 16.05
C ALA B 164 -4.49 6.81 14.75
N SER B 165 -3.80 6.39 13.72
CA SER B 165 -4.49 6.10 12.43
C SER B 165 -5.15 4.72 12.45
N VAL B 166 -4.46 3.71 12.89
CA VAL B 166 -5.07 2.34 12.92
C VAL B 166 -6.21 2.27 13.94
N GLY B 167 -6.05 2.93 15.06
CA GLY B 167 -7.12 2.90 16.10
C GLY B 167 -8.43 3.42 15.50
N LEU B 168 -8.35 4.39 14.63
CA LEU B 168 -9.60 4.95 14.01
C LEU B 168 -10.26 3.89 13.12
N SER B 169 -9.48 3.12 12.42
CA SER B 169 -10.06 2.08 11.53
C SER B 169 -10.49 0.86 12.34
N MET B 170 -9.79 0.56 13.40
CA MET B 170 -10.17 -0.62 14.24
C MET B 170 -11.36 -0.28 15.16
N TYR B 171 -11.61 0.97 15.37
CA TYR B 171 -12.75 1.36 16.26
C TYR B 171 -14.08 0.86 15.68
N GLU B 172 -14.33 1.15 14.43
CA GLU B 172 -15.61 0.70 13.79
C GLU B 172 -15.69 -0.83 13.81
N ASN B 173 -14.57 -1.50 13.66
CA ASN B 173 -14.58 -3.00 13.66
C ASN B 173 -15.42 -3.55 14.82
N LYS B 174 -15.54 -2.82 15.90
CA LYS B 174 -16.35 -3.32 17.06
C LYS B 174 -17.73 -3.80 16.60
N LEU B 175 -18.68 -2.90 16.45
CA LEU B 175 -20.04 -3.32 16.00
C LEU B 175 -19.96 -4.02 14.63
N HIS B 176 -18.96 -3.70 13.86
CA HIS B 176 -18.81 -4.35 12.52
C HIS B 176 -17.64 -5.33 12.53
N PRO B 177 -17.95 -6.58 12.80
CA PRO B 177 -16.89 -7.62 12.84
C PRO B 177 -16.39 -7.94 11.42
N ASN B 178 -17.25 -7.81 10.44
CA ASN B 178 -16.83 -8.10 9.04
C ASN B 178 -15.69 -7.15 8.63
N LYS B 179 -15.42 -7.06 7.35
CA LYS B 179 -14.33 -6.15 6.90
C LYS B 179 -14.53 -5.79 5.42
N GLN B 180 -13.88 -4.76 4.96
CA GLN B 180 -14.03 -4.36 3.53
C GLN B 180 -12.95 -3.35 3.14
N LYS B 181 -12.59 -2.46 4.05
CA LYS B 181 -11.54 -1.45 3.73
C LYS B 181 -10.23 -2.15 3.35
N VAL B 182 -9.19 -1.39 3.11
CA VAL B 182 -7.88 -2.01 2.74
C VAL B 182 -7.34 -2.82 3.90
N ASN B 183 -6.43 -3.73 3.63
CA ASN B 183 -5.86 -4.57 4.73
C ASN B 183 -4.99 -3.71 5.65
N GLU B 184 -5.34 -3.64 6.91
CA GLU B 184 -4.56 -2.82 7.89
C GLU B 184 -3.04 -2.93 7.65
N MET B 185 -2.48 -4.12 7.74
CA MET B 185 -1.01 -4.29 7.54
C MET B 185 -0.56 -3.73 6.17
N ARG B 186 -1.47 -3.50 5.26
CA ARG B 186 -1.06 -2.96 3.92
C ARG B 186 -0.16 -1.73 4.07
N ARG B 187 -0.49 -0.87 4.97
CA ARG B 187 0.32 0.37 5.15
C ARG B 187 1.47 0.18 6.18
N TRP B 188 1.43 -0.84 7.01
CA TRP B 188 2.56 -1.03 7.98
C TRP B 188 3.78 -1.57 7.25
N GLU B 189 3.65 -2.74 6.65
CA GLU B 189 4.80 -3.34 5.91
C GLU B 189 5.26 -2.39 4.80
N ASN B 190 4.35 -1.69 4.18
CA ASN B 190 4.73 -0.74 3.10
C ASN B 190 5.62 0.36 3.68
N ALA B 191 5.21 0.95 4.77
CA ALA B 191 6.04 2.02 5.40
C ALA B 191 7.39 1.44 5.83
N LEU B 192 7.42 0.16 6.14
CA LEU B 192 8.70 -0.48 6.56
C LEU B 192 9.63 -0.61 5.35
N ARG B 193 9.07 -0.83 4.18
CA ARG B 193 9.91 -0.96 2.96
C ARG B 193 10.53 0.40 2.60
N VAL B 194 9.71 1.41 2.46
CA VAL B 194 10.25 2.76 2.12
C VAL B 194 11.24 3.22 3.19
N ALA B 195 11.08 2.72 4.39
CA ALA B 195 12.01 3.12 5.49
C ALA B 195 13.37 2.45 5.30
N GLU B 196 13.40 1.13 5.27
CA GLU B 196 14.70 0.42 5.07
C GLU B 196 15.36 0.87 3.77
N GLU B 197 14.57 1.23 2.80
CA GLU B 197 15.15 1.69 1.50
C GLU B 197 16.06 2.89 1.71
N GLU B 198 15.83 3.62 2.78
CA GLU B 198 16.68 4.82 3.06
C GLU B 198 18.02 4.39 3.69
N GLU B 199 18.05 3.23 4.29
CA GLU B 199 19.33 2.76 4.92
C GLU B 199 20.39 2.47 3.85
N ARG B 200 19.98 1.99 2.70
CA ARG B 200 20.96 1.68 1.62
C ARG B 200 21.91 2.88 1.41
N LEU B 201 21.46 4.05 1.73
CA LEU B 201 22.32 5.26 1.56
C LEU B 201 23.21 5.45 2.80
N GLU B 202 22.79 4.92 3.92
CA GLU B 202 23.60 5.06 5.17
C GLU B 202 24.74 4.03 5.19
N LYS B 203 24.45 2.81 4.83
CA LYS B 203 25.51 1.75 4.83
C LYS B 203 26.68 2.18 3.94
N GLU B 204 26.43 2.97 2.95
CA GLU B 204 27.54 3.43 2.05
C GLU B 204 28.15 4.74 2.58
N GLY B 205 27.39 5.51 3.29
CA GLY B 205 27.92 6.79 3.83
C GLY B 205 29.05 6.50 4.82
N ARG B 206 30.26 6.78 4.45
CA ARG B 206 31.41 6.53 5.38
C ARG B 206 32.06 7.84 5.79
N ARG B 207 31.30 8.73 6.36
CA ARG B 207 31.88 10.05 6.78
C ARG B 207 32.59 9.91 8.13
N THR B 208 31.86 9.64 9.18
CA THR B 208 32.50 9.49 10.52
C THR B 208 32.99 8.05 10.71
N GLY B 209 34.24 7.89 11.07
CA GLY B 209 34.78 6.51 11.27
C GLY B 209 35.19 6.34 12.73
N TYR B 210 36.26 6.97 13.15
CA TYR B 210 36.71 6.84 14.56
C TYR B 210 36.63 8.19 15.28
N VAL B 211 36.39 9.26 14.57
CA VAL B 211 36.31 10.60 15.22
C VAL B 211 35.23 10.58 16.31
N SER B 212 34.08 10.03 16.02
CA SER B 212 33.00 9.98 17.05
C SER B 212 33.24 8.82 18.02
N ASN B 213 33.65 7.69 17.51
CA ASN B 213 33.90 6.51 18.41
C ASN B 213 35.01 6.84 19.41
N GLU B 214 36.12 7.34 18.94
CA GLU B 214 37.24 7.68 19.86
C GLU B 214 36.81 8.78 20.85
N GLU B 215 35.91 9.62 20.44
CA GLU B 215 35.45 10.72 21.35
C GLU B 215 34.81 10.12 22.62
N ARG B 216 34.29 8.92 22.52
CA ARG B 216 33.65 8.30 23.71
C ARG B 216 34.68 8.10 24.82
N ILE B 217 35.85 7.63 24.49
CA ILE B 217 36.89 7.41 25.54
C ILE B 217 37.39 8.75 26.07
N ASN B 218 37.43 9.76 25.24
CA ASN B 218 37.91 11.10 25.69
C ASN B 218 36.95 11.67 26.73
N SER B 219 35.73 11.21 26.77
CA SER B 219 34.75 11.74 27.77
C SER B 219 34.99 11.11 29.14
N LYS B 220 35.52 9.91 29.18
CA LYS B 220 35.77 9.25 30.49
C LYS B 220 36.87 9.98 31.26
N ILE B 221 38.01 10.19 30.65
CA ILE B 221 39.12 10.90 31.34
C ILE B 221 38.69 12.31 31.77
N PHE B 222 37.64 12.82 31.17
CA PHE B 222 37.17 14.20 31.53
C PHE B 222 36.98 14.31 33.05
N LYS B 223 36.73 13.22 33.71
CA LYS B 223 36.54 13.27 35.20
C LYS B 223 37.82 13.78 35.88
N SER B 224 38.95 13.54 35.27
CA SER B 224 40.23 14.02 35.88
C SER B 224 41.21 14.44 34.79
N MET A 1 -13.04 -36.27 -24.76
CA MET A 1 -13.69 -35.90 -26.05
C MET A 1 -13.29 -36.91 -27.14
N LYS A 2 -13.13 -38.15 -26.79
CA LYS A 2 -12.75 -39.17 -27.80
C LYS A 2 -13.98 -39.95 -28.26
N ILE A 3 -14.80 -40.38 -27.34
CA ILE A 3 -16.02 -41.14 -27.73
C ILE A 3 -17.10 -41.01 -26.64
N LEU A 4 -17.41 -39.81 -26.24
CA LEU A 4 -18.45 -39.63 -25.18
C LEU A 4 -18.94 -38.17 -25.18
N THR A 5 -20.18 -37.97 -25.52
CA THR A 5 -20.73 -36.57 -25.54
C THR A 5 -22.14 -36.56 -24.96
N GLN A 6 -22.38 -37.29 -23.91
CA GLN A 6 -23.74 -37.32 -23.30
C GLN A 6 -23.77 -36.43 -22.05
N ASP A 7 -23.06 -35.34 -22.07
CA ASP A 7 -23.04 -34.43 -20.89
C ASP A 7 -23.59 -33.05 -21.28
N GLU A 8 -24.49 -32.52 -20.50
CA GLU A 8 -25.06 -31.18 -20.82
C GLU A 8 -24.56 -30.13 -19.83
N ILE A 9 -23.27 -29.93 -19.76
CA ILE A 9 -22.71 -28.92 -18.81
C ILE A 9 -23.15 -27.51 -19.21
N GLU A 10 -23.55 -26.71 -18.26
CA GLU A 10 -24.00 -25.32 -18.59
C GLU A 10 -23.34 -24.32 -17.64
N ALA A 11 -22.07 -24.49 -17.39
CA ALA A 11 -21.37 -23.54 -16.47
C ALA A 11 -20.42 -22.63 -17.27
N HIS A 12 -19.57 -21.91 -16.60
CA HIS A 12 -18.63 -21.00 -17.32
C HIS A 12 -17.24 -21.05 -16.65
N ARG A 13 -16.84 -20.01 -15.96
CA ARG A 13 -15.52 -20.00 -15.29
C ARG A 13 -15.34 -21.25 -14.42
N SER A 14 -16.42 -21.82 -13.95
CA SER A 14 -16.32 -23.04 -13.10
C SER A 14 -15.43 -24.10 -13.76
N HIS A 15 -15.45 -24.18 -15.06
CA HIS A 15 -14.60 -25.19 -15.77
C HIS A 15 -13.12 -24.89 -15.51
N THR A 16 -12.75 -23.64 -15.46
CA THR A 16 -11.33 -23.27 -15.20
C THR A 16 -10.98 -23.49 -13.73
N LEU A 17 -11.97 -23.51 -12.87
CA LEU A 17 -11.69 -23.71 -11.41
C LEU A 17 -10.76 -24.90 -11.19
N LYS A 18 -10.77 -25.85 -12.09
CA LYS A 18 -9.88 -27.04 -11.93
C LYS A 18 -8.41 -26.62 -12.02
N GLY A 19 -8.11 -25.73 -12.93
CA GLY A 19 -6.70 -25.26 -13.09
C GLY A 19 -6.34 -24.29 -11.97
N GLY A 20 -7.33 -23.65 -11.38
CA GLY A 20 -7.03 -22.67 -10.28
C GLY A 20 -6.16 -23.33 -9.21
N ILE A 21 -6.40 -24.58 -8.91
CA ILE A 21 -5.58 -25.28 -7.87
C ILE A 21 -4.23 -25.69 -8.45
N GLU A 22 -4.21 -26.07 -9.70
CA GLU A 22 -2.92 -26.49 -10.34
C GLU A 22 -1.95 -25.30 -10.37
N GLY A 23 -2.47 -24.10 -10.48
CA GLY A 23 -1.59 -22.90 -10.53
C GLY A 23 -0.94 -22.66 -9.16
N ALA A 24 -1.69 -22.79 -8.09
CA ALA A 24 -1.11 -22.56 -6.73
C ALA A 24 0.09 -23.48 -6.50
N LEU A 25 0.01 -24.71 -6.92
CA LEU A 25 1.15 -25.64 -6.71
C LEU A 25 2.25 -25.43 -7.75
N ALA A 26 1.92 -24.82 -8.87
CA ALA A 26 2.95 -24.58 -9.93
C ALA A 26 3.90 -23.46 -9.52
N GLY A 27 3.45 -22.56 -8.68
CA GLY A 27 4.33 -21.44 -8.26
C GLY A 27 5.56 -21.99 -7.52
N PHE A 28 5.39 -23.03 -6.77
CA PHE A 28 6.55 -23.62 -6.02
C PHE A 28 7.70 -23.97 -6.97
N ALA A 29 7.39 -24.25 -8.21
CA ALA A 29 8.47 -24.61 -9.18
C ALA A 29 9.16 -23.35 -9.70
N ILE A 30 8.44 -22.48 -10.34
CA ILE A 30 9.07 -21.23 -10.88
C ILE A 30 9.60 -20.35 -9.73
N SER A 31 9.04 -20.49 -8.57
CA SER A 31 9.50 -19.66 -7.41
C SER A 31 11.00 -19.82 -7.15
N ALA A 32 11.42 -21.02 -6.87
CA ALA A 32 12.87 -21.25 -6.56
C ALA A 32 13.72 -21.34 -7.83
N ILE A 33 13.16 -21.79 -8.92
CA ILE A 33 13.97 -21.91 -10.17
C ILE A 33 14.35 -20.53 -10.72
N ILE A 34 13.48 -19.56 -10.63
CA ILE A 34 13.81 -18.21 -11.18
C ILE A 34 14.83 -17.49 -10.29
N PHE A 35 14.73 -17.63 -8.99
CA PHE A 35 15.69 -16.95 -8.09
C PHE A 35 17.06 -17.64 -8.13
N LYS A 36 17.08 -18.91 -8.45
CA LYS A 36 18.37 -19.66 -8.49
C LYS A 36 19.15 -19.43 -9.79
N VAL A 37 18.48 -19.12 -10.86
CA VAL A 37 19.18 -18.95 -12.18
C VAL A 37 20.49 -18.14 -12.05
N LEU A 38 20.44 -16.94 -11.53
CA LEU A 38 21.68 -16.14 -11.44
C LEU A 38 22.62 -16.61 -10.31
N PRO A 39 22.11 -16.72 -9.10
CA PRO A 39 22.98 -17.15 -7.97
C PRO A 39 23.39 -18.61 -8.14
N ARG A 40 22.76 -19.32 -9.04
CA ARG A 40 23.13 -20.75 -9.27
C ARG A 40 24.64 -20.87 -9.50
N ARG A 41 25.18 -20.08 -10.39
CA ARG A 41 26.64 -20.14 -10.65
C ARG A 41 27.40 -19.56 -9.45
N TYR A 42 26.75 -18.73 -8.67
CA TYR A 42 27.42 -18.13 -7.47
C TYR A 42 28.59 -17.23 -7.90
N PRO A 43 28.32 -16.32 -8.81
CA PRO A 43 29.37 -15.40 -9.28
C PRO A 43 29.62 -14.32 -8.23
N LYS A 44 28.58 -13.68 -7.77
CA LYS A 44 28.76 -12.61 -6.74
C LYS A 44 27.51 -12.54 -5.85
N PHE A 45 27.53 -11.72 -4.85
CA PHE A 45 26.34 -11.60 -3.95
C PHE A 45 25.95 -10.13 -3.78
N LYS A 46 26.17 -9.33 -4.80
CA LYS A 46 25.81 -7.89 -4.72
C LYS A 46 24.33 -7.66 -5.06
N PRO A 47 23.90 -8.22 -6.17
CA PRO A 47 22.49 -8.06 -6.60
C PRO A 47 21.55 -9.03 -5.86
N SER A 48 21.90 -9.45 -4.67
CA SER A 48 21.01 -10.38 -3.91
C SER A 48 19.83 -9.61 -3.30
N THR A 49 20.04 -8.38 -2.93
CA THR A 49 18.93 -7.59 -2.32
C THR A 49 17.97 -7.08 -3.40
N LEU A 50 18.39 -7.09 -4.64
CA LEU A 50 17.49 -6.60 -5.74
C LEU A 50 16.38 -7.63 -6.00
N THR A 51 16.75 -8.84 -6.33
CA THR A 51 15.71 -9.88 -6.60
C THR A 51 14.89 -10.15 -5.33
N TRP A 52 15.38 -9.76 -4.18
CA TRP A 52 14.64 -10.01 -2.92
C TRP A 52 13.28 -9.29 -2.94
N SER A 53 13.17 -8.19 -3.64
CA SER A 53 11.86 -7.46 -3.68
C SER A 53 10.89 -8.15 -4.65
N ILE A 54 11.32 -8.43 -5.85
CA ILE A 54 10.41 -9.10 -6.84
C ILE A 54 9.83 -10.38 -6.22
N LYS A 55 10.51 -10.96 -5.27
CA LYS A 55 10.03 -12.21 -4.64
C LYS A 55 9.04 -11.94 -3.49
N THR A 56 9.00 -10.73 -2.99
CA THR A 56 8.07 -10.42 -1.85
C THR A 56 6.64 -10.18 -2.34
N ALA A 57 6.48 -9.52 -3.46
CA ALA A 57 5.12 -9.23 -3.98
C ALA A 57 4.51 -10.46 -4.65
N LEU A 58 5.31 -11.43 -4.98
CA LEU A 58 4.77 -12.64 -5.66
C LEU A 58 4.19 -13.67 -4.66
N TRP A 59 4.56 -13.59 -3.41
CA TRP A 59 4.02 -14.58 -2.41
C TRP A 59 2.56 -14.29 -2.07
N ILE A 60 2.16 -13.04 -2.05
CA ILE A 60 0.75 -12.70 -1.69
C ILE A 60 -0.19 -12.78 -2.91
N THR A 61 0.34 -12.76 -4.09
CA THR A 61 -0.52 -12.80 -5.31
C THR A 61 -1.26 -14.14 -5.49
N PRO A 62 -0.55 -15.24 -5.39
CA PRO A 62 -1.17 -16.57 -5.58
C PRO A 62 -2.21 -16.96 -4.50
N PRO A 63 -1.99 -16.61 -3.25
CA PRO A 63 -2.98 -16.96 -2.21
C PRO A 63 -4.29 -16.20 -2.38
N THR A 64 -4.28 -15.09 -3.08
CA THR A 64 -5.54 -14.31 -3.25
C THR A 64 -6.28 -14.73 -4.51
N VAL A 65 -5.60 -15.24 -5.51
CA VAL A 65 -6.32 -15.68 -6.72
C VAL A 65 -7.31 -16.81 -6.35
N LEU A 66 -7.08 -17.44 -5.23
CA LEU A 66 -8.00 -18.54 -4.77
C LEU A 66 -9.41 -17.99 -4.52
N THR A 67 -9.55 -16.70 -4.37
CA THR A 67 -10.89 -16.10 -4.10
C THR A 67 -11.91 -16.51 -5.17
N ALA A 68 -11.46 -16.94 -6.31
CA ALA A 68 -12.43 -17.34 -7.40
C ALA A 68 -13.03 -18.72 -7.12
N ILE A 69 -12.28 -19.62 -6.53
CA ILE A 69 -12.80 -20.97 -6.24
C ILE A 69 -13.79 -20.93 -5.08
N CYS A 70 -13.36 -20.42 -3.94
CA CYS A 70 -14.26 -20.36 -2.76
C CYS A 70 -15.56 -19.63 -3.10
N ALA A 71 -15.54 -18.81 -4.12
CA ALA A 71 -16.79 -18.07 -4.49
C ALA A 71 -17.72 -18.98 -5.30
N GLU A 72 -17.17 -19.84 -6.11
CA GLU A 72 -18.02 -20.75 -6.92
C GLU A 72 -18.53 -21.92 -6.07
N GLU A 73 -17.70 -22.42 -5.19
CA GLU A 73 -18.13 -23.55 -4.32
C GLU A 73 -19.27 -23.12 -3.39
N ALA A 74 -19.37 -21.85 -3.10
CA ALA A 74 -20.46 -21.36 -2.20
C ALA A 74 -21.68 -20.99 -3.03
N SER A 75 -21.53 -20.09 -3.96
CA SER A 75 -22.69 -19.67 -4.81
C SER A 75 -23.39 -20.90 -5.41
N ASN A 76 -22.90 -21.39 -6.53
CA ASN A 76 -23.54 -22.58 -7.15
C ASN A 76 -22.85 -23.86 -6.67
N ASN A 77 -23.48 -24.99 -6.85
CA ASN A 77 -22.86 -26.27 -6.39
C ASN A 77 -22.52 -27.16 -7.60
N PHE A 78 -21.68 -26.69 -8.48
CA PHE A 78 -21.31 -27.49 -9.68
C PHE A 78 -20.40 -28.66 -9.25
N ASP A 79 -19.64 -28.49 -8.20
CA ASP A 79 -18.73 -29.57 -7.75
C ASP A 79 -19.55 -30.81 -7.37
N ALA A 80 -20.72 -30.62 -6.85
CA ALA A 80 -21.57 -31.80 -6.45
C ALA A 80 -21.89 -32.64 -7.69
N THR A 81 -21.68 -33.93 -7.61
CA THR A 81 -21.98 -34.81 -8.77
C THR A 81 -23.47 -34.74 -9.13
N MET A 82 -23.82 -35.13 -10.32
CA MET A 82 -25.25 -35.08 -10.74
C MET A 82 -26.08 -36.07 -9.91
N TYR A 83 -27.34 -36.20 -10.22
CA TYR A 83 -28.22 -37.15 -9.45
C TYR A 83 -28.47 -38.41 -10.27
N GLY A 84 -27.44 -38.99 -10.83
CA GLY A 84 -27.63 -40.22 -11.65
C GLY A 84 -28.48 -39.90 -12.88
N SER A 85 -28.39 -40.72 -13.90
CA SER A 85 -29.19 -40.46 -15.13
C SER A 85 -30.51 -41.23 -15.07
N GLY A 86 -31.60 -40.60 -15.44
CA GLY A 86 -32.91 -41.30 -15.41
C GLY A 86 -33.73 -40.92 -16.65
N SER A 87 -35.03 -41.00 -16.56
CA SER A 87 -35.88 -40.65 -17.73
C SER A 87 -36.09 -39.13 -17.79
N SER A 88 -35.12 -38.41 -18.31
CA SER A 88 -35.26 -36.93 -18.39
C SER A 88 -36.03 -36.54 -19.65
N SER A 89 -37.31 -36.31 -19.53
CA SER A 89 -38.12 -35.92 -20.71
C SER A 89 -38.22 -34.40 -20.83
N GLU A 90 -37.35 -33.68 -20.17
CA GLU A 90 -37.39 -32.20 -20.25
C GLU A 90 -36.72 -31.70 -21.54
N ASP A 91 -36.01 -32.55 -22.23
CA ASP A 91 -35.34 -32.12 -23.49
C ASP A 91 -36.36 -31.52 -24.45
N ALA A 92 -37.57 -32.02 -24.44
CA ALA A 92 -38.63 -31.49 -25.35
C ALA A 92 -38.97 -30.05 -24.96
N LEU A 93 -39.05 -29.77 -23.69
CA LEU A 93 -39.38 -28.38 -23.24
C LEU A 93 -38.18 -27.47 -23.47
N ASP A 94 -36.99 -28.00 -23.42
CA ASP A 94 -35.77 -27.16 -23.61
C ASP A 94 -35.65 -26.76 -25.10
N GLU A 95 -36.27 -27.49 -25.98
CA GLU A 95 -36.18 -27.16 -27.43
C GLU A 95 -36.58 -25.70 -27.67
N HIS A 96 -37.68 -25.27 -27.10
CA HIS A 96 -38.12 -23.86 -27.30
C HIS A 96 -37.22 -22.91 -26.50
N ARG A 97 -36.69 -23.39 -25.40
CA ARG A 97 -35.79 -22.51 -24.58
C ARG A 97 -34.41 -22.41 -25.22
N ARG A 98 -34.04 -23.36 -26.03
CA ARG A 98 -32.70 -23.31 -26.69
C ARG A 98 -32.72 -22.35 -27.88
N TRP A 99 -33.88 -21.94 -28.32
CA TRP A 99 -33.97 -21.00 -29.48
C TRP A 99 -33.12 -19.75 -29.20
N LYS A 100 -32.96 -19.40 -27.96
CA LYS A 100 -32.15 -18.18 -27.62
C LYS A 100 -30.66 -18.49 -27.78
N SER A 101 -30.27 -19.73 -27.66
CA SER A 101 -28.83 -20.10 -27.81
C SER A 101 -28.57 -20.60 -29.23
N LEU A 102 -27.31 -20.75 -29.58
CA LEU A 102 -26.99 -21.24 -30.96
C LEU A 102 -25.51 -21.61 -31.05
N SER A 103 -24.64 -20.78 -30.53
CA SER A 103 -23.18 -21.08 -30.59
C SER A 103 -22.68 -21.55 -29.22
N THR A 104 -22.66 -22.82 -28.99
CA THR A 104 -22.18 -23.35 -27.67
C THR A 104 -20.69 -23.10 -27.51
N LYS A 105 -19.98 -22.89 -28.60
CA LYS A 105 -18.53 -22.65 -28.53
C LYS A 105 -18.22 -21.42 -27.67
N ASP A 106 -19.18 -20.55 -27.45
CA ASP A 106 -18.92 -19.34 -26.62
C ASP A 106 -18.25 -19.76 -25.31
N LYS A 107 -18.65 -20.88 -24.76
CA LYS A 107 -18.03 -21.35 -23.48
C LYS A 107 -16.72 -22.09 -23.75
N PHE A 108 -16.50 -22.54 -24.97
CA PHE A 108 -15.25 -23.27 -25.30
C PHE A 108 -14.07 -22.29 -25.35
N VAL A 109 -14.25 -21.17 -26.00
CA VAL A 109 -13.12 -20.19 -26.09
C VAL A 109 -12.69 -19.73 -24.69
N GLU A 110 -13.50 -19.96 -23.69
CA GLU A 110 -13.13 -19.55 -22.31
C GLU A 110 -12.05 -20.50 -21.75
N GLY A 111 -12.22 -21.78 -21.94
CA GLY A 111 -11.22 -22.75 -21.40
C GLY A 111 -10.14 -23.05 -22.44
N LEU A 112 -10.53 -23.45 -23.62
CA LEU A 112 -9.53 -23.79 -24.69
C LEU A 112 -8.43 -22.72 -24.81
N SER A 113 -8.80 -21.47 -24.78
CA SER A 113 -7.77 -20.40 -24.91
C SER A 113 -6.90 -20.32 -23.64
N ASN A 114 -7.47 -20.56 -22.50
CA ASN A 114 -6.68 -20.50 -21.23
C ASN A 114 -5.44 -21.39 -21.33
N ASN A 115 -5.59 -22.56 -21.92
CA ASN A 115 -4.41 -23.48 -22.03
C ASN A 115 -3.32 -22.84 -22.89
N LYS A 116 -3.68 -22.21 -23.97
CA LYS A 116 -2.66 -21.57 -24.85
C LYS A 116 -1.91 -20.48 -24.08
N TYR A 117 -2.64 -19.56 -23.49
CA TYR A 117 -1.98 -18.46 -22.72
C TYR A 117 -1.16 -19.05 -21.56
N LYS A 118 -1.64 -20.11 -20.97
CA LYS A 118 -0.89 -20.73 -19.83
C LYS A 118 0.51 -21.16 -20.26
N ILE A 119 0.71 -21.41 -21.53
CA ILE A 119 2.06 -21.85 -22.00
C ILE A 119 2.94 -20.63 -22.33
N ILE A 120 2.40 -19.64 -22.98
CA ILE A 120 3.22 -18.44 -23.34
C ILE A 120 3.83 -17.79 -22.08
N THR A 121 3.13 -17.81 -20.99
CA THR A 121 3.66 -17.19 -19.74
C THR A 121 4.74 -18.08 -19.11
N GLY A 122 4.71 -19.35 -19.36
CA GLY A 122 5.72 -20.26 -18.76
C GLY A 122 7.07 -20.11 -19.49
N ALA A 123 7.04 -19.94 -20.79
CA ALA A 123 8.31 -19.80 -21.55
C ALA A 123 8.86 -18.37 -21.46
N TRP A 124 8.01 -17.40 -21.32
CA TRP A 124 8.50 -15.98 -21.24
C TRP A 124 9.40 -15.78 -20.01
N ALA A 125 9.34 -16.68 -19.06
CA ALA A 125 10.20 -16.53 -17.85
C ALA A 125 11.54 -17.25 -18.03
N ALA A 126 11.50 -18.50 -18.40
CA ALA A 126 12.78 -19.28 -18.58
C ALA A 126 13.69 -18.62 -19.63
N SER A 127 13.15 -17.77 -20.46
CA SER A 127 14.00 -17.12 -21.52
C SER A 127 15.20 -16.38 -20.91
N LEU A 128 15.16 -16.08 -19.63
CA LEU A 128 16.30 -15.36 -19.01
C LEU A 128 17.51 -16.29 -18.79
N TYR A 129 17.29 -17.50 -18.33
CA TYR A 129 18.46 -18.41 -18.11
C TYR A 129 18.82 -19.12 -19.42
N GLY A 130 17.84 -19.51 -20.19
CA GLY A 130 18.13 -20.20 -21.48
C GLY A 130 18.82 -19.23 -22.44
N SER A 131 18.70 -17.95 -22.19
CA SER A 131 19.36 -16.94 -23.08
C SER A 131 20.86 -16.89 -22.80
N TRP A 132 21.27 -17.34 -21.64
CA TRP A 132 22.73 -17.31 -21.30
C TRP A 132 23.41 -18.60 -21.76
N VAL A 133 22.94 -19.73 -21.31
CA VAL A 133 23.57 -21.03 -21.71
C VAL A 133 23.53 -21.19 -23.23
N ILE A 134 22.36 -21.06 -23.82
CA ILE A 134 22.25 -21.22 -25.31
C ILE A 134 23.25 -20.27 -26.01
N VAL A 135 23.13 -19.00 -25.79
CA VAL A 135 24.07 -18.03 -26.43
C VAL A 135 24.65 -17.08 -25.39
N ASN A 136 25.92 -16.81 -25.45
CA ASN A 136 26.55 -15.89 -24.46
C ASN A 136 27.63 -15.04 -25.13
N LYS A 137 27.93 -13.89 -24.58
CA LYS A 137 28.98 -13.02 -25.19
C LYS A 137 29.78 -12.31 -24.11
N ASP A 138 31.05 -12.10 -24.32
CA ASP A 138 31.88 -11.41 -23.30
C ASP A 138 32.67 -10.26 -23.95
N PRO A 139 32.07 -9.09 -23.94
CA PRO A 139 32.72 -7.90 -24.54
C PRO A 139 33.86 -7.42 -23.64
N ILE A 140 34.51 -6.34 -24.01
CA ILE A 140 35.63 -5.81 -23.18
C ILE A 140 35.13 -4.68 -22.27
N MET A 141 34.23 -4.99 -21.37
CA MET A 141 33.70 -3.94 -20.45
C MET A 141 33.35 -4.55 -19.09
N THR A 142 33.15 -3.73 -18.10
CA THR A 142 32.81 -4.26 -16.75
C THR A 142 31.49 -5.04 -16.80
N LYS A 143 31.35 -6.05 -15.99
CA LYS A 143 30.09 -6.86 -15.99
C LYS A 143 28.99 -6.11 -15.23
N ALA A 144 29.35 -5.21 -14.35
CA ALA A 144 28.31 -4.46 -13.58
C ALA A 144 27.38 -3.71 -14.53
N GLN A 145 27.89 -3.21 -15.63
CA GLN A 145 27.02 -2.47 -16.59
C GLN A 145 25.86 -3.37 -17.03
N LYS A 146 26.09 -4.66 -17.07
CA LYS A 146 24.99 -5.59 -17.48
C LYS A 146 24.00 -5.78 -16.32
N ILE A 147 24.48 -5.75 -15.10
CA ILE A 147 23.56 -5.91 -13.94
C ILE A 147 22.53 -4.79 -13.93
N VAL A 148 22.93 -3.59 -14.26
CA VAL A 148 21.95 -2.45 -14.27
C VAL A 148 21.24 -2.38 -15.63
N GLN A 149 21.70 -3.12 -16.61
CA GLN A 149 21.03 -3.10 -17.95
C GLN A 149 19.72 -3.88 -17.87
N ALA A 150 19.70 -4.96 -17.13
CA ALA A 150 18.45 -5.78 -16.99
C ALA A 150 17.25 -4.87 -16.69
N ARG A 151 17.49 -3.77 -16.03
CA ARG A 151 16.36 -2.84 -15.70
C ARG A 151 15.67 -2.34 -16.97
N MET A 152 16.30 -2.48 -18.10
CA MET A 152 15.66 -2.00 -19.36
C MET A 152 14.47 -2.89 -19.73
N TYR A 153 14.59 -4.18 -19.52
CA TYR A 153 13.47 -5.11 -19.85
C TYR A 153 12.55 -5.29 -18.63
N ALA A 154 13.12 -5.49 -17.47
CA ALA A 154 12.30 -5.68 -16.23
C ALA A 154 11.15 -4.67 -16.16
N GLN A 155 11.46 -3.42 -15.95
CA GLN A 155 10.39 -2.37 -15.86
C GLN A 155 9.28 -2.62 -16.89
N PHE A 156 9.66 -3.16 -18.03
CA PHE A 156 8.64 -3.45 -19.08
C PHE A 156 7.93 -4.78 -18.79
N ILE A 157 8.68 -5.86 -18.69
CA ILE A 157 8.05 -7.18 -18.40
C ILE A 157 7.32 -7.12 -17.05
N THR A 158 7.64 -6.16 -16.22
CA THR A 158 6.96 -6.05 -14.89
C THR A 158 5.54 -5.49 -15.07
N VAL A 159 5.41 -4.38 -15.77
CA VAL A 159 4.06 -3.78 -15.97
C VAL A 159 3.05 -4.82 -16.44
N GLY A 160 3.50 -5.88 -17.05
CA GLY A 160 2.56 -6.95 -17.51
C GLY A 160 1.76 -7.46 -16.31
N LEU A 161 2.30 -7.30 -15.13
CA LEU A 161 1.57 -7.76 -13.90
C LEU A 161 0.67 -6.64 -13.40
N LEU A 162 1.20 -5.46 -13.25
CA LEU A 162 0.40 -4.30 -12.77
C LEU A 162 -0.94 -4.19 -13.52
N LEU A 163 -0.92 -4.37 -14.81
CA LEU A 163 -2.20 -4.26 -15.60
C LEU A 163 -3.12 -5.45 -15.30
N ALA A 164 -2.60 -6.65 -15.37
CA ALA A 164 -3.45 -7.86 -15.09
C ALA A 164 -4.06 -7.78 -13.69
N SER A 165 -3.49 -6.99 -12.81
CA SER A 165 -4.04 -6.90 -11.43
C SER A 165 -5.29 -6.01 -11.39
N VAL A 166 -5.16 -4.74 -11.70
CA VAL A 166 -6.35 -3.84 -11.66
C VAL A 166 -7.48 -4.39 -12.53
N GLY A 167 -7.14 -5.02 -13.62
CA GLY A 167 -8.18 -5.58 -14.53
C GLY A 167 -9.06 -6.57 -13.76
N LEU A 168 -8.49 -7.24 -12.78
CA LEU A 168 -9.28 -8.22 -11.98
C LEU A 168 -10.13 -7.50 -10.94
N SER A 169 -9.59 -6.49 -10.30
CA SER A 169 -10.38 -5.74 -9.28
C SER A 169 -11.34 -4.76 -9.95
N MET A 170 -11.08 -4.39 -11.17
CA MET A 170 -11.99 -3.44 -11.88
C MET A 170 -13.24 -4.17 -12.38
N TYR A 171 -13.19 -5.47 -12.48
CA TYR A 171 -14.37 -6.24 -12.97
C TYR A 171 -15.38 -6.42 -11.83
N GLU A 172 -14.93 -6.73 -10.65
CA GLU A 172 -15.87 -6.91 -9.50
C GLU A 172 -16.66 -5.62 -9.25
N ASN A 173 -16.12 -4.49 -9.65
CA ASN A 173 -16.84 -3.19 -9.43
C ASN A 173 -18.33 -3.30 -9.77
N LYS A 174 -18.69 -4.17 -10.67
CA LYS A 174 -20.13 -4.32 -11.05
C LYS A 174 -21.02 -4.39 -9.79
N LEU A 175 -21.12 -5.54 -9.18
CA LEU A 175 -21.98 -5.66 -7.97
C LEU A 175 -21.16 -5.28 -6.72
N HIS A 176 -20.60 -4.10 -6.71
CA HIS A 176 -19.80 -3.67 -5.53
C HIS A 176 -20.37 -2.39 -4.93
N PRO A 177 -21.25 -2.54 -3.98
CA PRO A 177 -21.89 -1.37 -3.32
C PRO A 177 -20.88 -0.65 -2.42
N ASN A 178 -19.87 -1.34 -1.95
CA ASN A 178 -18.86 -0.70 -1.07
C ASN A 178 -17.82 0.05 -1.91
N LYS A 179 -17.30 1.13 -1.41
CA LYS A 179 -16.27 1.90 -2.17
C LYS A 179 -15.11 2.29 -1.26
N GLN A 180 -15.31 3.26 -0.40
CA GLN A 180 -14.21 3.71 0.54
C GLN A 180 -12.84 3.62 -0.13
N LYS A 181 -11.81 3.35 0.63
CA LYS A 181 -10.44 3.26 0.03
C LYS A 181 -10.44 2.29 -1.15
N VAL A 182 -9.61 2.52 -2.13
CA VAL A 182 -9.57 1.61 -3.30
C VAL A 182 -8.15 1.08 -3.53
N ASN A 183 -7.82 -0.04 -2.91
CA ASN A 183 -6.45 -0.62 -3.05
C ASN A 183 -5.86 -0.38 -4.46
N GLU A 184 -6.59 -0.68 -5.51
CA GLU A 184 -6.08 -0.48 -6.90
C GLU A 184 -5.24 0.81 -7.01
N MET A 185 -5.84 1.96 -6.79
CA MET A 185 -5.07 3.23 -6.90
C MET A 185 -4.10 3.39 -5.71
N ARG A 186 -4.29 2.61 -4.66
CA ARG A 186 -3.36 2.70 -3.49
C ARG A 186 -2.02 2.07 -3.81
N ARG A 187 -2.02 1.06 -4.62
CA ARG A 187 -0.73 0.36 -4.95
C ARG A 187 -0.02 1.01 -6.15
N TRP A 188 -0.71 1.81 -6.93
CA TRP A 188 0.00 2.47 -8.09
C TRP A 188 0.89 3.59 -7.57
N GLU A 189 0.32 4.56 -6.90
CA GLU A 189 1.13 5.69 -6.35
C GLU A 189 2.21 5.14 -5.41
N ASN A 190 1.91 4.05 -4.73
CA ASN A 190 2.91 3.45 -3.80
C ASN A 190 4.07 2.86 -4.60
N ALA A 191 3.78 2.12 -5.64
CA ALA A 191 4.87 1.53 -6.46
C ALA A 191 5.70 2.65 -7.09
N LEU A 192 5.09 3.78 -7.36
CA LEU A 192 5.85 4.91 -7.98
C LEU A 192 6.87 5.44 -6.98
N ARG A 193 6.49 5.53 -5.72
CA ARG A 193 7.44 6.03 -4.69
C ARG A 193 8.63 5.08 -4.57
N VAL A 194 8.38 3.80 -4.49
CA VAL A 194 9.50 2.82 -4.38
C VAL A 194 10.29 2.79 -5.69
N ALA A 195 9.66 3.15 -6.78
CA ALA A 195 10.37 3.15 -8.09
C ALA A 195 11.27 4.39 -8.20
N GLU A 196 10.71 5.56 -8.04
CA GLU A 196 11.53 6.80 -8.14
C GLU A 196 12.67 6.76 -7.11
N GLU A 197 12.44 6.12 -6.00
CA GLU A 197 13.50 6.02 -4.96
C GLU A 197 14.74 5.31 -5.53
N GLU A 198 14.55 4.45 -6.51
CA GLU A 198 15.70 3.73 -7.11
C GLU A 198 16.51 4.70 -7.99
N GLU A 199 15.91 5.75 -8.45
CA GLU A 199 16.65 6.72 -9.32
C GLU A 199 17.64 7.53 -8.48
N ARG A 200 17.29 7.82 -7.24
CA ARG A 200 18.21 8.62 -6.37
C ARG A 200 19.62 8.00 -6.40
N LEU A 201 19.70 6.73 -6.67
CA LEU A 201 21.03 6.06 -6.73
C LEU A 201 21.61 6.17 -8.14
N GLU A 202 20.76 6.34 -9.13
CA GLU A 202 21.25 6.47 -10.53
C GLU A 202 21.88 7.84 -10.76
N LYS A 203 21.20 8.89 -10.36
CA LYS A 203 21.75 10.27 -10.55
C LYS A 203 23.09 10.40 -9.82
N GLU A 204 23.29 9.64 -8.79
CA GLU A 204 24.58 9.73 -8.03
C GLU A 204 25.75 9.31 -8.92
N GLY A 205 25.73 8.09 -9.41
CA GLY A 205 26.84 7.61 -10.29
C GLY A 205 28.11 7.45 -9.45
N ARG A 206 28.39 6.26 -9.00
CA ARG A 206 29.62 6.04 -8.19
C ARG A 206 30.72 5.42 -9.05
N ARG A 207 30.49 4.24 -9.56
CA ARG A 207 31.52 3.58 -10.42
C ARG A 207 31.29 3.90 -11.90
N THR A 208 30.14 4.45 -12.23
CA THR A 208 29.86 4.79 -13.66
C THR A 208 29.30 6.20 -13.77
N GLY A 209 30.10 7.14 -14.20
CA GLY A 209 29.61 8.54 -14.32
C GLY A 209 30.41 9.26 -15.41
N TYR A 210 29.78 10.17 -16.12
CA TYR A 210 30.51 10.91 -17.20
C TYR A 210 29.86 12.28 -17.43
N VAL A 211 30.61 13.22 -17.94
CA VAL A 211 30.04 14.58 -18.19
C VAL A 211 29.13 14.55 -19.41
N SER A 212 29.40 13.69 -20.36
CA SER A 212 28.55 13.61 -21.57
C SER A 212 27.33 12.74 -21.31
N ASN A 213 27.52 11.60 -20.69
CA ASN A 213 26.37 10.70 -20.40
C ASN A 213 25.31 11.43 -19.57
N GLU A 214 25.74 12.30 -18.69
CA GLU A 214 24.77 13.05 -17.85
C GLU A 214 24.21 14.25 -18.62
N GLU A 215 25.06 14.99 -19.27
CA GLU A 215 24.58 16.17 -20.04
C GLU A 215 23.66 15.72 -21.18
N ARG A 216 23.73 14.49 -21.57
CA ARG A 216 22.85 13.99 -22.69
C ARG A 216 21.38 14.23 -22.34
N ILE A 217 21.01 14.05 -21.10
CA ILE A 217 19.59 14.25 -20.71
C ILE A 217 19.26 15.75 -20.72
N ASN A 218 20.18 16.57 -20.28
CA ASN A 218 19.92 18.04 -20.26
C ASN A 218 19.64 18.55 -21.67
N SER A 219 20.08 17.84 -22.68
CA SER A 219 19.83 18.28 -24.08
C SER A 219 18.40 17.94 -24.50
N LYS A 220 17.88 16.83 -24.03
CA LYS A 220 16.48 16.45 -24.39
C LYS A 220 15.50 17.50 -23.88
N ILE A 221 15.59 17.85 -22.63
CA ILE A 221 14.65 18.87 -22.07
C ILE A 221 14.85 20.22 -22.77
N PHE A 222 15.99 20.43 -23.37
CA PHE A 222 16.25 21.73 -24.06
C PHE A 222 15.21 21.94 -25.16
N LYS A 223 14.75 20.89 -25.78
CA LYS A 223 13.73 21.05 -26.87
C LYS A 223 12.32 20.89 -26.28
N SER A 224 11.32 21.27 -27.04
CA SER A 224 9.92 21.15 -26.53
C SER A 224 8.95 20.99 -27.69
N MET B 1 -28.52 -19.93 28.15
CA MET B 1 -28.39 -18.52 28.65
C MET B 1 -27.13 -17.87 28.07
N LYS B 2 -27.29 -17.10 27.02
CA LYS B 2 -26.09 -16.43 26.41
C LYS B 2 -25.85 -15.08 27.09
N ILE B 3 -24.65 -14.85 27.56
CA ILE B 3 -24.34 -13.56 28.23
C ILE B 3 -24.59 -12.39 27.27
N LEU B 4 -24.87 -11.23 27.80
CA LEU B 4 -25.13 -10.05 26.93
C LEU B 4 -24.35 -8.84 27.43
N THR B 5 -23.05 -8.81 27.20
CA THR B 5 -22.23 -7.66 27.67
C THR B 5 -21.38 -7.12 26.52
N GLN B 6 -22.01 -6.53 25.53
CA GLN B 6 -21.24 -5.98 24.38
C GLN B 6 -21.75 -4.57 24.04
N ASP B 7 -21.36 -3.59 24.81
CA ASP B 7 -21.81 -2.19 24.53
C ASP B 7 -20.65 -1.21 24.64
N GLU B 8 -19.76 -1.43 25.57
CA GLU B 8 -18.60 -0.51 25.74
C GLU B 8 -19.08 0.93 25.98
N ILE B 9 -18.18 1.83 26.27
CA ILE B 9 -18.59 3.24 26.53
C ILE B 9 -18.97 3.93 25.22
N GLU B 10 -20.23 4.02 24.94
CA GLU B 10 -20.67 4.69 23.67
C GLU B 10 -20.40 6.19 23.75
N ALA B 11 -19.66 6.71 22.80
CA ALA B 11 -19.35 8.17 22.82
C ALA B 11 -20.26 8.93 21.86
N HIS B 12 -20.28 10.23 21.93
CA HIS B 12 -21.15 11.03 21.02
C HIS B 12 -20.34 12.17 20.40
N ARG B 13 -19.89 12.00 19.19
CA ARG B 13 -19.10 13.05 18.51
C ARG B 13 -20.01 14.19 18.01
N SER B 14 -21.29 14.11 18.26
CA SER B 14 -22.22 15.18 17.78
C SER B 14 -21.72 16.56 18.24
N HIS B 15 -21.24 16.65 19.45
CA HIS B 15 -20.74 17.97 19.95
C HIS B 15 -19.37 18.28 19.33
N THR B 16 -18.52 17.30 19.21
CA THR B 16 -17.17 17.54 18.60
C THR B 16 -17.29 17.72 17.09
N LEU B 17 -18.37 17.24 16.50
CA LEU B 17 -18.54 17.38 15.01
C LEU B 17 -18.26 18.82 14.57
N LYS B 18 -18.55 19.78 15.41
CA LYS B 18 -18.28 21.20 15.03
C LYS B 18 -16.77 21.45 14.94
N GLY B 19 -16.01 20.85 15.81
CA GLY B 19 -14.54 21.04 15.78
C GLY B 19 -13.93 20.26 14.60
N GLY B 20 -14.60 19.23 14.16
CA GLY B 20 -14.06 18.42 13.01
C GLY B 20 -13.77 19.34 11.83
N ILE B 21 -14.62 20.31 11.58
CA ILE B 21 -14.39 21.24 10.44
C ILE B 21 -13.27 22.23 10.78
N GLU B 22 -13.16 22.60 12.03
CA GLU B 22 -12.10 23.56 12.43
C GLU B 22 -10.71 22.97 12.13
N GLY B 23 -10.59 21.67 12.20
CA GLY B 23 -9.27 21.02 11.92
C GLY B 23 -8.96 21.10 10.42
N ALA B 24 -9.90 20.75 9.57
CA ALA B 24 -9.64 20.81 8.11
C ALA B 24 -9.11 22.18 7.70
N LEU B 25 -9.57 23.22 8.36
CA LEU B 25 -9.11 24.59 8.01
C LEU B 25 -7.74 24.87 8.65
N ALA B 26 -7.48 24.35 9.82
CA ALA B 26 -6.18 24.60 10.49
C ALA B 26 -5.04 23.83 9.79
N GLY B 27 -5.37 22.79 9.08
CA GLY B 27 -4.30 21.99 8.39
C GLY B 27 -3.54 22.90 7.41
N PHE B 28 -4.24 23.63 6.58
CA PHE B 28 -3.55 24.52 5.61
C PHE B 28 -2.72 25.58 6.34
N ALA B 29 -3.09 25.91 7.55
CA ALA B 29 -2.34 26.94 8.32
C ALA B 29 -0.92 26.46 8.66
N ILE B 30 -0.81 25.37 9.38
CA ILE B 30 0.54 24.84 9.76
C ILE B 30 1.22 24.14 8.58
N SER B 31 0.44 23.63 7.66
CA SER B 31 1.03 22.91 6.48
C SER B 31 2.12 23.76 5.81
N ALA B 32 1.81 24.98 5.46
CA ALA B 32 2.81 25.85 4.77
C ALA B 32 3.79 26.48 5.77
N ILE B 33 3.39 26.70 6.99
CA ILE B 33 4.31 27.34 7.98
C ILE B 33 5.41 26.37 8.43
N ILE B 34 5.12 25.10 8.57
CA ILE B 34 6.18 24.14 9.01
C ILE B 34 7.23 23.92 7.92
N PHE B 35 6.84 23.94 6.68
CA PHE B 35 7.83 23.72 5.58
C PHE B 35 8.73 24.96 5.40
N LYS B 36 8.28 26.10 5.82
CA LYS B 36 9.10 27.34 5.66
C LYS B 36 10.20 27.44 6.72
N VAL B 37 9.99 26.86 7.87
CA VAL B 37 11.03 26.98 8.97
C VAL B 37 12.46 26.76 8.45
N LEU B 38 12.73 25.67 7.78
CA LEU B 38 14.11 25.42 7.31
C LEU B 38 14.51 26.30 6.12
N PRO B 39 13.71 26.28 5.05
CA PRO B 39 14.04 27.10 3.86
C PRO B 39 13.89 28.59 4.16
N ARG B 40 13.26 28.92 5.26
CA ARG B 40 13.07 30.35 5.63
C ARG B 40 14.41 31.11 5.54
N ARG B 41 15.45 30.54 6.08
CA ARG B 41 16.78 31.22 6.02
C ARG B 41 17.44 30.99 4.65
N TYR B 42 17.49 29.76 4.21
CA TYR B 42 18.10 29.46 2.89
C TYR B 42 17.15 28.62 2.04
N PRO B 43 16.65 29.22 0.97
CA PRO B 43 15.71 28.49 0.08
C PRO B 43 16.46 27.46 -0.77
N LYS B 44 17.72 27.69 -1.04
CA LYS B 44 18.49 26.72 -1.88
C LYS B 44 18.77 25.44 -1.09
N PHE B 45 17.75 24.72 -0.71
CA PHE B 45 17.95 23.45 0.05
C PHE B 45 18.31 22.32 -0.90
N LYS B 46 19.36 21.58 -0.60
CA LYS B 46 19.76 20.45 -1.49
C LYS B 46 18.86 19.23 -1.23
N PRO B 47 18.72 18.86 0.02
CA PRO B 47 17.87 17.70 0.37
C PRO B 47 16.38 18.09 0.41
N SER B 48 15.92 18.87 -0.55
CA SER B 48 14.48 19.26 -0.54
C SER B 48 13.60 18.06 -0.94
N THR B 49 14.20 17.02 -1.44
CA THR B 49 13.40 15.82 -1.85
C THR B 49 12.96 15.03 -0.61
N LEU B 50 13.58 15.27 0.52
CA LEU B 50 13.19 14.52 1.76
C LEU B 50 11.86 15.05 2.31
N THR B 51 11.81 16.31 2.67
CA THR B 51 10.55 16.88 3.22
C THR B 51 9.43 16.82 2.17
N TRP B 52 9.78 16.66 0.92
CA TRP B 52 8.74 16.61 -0.15
C TRP B 52 7.90 15.33 -0.04
N SER B 53 8.44 14.29 0.52
CA SER B 53 7.66 13.01 0.63
C SER B 53 6.82 13.01 1.91
N ILE B 54 7.39 13.39 3.02
CA ILE B 54 6.62 13.40 4.30
C ILE B 54 5.34 14.24 4.14
N LYS B 55 5.34 15.15 3.20
CA LYS B 55 4.15 16.01 2.97
C LYS B 55 3.04 15.23 2.24
N THR B 56 3.38 14.13 1.62
CA THR B 56 2.34 13.34 0.87
C THR B 56 1.39 12.62 1.83
N ALA B 57 1.93 11.86 2.75
CA ALA B 57 1.06 11.11 3.71
C ALA B 57 0.22 12.06 4.57
N LEU B 58 0.57 13.33 4.61
CA LEU B 58 -0.20 14.29 5.44
C LEU B 58 -1.44 14.82 4.71
N TRP B 59 -1.48 14.74 3.41
CA TRP B 59 -2.67 15.26 2.66
C TRP B 59 -3.83 14.24 2.65
N ILE B 60 -3.51 12.98 2.74
CA ILE B 60 -4.59 11.94 2.72
C ILE B 60 -5.18 11.71 4.12
N THR B 61 -4.51 12.11 5.16
CA THR B 61 -5.03 11.87 6.53
C THR B 61 -6.20 12.80 6.92
N PRO B 62 -6.08 14.07 6.64
CA PRO B 62 -7.16 15.03 7.03
C PRO B 62 -8.47 14.87 6.24
N PRO B 63 -8.41 14.52 4.97
CA PRO B 63 -9.68 14.37 4.19
C PRO B 63 -10.44 13.11 4.61
N THR B 64 -9.78 12.16 5.22
CA THR B 64 -10.49 10.91 5.63
C THR B 64 -11.05 11.01 7.05
N VAL B 65 -10.47 11.83 7.89
CA VAL B 65 -11.01 11.96 9.25
C VAL B 65 -12.44 12.53 9.16
N LEU B 66 -12.78 13.14 8.05
CA LEU B 66 -14.15 13.71 7.87
C LEU B 66 -15.21 12.60 7.94
N THR B 67 -14.81 11.37 7.74
CA THR B 67 -15.78 10.24 7.77
C THR B 67 -16.58 10.22 9.08
N ALA B 68 -16.10 10.86 10.11
CA ALA B 68 -16.85 10.85 11.41
C ALA B 68 -18.04 11.81 11.37
N ILE B 69 -17.92 12.90 10.65
CA ILE B 69 -19.05 13.87 10.57
C ILE B 69 -20.17 13.32 9.70
N CYS B 70 -19.87 12.97 8.48
CA CYS B 70 -20.93 12.43 7.56
C CYS B 70 -21.61 11.21 8.19
N ALA B 71 -20.95 10.54 9.09
CA ALA B 71 -21.57 9.33 9.74
C ALA B 71 -22.54 9.77 10.84
N GLU B 72 -22.21 10.80 11.58
CA GLU B 72 -23.11 11.26 12.67
C GLU B 72 -24.30 12.04 12.09
N GLU B 73 -24.11 12.70 10.98
CA GLU B 73 -25.22 13.48 10.37
C GLU B 73 -26.24 12.54 9.72
N ALA B 74 -25.80 11.38 9.29
CA ALA B 74 -26.76 10.42 8.64
C ALA B 74 -27.36 9.48 9.68
N SER B 75 -26.54 8.86 10.49
CA SER B 75 -27.07 7.91 11.52
C SER B 75 -28.16 8.60 12.36
N ASN B 76 -27.80 9.33 13.38
CA ASN B 76 -28.82 10.00 14.22
C ASN B 76 -29.37 11.24 13.51
N ASN B 77 -30.48 11.76 13.96
CA ASN B 77 -31.07 12.98 13.31
C ASN B 77 -31.25 12.74 11.80
N PHE B 78 -32.07 11.79 11.44
CA PHE B 78 -32.29 11.52 9.99
C PHE B 78 -32.96 12.72 9.32
N ASP B 79 -33.56 12.51 8.18
CA ASP B 79 -34.23 13.64 7.47
C ASP B 79 -35.63 13.22 7.00
N ALA B 80 -36.48 12.86 7.92
CA ALA B 80 -37.87 12.44 7.54
C ALA B 80 -38.90 13.45 8.06
N THR B 81 -40.15 13.13 7.95
CA THR B 81 -41.20 14.08 8.44
C THR B 81 -42.05 13.40 9.52
N MET B 82 -43.01 14.11 10.07
CA MET B 82 -43.87 13.50 11.14
C MET B 82 -44.51 12.20 10.63
N TYR B 83 -45.45 12.29 9.72
CA TYR B 83 -46.10 11.06 9.20
C TYR B 83 -45.23 10.43 8.11
N GLY B 84 -44.74 9.24 8.34
CA GLY B 84 -43.90 8.57 7.31
C GLY B 84 -44.38 7.14 7.10
N SER B 85 -43.49 6.20 6.95
CA SER B 85 -43.90 4.78 6.75
C SER B 85 -43.22 3.88 7.78
N GLY B 86 -43.58 3.99 9.02
CA GLY B 86 -42.94 3.14 10.06
C GLY B 86 -41.47 3.54 10.23
N SER B 87 -41.19 4.41 11.16
CA SER B 87 -39.78 4.84 11.37
C SER B 87 -39.58 5.30 12.82
N SER B 88 -38.55 4.82 13.47
CA SER B 88 -38.30 5.23 14.88
C SER B 88 -37.13 6.22 14.94
N SER B 89 -37.02 6.94 16.03
CA SER B 89 -35.90 7.91 16.16
C SER B 89 -35.78 8.40 17.60
N GLU B 90 -36.73 9.18 18.06
CA GLU B 90 -36.68 9.69 19.46
C GLU B 90 -36.90 8.54 20.45
N ASP B 91 -37.35 7.41 19.97
CA ASP B 91 -37.60 6.25 20.89
C ASP B 91 -36.30 5.89 21.63
N ALA B 92 -35.18 6.01 20.98
CA ALA B 92 -33.89 5.68 21.66
C ALA B 92 -33.51 6.78 22.65
N LEU B 93 -34.02 7.97 22.46
CA LEU B 93 -33.68 9.08 23.40
C LEU B 93 -34.41 8.88 24.74
N ASP B 94 -35.53 8.20 24.72
CA ASP B 94 -36.28 7.97 25.99
C ASP B 94 -35.47 7.08 26.93
N GLU B 95 -34.62 6.24 26.39
CA GLU B 95 -33.80 5.34 27.24
C GLU B 95 -32.54 6.07 27.70
N HIS B 96 -31.81 6.65 26.78
CA HIS B 96 -30.56 7.38 27.16
C HIS B 96 -30.86 8.44 28.22
N ARG B 97 -32.10 8.86 28.33
CA ARG B 97 -32.45 9.89 29.35
C ARG B 97 -32.32 9.31 30.77
N ARG B 98 -32.38 8.01 30.90
CA ARG B 98 -32.25 7.41 32.26
C ARG B 98 -30.80 7.44 32.73
N TRP B 99 -29.86 7.48 31.82
CA TRP B 99 -28.42 7.52 32.22
C TRP B 99 -28.04 8.91 32.71
N LYS B 100 -28.81 9.91 32.34
CA LYS B 100 -28.48 11.30 32.79
C LYS B 100 -28.37 11.36 34.31
N SER B 101 -29.03 10.47 35.01
CA SER B 101 -28.95 10.47 36.49
C SER B 101 -27.72 9.68 36.96
N LEU B 102 -27.24 8.77 36.14
CA LEU B 102 -26.05 7.97 36.53
C LEU B 102 -24.77 8.82 36.41
N SER B 103 -24.52 9.35 35.24
CA SER B 103 -23.29 10.18 35.06
C SER B 103 -23.48 11.16 33.90
N THR B 104 -23.88 12.37 34.19
CA THR B 104 -24.08 13.37 33.10
C THR B 104 -22.73 13.88 32.59
N LYS B 105 -21.81 14.12 33.49
CA LYS B 105 -20.48 14.60 33.09
C LYS B 105 -19.80 13.61 32.15
N ASP B 106 -20.24 12.37 32.12
CA ASP B 106 -19.61 11.37 31.21
C ASP B 106 -19.47 11.95 29.80
N LYS B 107 -20.44 12.72 29.38
CA LYS B 107 -20.35 13.34 28.02
C LYS B 107 -19.49 14.62 28.07
N PHE B 108 -19.34 15.21 29.22
CA PHE B 108 -18.52 16.46 29.32
C PHE B 108 -17.03 16.13 29.12
N VAL B 109 -16.55 15.08 29.73
CA VAL B 109 -15.12 14.72 29.57
C VAL B 109 -14.80 14.44 28.09
N GLU B 110 -15.79 14.21 27.28
CA GLU B 110 -15.54 13.94 25.83
C GLU B 110 -15.19 15.25 25.11
N GLY B 111 -15.89 16.31 25.42
CA GLY B 111 -15.61 17.61 24.73
C GLY B 111 -14.58 18.43 25.51
N LEU B 112 -14.80 18.63 26.79
CA LEU B 112 -13.84 19.43 27.61
C LEU B 112 -12.39 18.97 27.41
N SER B 113 -12.16 17.68 27.45
CA SER B 113 -10.75 17.19 27.28
C SER B 113 -10.25 17.44 25.86
N ASN B 114 -11.14 17.48 24.90
CA ASN B 114 -10.71 17.72 23.49
C ASN B 114 -9.93 19.04 23.38
N ASN B 115 -10.49 20.11 23.90
CA ASN B 115 -9.79 21.42 23.83
C ASN B 115 -8.39 21.33 24.43
N LYS B 116 -8.21 20.56 25.46
CA LYS B 116 -6.87 20.43 26.09
C LYS B 116 -5.90 19.72 25.13
N TYR B 117 -6.19 18.50 24.76
CA TYR B 117 -5.28 17.77 23.83
C TYR B 117 -5.09 18.57 22.54
N LYS B 118 -6.05 19.37 22.18
CA LYS B 118 -5.93 20.17 20.92
C LYS B 118 -4.76 21.15 21.02
N ILE B 119 -4.56 21.76 22.15
CA ILE B 119 -3.44 22.73 22.30
C ILE B 119 -2.12 22.00 22.59
N ILE B 120 -2.16 20.93 23.34
CA ILE B 120 -0.90 20.19 23.66
C ILE B 120 -0.22 19.71 22.38
N THR B 121 -0.99 19.29 21.41
CA THR B 121 -0.37 18.80 20.13
C THR B 121 0.08 19.97 19.26
N GLY B 122 -0.47 21.14 19.48
CA GLY B 122 -0.08 22.32 18.65
C GLY B 122 1.32 22.79 19.05
N ALA B 123 1.57 22.93 20.32
CA ALA B 123 2.92 23.40 20.78
C ALA B 123 3.99 22.35 20.48
N TRP B 124 3.61 21.11 20.33
CA TRP B 124 4.60 20.04 20.05
C TRP B 124 5.32 20.30 18.72
N ALA B 125 4.76 21.13 17.87
CA ALA B 125 5.40 21.42 16.56
C ALA B 125 6.36 22.62 16.67
N ALA B 126 5.90 23.72 17.24
CA ALA B 126 6.77 24.92 17.35
C ALA B 126 8.01 24.65 18.22
N SER B 127 7.99 23.61 19.00
CA SER B 127 9.17 23.31 19.87
C SER B 127 10.45 23.11 19.04
N LEU B 128 10.32 22.85 17.76
CA LEU B 128 11.55 22.64 16.93
C LEU B 128 12.12 23.99 16.46
N TYR B 129 11.36 24.80 15.75
CA TYR B 129 11.94 26.12 15.30
C TYR B 129 12.05 27.07 16.49
N GLY B 130 11.27 26.85 17.51
CA GLY B 130 11.35 27.74 18.70
C GLY B 130 12.64 27.45 19.46
N SER B 131 13.15 26.25 19.35
CA SER B 131 14.42 25.91 20.07
C SER B 131 15.64 26.44 19.30
N TRP B 132 15.48 26.71 18.03
CA TRP B 132 16.62 27.23 17.23
C TRP B 132 16.77 28.73 17.44
N VAL B 133 15.73 29.49 17.22
CA VAL B 133 15.82 30.97 17.40
C VAL B 133 16.38 31.31 18.78
N ILE B 134 15.89 30.68 19.81
CA ILE B 134 16.41 30.97 21.19
C ILE B 134 17.94 30.84 21.22
N VAL B 135 18.46 29.72 20.79
CA VAL B 135 19.94 29.54 20.80
C VAL B 135 20.44 29.18 19.40
N ASN B 136 21.27 30.03 18.83
CA ASN B 136 21.79 29.74 17.46
C ASN B 136 22.96 30.68 17.14
N LYS B 137 24.13 30.38 17.62
CA LYS B 137 25.31 31.26 17.34
C LYS B 137 26.14 30.67 16.21
N ASP B 138 27.43 30.87 16.21
CA ASP B 138 28.29 30.31 15.12
C ASP B 138 28.04 28.80 14.98
N PRO B 139 27.71 28.38 13.78
CA PRO B 139 27.45 26.94 13.53
C PRO B 139 28.76 26.14 13.57
N ILE B 140 28.66 24.84 13.71
CA ILE B 140 29.90 24.00 13.75
C ILE B 140 30.43 23.79 12.33
N MET B 141 31.66 23.36 12.20
CA MET B 141 32.24 23.14 10.84
C MET B 141 31.31 22.28 9.98
N THR B 142 31.34 20.99 10.13
CA THR B 142 30.46 20.11 9.30
C THR B 142 29.04 20.09 9.89
N LYS B 143 28.15 20.89 9.35
CA LYS B 143 26.75 20.92 9.87
C LYS B 143 25.98 19.68 9.40
N ALA B 144 26.40 19.08 8.32
CA ALA B 144 25.68 17.88 7.80
C ALA B 144 25.48 16.84 8.91
N GLN B 145 26.34 16.83 9.90
CA GLN B 145 26.19 15.84 11.00
C GLN B 145 24.94 16.18 11.83
N LYS B 146 24.48 17.40 11.76
CA LYS B 146 23.26 17.79 12.53
C LYS B 146 22.00 17.36 11.77
N ILE B 147 22.00 17.50 10.47
CA ILE B 147 20.80 17.10 9.67
C ILE B 147 20.50 15.61 9.84
N VAL B 148 21.51 14.80 10.05
CA VAL B 148 21.26 13.33 10.23
C VAL B 148 20.85 13.02 11.67
N GLN B 149 21.05 13.95 12.57
CA GLN B 149 20.66 13.70 14.00
C GLN B 149 19.14 13.81 14.14
N ALA B 150 18.55 14.74 13.43
CA ALA B 150 17.05 14.92 13.51
C ALA B 150 16.34 13.57 13.36
N ARG B 151 16.92 12.66 12.63
CA ARG B 151 16.27 11.33 12.44
C ARG B 151 16.10 10.61 13.78
N MET B 152 16.83 11.04 14.78
CA MET B 152 16.71 10.38 16.13
C MET B 152 15.35 10.71 16.75
N TYR B 153 14.92 11.94 16.64
CA TYR B 153 13.61 12.34 17.22
C TYR B 153 12.47 12.11 16.22
N ALA B 154 12.68 12.47 14.98
CA ALA B 154 11.61 12.29 13.94
C ALA B 154 11.01 10.88 14.01
N GLN B 155 11.81 9.87 13.76
CA GLN B 155 11.29 8.46 13.80
C GLN B 155 10.41 8.26 15.05
N PHE B 156 10.70 8.98 16.10
CA PHE B 156 9.90 8.84 17.35
C PHE B 156 8.64 9.73 17.26
N ILE B 157 8.82 11.00 17.09
CA ILE B 157 7.64 11.93 17.00
C ILE B 157 6.72 11.48 15.85
N THR B 158 7.23 10.70 14.93
CA THR B 158 6.38 10.24 13.78
C THR B 158 5.43 9.12 14.24
N VAL B 159 5.93 8.13 14.93
CA VAL B 159 5.07 7.01 15.39
C VAL B 159 3.82 7.56 16.11
N GLY B 160 3.90 8.76 16.63
CA GLY B 160 2.72 9.35 17.33
C GLY B 160 1.57 9.48 16.33
N LEU B 161 1.88 9.59 15.07
CA LEU B 161 0.81 9.72 14.03
C LEU B 161 0.26 8.35 13.65
N LEU B 162 1.12 7.39 13.47
CA LEU B 162 0.67 6.02 13.08
C LEU B 162 -0.18 5.40 14.19
N LEU B 163 0.37 5.27 15.37
CA LEU B 163 -0.41 4.65 16.50
C LEU B 163 -1.79 5.33 16.64
N ALA B 164 -1.83 6.63 16.52
CA ALA B 164 -3.14 7.34 16.65
C ALA B 164 -4.03 7.03 15.43
N SER B 165 -3.45 6.59 14.35
CA SER B 165 -4.27 6.29 13.12
C SER B 165 -4.92 4.91 13.22
N VAL B 166 -4.14 3.88 13.44
CA VAL B 166 -4.73 2.50 13.53
C VAL B 166 -5.78 2.45 14.63
N GLY B 167 -5.53 3.10 15.74
CA GLY B 167 -6.52 3.09 16.86
C GLY B 167 -7.87 3.59 16.35
N LEU B 168 -7.87 4.46 15.38
CA LEU B 168 -9.15 4.99 14.84
C LEU B 168 -9.84 3.93 13.97
N SER B 169 -9.08 3.26 13.14
CA SER B 169 -9.69 2.21 12.26
C SER B 169 -9.93 0.93 13.06
N MET B 170 -9.16 0.70 14.08
CA MET B 170 -9.34 -0.54 14.91
C MET B 170 -10.52 -0.37 15.87
N TYR B 171 -10.98 0.84 16.07
CA TYR B 171 -12.12 1.07 17.00
C TYR B 171 -13.44 0.68 16.33
N GLU B 172 -13.54 0.87 15.04
CA GLU B 172 -14.80 0.51 14.33
C GLU B 172 -15.00 -1.01 14.34
N ASN B 173 -13.93 -1.76 14.46
CA ASN B 173 -14.04 -3.25 14.48
C ASN B 173 -15.17 -3.72 15.41
N LYS B 174 -15.51 -2.93 16.41
CA LYS B 174 -16.60 -3.34 17.36
C LYS B 174 -17.83 -3.84 16.59
N LEU B 175 -18.64 -2.96 16.07
CA LEU B 175 -19.87 -3.40 15.32
C LEU B 175 -19.49 -4.40 14.23
N HIS B 176 -18.37 -4.21 13.59
CA HIS B 176 -17.95 -5.16 12.52
C HIS B 176 -16.69 -5.93 12.95
N PRO B 177 -16.89 -6.91 13.79
CA PRO B 177 -15.76 -7.72 14.29
C PRO B 177 -15.24 -8.67 13.19
N ASN B 178 -16.01 -8.85 12.15
CA ASN B 178 -15.55 -9.75 11.05
C ASN B 178 -15.06 -8.93 9.85
N LYS B 179 -13.77 -8.90 9.63
CA LYS B 179 -13.22 -8.12 8.49
C LYS B 179 -11.77 -8.51 8.24
N GLN B 180 -11.42 -8.82 7.02
CA GLN B 180 -10.02 -9.21 6.72
C GLN B 180 -9.60 -8.68 5.35
N LYS B 181 -9.97 -7.47 5.03
CA LYS B 181 -9.59 -6.89 3.70
C LYS B 181 -8.12 -6.43 3.73
N VAL B 182 -7.75 -5.55 2.83
CA VAL B 182 -6.34 -5.06 2.82
C VAL B 182 -6.30 -3.56 3.10
N ASN B 183 -5.50 -3.15 4.05
CA ASN B 183 -5.40 -1.70 4.40
C ASN B 183 -4.49 -1.49 5.62
N GLU B 184 -5.03 -1.57 6.81
CA GLU B 184 -4.18 -1.37 8.04
C GLU B 184 -2.84 -2.11 7.93
N MET B 185 -2.85 -3.41 7.88
CA MET B 185 -1.55 -4.16 7.78
C MET B 185 -0.92 -3.92 6.40
N ARG B 186 -1.66 -3.40 5.45
CA ARG B 186 -1.08 -3.15 4.10
C ARG B 186 -0.11 -1.97 4.15
N ARG B 187 -0.38 -1.01 4.99
CA ARG B 187 0.50 0.19 5.06
C ARG B 187 1.66 -0.01 6.08
N TRP B 188 1.57 -0.97 6.97
CA TRP B 188 2.70 -1.16 7.94
C TRP B 188 3.91 -1.74 7.20
N GLU B 189 3.75 -2.90 6.61
CA GLU B 189 4.88 -3.53 5.87
C GLU B 189 5.34 -2.60 4.74
N ASN B 190 4.42 -1.94 4.10
CA ASN B 190 4.80 -1.02 2.99
C ASN B 190 5.69 0.10 3.53
N ALA B 191 5.40 0.59 4.71
CA ALA B 191 6.24 1.68 5.29
C ALA B 191 7.64 1.14 5.56
N LEU B 192 7.76 -0.12 5.86
CA LEU B 192 9.10 -0.72 6.13
C LEU B 192 9.92 -0.76 4.83
N ARG B 193 9.29 -1.08 3.73
CA ARG B 193 10.02 -1.14 2.43
C ARG B 193 10.60 0.24 2.11
N VAL B 194 9.80 1.27 2.19
CA VAL B 194 10.31 2.64 1.89
C VAL B 194 11.27 3.09 3.00
N ALA B 195 11.20 2.47 4.15
CA ALA B 195 12.10 2.86 5.27
C ALA B 195 13.45 2.16 5.12
N GLU B 196 13.46 0.85 5.03
CA GLU B 196 14.75 0.12 4.87
C GLU B 196 15.51 0.64 3.66
N GLU B 197 14.80 1.12 2.67
CA GLU B 197 15.47 1.64 1.44
C GLU B 197 16.35 2.84 1.81
N GLU B 198 15.96 3.59 2.81
CA GLU B 198 16.78 4.78 3.22
C GLU B 198 18.11 4.32 3.83
N GLU B 199 18.15 3.11 4.35
CA GLU B 199 19.42 2.61 4.96
C GLU B 199 20.44 2.29 3.88
N ARG B 200 19.99 1.83 2.74
CA ARG B 200 20.94 1.49 1.64
C ARG B 200 21.89 2.66 1.38
N LEU B 201 21.47 3.85 1.71
CA LEU B 201 22.34 5.04 1.52
C LEU B 201 23.20 5.28 2.78
N GLU B 202 22.74 4.82 3.91
CA GLU B 202 23.52 5.02 5.17
C GLU B 202 24.77 4.12 5.18
N LYS B 203 24.65 2.93 4.65
CA LYS B 203 25.82 2.00 4.63
C LYS B 203 27.00 2.64 3.88
N GLU B 204 26.72 3.55 2.98
CA GLU B 204 27.81 4.21 2.22
C GLU B 204 28.60 5.17 3.13
N GLY B 205 27.95 5.71 4.12
CA GLY B 205 28.64 6.65 5.05
C GLY B 205 28.04 6.52 6.46
N ARG B 206 28.56 5.62 7.25
CA ARG B 206 28.01 5.45 8.63
C ARG B 206 28.52 6.56 9.54
N ARG B 207 29.81 6.63 9.76
CA ARG B 207 30.37 7.69 10.64
C ARG B 207 31.24 8.65 9.82
N THR B 208 32.00 9.49 10.48
CA THR B 208 32.87 10.45 9.74
C THR B 208 34.10 9.72 9.20
N GLY B 209 34.62 8.79 9.95
CA GLY B 209 35.82 8.04 9.48
C GLY B 209 36.24 7.01 10.53
N TYR B 210 36.73 7.47 11.65
CA TYR B 210 37.14 6.52 12.73
C TYR B 210 36.98 7.17 14.10
N VAL B 211 36.49 6.43 15.06
CA VAL B 211 36.30 7.01 16.43
C VAL B 211 37.64 7.48 17.01
N SER B 212 38.73 6.96 16.51
CA SER B 212 40.07 7.37 17.02
C SER B 212 40.44 8.75 16.47
N ASN B 213 39.83 9.16 15.40
CA ASN B 213 40.15 10.50 14.80
C ASN B 213 40.03 11.60 15.87
N GLU B 214 39.12 11.44 16.80
CA GLU B 214 38.96 12.47 17.87
C GLU B 214 40.23 12.56 18.72
N GLU B 215 40.76 11.44 19.14
CA GLU B 215 41.99 11.46 19.97
C GLU B 215 43.22 11.75 19.10
N ARG B 216 43.15 11.44 17.84
CA ARG B 216 44.31 11.69 16.93
C ARG B 216 44.65 13.19 16.92
N ILE B 217 43.65 14.03 16.88
CA ILE B 217 43.91 15.50 16.86
C ILE B 217 44.57 15.93 18.18
N ASN B 218 43.95 15.60 19.29
CA ASN B 218 44.53 15.99 20.60
C ASN B 218 45.92 15.36 20.78
N SER B 219 46.12 14.19 20.22
CA SER B 219 47.44 13.51 20.36
C SER B 219 48.44 14.09 19.37
N LYS B 220 48.00 14.46 18.19
CA LYS B 220 48.93 15.04 17.18
C LYS B 220 49.60 16.30 17.73
N ILE B 221 48.85 17.14 18.38
CA ILE B 221 49.43 18.40 18.94
C ILE B 221 50.36 18.06 20.12
N PHE B 222 50.15 16.93 20.76
CA PHE B 222 51.02 16.56 21.91
C PHE B 222 52.42 16.16 21.40
N LYS B 223 52.51 15.09 20.68
CA LYS B 223 53.85 14.66 20.16
C LYS B 223 54.04 15.16 18.73
N SER B 224 55.27 15.27 18.30
CA SER B 224 55.53 15.75 16.90
C SER B 224 56.62 14.90 16.25
N MET A 1 -29.40 -40.27 -22.51
CA MET A 1 -29.90 -41.54 -23.08
C MET A 1 -29.31 -42.74 -22.32
N LYS A 2 -29.92 -43.88 -22.43
CA LYS A 2 -29.41 -45.09 -21.71
C LYS A 2 -29.30 -44.81 -20.20
N ILE A 3 -28.99 -45.81 -19.43
CA ILE A 3 -28.85 -45.61 -17.96
C ILE A 3 -27.47 -45.04 -17.63
N LEU A 4 -27.40 -44.15 -16.67
CA LEU A 4 -26.08 -43.54 -16.29
C LEU A 4 -25.37 -42.99 -17.54
N THR A 5 -24.07 -42.91 -17.51
CA THR A 5 -23.32 -42.37 -18.69
C THR A 5 -23.86 -40.99 -19.08
N GLN A 6 -23.93 -40.09 -18.14
CA GLN A 6 -24.45 -38.72 -18.45
C GLN A 6 -23.63 -37.66 -17.72
N ASP A 7 -22.84 -36.90 -18.44
CA ASP A 7 -22.01 -35.85 -17.80
C ASP A 7 -22.46 -34.46 -18.25
N GLU A 8 -21.91 -33.43 -17.68
CA GLU A 8 -22.30 -32.04 -18.08
C GLU A 8 -21.45 -31.58 -19.26
N ILE A 9 -22.07 -31.13 -20.31
CA ILE A 9 -21.29 -30.66 -21.50
C ILE A 9 -21.47 -29.15 -21.69
N GLU A 10 -21.26 -28.39 -20.65
CA GLU A 10 -21.41 -26.91 -20.75
C GLU A 10 -20.04 -26.23 -20.74
N ALA A 11 -19.07 -26.85 -20.11
CA ALA A 11 -17.70 -26.26 -20.06
C ALA A 11 -17.76 -24.82 -19.52
N HIS A 12 -18.63 -24.56 -18.57
CA HIS A 12 -18.73 -23.19 -18.00
C HIS A 12 -17.41 -22.79 -17.35
N ARG A 13 -17.36 -21.61 -16.78
CA ARG A 13 -16.11 -21.14 -16.12
C ARG A 13 -15.77 -22.05 -14.93
N SER A 14 -16.76 -22.65 -14.34
CA SER A 14 -16.51 -23.54 -13.16
C SER A 14 -15.53 -24.66 -13.55
N HIS A 15 -15.47 -25.00 -14.80
CA HIS A 15 -14.53 -26.08 -15.25
C HIS A 15 -13.07 -25.63 -15.03
N THR A 16 -12.82 -24.35 -14.98
CA THR A 16 -11.41 -23.87 -14.78
C THR A 16 -10.97 -24.07 -13.33
N LEU A 17 -11.90 -24.21 -12.41
CA LEU A 17 -11.51 -24.39 -10.97
C LEU A 17 -10.47 -25.51 -10.83
N LYS A 18 -10.55 -26.52 -11.66
CA LYS A 18 -9.55 -27.64 -11.58
C LYS A 18 -8.14 -27.11 -11.84
N GLY A 19 -7.98 -26.33 -12.87
CA GLY A 19 -6.63 -25.78 -13.20
C GLY A 19 -6.29 -24.65 -12.23
N GLY A 20 -7.28 -24.01 -11.65
CA GLY A 20 -7.01 -22.89 -10.70
C GLY A 20 -6.03 -23.35 -9.61
N ILE A 21 -6.22 -24.54 -9.10
CA ILE A 21 -5.30 -25.05 -8.03
C ILE A 21 -3.97 -25.49 -8.65
N GLU A 22 -3.99 -25.87 -9.89
CA GLU A 22 -2.72 -26.31 -10.56
C GLU A 22 -1.71 -25.16 -10.61
N GLY A 23 -2.18 -23.94 -10.69
CA GLY A 23 -1.24 -22.78 -10.74
C GLY A 23 -0.69 -22.49 -9.35
N ALA A 24 -1.50 -22.62 -8.33
CA ALA A 24 -1.01 -22.33 -6.95
C ALA A 24 0.23 -23.18 -6.61
N LEU A 25 0.20 -24.44 -6.95
CA LEU A 25 1.36 -25.32 -6.65
C LEU A 25 2.47 -25.14 -7.70
N ALA A 26 2.14 -24.63 -8.86
CA ALA A 26 3.18 -24.45 -9.91
C ALA A 26 4.15 -23.32 -9.53
N GLY A 27 3.67 -22.33 -8.83
CA GLY A 27 4.56 -21.20 -8.43
C GLY A 27 5.75 -21.73 -7.63
N PHE A 28 5.51 -22.68 -6.76
CA PHE A 28 6.63 -23.25 -5.94
C PHE A 28 7.77 -23.73 -6.83
N ALA A 29 7.48 -24.11 -8.04
CA ALA A 29 8.56 -24.60 -8.95
C ALA A 29 9.33 -23.42 -9.57
N ILE A 30 8.66 -22.58 -10.30
CA ILE A 30 9.36 -21.41 -10.92
C ILE A 30 9.85 -20.44 -9.84
N SER A 31 9.23 -20.44 -8.69
CA SER A 31 9.66 -19.51 -7.59
C SER A 31 11.14 -19.69 -7.27
N ALA A 32 11.56 -20.88 -6.93
CA ALA A 32 13.00 -21.11 -6.57
C ALA A 32 13.87 -21.25 -7.81
N ILE A 33 13.33 -21.75 -8.90
CA ILE A 33 14.17 -21.93 -10.13
C ILE A 33 14.60 -20.58 -10.71
N ILE A 34 13.72 -19.60 -10.72
CA ILE A 34 14.10 -18.27 -11.30
C ILE A 34 15.14 -17.57 -10.42
N PHE A 35 15.08 -17.74 -9.13
CA PHE A 35 16.08 -17.06 -8.24
C PHE A 35 17.46 -17.71 -8.34
N LYS A 36 17.50 -18.96 -8.73
CA LYS A 36 18.82 -19.66 -8.84
C LYS A 36 19.57 -19.32 -10.12
N VAL A 37 18.87 -18.98 -11.17
CA VAL A 37 19.56 -18.69 -12.48
C VAL A 37 20.80 -17.80 -12.32
N LEU A 38 20.74 -16.77 -11.53
CA LEU A 38 21.91 -15.87 -11.39
C LEU A 38 23.04 -16.52 -10.54
N PRO A 39 22.73 -16.87 -9.32
CA PRO A 39 23.75 -17.48 -8.43
C PRO A 39 24.13 -18.88 -8.95
N ARG A 40 23.33 -19.41 -9.83
CA ARG A 40 23.62 -20.77 -10.38
C ARG A 40 25.02 -20.78 -11.03
N ARG A 41 25.32 -19.79 -11.83
CA ARG A 41 26.66 -19.75 -12.49
C ARG A 41 27.73 -19.29 -11.51
N TYR A 42 27.60 -18.11 -10.96
CA TYR A 42 28.62 -17.60 -9.99
C TYR A 42 28.48 -18.32 -8.65
N PRO A 43 29.60 -18.72 -8.09
CA PRO A 43 29.58 -19.42 -6.78
C PRO A 43 29.26 -18.44 -5.65
N LYS A 44 29.40 -17.16 -5.90
CA LYS A 44 29.10 -16.16 -4.84
C LYS A 44 28.17 -15.08 -5.42
N PHE A 45 27.45 -14.40 -4.56
CA PHE A 45 26.51 -13.34 -5.06
C PHE A 45 26.82 -12.00 -4.38
N LYS A 46 25.89 -11.09 -4.41
CA LYS A 46 26.11 -9.76 -3.78
C LYS A 46 24.82 -8.93 -3.83
N PRO A 47 24.29 -8.73 -5.02
CA PRO A 47 23.04 -7.95 -5.17
C PRO A 47 21.81 -8.79 -4.80
N SER A 48 21.88 -9.56 -3.74
CA SER A 48 20.71 -10.40 -3.34
C SER A 48 19.61 -9.52 -2.73
N THR A 49 19.94 -8.31 -2.37
CA THR A 49 18.91 -7.40 -1.78
C THR A 49 17.99 -6.86 -2.87
N LEU A 50 18.39 -6.95 -4.11
CA LEU A 50 17.53 -6.44 -5.22
C LEU A 50 16.47 -7.48 -5.57
N THR A 51 16.87 -8.70 -5.77
CA THR A 51 15.89 -9.77 -6.11
C THR A 51 15.05 -10.15 -4.89
N TRP A 52 15.51 -9.81 -3.71
CA TRP A 52 14.76 -10.14 -2.47
C TRP A 52 13.44 -9.36 -2.41
N SER A 53 13.38 -8.21 -3.03
CA SER A 53 12.12 -7.39 -2.98
C SER A 53 11.16 -7.83 -4.09
N ILE A 54 11.64 -7.87 -5.31
CA ILE A 54 10.75 -8.28 -6.45
C ILE A 54 10.06 -9.62 -6.13
N LYS A 55 10.65 -10.41 -5.28
CA LYS A 55 10.05 -11.71 -4.92
C LYS A 55 8.98 -11.56 -3.82
N THR A 56 8.97 -10.45 -3.13
CA THR A 56 7.97 -10.26 -2.04
C THR A 56 6.56 -10.06 -2.62
N ALA A 57 6.41 -9.14 -3.54
CA ALA A 57 5.06 -8.90 -4.13
C ALA A 57 4.51 -10.15 -4.83
N LEU A 58 5.36 -11.10 -5.13
CA LEU A 58 4.88 -12.34 -5.82
C LEU A 58 4.32 -13.38 -4.83
N TRP A 59 4.66 -13.29 -3.58
CA TRP A 59 4.16 -14.31 -2.59
C TRP A 59 2.67 -14.07 -2.25
N ILE A 60 2.26 -12.85 -2.20
CA ILE A 60 0.83 -12.54 -1.85
C ILE A 60 -0.08 -12.62 -3.10
N THR A 61 0.49 -12.55 -4.27
CA THR A 61 -0.34 -12.59 -5.51
C THR A 61 -1.09 -13.93 -5.70
N PRO A 62 -0.40 -15.04 -5.58
CA PRO A 62 -1.05 -16.35 -5.80
C PRO A 62 -2.11 -16.72 -4.73
N PRO A 63 -1.89 -16.40 -3.49
CA PRO A 63 -2.90 -16.75 -2.45
C PRO A 63 -4.19 -15.92 -2.63
N THR A 64 -4.13 -14.83 -3.34
CA THR A 64 -5.35 -13.99 -3.53
C THR A 64 -6.13 -14.42 -4.78
N VAL A 65 -5.47 -14.96 -5.76
CA VAL A 65 -6.19 -15.40 -6.97
C VAL A 65 -7.16 -16.53 -6.60
N LEU A 66 -6.94 -17.18 -5.48
CA LEU A 66 -7.85 -18.30 -5.04
C LEU A 66 -9.28 -17.78 -4.83
N THR A 67 -9.43 -16.49 -4.64
CA THR A 67 -10.79 -15.92 -4.40
C THR A 67 -11.77 -16.30 -5.52
N ALA A 68 -11.27 -16.69 -6.66
CA ALA A 68 -12.21 -17.04 -7.79
C ALA A 68 -12.83 -18.43 -7.57
N ILE A 69 -12.12 -19.35 -6.98
CA ILE A 69 -12.68 -20.70 -6.75
C ILE A 69 -13.73 -20.66 -5.63
N CYS A 70 -13.34 -20.19 -4.47
CA CYS A 70 -14.30 -20.13 -3.33
C CYS A 70 -15.59 -19.42 -3.75
N ALA A 71 -15.48 -18.25 -4.34
CA ALA A 71 -16.73 -17.52 -4.77
C ALA A 71 -17.58 -18.41 -5.68
N GLU A 72 -16.97 -19.37 -6.33
CA GLU A 72 -17.74 -20.28 -7.22
C GLU A 72 -18.35 -21.43 -6.42
N GLU A 73 -17.57 -22.06 -5.59
CA GLU A 73 -18.10 -23.19 -4.78
C GLU A 73 -19.16 -22.69 -3.78
N ALA A 74 -19.11 -21.42 -3.46
CA ALA A 74 -20.13 -20.88 -2.49
C ALA A 74 -21.36 -20.37 -3.25
N SER A 75 -21.16 -19.55 -4.26
CA SER A 75 -22.31 -19.02 -5.04
C SER A 75 -23.29 -20.14 -5.42
N ASN A 76 -23.00 -20.89 -6.44
CA ASN A 76 -23.92 -22.00 -6.86
C ASN A 76 -24.26 -22.89 -5.65
N ASN A 77 -25.50 -22.95 -5.28
CA ASN A 77 -25.91 -23.80 -4.12
C ASN A 77 -27.03 -24.75 -4.53
N PHE A 78 -26.98 -25.98 -4.09
CA PHE A 78 -28.04 -26.96 -4.44
C PHE A 78 -29.37 -26.55 -3.81
N ASP A 79 -30.21 -25.88 -4.55
CA ASP A 79 -31.52 -25.46 -3.98
C ASP A 79 -32.65 -25.71 -5.00
N ALA A 80 -32.68 -26.88 -5.58
CA ALA A 80 -33.74 -27.19 -6.58
C ALA A 80 -34.69 -28.26 -6.02
N THR A 81 -35.97 -28.05 -6.14
CA THR A 81 -36.94 -29.05 -5.61
C THR A 81 -36.89 -30.33 -6.46
N MET A 82 -37.60 -31.35 -6.06
CA MET A 82 -37.58 -32.63 -6.84
C MET A 82 -38.05 -32.38 -8.27
N TYR A 83 -37.77 -33.31 -9.15
CA TYR A 83 -38.20 -33.13 -10.58
C TYR A 83 -39.67 -33.52 -10.74
N GLY A 84 -40.37 -32.88 -11.64
CA GLY A 84 -41.81 -33.21 -11.84
C GLY A 84 -42.67 -32.28 -10.99
N SER A 85 -43.96 -32.31 -11.17
CA SER A 85 -44.86 -31.43 -10.37
C SER A 85 -44.40 -29.98 -10.43
N GLY A 86 -44.36 -29.41 -11.62
CA GLY A 86 -43.92 -28.00 -11.76
C GLY A 86 -43.59 -27.71 -13.21
N SER A 87 -42.90 -26.62 -13.48
CA SER A 87 -42.55 -26.26 -14.88
C SER A 87 -43.80 -26.26 -15.77
N SER A 88 -44.59 -25.21 -15.70
CA SER A 88 -45.82 -25.16 -16.54
C SER A 88 -45.49 -24.68 -17.95
N SER A 89 -46.32 -24.99 -18.90
CA SER A 89 -46.06 -24.55 -20.31
C SER A 89 -44.66 -25.00 -20.76
N GLU A 90 -44.41 -26.29 -20.73
CA GLU A 90 -43.07 -26.81 -21.16
C GLU A 90 -42.76 -26.35 -22.58
N ASP A 91 -43.76 -26.11 -23.37
CA ASP A 91 -43.52 -25.66 -24.78
C ASP A 91 -42.96 -24.23 -24.79
N ALA A 92 -43.60 -23.34 -24.09
CA ALA A 92 -43.11 -21.93 -24.06
C ALA A 92 -41.80 -21.83 -23.27
N LEU A 93 -41.58 -22.74 -22.35
CA LEU A 93 -40.32 -22.71 -21.55
C LEU A 93 -39.13 -23.12 -22.41
N ASP A 94 -39.37 -23.90 -23.43
CA ASP A 94 -38.24 -24.34 -24.30
C ASP A 94 -37.59 -23.14 -24.98
N GLU A 95 -38.34 -22.40 -25.76
CA GLU A 95 -37.78 -21.22 -26.46
C GLU A 95 -37.38 -20.15 -25.42
N HIS A 96 -38.04 -20.12 -24.30
CA HIS A 96 -37.69 -19.09 -23.26
C HIS A 96 -36.29 -19.35 -22.71
N ARG A 97 -35.88 -20.59 -22.65
CA ARG A 97 -34.53 -20.91 -22.12
C ARG A 97 -33.46 -20.63 -23.18
N ARG A 98 -33.83 -20.68 -24.44
CA ARG A 98 -32.83 -20.41 -25.52
C ARG A 98 -32.62 -18.90 -25.70
N TRP A 99 -33.51 -18.10 -25.20
CA TRP A 99 -33.36 -16.62 -25.35
C TRP A 99 -32.05 -16.16 -24.68
N LYS A 100 -31.86 -16.51 -23.44
CA LYS A 100 -30.62 -16.09 -22.74
C LYS A 100 -29.40 -16.83 -23.32
N SER A 101 -29.61 -17.94 -23.98
CA SER A 101 -28.48 -18.69 -24.57
C SER A 101 -28.14 -18.13 -25.96
N LEU A 102 -27.00 -18.49 -26.50
CA LEU A 102 -26.62 -17.98 -27.84
C LEU A 102 -25.79 -19.03 -28.59
N SER A 103 -24.73 -19.50 -28.00
CA SER A 103 -23.88 -20.52 -28.68
C SER A 103 -23.29 -21.49 -27.64
N THR A 104 -22.94 -22.68 -28.06
CA THR A 104 -22.35 -23.67 -27.11
C THR A 104 -20.85 -23.45 -26.97
N LYS A 105 -20.15 -23.28 -28.06
CA LYS A 105 -18.69 -23.06 -28.00
C LYS A 105 -18.35 -21.83 -27.16
N ASP A 106 -19.30 -20.94 -26.95
CA ASP A 106 -19.00 -19.72 -26.13
C ASP A 106 -18.29 -20.12 -24.83
N LYS A 107 -18.67 -21.23 -24.25
CA LYS A 107 -18.00 -21.69 -23.00
C LYS A 107 -16.72 -22.47 -23.32
N PHE A 108 -16.58 -22.96 -24.53
CA PHE A 108 -15.36 -23.72 -24.90
C PHE A 108 -14.15 -22.78 -24.97
N VAL A 109 -14.31 -21.63 -25.57
CA VAL A 109 -13.17 -20.67 -25.66
C VAL A 109 -12.70 -20.28 -24.26
N GLU A 110 -13.50 -20.51 -23.25
CA GLU A 110 -13.07 -20.16 -21.86
C GLU A 110 -11.92 -21.07 -21.42
N GLY A 111 -12.03 -22.35 -21.66
CA GLY A 111 -10.95 -23.30 -21.24
C GLY A 111 -9.92 -23.49 -22.36
N LEU A 112 -10.37 -23.81 -23.55
CA LEU A 112 -9.42 -24.04 -24.69
C LEU A 112 -8.36 -22.95 -24.78
N SER A 113 -8.72 -21.71 -24.52
CA SER A 113 -7.72 -20.61 -24.61
C SER A 113 -6.84 -20.57 -23.36
N ASN A 114 -7.38 -20.89 -22.22
CA ASN A 114 -6.57 -20.87 -20.97
C ASN A 114 -5.33 -21.75 -21.12
N ASN A 115 -5.50 -22.94 -21.64
CA ASN A 115 -4.33 -23.86 -21.81
C ASN A 115 -3.28 -23.22 -22.72
N LYS A 116 -3.68 -22.45 -23.69
CA LYS A 116 -2.70 -21.81 -24.61
C LYS A 116 -1.92 -20.73 -23.86
N TYR A 117 -2.59 -19.75 -23.32
CA TYR A 117 -1.88 -18.67 -22.57
C TYR A 117 -1.04 -19.27 -21.45
N LYS A 118 -1.47 -20.38 -20.91
CA LYS A 118 -0.70 -21.04 -19.81
C LYS A 118 0.74 -21.34 -20.25
N ILE A 119 0.91 -21.85 -21.45
CA ILE A 119 2.28 -22.18 -21.94
C ILE A 119 2.99 -20.93 -22.46
N ILE A 120 2.25 -20.01 -23.04
CA ILE A 120 2.90 -18.78 -23.57
C ILE A 120 3.61 -18.01 -22.46
N THR A 121 3.00 -17.93 -21.30
CA THR A 121 3.65 -17.19 -20.17
C THR A 121 4.77 -18.04 -19.54
N GLY A 122 4.72 -19.32 -19.73
CA GLY A 122 5.77 -20.20 -19.14
C GLY A 122 7.10 -20.01 -19.88
N ALA A 123 7.04 -19.86 -21.19
CA ALA A 123 8.29 -19.67 -21.98
C ALA A 123 8.81 -18.24 -21.84
N TRP A 124 7.96 -17.31 -21.49
CA TRP A 124 8.42 -15.90 -21.33
C TRP A 124 9.52 -15.79 -20.29
N ALA A 125 9.59 -16.74 -19.38
CA ALA A 125 10.63 -16.68 -18.31
C ALA A 125 11.92 -17.40 -18.77
N ALA A 126 11.79 -18.57 -19.34
CA ALA A 126 13.00 -19.32 -19.78
C ALA A 126 13.81 -18.51 -20.80
N SER A 127 13.22 -17.53 -21.42
CA SER A 127 13.98 -16.72 -22.43
C SER A 127 15.12 -15.95 -21.77
N LEU A 128 15.06 -15.78 -20.47
CA LEU A 128 16.14 -15.02 -19.77
C LEU A 128 17.39 -15.92 -19.59
N TYR A 129 17.28 -17.02 -18.89
CA TYR A 129 18.49 -17.89 -18.71
C TYR A 129 18.75 -18.69 -20.00
N GLY A 130 17.73 -18.97 -20.75
CA GLY A 130 17.93 -19.73 -22.02
C GLY A 130 18.68 -18.84 -23.02
N SER A 131 18.63 -17.54 -22.83
CA SER A 131 19.34 -16.61 -23.76
C SER A 131 20.84 -16.61 -23.44
N TRP A 132 21.20 -16.94 -22.22
CA TRP A 132 22.64 -16.94 -21.84
C TRP A 132 23.30 -18.29 -22.21
N VAL A 133 22.62 -19.38 -21.93
CA VAL A 133 23.21 -20.72 -22.26
C VAL A 133 23.65 -20.76 -23.73
N ILE A 134 22.83 -20.25 -24.62
CA ILE A 134 23.20 -20.28 -26.07
C ILE A 134 24.64 -19.80 -26.29
N VAL A 135 25.15 -18.97 -25.41
CA VAL A 135 26.56 -18.49 -25.57
C VAL A 135 27.34 -18.76 -24.29
N ASN A 136 28.54 -19.28 -24.41
CA ASN A 136 29.35 -19.55 -23.19
C ASN A 136 30.74 -18.89 -23.29
N LYS A 137 30.98 -18.17 -24.35
CA LYS A 137 32.30 -17.49 -24.51
C LYS A 137 32.11 -15.98 -24.62
N ASP A 138 31.99 -15.31 -23.50
CA ASP A 138 31.81 -13.83 -23.55
C ASP A 138 33.15 -13.12 -23.72
N PRO A 139 33.17 -12.09 -24.54
CA PRO A 139 34.42 -11.34 -24.79
C PRO A 139 34.76 -10.47 -23.57
N ILE A 140 35.69 -9.57 -23.73
CA ILE A 140 36.07 -8.68 -22.58
C ILE A 140 35.09 -7.50 -22.49
N MET A 141 34.33 -7.44 -21.44
CA MET A 141 33.35 -6.33 -21.29
C MET A 141 32.99 -6.14 -19.80
N THR A 142 32.49 -4.98 -19.46
CA THR A 142 32.12 -4.73 -18.03
C THR A 142 30.81 -5.46 -17.69
N LYS A 143 30.80 -6.23 -16.64
CA LYS A 143 29.57 -6.97 -16.25
C LYS A 143 28.63 -6.05 -15.46
N ALA A 144 29.17 -5.27 -14.55
CA ALA A 144 28.30 -4.36 -13.74
C ALA A 144 27.46 -3.46 -14.66
N GLN A 145 27.99 -3.11 -15.80
CA GLN A 145 27.22 -2.23 -16.73
C GLN A 145 25.95 -2.95 -17.20
N LYS A 146 26.03 -4.25 -17.38
CA LYS A 146 24.83 -5.01 -17.83
C LYS A 146 23.85 -5.19 -16.67
N ILE A 147 24.35 -5.17 -15.46
CA ILE A 147 23.46 -5.34 -14.27
C ILE A 147 22.37 -4.27 -14.27
N VAL A 148 22.69 -3.07 -14.69
CA VAL A 148 21.65 -1.98 -14.72
C VAL A 148 20.91 -1.98 -16.07
N GLN A 149 21.37 -2.73 -17.04
CA GLN A 149 20.66 -2.75 -18.35
C GLN A 149 19.38 -3.57 -18.22
N ALA A 150 19.43 -4.64 -17.47
CA ALA A 150 18.20 -5.49 -17.28
C ALA A 150 16.99 -4.63 -16.93
N ARG A 151 17.22 -3.50 -16.31
CA ARG A 151 16.09 -2.61 -15.93
C ARG A 151 15.32 -2.13 -17.17
N MET A 152 15.91 -2.26 -18.33
CA MET A 152 15.22 -1.80 -19.57
C MET A 152 14.05 -2.72 -19.91
N TYR A 153 14.22 -4.01 -19.70
CA TYR A 153 13.12 -4.96 -20.02
C TYR A 153 12.22 -5.18 -18.78
N ALA A 154 12.81 -5.38 -17.63
CA ALA A 154 12.01 -5.60 -16.38
C ALA A 154 10.85 -4.60 -16.27
N GLN A 155 11.16 -3.34 -16.08
CA GLN A 155 10.08 -2.30 -15.94
C GLN A 155 8.94 -2.56 -16.94
N PHE A 156 9.27 -3.11 -18.08
CA PHE A 156 8.22 -3.40 -19.10
C PHE A 156 7.54 -4.74 -18.80
N ILE A 157 8.30 -5.80 -18.74
CA ILE A 157 7.69 -7.15 -18.44
C ILE A 157 6.97 -7.11 -17.08
N THR A 158 7.30 -6.15 -16.25
CA THR A 158 6.63 -6.06 -14.91
C THR A 158 5.21 -5.53 -15.06
N VAL A 159 5.03 -4.45 -15.77
CA VAL A 159 3.67 -3.87 -15.95
C VAL A 159 2.67 -4.94 -16.39
N GLY A 160 3.13 -5.98 -17.02
CA GLY A 160 2.21 -7.07 -17.46
C GLY A 160 1.53 -7.69 -16.22
N LEU A 161 2.13 -7.53 -15.08
CA LEU A 161 1.54 -8.10 -13.83
C LEU A 161 0.53 -7.11 -13.23
N LEU A 162 0.92 -5.87 -13.10
CA LEU A 162 0.01 -4.84 -12.51
C LEU A 162 -1.33 -4.78 -13.27
N LEU A 163 -1.28 -4.52 -14.55
CA LEU A 163 -2.55 -4.44 -15.36
C LEU A 163 -3.43 -5.66 -15.08
N ALA A 164 -2.88 -6.84 -15.19
CA ALA A 164 -3.68 -8.07 -14.95
C ALA A 164 -4.24 -8.08 -13.51
N SER A 165 -3.66 -7.30 -12.63
CA SER A 165 -4.16 -7.27 -11.22
C SER A 165 -5.42 -6.41 -11.10
N VAL A 166 -5.33 -5.13 -11.38
CA VAL A 166 -6.53 -4.25 -11.25
C VAL A 166 -7.68 -4.80 -12.11
N GLY A 167 -7.38 -5.45 -13.19
CA GLY A 167 -8.44 -6.01 -14.06
C GLY A 167 -9.28 -7.02 -13.27
N LEU A 168 -8.67 -7.69 -12.33
CA LEU A 168 -9.42 -8.70 -11.52
C LEU A 168 -10.28 -7.99 -10.47
N SER A 169 -9.73 -7.02 -9.80
CA SER A 169 -10.51 -6.29 -8.75
C SER A 169 -11.47 -5.29 -9.41
N MET A 170 -11.16 -4.84 -10.60
CA MET A 170 -12.06 -3.86 -11.28
C MET A 170 -13.26 -4.57 -11.93
N TYR A 171 -13.15 -5.85 -12.18
CA TYR A 171 -14.29 -6.58 -12.81
C TYR A 171 -15.36 -6.91 -11.77
N GLU A 172 -14.96 -7.35 -10.61
CA GLU A 172 -15.96 -7.68 -9.55
C GLU A 172 -16.87 -6.48 -9.28
N ASN A 173 -16.33 -5.29 -9.34
CA ASN A 173 -17.14 -4.06 -9.08
C ASN A 173 -18.48 -4.10 -9.86
N LYS A 174 -18.50 -4.78 -10.97
CA LYS A 174 -19.76 -4.85 -11.78
C LYS A 174 -20.96 -5.26 -10.89
N LEU A 175 -21.16 -6.53 -10.68
CA LEU A 175 -22.30 -6.98 -9.83
C LEU A 175 -21.96 -6.77 -8.35
N HIS A 176 -20.86 -7.29 -7.91
CA HIS A 176 -20.47 -7.11 -6.47
C HIS A 176 -19.68 -5.82 -6.27
N PRO A 177 -20.26 -4.89 -5.55
CA PRO A 177 -19.59 -3.60 -5.30
C PRO A 177 -18.42 -3.80 -4.33
N ASN A 178 -18.02 -2.77 -3.62
CA ASN A 178 -16.89 -2.92 -2.66
C ASN A 178 -16.85 -1.72 -1.69
N LYS A 179 -16.40 -0.59 -2.16
CA LYS A 179 -16.33 0.61 -1.27
C LYS A 179 -15.95 1.84 -2.08
N GLN A 180 -15.51 2.89 -1.42
CA GLN A 180 -15.12 4.13 -2.15
C GLN A 180 -13.80 3.91 -2.90
N LYS A 181 -13.19 4.98 -3.36
CA LYS A 181 -11.91 4.83 -4.09
C LYS A 181 -10.78 4.42 -3.14
N VAL A 182 -10.19 3.27 -3.36
CA VAL A 182 -9.09 2.80 -2.47
C VAL A 182 -8.41 1.56 -3.08
N ASN A 183 -7.25 1.21 -2.58
CA ASN A 183 -6.52 0.01 -3.10
C ASN A 183 -6.05 0.23 -4.54
N GLU A 184 -6.97 0.43 -5.45
CA GLU A 184 -6.59 0.66 -6.89
C GLU A 184 -5.36 1.58 -7.01
N MET A 185 -5.49 2.83 -6.63
CA MET A 185 -4.33 3.76 -6.75
C MET A 185 -3.32 3.53 -5.61
N ARG A 186 -3.69 2.82 -4.56
CA ARG A 186 -2.72 2.57 -3.45
C ARG A 186 -1.47 1.87 -3.99
N ARG A 187 -1.65 1.02 -4.96
CA ARG A 187 -0.48 0.27 -5.51
C ARG A 187 0.17 1.01 -6.68
N TRP A 188 -0.49 1.98 -7.29
CA TRP A 188 0.16 2.71 -8.43
C TRP A 188 1.06 3.82 -7.88
N GLU A 189 0.55 4.61 -6.97
CA GLU A 189 1.39 5.71 -6.40
C GLU A 189 2.43 5.14 -5.45
N ASN A 190 2.09 4.10 -4.73
CA ASN A 190 3.07 3.50 -3.78
C ASN A 190 4.27 2.95 -4.55
N ALA A 191 4.02 2.29 -5.66
CA ALA A 191 5.16 1.73 -6.46
C ALA A 191 6.05 2.87 -6.93
N LEU A 192 5.48 3.95 -7.38
CA LEU A 192 6.29 5.11 -7.85
C LEU A 192 7.19 5.62 -6.71
N ARG A 193 6.70 5.58 -5.50
CA ARG A 193 7.53 6.05 -4.35
C ARG A 193 8.65 5.06 -4.06
N VAL A 194 8.38 3.79 -4.17
CA VAL A 194 9.45 2.77 -3.92
C VAL A 194 10.39 2.67 -5.12
N ALA A 195 9.93 3.07 -6.28
CA ALA A 195 10.80 2.99 -7.50
C ALA A 195 11.64 4.27 -7.62
N GLU A 196 11.02 5.42 -7.57
CA GLU A 196 11.79 6.69 -7.68
C GLU A 196 12.90 6.73 -6.63
N GLU A 197 12.71 6.07 -5.53
CA GLU A 197 13.76 6.05 -4.47
C GLU A 197 15.02 5.36 -4.99
N GLU A 198 14.87 4.48 -5.94
CA GLU A 198 16.06 3.76 -6.50
C GLU A 198 16.92 4.72 -7.32
N GLU A 199 16.35 5.79 -7.82
CA GLU A 199 17.14 6.76 -8.63
C GLU A 199 18.10 7.54 -7.73
N ARG A 200 17.69 7.84 -6.53
CA ARG A 200 18.57 8.61 -5.59
C ARG A 200 19.97 7.97 -5.54
N LEU A 201 20.05 6.69 -5.82
CA LEU A 201 21.38 6.00 -5.81
C LEU A 201 22.03 6.10 -7.19
N GLU A 202 21.24 6.28 -8.22
CA GLU A 202 21.82 6.38 -9.59
C GLU A 202 22.50 7.73 -9.78
N LYS A 203 21.86 8.80 -9.35
CA LYS A 203 22.47 10.15 -9.51
C LYS A 203 23.81 10.22 -8.77
N GLU A 204 23.92 9.54 -7.66
CA GLU A 204 25.20 9.57 -6.88
C GLU A 204 26.27 8.76 -7.61
N GLY A 205 25.87 7.77 -8.36
CA GLY A 205 26.87 6.94 -9.09
C GLY A 205 27.53 7.77 -10.20
N ARG A 206 28.80 8.00 -10.11
CA ARG A 206 29.50 8.81 -11.16
C ARG A 206 29.71 7.96 -12.42
N ARG A 207 30.08 8.59 -13.50
CA ARG A 207 30.31 7.82 -14.77
C ARG A 207 31.41 6.79 -14.57
N THR A 208 31.28 5.64 -15.16
CA THR A 208 32.33 4.59 -15.00
C THR A 208 32.51 3.83 -16.32
N GLY A 209 32.76 4.53 -17.39
CA GLY A 209 32.96 3.87 -18.71
C GLY A 209 34.41 4.02 -19.16
N TYR A 210 35.15 4.91 -18.56
CA TYR A 210 36.57 5.10 -18.96
C TYR A 210 37.49 4.21 -18.11
N VAL A 211 36.93 3.31 -17.35
CA VAL A 211 37.76 2.41 -16.50
C VAL A 211 38.33 1.26 -17.34
N SER A 212 37.58 0.76 -18.28
CA SER A 212 38.09 -0.35 -19.14
C SER A 212 39.01 0.18 -20.22
N ASN A 213 38.69 1.32 -20.78
CA ASN A 213 39.57 1.89 -21.86
C ASN A 213 40.98 2.13 -21.32
N GLU A 214 41.12 2.27 -20.03
CA GLU A 214 42.48 2.50 -19.45
C GLU A 214 43.41 1.33 -19.79
N GLU A 215 43.05 0.14 -19.39
CA GLU A 215 43.91 -1.05 -19.70
C GLU A 215 43.77 -1.45 -21.16
N ARG A 216 42.68 -1.06 -21.80
CA ARG A 216 42.49 -1.43 -23.23
C ARG A 216 43.67 -0.93 -24.07
N ILE A 217 44.32 0.12 -23.65
CA ILE A 217 45.47 0.66 -24.42
C ILE A 217 46.68 -0.27 -24.27
N ASN A 218 47.14 -0.47 -23.06
CA ASN A 218 48.31 -1.37 -22.83
C ASN A 218 47.99 -2.79 -23.31
N SER A 219 46.73 -3.13 -23.37
CA SER A 219 46.35 -4.51 -23.83
C SER A 219 46.33 -4.58 -25.36
N LYS A 220 45.78 -3.58 -26.01
CA LYS A 220 45.72 -3.58 -27.50
C LYS A 220 47.14 -3.62 -28.08
N ILE A 221 48.06 -2.93 -27.47
CA ILE A 221 49.46 -2.93 -28.00
C ILE A 221 50.12 -4.29 -27.74
N PHE A 222 49.63 -5.03 -26.78
CA PHE A 222 50.23 -6.37 -26.49
C PHE A 222 49.58 -7.44 -27.36
N LYS A 223 48.33 -7.26 -27.72
CA LYS A 223 47.64 -8.27 -28.57
C LYS A 223 47.89 -7.97 -30.04
N SER A 224 48.62 -8.82 -30.71
CA SER A 224 48.90 -8.59 -32.16
C SER A 224 48.79 -9.90 -32.94
N MET B 1 -25.61 -20.46 21.11
CA MET B 1 -26.07 -19.83 22.38
C MET B 1 -26.69 -18.46 22.09
N LYS B 2 -27.02 -17.73 23.12
CA LYS B 2 -27.62 -16.38 22.91
C LYS B 2 -27.26 -15.45 24.08
N ILE B 3 -27.41 -14.17 23.90
CA ILE B 3 -27.07 -13.22 25.00
C ILE B 3 -28.35 -12.52 25.49
N LEU B 4 -28.35 -12.09 26.72
CA LEU B 4 -29.56 -11.39 27.27
C LEU B 4 -29.85 -10.12 26.47
N THR B 5 -30.83 -9.37 26.88
CA THR B 5 -31.17 -8.11 26.13
C THR B 5 -31.16 -6.92 27.09
N GLN B 6 -30.01 -6.46 27.47
CA GLN B 6 -29.94 -5.29 28.41
C GLN B 6 -30.26 -3.99 27.66
N ASP B 7 -29.90 -2.86 28.22
CA ASP B 7 -30.19 -1.56 27.54
C ASP B 7 -29.52 -1.52 26.17
N GLU B 8 -29.83 -0.52 25.38
CA GLU B 8 -29.21 -0.42 24.03
C GLU B 8 -28.83 1.04 23.73
N ILE B 9 -28.36 1.76 24.72
CA ILE B 9 -27.97 3.18 24.50
C ILE B 9 -26.83 3.27 23.48
N GLU B 10 -26.77 4.34 22.73
CA GLU B 10 -25.68 4.48 21.73
C GLU B 10 -25.40 5.97 21.46
N ALA B 11 -24.32 6.47 21.98
CA ALA B 11 -23.98 7.92 21.76
C ALA B 11 -22.77 8.04 20.84
N HIS B 12 -22.21 9.22 20.73
CA HIS B 12 -21.02 9.41 19.86
C HIS B 12 -20.38 10.78 20.12
N ARG B 13 -19.37 11.12 19.36
CA ARG B 13 -18.69 12.42 19.56
C ARG B 13 -19.48 13.56 18.88
N SER B 14 -20.78 13.58 19.01
CA SER B 14 -21.58 14.66 18.36
C SER B 14 -21.08 16.03 18.81
N HIS B 15 -20.77 16.19 20.07
CA HIS B 15 -20.28 17.50 20.57
C HIS B 15 -18.95 17.86 19.89
N THR B 16 -18.09 16.88 19.72
CA THR B 16 -16.77 17.16 19.07
C THR B 16 -16.96 17.35 17.56
N LEU B 17 -18.03 16.84 17.01
CA LEU B 17 -18.26 16.98 15.53
C LEU B 17 -18.15 18.46 15.12
N LYS B 18 -18.58 19.35 15.96
CA LYS B 18 -18.50 20.81 15.60
C LYS B 18 -17.04 21.21 15.37
N GLY B 19 -16.14 20.70 16.16
CA GLY B 19 -14.70 21.06 15.99
C GLY B 19 -14.13 20.32 14.77
N GLY B 20 -14.72 19.22 14.39
CA GLY B 20 -14.20 18.46 13.21
C GLY B 20 -14.12 19.39 11.99
N ILE B 21 -14.96 20.38 11.92
CA ILE B 21 -14.93 21.31 10.76
C ILE B 21 -13.75 22.28 10.89
N GLU B 22 -13.36 22.58 12.10
CA GLU B 22 -12.21 23.52 12.30
C GLU B 22 -10.90 22.84 11.86
N GLY B 23 -10.83 21.54 11.97
CA GLY B 23 -9.58 20.81 11.56
C GLY B 23 -9.23 21.13 10.10
N ALA B 24 -10.12 20.83 9.18
CA ALA B 24 -9.83 21.10 7.74
C ALA B 24 -9.33 22.54 7.55
N LEU B 25 -9.70 23.44 8.42
CA LEU B 25 -9.26 24.85 8.29
C LEU B 25 -7.83 25.02 8.84
N ALA B 26 -7.59 24.55 10.03
CA ALA B 26 -6.23 24.69 10.63
C ALA B 26 -5.20 23.86 9.84
N GLY B 27 -5.64 22.86 9.14
CA GLY B 27 -4.68 22.01 8.37
C GLY B 27 -3.84 22.88 7.43
N PHE B 28 -4.42 23.91 6.87
CA PHE B 28 -3.65 24.78 5.93
C PHE B 28 -2.76 25.78 6.69
N ALA B 29 -3.13 26.12 7.89
CA ALA B 29 -2.31 27.11 8.66
C ALA B 29 -0.95 26.53 9.03
N ILE B 30 -0.92 25.38 9.65
CA ILE B 30 0.39 24.76 10.04
C ILE B 30 1.09 24.12 8.84
N SER B 31 0.34 23.74 7.84
CA SER B 31 0.97 23.09 6.63
C SER B 31 2.01 24.01 5.97
N ALA B 32 1.68 25.25 5.78
CA ALA B 32 2.64 26.19 5.11
C ALA B 32 3.72 26.70 6.06
N ILE B 33 3.42 26.79 7.32
CA ILE B 33 4.43 27.32 8.29
C ILE B 33 5.45 26.24 8.69
N ILE B 34 5.05 25.00 8.76
CA ILE B 34 6.01 23.93 9.16
C ILE B 34 7.07 23.69 8.07
N PHE B 35 6.68 23.69 6.83
CA PHE B 35 7.68 23.45 5.74
C PHE B 35 8.60 24.66 5.55
N LYS B 36 8.12 25.84 5.85
CA LYS B 36 8.94 27.07 5.65
C LYS B 36 9.94 27.30 6.79
N VAL B 37 9.63 26.87 7.98
CA VAL B 37 10.54 27.13 9.16
C VAL B 37 12.01 26.84 8.82
N LEU B 38 12.34 25.69 8.29
CA LEU B 38 13.75 25.37 7.99
C LEU B 38 14.27 26.13 6.76
N PRO B 39 13.61 25.97 5.63
CA PRO B 39 14.07 26.66 4.40
C PRO B 39 13.88 28.17 4.50
N ARG B 40 13.17 28.63 5.49
CA ARG B 40 12.94 30.10 5.64
C ARG B 40 14.29 30.84 5.59
N ARG B 41 15.27 30.39 6.32
CA ARG B 41 16.60 31.06 6.29
C ARG B 41 17.39 30.65 5.04
N TYR B 42 17.12 29.49 4.50
CA TYR B 42 17.84 29.03 3.27
C TYR B 42 19.36 29.10 3.49
N PRO B 43 19.84 28.35 4.47
CA PRO B 43 21.28 28.32 4.77
C PRO B 43 22.01 27.32 3.86
N LYS B 44 21.67 27.26 2.59
CA LYS B 44 22.35 26.31 1.67
C LYS B 44 22.24 24.87 2.21
N PHE B 45 22.53 23.90 1.39
CA PHE B 45 22.43 22.47 1.85
C PHE B 45 21.07 22.22 2.51
N LYS B 46 20.04 22.02 1.74
CA LYS B 46 18.70 21.78 2.32
C LYS B 46 18.12 20.44 1.86
N PRO B 47 17.71 19.63 2.79
CA PRO B 47 17.11 18.31 2.46
C PRO B 47 15.65 18.46 2.02
N SER B 48 15.35 19.40 1.15
CA SER B 48 13.93 19.58 0.70
C SER B 48 13.36 18.27 0.16
N THR B 49 14.20 17.37 -0.26
CA THR B 49 13.69 16.07 -0.80
C THR B 49 13.25 15.16 0.35
N LEU B 50 13.70 15.43 1.54
CA LEU B 50 13.29 14.58 2.71
C LEU B 50 11.95 15.04 3.25
N THR B 51 11.83 16.30 3.56
CA THR B 51 10.53 16.83 4.09
C THR B 51 9.42 16.68 3.04
N TRP B 52 9.79 16.49 1.79
CA TRP B 52 8.75 16.35 0.73
C TRP B 52 7.90 15.10 0.97
N SER B 53 8.45 14.10 1.62
CA SER B 53 7.66 12.85 1.87
C SER B 53 6.70 13.07 3.05
N ILE B 54 7.20 13.54 4.16
CA ILE B 54 6.30 13.76 5.35
C ILE B 54 5.10 14.63 4.93
N LYS B 55 5.26 15.40 3.88
CA LYS B 55 4.16 16.28 3.41
C LYS B 55 3.17 15.52 2.51
N THR B 56 3.56 14.37 2.01
CA THR B 56 2.64 13.61 1.11
C THR B 56 1.59 12.83 1.92
N ALA B 57 2.02 12.01 2.84
CA ALA B 57 1.05 11.21 3.64
C ALA B 57 0.19 12.12 4.54
N LEU B 58 0.54 13.37 4.66
CA LEU B 58 -0.27 14.28 5.53
C LEU B 58 -1.48 14.87 4.77
N TRP B 59 -1.46 14.86 3.47
CA TRP B 59 -2.62 15.45 2.71
C TRP B 59 -3.80 14.46 2.64
N ILE B 60 -3.52 13.19 2.72
CA ILE B 60 -4.61 12.17 2.64
C ILE B 60 -5.26 11.93 4.02
N THR B 61 -4.60 12.30 5.08
CA THR B 61 -5.16 12.04 6.45
C THR B 61 -6.34 12.97 6.79
N PRO B 62 -6.20 14.26 6.54
CA PRO B 62 -7.30 15.20 6.89
C PRO B 62 -8.58 15.03 6.05
N PRO B 63 -8.47 14.71 4.78
CA PRO B 63 -9.70 14.55 3.96
C PRO B 63 -10.44 13.26 4.33
N THR B 64 -9.77 12.33 4.97
CA THR B 64 -10.46 11.05 5.35
C THR B 64 -11.08 11.13 6.74
N VAL B 65 -10.57 11.95 7.61
CA VAL B 65 -11.15 12.06 8.94
C VAL B 65 -12.60 12.56 8.81
N LEU B 66 -12.91 13.17 7.69
CA LEU B 66 -14.30 13.69 7.44
C LEU B 66 -15.33 12.55 7.55
N THR B 67 -14.90 11.32 7.40
CA THR B 67 -15.85 10.18 7.48
C THR B 67 -16.65 10.19 8.79
N ALA B 68 -16.17 10.89 9.79
CA ALA B 68 -16.93 10.90 11.09
C ALA B 68 -18.12 11.88 11.03
N ILE B 69 -17.99 12.97 10.33
CA ILE B 69 -19.11 13.94 10.25
C ILE B 69 -20.20 13.42 9.31
N CYS B 70 -19.85 13.15 8.08
CA CYS B 70 -20.86 12.65 7.10
C CYS B 70 -21.62 11.45 7.67
N ALA B 71 -21.02 10.71 8.57
CA ALA B 71 -21.74 9.53 9.17
C ALA B 71 -22.77 10.01 10.20
N GLU B 72 -22.57 11.18 10.76
CA GLU B 72 -23.53 11.69 11.77
C GLU B 72 -24.69 12.42 11.08
N GLU B 73 -24.38 13.30 10.16
CA GLU B 73 -25.46 14.05 9.45
C GLU B 73 -26.40 13.07 8.73
N ALA B 74 -25.86 12.23 7.88
CA ALA B 74 -26.74 11.26 7.15
C ALA B 74 -27.55 10.43 8.15
N SER B 75 -26.88 9.77 9.06
CA SER B 75 -27.60 8.94 10.07
C SER B 75 -28.71 9.76 10.75
N ASN B 76 -28.37 10.50 11.78
CA ASN B 76 -29.39 11.33 12.48
C ASN B 76 -29.17 12.82 12.19
N ASN B 77 -30.16 13.63 12.41
CA ASN B 77 -30.00 15.09 12.15
C ASN B 77 -29.52 15.81 13.41
N PHE B 78 -29.56 17.11 13.42
CA PHE B 78 -29.11 17.89 14.60
C PHE B 78 -29.99 17.54 15.81
N ASP B 79 -29.75 18.18 16.93
CA ASP B 79 -30.56 17.89 18.15
C ASP B 79 -31.46 19.09 18.48
N ALA B 80 -32.33 19.45 17.59
CA ALA B 80 -33.24 20.61 17.85
C ALA B 80 -34.63 20.11 18.26
N THR B 81 -35.31 20.85 19.09
CA THR B 81 -36.68 20.42 19.52
C THR B 81 -37.56 21.65 19.75
N MET B 82 -38.65 21.49 20.46
CA MET B 82 -39.56 22.64 20.71
C MET B 82 -38.85 23.70 21.55
N TYR B 83 -39.48 24.82 21.78
CA TYR B 83 -38.85 25.89 22.59
C TYR B 83 -39.35 25.83 24.04
N GLY B 84 -38.65 26.46 24.96
CA GLY B 84 -39.08 26.43 26.38
C GLY B 84 -40.02 27.60 26.65
N SER B 85 -40.19 27.97 27.89
CA SER B 85 -41.10 29.11 28.22
C SER B 85 -40.65 29.79 29.51
N GLY B 86 -41.15 30.97 29.78
CA GLY B 86 -40.75 31.68 31.03
C GLY B 86 -41.20 30.89 32.25
N SER B 87 -42.47 30.88 32.53
CA SER B 87 -42.99 30.12 33.70
C SER B 87 -43.28 28.67 33.32
N SER B 88 -42.40 27.77 33.65
CA SER B 88 -42.63 26.33 33.31
C SER B 88 -42.15 25.43 34.44
N SER B 89 -42.65 24.22 34.50
CA SER B 89 -42.23 23.29 35.59
C SER B 89 -41.83 21.93 34.99
N GLU B 90 -41.40 21.91 33.76
CA GLU B 90 -41.00 20.62 33.12
C GLU B 90 -39.71 20.09 33.76
N ASP B 91 -39.02 20.91 34.51
CA ASP B 91 -37.75 20.46 35.15
C ASP B 91 -38.00 19.21 36.01
N ALA B 92 -39.20 19.06 36.51
CA ALA B 92 -39.50 17.86 37.35
C ALA B 92 -39.34 16.58 36.53
N LEU B 93 -39.76 16.59 35.30
CA LEU B 93 -39.62 15.38 34.45
C LEU B 93 -38.17 15.21 33.98
N ASP B 94 -37.47 16.30 33.80
CA ASP B 94 -36.05 16.21 33.33
C ASP B 94 -35.21 15.47 34.37
N GLU B 95 -35.47 15.68 35.63
CA GLU B 95 -34.67 14.99 36.69
C GLU B 95 -35.03 13.49 36.72
N HIS B 96 -36.25 13.16 36.41
CA HIS B 96 -36.66 11.73 36.43
C HIS B 96 -35.84 10.94 35.39
N ARG B 97 -35.48 11.56 34.31
CA ARG B 97 -34.68 10.84 33.26
C ARG B 97 -33.20 10.75 33.68
N ARG B 98 -32.76 11.63 34.55
CA ARG B 98 -31.34 11.59 34.99
C ARG B 98 -31.15 10.55 36.11
N TRP B 99 -32.22 10.08 36.69
CA TRP B 99 -32.09 9.06 37.78
C TRP B 99 -31.47 7.77 37.24
N LYS B 100 -31.77 7.41 36.02
CA LYS B 100 -31.20 6.17 35.43
C LYS B 100 -29.71 6.35 35.14
N SER B 101 -29.27 7.58 35.01
CA SER B 101 -27.83 7.83 34.72
C SER B 101 -27.01 7.79 36.01
N LEU B 102 -25.72 7.61 35.91
CA LEU B 102 -24.87 7.56 37.13
C LEU B 102 -23.98 8.80 37.20
N SER B 103 -23.14 9.00 36.22
CA SER B 103 -22.24 10.19 36.23
C SER B 103 -22.39 10.98 34.94
N THR B 104 -22.81 12.22 35.03
CA THR B 104 -22.99 13.05 33.80
C THR B 104 -21.63 13.51 33.27
N LYS B 105 -20.67 13.71 34.15
CA LYS B 105 -19.34 14.16 33.73
C LYS B 105 -18.71 13.16 32.75
N ASP B 106 -19.18 11.94 32.72
CA ASP B 106 -18.58 10.94 31.77
C ASP B 106 -18.53 11.53 30.36
N LYS B 107 -19.53 12.30 30.00
CA LYS B 107 -19.54 12.93 28.64
C LYS B 107 -18.70 14.22 28.65
N PHE B 108 -18.47 14.79 29.80
CA PHE B 108 -17.66 16.04 29.88
C PHE B 108 -16.19 15.76 29.59
N VAL B 109 -15.65 14.73 30.18
CA VAL B 109 -14.20 14.41 29.94
C VAL B 109 -13.94 14.15 28.45
N GLU B 110 -14.98 13.90 27.68
CA GLU B 110 -14.78 13.64 26.22
C GLU B 110 -14.47 14.95 25.49
N GLY B 111 -15.16 16.01 25.81
CA GLY B 111 -14.91 17.31 25.12
C GLY B 111 -13.86 18.13 25.87
N LEU B 112 -14.04 18.33 27.16
CA LEU B 112 -13.07 19.15 27.95
C LEU B 112 -11.62 18.71 27.71
N SER B 113 -11.36 17.43 27.70
CA SER B 113 -9.96 16.95 27.49
C SER B 113 -9.50 17.23 26.06
N ASN B 114 -10.38 17.10 25.09
CA ASN B 114 -9.97 17.36 23.67
C ASN B 114 -9.32 18.74 23.54
N ASN B 115 -9.89 19.74 24.15
CA ASN B 115 -9.30 21.11 24.06
C ASN B 115 -7.87 21.12 24.58
N LYS B 116 -7.60 20.37 25.62
CA LYS B 116 -6.21 20.33 26.19
C LYS B 116 -5.26 19.66 25.21
N TYR B 117 -5.53 18.44 24.83
CA TYR B 117 -4.63 17.73 23.86
C TYR B 117 -4.49 18.54 22.58
N LYS B 118 -5.51 19.29 22.21
CA LYS B 118 -5.45 20.10 20.97
C LYS B 118 -4.27 21.08 21.02
N ILE B 119 -4.03 21.67 22.15
CA ILE B 119 -2.90 22.66 22.26
C ILE B 119 -1.56 21.93 22.43
N ILE B 120 -1.57 20.77 23.02
CA ILE B 120 -0.28 20.03 23.24
C ILE B 120 0.34 19.64 21.89
N THR B 121 -0.47 19.28 20.93
CA THR B 121 0.08 18.88 19.60
C THR B 121 0.47 20.10 18.77
N GLY B 122 -0.08 21.25 19.08
CA GLY B 122 0.26 22.48 18.30
C GLY B 122 1.70 22.91 18.60
N ALA B 123 1.99 23.23 19.83
CA ALA B 123 3.38 23.68 20.17
C ALA B 123 4.40 22.58 19.91
N TRP B 124 3.97 21.35 19.82
CA TRP B 124 4.93 20.23 19.56
C TRP B 124 5.61 20.40 18.20
N ALA B 125 4.98 21.09 17.29
CA ALA B 125 5.58 21.29 15.94
C ALA B 125 6.46 22.55 15.89
N ALA B 126 5.92 23.67 16.31
CA ALA B 126 6.70 24.95 16.28
C ALA B 126 7.99 24.84 17.09
N SER B 127 8.09 23.88 17.97
CA SER B 127 9.34 23.74 18.81
C SER B 127 10.59 23.65 17.93
N LEU B 128 10.45 23.32 16.66
CA LEU B 128 11.67 23.21 15.80
C LEU B 128 12.19 24.59 15.38
N TYR B 129 11.33 25.50 15.02
CA TYR B 129 11.83 26.85 14.63
C TYR B 129 12.14 27.68 15.87
N GLY B 130 11.36 27.53 16.90
CA GLY B 130 11.62 28.31 18.16
C GLY B 130 12.91 27.79 18.81
N SER B 131 13.31 26.58 18.49
CA SER B 131 14.56 26.03 19.10
C SER B 131 15.80 26.60 18.38
N TRP B 132 15.65 27.00 17.14
CA TRP B 132 16.81 27.56 16.40
C TRP B 132 17.01 29.04 16.75
N VAL B 133 15.95 29.79 16.82
CA VAL B 133 16.08 31.25 17.14
C VAL B 133 16.68 31.43 18.55
N ILE B 134 16.72 30.39 19.34
CA ILE B 134 17.30 30.50 20.72
C ILE B 134 18.69 31.15 20.66
N VAL B 135 19.60 30.53 19.94
CA VAL B 135 20.98 31.11 19.84
C VAL B 135 21.83 30.25 18.88
N ASN B 136 22.41 30.86 17.89
CA ASN B 136 23.25 30.10 16.92
C ASN B 136 24.18 31.03 16.16
N LYS B 137 25.10 31.66 16.84
CA LYS B 137 26.04 32.60 16.16
C LYS B 137 27.36 31.90 15.87
N ASP B 138 27.88 31.16 16.81
CA ASP B 138 29.17 30.45 16.59
C ASP B 138 28.94 28.93 16.48
N PRO B 139 28.97 28.45 15.26
CA PRO B 139 28.75 27.00 15.02
C PRO B 139 29.97 26.20 15.50
N ILE B 140 29.75 25.21 16.33
CA ILE B 140 30.90 24.39 16.84
C ILE B 140 31.02 23.09 16.03
N MET B 141 30.09 22.82 15.16
CA MET B 141 30.17 21.57 14.34
C MET B 141 29.74 21.84 12.90
N THR B 142 29.66 20.83 12.09
CA THR B 142 29.23 21.03 10.68
C THR B 142 27.71 21.06 10.57
N LYS B 143 27.18 21.56 9.48
CA LYS B 143 25.70 21.62 9.32
C LYS B 143 25.17 20.30 8.74
N ALA B 144 25.75 19.85 7.66
CA ALA B 144 25.29 18.58 7.03
C ALA B 144 25.24 17.44 8.06
N GLN B 145 26.24 17.36 8.90
CA GLN B 145 26.25 16.27 9.94
C GLN B 145 25.00 16.37 10.82
N LYS B 146 24.50 17.55 11.02
CA LYS B 146 23.27 17.71 11.86
C LYS B 146 22.02 17.35 11.06
N ILE B 147 22.07 17.49 9.76
CA ILE B 147 20.89 17.16 8.92
C ILE B 147 20.49 15.69 9.11
N VAL B 148 21.43 14.84 9.44
CA VAL B 148 21.10 13.39 9.63
C VAL B 148 20.71 13.10 11.09
N GLN B 149 20.89 14.06 11.98
CA GLN B 149 20.53 13.82 13.41
C GLN B 149 19.01 13.93 13.58
N ALA B 150 18.38 14.85 12.89
CA ALA B 150 16.90 15.02 13.01
C ALA B 150 16.19 13.67 12.87
N ARG B 151 16.79 12.74 12.18
CA ARG B 151 16.16 11.39 12.00
C ARG B 151 16.06 10.65 13.34
N MET B 152 16.79 11.07 14.34
CA MET B 152 16.73 10.37 15.65
C MET B 152 15.38 10.61 16.33
N TYR B 153 14.88 11.82 16.26
CA TYR B 153 13.57 12.12 16.92
C TYR B 153 12.40 11.90 15.95
N ALA B 154 12.54 12.34 14.72
CA ALA B 154 11.43 12.17 13.72
C ALA B 154 10.83 10.76 13.78
N GLN B 155 11.61 9.75 13.48
CA GLN B 155 11.08 8.35 13.50
C GLN B 155 10.22 8.11 14.74
N PHE B 156 10.52 8.79 15.81
CA PHE B 156 9.72 8.62 17.06
C PHE B 156 8.46 9.49 17.00
N ILE B 157 8.61 10.79 16.87
CA ILE B 157 7.43 11.68 16.79
C ILE B 157 6.51 11.25 15.64
N THR B 158 7.03 10.49 14.70
CA THR B 158 6.19 10.03 13.55
C THR B 158 5.25 8.91 13.99
N VAL B 159 5.77 7.91 14.68
CA VAL B 159 4.90 6.78 15.13
C VAL B 159 3.65 7.30 15.83
N GLY B 160 3.71 8.49 16.38
CA GLY B 160 2.51 9.06 17.07
C GLY B 160 1.37 9.22 16.06
N LEU B 161 1.70 9.30 14.79
CA LEU B 161 0.67 9.46 13.74
C LEU B 161 0.11 8.08 13.33
N LEU B 162 0.99 7.14 13.09
CA LEU B 162 0.53 5.78 12.68
C LEU B 162 -0.39 5.15 13.72
N LEU B 163 0.06 5.03 14.94
CA LEU B 163 -0.79 4.41 16.02
C LEU B 163 -2.19 5.05 16.04
N ALA B 164 -2.24 6.35 16.12
CA ALA B 164 -3.57 7.04 16.16
C ALA B 164 -4.37 6.78 14.88
N SER B 165 -3.71 6.40 13.81
CA SER B 165 -4.45 6.15 12.53
C SER B 165 -5.19 4.81 12.56
N VAL B 166 -4.49 3.73 12.77
CA VAL B 166 -5.17 2.39 12.79
C VAL B 166 -6.26 2.36 13.88
N GLY B 167 -6.02 3.01 14.98
CA GLY B 167 -7.05 3.03 16.07
C GLY B 167 -8.38 3.52 15.51
N LEU B 168 -8.34 4.37 14.53
CA LEU B 168 -9.60 4.89 13.93
C LEU B 168 -10.23 3.83 13.02
N SER B 169 -9.42 3.09 12.31
CA SER B 169 -9.97 2.04 11.40
C SER B 169 -10.37 0.79 12.19
N MET B 170 -9.67 0.50 13.26
CA MET B 170 -10.01 -0.72 14.06
C MET B 170 -11.23 -0.45 14.94
N TYR B 171 -11.57 0.80 15.16
CA TYR B 171 -12.76 1.12 16.02
C TYR B 171 -14.04 0.76 15.29
N GLU B 172 -14.11 1.03 14.01
CA GLU B 172 -15.35 0.71 13.24
C GLU B 172 -15.57 -0.80 13.18
N ASN B 173 -14.51 -1.56 13.22
CA ASN B 173 -14.63 -3.05 13.16
C ASN B 173 -15.66 -3.55 14.19
N LYS B 174 -15.52 -3.14 15.42
CA LYS B 174 -16.47 -3.58 16.48
C LYS B 174 -17.93 -3.47 16.01
N LEU B 175 -18.49 -2.28 16.05
CA LEU B 175 -19.91 -2.11 15.61
C LEU B 175 -20.14 -2.75 14.24
N HIS B 176 -19.25 -2.54 13.31
CA HIS B 176 -19.43 -3.13 11.95
C HIS B 176 -18.11 -3.75 11.46
N PRO B 177 -17.92 -5.00 11.76
CA PRO B 177 -16.68 -5.70 11.33
C PRO B 177 -16.72 -5.98 9.82
N ASN B 178 -17.86 -6.36 9.30
CA ASN B 178 -17.97 -6.65 7.83
C ASN B 178 -16.87 -7.63 7.41
N LYS B 179 -16.97 -8.87 7.81
CA LYS B 179 -15.93 -9.88 7.42
C LYS B 179 -14.53 -9.36 7.74
N GLN B 180 -13.51 -10.00 7.24
CA GLN B 180 -12.12 -9.54 7.52
C GLN B 180 -11.15 -10.11 6.47
N LYS B 181 -10.17 -9.34 6.07
CA LYS B 181 -9.20 -9.82 5.06
C LYS B 181 -8.04 -8.83 4.93
N VAL B 182 -7.28 -8.92 3.86
CA VAL B 182 -6.13 -7.98 3.68
C VAL B 182 -6.64 -6.53 3.69
N ASN B 183 -6.11 -5.72 4.57
CA ASN B 183 -6.55 -4.28 4.63
C ASN B 183 -5.60 -3.47 5.52
N GLU B 184 -5.94 -3.30 6.78
CA GLU B 184 -5.06 -2.50 7.71
C GLU B 184 -3.56 -2.72 7.45
N MET B 185 -3.10 -3.95 7.48
CA MET B 185 -1.64 -4.22 7.24
C MET B 185 -1.15 -3.57 5.93
N ARG B 186 -2.04 -3.14 5.05
CA ARG B 186 -1.58 -2.51 3.76
C ARG B 186 -0.51 -1.44 4.02
N ARG B 187 -0.67 -0.69 5.05
CA ARG B 187 0.28 0.42 5.33
C ARG B 187 1.44 -0.02 6.26
N TRP B 188 1.22 -0.82 7.26
CA TRP B 188 2.36 -1.22 8.14
C TRP B 188 3.45 -1.90 7.32
N GLU B 189 3.12 -2.94 6.60
CA GLU B 189 4.15 -3.64 5.77
C GLU B 189 4.74 -2.68 4.74
N ASN B 190 3.96 -1.73 4.28
CA ASN B 190 4.47 -0.76 3.27
C ASN B 190 5.38 0.26 3.95
N ALA B 191 5.01 0.73 5.11
CA ALA B 191 5.87 1.72 5.82
C ALA B 191 7.22 1.09 6.15
N LEU B 192 7.31 -0.21 6.14
CA LEU B 192 8.61 -0.88 6.45
C LEU B 192 9.52 -0.86 5.21
N ARG B 193 8.97 -1.08 4.05
CA ARG B 193 9.80 -1.08 2.81
C ARG B 193 10.40 0.31 2.59
N VAL B 194 9.57 1.32 2.52
CA VAL B 194 10.10 2.71 2.31
C VAL B 194 11.02 3.11 3.46
N ALA B 195 10.92 2.43 4.58
CA ALA B 195 11.79 2.76 5.74
C ALA B 195 13.15 2.06 5.61
N GLU B 196 13.15 0.75 5.56
CA GLU B 196 14.43 0.00 5.43
C GLU B 196 15.21 0.51 4.22
N GLU B 197 14.54 1.02 3.23
CA GLU B 197 15.24 1.53 2.02
C GLU B 197 16.12 2.74 2.39
N GLU B 198 15.73 3.48 3.40
CA GLU B 198 16.54 4.65 3.82
C GLU B 198 17.84 4.19 4.49
N GLU B 199 17.87 3.00 5.01
CA GLU B 199 19.10 2.50 5.68
C GLU B 199 20.19 2.17 4.65
N ARG B 200 19.80 1.67 3.50
CA ARG B 200 20.81 1.33 2.46
C ARG B 200 21.75 2.52 2.23
N LEU B 201 21.30 3.71 2.51
CA LEU B 201 22.15 4.91 2.34
C LEU B 201 22.97 5.16 3.61
N GLU B 202 22.47 4.74 4.74
CA GLU B 202 23.20 4.95 6.02
C GLU B 202 24.49 4.13 6.04
N LYS B 203 24.50 3.02 5.34
CA LYS B 203 25.74 2.18 5.31
C LYS B 203 26.84 2.87 4.50
N GLU B 204 26.46 3.71 3.57
CA GLU B 204 27.49 4.41 2.73
C GLU B 204 28.23 5.44 3.58
N GLY B 205 27.56 6.03 4.55
CA GLY B 205 28.23 7.05 5.41
C GLY B 205 28.21 8.40 4.70
N ARG B 206 28.06 9.46 5.44
CA ARG B 206 28.03 10.82 4.81
C ARG B 206 29.38 11.12 4.15
N ARG B 207 29.46 10.98 2.87
CA ARG B 207 30.75 11.27 2.16
C ARG B 207 31.14 12.74 2.35
N THR B 208 32.38 12.99 2.64
CA THR B 208 32.83 14.39 2.84
C THR B 208 34.32 14.53 2.48
N GLY B 209 34.63 14.53 1.21
CA GLY B 209 36.06 14.66 0.80
C GLY B 209 36.18 14.39 -0.71
N TYR B 210 36.52 15.39 -1.47
CA TYR B 210 36.65 15.20 -2.94
C TYR B 210 38.01 14.57 -3.27
N VAL B 211 38.10 13.86 -4.36
CA VAL B 211 39.39 13.22 -4.74
C VAL B 211 40.39 14.29 -5.19
N SER B 212 39.92 15.41 -5.66
CA SER B 212 40.84 16.49 -6.11
C SER B 212 41.29 17.33 -4.91
N ASN B 213 40.37 17.73 -4.07
CA ASN B 213 40.75 18.56 -2.88
C ASN B 213 41.72 17.77 -1.99
N GLU B 214 41.39 16.56 -1.66
CA GLU B 214 42.30 15.75 -0.79
C GLU B 214 43.66 15.56 -1.47
N GLU B 215 43.67 15.50 -2.77
CA GLU B 215 44.96 15.32 -3.50
C GLU B 215 45.82 16.58 -3.37
N ARG B 216 45.19 17.72 -3.26
CA ARG B 216 45.96 18.99 -3.13
C ARG B 216 46.53 19.14 -1.72
N ILE B 217 45.83 18.63 -0.73
CA ILE B 217 46.32 18.74 0.66
C ILE B 217 47.51 17.81 0.88
N ASN B 218 47.61 16.76 0.10
CA ASN B 218 48.75 15.82 0.25
C ASN B 218 50.01 16.40 -0.40
N SER B 219 49.86 17.04 -1.52
CA SER B 219 51.05 17.63 -2.21
C SER B 219 51.49 18.92 -1.50
N LYS B 220 50.58 19.58 -0.83
CA LYS B 220 50.94 20.83 -0.10
C LYS B 220 51.94 20.53 1.00
N ILE B 221 51.59 19.68 1.92
CA ILE B 221 52.53 19.34 3.04
C ILE B 221 53.77 18.64 2.49
N PHE B 222 53.67 18.05 1.33
CA PHE B 222 54.86 17.34 0.74
C PHE B 222 55.82 18.37 0.14
N LYS B 223 55.31 19.34 -0.57
CA LYS B 223 56.21 20.37 -1.19
C LYS B 223 56.57 21.44 -0.15
N SER B 224 57.74 21.33 0.43
CA SER B 224 58.16 22.34 1.45
C SER B 224 59.33 23.17 0.92
N MET A 1 -21.10 -49.77 -14.10
CA MET A 1 -21.95 -48.61 -14.49
C MET A 1 -22.43 -47.86 -13.24
N LYS A 2 -22.29 -46.56 -13.23
CA LYS A 2 -22.72 -45.77 -12.05
C LYS A 2 -22.88 -44.29 -12.42
N ILE A 3 -24.05 -43.88 -12.83
CA ILE A 3 -24.26 -42.46 -13.22
C ILE A 3 -25.73 -42.09 -13.08
N LEU A 4 -26.02 -41.00 -12.42
CA LEU A 4 -27.44 -40.57 -12.25
C LEU A 4 -27.52 -39.08 -11.89
N THR A 5 -27.39 -38.22 -12.87
CA THR A 5 -27.44 -36.76 -12.59
C THR A 5 -28.46 -36.08 -13.51
N GLN A 6 -28.69 -34.81 -13.32
CA GLN A 6 -29.67 -34.09 -14.18
C GLN A 6 -29.47 -32.57 -14.04
N ASP A 7 -30.33 -31.80 -14.67
CA ASP A 7 -30.20 -30.31 -14.58
C ASP A 7 -28.78 -29.87 -14.94
N GLU A 8 -28.41 -29.96 -16.18
CA GLU A 8 -27.04 -29.55 -16.60
C GLU A 8 -27.06 -28.13 -17.19
N ILE A 9 -27.29 -27.15 -16.37
CA ILE A 9 -27.33 -25.75 -16.87
C ILE A 9 -26.47 -24.84 -15.98
N GLU A 10 -25.26 -25.23 -15.71
CA GLU A 10 -24.37 -24.40 -14.86
C GLU A 10 -22.94 -24.42 -15.39
N ALA A 11 -22.78 -24.57 -16.68
CA ALA A 11 -21.41 -24.60 -17.27
C ALA A 11 -20.92 -23.17 -17.53
N HIS A 12 -19.76 -22.84 -17.02
CA HIS A 12 -19.22 -21.47 -17.22
C HIS A 12 -17.73 -21.42 -16.82
N ARG A 13 -17.28 -20.28 -16.36
CA ARG A 13 -15.85 -20.16 -15.96
C ARG A 13 -15.48 -21.26 -14.95
N SER A 14 -16.44 -21.76 -14.23
CA SER A 14 -16.15 -22.84 -13.22
C SER A 14 -15.25 -23.93 -13.82
N HIS A 15 -15.31 -24.12 -15.12
CA HIS A 15 -14.44 -25.17 -15.75
C HIS A 15 -12.97 -24.85 -15.48
N THR A 16 -12.62 -23.59 -15.45
CA THR A 16 -11.20 -23.22 -15.18
C THR A 16 -10.86 -23.41 -13.70
N LEU A 17 -11.85 -23.44 -12.85
CA LEU A 17 -11.57 -23.61 -11.39
C LEU A 17 -10.65 -24.81 -11.15
N LYS A 18 -10.76 -25.83 -11.96
CA LYS A 18 -9.89 -27.03 -11.78
C LYS A 18 -8.42 -26.64 -11.89
N GLY A 19 -8.11 -25.74 -12.79
CA GLY A 19 -6.70 -25.31 -12.96
C GLY A 19 -6.30 -24.35 -11.83
N GLY A 20 -7.26 -23.70 -11.23
CA GLY A 20 -6.94 -22.74 -10.12
C GLY A 20 -6.04 -23.41 -9.08
N ILE A 21 -6.31 -24.64 -8.75
CA ILE A 21 -5.45 -25.35 -7.74
C ILE A 21 -4.10 -25.73 -8.38
N GLU A 22 -4.12 -26.08 -9.63
CA GLU A 22 -2.84 -26.47 -10.32
C GLU A 22 -1.89 -25.26 -10.34
N GLY A 23 -2.42 -24.07 -10.40
CA GLY A 23 -1.55 -22.86 -10.43
C GLY A 23 -1.01 -22.55 -9.03
N ALA A 24 -1.79 -22.79 -8.01
CA ALA A 24 -1.32 -22.50 -6.62
C ALA A 24 0.00 -23.22 -6.32
N LEU A 25 0.06 -24.50 -6.58
CA LEU A 25 1.31 -25.27 -6.31
C LEU A 25 2.33 -25.07 -7.44
N ALA A 26 1.89 -24.67 -8.60
CA ALA A 26 2.85 -24.47 -9.74
C ALA A 26 3.89 -23.42 -9.39
N GLY A 27 3.49 -22.34 -8.77
CA GLY A 27 4.47 -21.26 -8.42
C GLY A 27 5.65 -21.86 -7.66
N PHE A 28 5.41 -22.83 -6.83
CA PHE A 28 6.52 -23.46 -6.05
C PHE A 28 7.64 -23.92 -6.98
N ALA A 29 7.32 -24.22 -8.22
CA ALA A 29 8.38 -24.69 -9.17
C ALA A 29 9.18 -23.51 -9.73
N ILE A 30 8.54 -22.60 -10.40
CA ILE A 30 9.27 -21.43 -10.98
C ILE A 30 9.76 -20.49 -9.87
N SER A 31 9.10 -20.50 -8.74
CA SER A 31 9.51 -19.60 -7.61
C SER A 31 11.02 -19.72 -7.31
N ALA A 32 11.47 -20.90 -6.96
CA ALA A 32 12.91 -21.07 -6.62
C ALA A 32 13.80 -21.20 -7.86
N ILE A 33 13.28 -21.71 -8.94
CA ILE A 33 14.14 -21.86 -10.17
C ILE A 33 14.53 -20.50 -10.76
N ILE A 34 13.58 -19.62 -10.95
CA ILE A 34 13.92 -18.27 -11.54
C ILE A 34 14.92 -17.53 -10.64
N PHE A 35 14.81 -17.69 -9.35
CA PHE A 35 15.76 -16.98 -8.43
C PHE A 35 17.16 -17.60 -8.48
N LYS A 36 17.24 -18.89 -8.68
CA LYS A 36 18.58 -19.57 -8.70
C LYS A 36 19.29 -19.43 -10.05
N VAL A 37 18.56 -19.29 -11.13
CA VAL A 37 19.23 -19.22 -12.48
C VAL A 37 20.46 -18.28 -12.49
N LEU A 38 20.32 -17.05 -12.05
CA LEU A 38 21.47 -16.12 -12.07
C LEU A 38 22.51 -16.44 -10.99
N PRO A 39 22.09 -16.46 -9.74
CA PRO A 39 23.04 -16.73 -8.64
C PRO A 39 23.53 -18.18 -8.67
N ARG A 40 22.94 -19.00 -9.49
CA ARG A 40 23.38 -20.42 -9.58
C ARG A 40 24.89 -20.50 -9.86
N ARG A 41 25.36 -19.76 -10.83
CA ARG A 41 26.82 -19.79 -11.14
C ARG A 41 27.61 -18.99 -10.11
N TYR A 42 27.20 -17.78 -9.84
CA TYR A 42 27.93 -16.95 -8.83
C TYR A 42 27.61 -17.44 -7.42
N PRO A 43 28.62 -17.92 -6.74
CA PRO A 43 28.43 -18.42 -5.35
C PRO A 43 28.20 -17.26 -4.39
N LYS A 44 29.07 -16.28 -4.40
CA LYS A 44 28.89 -15.11 -3.49
C LYS A 44 27.60 -14.36 -3.84
N PHE A 45 27.46 -13.16 -3.37
CA PHE A 45 26.21 -12.39 -3.69
C PHE A 45 26.37 -10.92 -3.29
N LYS A 46 25.45 -10.09 -3.71
CA LYS A 46 25.53 -8.63 -3.37
C LYS A 46 24.28 -7.91 -3.89
N PRO A 47 24.06 -8.00 -5.18
CA PRO A 47 22.86 -7.34 -5.79
C PRO A 47 21.59 -8.15 -5.51
N SER A 48 21.71 -9.24 -4.78
CA SER A 48 20.49 -10.07 -4.49
C SER A 48 19.43 -9.25 -3.74
N THR A 49 19.84 -8.15 -3.14
CA THR A 49 18.84 -7.31 -2.41
C THR A 49 17.76 -6.81 -3.37
N LEU A 50 18.10 -6.65 -4.63
CA LEU A 50 17.09 -6.19 -5.63
C LEU A 50 16.13 -7.33 -5.95
N THR A 51 16.66 -8.45 -6.35
CA THR A 51 15.81 -9.62 -6.68
C THR A 51 14.99 -10.06 -5.46
N TRP A 52 15.41 -9.67 -4.28
CA TRP A 52 14.66 -10.07 -3.05
C TRP A 52 13.35 -9.29 -2.91
N SER A 53 13.29 -8.11 -3.44
CA SER A 53 12.02 -7.30 -3.32
C SER A 53 10.91 -7.93 -4.17
N ILE A 54 11.17 -8.14 -5.43
CA ILE A 54 10.12 -8.74 -6.32
C ILE A 54 9.56 -10.04 -5.72
N LYS A 55 10.40 -10.83 -5.11
CA LYS A 55 9.95 -12.10 -4.52
C LYS A 55 8.86 -11.86 -3.45
N THR A 56 8.77 -10.65 -2.94
CA THR A 56 7.75 -10.35 -1.90
C THR A 56 6.36 -10.16 -2.53
N ALA A 57 6.27 -9.33 -3.54
CA ALA A 57 4.95 -9.08 -4.19
C ALA A 57 4.43 -10.35 -4.87
N LEU A 58 5.28 -11.34 -5.06
CA LEU A 58 4.82 -12.59 -5.73
C LEU A 58 4.17 -13.57 -4.74
N TRP A 59 4.42 -13.42 -3.47
CA TRP A 59 3.81 -14.35 -2.47
C TRP A 59 2.35 -13.99 -2.18
N ILE A 60 2.01 -12.74 -2.30
CA ILE A 60 0.62 -12.29 -2.00
C ILE A 60 -0.32 -12.45 -3.21
N THR A 61 0.23 -12.56 -4.40
CA THR A 61 -0.63 -12.67 -5.61
C THR A 61 -1.32 -14.05 -5.74
N PRO A 62 -0.58 -15.12 -5.56
CA PRO A 62 -1.17 -16.47 -5.72
C PRO A 62 -2.18 -16.85 -4.61
N PRO A 63 -1.96 -16.45 -3.38
CA PRO A 63 -2.93 -16.82 -2.31
C PRO A 63 -4.24 -16.05 -2.46
N THR A 64 -4.24 -14.95 -3.17
CA THR A 64 -5.50 -14.17 -3.31
C THR A 64 -6.29 -14.61 -4.55
N VAL A 65 -5.63 -15.16 -5.54
CA VAL A 65 -6.36 -15.61 -6.74
C VAL A 65 -7.32 -16.74 -6.35
N LEU A 66 -7.08 -17.38 -5.22
CA LEU A 66 -7.98 -18.49 -4.75
C LEU A 66 -9.39 -17.97 -4.49
N THR A 67 -9.56 -16.68 -4.38
CA THR A 67 -10.92 -16.10 -4.11
C THR A 67 -11.94 -16.58 -5.14
N ALA A 68 -11.50 -17.06 -6.28
CA ALA A 68 -12.48 -17.51 -7.32
C ALA A 68 -12.94 -18.95 -7.06
N ILE A 69 -12.18 -19.72 -6.31
CA ILE A 69 -12.58 -21.13 -6.04
C ILE A 69 -13.60 -21.19 -4.90
N CYS A 70 -13.21 -20.79 -3.72
CA CYS A 70 -14.14 -20.83 -2.55
C CYS A 70 -15.45 -20.12 -2.88
N ALA A 71 -15.37 -18.96 -3.47
CA ALA A 71 -16.63 -18.20 -3.82
C ALA A 71 -17.59 -19.12 -4.60
N GLU A 72 -17.07 -20.08 -5.29
CA GLU A 72 -17.94 -21.01 -6.07
C GLU A 72 -18.43 -22.15 -5.16
N GLU A 73 -17.54 -22.78 -4.45
CA GLU A 73 -17.96 -23.90 -3.55
C GLU A 73 -18.94 -23.39 -2.48
N ALA A 74 -18.93 -22.11 -2.22
CA ALA A 74 -19.87 -21.56 -1.19
C ALA A 74 -21.19 -21.15 -1.85
N SER A 75 -21.13 -20.35 -2.88
CA SER A 75 -22.37 -19.91 -3.57
C SER A 75 -23.24 -21.13 -3.95
N ASN A 76 -22.99 -21.74 -5.07
CA ASN A 76 -23.79 -22.93 -5.47
C ASN A 76 -23.23 -24.20 -4.81
N ASN A 77 -24.04 -24.90 -4.07
CA ASN A 77 -23.56 -26.14 -3.40
C ASN A 77 -24.57 -27.28 -3.61
N PHE A 78 -24.15 -28.50 -3.44
CA PHE A 78 -25.07 -29.65 -3.62
C PHE A 78 -26.23 -29.57 -2.62
N ASP A 79 -25.98 -29.01 -1.46
CA ASP A 79 -27.06 -28.90 -0.44
C ASP A 79 -28.19 -28.00 -0.96
N ALA A 80 -27.86 -26.84 -1.44
CA ALA A 80 -28.90 -25.92 -1.96
C ALA A 80 -29.49 -26.47 -3.26
N THR A 81 -30.71 -26.93 -3.22
CA THR A 81 -31.35 -27.49 -4.45
C THR A 81 -32.64 -26.73 -4.77
N MET A 82 -32.57 -25.78 -5.67
CA MET A 82 -33.78 -25.01 -6.03
C MET A 82 -34.82 -25.92 -6.69
N TYR A 83 -35.60 -26.61 -5.91
CA TYR A 83 -36.63 -27.53 -6.50
C TYR A 83 -38.01 -26.88 -6.42
N GLY A 84 -39.05 -27.66 -6.55
CA GLY A 84 -40.43 -27.09 -6.49
C GLY A 84 -40.74 -26.36 -7.80
N SER A 85 -42.00 -26.11 -8.06
CA SER A 85 -42.37 -25.40 -9.32
C SER A 85 -42.11 -23.90 -9.18
N GLY A 86 -41.28 -23.35 -10.02
CA GLY A 86 -40.99 -21.89 -9.94
C GLY A 86 -42.04 -21.11 -10.73
N SER A 87 -43.22 -20.97 -10.18
CA SER A 87 -44.30 -20.22 -10.89
C SER A 87 -44.51 -20.79 -12.30
N SER A 88 -45.44 -20.24 -13.02
CA SER A 88 -45.70 -20.75 -14.41
C SER A 88 -45.28 -19.69 -15.44
N SER A 89 -44.05 -19.71 -15.86
CA SER A 89 -43.59 -18.71 -16.86
C SER A 89 -42.26 -19.17 -17.48
N GLU A 90 -42.30 -20.19 -18.30
CA GLU A 90 -41.04 -20.69 -18.94
C GLU A 90 -40.59 -19.73 -20.04
N ASP A 91 -41.44 -18.82 -20.45
CA ASP A 91 -41.06 -17.87 -21.53
C ASP A 91 -39.77 -17.12 -21.16
N ALA A 92 -39.65 -16.73 -19.92
CA ALA A 92 -38.42 -16.00 -19.49
C ALA A 92 -37.21 -16.93 -19.52
N LEU A 93 -37.42 -18.20 -19.28
CA LEU A 93 -36.28 -19.16 -19.30
C LEU A 93 -35.86 -19.46 -20.73
N ASP A 94 -36.78 -19.37 -21.67
CA ASP A 94 -36.44 -19.65 -23.09
C ASP A 94 -35.44 -18.62 -23.61
N GLU A 95 -35.68 -17.36 -23.34
CA GLU A 95 -34.76 -16.30 -23.81
C GLU A 95 -33.51 -16.23 -22.91
N HIS A 96 -33.61 -16.73 -21.70
CA HIS A 96 -32.44 -16.69 -20.78
C HIS A 96 -31.23 -17.39 -21.41
N ARG A 97 -31.47 -18.34 -22.29
CA ARG A 97 -30.33 -19.05 -22.94
C ARG A 97 -29.68 -18.16 -24.01
N ARG A 98 -30.47 -17.41 -24.73
CA ARG A 98 -29.89 -16.52 -25.79
C ARG A 98 -29.38 -15.20 -25.18
N TRP A 99 -29.80 -14.87 -23.99
CA TRP A 99 -29.33 -13.62 -23.35
C TRP A 99 -27.84 -13.71 -23.04
N LYS A 100 -27.44 -14.71 -22.29
CA LYS A 100 -25.99 -14.87 -21.95
C LYS A 100 -25.16 -14.97 -23.22
N SER A 101 -25.46 -15.94 -24.06
CA SER A 101 -24.67 -16.11 -25.32
C SER A 101 -25.58 -16.65 -26.44
N LEU A 102 -25.01 -16.95 -27.57
CA LEU A 102 -25.83 -17.49 -28.69
C LEU A 102 -25.09 -18.63 -29.40
N SER A 103 -24.16 -19.25 -28.73
CA SER A 103 -23.40 -20.37 -29.36
C SER A 103 -22.77 -21.26 -28.29
N THR A 104 -22.61 -22.53 -28.57
CA THR A 104 -22.00 -23.45 -27.57
C THR A 104 -20.51 -23.19 -27.45
N LYS A 105 -19.84 -22.97 -28.55
CA LYS A 105 -18.38 -22.71 -28.52
C LYS A 105 -18.06 -21.49 -27.67
N ASP A 106 -19.02 -20.63 -27.42
CA ASP A 106 -18.75 -19.42 -26.59
C ASP A 106 -18.08 -19.85 -25.28
N LYS A 107 -18.45 -20.98 -24.77
CA LYS A 107 -17.83 -21.48 -23.50
C LYS A 107 -16.51 -22.21 -23.80
N PHE A 108 -16.31 -22.64 -25.02
CA PHE A 108 -15.06 -23.37 -25.37
C PHE A 108 -13.86 -22.41 -25.40
N VAL A 109 -14.02 -21.28 -26.03
CA VAL A 109 -12.89 -20.30 -26.10
C VAL A 109 -12.47 -19.87 -24.69
N GLU A 110 -13.30 -20.09 -23.71
CA GLU A 110 -12.92 -19.69 -22.31
C GLU A 110 -11.84 -20.63 -21.76
N GLY A 111 -12.00 -21.92 -21.94
CA GLY A 111 -11.01 -22.89 -21.41
C GLY A 111 -9.92 -23.19 -22.45
N LEU A 112 -10.33 -23.56 -23.64
CA LEU A 112 -9.33 -23.91 -24.72
C LEU A 112 -8.23 -22.85 -24.82
N SER A 113 -8.58 -21.59 -24.79
CA SER A 113 -7.55 -20.52 -24.90
C SER A 113 -6.67 -20.46 -23.65
N ASN A 114 -7.24 -20.72 -22.50
CA ASN A 114 -6.44 -20.67 -21.24
C ASN A 114 -5.19 -21.56 -21.36
N ASN A 115 -5.37 -22.77 -21.82
CA ASN A 115 -4.20 -23.70 -21.95
C ASN A 115 -3.10 -23.07 -22.81
N LYS A 116 -3.47 -22.31 -23.81
CA LYS A 116 -2.44 -21.66 -24.67
C LYS A 116 -1.69 -20.58 -23.89
N TYR A 117 -2.39 -19.64 -23.34
CA TYR A 117 -1.72 -18.55 -22.56
C TYR A 117 -0.95 -19.17 -21.38
N LYS A 118 -1.33 -20.34 -20.95
CA LYS A 118 -0.65 -20.99 -19.80
C LYS A 118 0.80 -21.36 -20.16
N ILE A 119 1.02 -21.85 -21.35
CA ILE A 119 2.40 -22.25 -21.75
C ILE A 119 3.21 -21.03 -22.22
N ILE A 120 2.57 -20.08 -22.84
CA ILE A 120 3.31 -18.87 -23.32
C ILE A 120 3.96 -18.12 -22.15
N THR A 121 3.26 -17.97 -21.07
CA THR A 121 3.85 -17.25 -19.89
C THR A 121 4.94 -18.08 -19.23
N GLY A 122 4.92 -19.37 -19.41
CA GLY A 122 5.97 -20.24 -18.78
C GLY A 122 7.29 -20.08 -19.52
N ALA A 123 7.25 -19.77 -20.80
CA ALA A 123 8.52 -19.61 -21.58
C ALA A 123 9.12 -18.22 -21.37
N TRP A 124 8.30 -17.21 -21.24
CA TRP A 124 8.83 -15.82 -21.06
C TRP A 124 9.81 -15.77 -19.87
N ALA A 125 9.69 -16.69 -18.94
CA ALA A 125 10.61 -16.67 -17.76
C ALA A 125 11.94 -17.38 -18.07
N ALA A 126 11.90 -18.44 -18.83
CA ALA A 126 13.16 -19.18 -19.14
C ALA A 126 13.97 -18.46 -20.23
N SER A 127 13.35 -17.59 -20.97
CA SER A 127 14.08 -16.86 -22.07
C SER A 127 15.29 -16.10 -21.51
N LEU A 128 15.33 -15.85 -20.23
CA LEU A 128 16.48 -15.09 -19.66
C LEU A 128 17.68 -16.02 -19.38
N TYR A 129 17.53 -17.07 -18.60
CA TYR A 129 18.72 -17.95 -18.37
C TYR A 129 19.01 -18.77 -19.62
N GLY A 130 17.99 -19.08 -20.38
CA GLY A 130 18.21 -19.85 -21.64
C GLY A 130 18.90 -18.95 -22.66
N SER A 131 18.80 -17.65 -22.49
CA SER A 131 19.45 -16.71 -23.45
C SER A 131 20.95 -16.60 -23.17
N TRP A 132 21.37 -16.95 -21.98
CA TRP A 132 22.82 -16.85 -21.64
C TRP A 132 23.56 -18.15 -22.00
N VAL A 133 23.04 -19.28 -21.58
CA VAL A 133 23.72 -20.57 -21.88
C VAL A 133 23.64 -20.88 -23.38
N ILE A 134 22.46 -20.88 -23.95
CA ILE A 134 22.32 -21.18 -25.41
C ILE A 134 23.30 -20.33 -26.24
N VAL A 135 23.27 -19.03 -26.06
CA VAL A 135 24.19 -18.16 -26.85
C VAL A 135 24.66 -16.98 -25.99
N ASN A 136 25.95 -16.82 -25.85
CA ASN A 136 26.48 -15.69 -25.03
C ASN A 136 27.56 -14.93 -25.81
N LYS A 137 28.32 -14.11 -25.15
CA LYS A 137 29.40 -13.35 -25.85
C LYS A 137 30.73 -13.56 -25.14
N ASP A 138 31.78 -13.80 -25.88
CA ASP A 138 33.12 -14.02 -25.26
C ASP A 138 33.68 -12.69 -24.72
N PRO A 139 33.73 -11.69 -25.59
CA PRO A 139 34.26 -10.38 -25.16
C PRO A 139 33.25 -9.65 -24.27
N ILE A 140 33.28 -9.92 -22.99
CA ILE A 140 32.32 -9.26 -22.05
C ILE A 140 32.74 -7.80 -21.84
N MET A 141 31.82 -6.96 -21.44
CA MET A 141 32.16 -5.53 -21.22
C MET A 141 31.70 -5.09 -19.82
N THR A 142 32.53 -5.28 -18.83
CA THR A 142 32.16 -4.87 -17.44
C THR A 142 30.86 -5.56 -17.02
N LYS A 143 30.96 -6.60 -16.23
CA LYS A 143 29.72 -7.32 -15.78
C LYS A 143 28.77 -6.35 -15.07
N ALA A 144 29.29 -5.34 -14.43
CA ALA A 144 28.42 -4.37 -13.72
C ALA A 144 27.43 -3.73 -14.69
N GLN A 145 27.93 -3.11 -15.74
CA GLN A 145 27.00 -2.44 -16.72
C GLN A 145 25.91 -3.42 -17.18
N LYS A 146 26.17 -4.70 -17.09
CA LYS A 146 25.14 -5.70 -17.51
C LYS A 146 24.06 -5.81 -16.44
N ILE A 147 24.40 -5.56 -15.19
CA ILE A 147 23.41 -5.65 -14.10
C ILE A 147 22.47 -4.44 -14.14
N VAL A 148 22.97 -3.30 -14.54
CA VAL A 148 22.08 -2.09 -14.59
C VAL A 148 21.31 -2.04 -15.92
N GLN A 149 21.70 -2.84 -16.88
CA GLN A 149 20.98 -2.84 -18.19
C GLN A 149 19.66 -3.62 -18.04
N ALA A 150 19.67 -4.68 -17.27
CA ALA A 150 18.42 -5.49 -17.08
C ALA A 150 17.24 -4.58 -16.72
N ARG A 151 17.50 -3.49 -16.06
CA ARG A 151 16.40 -2.55 -15.68
C ARG A 151 15.65 -2.06 -16.94
N MET A 152 16.27 -2.16 -18.07
CA MET A 152 15.60 -1.69 -19.34
C MET A 152 14.43 -2.63 -19.68
N TYR A 153 14.62 -3.90 -19.53
CA TYR A 153 13.53 -4.87 -19.87
C TYR A 153 12.63 -5.12 -18.64
N ALA A 154 13.22 -5.31 -17.48
CA ALA A 154 12.40 -5.56 -16.24
C ALA A 154 11.24 -4.56 -16.13
N GLN A 155 11.55 -3.29 -15.95
CA GLN A 155 10.47 -2.26 -15.82
C GLN A 155 9.37 -2.51 -16.87
N PHE A 156 9.74 -3.05 -17.99
CA PHE A 156 8.71 -3.33 -19.05
C PHE A 156 8.02 -4.67 -18.77
N ILE A 157 8.76 -5.74 -18.73
CA ILE A 157 8.13 -7.07 -18.44
C ILE A 157 7.39 -7.03 -17.10
N THR A 158 7.71 -6.07 -16.26
CA THR A 158 7.03 -5.96 -14.94
C THR A 158 5.59 -5.44 -15.11
N VAL A 159 5.43 -4.33 -15.80
CA VAL A 159 4.07 -3.75 -15.99
C VAL A 159 3.07 -4.82 -16.45
N GLY A 160 3.55 -5.86 -17.08
CA GLY A 160 2.62 -6.93 -17.54
C GLY A 160 1.90 -7.52 -16.32
N LEU A 161 2.48 -7.39 -15.17
CA LEU A 161 1.83 -7.94 -13.93
C LEU A 161 0.82 -6.92 -13.37
N LEU A 162 1.23 -5.69 -13.26
CA LEU A 162 0.32 -4.63 -12.72
C LEU A 162 -0.96 -4.53 -13.56
N LEU A 163 -0.83 -4.25 -14.83
CA LEU A 163 -2.06 -4.12 -15.71
C LEU A 163 -2.97 -5.35 -15.52
N ALA A 164 -2.42 -6.53 -15.62
CA ALA A 164 -3.24 -7.76 -15.47
C ALA A 164 -3.85 -7.83 -14.06
N SER A 165 -3.27 -7.12 -13.12
CA SER A 165 -3.81 -7.16 -11.72
C SER A 165 -5.00 -6.20 -11.55
N VAL A 166 -4.90 -4.99 -12.02
CA VAL A 166 -6.03 -4.02 -11.87
C VAL A 166 -7.23 -4.49 -12.68
N GLY A 167 -7.01 -4.99 -13.86
CA GLY A 167 -8.14 -5.47 -14.71
C GLY A 167 -8.95 -6.51 -13.93
N LEU A 168 -8.33 -7.21 -13.03
CA LEU A 168 -9.06 -8.25 -12.24
C LEU A 168 -9.93 -7.58 -11.17
N SER A 169 -9.45 -6.52 -10.58
CA SER A 169 -10.25 -5.82 -9.53
C SER A 169 -11.34 -4.96 -10.18
N MET A 170 -11.09 -4.47 -11.36
CA MET A 170 -12.13 -3.62 -12.04
C MET A 170 -13.26 -4.50 -12.56
N TYR A 171 -13.00 -5.76 -12.79
CA TYR A 171 -14.07 -6.67 -13.30
C TYR A 171 -15.22 -6.75 -12.29
N GLU A 172 -14.91 -6.79 -11.03
CA GLU A 172 -15.98 -6.87 -10.00
C GLU A 172 -16.73 -5.54 -9.90
N ASN A 173 -16.11 -4.46 -10.31
CA ASN A 173 -16.77 -3.12 -10.25
C ASN A 173 -18.21 -3.17 -10.78
N LYS A 174 -18.53 -4.11 -11.64
CA LYS A 174 -19.91 -4.21 -12.18
C LYS A 174 -20.94 -4.18 -11.04
N LEU A 175 -22.19 -3.95 -11.37
CA LEU A 175 -23.24 -3.89 -10.30
C LEU A 175 -23.76 -5.29 -9.96
N HIS A 176 -23.60 -6.24 -10.86
CA HIS A 176 -24.10 -7.62 -10.59
C HIS A 176 -23.38 -8.22 -9.36
N PRO A 177 -22.08 -8.25 -9.41
CA PRO A 177 -21.30 -8.82 -8.27
C PRO A 177 -21.27 -7.86 -7.09
N ASN A 178 -20.77 -6.66 -7.30
CA ASN A 178 -20.71 -5.68 -6.17
C ASN A 178 -21.12 -4.28 -6.66
N LYS A 179 -20.64 -3.26 -6.01
CA LYS A 179 -21.00 -1.87 -6.43
C LYS A 179 -19.75 -1.07 -6.76
N GLN A 180 -18.68 -1.28 -6.03
CA GLN A 180 -17.42 -0.53 -6.31
C GLN A 180 -16.21 -1.31 -5.79
N LYS A 181 -15.05 -0.71 -5.78
CA LYS A 181 -13.84 -1.41 -5.29
C LYS A 181 -12.75 -0.41 -4.90
N VAL A 182 -11.51 -0.84 -4.92
CA VAL A 182 -10.39 0.08 -4.55
C VAL A 182 -9.06 -0.54 -4.98
N ASN A 183 -7.99 -0.32 -4.24
CA ASN A 183 -6.66 -0.91 -4.60
C ASN A 183 -6.03 -0.19 -5.80
N GLU A 184 -6.81 0.13 -6.82
CA GLU A 184 -6.25 0.82 -8.02
C GLU A 184 -5.23 1.91 -7.65
N MET A 185 -5.67 2.96 -7.01
CA MET A 185 -4.71 4.05 -6.63
C MET A 185 -4.03 3.75 -5.29
N ARG A 186 -4.56 2.82 -4.52
CA ARG A 186 -3.93 2.50 -3.21
C ARG A 186 -2.51 1.97 -3.43
N ARG A 187 -2.35 1.09 -4.38
CA ARG A 187 -1.03 0.48 -4.63
C ARG A 187 -0.21 1.25 -5.71
N TRP A 188 -0.84 1.92 -6.67
CA TRP A 188 -0.04 2.65 -7.71
C TRP A 188 0.87 3.68 -7.03
N GLU A 189 0.29 4.59 -6.28
CA GLU A 189 1.13 5.62 -5.60
C GLU A 189 2.25 4.95 -4.81
N ASN A 190 2.00 3.78 -4.29
CA ASN A 190 3.05 3.06 -3.53
C ASN A 190 4.08 2.49 -4.50
N ALA A 191 3.64 1.97 -5.62
CA ALA A 191 4.60 1.43 -6.63
C ALA A 191 5.38 2.56 -7.27
N LEU A 192 4.84 3.75 -7.27
CA LEU A 192 5.54 4.91 -7.89
C LEU A 192 6.60 5.44 -6.91
N ARG A 193 6.27 5.53 -5.65
CA ARG A 193 7.25 6.04 -4.66
C ARG A 193 8.47 5.11 -4.59
N VAL A 194 8.24 3.84 -4.36
CA VAL A 194 9.38 2.88 -4.29
C VAL A 194 10.15 2.88 -5.62
N ALA A 195 9.53 3.31 -6.69
CA ALA A 195 10.22 3.34 -8.00
C ALA A 195 11.15 4.55 -8.08
N GLU A 196 10.61 5.74 -7.90
CA GLU A 196 11.47 6.96 -7.95
C GLU A 196 12.60 6.85 -6.93
N GLU A 197 12.35 6.18 -5.84
CA GLU A 197 13.42 6.03 -4.80
C GLU A 197 14.61 5.28 -5.37
N GLU A 198 14.40 4.53 -6.43
CA GLU A 198 15.53 3.77 -7.04
C GLU A 198 16.38 4.69 -7.92
N GLU A 199 15.82 5.77 -8.40
CA GLU A 199 16.60 6.71 -9.25
C GLU A 199 17.61 7.48 -8.41
N ARG A 200 17.28 7.78 -7.18
CA ARG A 200 18.22 8.54 -6.31
C ARG A 200 19.61 7.89 -6.34
N LEU A 201 19.68 6.62 -6.61
CA LEU A 201 20.99 5.92 -6.68
C LEU A 201 21.59 6.08 -8.09
N GLU A 202 20.76 6.29 -9.08
CA GLU A 202 21.28 6.45 -10.46
C GLU A 202 21.80 7.88 -10.66
N LYS A 203 21.08 8.86 -10.20
CA LYS A 203 21.53 10.27 -10.36
C LYS A 203 22.75 10.54 -9.47
N GLU A 204 22.91 9.78 -8.42
CA GLU A 204 24.07 9.99 -7.51
C GLU A 204 25.39 9.85 -8.28
N GLY A 205 25.42 8.99 -9.26
CA GLY A 205 26.67 8.81 -10.06
C GLY A 205 26.50 7.63 -11.01
N ARG A 206 27.28 7.59 -12.06
CA ARG A 206 27.17 6.46 -13.04
C ARG A 206 28.31 5.47 -12.83
N ARG A 207 28.01 4.23 -12.57
CA ARG A 207 29.07 3.21 -12.36
C ARG A 207 29.62 2.74 -13.72
N THR A 208 30.21 3.62 -14.47
CA THR A 208 30.77 3.23 -15.80
C THR A 208 31.96 4.12 -16.16
N GLY A 209 33.07 3.53 -16.50
CA GLY A 209 34.28 4.34 -16.87
C GLY A 209 35.08 4.65 -15.60
N TYR A 210 36.07 5.49 -15.72
CA TYR A 210 36.89 5.85 -14.53
C TYR A 210 37.77 7.06 -14.84
N VAL A 211 38.31 7.69 -13.83
CA VAL A 211 39.18 8.88 -14.06
C VAL A 211 40.55 8.45 -14.60
N SER A 212 41.09 7.37 -14.08
CA SER A 212 42.42 6.90 -14.55
C SER A 212 42.27 6.18 -15.89
N ASN A 213 41.12 5.62 -16.18
CA ASN A 213 40.92 4.91 -17.46
C ASN A 213 41.11 5.87 -18.64
N GLU A 214 40.79 7.12 -18.45
CA GLU A 214 40.94 8.11 -19.56
C GLU A 214 42.42 8.46 -19.74
N GLU A 215 43.17 8.52 -18.67
CA GLU A 215 44.62 8.85 -18.78
C GLU A 215 45.33 7.83 -19.68
N ARG A 216 44.81 6.64 -19.77
CA ARG A 216 45.46 5.60 -20.62
C ARG A 216 45.15 5.87 -22.10
N ILE A 217 43.92 6.14 -22.42
CA ILE A 217 43.56 6.40 -23.85
C ILE A 217 44.22 7.71 -24.33
N ASN A 218 44.31 8.68 -23.47
CA ASN A 218 44.94 9.98 -23.86
C ASN A 218 46.38 9.75 -24.33
N SER A 219 47.04 8.78 -23.77
CA SER A 219 48.46 8.50 -24.18
C SER A 219 48.48 7.65 -25.46
N LYS A 220 47.60 6.69 -25.57
CA LYS A 220 47.58 5.82 -26.79
C LYS A 220 47.39 6.68 -28.04
N ILE A 221 46.36 7.49 -28.07
CA ILE A 221 46.12 8.35 -29.27
C ILE A 221 47.30 9.30 -29.48
N PHE A 222 48.02 9.62 -28.45
CA PHE A 222 49.19 10.55 -28.60
C PHE A 222 50.41 9.79 -29.12
N LYS A 223 50.89 8.83 -28.36
CA LYS A 223 52.08 8.06 -28.81
C LYS A 223 51.64 6.75 -29.49
N SER A 224 51.88 6.63 -30.77
CA SER A 224 51.49 5.38 -31.48
C SER A 224 52.71 4.70 -32.09
N MET B 1 -27.48 -10.69 13.68
CA MET B 1 -28.49 -9.70 14.15
C MET B 1 -29.65 -10.43 14.85
N LYS B 2 -29.58 -10.57 16.15
CA LYS B 2 -30.68 -11.26 16.89
C LYS B 2 -31.54 -10.25 17.64
N ILE B 3 -32.09 -9.28 16.94
CA ILE B 3 -32.96 -8.26 17.61
C ILE B 3 -32.21 -7.64 18.79
N LEU B 4 -31.19 -6.86 18.53
CA LEU B 4 -30.42 -6.22 19.64
C LEU B 4 -30.96 -4.81 19.90
N THR B 5 -31.61 -4.61 21.02
CA THR B 5 -32.15 -3.25 21.33
C THR B 5 -31.12 -2.45 22.13
N GLN B 6 -30.29 -1.69 21.45
CA GLN B 6 -29.26 -0.89 22.17
C GLN B 6 -29.60 0.61 22.08
N ASP B 7 -28.68 1.45 22.48
CA ASP B 7 -28.96 2.92 22.42
C ASP B 7 -28.32 3.52 21.16
N GLU B 8 -28.41 2.82 20.05
CA GLU B 8 -27.82 3.35 18.78
C GLU B 8 -26.30 3.55 18.94
N ILE B 9 -25.90 4.64 19.54
CA ILE B 9 -24.44 4.90 19.73
C ILE B 9 -24.13 5.18 21.20
N GLU B 10 -22.90 5.50 21.50
CA GLU B 10 -22.54 5.78 22.92
C GLU B 10 -21.78 7.11 23.02
N ALA B 11 -20.69 7.24 22.30
CA ALA B 11 -19.91 8.51 22.35
C ALA B 11 -20.60 9.60 21.52
N HIS B 12 -21.24 10.54 22.15
CA HIS B 12 -21.93 11.62 21.40
C HIS B 12 -20.90 12.55 20.74
N ARG B 13 -20.34 12.14 19.63
CA ARG B 13 -19.33 12.97 18.95
C ARG B 13 -20.01 14.17 18.25
N SER B 14 -21.31 14.22 18.26
CA SER B 14 -22.03 15.35 17.59
C SER B 14 -21.49 16.69 18.09
N HIS B 15 -21.06 16.75 19.33
CA HIS B 15 -20.52 18.03 19.87
C HIS B 15 -19.10 18.27 19.33
N THR B 16 -18.34 17.22 19.17
CA THR B 16 -16.95 17.38 18.64
C THR B 16 -16.99 17.67 17.13
N LEU B 17 -18.06 17.33 16.47
CA LEU B 17 -18.16 17.58 15.00
C LEU B 17 -17.78 19.03 14.67
N LYS B 18 -17.97 19.92 15.60
CA LYS B 18 -17.60 21.35 15.35
C LYS B 18 -16.08 21.48 15.18
N GLY B 19 -15.33 20.77 15.98
CA GLY B 19 -13.85 20.85 15.88
C GLY B 19 -13.37 20.08 14.63
N GLY B 20 -14.15 19.13 14.18
CA GLY B 20 -13.74 18.35 12.96
C GLY B 20 -13.57 19.30 11.78
N ILE B 21 -14.44 20.27 11.65
CA ILE B 21 -14.32 21.23 10.51
C ILE B 21 -13.19 22.23 10.77
N GLU B 22 -13.01 22.62 12.01
CA GLU B 22 -11.93 23.59 12.35
C GLU B 22 -10.57 22.96 12.06
N GLY B 23 -10.44 21.66 12.19
CA GLY B 23 -9.14 21.00 11.92
C GLY B 23 -8.82 21.05 10.43
N ALA B 24 -9.82 20.88 9.60
CA ALA B 24 -9.58 20.92 8.12
C ALA B 24 -8.94 22.25 7.71
N LEU B 25 -9.36 23.32 8.32
CA LEU B 25 -8.80 24.66 7.96
C LEU B 25 -7.44 24.87 8.65
N ALA B 26 -7.23 24.26 9.79
CA ALA B 26 -5.93 24.44 10.50
C ALA B 26 -4.86 23.54 9.90
N GLY B 27 -5.19 22.31 9.61
CA GLY B 27 -4.18 21.37 9.03
C GLY B 27 -3.61 21.98 7.74
N PHE B 28 -4.38 22.79 7.06
CA PHE B 28 -3.87 23.41 5.80
C PHE B 28 -2.89 24.54 6.10
N ALA B 29 -3.00 25.15 7.25
CA ALA B 29 -2.09 26.27 7.59
C ALA B 29 -0.74 25.74 8.09
N ILE B 30 -0.74 24.98 9.15
CA ILE B 30 0.55 24.44 9.69
C ILE B 30 1.21 23.52 8.66
N SER B 31 0.44 22.92 7.79
CA SER B 31 1.04 22.00 6.77
C SER B 31 2.01 22.78 5.86
N ALA B 32 1.60 23.90 5.36
CA ALA B 32 2.48 24.70 4.46
C ALA B 32 3.48 25.54 5.28
N ILE B 33 3.12 25.93 6.47
CA ILE B 33 4.06 26.77 7.29
C ILE B 33 5.24 25.94 7.80
N ILE B 34 4.99 24.78 8.35
CA ILE B 34 6.12 23.94 8.88
C ILE B 34 7.22 23.76 7.81
N PHE B 35 6.85 23.81 6.56
CA PHE B 35 7.87 23.64 5.48
C PHE B 35 8.77 24.88 5.37
N LYS B 36 8.29 26.01 5.81
CA LYS B 36 9.10 27.26 5.71
C LYS B 36 10.18 27.35 6.80
N VAL B 37 9.95 26.74 7.93
CA VAL B 37 10.95 26.85 9.06
C VAL B 37 12.40 26.66 8.58
N LEU B 38 12.71 25.61 7.88
CA LEU B 38 14.11 25.40 7.45
C LEU B 38 14.52 26.35 6.31
N PRO B 39 13.75 26.39 5.25
CA PRO B 39 14.10 27.28 4.11
C PRO B 39 13.95 28.75 4.51
N ARG B 40 13.33 29.01 5.63
CA ARG B 40 13.15 30.41 6.09
C ARG B 40 14.53 31.06 6.35
N ARG B 41 15.36 30.40 7.10
CA ARG B 41 16.71 30.98 7.38
C ARG B 41 17.59 30.89 6.13
N TYR B 42 17.79 29.70 5.62
CA TYR B 42 18.62 29.53 4.41
C TYR B 42 17.76 29.05 3.23
N PRO B 43 18.32 29.07 2.05
CA PRO B 43 17.57 28.64 0.85
C PRO B 43 17.35 27.13 0.88
N LYS B 44 17.11 26.51 -0.26
CA LYS B 44 16.89 25.05 -0.28
C LYS B 44 17.44 24.45 -1.58
N PHE B 45 18.08 23.32 -1.50
CA PHE B 45 18.65 22.68 -2.73
C PHE B 45 19.19 21.28 -2.41
N LYS B 46 18.51 20.55 -1.57
CA LYS B 46 18.99 19.18 -1.22
C LYS B 46 18.01 18.50 -0.25
N PRO B 47 17.79 19.13 0.89
CA PRO B 47 16.86 18.56 1.89
C PRO B 47 15.40 18.71 1.44
N SER B 48 15.16 19.36 0.34
CA SER B 48 13.75 19.54 -0.14
C SER B 48 13.18 18.20 -0.62
N THR B 49 14.03 17.27 -0.97
CA THR B 49 13.52 15.95 -1.46
C THR B 49 13.04 15.09 -0.29
N LEU B 50 13.57 15.31 0.89
CA LEU B 50 13.15 14.49 2.06
C LEU B 50 11.84 15.04 2.62
N THR B 51 11.73 16.33 2.76
CA THR B 51 10.47 16.93 3.30
C THR B 51 9.34 16.83 2.28
N TRP B 52 9.68 16.61 1.02
CA TRP B 52 8.63 16.51 -0.03
C TRP B 52 7.82 15.21 0.14
N SER B 53 8.42 14.18 0.69
CA SER B 53 7.68 12.90 0.86
C SER B 53 6.87 12.92 2.16
N ILE B 54 7.48 13.26 3.26
CA ILE B 54 6.75 13.29 4.55
C ILE B 54 5.49 14.16 4.43
N LYS B 55 5.49 15.08 3.50
CA LYS B 55 4.31 15.97 3.31
C LYS B 55 3.22 15.26 2.47
N THR B 56 3.57 14.21 1.77
CA THR B 56 2.56 13.51 0.93
C THR B 56 1.55 12.75 1.80
N ALA B 57 2.02 11.96 2.72
CA ALA B 57 1.08 11.19 3.60
C ALA B 57 0.21 12.13 4.43
N LEU B 58 0.59 13.39 4.53
CA LEU B 58 -0.23 14.35 5.34
C LEU B 58 -1.40 14.93 4.53
N TRP B 59 -1.34 14.89 3.23
CA TRP B 59 -2.46 15.47 2.41
C TRP B 59 -3.69 14.54 2.41
N ILE B 60 -3.48 13.26 2.44
CA ILE B 60 -4.62 12.30 2.42
C ILE B 60 -5.17 12.05 3.83
N THR B 61 -4.42 12.35 4.84
CA THR B 61 -4.90 12.09 6.25
C THR B 61 -6.12 12.96 6.63
N PRO B 62 -6.04 14.25 6.40
CA PRO B 62 -7.16 15.15 6.79
C PRO B 62 -8.47 14.92 6.00
N PRO B 63 -8.40 14.63 4.73
CA PRO B 63 -9.65 14.41 3.97
C PRO B 63 -10.30 13.08 4.36
N THR B 64 -9.58 12.20 5.03
CA THR B 64 -10.18 10.89 5.43
C THR B 64 -10.82 10.99 6.83
N VAL B 65 -10.35 11.88 7.66
CA VAL B 65 -10.94 12.00 9.00
C VAL B 65 -12.38 12.49 8.89
N LEU B 66 -12.73 13.08 7.76
CA LEU B 66 -14.12 13.60 7.56
C LEU B 66 -15.15 12.46 7.73
N THR B 67 -14.72 11.24 7.60
CA THR B 67 -15.66 10.08 7.72
C THR B 67 -16.42 10.12 9.06
N ALA B 68 -15.91 10.83 10.03
CA ALA B 68 -16.61 10.87 11.37
C ALA B 68 -17.80 11.84 11.35
N ILE B 69 -17.72 12.92 10.62
CA ILE B 69 -18.84 13.89 10.59
C ILE B 69 -19.98 13.35 9.73
N CYS B 70 -19.70 13.03 8.49
CA CYS B 70 -20.78 12.50 7.59
C CYS B 70 -21.47 11.29 8.22
N ALA B 71 -20.81 10.59 9.11
CA ALA B 71 -21.45 9.41 9.76
C ALA B 71 -22.38 9.86 10.89
N GLU B 72 -22.02 10.90 11.58
CA GLU B 72 -22.88 11.39 12.70
C GLU B 72 -24.11 12.12 12.15
N GLU B 73 -23.96 12.79 11.03
CA GLU B 73 -25.12 13.52 10.43
C GLU B 73 -26.08 12.53 9.78
N ALA B 74 -25.60 11.36 9.43
CA ALA B 74 -26.51 10.35 8.79
C ALA B 74 -27.16 9.46 9.86
N SER B 75 -26.36 8.88 10.71
CA SER B 75 -26.92 7.99 11.79
C SER B 75 -28.05 8.71 12.54
N ASN B 76 -27.72 9.50 13.54
CA ASN B 76 -28.77 10.22 14.30
C ASN B 76 -28.86 11.67 13.84
N ASN B 77 -29.86 11.98 13.04
CA ASN B 77 -30.01 13.38 12.55
C ASN B 77 -30.52 14.28 13.67
N PHE B 78 -30.16 15.54 13.64
CA PHE B 78 -30.63 16.47 14.71
C PHE B 78 -32.12 16.78 14.52
N ASP B 79 -32.62 16.65 13.31
CA ASP B 79 -34.06 16.95 13.06
C ASP B 79 -34.95 16.04 13.93
N ALA B 80 -34.47 14.87 14.26
CA ALA B 80 -35.28 13.95 15.11
C ALA B 80 -35.36 14.48 16.55
N THR B 81 -36.49 14.99 16.95
CA THR B 81 -36.62 15.52 18.33
C THR B 81 -36.82 14.36 19.32
N MET B 82 -37.48 14.61 20.42
CA MET B 82 -37.70 13.52 21.42
C MET B 82 -38.31 12.28 20.75
N TYR B 83 -37.77 11.13 21.04
CA TYR B 83 -38.30 9.88 20.41
C TYR B 83 -39.68 9.54 20.99
N GLY B 84 -39.73 9.11 22.23
CA GLY B 84 -41.03 8.76 22.85
C GLY B 84 -41.64 10.01 23.48
N SER B 85 -42.74 9.86 24.17
CA SER B 85 -43.39 11.05 24.81
C SER B 85 -42.44 11.67 25.84
N GLY B 86 -42.93 12.57 26.64
CA GLY B 86 -42.08 13.21 27.67
C GLY B 86 -41.63 12.16 28.70
N SER B 87 -42.49 11.80 29.61
CA SER B 87 -42.12 10.78 30.63
C SER B 87 -43.05 9.56 30.51
N SER B 88 -42.51 8.41 30.24
CA SER B 88 -43.35 7.19 30.11
C SER B 88 -42.61 5.98 30.69
N SER B 89 -42.96 4.79 30.24
CA SER B 89 -42.28 3.57 30.76
C SER B 89 -40.76 3.68 30.59
N GLU B 90 -40.32 4.43 29.61
CA GLU B 90 -38.85 4.58 29.38
C GLU B 90 -38.19 5.23 30.60
N ASP B 91 -38.82 6.24 31.14
CA ASP B 91 -38.22 6.92 32.34
C ASP B 91 -38.13 5.95 33.51
N ALA B 92 -39.07 5.04 33.62
CA ALA B 92 -39.03 4.06 34.74
C ALA B 92 -37.77 3.19 34.64
N LEU B 93 -37.51 2.62 33.51
CA LEU B 93 -36.31 1.77 33.35
C LEU B 93 -35.04 2.64 33.25
N ASP B 94 -35.21 3.89 32.92
CA ASP B 94 -34.03 4.79 32.80
C ASP B 94 -33.26 4.85 34.13
N GLU B 95 -33.91 4.50 35.22
CA GLU B 95 -33.23 4.53 36.53
C GLU B 95 -32.48 3.21 36.77
N HIS B 96 -33.15 2.10 36.57
CA HIS B 96 -32.48 0.78 36.78
C HIS B 96 -31.39 0.57 35.72
N ARG B 97 -31.57 1.12 34.55
CA ARG B 97 -30.55 0.96 33.47
C ARG B 97 -29.36 1.89 33.70
N ARG B 98 -29.54 2.94 34.46
CA ARG B 98 -28.43 3.89 34.72
C ARG B 98 -27.34 3.22 35.56
N TRP B 99 -27.68 2.17 36.27
CA TRP B 99 -26.67 1.47 37.12
C TRP B 99 -25.45 1.07 36.28
N LYS B 100 -25.69 0.56 35.10
CA LYS B 100 -24.54 0.15 34.23
C LYS B 100 -23.80 1.39 33.71
N SER B 101 -24.50 2.50 33.59
CA SER B 101 -23.84 3.74 33.08
C SER B 101 -23.37 4.61 34.25
N LEU B 102 -23.00 5.84 33.99
CA LEU B 102 -22.54 6.73 35.08
C LEU B 102 -23.52 7.89 35.28
N SER B 103 -23.44 8.90 34.46
CA SER B 103 -24.36 10.07 34.60
C SER B 103 -24.29 10.96 33.35
N THR B 104 -25.01 12.05 33.36
CA THR B 104 -24.99 12.96 32.17
C THR B 104 -23.63 13.67 32.06
N LYS B 105 -22.97 13.89 33.17
CA LYS B 105 -21.66 14.55 33.15
C LYS B 105 -20.64 13.69 32.39
N ASP B 106 -20.91 12.42 32.25
CA ASP B 106 -19.95 11.52 31.52
C ASP B 106 -19.68 12.07 30.12
N LYS B 107 -20.58 12.85 29.58
CA LYS B 107 -20.37 13.41 28.21
C LYS B 107 -19.48 14.65 28.27
N PHE B 108 -19.34 15.28 29.40
CA PHE B 108 -18.49 16.49 29.50
C PHE B 108 -17.02 16.13 29.22
N VAL B 109 -16.57 15.03 29.74
CA VAL B 109 -15.14 14.62 29.51
C VAL B 109 -14.89 14.39 28.02
N GLU B 110 -15.92 14.21 27.23
CA GLU B 110 -15.71 13.98 25.76
C GLU B 110 -15.25 15.27 25.07
N GLY B 111 -15.86 16.38 25.38
CA GLY B 111 -15.47 17.66 24.72
C GLY B 111 -14.38 18.39 25.52
N LEU B 112 -14.63 18.65 26.78
CA LEU B 112 -13.62 19.38 27.62
C LEU B 112 -12.20 18.83 27.43
N SER B 113 -12.04 17.54 27.43
CA SER B 113 -10.67 16.96 27.26
C SER B 113 -10.15 17.22 25.84
N ASN B 114 -10.98 17.06 24.85
CA ASN B 114 -10.52 17.29 23.45
C ASN B 114 -9.92 18.70 23.31
N ASN B 115 -10.44 19.64 24.05
CA ASN B 115 -9.90 21.03 23.96
C ASN B 115 -8.47 21.09 24.50
N LYS B 116 -8.18 20.33 25.53
CA LYS B 116 -6.80 20.34 26.11
C LYS B 116 -5.80 19.73 25.11
N TYR B 117 -6.08 18.55 24.63
CA TYR B 117 -5.16 17.90 23.65
C TYR B 117 -4.99 18.79 22.41
N LYS B 118 -6.02 19.52 22.06
CA LYS B 118 -5.94 20.40 20.87
C LYS B 118 -4.79 21.41 21.02
N ILE B 119 -4.51 21.85 22.22
CA ILE B 119 -3.42 22.84 22.42
C ILE B 119 -2.08 22.14 22.66
N ILE B 120 -2.04 21.14 23.50
CA ILE B 120 -0.76 20.43 23.78
C ILE B 120 -0.13 19.92 22.48
N THR B 121 -0.92 19.55 21.51
CA THR B 121 -0.35 19.05 20.23
C THR B 121 0.11 20.21 19.33
N GLY B 122 -0.39 21.40 19.57
CA GLY B 122 0.03 22.56 18.74
C GLY B 122 1.44 23.01 19.13
N ALA B 123 1.78 22.94 20.39
CA ALA B 123 3.14 23.37 20.83
C ALA B 123 4.19 22.31 20.50
N TRP B 124 3.77 21.07 20.38
CA TRP B 124 4.75 19.99 20.07
C TRP B 124 5.45 20.25 18.72
N ALA B 125 4.87 21.09 17.89
CA ALA B 125 5.49 21.39 16.57
C ALA B 125 6.46 22.59 16.67
N ALA B 126 6.01 23.67 17.24
CA ALA B 126 6.88 24.87 17.37
C ALA B 126 8.11 24.59 18.25
N SER B 127 8.06 23.56 19.05
CA SER B 127 9.23 23.24 19.93
C SER B 127 10.51 23.05 19.12
N LEU B 128 10.40 22.79 17.84
CA LEU B 128 11.63 22.59 17.02
C LEU B 128 12.20 23.93 16.54
N TYR B 129 11.45 24.73 15.80
CA TYR B 129 12.04 26.03 15.35
C TYR B 129 12.16 26.98 16.53
N GLY B 130 11.23 26.93 17.45
CA GLY B 130 11.31 27.80 18.65
C GLY B 130 12.57 27.46 19.44
N SER B 131 13.10 26.27 19.25
CA SER B 131 14.32 25.87 20.00
C SER B 131 15.57 26.48 19.33
N TRP B 132 15.52 26.72 18.05
CA TRP B 132 16.71 27.30 17.35
C TRP B 132 16.74 28.82 17.47
N VAL B 133 15.60 29.46 17.67
CA VAL B 133 15.59 30.95 17.79
C VAL B 133 16.06 31.37 19.19
N ILE B 134 15.37 30.94 20.21
CA ILE B 134 15.76 31.31 21.60
C ILE B 134 17.26 31.10 21.84
N VAL B 135 17.81 30.02 21.32
CA VAL B 135 19.27 29.77 21.51
C VAL B 135 19.93 29.51 20.15
N ASN B 136 21.16 29.92 20.00
CA ASN B 136 21.85 29.70 18.69
C ASN B 136 23.37 29.69 18.88
N LYS B 137 24.00 28.58 18.58
CA LYS B 137 25.49 28.51 18.73
C LYS B 137 26.16 28.66 17.36
N ASP B 138 27.35 29.20 17.33
CA ASP B 138 28.05 29.37 16.03
C ASP B 138 28.26 28.01 15.36
N PRO B 139 27.91 27.92 14.10
CA PRO B 139 28.05 26.64 13.35
C PRO B 139 29.53 26.38 13.04
N ILE B 140 30.26 25.86 13.99
CA ILE B 140 31.71 25.58 13.76
C ILE B 140 31.90 24.10 13.38
N MET B 141 30.90 23.49 12.80
CA MET B 141 31.01 22.06 12.41
C MET B 141 30.25 21.81 11.11
N THR B 142 30.44 20.66 10.51
CA THR B 142 29.73 20.35 9.22
C THR B 142 28.22 20.43 9.44
N LYS B 143 27.58 21.43 8.87
CA LYS B 143 26.10 21.57 9.03
C LYS B 143 25.39 20.32 8.50
N ALA B 144 26.01 19.62 7.60
CA ALA B 144 25.38 18.38 7.04
C ALA B 144 25.33 17.28 8.11
N GLN B 145 26.33 17.22 8.95
CA GLN B 145 26.35 16.17 10.01
C GLN B 145 25.11 16.33 10.92
N LYS B 146 24.52 17.49 10.93
CA LYS B 146 23.32 17.71 11.79
C LYS B 146 22.06 17.19 11.09
N ILE B 147 21.92 17.47 9.83
CA ILE B 147 20.71 17.02 9.07
C ILE B 147 20.47 15.51 9.28
N VAL B 148 21.49 14.77 9.62
CA VAL B 148 21.28 13.29 9.84
C VAL B 148 20.92 13.01 11.30
N GLN B 149 21.02 13.99 12.17
CA GLN B 149 20.65 13.76 13.59
C GLN B 149 19.13 13.84 13.76
N ALA B 150 18.50 14.79 13.12
CA ALA B 150 17.01 14.94 13.23
C ALA B 150 16.32 13.58 13.10
N ARG B 151 16.90 12.68 12.37
CA ARG B 151 16.28 11.33 12.19
C ARG B 151 16.13 10.61 13.53
N MET B 152 16.83 11.05 14.55
CA MET B 152 16.73 10.37 15.87
C MET B 152 15.39 10.67 16.54
N TYR B 153 14.89 11.87 16.39
CA TYR B 153 13.58 12.22 17.03
C TYR B 153 12.41 11.95 16.08
N ALA B 154 12.52 12.34 14.84
CA ALA B 154 11.41 12.12 13.85
C ALA B 154 10.81 10.72 13.98
N GLN B 155 11.55 9.70 13.59
CA GLN B 155 11.02 8.29 13.69
C GLN B 155 10.16 8.10 14.95
N PHE B 156 10.55 8.74 16.02
CA PHE B 156 9.77 8.62 17.29
C PHE B 156 8.51 9.49 17.20
N ILE B 157 8.67 10.78 17.04
CA ILE B 157 7.48 11.67 16.94
C ILE B 157 6.59 11.24 15.77
N THR B 158 7.13 10.48 14.84
CA THR B 158 6.32 10.03 13.67
C THR B 158 5.36 8.90 14.08
N VAL B 159 5.86 7.88 14.73
CA VAL B 159 4.99 6.75 15.15
C VAL B 159 3.74 7.26 15.87
N GLY B 160 3.81 8.42 16.45
CA GLY B 160 2.61 8.98 17.15
C GLY B 160 1.47 9.17 16.15
N LEU B 161 1.80 9.28 14.88
CA LEU B 161 0.75 9.46 13.83
C LEU B 161 0.19 8.10 13.41
N LEU B 162 1.04 7.14 13.16
CA LEU B 162 0.55 5.80 12.73
C LEU B 162 -0.38 5.17 13.78
N LEU B 163 0.09 5.02 14.99
CA LEU B 163 -0.78 4.39 16.05
C LEU B 163 -2.16 5.05 16.07
N ALA B 164 -2.22 6.35 16.15
CA ALA B 164 -3.53 7.06 16.18
C ALA B 164 -4.36 6.69 14.93
N SER B 165 -3.72 6.23 13.89
CA SER B 165 -4.47 5.87 12.64
C SER B 165 -5.17 4.50 12.79
N VAL B 166 -4.42 3.45 12.95
CA VAL B 166 -5.04 2.10 13.09
C VAL B 166 -6.09 2.10 14.20
N GLY B 167 -5.84 2.81 15.26
CA GLY B 167 -6.81 2.86 16.39
C GLY B 167 -8.16 3.39 15.88
N LEU B 168 -8.14 4.19 14.86
CA LEU B 168 -9.41 4.74 14.31
C LEU B 168 -10.12 3.68 13.45
N SER B 169 -9.37 2.96 12.66
CA SER B 169 -9.99 1.90 11.81
C SER B 169 -10.32 0.67 12.64
N MET B 170 -9.61 0.45 13.71
CA MET B 170 -9.88 -0.74 14.56
C MET B 170 -11.11 -0.50 15.45
N TYR B 171 -11.35 0.73 15.82
CA TYR B 171 -12.54 1.02 16.67
C TYR B 171 -13.83 0.62 15.95
N GLU B 172 -13.89 0.82 14.67
CA GLU B 172 -15.13 0.45 13.91
C GLU B 172 -15.41 -1.05 14.06
N ASN B 173 -14.38 -1.86 14.09
CA ASN B 173 -14.59 -3.33 14.24
C ASN B 173 -15.48 -3.62 15.45
N LYS B 174 -15.09 -3.15 16.61
CA LYS B 174 -15.90 -3.39 17.85
C LYS B 174 -17.40 -3.21 17.59
N LEU B 175 -17.85 -1.99 17.42
CA LEU B 175 -19.30 -1.75 17.17
C LEU B 175 -19.84 -2.69 16.09
N HIS B 176 -19.01 -3.09 15.16
CA HIS B 176 -19.47 -4.01 14.08
C HIS B 176 -19.23 -5.47 14.50
N PRO B 177 -19.79 -6.37 13.72
CA PRO B 177 -19.64 -7.82 14.02
C PRO B 177 -18.22 -8.30 13.68
N ASN B 178 -17.81 -8.13 12.44
CA ASN B 178 -16.44 -8.58 12.05
C ASN B 178 -16.13 -8.12 10.62
N LYS B 179 -14.96 -7.59 10.41
CA LYS B 179 -14.59 -7.12 9.03
C LYS B 179 -13.09 -6.77 8.98
N GLN B 180 -12.32 -7.55 8.27
CA GLN B 180 -10.85 -7.25 8.18
C GLN B 180 -10.39 -7.31 6.72
N LYS B 181 -10.52 -6.24 6.01
CA LYS B 181 -10.09 -6.22 4.58
C LYS B 181 -8.66 -5.69 4.45
N VAL B 182 -8.10 -5.74 3.28
CA VAL B 182 -6.71 -5.23 3.09
C VAL B 182 -6.68 -3.71 3.31
N ASN B 183 -5.97 -3.27 4.32
CA ASN B 183 -5.89 -1.80 4.59
C ASN B 183 -4.91 -1.51 5.74
N GLU B 184 -5.38 -1.47 6.97
CA GLU B 184 -4.47 -1.18 8.13
C GLU B 184 -3.12 -1.91 7.98
N MET B 185 -3.13 -3.22 8.02
CA MET B 185 -1.83 -3.97 7.89
C MET B 185 -1.22 -3.76 6.49
N ARG B 186 -1.99 -3.25 5.56
CA ARG B 186 -1.44 -3.01 4.18
C ARG B 186 -0.45 -1.85 4.18
N ARG B 187 -0.68 -0.88 5.03
CA ARG B 187 0.22 0.30 5.06
C ARG B 187 1.39 0.11 6.06
N TRP B 188 1.32 -0.82 6.97
CA TRP B 188 2.47 -1.02 7.92
C TRP B 188 3.66 -1.62 7.17
N GLU B 189 3.49 -2.79 6.61
CA GLU B 189 4.61 -3.43 5.85
C GLU B 189 5.09 -2.50 4.74
N ASN B 190 4.19 -1.75 4.16
CA ASN B 190 4.60 -0.82 3.06
C ASN B 190 5.53 0.27 3.63
N ALA B 191 5.23 0.77 4.78
CA ALA B 191 6.09 1.83 5.39
C ALA B 191 7.49 1.26 5.64
N LEU B 192 7.59 -0.01 5.91
CA LEU B 192 8.92 -0.63 6.16
C LEU B 192 9.71 -0.71 4.85
N ARG B 193 9.05 -1.02 3.77
CA ARG B 193 9.76 -1.11 2.45
C ARG B 193 10.36 0.24 2.09
N VAL B 194 9.64 1.30 2.32
CA VAL B 194 10.18 2.66 1.99
C VAL B 194 11.16 3.11 3.07
N ALA B 195 11.11 2.51 4.22
CA ALA B 195 12.04 2.90 5.32
C ALA B 195 13.40 2.21 5.13
N GLU B 196 13.41 0.91 5.06
CA GLU B 196 14.70 0.18 4.89
C GLU B 196 15.45 0.71 3.65
N GLU B 197 14.72 1.19 2.68
CA GLU B 197 15.37 1.73 1.45
C GLU B 197 16.26 2.93 1.81
N GLU B 198 15.93 3.61 2.87
CA GLU B 198 16.74 4.79 3.29
C GLU B 198 18.08 4.34 3.89
N GLU B 199 18.13 3.14 4.40
CA GLU B 199 19.39 2.64 5.02
C GLU B 199 20.44 2.36 3.94
N ARG B 200 20.03 1.82 2.82
CA ARG B 200 21.00 1.52 1.72
C ARG B 200 21.89 2.74 1.46
N LEU B 201 21.40 3.91 1.75
CA LEU B 201 22.22 5.14 1.55
C LEU B 201 23.15 5.36 2.73
N GLU B 202 22.73 4.96 3.91
CA GLU B 202 23.59 5.14 5.12
C GLU B 202 24.78 4.18 5.07
N LYS B 203 24.57 2.99 4.57
CA LYS B 203 25.69 2.00 4.49
C LYS B 203 26.71 2.45 3.44
N GLU B 204 26.25 2.94 2.32
CA GLU B 204 27.21 3.39 1.26
C GLU B 204 28.10 4.51 1.80
N GLY B 205 27.59 5.32 2.69
CA GLY B 205 28.41 6.43 3.26
C GLY B 205 29.29 5.89 4.38
N ARG B 206 30.42 6.50 4.61
CA ARG B 206 31.33 6.03 5.68
C ARG B 206 31.25 6.96 6.89
N ARG B 207 31.44 6.43 8.07
CA ARG B 207 31.38 7.28 9.30
C ARG B 207 32.48 8.35 9.24
N THR B 208 32.12 9.57 8.96
CA THR B 208 33.13 10.66 8.89
C THR B 208 33.83 10.82 10.24
N GLY B 209 34.93 10.14 10.43
CA GLY B 209 35.66 10.25 11.73
C GLY B 209 36.38 11.60 11.81
N TYR B 210 37.64 11.60 12.13
CA TYR B 210 38.39 12.88 12.23
C TYR B 210 39.89 12.63 12.08
N VAL B 211 40.39 12.65 10.87
CA VAL B 211 41.85 12.42 10.65
C VAL B 211 42.67 13.57 11.24
N SER B 212 42.05 14.71 11.45
CA SER B 212 42.81 15.87 12.02
C SER B 212 43.09 15.64 13.50
N ASN B 213 42.16 15.04 14.20
CA ASN B 213 42.37 14.80 15.66
C ASN B 213 43.35 13.64 15.86
N GLU B 214 43.42 12.74 14.91
CA GLU B 214 44.36 11.58 15.04
C GLU B 214 45.80 12.06 14.85
N GLU B 215 46.07 12.75 13.76
CA GLU B 215 47.46 13.23 13.51
C GLU B 215 47.88 14.21 14.60
N ARG B 216 46.94 14.83 15.27
CA ARG B 216 47.30 15.80 16.34
C ARG B 216 48.02 15.09 17.48
N ILE B 217 47.85 13.81 17.61
CA ILE B 217 48.54 13.06 18.70
C ILE B 217 50.04 12.98 18.43
N ASN B 218 50.44 12.41 17.33
CA ASN B 218 51.89 12.32 17.01
C ASN B 218 52.47 13.70 16.71
N SER B 219 51.64 14.69 16.52
CA SER B 219 52.14 16.05 16.22
C SER B 219 52.65 16.72 17.50
N LYS B 220 51.98 16.52 18.59
CA LYS B 220 52.42 17.14 19.89
C LYS B 220 53.81 16.62 20.27
N ILE B 221 54.11 15.40 19.93
CA ILE B 221 55.45 14.83 20.27
C ILE B 221 56.53 15.43 19.36
N PHE B 222 56.32 15.38 18.08
CA PHE B 222 57.34 15.94 17.14
C PHE B 222 57.41 17.46 17.28
N LYS B 223 56.31 18.10 17.58
CA LYS B 223 56.33 19.58 17.74
C LYS B 223 57.24 19.98 18.91
N SER B 224 58.34 20.62 18.63
CA SER B 224 59.26 21.04 19.72
C SER B 224 59.86 22.41 19.41
N MET A 1 -25.31 -43.84 -12.58
CA MET A 1 -26.05 -44.89 -13.32
C MET A 1 -25.09 -45.73 -14.16
N LYS A 2 -25.62 -46.54 -15.05
CA LYS A 2 -24.73 -47.39 -15.90
C LYS A 2 -23.80 -46.51 -16.75
N ILE A 3 -22.81 -47.10 -17.36
CA ILE A 3 -21.87 -46.31 -18.21
C ILE A 3 -22.43 -46.18 -19.63
N LEU A 4 -23.60 -45.63 -19.77
CA LEU A 4 -24.20 -45.48 -21.13
C LEU A 4 -23.64 -44.24 -21.83
N THR A 5 -23.36 -44.33 -23.09
CA THR A 5 -22.80 -43.15 -23.82
C THR A 5 -23.85 -42.05 -23.94
N GLN A 6 -24.10 -41.33 -22.87
CA GLN A 6 -25.11 -40.24 -22.92
C GLN A 6 -24.61 -39.03 -22.13
N ASP A 7 -23.39 -38.61 -22.37
CA ASP A 7 -22.85 -37.42 -21.65
C ASP A 7 -22.13 -36.49 -22.63
N GLU A 8 -22.81 -35.47 -23.09
CA GLU A 8 -22.16 -34.52 -24.04
C GLU A 8 -21.11 -33.68 -23.33
N ILE A 9 -20.42 -32.83 -24.05
CA ILE A 9 -19.38 -31.97 -23.42
C ILE A 9 -20.03 -30.94 -22.50
N GLU A 10 -19.56 -30.83 -21.29
CA GLU A 10 -20.15 -29.83 -20.34
C GLU A 10 -19.75 -28.41 -20.73
N ALA A 11 -20.57 -27.74 -21.50
CA ALA A 11 -20.23 -26.34 -21.91
C ALA A 11 -20.56 -25.36 -20.78
N HIS A 12 -19.95 -25.53 -19.64
CA HIS A 12 -20.23 -24.60 -18.51
C HIS A 12 -18.92 -24.20 -17.81
N ARG A 13 -18.99 -23.33 -16.84
CA ARG A 13 -17.75 -22.90 -16.13
C ARG A 13 -17.21 -24.04 -15.27
N SER A 14 -18.05 -24.98 -14.92
CA SER A 14 -17.58 -26.13 -14.08
C SER A 14 -16.44 -26.87 -14.78
N HIS A 15 -16.47 -26.91 -16.08
CA HIS A 15 -15.39 -27.63 -16.84
C HIS A 15 -14.01 -27.12 -16.41
N THR A 16 -13.80 -25.84 -16.43
CA THR A 16 -12.48 -25.28 -16.01
C THR A 16 -12.32 -25.35 -14.49
N LEU A 17 -13.41 -25.40 -13.77
CA LEU A 17 -13.33 -25.45 -12.28
C LEU A 17 -12.37 -26.56 -11.82
N LYS A 18 -12.19 -27.57 -12.63
CA LYS A 18 -11.27 -28.68 -12.25
C LYS A 18 -9.82 -28.25 -12.44
N GLY A 19 -9.53 -27.56 -13.52
CA GLY A 19 -8.13 -27.11 -13.78
C GLY A 19 -7.80 -25.91 -12.89
N GLY A 20 -8.80 -25.18 -12.47
CA GLY A 20 -8.55 -23.99 -11.60
C GLY A 20 -7.74 -24.41 -10.36
N ILE A 21 -7.89 -25.63 -9.93
CA ILE A 21 -7.13 -26.10 -8.74
C ILE A 21 -5.66 -26.35 -9.10
N GLU A 22 -5.41 -26.74 -10.33
CA GLU A 22 -4.00 -27.01 -10.76
C GLU A 22 -3.17 -25.73 -10.63
N GLY A 23 -3.78 -24.58 -10.79
CA GLY A 23 -3.03 -23.30 -10.69
C GLY A 23 -2.36 -23.18 -9.31
N ALA A 24 -3.09 -23.40 -8.25
CA ALA A 24 -2.50 -23.29 -6.88
C ALA A 24 -1.22 -24.13 -6.77
N LEU A 25 -1.22 -25.29 -7.38
CA LEU A 25 0.00 -26.16 -7.30
C LEU A 25 1.06 -25.70 -8.32
N ALA A 26 0.67 -25.53 -9.55
CA ALA A 26 1.65 -25.09 -10.60
C ALA A 26 2.33 -23.78 -10.20
N GLY A 27 1.58 -22.82 -9.73
CA GLY A 27 2.17 -21.52 -9.33
C GLY A 27 3.19 -21.72 -8.20
N PHE A 28 3.02 -22.74 -7.41
CA PHE A 28 3.97 -22.99 -6.28
C PHE A 28 5.24 -23.68 -6.79
N ALA A 29 5.15 -24.41 -7.88
CA ALA A 29 6.35 -25.12 -8.41
C ALA A 29 7.24 -24.15 -9.21
N ILE A 30 6.72 -23.58 -10.26
CA ILE A 30 7.54 -22.64 -11.09
C ILE A 30 8.07 -21.49 -10.23
N SER A 31 7.39 -21.16 -9.16
CA SER A 31 7.85 -20.03 -8.30
C SER A 31 9.30 -20.24 -7.82
N ALA A 32 9.61 -21.40 -7.31
CA ALA A 32 11.00 -21.64 -6.81
C ALA A 32 11.96 -21.99 -7.96
N ILE A 33 11.46 -22.59 -9.00
CA ILE A 33 12.35 -22.97 -10.14
C ILE A 33 13.02 -21.74 -10.76
N ILE A 34 12.27 -20.72 -11.05
CA ILE A 34 12.87 -19.49 -11.66
C ILE A 34 14.00 -18.92 -10.79
N PHE A 35 13.87 -19.03 -9.49
CA PHE A 35 14.92 -18.49 -8.58
C PHE A 35 16.19 -19.36 -8.63
N LYS A 36 16.06 -20.60 -9.01
CA LYS A 36 17.26 -21.48 -9.06
C LYS A 36 18.09 -21.25 -10.32
N VAL A 37 17.46 -20.91 -11.40
CA VAL A 37 18.20 -20.69 -12.69
C VAL A 37 19.45 -19.83 -12.51
N LEU A 38 19.35 -18.72 -11.81
CA LEU A 38 20.56 -17.85 -11.66
C LEU A 38 21.59 -18.45 -10.68
N PRO A 39 21.18 -18.70 -9.47
CA PRO A 39 22.12 -19.27 -8.46
C PRO A 39 22.51 -20.70 -8.81
N ARG A 40 21.83 -21.30 -9.76
CA ARG A 40 22.16 -22.69 -10.18
C ARG A 40 23.61 -22.75 -10.66
N ARG A 41 23.98 -21.91 -11.59
CA ARG A 41 25.38 -21.92 -12.11
C ARG A 41 26.34 -21.41 -11.04
N TYR A 42 25.86 -20.63 -10.11
CA TYR A 42 26.74 -20.09 -9.02
C TYR A 42 27.94 -19.35 -9.62
N PRO A 43 27.66 -18.40 -10.48
CA PRO A 43 28.74 -17.62 -11.12
C PRO A 43 29.30 -16.58 -10.13
N LYS A 44 28.45 -15.79 -9.55
CA LYS A 44 28.91 -14.76 -8.58
C LYS A 44 27.70 -14.12 -7.87
N PHE A 45 26.72 -14.91 -7.55
CA PHE A 45 25.51 -14.36 -6.87
C PHE A 45 25.90 -13.63 -5.58
N LYS A 46 25.04 -12.78 -5.09
CA LYS A 46 25.34 -12.03 -3.83
C LYS A 46 24.14 -11.16 -3.42
N PRO A 47 23.74 -10.27 -4.29
CA PRO A 47 22.58 -9.38 -3.99
C PRO A 47 21.27 -10.18 -4.04
N SER A 48 21.12 -11.14 -3.17
CA SER A 48 19.86 -11.95 -3.17
C SER A 48 18.67 -11.10 -2.70
N THR A 49 18.94 -10.00 -2.04
CA THR A 49 17.83 -9.13 -1.55
C THR A 49 16.96 -8.66 -2.73
N LEU A 50 17.54 -8.56 -3.90
CA LEU A 50 16.75 -8.12 -5.08
C LEU A 50 15.60 -9.09 -5.36
N THR A 51 15.91 -10.32 -5.66
CA THR A 51 14.84 -11.32 -5.93
C THR A 51 14.01 -11.56 -4.66
N TRP A 52 14.56 -11.25 -3.51
CA TRP A 52 13.81 -11.45 -2.25
C TRP A 52 12.63 -10.48 -2.17
N SER A 53 12.74 -9.34 -2.81
CA SER A 53 11.63 -8.35 -2.77
C SER A 53 10.53 -8.75 -3.76
N ILE A 54 10.88 -9.45 -4.81
CA ILE A 54 9.85 -9.87 -5.81
C ILE A 54 9.23 -11.21 -5.41
N LYS A 55 9.88 -11.94 -4.54
CA LYS A 55 9.32 -13.27 -4.12
C LYS A 55 8.08 -13.07 -3.22
N THR A 56 7.90 -11.90 -2.69
CA THR A 56 6.73 -11.64 -1.81
C THR A 56 5.46 -11.42 -2.63
N ALA A 57 5.51 -10.53 -3.59
CA ALA A 57 4.30 -10.27 -4.42
C ALA A 57 3.83 -11.55 -5.12
N LEU A 58 4.69 -12.53 -5.24
CA LEU A 58 4.29 -13.79 -5.92
C LEU A 58 3.56 -14.75 -4.96
N TRP A 59 3.73 -14.57 -3.68
CA TRP A 59 3.05 -15.49 -2.70
C TRP A 59 1.62 -15.04 -2.42
N ILE A 60 1.35 -13.77 -2.51
CA ILE A 60 -0.02 -13.25 -2.22
C ILE A 60 -0.92 -13.32 -3.46
N THR A 61 -0.34 -13.42 -4.63
CA THR A 61 -1.17 -13.46 -5.88
C THR A 61 -1.91 -14.80 -6.08
N PRO A 62 -1.21 -15.90 -5.92
CA PRO A 62 -1.85 -17.23 -6.15
C PRO A 62 -2.93 -17.60 -5.11
N PRO A 63 -2.76 -17.24 -3.86
CA PRO A 63 -3.79 -17.60 -2.85
C PRO A 63 -5.08 -16.79 -3.05
N THR A 64 -5.01 -15.66 -3.71
CA THR A 64 -6.25 -14.86 -3.91
C THR A 64 -6.97 -15.25 -5.21
N VAL A 65 -6.27 -15.82 -6.14
CA VAL A 65 -6.94 -16.21 -7.42
C VAL A 65 -7.97 -17.32 -7.15
N LEU A 66 -7.86 -18.00 -6.03
CA LEU A 66 -8.82 -19.09 -5.71
C LEU A 66 -10.22 -18.52 -5.45
N THR A 67 -10.32 -17.24 -5.19
CA THR A 67 -11.66 -16.63 -4.93
C THR A 67 -12.65 -16.94 -6.06
N ALA A 68 -12.14 -17.26 -7.23
CA ALA A 68 -13.05 -17.56 -8.37
C ALA A 68 -13.71 -18.93 -8.20
N ILE A 69 -13.14 -19.78 -7.37
CA ILE A 69 -13.74 -21.14 -7.17
C ILE A 69 -14.75 -21.11 -6.03
N CYS A 70 -14.34 -20.72 -4.86
CA CYS A 70 -15.27 -20.68 -3.69
C CYS A 70 -16.53 -19.88 -4.03
N ALA A 71 -16.40 -18.87 -4.84
CA ALA A 71 -17.60 -18.06 -5.22
C ALA A 71 -18.52 -18.87 -6.13
N GLU A 72 -17.97 -19.81 -6.85
CA GLU A 72 -18.80 -20.64 -7.77
C GLU A 72 -19.40 -21.83 -7.02
N GLU A 73 -18.65 -22.41 -6.12
CA GLU A 73 -19.17 -23.58 -5.36
C GLU A 73 -20.28 -23.12 -4.40
N ALA A 74 -20.19 -21.93 -3.88
CA ALA A 74 -21.24 -21.43 -2.94
C ALA A 74 -22.40 -20.83 -3.72
N SER A 75 -22.11 -20.06 -4.74
CA SER A 75 -23.20 -19.44 -5.55
C SER A 75 -24.18 -20.51 -6.05
N ASN A 76 -23.85 -21.18 -7.12
CA ASN A 76 -24.77 -22.24 -7.66
C ASN A 76 -24.63 -23.53 -6.83
N ASN A 77 -25.71 -24.23 -6.63
CA ASN A 77 -25.64 -25.50 -5.85
C ASN A 77 -26.78 -26.43 -6.26
N PHE A 78 -27.96 -25.91 -6.42
CA PHE A 78 -29.12 -26.77 -6.82
C PHE A 78 -29.92 -26.09 -7.93
N ASP A 79 -30.65 -26.84 -8.70
CA ASP A 79 -31.45 -26.24 -9.80
C ASP A 79 -32.47 -25.25 -9.24
N ALA A 80 -32.23 -23.97 -9.39
CA ALA A 80 -33.17 -22.95 -8.85
C ALA A 80 -33.94 -22.30 -10.00
N THR A 81 -35.23 -22.12 -9.85
CA THR A 81 -36.03 -21.49 -10.94
C THR A 81 -36.65 -20.18 -10.43
N MET A 82 -35.84 -19.24 -10.04
CA MET A 82 -36.37 -17.94 -9.53
C MET A 82 -35.40 -16.81 -9.86
N TYR A 83 -35.84 -15.84 -10.62
CA TYR A 83 -34.95 -14.70 -10.98
C TYR A 83 -35.76 -13.58 -11.62
N GLY A 84 -35.47 -12.35 -11.27
CA GLY A 84 -36.22 -11.20 -11.86
C GLY A 84 -35.41 -9.92 -11.70
N SER A 85 -34.51 -9.66 -12.61
CA SER A 85 -33.67 -8.43 -12.52
C SER A 85 -34.57 -7.18 -12.44
N GLY A 86 -35.68 -7.19 -13.13
CA GLY A 86 -36.60 -6.01 -13.08
C GLY A 86 -37.93 -6.39 -13.73
N SER A 87 -38.28 -5.74 -14.82
CA SER A 87 -39.57 -6.06 -15.49
C SER A 87 -39.40 -7.28 -16.41
N SER A 88 -40.48 -7.76 -16.96
CA SER A 88 -40.39 -8.94 -17.86
C SER A 88 -41.64 -9.03 -18.76
N SER A 89 -42.80 -8.98 -18.17
CA SER A 89 -44.06 -9.06 -18.97
C SER A 89 -44.03 -10.27 -19.91
N GLU A 90 -44.96 -10.34 -20.83
CA GLU A 90 -44.99 -11.51 -21.77
C GLU A 90 -43.75 -11.48 -22.68
N ASP A 91 -43.17 -10.33 -22.88
CA ASP A 91 -41.97 -10.24 -23.75
C ASP A 91 -40.84 -11.12 -23.21
N ALA A 92 -40.85 -11.37 -21.92
CA ALA A 92 -39.78 -12.22 -21.33
C ALA A 92 -39.99 -13.68 -21.71
N LEU A 93 -41.21 -14.07 -21.96
CA LEU A 93 -41.49 -15.49 -22.34
C LEU A 93 -40.90 -15.78 -23.72
N ASP A 94 -40.89 -14.81 -24.60
CA ASP A 94 -40.34 -15.04 -25.97
C ASP A 94 -38.80 -14.97 -25.92
N GLU A 95 -38.26 -14.24 -25.00
CA GLU A 95 -36.77 -14.14 -24.90
C GLU A 95 -36.16 -15.53 -24.64
N HIS A 96 -36.92 -16.41 -24.05
CA HIS A 96 -36.38 -17.78 -23.77
C HIS A 96 -35.90 -18.44 -25.07
N ARG A 97 -36.58 -18.19 -26.15
CA ARG A 97 -36.17 -18.80 -27.45
C ARG A 97 -34.83 -18.22 -27.90
N ARG A 98 -34.65 -16.93 -27.73
CA ARG A 98 -33.36 -16.30 -28.15
C ARG A 98 -32.31 -16.46 -27.05
N TRP A 99 -32.73 -16.66 -25.83
CA TRP A 99 -31.75 -16.82 -24.71
C TRP A 99 -30.82 -18.01 -24.99
N LYS A 100 -31.37 -19.18 -25.16
CA LYS A 100 -30.52 -20.38 -25.43
C LYS A 100 -30.25 -20.49 -26.94
N SER A 101 -31.24 -20.85 -27.71
CA SER A 101 -31.05 -20.98 -29.18
C SER A 101 -29.83 -21.85 -29.48
N LEU A 102 -29.17 -21.62 -30.60
CA LEU A 102 -27.97 -22.42 -30.94
C LEU A 102 -26.72 -21.83 -30.29
N SER A 103 -26.77 -21.55 -29.01
CA SER A 103 -25.58 -20.96 -28.33
C SER A 103 -24.72 -22.05 -27.71
N THR A 104 -24.32 -23.03 -28.49
CA THR A 104 -23.48 -24.14 -27.94
C THR A 104 -22.02 -23.71 -27.91
N LYS A 105 -21.49 -23.27 -29.02
CA LYS A 105 -20.06 -22.83 -29.06
C LYS A 105 -19.86 -21.59 -28.19
N ASP A 106 -20.90 -20.86 -27.91
CA ASP A 106 -20.78 -19.64 -27.06
C ASP A 106 -20.04 -19.98 -25.76
N LYS A 107 -20.25 -21.17 -25.26
CA LYS A 107 -19.57 -21.60 -24.01
C LYS A 107 -18.22 -22.28 -24.34
N PHE A 108 -18.06 -22.72 -25.54
CA PHE A 108 -16.78 -23.41 -25.93
C PHE A 108 -15.61 -22.42 -25.89
N VAL A 109 -15.87 -21.14 -25.99
CA VAL A 109 -14.76 -20.14 -25.96
C VAL A 109 -14.18 -20.00 -24.54
N GLU A 110 -15.01 -19.78 -23.55
CA GLU A 110 -14.48 -19.65 -22.17
C GLU A 110 -13.76 -20.93 -21.74
N GLY A 111 -14.04 -22.03 -22.38
CA GLY A 111 -13.37 -23.31 -22.00
C GLY A 111 -12.08 -23.51 -22.81
N LEU A 112 -12.18 -23.71 -24.10
CA LEU A 112 -10.97 -23.93 -24.92
C LEU A 112 -9.94 -22.80 -24.73
N SER A 113 -10.39 -21.57 -24.83
CA SER A 113 -9.45 -20.42 -24.65
C SER A 113 -8.64 -20.54 -23.36
N ASN A 114 -9.22 -21.14 -22.35
CA ASN A 114 -8.48 -21.28 -21.05
C ASN A 114 -7.30 -22.25 -21.21
N ASN A 115 -7.39 -23.15 -22.16
CA ASN A 115 -6.29 -24.14 -22.35
C ASN A 115 -5.19 -23.54 -23.24
N LYS A 116 -5.52 -22.56 -24.04
CA LYS A 116 -4.48 -21.94 -24.93
C LYS A 116 -3.75 -20.81 -24.19
N TYR A 117 -4.43 -20.11 -23.32
CA TYR A 117 -3.77 -18.99 -22.58
C TYR A 117 -2.86 -19.55 -21.47
N LYS A 118 -2.97 -20.82 -21.17
CA LYS A 118 -2.11 -21.40 -20.09
C LYS A 118 -0.78 -21.91 -20.67
N ILE A 119 -0.75 -22.20 -21.94
CA ILE A 119 0.51 -22.70 -22.57
C ILE A 119 1.35 -21.54 -23.08
N ILE A 120 0.72 -20.46 -23.48
CA ILE A 120 1.49 -19.29 -24.00
C ILE A 120 2.28 -18.63 -22.88
N THR A 121 1.82 -18.73 -21.66
CA THR A 121 2.56 -18.10 -20.53
C THR A 121 3.57 -19.08 -19.93
N GLY A 122 3.30 -20.36 -20.04
CA GLY A 122 4.24 -21.36 -19.48
C GLY A 122 5.59 -21.29 -20.20
N ALA A 123 5.58 -20.94 -21.45
CA ALA A 123 6.87 -20.85 -22.21
C ALA A 123 7.46 -19.43 -22.11
N TRP A 124 6.66 -18.46 -21.76
CA TRP A 124 7.18 -17.07 -21.64
C TRP A 124 8.21 -16.96 -20.51
N ALA A 125 8.22 -17.92 -19.62
CA ALA A 125 9.20 -17.86 -18.48
C ALA A 125 10.49 -18.58 -18.85
N ALA A 126 10.40 -19.84 -19.21
CA ALA A 126 11.64 -20.61 -19.58
C ALA A 126 12.35 -19.96 -20.77
N SER A 127 11.66 -19.13 -21.52
CA SER A 127 12.30 -18.48 -22.70
C SER A 127 13.59 -17.74 -22.29
N LEU A 128 13.66 -17.30 -21.06
CA LEU A 128 14.88 -16.58 -20.60
C LEU A 128 16.00 -17.57 -20.23
N TYR A 129 15.69 -18.57 -19.44
CA TYR A 129 16.74 -19.56 -19.05
C TYR A 129 17.31 -20.25 -20.29
N GLY A 130 16.46 -20.86 -21.07
CA GLY A 130 16.95 -21.56 -22.30
C GLY A 130 17.70 -20.58 -23.20
N SER A 131 17.48 -19.30 -23.03
CA SER A 131 18.19 -18.30 -23.88
C SER A 131 19.67 -18.19 -23.45
N TRP A 132 19.98 -18.59 -22.25
CA TRP A 132 21.39 -18.51 -21.78
C TRP A 132 22.14 -19.79 -22.12
N VAL A 133 21.57 -20.92 -21.78
CA VAL A 133 22.25 -22.22 -22.08
C VAL A 133 22.51 -22.36 -23.58
N ILE A 134 21.53 -22.01 -24.39
CA ILE A 134 21.71 -22.11 -25.87
C ILE A 134 22.97 -21.35 -26.31
N VAL A 135 23.33 -20.31 -25.60
CA VAL A 135 24.54 -19.53 -25.98
C VAL A 135 25.56 -19.54 -24.83
N ASN A 136 26.68 -20.17 -25.03
CA ASN A 136 27.72 -20.22 -23.95
C ASN A 136 28.88 -19.27 -24.28
N LYS A 137 28.59 -18.01 -24.47
CA LYS A 137 29.67 -17.03 -24.81
C LYS A 137 29.51 -15.77 -23.96
N ASP A 138 30.57 -15.34 -23.32
CA ASP A 138 30.48 -14.11 -22.48
C ASP A 138 31.88 -13.52 -22.25
N PRO A 139 32.55 -13.21 -23.32
CA PRO A 139 33.91 -12.63 -23.24
C PRO A 139 33.85 -11.18 -22.74
N ILE A 140 32.72 -10.54 -22.86
CA ILE A 140 32.60 -9.13 -22.39
C ILE A 140 32.96 -9.02 -20.90
N MET A 141 33.51 -7.92 -20.49
CA MET A 141 33.89 -7.75 -19.06
C MET A 141 32.76 -7.05 -18.29
N THR A 142 32.89 -6.94 -16.99
CA THR A 142 31.83 -6.26 -16.18
C THR A 142 30.46 -6.88 -16.47
N LYS A 143 30.05 -7.83 -15.66
CA LYS A 143 28.72 -8.48 -15.88
C LYS A 143 27.61 -7.65 -15.23
N ALA A 144 27.96 -6.80 -14.29
CA ALA A 144 26.93 -5.97 -13.60
C ALA A 144 26.03 -5.26 -14.62
N GLN A 145 26.56 -4.96 -15.77
CA GLN A 145 25.73 -4.26 -16.81
C GLN A 145 24.59 -5.19 -17.28
N LYS A 146 24.78 -6.48 -17.19
CA LYS A 146 23.71 -7.41 -17.64
C LYS A 146 22.58 -7.48 -16.61
N ILE A 147 22.91 -7.33 -15.35
CA ILE A 147 21.86 -7.38 -14.29
C ILE A 147 20.95 -6.16 -14.40
N VAL A 148 21.52 -4.99 -14.42
CA VAL A 148 20.68 -3.74 -14.51
C VAL A 148 19.91 -3.74 -15.83
N GLN A 149 20.36 -4.48 -16.81
CA GLN A 149 19.64 -4.51 -18.13
C GLN A 149 18.31 -5.27 -17.99
N ALA A 150 18.35 -6.45 -17.44
CA ALA A 150 17.10 -7.26 -17.27
C ALA A 150 16.01 -6.42 -16.61
N ARG A 151 16.38 -5.42 -15.85
CA ARG A 151 15.36 -4.57 -15.17
C ARG A 151 14.36 -4.02 -16.21
N MET A 152 14.85 -3.50 -17.30
CA MET A 152 13.94 -2.94 -18.34
C MET A 152 13.03 -4.04 -18.90
N TYR A 153 13.61 -5.10 -19.40
CA TYR A 153 12.77 -6.20 -19.96
C TYR A 153 11.89 -6.81 -18.85
N ALA A 154 12.29 -6.64 -17.62
CA ALA A 154 11.48 -7.19 -16.48
C ALA A 154 10.38 -6.20 -16.10
N GLN A 155 10.68 -4.93 -16.10
CA GLN A 155 9.65 -3.91 -15.73
C GLN A 155 8.35 -4.16 -16.51
N PHE A 156 8.47 -4.79 -17.65
CA PHE A 156 7.26 -5.08 -18.48
C PHE A 156 6.63 -6.40 -18.01
N ILE A 157 7.42 -7.38 -17.67
CA ILE A 157 6.84 -8.68 -17.21
C ILE A 157 6.06 -8.46 -15.90
N THR A 158 6.33 -7.38 -15.21
CA THR A 158 5.61 -7.10 -13.92
C THR A 158 4.23 -6.51 -14.20
N VAL A 159 4.16 -5.46 -14.98
CA VAL A 159 2.83 -4.84 -15.28
C VAL A 159 1.87 -5.90 -15.82
N GLY A 160 2.38 -6.97 -16.38
CA GLY A 160 1.49 -8.04 -16.90
C GLY A 160 0.87 -8.78 -15.73
N LEU A 161 1.52 -8.77 -14.60
CA LEU A 161 0.96 -9.47 -13.40
C LEU A 161 -0.06 -8.58 -12.69
N LEU A 162 0.14 -7.29 -12.74
CA LEU A 162 -0.82 -6.36 -12.06
C LEU A 162 -1.93 -5.95 -13.03
N LEU A 163 -1.59 -5.73 -14.28
CA LEU A 163 -2.63 -5.31 -15.27
C LEU A 163 -3.71 -6.39 -15.38
N ALA A 164 -3.33 -7.64 -15.35
CA ALA A 164 -4.35 -8.72 -15.45
C ALA A 164 -5.08 -8.89 -14.11
N SER A 165 -4.48 -8.46 -13.04
CA SER A 165 -5.15 -8.59 -11.71
C SER A 165 -6.28 -7.58 -11.58
N VAL A 166 -5.98 -6.31 -11.71
CA VAL A 166 -7.04 -5.26 -11.58
C VAL A 166 -8.24 -5.59 -12.48
N GLY A 167 -7.99 -5.98 -13.70
CA GLY A 167 -9.12 -6.31 -14.61
C GLY A 167 -10.05 -7.33 -13.96
N LEU A 168 -9.54 -8.11 -13.04
CA LEU A 168 -10.39 -9.12 -12.36
C LEU A 168 -11.22 -8.44 -11.27
N SER A 169 -10.69 -7.40 -10.68
CA SER A 169 -11.45 -6.68 -9.62
C SER A 169 -12.45 -5.70 -10.25
N MET A 170 -12.18 -5.26 -11.44
CA MET A 170 -13.10 -4.30 -12.12
C MET A 170 -14.30 -5.06 -12.72
N TYR A 171 -14.04 -6.15 -13.40
CA TYR A 171 -15.16 -6.92 -14.01
C TYR A 171 -16.22 -7.27 -12.96
N GLU A 172 -15.83 -7.35 -11.72
CA GLU A 172 -16.80 -7.69 -10.64
C GLU A 172 -17.93 -6.65 -10.59
N ASN A 173 -17.58 -5.39 -10.67
CA ASN A 173 -18.63 -4.33 -10.63
C ASN A 173 -19.61 -4.51 -11.79
N LYS A 174 -19.10 -4.62 -13.00
CA LYS A 174 -19.99 -4.80 -14.18
C LYS A 174 -21.02 -3.66 -14.27
N LEU A 175 -22.14 -3.80 -13.59
CA LEU A 175 -23.18 -2.72 -13.65
C LEU A 175 -23.84 -2.57 -12.29
N HIS A 176 -23.12 -2.09 -11.31
CA HIS A 176 -23.71 -1.92 -9.95
C HIS A 176 -23.94 -0.43 -9.66
N PRO A 177 -24.75 -0.16 -8.67
CA PRO A 177 -25.06 1.23 -8.30
C PRO A 177 -23.85 1.88 -7.60
N ASN A 178 -23.11 1.11 -6.86
CA ASN A 178 -21.92 1.66 -6.15
C ASN A 178 -20.63 1.25 -6.88
N LYS A 179 -19.91 2.20 -7.41
CA LYS A 179 -18.64 1.87 -8.13
C LYS A 179 -17.44 2.11 -7.21
N GLN A 180 -17.52 1.71 -5.98
CA GLN A 180 -16.38 1.91 -5.04
C GLN A 180 -15.62 0.60 -4.83
N LYS A 181 -16.09 -0.24 -3.94
CA LYS A 181 -15.39 -1.54 -3.69
C LYS A 181 -13.89 -1.31 -3.46
N VAL A 182 -13.09 -2.32 -3.68
CA VAL A 182 -11.62 -2.16 -3.48
C VAL A 182 -11.06 -1.12 -4.45
N ASN A 183 -10.13 -0.33 -4.01
CA ASN A 183 -9.54 0.71 -4.92
C ASN A 183 -8.27 0.17 -5.58
N GLU A 184 -8.04 0.54 -6.82
CA GLU A 184 -6.82 0.06 -7.52
C GLU A 184 -5.64 0.99 -7.23
N MET A 185 -5.90 2.26 -7.05
CA MET A 185 -4.78 3.22 -6.77
C MET A 185 -4.11 2.88 -5.43
N ARG A 186 -4.73 2.07 -4.61
CA ARG A 186 -4.12 1.69 -3.29
C ARG A 186 -2.71 1.15 -3.52
N ARG A 187 -2.57 0.25 -4.45
CA ARG A 187 -1.24 -0.36 -4.71
C ARG A 187 -0.44 0.38 -5.80
N TRP A 188 -1.07 1.04 -6.75
CA TRP A 188 -0.26 1.75 -7.81
C TRP A 188 0.64 2.79 -7.16
N GLU A 189 0.09 3.75 -6.46
CA GLU A 189 0.93 4.79 -5.80
C GLU A 189 1.96 4.12 -4.89
N ASN A 190 1.65 2.96 -4.38
CA ASN A 190 2.63 2.26 -3.49
C ASN A 190 3.70 1.57 -4.34
N ALA A 191 3.32 1.06 -5.48
CA ALA A 191 4.32 0.38 -6.36
C ALA A 191 5.23 1.43 -7.02
N LEU A 192 4.77 2.65 -7.12
CA LEU A 192 5.59 3.72 -7.75
C LEU A 192 6.61 4.26 -6.73
N ARG A 193 6.22 4.35 -5.48
CA ARG A 193 7.16 4.86 -4.45
C ARG A 193 8.39 3.96 -4.35
N VAL A 194 8.18 2.68 -4.17
CA VAL A 194 9.34 1.74 -4.07
C VAL A 194 10.16 1.76 -5.36
N ALA A 195 9.56 2.21 -6.43
CA ALA A 195 10.30 2.26 -7.73
C ALA A 195 11.34 3.39 -7.71
N GLU A 196 10.90 4.61 -7.54
CA GLU A 196 11.85 5.75 -7.52
C GLU A 196 12.91 5.53 -6.44
N GLU A 197 12.57 4.82 -5.40
CA GLU A 197 13.56 4.55 -4.31
C GLU A 197 14.76 3.78 -4.85
N GLU A 198 14.55 3.02 -5.90
CA GLU A 198 15.67 2.22 -6.49
C GLU A 198 16.58 3.13 -7.33
N GLU A 199 16.07 4.22 -7.81
CA GLU A 199 16.90 5.15 -8.64
C GLU A 199 17.95 5.84 -7.78
N ARG A 200 17.62 6.19 -6.56
CA ARG A 200 18.60 6.88 -5.68
C ARG A 200 19.93 6.13 -5.67
N LEU A 201 19.90 4.85 -5.92
CA LEU A 201 21.16 4.05 -5.95
C LEU A 201 21.80 4.13 -7.34
N GLU A 202 21.01 4.39 -8.35
CA GLU A 202 21.57 4.47 -9.73
C GLU A 202 22.31 5.80 -9.92
N LYS A 203 21.81 6.86 -9.37
CA LYS A 203 22.49 8.18 -9.52
C LYS A 203 23.83 8.17 -8.77
N GLU A 204 23.96 7.33 -7.77
CA GLU A 204 25.24 7.28 -7.00
C GLU A 204 26.40 6.91 -7.93
N GLY A 205 26.23 5.90 -8.73
CA GLY A 205 27.32 5.49 -9.66
C GLY A 205 28.53 5.02 -8.84
N ARG A 206 28.58 3.76 -8.50
CA ARG A 206 29.72 3.24 -7.70
C ARG A 206 31.03 3.41 -8.50
N ARG A 207 31.16 2.73 -9.60
CA ARG A 207 32.41 2.85 -10.41
C ARG A 207 32.07 3.30 -11.84
N THR A 208 31.01 4.05 -12.00
CA THR A 208 30.63 4.53 -13.35
C THR A 208 30.49 6.05 -13.36
N GLY A 209 30.00 6.62 -14.43
CA GLY A 209 29.83 8.09 -14.49
C GLY A 209 30.94 8.69 -15.37
N TYR A 210 30.92 9.99 -15.56
CA TYR A 210 31.96 10.64 -16.41
C TYR A 210 32.06 9.95 -17.77
N VAL A 211 30.99 9.36 -18.23
CA VAL A 211 31.02 8.67 -19.55
C VAL A 211 30.83 9.68 -20.68
N SER A 212 29.97 10.64 -20.49
CA SER A 212 29.75 11.67 -21.56
C SER A 212 31.04 12.45 -21.81
N ASN A 213 31.89 12.56 -20.82
CA ASN A 213 33.16 13.32 -21.01
C ASN A 213 34.17 12.45 -21.78
N GLU A 214 34.23 11.18 -21.47
CA GLU A 214 35.19 10.29 -22.17
C GLU A 214 34.86 10.25 -23.68
N GLU A 215 33.60 10.40 -24.01
CA GLU A 215 33.21 10.36 -25.45
C GLU A 215 33.91 11.47 -26.23
N ARG A 216 34.24 12.55 -25.57
CA ARG A 216 34.93 13.68 -26.26
C ARG A 216 36.43 13.40 -26.36
N ILE A 217 36.96 12.59 -25.48
CA ILE A 217 38.42 12.29 -25.52
C ILE A 217 38.74 11.43 -26.75
N ASN A 218 37.79 10.66 -27.21
CA ASN A 218 38.05 9.80 -28.41
C ASN A 218 38.35 10.67 -29.63
N SER A 219 37.79 11.85 -29.68
CA SER A 219 38.05 12.75 -30.84
C SER A 219 39.51 13.22 -30.85
N LYS A 220 40.14 13.25 -29.69
CA LYS A 220 41.56 13.69 -29.63
C LYS A 220 42.44 12.81 -30.53
N ILE A 221 42.15 11.54 -30.60
CA ILE A 221 42.97 10.64 -31.46
C ILE A 221 42.38 10.57 -32.87
N PHE A 222 41.08 10.56 -32.98
CA PHE A 222 40.43 10.50 -34.32
C PHE A 222 40.73 11.77 -35.11
N LYS A 223 40.93 12.86 -34.43
CA LYS A 223 41.22 14.14 -35.14
C LYS A 223 41.71 15.21 -34.14
N SER A 224 41.73 16.45 -34.55
CA SER A 224 42.18 17.54 -33.63
C SER A 224 43.57 17.21 -33.05
N MET B 1 -40.30 -3.05 34.27
CA MET B 1 -41.09 -3.10 33.00
C MET B 1 -40.71 -1.91 32.10
N LYS B 2 -39.43 -1.73 31.88
CA LYS B 2 -38.98 -0.60 31.01
C LYS B 2 -39.58 0.73 31.51
N ILE B 3 -39.51 0.97 32.79
CA ILE B 3 -40.07 2.24 33.34
C ILE B 3 -39.23 3.43 32.86
N LEU B 4 -37.93 3.34 32.97
CA LEU B 4 -37.06 4.46 32.52
C LEU B 4 -36.38 4.10 31.21
N THR B 5 -36.44 4.96 30.23
CA THR B 5 -35.79 4.65 28.92
C THR B 5 -34.30 4.40 29.10
N GLN B 6 -33.82 3.28 28.62
CA GLN B 6 -32.36 2.97 28.77
C GLN B 6 -31.64 3.21 27.45
N ASP B 7 -31.31 4.45 27.16
CA ASP B 7 -30.59 4.75 25.89
C ASP B 7 -29.09 4.51 26.06
N GLU B 8 -28.63 3.34 25.69
CA GLU B 8 -27.17 3.03 25.82
C GLU B 8 -26.59 2.64 24.45
N ILE B 9 -26.94 3.34 23.42
CA ILE B 9 -26.41 3.01 22.06
C ILE B 9 -26.14 4.29 21.27
N GLU B 10 -25.21 4.23 20.34
CA GLU B 10 -24.88 5.44 19.52
C GLU B 10 -24.47 6.61 20.43
N ALA B 11 -23.20 6.90 20.49
CA ALA B 11 -22.73 8.03 21.36
C ALA B 11 -23.22 9.37 20.79
N HIS B 12 -22.66 10.45 21.24
CA HIS B 12 -23.09 11.79 20.72
C HIS B 12 -21.91 12.49 20.04
N ARG B 13 -21.83 12.41 18.74
CA ARG B 13 -20.71 13.07 18.00
C ARG B 13 -21.14 14.45 17.50
N SER B 14 -22.41 14.75 17.56
CA SER B 14 -22.90 16.08 17.07
C SER B 14 -22.17 17.20 17.80
N HIS B 15 -21.76 16.97 19.03
CA HIS B 15 -21.04 18.03 19.79
C HIS B 15 -19.68 18.31 19.16
N THR B 16 -18.88 17.28 18.98
CA THR B 16 -17.54 17.47 18.36
C THR B 16 -17.67 17.70 16.85
N LEU B 17 -18.77 17.30 16.27
CA LEU B 17 -18.96 17.48 14.80
C LEU B 17 -18.59 18.91 14.37
N LYS B 18 -18.71 19.86 15.26
CA LYS B 18 -18.36 21.27 14.90
C LYS B 18 -16.84 21.43 14.82
N GLY B 19 -16.13 20.88 15.77
CA GLY B 19 -14.64 20.98 15.75
C GLY B 19 -14.06 20.02 14.72
N GLY B 20 -14.77 18.97 14.41
CA GLY B 20 -14.24 17.99 13.41
C GLY B 20 -13.91 18.70 12.09
N ILE B 21 -14.69 19.68 11.72
CA ILE B 21 -14.42 20.41 10.44
C ILE B 21 -13.23 21.35 10.62
N GLU B 22 -13.01 21.82 11.82
CA GLU B 22 -11.86 22.76 12.06
C GLU B 22 -10.53 22.03 11.80
N GLY B 23 -10.48 20.75 12.03
CA GLY B 23 -9.22 19.98 11.81
C GLY B 23 -8.84 20.02 10.33
N ALA B 24 -9.80 20.11 9.45
CA ALA B 24 -9.49 20.14 7.99
C ALA B 24 -8.66 21.38 7.64
N LEU B 25 -8.95 22.49 8.24
CA LEU B 25 -8.19 23.73 7.94
C LEU B 25 -6.85 23.74 8.69
N ALA B 26 -6.87 23.43 9.96
CA ALA B 26 -5.60 23.42 10.74
C ALA B 26 -4.60 22.43 10.16
N GLY B 27 -5.07 21.28 9.74
CA GLY B 27 -4.15 20.26 9.17
C GLY B 27 -3.55 20.78 7.86
N PHE B 28 -4.25 21.65 7.17
CA PHE B 28 -3.71 22.19 5.89
C PHE B 28 -2.65 23.26 6.15
N ALA B 29 -2.80 24.01 7.23
CA ALA B 29 -1.79 25.07 7.53
C ALA B 29 -0.55 24.47 8.18
N ILE B 30 -0.70 23.83 9.31
CA ILE B 30 0.48 23.23 10.01
C ILE B 30 1.21 22.24 9.07
N SER B 31 0.52 21.67 8.12
CA SER B 31 1.18 20.71 7.20
C SER B 31 2.37 21.36 6.48
N ALA B 32 2.16 22.49 5.86
CA ALA B 32 3.28 23.16 5.12
C ALA B 32 4.19 23.95 6.08
N ILE B 33 3.62 24.51 7.11
CA ILE B 33 4.45 25.32 8.07
C ILE B 33 5.67 24.54 8.56
N ILE B 34 5.56 23.24 8.67
CA ILE B 34 6.73 22.43 9.16
C ILE B 34 7.81 22.34 8.08
N PHE B 35 7.42 22.38 6.83
CA PHE B 35 8.43 22.29 5.72
C PHE B 35 9.24 23.58 5.63
N LYS B 36 8.71 24.68 6.09
CA LYS B 36 9.46 25.96 6.00
C LYS B 36 10.51 26.08 7.11
N VAL B 37 10.22 25.54 8.26
CA VAL B 37 11.17 25.64 9.42
C VAL B 37 12.62 25.34 9.02
N LEU B 38 12.87 24.27 8.32
CA LEU B 38 14.29 23.94 7.97
C LEU B 38 14.84 24.86 6.87
N PRO B 39 14.15 24.96 5.76
CA PRO B 39 14.63 25.83 4.66
C PRO B 39 14.52 27.30 5.05
N ARG B 40 13.82 27.58 6.11
CA ARG B 40 13.67 28.99 6.57
C ARG B 40 15.02 29.57 6.99
N ARG B 41 15.76 28.84 7.78
CA ARG B 41 17.09 29.35 8.24
C ARG B 41 18.05 29.48 7.05
N TYR B 42 18.34 28.39 6.39
CA TYR B 42 19.26 28.45 5.21
C TYR B 42 19.53 27.04 4.67
N PRO B 43 18.95 26.74 3.54
CA PRO B 43 19.14 25.40 2.92
C PRO B 43 20.55 25.28 2.34
N LYS B 44 21.18 24.14 2.50
CA LYS B 44 22.56 23.97 1.96
C LYS B 44 22.78 22.51 1.54
N PHE B 45 22.32 22.15 0.37
CA PHE B 45 22.51 20.74 -0.11
C PHE B 45 22.02 19.75 0.95
N LYS B 46 20.74 19.78 1.26
CA LYS B 46 20.20 18.85 2.28
C LYS B 46 19.28 17.82 1.62
N PRO B 47 19.10 16.70 2.28
CA PRO B 47 18.23 15.63 1.73
C PRO B 47 16.76 16.04 1.84
N SER B 48 16.36 17.05 1.11
CA SER B 48 14.94 17.50 1.16
C SER B 48 14.01 16.38 0.70
N THR B 49 14.53 15.44 -0.06
CA THR B 49 13.67 14.33 -0.56
C THR B 49 13.09 13.54 0.63
N LEU B 50 13.75 13.58 1.75
CA LEU B 50 13.23 12.84 2.94
C LEU B 50 11.83 13.36 3.32
N THR B 51 11.72 14.62 3.62
CA THR B 51 10.39 15.19 3.99
C THR B 51 9.42 15.08 2.82
N TRP B 52 9.93 15.07 1.61
CA TRP B 52 9.04 14.96 0.42
C TRP B 52 8.30 13.62 0.44
N SER B 53 8.89 12.62 1.04
CA SER B 53 8.22 11.28 1.10
C SER B 53 7.19 11.25 2.24
N ILE B 54 7.40 12.03 3.26
CA ILE B 54 6.45 12.03 4.41
C ILE B 54 5.30 13.02 4.15
N LYS B 55 5.44 13.87 3.16
CA LYS B 55 4.38 14.86 2.87
C LYS B 55 3.19 14.19 2.15
N THR B 56 3.40 13.02 1.60
CA THR B 56 2.29 12.33 0.89
C THR B 56 1.34 11.66 1.87
N ALA B 57 1.85 10.93 2.83
CA ALA B 57 0.98 10.24 3.82
C ALA B 57 0.18 11.27 4.64
N LEU B 58 0.58 12.52 4.62
CA LEU B 58 -0.15 13.54 5.40
C LEU B 58 -1.35 14.11 4.63
N TRP B 59 -1.37 13.97 3.32
CA TRP B 59 -2.52 14.51 2.53
C TRP B 59 -3.67 13.49 2.45
N ILE B 60 -3.35 12.23 2.59
CA ILE B 60 -4.41 11.17 2.50
C ILE B 60 -5.09 10.96 3.85
N THR B 61 -4.48 11.39 4.92
CA THR B 61 -5.08 11.17 6.27
C THR B 61 -6.23 12.15 6.60
N PRO B 62 -6.04 13.42 6.32
CA PRO B 62 -7.09 14.42 6.65
C PRO B 62 -8.38 14.30 5.81
N PRO B 63 -8.29 13.90 4.57
CA PRO B 63 -9.52 13.78 3.75
C PRO B 63 -10.26 12.48 4.08
N THR B 64 -9.62 11.55 4.74
CA THR B 64 -10.31 10.26 5.08
C THR B 64 -11.00 10.35 6.45
N VAL B 65 -10.44 11.11 7.36
CA VAL B 65 -11.06 11.24 8.69
C VAL B 65 -12.47 11.83 8.55
N LEU B 66 -12.75 12.45 7.43
CA LEU B 66 -14.09 13.05 7.20
C LEU B 66 -15.20 11.99 7.29
N THR B 67 -14.86 10.74 7.09
CA THR B 67 -15.88 9.66 7.16
C THR B 67 -16.62 9.67 8.50
N ALA B 68 -16.06 10.28 9.51
CA ALA B 68 -16.75 10.29 10.84
C ALA B 68 -17.93 11.28 10.85
N ILE B 69 -17.90 12.29 10.02
CA ILE B 69 -19.02 13.27 10.01
C ILE B 69 -20.12 12.84 9.03
N CYS B 70 -19.76 12.63 7.79
CA CYS B 70 -20.77 12.22 6.76
C CYS B 70 -21.57 11.01 7.26
N ALA B 71 -20.98 10.18 8.07
CA ALA B 71 -21.71 8.98 8.58
C ALA B 71 -22.74 9.40 9.62
N GLU B 72 -22.45 10.42 10.38
CA GLU B 72 -23.42 10.89 11.42
C GLU B 72 -24.54 11.69 10.75
N GLU B 73 -24.21 12.55 9.82
CA GLU B 73 -25.26 13.36 9.14
C GLU B 73 -26.25 12.45 8.40
N ALA B 74 -25.75 11.46 7.70
CA ALA B 74 -26.66 10.54 6.96
C ALA B 74 -27.31 9.56 7.93
N SER B 75 -26.57 9.10 8.91
CA SER B 75 -27.15 8.12 9.90
C SER B 75 -28.48 8.64 10.46
N ASN B 76 -28.43 9.57 11.38
CA ASN B 76 -29.70 10.11 11.97
C ASN B 76 -30.65 10.58 10.86
N ASN B 77 -31.89 10.19 10.94
CA ASN B 77 -32.88 10.61 9.89
C ASN B 77 -34.22 10.93 10.54
N PHE B 78 -34.82 9.97 11.20
CA PHE B 78 -36.15 10.22 11.85
C PHE B 78 -35.94 10.79 13.25
N ASP B 79 -36.55 11.91 13.55
CA ASP B 79 -36.39 12.51 14.90
C ASP B 79 -37.33 11.82 15.90
N ALA B 80 -36.87 11.61 17.10
CA ALA B 80 -37.73 10.95 18.13
C ALA B 80 -38.73 11.95 18.71
N THR B 81 -39.96 11.90 18.27
CA THR B 81 -40.99 12.85 18.80
C THR B 81 -41.27 12.55 20.27
N MET B 82 -41.80 13.52 20.99
CA MET B 82 -42.09 13.30 22.43
C MET B 82 -43.57 12.98 22.62
N TYR B 83 -43.90 12.21 23.63
CA TYR B 83 -45.34 11.87 23.87
C TYR B 83 -45.51 11.33 25.30
N GLY B 84 -46.13 12.09 26.16
CA GLY B 84 -46.33 11.63 27.56
C GLY B 84 -47.84 11.53 27.85
N SER B 85 -48.44 12.61 28.29
CA SER B 85 -49.90 12.58 28.60
C SER B 85 -50.23 11.44 29.56
N GLY B 86 -49.34 11.14 30.46
CA GLY B 86 -49.59 10.04 31.43
C GLY B 86 -49.31 10.52 32.85
N SER B 87 -48.55 9.78 33.60
CA SER B 87 -48.23 10.20 35.00
C SER B 87 -46.74 9.93 35.31
N SER B 88 -45.93 10.96 35.30
CA SER B 88 -44.48 10.76 35.59
C SER B 88 -43.83 12.11 35.91
N SER B 89 -42.68 12.10 36.54
CA SER B 89 -42.00 13.38 36.87
C SER B 89 -40.48 13.23 36.64
N GLU B 90 -40.08 13.04 35.41
CA GLU B 90 -38.63 12.89 35.12
C GLU B 90 -37.88 14.17 35.49
N ASP B 91 -38.55 15.30 35.44
CA ASP B 91 -37.88 16.57 35.80
C ASP B 91 -37.41 16.56 37.25
N ALA B 92 -38.17 15.94 38.11
CA ALA B 92 -37.78 15.87 39.55
C ALA B 92 -36.95 14.61 39.83
N LEU B 93 -37.23 13.54 39.13
CA LEU B 93 -36.46 12.29 39.34
C LEU B 93 -35.03 12.45 38.82
N ASP B 94 -34.86 13.09 37.69
CA ASP B 94 -33.50 13.28 37.13
C ASP B 94 -32.77 14.39 37.89
N GLU B 95 -33.49 15.37 38.36
CA GLU B 95 -32.84 16.50 39.11
C GLU B 95 -32.17 15.98 40.38
N HIS B 96 -32.77 15.01 41.02
CA HIS B 96 -32.18 14.46 42.28
C HIS B 96 -30.82 13.83 41.98
N ARG B 97 -30.64 13.32 40.79
CA ARG B 97 -29.33 12.69 40.43
C ARG B 97 -28.30 13.77 40.09
N ARG B 98 -28.73 14.83 39.47
CA ARG B 98 -27.78 15.92 39.11
C ARG B 98 -27.21 16.58 40.38
N TRP B 99 -27.93 16.51 41.47
CA TRP B 99 -27.43 17.12 42.74
C TRP B 99 -26.34 16.24 43.34
N LYS B 100 -26.52 14.95 43.33
CA LYS B 100 -25.48 14.04 43.91
C LYS B 100 -24.17 14.18 43.13
N SER B 101 -24.21 13.99 41.85
CA SER B 101 -22.96 14.12 41.03
C SER B 101 -23.25 14.86 39.73
N LEU B 102 -23.75 14.18 38.73
CA LEU B 102 -24.06 14.84 37.44
C LEU B 102 -24.75 13.86 36.48
N SER B 103 -24.33 12.62 36.48
CA SER B 103 -24.93 11.59 35.58
C SER B 103 -24.64 11.92 34.11
N THR B 104 -25.13 13.02 33.62
CA THR B 104 -24.88 13.40 32.21
C THR B 104 -23.38 13.53 31.94
N LYS B 105 -22.58 13.67 32.97
CA LYS B 105 -21.11 13.81 32.78
C LYS B 105 -20.55 12.68 31.91
N ASP B 106 -21.26 11.58 31.83
CA ASP B 106 -20.78 10.43 31.00
C ASP B 106 -20.39 10.94 29.59
N LYS B 107 -21.12 11.87 29.07
CA LYS B 107 -20.79 12.42 27.72
C LYS B 107 -19.84 13.61 27.84
N PHE B 108 -19.76 14.21 29.00
CA PHE B 108 -18.84 15.38 29.18
C PHE B 108 -17.40 14.97 28.92
N VAL B 109 -17.10 13.70 28.92
CA VAL B 109 -15.69 13.26 28.67
C VAL B 109 -15.38 13.27 27.17
N GLU B 110 -16.23 12.70 26.35
CA GLU B 110 -15.96 12.69 24.89
C GLU B 110 -15.84 14.13 24.35
N GLY B 111 -16.41 15.07 25.04
CA GLY B 111 -16.33 16.49 24.56
C GLY B 111 -15.10 17.19 25.15
N LEU B 112 -15.11 17.46 26.43
CA LEU B 112 -13.96 18.16 27.07
C LEU B 112 -12.63 17.48 26.72
N SER B 113 -12.63 16.19 26.57
CA SER B 113 -11.36 15.47 26.23
C SER B 113 -10.93 15.75 24.79
N ASN B 114 -11.83 16.20 23.96
CA ASN B 114 -11.46 16.48 22.55
C ASN B 114 -10.60 17.75 22.46
N ASN B 115 -10.71 18.63 23.42
CA ASN B 115 -9.90 19.88 23.39
C ASN B 115 -8.52 19.64 24.03
N LYS B 116 -8.47 18.90 25.10
CA LYS B 116 -7.17 18.63 25.77
C LYS B 116 -6.21 17.92 24.81
N TYR B 117 -6.62 16.81 24.26
CA TYR B 117 -5.73 16.06 23.30
C TYR B 117 -5.37 16.94 22.10
N LYS B 118 -6.12 17.98 21.86
CA LYS B 118 -5.83 18.86 20.69
C LYS B 118 -4.80 19.93 21.08
N ILE B 119 -4.66 20.22 22.35
CA ILE B 119 -3.68 21.25 22.78
C ILE B 119 -2.32 20.62 23.05
N ILE B 120 -2.28 19.37 23.43
CA ILE B 120 -0.98 18.70 23.72
C ILE B 120 -0.26 18.36 22.41
N THR B 121 -0.99 17.92 21.42
CA THR B 121 -0.35 17.57 20.12
C THR B 121 0.05 18.84 19.36
N GLY B 122 -0.65 19.92 19.58
CA GLY B 122 -0.31 21.19 18.87
C GLY B 122 1.07 21.67 19.30
N ALA B 123 1.47 21.38 20.51
CA ALA B 123 2.81 21.83 20.99
C ALA B 123 3.88 20.77 20.67
N TRP B 124 3.48 19.55 20.45
CA TRP B 124 4.46 18.48 20.16
C TRP B 124 5.16 18.74 18.82
N ALA B 125 4.61 19.60 18.01
CA ALA B 125 5.25 19.90 16.69
C ALA B 125 6.24 21.07 16.82
N ALA B 126 5.77 22.22 17.19
CA ALA B 126 6.68 23.39 17.33
C ALA B 126 7.79 23.12 18.35
N SER B 127 7.59 22.14 19.21
CA SER B 127 8.63 21.82 20.24
C SER B 127 9.99 21.58 19.58
N LEU B 128 10.01 21.22 18.33
CA LEU B 128 11.31 20.96 17.63
C LEU B 128 11.86 22.25 17.03
N TYR B 129 11.02 23.06 16.43
CA TYR B 129 11.51 24.34 15.82
C TYR B 129 12.11 25.24 16.90
N GLY B 130 11.32 25.62 17.86
CA GLY B 130 11.82 26.50 18.95
C GLY B 130 13.02 25.86 19.65
N SER B 131 13.15 24.56 19.57
CA SER B 131 14.30 23.89 20.22
C SER B 131 15.62 24.33 19.55
N TRP B 132 15.56 24.71 18.31
CA TRP B 132 16.80 25.16 17.61
C TRP B 132 17.01 26.65 17.82
N VAL B 133 15.96 27.42 17.85
CA VAL B 133 16.09 28.89 18.06
C VAL B 133 16.73 29.16 19.43
N ILE B 134 16.37 28.41 20.43
CA ILE B 134 16.96 28.63 21.78
C ILE B 134 18.47 28.37 21.73
N VAL B 135 18.86 27.15 21.50
CA VAL B 135 20.32 26.83 21.43
C VAL B 135 20.94 27.41 20.15
N ASN B 136 22.24 27.45 20.07
CA ASN B 136 22.88 28.01 18.84
C ASN B 136 24.16 27.22 18.53
N LYS B 137 24.07 25.92 18.41
CA LYS B 137 25.28 25.11 18.10
C LYS B 137 25.83 25.51 16.72
N ASP B 138 27.11 25.77 16.64
CA ASP B 138 27.71 26.16 15.33
C ASP B 138 27.60 25.01 14.34
N PRO B 139 27.36 25.34 13.09
CA PRO B 139 27.25 24.31 12.03
C PRO B 139 28.63 23.78 11.61
N ILE B 140 29.68 24.27 12.22
CA ILE B 140 31.04 23.79 11.85
C ILE B 140 31.12 22.26 11.92
N MET B 141 30.37 21.66 12.81
CA MET B 141 30.40 20.17 12.93
C MET B 141 29.63 19.54 11.76
N THR B 142 29.80 18.26 11.55
CA THR B 142 29.08 17.59 10.43
C THR B 142 27.57 17.72 10.61
N LYS B 143 26.93 18.57 9.86
CA LYS B 143 25.46 18.74 9.99
C LYS B 143 24.72 17.56 9.36
N ALA B 144 25.33 16.92 8.40
CA ALA B 144 24.67 15.75 7.74
C ALA B 144 24.37 14.65 8.77
N GLN B 145 25.33 14.34 9.59
CA GLN B 145 25.11 13.28 10.63
C GLN B 145 23.98 13.70 11.58
N LYS B 146 23.77 14.99 11.73
CA LYS B 146 22.68 15.46 12.64
C LYS B 146 21.31 15.20 12.00
N ILE B 147 21.25 15.20 10.70
CA ILE B 147 19.94 14.95 10.02
C ILE B 147 19.49 13.51 10.26
N VAL B 148 20.34 12.55 9.99
CA VAL B 148 19.96 11.12 10.19
C VAL B 148 19.59 10.89 11.67
N GLN B 149 20.05 11.74 12.55
CA GLN B 149 19.72 11.56 13.99
C GLN B 149 18.21 11.74 14.23
N ALA B 150 17.64 12.78 13.68
CA ALA B 150 16.17 13.00 13.87
C ALA B 150 15.39 11.77 13.41
N ARG B 151 15.95 10.97 12.55
CA ARG B 151 15.24 9.75 12.06
C ARG B 151 14.77 8.89 13.24
N MET B 152 15.62 8.72 14.23
CA MET B 152 15.23 7.89 15.40
C MET B 152 14.08 8.57 16.17
N TYR B 153 14.24 9.83 16.49
CA TYR B 153 13.16 10.54 17.23
C TYR B 153 11.94 10.75 16.32
N ALA B 154 12.14 10.67 15.03
CA ALA B 154 11.00 10.86 14.08
C ALA B 154 10.31 9.53 13.81
N GLN B 155 11.06 8.48 13.58
CA GLN B 155 10.44 7.15 13.30
C GLN B 155 9.35 6.85 14.34
N PHE B 156 9.47 7.43 15.51
CA PHE B 156 8.45 7.19 16.56
C PHE B 156 7.24 8.13 16.34
N ILE B 157 7.46 9.33 15.88
CA ILE B 157 6.31 10.25 15.65
C ILE B 157 5.36 9.66 14.59
N THR B 158 5.85 8.73 13.81
CA THR B 158 5.00 8.11 12.75
C THR B 158 4.05 7.08 13.35
N VAL B 159 4.54 6.22 14.21
CA VAL B 159 3.65 5.18 14.83
C VAL B 159 2.45 5.85 15.49
N GLY B 160 2.56 7.11 15.84
CA GLY B 160 1.41 7.82 16.48
C GLY B 160 0.35 8.08 15.41
N LEU B 161 0.76 8.18 14.17
CA LEU B 161 -0.21 8.44 13.07
C LEU B 161 -0.74 7.10 12.52
N LEU B 162 0.02 6.05 12.64
CA LEU B 162 -0.44 4.73 12.12
C LEU B 162 -1.21 3.97 13.20
N LEU B 163 -0.76 4.05 14.42
CA LEU B 163 -1.47 3.33 15.53
C LEU B 163 -2.86 3.93 15.73
N ALA B 164 -2.95 5.21 15.93
CA ALA B 164 -4.28 5.85 16.13
C ALA B 164 -5.16 5.65 14.89
N SER B 165 -4.56 5.36 13.77
CA SER B 165 -5.36 5.15 12.51
C SER B 165 -6.07 3.79 12.55
N VAL B 166 -5.32 2.71 12.65
CA VAL B 166 -5.98 1.37 12.67
C VAL B 166 -6.95 1.27 13.84
N GLY B 167 -6.66 1.94 14.92
CA GLY B 167 -7.58 1.90 16.10
C GLY B 167 -8.96 2.42 15.69
N LEU B 168 -9.00 3.33 14.76
CA LEU B 168 -10.31 3.87 14.29
C LEU B 168 -11.03 2.86 13.41
N SER B 169 -10.29 2.16 12.59
CA SER B 169 -10.91 1.14 11.70
C SER B 169 -11.23 -0.13 12.49
N MET B 170 -10.59 -0.32 13.61
CA MET B 170 -10.85 -1.55 14.43
C MET B 170 -12.02 -1.31 15.38
N TYR B 171 -12.07 -0.17 16.03
CA TYR B 171 -13.19 0.12 16.97
C TYR B 171 -14.54 -0.05 16.27
N GLU B 172 -14.61 0.25 15.01
CA GLU B 172 -15.89 0.13 14.27
C GLU B 172 -16.32 -1.34 14.19
N ASN B 173 -15.38 -2.25 14.26
CA ASN B 173 -15.74 -3.70 14.18
C ASN B 173 -16.68 -4.08 15.33
N LYS B 174 -16.41 -3.59 16.52
CA LYS B 174 -17.29 -3.93 17.68
C LYS B 174 -18.44 -2.92 17.79
N LEU B 175 -19.16 -2.70 16.71
CA LEU B 175 -20.30 -1.74 16.74
C LEU B 175 -21.06 -1.79 15.42
N HIS B 176 -20.44 -1.38 14.35
CA HIS B 176 -21.13 -1.40 13.02
C HIS B 176 -20.13 -1.77 11.92
N PRO B 177 -19.75 -3.03 11.90
CA PRO B 177 -18.78 -3.51 10.89
C PRO B 177 -19.45 -3.60 9.51
N ASN B 178 -18.70 -3.31 8.47
CA ASN B 178 -19.29 -3.37 7.09
C ASN B 178 -18.17 -3.42 6.05
N LYS B 179 -17.04 -3.99 6.40
CA LYS B 179 -15.91 -4.07 5.43
C LYS B 179 -14.86 -5.07 5.92
N GLN B 180 -14.65 -6.14 5.20
CA GLN B 180 -13.64 -7.15 5.63
C GLN B 180 -12.43 -7.12 4.69
N LYS B 181 -12.62 -6.66 3.48
CA LYS B 181 -11.47 -6.60 2.52
C LYS B 181 -10.53 -5.45 2.90
N VAL B 182 -9.57 -5.18 2.06
CA VAL B 182 -8.59 -4.07 2.33
C VAL B 182 -7.82 -4.35 3.64
N ASN B 183 -8.47 -4.24 4.77
CA ASN B 183 -7.78 -4.49 6.07
C ASN B 183 -6.64 -3.50 6.28
N GLU B 184 -6.34 -3.18 7.51
CA GLU B 184 -5.23 -2.22 7.78
C GLU B 184 -3.88 -2.93 7.76
N MET B 185 -3.87 -4.24 7.81
CA MET B 185 -2.58 -4.99 7.79
C MET B 185 -1.87 -4.77 6.44
N ARG B 186 -2.58 -4.25 5.45
CA ARG B 186 -1.93 -4.01 4.13
C ARG B 186 -0.91 -2.89 4.21
N ARG B 187 -1.15 -1.91 5.04
CA ARG B 187 -0.21 -0.76 5.15
C ARG B 187 0.88 -0.98 6.21
N TRP B 188 0.72 -1.92 7.13
CA TRP B 188 1.80 -2.13 8.15
C TRP B 188 2.99 -2.83 7.51
N GLU B 189 2.79 -4.02 6.99
CA GLU B 189 3.93 -4.76 6.37
C GLU B 189 4.45 -3.98 5.16
N ASN B 190 3.68 -3.06 4.64
CA ASN B 190 4.15 -2.26 3.47
C ASN B 190 5.16 -1.21 3.92
N ALA B 191 4.87 -0.51 4.98
CA ALA B 191 5.82 0.54 5.48
C ALA B 191 7.18 -0.11 5.78
N LEU B 192 7.19 -1.38 6.09
CA LEU B 192 8.48 -2.08 6.39
C LEU B 192 9.36 -2.07 5.15
N ARG B 193 8.79 -2.32 3.99
CA ARG B 193 9.59 -2.33 2.74
C ARG B 193 10.25 -0.95 2.54
N VAL B 194 9.46 0.09 2.49
CA VAL B 194 10.05 1.45 2.31
C VAL B 194 10.95 1.79 3.51
N ALA B 195 10.74 1.13 4.62
CA ALA B 195 11.59 1.42 5.82
C ALA B 195 12.95 0.73 5.67
N GLU B 196 12.96 -0.57 5.59
CA GLU B 196 14.25 -1.31 5.45
C GLU B 196 15.01 -0.80 4.21
N GLU B 197 14.29 -0.38 3.21
CA GLU B 197 14.96 0.14 1.98
C GLU B 197 15.87 1.32 2.32
N GLU B 198 15.60 1.97 3.42
CA GLU B 198 16.45 3.13 3.83
C GLU B 198 17.76 2.64 4.48
N GLU B 199 17.75 1.44 5.02
CA GLU B 199 18.98 0.91 5.67
C GLU B 199 20.06 0.64 4.62
N ARG B 200 19.69 0.06 3.51
CA ARG B 200 20.69 -0.24 2.43
C ARG B 200 21.58 0.98 2.18
N LEU B 201 21.07 2.15 2.43
CA LEU B 201 21.87 3.39 2.22
C LEU B 201 22.86 3.56 3.38
N GLU B 202 22.46 3.21 4.57
CA GLU B 202 23.36 3.35 5.75
C GLU B 202 24.50 2.34 5.66
N LYS B 203 24.24 1.17 5.15
CA LYS B 203 25.31 0.12 5.03
C LYS B 203 26.25 0.48 3.89
N GLU B 204 25.72 0.92 2.78
CA GLU B 204 26.59 1.28 1.63
C GLU B 204 27.39 2.55 1.94
N GLY B 205 26.81 3.46 2.68
CA GLY B 205 27.53 4.71 3.03
C GLY B 205 28.64 4.42 4.04
N ARG B 206 28.60 5.05 5.19
CA ARG B 206 29.64 4.80 6.23
C ARG B 206 31.04 5.01 5.63
N ARG B 207 31.16 5.87 4.65
CA ARG B 207 32.49 6.11 4.03
C ARG B 207 33.20 7.30 4.71
N THR B 208 32.68 7.76 5.82
CA THR B 208 33.32 8.92 6.51
C THR B 208 34.03 8.44 7.79
N GLY B 209 35.33 8.50 7.80
CA GLY B 209 36.08 8.04 9.01
C GLY B 209 37.44 7.50 8.59
N TYR B 210 38.18 8.26 7.82
CA TYR B 210 39.53 7.78 7.38
C TYR B 210 40.45 7.60 8.58
N VAL B 211 40.73 6.38 8.96
CA VAL B 211 41.62 6.13 10.12
C VAL B 211 43.09 6.22 9.70
N SER B 212 43.36 6.01 8.45
CA SER B 212 44.78 6.07 7.97
C SER B 212 45.39 7.44 8.28
N ASN B 213 44.57 8.46 8.36
CA ASN B 213 45.10 9.83 8.65
C ASN B 213 45.88 9.82 9.97
N GLU B 214 45.57 8.90 10.85
CA GLU B 214 46.30 8.85 12.15
C GLU B 214 47.59 8.04 12.01
N GLU B 215 47.54 6.97 11.26
CA GLU B 215 48.77 6.13 11.08
C GLU B 215 49.67 6.73 10.00
N ARG B 216 49.12 7.54 9.13
CA ARG B 216 49.94 8.15 8.04
C ARG B 216 51.05 9.02 8.65
N ILE B 217 50.68 10.04 9.36
CA ILE B 217 51.71 10.93 9.98
C ILE B 217 52.45 10.20 11.11
N ASN B 218 51.83 9.20 11.68
CA ASN B 218 52.50 8.46 12.79
C ASN B 218 53.72 7.70 12.26
N SER B 219 53.72 7.37 11.00
CA SER B 219 54.89 6.63 10.43
C SER B 219 56.16 7.47 10.54
N LYS B 220 56.03 8.76 10.49
CA LYS B 220 57.23 9.65 10.59
C LYS B 220 57.76 9.64 12.03
N ILE B 221 56.91 9.44 13.00
CA ILE B 221 57.36 9.43 14.42
C ILE B 221 58.23 8.19 14.68
N PHE B 222 57.88 7.07 14.10
CA PHE B 222 58.67 5.83 14.32
C PHE B 222 60.09 6.00 13.75
N LYS B 223 60.19 6.44 12.52
CA LYS B 223 61.54 6.62 11.91
C LYS B 223 62.21 7.88 12.48
N SER B 224 62.86 7.75 13.61
CA SER B 224 63.54 8.93 14.23
C SER B 224 62.57 10.10 14.36
#